data_6W6P
#
_entry.id   6W6P
#
_cell.length_a   1.00
_cell.length_b   1.00
_cell.length_c   1.00
_cell.angle_alpha   90.00
_cell.angle_beta   90.00
_cell.angle_gamma   90.00
#
_symmetry.space_group_name_H-M   'P 1'
#
loop_
_entity.id
_entity.type
_entity.pdbx_description
1 polymer '16S rRNA'
2 polymer '30S ribosomal protein S3'
3 polymer '30S ribosomal protein S4'
4 polymer '30S ribosomal protein S5'
5 polymer '30S ribosomal protein S6'
6 polymer '30S ribosomal protein S7'
7 polymer '30S ribosomal protein S8'
8 polymer '30S ribosomal protein S9'
9 polymer '30S ribosomal protein S10'
10 polymer '30S ribosomal protein S11'
11 polymer '30S ribosomal protein S12'
12 polymer '30S ribosomal protein S13'
13 polymer '30S ribosomal protein S14 type Z'
14 polymer '30S ribosomal protein S15'
15 polymer '30S ribosomal protein S16'
16 polymer '30S ribosomal protein S17'
17 polymer '30S ribosomal protein S18'
18 polymer '30S ribosomal protein S19'
19 polymer '30S ribosomal protein S20'
20 polymer '23S rRNA'
21 polymer '5S rRNA'
22 polymer '50S ribosomal protein L2'
23 polymer '50S ribosomal protein L3'
24 polymer '50S ribosomal protein L4'
25 polymer '50S ribosomal protein L5'
26 polymer '50S ribosomal protein L6'
27 polymer '50S ribosomal protein L13'
28 polymer '50S ribosomal protein L14'
29 polymer '50S ribosomal protein L15'
30 polymer '50S ribosomal protein L16'
31 polymer '50S ribosomal protein L17'
32 polymer '50S ribosomal protein L18'
33 polymer '50S ribosomal protein L19'
34 polymer '50S ribosomal protein L20'
35 polymer '50S ribosomal protein L21'
36 polymer '50S ribosomal protein L22'
37 polymer '50S ribosomal protein L23'
38 polymer '50S ribosomal protein L24'
39 polymer '50S ribosomal protein L27'
40 polymer '50S ribosomal protein L28'
41 polymer '50S ribosomal protein L29'
42 polymer '50S ribosomal protein L30'
43 polymer '50S ribosomal protein L32'
44 polymer '50S ribosomal protein L33'
45 polymer '50S ribosomal protein L34'
46 polymer '50S ribosomal protein L35'
47 polymer '50S ribosomal protein L36'
48 non-polymer 'ZINC ION'
#
loop_
_entity_poly.entity_id
_entity_poly.type
_entity_poly.pdbx_seq_one_letter_code
_entity_poly.pdbx_strand_id
1 'polyribonucleotide'
;UGAGAGUUUGAUCCUGGCUCAGGACGAACGCUGGCGGCGUGCCUAAUACAUGCAAGUCGAACGCUUCUUUCCUCCCGAGU
GCUUGCACUCAAUUGGAAAGAGGAGUGGCGGACGGGUGAGUAACACGUGGGUAACCUACCCAUCAGAGGGGGAUAACACU
UGGAAACAGGUGCUAAUACCGCAUAACAGUUUAUGCCGCAUGGCAUAAGAGUGAAAGGCGCUUUCGGGUGUCGCUGAUGG
AUGGACCCGCGGUGCAUUAGCUAGUUGGUGAGGUAACGGCUCACCAAGGCCACGAUGCAUAGCCGACCUGAGAGGGUGAU
CGGCCACACUGGGACUGAGACACGGCCCAGACUCCUACGGGAGGCAGCAGUAGGGAAUCUUCGGCAAUGGACGAAAGUCU
GACCGAGCAACGCCGCGUGAGUGAAGAAGGUUUUCGGAUCGUAAAACUCUGUUGUUAGAGAAGAACAAGGACGUUAGUAA
CUGAACGUCCCCUGACGGUAUCUAACCAGAAAGCCACGGCUAACUACGUGCCAGCAGCCGCGGUAAUACGUAGGUGGCAA
GCGUUGUCCGGAUUUAUUGGGCGUAAAGCGAGCGCAGGCGGUUUCUUAAGUCUGAUGUGAAAGCCCCCGGCUCAACCGGG
GAGGGUCAUUGGAAACUGGGAGACUUGAGUGCAGAAGAGGAGAGUGGAAUUCCAUGUGUAGCGGUGAAAUGCGUAGAUAU
AUGGAGGAACACCAGUGGCGAAGGCGGCUCUCUGGUCUGUAACUGACGCUGAGGCUCGAAAGCGUGGGGAGCAAACAGGA
UUAGAUACCCUGGUAGUCCACGCCGUAAACGAUGAGUGCUAAGUGUUGGAGGGUUUCCGCCCUUCAGUGCUGCAGCAAAC
GCAUUAAGCACUCCGCCUGGGGAGUACGACCGCAAGGUUGAAACUCAAAGGAAUUGACGGGGGCCCGCACAAGCGGUGGA
GCAUGUGGUUUAAUUCGAAGCAACGCGAAGAACCUUACCAGGUCUUGACAUCCUUUGACCACUCUAGAGAUAGAGCUUUC
CCUUCGGGGACAAAGUGACAGGUGGUGCAUGGUUGUCGUCAGCUCGUGUCGUGAGAUGUUGGGUUAAGUCCCGCAACGAG
CGCAACCCUUAUUGUUAGUUGCCAUCAUUUAGUUGGGCACUCUAGCGAGACUGCCGGUGACAAACCGGAGGAAGGUGGGG
AUGACGUCAAAUCAUCAUGCCCCUUAUGACCUGGGCUACACACGUGCUACAAUGGGAAGUACAACGAGUCGCUAGACCGC
GAGGUCAUGCAAAUCUCUUAAAGCUUCUCUCAGUUCGGAUUGCAGGCUGCAACUCGCCUGCAUGAAGCCGGAAUCGCUAG
UAAUCGCGGAUCAGCACGCCGCGGUGAAUACGUUCCCGGGCCUUGUACACACCGCCCGUCACACCACGAGAGUUUGUAAC
ACCCGAAGUCGGUGAGGUAACCUUUUUGGAGCCAGCCGCCUAAGGUGGGAUAGAUGAUUGGGGUGAAGUCGUAACAAGGU
AGCCGUAUCGGAAGGUGCGGCUGGAUCA
;
a
2 'polypeptide(L)'
;GQKVHPIGMRVGIIRDWDAKWYAEKEYAEFLHEDLRIRKFIATKLADAAVSTIEIERAANRVNISIHTAKPGMVIGKGGS
EVENLRKELNKLTGKRVHINIVEIKKPDLDAKLVGEGIARQLENRVAFRRAQKQAIQRAMRAGAKGIKTQVSGRLNGADI
ARSEGYSEGTVPLHTLRADIDYAWEEADTTYGKLGVKVWIYRGE
;
c
3 'polypeptide(L)'
;SRYTGPSWKVSRRLGISLSGTGKELARRPYKPGQHGPNSRGKVSEYGMQLTEKQKLRHMYGMNERQFRTLFIKASKIKEG
KHGVNFMVLLEQRLDNVVYRLGLATTRRQARQLVNHGHITVDGKRVDIPSYHVEVGQVIGVREKSQNISTIKEAVEATVG
RPAFVSFDTEKLEGSFTRLPERDELYPEIDEALVVEYYNQK
;
d
4 'polypeptide(L)'
;YIDPKHLELEDRVVAINRVTKVVKGGRRLRFAALVVVGDKNGHVGFGTGKAQEVPEAIRKAIEDAKKNLVEVPMVGSTIP
HEVIGVFGGGRILMKPAVEGSGVAAGGPVRAVLELAGVADITSKSLGSNTPINVVRATVEGLKQLKRAEEVAALRGKSVE
EII
;
e
5 'polypeptide(L)'
;QDTKYEIMYIIRPNIDEEAKTALVERFDTILKDNGAEVIESKDWEKRRLAYEMNGFREGIYHIVNVTSPSTAGAINEFDR
LAKINDDIIRHMIVKVE
;
f
6 'polypeptide(L)'
;PRKGPVAKRDVLPDPIYNSKLVTRLINRVMVDGKRGIAANIIYNSFDIIKESTGNDPLEVFEQAMKNVMPVLEVKARRVG
GSNYQVPVEVRPERRTTLGLRWVVNYARLRGEHTMEERLAKEIMDAANNTGASVKKREDTHKMADANRAFAHYR
;
g
7 'polypeptide(L)'
;VMTDPIADFLTRIRNANMVKHETLEVPASKIKRDIAEILKREGFIRDVEYIEDDKQGVIRVFLKYGKNEERVITNLKRIS
KPGLRAYVKADEVPKVLNGLGIAIISTSEGVITDKEARAKNIGGEVIAYVW
;
h
8 'polypeptide(L)'
;QVQYSGTGRRKNAVARVRLVPGTGKITVNKKDVEEYIPHADLREVINQPFGVTETKGAYDVIVNVNGGGYAGQSGAIRHG
IARALLQVDPDFRSALKRAGLLTRDARMVERKKPGLKKARKASQFSKR
;
i
9 'polypeptide(L)'
;QKIRIRLKAYEHRILDQSADKIVETAKRTGADVSGPIPLPTERSLYTVIRATHKYKDSREQFEMRTHKRLIDIVNPTPKT
VDALMKLDLPSGVNIEIKL
;
j
10 'polypeptide(L)'
;KKNIESGVAHIHSTFNNTIVMITDTHGNALAWSSAGSLGFKGSKKSTPFAAQMAAEAATKVAMEHGLKTVDVTVKGPGSG
REAAIRSLQATGLEVTAIRDVTPVPHNGCRPPKRRRV
;
k
11 'polypeptide(L)'
;PTINQLVRKPRKSKVEKSDSPALNKGYNSFKKTQTNVNSPQKRGVCTRVGTMTPKKPNSALRKYARVRLSNLIEVTAYIP
GIGHNLQEHSVVLLRGGRVKDLPGVRYHIVRGALDTAGVNDRKQSRSKYGTKRPKA
;
l
12 'polypeptide(L)'
;ARIAGVDIPRDKRVVVSLTYIYGIGNTTAKKVLANVGVSEDVRVRDLTNEQTDAIRAEIDKLKVEGDLRREVNLNIKRLM
EIGSYRGIRHRRGLPTRGQNTKNNARTRKGPT
;
m
13 'polypeptide(L)' AKKSMIAKNKRPAKHSTQAYTRCERCGRPHSVYRKFHLCRICFRELAYKGQIPGVKKASW n
14 'polypeptide(L)'
;AISQERKNEIIKEYARHEGDTGSPEVQIAVLTEDINQLNEHARTHKKDHHSYRGLMKKIGHRRNLLAYLRKTDIQRYREL
IQRLGLRR
;
o
15 'polypeptide(L)'
;AVKIRLKRMGSKKSPFYRIVVADSRSPRDGRFIETVGTYNPLKDPAEVVLKEDLVLDWLSKGAQPSDTVRNILSKEGVMK
KHHEAKNVK
;
p
16 'polypeptide(L)'
;ERNQRKVYQGRVVSDKMDKTITVVVETKKNHPIYGKRMKYSKKYKAHDENNTAKVGDIVKIMETRPLSATKRFRLLEVVE
EAV
;
q
17 'polypeptide(L)' KVDYIAANHIEYIDYKDTELLKRFISERGKILPRRVTGTGAKNQRKLTIAIKRARIMGLLPFVSDE r
18 'polypeptide(L)' SLKKGPFVDDHLMKKVEAQQGAEKKKVIKTWSRRSTIFPSFVGFTIAVYDGRKHVPVYIQEDMVGHKLGEFAPTRTYR s
19 'polypeptide(L)'
;PNIESAIKRVRTSANANAKNSSQTNAMRTAIKKFEEAVAAGADNVDALYNEAVKAVDMAATKGLIHKNKANRDKIRLSKL
AK
;
t
20 'polyribonucleotide'
;UUAAGUGAAUAAGGGCGCACGGUGGAUGCCUUGGCACUAGGAGCCGAUGAAGGACGGGACUAACACCGAUAUGCUUUGGG
GAGCUGUAAGUAAGCUAUGAUCCAGAGAUUUCCGAAUGGGGGAACCCAAUAUCUUUUAUAGGAUAUUACUUUUCAGUGAA
UACAUAGCUGAUUAGAGGUAGACGCAGAGAACUGAAACAUCUUAGUACCUGCAGGAAGAGAAAGAAAAUUCGAUUCCCUG
AGUAGCGGCGAGCGAAACGGGAAGAGCCCAAACCAACAAGCUUGCUUGUUGGGGUUGUAGGACUCCGAUAUGGUAGUCUG
UUAGUAUAGUUGAAGGAUUUGGAAAAUUCCGCUAAAGAGGGUGAAAGCCCCGUAGACGAAAUGCUGACAACACCUAGGAG
GAUCCUGAGUACGGCGGAACACGAGAAAUUCCGUCGGAAUCCGCGGGGACCAUCCCGCAAGGCUAAAUACUCCCUAGUGA
CCGAUAGUGAACCAGUACCGUGAGGGAAAGGUGAAAAGCACCCCGGAAGGGGAGUGAAAUAGAUCCUGAAACCGUGUGCC
UACAACAAGUCAAAGCUCGUUAAUGAGUGAUGGCGUGCCUUUUGUAGAAUGAACCGGCGAGUUACGAUUGCAUGCGAGGU
UAAGUCGAAGAGACGGAGCCGCAGCGAAAGCGAGUCUGAAUAGGGCGAAUGAGUAUGUAGUCGUAGACCCGAAACCAUGU
GAUCUACCCAUGUCCAGGUUGAAGGUGCGGUAAAACGCACUGGAGGACCGAACCCACGUACGUUGAAAAGUGCGGGGAUG
AGGUGUGGGUAGCGGAGAAAUUCCAAACGAACUUGGAGAUAGCUGGUUCUCUCCGAAAUAGCUUUAGGGCUAGCCUCGGA
AUUGAGAAUGAUGGAGGUAGAGCACUGUUUGGACUAGGGGCCCAUCUCGGGUUACCGAAUUCAGAUAAACUCCGAAUGCC
AUUCAUUUAUAUCCGGGAGUCAGACUGCGAGUGAUAAGAUCCGUAGUCGAAAGGGAAACAGCCCAGACCACCAGCUAAGG
UCCCAAAAUAUAUGUUAAGUGGAAAAGGAUGUGGGGUUGCACAGACAACUAGGAUGUUGGCUUAGAAGCAGCCACCAUUU
AAAGAGUGCGUAAUAGCUCACUAGUCGAGUGACCCUGCGCCGAAAAUGUACCGGGGCUAAACAUAUUACCGAAGCUGUGG
ACUACACCAUUAGGUGUAGUGGUAGGAGAGCGUUCUAAGGGCGUUGAAGGUCGAUCGUGAGGACGGCUGGAGCGCUUAGA
AGUGAGAAUGCCGGUAUGAGUAGCGAAAGACAGGUGAGAAUCCUGUCCACCGUAUGACUAAGGUUUCCUGGGGAAGGCUC
GUCCGCCCAGGGUUAGUCGGGACCUAAGCCGAGGCCGAUAGGCGUAGGCGAUGGACAACAGGUUGAUAUUCCUGUACCAG
UUGUUUUUGUUUGAGCAAUGGAGGGACGCAGUAGGCUAAGGAAUGCAUGCGAUUGGAAGUGCAUGUCCAAGCAAUGAGUC
UUGAGUAGAGUUAAAUGCUUUACUCUUUAAGGACAAGUUGUGACGGGGAGCGAAAUAAUAGUAGCGAAGUUCCUGACGUC
ACACUGCCAAGAAAAGCUUCUAGUGAGAAAACAACUGCCCGUACCGUAAACCGACACAGGUAGUCGAGGAGAGUAUCCUA
AGGUGAGCGAGCGAACUCUCGUUAAGGAACUCGGCAAAAUGACCCCGUAACUUCGGGAGAAGGGGUGCUGACUUCGGUCA
GCCGCAGUGAAUAGGCCCAAGCGACUGUUUAUCAAAAACACAGGUCUCUGCAAAAUCGUAAGAUGAAGUAUAGGGGCUGA
CGCCUGCCCGGUGCUGGAAGGUUAAGAGGAUGGGUUAGCUUCGGCGAAGCUCAGAAUUGAAGCCCCAGUAAACGGCGGCC
GUAACUAUAACGGUCCUAAGGUAGCGAAAUUCCUUGUCGGGUAAGUUCCGACCCGCACGAAAGGCGUAACGAUUUGGGCA
CUGUCUCAACGAGAGACUCGGUGAAAUUUUAGUACCUGUGAAGAUGCAGGUUACCCGCGACAGGACGGAAAGACCCCAUG
GAGCUUUACUGUAGUUUGAUAUUGAGUGUUUGUACCACAUGUACAGGAUAGGUAGGAGCCGAUGAGACCGGAACGCUAGU
UUCGGAGGAGGCGCUGGUGGGAUACUACCCUUGUGUUAUGAACCCUCUAACCCGCACCACUAAUCGUGGUGGGAGACAGU
GUCAGAUGGGCAGUUUGACUGGGGCGGUCGCCUCCUAAAAGGUAACGGAGGCGCCCAAAGGUUCCCUCAGAAUGGUUGGA
AAUCAUUCGAAGAGUGUAAAGGCAGAAGGGAGCUUGACUGCGAGACCUACAAGUCGAGCAGGGACGAAAGUCGGGCUUAG
UGAUCCGGUGGUUCCGCAUGGAAGGGCCAUCGCUCAACGGAUAAAAGCUACCCUGGGGAUAACAGGCUUAUCUCCCCCAA
GAGUCCACAUCGACGGGGAGGUUUGGCACCUCGAUGUCGGCUCGUCGCAUCCUGGGGCUGUAGUCGGUCCCAAGGGUUGG
GCUGUUCGCCCAUUAAAGCGGCACGCGAGCUGGGUUCAGAACGUCGUGAGACAGUUCGGUCCCUAUCCGUCGCGGGCGUU
GGAAAUUUGAGAGGAGCUGUCCUUAGUACGAGAGGACCGGGAUGGACUUACCGCUGGUGUACCAGUUGUUCUGCCAAGGG
CAUUGCUGGGUAGCUAUGUAGGGAAGGGAUAAACGCUGAAAGCAUCUAAGUGUGAAGCCCACCUCAAGAUGAGAUUUCCC
AUUUCUUUAAGAAAGUAAGACCCCUGAGAGAUGAUCAGGUAGAUAGGUUGGAAGUGGAAGGCUAGUGAUAGUUGGAGCGG
ACCAAUACUAAUCGGUCGAGGACUUAAC
;
A
21 'polyribonucleotide'
;UGUGGUGGCGAUAGCGAGAAGGAUACACCUGUUCCCAUGCCGAACACAGAAGUUAAGCUUCUUAGCGCCGAUUGUAGUGA
AGGGUUUCCCUUUGUGAGAGUAGGACGUCGCCACGC
;
B
22 'polypeptide(L)'
;AIKKYKPTTNGRRNMTSSDFAEITTSTPEKSLLQPLKNNAGRNNNGRITVRHQGGGHKRQYRVIDFKRNKDNVAAVVKTI
EYDPNRSANIALVHYEDGVKAYILAPKGLEVGMRLVSGPEADIKVGNALPLENIPVGTVIHNIEMKPGKGGQLIRSAGTS
AQVLGKEGKYVLIRLNSGEVRMILATCRATIGSVGNEQHELINIGKAGRSRWMRKRPTVRGSVMNPNDHPHGGGEGKTPI
GRKAPVSPWGQPAIGYKTRNKKAKSDKLIVRRRTK
;
C
23 'polypeptide(L)'
;TKGILGKKVGMTQIFTESGELIPVTVVEATPNVVLQVKTVETDGYEAIQVGYQDKREVLSNKPAKGHVAKANTAPKRFIK
EFKNVELGEYEVGKEIKVDVFQAGDVVDVTGTTKGKGFQGAIKRHGQSRGPMSHGSRYHRRPGSMGPVAPNRVFKNKRLA
GRMGGDRVTIQNLEVVKVDVERNVILIKGNIPGAKKSLITIKSAVKA
;
D
24 'polypeptide(L)'
;PNVALFKQDGTQNGEITLNEEIFGIEPNESVVYDAIIMQRASLRQGTHAVKNRSAVRGGGRKPWRQKGTGRARQGSIRSP
QWRGGGVVFGPTPRSYSYKLPKKVRRLAMKSVLSDKVAENNLVAVEGLSFDAPKTKEFKQVLANLSIDTKVLVVLENGND
FAALSARNLPNVSVVTSDNVSVLDVVSANKVLATQTALTQIEEVLA
;
E
25 'polypeptide(L)'
;NRLKEKYIKEVTPSLVEKFNYSSVMQTPKVDKIVINMGVGDAVSNAKNLDKAVEELALITGQKPLITKAKKSIAGFRLRE
GMPIGAKVTLRGERMYEFLDKLVTVSLPRVRDFHGVSKKAFDGRGNYTLGIKEQLIFPEVDYDLVDKVRGMDIVIVTTAN
TDEESRELLAQLGMPFQ
;
F
26 'polypeptide(L)'
;SRIGNKVVVLPAGVEIKQDGNNITVKGPKGELTREFSSDIKMNIEGNEVTFTRPNDSKEMKTIHGTTRANFNNMVVGVSE
GFQKALELIGVGYRAQVQGNKLTLNVGYSHPVEMTAPEGVTFEVPANTQVIVKGINKEVVGELAANIRGVRPPEPYKGKG
IRYVGEFVRRKEGKTG
;
G
27 'polypeptide(L)'
;MRTTYMAKAGEVERKWYVVDATDVPLGRLSAVVASVLRGKNKPTFTPHVDTGDFVIVINADKVKLTGKKATDKIYYRHSM
YPGGLKSVTAGELRDKNSRRLIETSVKGMLPKNTLGRKQFTKLNVYGGAEHPHAAQQPEVLDITN
;
K
28 'polypeptide(L)'
;MIQQESRLRVADNSGAREILTIKVLGGSGRKTANIGDVIVATVKQATPGGVVKKGEVVKAVIVRTKSGARRADGSYIKFD
ENAAVIIRDDKSPRGTRIFGPVARELRENNFMKIVSLAPEVL
;
L
29 'polypeptide(L)'
;MKLHELKPAEGSRQVRNRVGRGTSSGNGKTAGRGQKGQKARSGGGVRLGFEGGQTPLFRRLPKRGFTNINRKDYAVVNLD
TLNRFEDGTEVTPVVLKEAGIVKNEKAGIKVLADGELTKKLTVKAAKFSKSAQEAIEAAGGSIEVI
;
M
30 'polypeptide(L)'
;MLVPKRVKHRREFRGKMRGEAKGGKEVAFGEWGLQATESHWITNRQIEAARIAMTRYMKRGGKVWIKIFPHKSYTSKAIG
VRMGKGKGAPEGWVSPVKRGKIMFEIAGVPEEVAREALRLASHKLPVKTKIVKREEMGGES
;
N
31 'polypeptide(L)'
;YRKLGRTSSQRKAMLRDITTDLIINERIVTTEARAKEVRSTVEKMITLGKRGDLHARRQAATFVRNEVASVREEDESIVV
ESALQKLFNDLGPRFAERQGGYTRILKTEPRRGDAAPMVVIEFV
;
O
32 'polypeptide(L)'
;ITKPDKNKTRQKRHRRVRNKISGTAECPRLNIFRSNKNIYAQVIDDVAGVTLASASALDKEISGGTKTETAAAVGKLVAE
RAAEKGIKKVVFDRGGYLYHGRVQALAEAARENGLEF
;
P
33 'polypeptide(L)'
;NPLIQELTQEQLRTDIPAFRPGDTVRVHAKVVEGTRERIQLFEGVVIKRRGAGISETYTVRKVSNGVGVERTFPLHTPRV
AQIEVVRYGKVRRAKLYYLRALHGKAARIKEIRR
;
Q
34 'polypeptide(L)'
;ARVKGGTVTRKRRKKVLKLAKGYYGSKHTLFKSAKEQVMNSYYYAFRDRRQKKRDFRKLWIARINAAARMNGLSYSKLMH
GLKLAEIDINRKMLADLAVNDAAAFTALAEQAKDALSK
;
R
35 'polypeptide(L)'
;MYAIIKTGGKQVKVEVGQAIYVEKLNVEAGEKVVFDEVILVGGESTKVGAPTVAGATVEGTVEKHGKQKKVVTFQYKPKK
HSHRKQGHRQPYTKVMIEAINA
;
S
36 'polypeptide(L)'
;QITSAKATAKTVRTSPRKARLVIDLIRGKSVADAISILKFTPNKSAGIIEKVLMSAVANAENNFDLDVESLVVSEAFVNE
GPTMKRFRPRAKGSASPINKRTSHITVVVTEK
;
T
37 'polypeptide(L)'
;ELLDVIKRPVITEKSMLAMDEKKYTFEVDTRANKTLVKQAVESAFDVKVANVNILNVRPKFKRMGKYAGYTKKRRKAIVT
LTEDSKEIQ
;
U
38 'polypeptide(L)'
;MFVKKGDKVKVITGKDKNKEGVVLAAFPKQDKVIVEGVNVVKKHQKPNQAAPQGGILEVEAPIHVSNVMVIDPSNGEATK
VAFKEVDGKKVRVSKKTGEVL
;
V
39 'polypeptide(L)' STSNGRDSESKRLGAKSADGQTVTGGSILYRQRGTKIYPGVNVGIGGDDTLFAKVDGVVRFERKGRDKKQVSVYPV X
40 'polypeptide(L)' AKVCYFTGRKTSSGNNRSHAMNSTKRTVKPNLQKVRVLIDGKPKKVWVSARALK Y
41 'polypeptide(L)' KVKEIRELTTAEMLDKEKQLKEELFNLRFQLATGQLENTARIKEVRQSIARIKTVLREQAN Z
42 'polypeptide(L)' AELKITLKRSVIGRPQNQRATVKALGLGKVNSTVTKPANEAIKGMVNTISHLVDVEEV 0
43 'polypeptide(L)' AVPARRTSKAKKAKRRTHYKLTIKGLNACSNCGEMKKSHHVCPACGHYDGKDVMSK 2
44 'polypeptide(L)' MRVNITLECTSCKERNYLTNKNKRNNPDRLEKQKYCPRERKVTLHRETK 3
45 'polypeptide(L)' MKRTYQPNKRKRQKVHGFRKRMSTKNGRRVLASRRRKGRKVISA 4
46 'polypeptide(L)' PKQKTHRGLAKRVKRTGGGGLKRGRAFTSHRFHGKTKKQRRQLRKASMVAKGDYKRIRQQLARM 5
47 'polypeptide(L)' MKVRPSVKPMCEHCKVIRRKGRVMVICPANPKHKQRQG 6
#
# COMPACT_ATOMS: atom_id res chain seq x y z
N GLY B 1 27.15 20.95 74.61
CA GLY B 1 27.98 21.08 75.79
C GLY B 1 27.68 22.39 76.46
N GLN B 2 26.96 22.34 77.57
CA GLN B 2 26.38 23.54 78.11
C GLN B 2 26.33 23.56 79.64
N LYS B 3 27.24 22.86 80.30
CA LYS B 3 27.34 22.91 81.75
C LYS B 3 28.81 22.98 82.15
N VAL B 4 29.12 23.75 83.18
CA VAL B 4 30.49 23.83 83.68
C VAL B 4 30.73 22.71 84.67
N HIS B 5 31.99 22.35 84.83
CA HIS B 5 32.40 21.36 85.80
C HIS B 5 32.07 21.86 87.21
N PRO B 6 31.18 21.19 87.94
CA PRO B 6 30.67 21.78 89.18
C PRO B 6 31.69 21.91 90.29
N ILE B 7 32.79 21.19 90.24
CA ILE B 7 33.85 21.36 91.23
C ILE B 7 35.05 22.10 90.65
N GLY B 8 34.85 22.76 89.51
CA GLY B 8 35.81 23.71 88.99
C GLY B 8 35.20 25.10 88.99
N MET B 9 33.87 25.14 89.00
CA MET B 9 33.18 26.40 89.25
C MET B 9 33.39 26.85 90.68
N ARG B 10 33.59 25.92 91.61
CA ARG B 10 33.64 26.22 93.03
C ARG B 10 35.04 26.20 93.63
N VAL B 11 36.05 25.75 92.88
CA VAL B 11 37.41 25.75 93.41
C VAL B 11 37.87 27.18 93.63
N GLY B 12 38.50 27.43 94.78
CA GLY B 12 38.91 28.76 95.11
C GLY B 12 37.81 29.65 95.65
N ILE B 13 36.66 29.09 95.98
CA ILE B 13 35.58 29.85 96.58
C ILE B 13 35.22 29.24 97.93
N ILE B 14 34.83 27.97 97.93
CA ILE B 14 34.41 27.28 99.14
C ILE B 14 35.21 26.00 99.33
N ARG B 15 35.91 25.56 98.29
CA ARG B 15 36.79 24.42 98.39
C ARG B 15 38.21 24.81 98.02
N ASP B 16 39.14 23.90 98.28
CA ASP B 16 40.56 24.16 98.16
C ASP B 16 41.15 23.33 97.02
N TRP B 17 42.43 23.55 96.75
CA TRP B 17 43.13 22.74 95.77
C TRP B 17 43.52 21.42 96.38
N ASP B 18 43.36 20.34 95.61
CA ASP B 18 43.87 19.05 96.05
C ASP B 18 45.38 18.97 95.98
N ALA B 19 46.08 20.03 95.58
CA ALA B 19 47.53 20.09 95.59
C ALA B 19 47.94 21.43 96.17
N LYS B 20 48.53 21.40 97.36
CA LYS B 20 48.89 22.61 98.10
C LYS B 20 50.39 22.67 98.29
N TRP B 21 51.09 23.20 97.31
CA TRP B 21 52.48 23.58 97.48
C TRP B 21 52.73 24.82 96.63
N TYR B 22 53.70 25.62 97.06
CA TYR B 22 54.11 26.81 96.32
C TYR B 22 55.54 26.63 95.85
N ALA B 23 55.74 26.74 94.54
CA ALA B 23 57.09 26.68 94.00
C ALA B 23 57.17 27.50 92.73
N GLU B 24 58.34 28.06 92.48
CA GLU B 24 58.64 28.80 91.26
C GLU B 24 60.03 28.40 90.80
N LYS B 25 60.19 28.25 89.49
CA LYS B 25 61.42 27.80 88.84
C LYS B 25 61.62 26.30 89.08
N GLU B 26 60.82 25.72 89.94
CA GLU B 26 60.63 24.26 89.99
C GLU B 26 59.13 24.05 90.05
N TYR B 27 58.48 24.18 88.93
CA TYR B 27 57.02 24.06 88.88
C TYR B 27 56.58 22.99 87.89
N ALA B 28 57.20 22.91 86.72
CA ALA B 28 56.86 21.87 85.77
C ALA B 28 57.21 20.50 86.32
N GLU B 29 58.40 20.37 86.88
CA GLU B 29 58.83 19.11 87.44
C GLU B 29 57.91 18.66 88.56
N PHE B 30 57.50 19.59 89.42
CA PHE B 30 56.62 19.21 90.52
C PHE B 30 55.25 18.77 90.00
N LEU B 31 54.72 19.46 89.00
CA LEU B 31 53.39 19.14 88.50
C LEU B 31 53.38 17.77 87.84
N HIS B 32 54.42 17.46 87.06
CA HIS B 32 54.47 16.15 86.44
C HIS B 32 54.82 15.05 87.43
N GLU B 33 55.55 15.38 88.50
CA GLU B 33 55.78 14.37 89.55
C GLU B 33 54.48 14.05 90.26
N ASP B 34 53.66 15.06 90.56
CA ASP B 34 52.36 14.78 91.13
C ASP B 34 51.50 13.94 90.20
N LEU B 35 51.52 14.26 88.91
CA LEU B 35 50.75 13.47 87.95
C LEU B 35 51.21 12.02 87.95
N ARG B 36 52.52 11.79 87.93
CA ARG B 36 53.05 10.43 87.98
C ARG B 36 52.60 9.70 89.23
N ILE B 37 52.79 10.33 90.39
CA ILE B 37 52.35 9.76 91.66
C ILE B 37 50.89 9.32 91.56
N ARG B 38 50.00 10.27 91.26
CA ARG B 38 48.57 10.00 91.29
C ARG B 38 48.17 8.97 90.23
N LYS B 39 48.88 8.91 89.10
CA LYS B 39 48.57 7.91 88.08
C LYS B 39 49.16 6.55 88.40
N PHE B 40 50.08 6.48 89.35
CA PHE B 40 50.62 5.21 89.81
C PHE B 40 49.70 4.57 90.84
N ILE B 41 49.33 5.30 91.88
CA ILE B 41 48.67 4.72 93.06
C ILE B 41 47.24 4.32 92.73
N ALA B 42 46.86 4.46 91.48
CA ALA B 42 45.66 3.76 91.03
C ALA B 42 45.87 2.24 90.92
N THR B 43 47.00 1.74 91.44
CA THR B 43 47.24 0.30 91.50
C THR B 43 46.49 -0.35 92.65
N LYS B 44 46.77 0.08 93.89
CA LYS B 44 46.03 -0.43 95.02
C LYS B 44 44.58 0.04 94.98
N LEU B 45 44.35 1.26 94.51
CA LEU B 45 43.01 1.80 94.39
C LEU B 45 42.08 0.86 93.65
N ALA B 46 42.63 0.05 92.75
CA ALA B 46 41.82 -0.94 92.04
C ALA B 46 41.06 -1.86 92.98
N ASP B 47 41.56 -2.06 94.20
CA ASP B 47 40.87 -2.87 95.20
C ASP B 47 40.49 -2.13 96.47
N ALA B 48 41.22 -1.10 96.86
CA ALA B 48 41.09 -0.51 98.19
C ALA B 48 40.15 0.68 98.23
N ALA B 49 39.58 1.08 97.10
CA ALA B 49 38.53 2.09 97.04
C ALA B 49 38.98 3.43 97.64
N VAL B 50 40.00 3.99 97.04
CA VAL B 50 40.47 5.31 97.45
C VAL B 50 39.69 6.37 96.69
N SER B 51 39.49 7.52 97.32
CA SER B 51 38.70 8.58 96.73
C SER B 51 39.56 9.78 96.34
N THR B 52 40.27 10.37 97.28
CA THR B 52 41.10 11.53 97.02
C THR B 52 42.55 11.21 97.36
N ILE B 53 43.42 12.19 97.08
CA ILE B 53 44.81 12.11 97.51
C ILE B 53 45.35 13.53 97.52
N GLU B 54 46.01 13.88 98.62
CA GLU B 54 46.46 15.24 98.88
C GLU B 54 47.98 15.23 98.92
N ILE B 55 48.61 15.96 98.01
CA ILE B 55 50.05 16.04 97.94
C ILE B 55 50.50 17.37 98.51
N GLU B 56 51.31 17.32 99.56
CA GLU B 56 52.09 18.45 100.05
C GLU B 56 53.56 18.12 99.92
N ARG B 57 54.41 19.13 99.99
CA ARG B 57 55.82 18.82 99.97
C ARG B 57 56.62 19.91 100.65
N ALA B 58 57.75 19.49 101.22
CA ALA B 58 58.69 20.30 101.97
C ALA B 58 60.03 20.26 101.27
N ALA B 59 61.06 20.77 101.96
CA ALA B 59 62.39 20.97 101.39
C ALA B 59 62.81 19.87 100.43
N ASN B 60 62.81 18.63 100.88
CA ASN B 60 63.03 17.51 99.98
C ASN B 60 62.13 16.32 100.24
N ARG B 61 61.25 16.38 101.24
CA ARG B 61 60.32 15.30 101.52
C ARG B 61 58.96 15.62 100.92
N VAL B 62 58.18 14.57 100.68
CA VAL B 62 56.87 14.69 100.03
C VAL B 62 55.83 14.07 100.95
N ASN B 63 54.94 14.90 101.48
CA ASN B 63 53.92 14.46 102.42
C ASN B 63 52.65 14.12 101.66
N ILE B 64 52.21 12.87 101.77
CA ILE B 64 51.05 12.38 101.05
C ILE B 64 49.98 11.95 102.05
N SER B 65 48.72 12.11 101.66
CA SER B 65 47.61 11.63 102.46
C SER B 65 46.49 11.17 101.55
N ILE B 66 45.98 9.97 101.78
CA ILE B 66 44.99 9.34 100.92
C ILE B 66 43.75 9.02 101.74
N HIS B 67 42.58 9.26 101.15
CA HIS B 67 41.31 8.96 101.80
C HIS B 67 40.77 7.66 101.25
N THR B 68 40.56 6.67 102.12
CA THR B 68 40.08 5.37 101.70
C THR B 68 38.92 4.94 102.58
N ALA B 69 38.34 3.79 102.23
CA ALA B 69 37.31 3.17 103.05
C ALA B 69 37.73 1.79 103.53
N LYS B 70 38.98 1.40 103.31
CA LYS B 70 39.49 0.10 103.74
C LYS B 70 40.83 0.30 104.41
N PRO B 71 40.83 0.63 105.71
CA PRO B 71 42.10 0.96 106.37
C PRO B 71 43.03 -0.23 106.55
N GLY B 72 42.51 -1.37 107.01
CA GLY B 72 43.38 -2.52 107.21
C GLY B 72 43.84 -3.15 105.91
N MET B 73 42.93 -3.27 104.94
CA MET B 73 43.27 -3.89 103.67
C MET B 73 44.13 -2.98 102.81
N VAL B 74 44.72 -1.94 103.39
CA VAL B 74 45.57 -1.02 102.65
C VAL B 74 46.87 -0.77 103.40
N ILE B 75 46.91 -1.11 104.69
CA ILE B 75 48.13 -0.94 105.49
C ILE B 75 48.85 -2.25 105.77
N GLY B 76 48.17 -3.38 105.68
CA GLY B 76 48.81 -4.66 105.90
C GLY B 76 48.37 -5.33 107.19
N LYS B 77 49.16 -6.33 107.59
CA LYS B 77 48.87 -7.05 108.83
C LYS B 77 49.29 -6.24 110.04
N GLY B 78 50.58 -5.97 110.18
CA GLY B 78 51.06 -5.15 111.27
C GLY B 78 51.78 -3.92 110.77
N GLY B 79 51.62 -3.62 109.48
CA GLY B 79 52.31 -2.50 108.88
C GLY B 79 53.28 -2.93 107.80
N SER B 80 52.89 -3.94 107.02
CA SER B 80 53.75 -4.51 105.99
C SER B 80 53.40 -4.06 104.58
N GLU B 81 52.46 -3.13 104.43
CA GLU B 81 52.06 -2.63 103.11
C GLU B 81 52.37 -1.16 102.90
N VAL B 82 52.15 -0.31 103.91
CA VAL B 82 52.63 1.07 103.83
C VAL B 82 54.13 1.08 103.64
N GLU B 83 54.83 0.11 104.23
CA GLU B 83 56.25 -0.06 103.98
C GLU B 83 56.52 -0.14 102.49
N ASN B 84 55.75 -0.99 101.79
CA ASN B 84 55.97 -1.17 100.36
C ASN B 84 55.59 0.08 99.57
N LEU B 85 54.50 0.74 99.97
CA LEU B 85 54.12 1.99 99.31
C LEU B 85 55.25 3.00 99.36
N ARG B 86 55.86 3.18 100.54
CA ARG B 86 56.96 4.13 100.67
C ARG B 86 58.18 3.68 99.88
N LYS B 87 58.56 2.41 100.01
CA LYS B 87 59.77 1.93 99.35
C LYS B 87 59.60 1.82 97.83
N GLU B 88 58.37 1.89 97.33
CA GLU B 88 58.13 1.96 95.89
C GLU B 88 58.08 3.39 95.40
N LEU B 89 57.41 4.27 96.15
CA LEU B 89 57.34 5.67 95.74
C LEU B 89 58.69 6.35 95.81
N ASN B 90 59.61 5.86 96.66
CA ASN B 90 60.96 6.41 96.65
C ASN B 90 61.67 6.12 95.33
N LYS B 91 61.33 5.00 94.68
CA LYS B 91 61.98 4.68 93.42
C LYS B 91 61.59 5.65 92.31
N LEU B 92 60.40 6.24 92.39
CA LEU B 92 60.03 7.27 91.43
C LEU B 92 60.58 8.62 91.84
N THR B 93 60.08 9.16 92.95
CA THR B 93 60.36 10.53 93.33
C THR B 93 61.79 10.76 93.75
N GLY B 94 62.52 9.70 94.11
CA GLY B 94 63.89 9.86 94.55
C GLY B 94 64.04 10.68 95.79
N LYS B 95 62.97 10.82 96.56
CA LYS B 95 62.94 11.65 97.75
C LYS B 95 62.50 10.82 98.94
N ARG B 96 62.16 11.47 100.03
CA ARG B 96 61.52 10.81 101.17
C ARG B 96 60.03 11.06 101.11
N VAL B 97 59.24 9.99 101.29
CA VAL B 97 57.79 10.12 101.25
C VAL B 97 57.22 9.66 102.57
N HIS B 98 56.08 10.25 102.95
CA HIS B 98 55.45 9.92 104.23
C HIS B 98 53.93 9.91 104.06
N ILE B 99 53.38 8.74 103.76
CA ILE B 99 51.94 8.59 103.63
C ILE B 99 51.28 8.66 104.99
N ASN B 100 50.27 9.52 105.12
CA ASN B 100 49.46 9.63 106.33
C ASN B 100 48.03 9.29 105.93
N ILE B 101 47.63 8.05 106.17
CA ILE B 101 46.38 7.51 105.63
C ILE B 101 45.21 7.98 106.47
N VAL B 102 44.24 8.62 105.83
CA VAL B 102 42.98 8.98 106.46
C VAL B 102 41.99 7.85 106.21
N GLU B 103 40.88 7.88 106.94
CA GLU B 103 39.77 6.94 106.75
C GLU B 103 38.49 7.73 106.53
N ILE B 104 37.67 7.29 105.59
CA ILE B 104 36.47 8.03 105.20
C ILE B 104 35.26 7.47 105.96
N LYS B 105 34.40 8.37 106.41
CA LYS B 105 33.16 8.01 107.09
C LYS B 105 31.98 8.29 106.17
N LYS B 106 30.95 7.44 106.27
CA LYS B 106 29.79 7.51 105.40
C LYS B 106 30.23 7.46 103.94
N PRO B 107 30.68 6.29 103.46
CA PRO B 107 31.22 6.20 102.10
C PRO B 107 30.17 6.18 101.01
N ASP B 108 28.90 5.99 101.35
CA ASP B 108 27.85 6.02 100.35
C ASP B 108 27.48 7.44 99.94
N LEU B 109 28.13 8.44 100.53
CA LEU B 109 27.84 9.85 100.27
C LEU B 109 29.02 10.51 99.58
N ASP B 110 29.60 9.80 98.61
CA ASP B 110 30.81 10.21 97.92
C ASP B 110 30.63 9.92 96.44
N ALA B 111 30.94 10.90 95.60
CA ALA B 111 30.59 10.81 94.18
C ALA B 111 31.40 9.74 93.47
N LYS B 112 32.71 9.71 93.69
CA LYS B 112 33.55 8.74 93.00
C LYS B 112 33.23 7.32 93.46
N LEU B 113 33.04 7.12 94.76
CA LEU B 113 32.75 5.80 95.28
C LEU B 113 31.44 5.28 94.71
N VAL B 114 30.37 6.07 94.85
CA VAL B 114 29.05 5.65 94.37
C VAL B 114 29.09 5.33 92.89
N GLY B 115 29.57 6.28 92.09
CA GLY B 115 29.54 6.11 90.65
C GLY B 115 30.42 4.97 90.18
N GLU B 116 31.57 4.78 90.83
CA GLU B 116 32.44 3.69 90.44
C GLU B 116 31.86 2.34 90.84
N GLY B 117 31.10 2.30 91.92
CA GLY B 117 30.45 1.05 92.31
C GLY B 117 29.27 0.71 91.41
N ILE B 118 28.48 1.71 91.02
CA ILE B 118 27.31 1.47 90.20
C ILE B 118 27.69 1.50 88.73
N ALA B 119 28.99 1.57 88.45
CA ALA B 119 29.53 1.33 87.13
C ALA B 119 30.29 0.02 87.07
N ARG B 120 30.31 -0.73 88.17
CA ARG B 120 30.80 -2.10 88.15
C ARG B 120 29.67 -3.11 87.99
N GLN B 121 28.44 -2.72 88.33
CA GLN B 121 27.30 -3.58 88.04
C GLN B 121 27.06 -3.71 86.54
N LEU B 122 27.22 -2.61 85.80
CA LEU B 122 26.96 -2.63 84.37
C LEU B 122 27.84 -3.65 83.66
N GLU B 123 29.04 -3.89 84.18
CA GLU B 123 29.93 -4.86 83.56
C GLU B 123 29.48 -6.29 83.83
N ASN B 124 28.76 -6.52 84.93
CA ASN B 124 28.27 -7.85 85.27
C ASN B 124 26.83 -8.07 84.81
N ARG B 125 26.46 -7.50 83.66
CA ARG B 125 25.22 -7.81 82.97
C ARG B 125 24.00 -7.50 83.83
N VAL B 126 24.03 -6.38 84.53
CA VAL B 126 22.93 -5.94 85.38
C VAL B 126 22.15 -4.86 84.65
N ALA B 127 20.83 -4.87 84.84
CA ALA B 127 19.99 -3.83 84.28
C ALA B 127 20.25 -2.51 84.98
N PHE B 128 20.26 -1.42 84.21
CA PHE B 128 20.67 -0.13 84.74
C PHE B 128 19.56 0.56 85.53
N ARG B 129 18.29 0.25 85.24
CA ARG B 129 17.22 1.00 85.86
C ARG B 129 17.21 0.82 87.36
N ARG B 130 17.59 -0.36 87.84
CA ARG B 130 17.59 -0.59 89.28
C ARG B 130 18.94 -0.33 89.93
N ALA B 131 20.03 -0.32 89.16
CA ALA B 131 21.31 0.06 89.74
C ALA B 131 21.28 1.51 90.22
N GLN B 132 20.83 2.41 89.35
CA GLN B 132 20.75 3.82 89.74
C GLN B 132 19.72 4.02 90.85
N LYS B 133 18.58 3.32 90.78
CA LYS B 133 17.55 3.50 91.79
C LYS B 133 18.04 3.05 93.16
N GLN B 134 18.70 1.88 93.22
CA GLN B 134 19.22 1.43 94.50
C GLN B 134 20.38 2.31 94.96
N ALA B 135 21.13 2.90 94.03
CA ALA B 135 22.19 3.83 94.40
C ALA B 135 21.61 5.06 95.10
N ILE B 136 20.59 5.67 94.51
CA ILE B 136 20.05 6.86 95.15
C ILE B 136 19.28 6.49 96.42
N GLN B 137 18.74 5.27 96.48
CA GLN B 137 18.07 4.83 97.71
C GLN B 137 19.05 4.68 98.85
N ARG B 138 20.21 4.07 98.60
CA ARG B 138 21.21 3.92 99.65
C ARG B 138 22.06 5.17 99.84
N ALA B 139 21.89 6.19 99.00
CA ALA B 139 22.52 7.48 99.26
C ALA B 139 21.61 8.41 100.05
N MET B 140 20.30 8.26 99.93
CA MET B 140 19.39 9.07 100.72
C MET B 140 19.30 8.59 102.16
N ARG B 141 19.39 7.28 102.38
CA ARG B 141 19.29 6.73 103.73
C ARG B 141 20.45 7.19 104.60
N ALA B 142 21.60 7.46 104.02
CA ALA B 142 22.69 8.06 104.77
C ALA B 142 22.38 9.50 105.15
N GLY B 143 21.42 10.13 104.49
CA GLY B 143 20.99 11.46 104.81
C GLY B 143 21.62 12.52 103.94
N ALA B 144 20.93 12.90 102.86
CA ALA B 144 21.48 13.80 101.86
C ALA B 144 20.35 14.59 101.25
N LYS B 145 20.62 15.87 100.97
CA LYS B 145 19.57 16.75 100.49
C LYS B 145 19.14 16.44 99.06
N GLY B 146 19.99 15.82 98.27
CA GLY B 146 19.63 15.48 96.91
C GLY B 146 20.74 14.71 96.22
N ILE B 147 20.35 13.97 95.20
CA ILE B 147 21.29 13.18 94.42
C ILE B 147 20.72 13.02 93.01
N LYS B 148 21.61 12.92 92.03
CA LYS B 148 21.24 12.79 90.63
C LYS B 148 22.26 11.92 89.93
N THR B 149 21.78 10.96 89.14
CA THR B 149 22.65 10.03 88.42
C THR B 149 22.28 10.05 86.95
N GLN B 150 23.18 9.53 86.11
CA GLN B 150 22.97 9.52 84.66
C GLN B 150 23.95 8.55 84.03
N VAL B 151 23.43 7.64 83.19
CA VAL B 151 24.25 6.71 82.43
C VAL B 151 24.02 6.98 80.95
N SER B 152 25.02 6.68 80.13
CA SER B 152 25.00 7.03 78.71
C SER B 152 25.74 5.96 77.93
N GLY B 153 25.46 5.91 76.62
CA GLY B 153 26.08 4.95 75.74
C GLY B 153 25.10 3.99 75.11
N ARG B 154 25.60 2.87 74.58
CA ARG B 154 24.73 1.81 74.07
C ARG B 154 24.17 1.05 75.26
N LEU B 155 22.93 1.33 75.61
CA LEU B 155 22.29 0.70 76.76
C LEU B 155 21.87 -0.72 76.41
N ASN B 156 21.82 -1.58 77.43
CA ASN B 156 21.46 -2.99 77.29
C ASN B 156 22.40 -3.75 76.38
N GLY B 157 23.50 -3.15 75.96
CA GLY B 157 24.32 -3.75 74.92
C GLY B 157 23.51 -3.86 73.66
N ALA B 158 23.13 -2.71 73.10
CA ALA B 158 22.17 -2.67 72.01
C ALA B 158 22.64 -1.65 70.99
N ASP B 159 21.76 -1.28 70.08
CA ASP B 159 22.05 -0.31 69.05
C ASP B 159 21.94 1.10 69.58
N ILE B 160 21.73 2.05 68.69
CA ILE B 160 22.07 3.46 68.84
C ILE B 160 21.86 4.02 70.24
N ALA B 161 22.84 4.81 70.68
CA ALA B 161 22.96 5.23 72.07
C ALA B 161 21.85 6.19 72.46
N ARG B 162 21.62 6.25 73.77
CA ARG B 162 20.66 7.15 74.39
C ARG B 162 21.13 7.41 75.81
N SER B 163 20.32 8.15 76.56
CA SER B 163 20.72 8.55 77.91
C SER B 163 19.48 8.71 78.78
N GLU B 164 19.66 8.45 80.07
CA GLU B 164 18.58 8.61 81.03
C GLU B 164 19.12 8.50 82.46
N GLY B 165 18.59 9.32 83.35
CA GLY B 165 18.96 9.27 84.75
C GLY B 165 17.74 9.52 85.62
N TYR B 166 17.98 9.50 86.93
CA TYR B 166 16.91 9.63 87.90
C TYR B 166 17.34 10.58 89.01
N SER B 167 16.38 11.32 89.53
CA SER B 167 16.66 12.35 90.52
C SER B 167 15.86 12.09 91.79
N GLU B 168 16.43 12.52 92.92
CA GLU B 168 15.77 12.40 94.22
C GLU B 168 16.15 13.61 95.03
N GLY B 169 15.15 14.36 95.50
CA GLY B 169 15.41 15.58 96.23
C GLY B 169 15.97 16.67 95.32
N THR B 170 16.29 17.79 95.95
CA THR B 170 16.79 18.95 95.23
C THR B 170 18.29 18.91 95.10
N VAL B 171 18.79 19.32 93.94
CA VAL B 171 20.22 19.50 93.72
C VAL B 171 20.41 20.84 93.03
N PRO B 172 20.51 21.93 93.78
CA PRO B 172 20.67 23.24 93.13
C PRO B 172 22.08 23.42 92.62
N LEU B 173 22.20 23.76 91.34
CA LEU B 173 23.49 23.81 90.69
C LEU B 173 24.03 25.21 90.54
N HIS B 174 23.17 26.21 90.40
CA HIS B 174 23.58 27.59 90.22
C HIS B 174 24.02 28.26 91.50
N THR B 175 23.71 27.70 92.65
CA THR B 175 24.07 28.30 93.93
C THR B 175 25.54 28.03 94.22
N LEU B 176 26.32 29.11 94.42
CA LEU B 176 27.75 28.98 94.57
C LEU B 176 28.14 28.45 95.94
N ARG B 177 27.32 28.70 96.96
CA ARG B 177 27.54 28.17 98.30
C ARG B 177 26.67 26.93 98.49
N ALA B 178 27.08 25.83 97.86
CA ALA B 178 26.21 24.67 97.81
C ALA B 178 26.91 23.39 98.22
N ASP B 179 28.22 23.31 98.00
CA ASP B 179 29.00 22.14 98.40
C ASP B 179 28.41 20.87 97.78
N ILE B 180 28.44 20.81 96.47
CA ILE B 180 28.01 19.65 95.75
C ILE B 180 29.26 18.85 95.39
N ASP B 181 29.05 17.58 95.05
CA ASP B 181 30.13 16.71 94.64
C ASP B 181 29.80 16.11 93.28
N TYR B 182 30.82 15.55 92.64
CA TYR B 182 30.70 15.15 91.25
C TYR B 182 31.85 14.22 90.89
N ALA B 183 31.58 13.29 89.97
CA ALA B 183 32.59 12.40 89.44
C ALA B 183 32.08 11.78 88.16
N TRP B 184 33.01 11.37 87.29
CA TRP B 184 32.67 10.73 86.02
C TRP B 184 33.59 9.52 85.82
N GLU B 185 32.98 8.36 85.64
CA GLU B 185 33.67 7.09 85.47
C GLU B 185 33.35 6.48 84.10
N GLU B 186 33.85 5.28 83.87
CA GLU B 186 33.59 4.54 82.65
C GLU B 186 33.46 3.06 82.96
N ALA B 187 33.02 2.31 81.95
CA ALA B 187 32.91 0.86 82.00
C ALA B 187 32.44 0.37 80.64
N ASP B 188 32.56 -0.95 80.43
CA ASP B 188 31.97 -1.63 79.30
C ASP B 188 31.25 -2.88 79.76
N THR B 189 30.20 -3.27 79.03
CA THR B 189 29.66 -4.61 79.22
C THR B 189 30.28 -5.54 78.18
N THR B 190 29.97 -5.31 76.90
CA THR B 190 30.74 -5.88 75.80
C THR B 190 30.87 -4.91 74.64
N TYR B 191 30.08 -3.84 74.60
CA TYR B 191 30.00 -2.92 73.47
C TYR B 191 30.49 -1.56 73.92
N GLY B 192 31.52 -1.06 73.25
CA GLY B 192 31.98 0.30 73.46
C GLY B 192 32.18 0.65 74.91
N LYS B 193 31.95 1.92 75.21
CA LYS B 193 32.12 2.45 76.55
C LYS B 193 30.83 3.09 77.02
N LEU B 194 30.67 3.15 78.34
CA LEU B 194 29.55 3.84 78.95
C LEU B 194 30.09 4.92 79.88
N GLY B 195 29.29 5.97 80.06
CA GLY B 195 29.66 7.05 80.94
C GLY B 195 28.65 7.23 82.04
N VAL B 196 29.11 7.16 83.29
CA VAL B 196 28.25 7.30 84.46
C VAL B 196 28.66 8.57 85.20
N LYS B 197 27.69 9.44 85.46
CA LYS B 197 27.91 10.67 86.19
C LYS B 197 27.00 10.71 87.41
N VAL B 198 27.47 11.33 88.48
CA VAL B 198 26.75 11.34 89.75
C VAL B 198 27.01 12.65 90.48
N TRP B 199 25.94 13.28 90.95
CA TRP B 199 25.99 14.50 91.73
C TRP B 199 25.27 14.26 93.05
N ILE B 200 25.86 14.72 94.16
CA ILE B 200 25.26 14.60 95.48
C ILE B 200 25.30 15.95 96.18
N TYR B 201 24.17 16.36 96.73
CA TYR B 201 24.05 17.60 97.48
C TYR B 201 24.08 17.29 98.97
N ARG B 202 24.99 17.93 99.70
CA ARG B 202 25.21 17.63 101.10
C ARG B 202 25.13 18.88 101.96
N GLY B 203 24.16 19.75 101.68
CA GLY B 203 24.05 21.01 102.38
C GLY B 203 25.24 21.92 102.09
N GLU B 204 25.23 23.08 102.74
CA GLU B 204 26.36 24.00 102.65
C GLU B 204 26.85 24.41 104.04
N SER C 1 -5.43 -48.29 83.07
CA SER C 1 -4.25 -47.87 83.79
C SER C 1 -4.62 -47.42 85.18
N ARG C 2 -3.69 -47.47 86.14
CA ARG C 2 -3.97 -46.69 87.33
C ARG C 2 -2.95 -45.59 87.60
N TYR C 3 -1.79 -45.94 88.14
CA TYR C 3 -0.64 -45.07 88.33
C TYR C 3 0.40 -45.83 89.13
N THR C 4 1.67 -45.66 88.86
CA THR C 4 2.67 -46.36 89.64
C THR C 4 3.83 -45.47 90.06
N GLY C 5 3.83 -44.19 89.70
CA GLY C 5 4.96 -43.34 89.89
C GLY C 5 5.25 -43.07 91.35
N PRO C 6 6.24 -42.21 91.59
CA PRO C 6 6.75 -42.01 92.94
C PRO C 6 5.77 -41.41 93.94
N SER C 7 4.53 -41.08 93.57
CA SER C 7 3.46 -40.95 94.56
C SER C 7 3.67 -39.88 95.62
N TRP C 8 4.76 -39.15 95.54
CA TRP C 8 5.13 -38.24 96.61
C TRP C 8 5.46 -36.92 95.98
N LYS C 9 6.01 -36.97 94.76
CA LYS C 9 5.99 -35.82 93.88
C LYS C 9 4.58 -35.28 93.74
N VAL C 10 3.58 -36.17 93.81
CA VAL C 10 2.19 -35.78 93.59
C VAL C 10 1.71 -34.86 94.70
N SER C 11 2.09 -35.15 95.94
CA SER C 11 1.69 -34.32 97.06
C SER C 11 2.41 -32.98 97.06
N ARG C 12 3.70 -32.99 96.70
CA ARG C 12 4.45 -31.75 96.61
C ARG C 12 3.93 -30.81 95.53
N ARG C 13 3.14 -31.31 94.59
CA ARG C 13 2.61 -30.49 93.51
C ARG C 13 1.23 -29.93 93.84
N LEU C 14 0.46 -30.61 94.68
CA LEU C 14 -0.82 -30.09 95.12
C LEU C 14 -0.72 -29.23 96.37
N GLY C 15 0.33 -29.41 97.16
CA GLY C 15 0.44 -28.72 98.42
C GLY C 15 -0.41 -29.29 99.51
N ILE C 16 -0.78 -30.56 99.43
CA ILE C 16 -1.61 -31.26 100.40
C ILE C 16 -0.96 -32.62 100.60
N SER C 17 -1.20 -33.24 101.76
CA SER C 17 -0.44 -34.43 102.10
C SER C 17 -0.80 -35.61 101.23
N LEU C 18 -2.07 -36.03 101.25
CA LEU C 18 -2.64 -37.18 100.53
C LEU C 18 -2.34 -38.52 101.16
N SER C 19 -1.47 -38.61 102.17
CA SER C 19 -1.15 -39.90 102.75
C SER C 19 -1.29 -39.80 104.25
N GLY C 20 -2.54 -39.82 104.72
CA GLY C 20 -2.85 -39.91 106.14
C GLY C 20 -1.97 -39.08 107.08
N THR C 21 -1.53 -37.92 106.62
CA THR C 21 -0.75 -36.93 107.37
C THR C 21 0.69 -37.38 107.61
N GLY C 22 0.99 -38.65 107.30
CA GLY C 22 2.36 -39.09 107.20
C GLY C 22 3.09 -38.24 106.17
N LYS C 23 4.19 -37.61 106.57
CA LYS C 23 4.68 -36.41 105.89
C LYS C 23 5.55 -36.75 104.69
N GLU C 24 5.01 -36.49 103.51
CA GLU C 24 5.77 -36.34 102.30
C GLU C 24 6.31 -34.93 102.12
N LEU C 25 5.59 -33.93 102.64
CA LEU C 25 6.05 -32.55 102.63
C LEU C 25 6.83 -32.21 103.90
N ALA C 26 7.75 -33.07 104.33
CA ALA C 26 8.50 -32.80 105.55
C ALA C 26 9.68 -31.90 105.23
N ARG C 27 10.64 -32.42 104.49
CA ARG C 27 11.65 -31.59 103.84
C ARG C 27 11.13 -31.13 102.50
N ARG C 28 11.74 -30.07 101.98
CA ARG C 28 11.43 -29.50 100.68
C ARG C 28 9.94 -29.47 100.39
N PRO C 29 9.19 -28.54 100.96
CA PRO C 29 7.75 -28.47 100.70
C PRO C 29 7.39 -27.86 99.33
N TYR C 30 8.37 -27.65 98.47
CA TYR C 30 8.14 -27.05 97.17
C TYR C 30 7.96 -28.11 96.09
N LYS C 31 7.75 -27.67 94.86
CA LYS C 31 7.43 -28.52 93.73
C LYS C 31 8.66 -29.25 93.23
N PRO C 32 8.48 -30.27 92.39
CA PRO C 32 9.62 -31.00 91.83
C PRO C 32 10.28 -30.26 90.68
N GLY C 33 11.42 -30.80 90.24
CA GLY C 33 12.15 -30.27 89.11
C GLY C 33 13.20 -29.25 89.47
N GLN C 34 13.85 -28.72 88.43
CA GLN C 34 14.88 -27.69 88.61
C GLN C 34 14.32 -26.49 89.34
N HIS C 35 13.18 -25.99 88.89
CA HIS C 35 12.67 -24.72 89.36
C HIS C 35 11.78 -24.89 90.58
N GLY C 36 12.25 -25.72 91.50
CA GLY C 36 11.48 -26.05 92.68
C GLY C 36 11.60 -24.99 93.75
N PRO C 37 12.79 -24.87 94.33
CA PRO C 37 12.98 -23.88 95.41
C PRO C 37 12.83 -22.43 94.94
N ASN C 38 12.97 -22.16 93.65
CA ASN C 38 12.87 -20.80 93.13
C ASN C 38 11.48 -20.60 92.52
N SER C 39 10.51 -20.31 93.38
CA SER C 39 9.15 -20.12 92.91
C SER C 39 9.04 -18.88 92.03
N ARG C 40 7.88 -18.72 91.39
CA ARG C 40 7.69 -17.59 90.50
C ARG C 40 6.31 -16.98 90.74
N GLY C 41 5.91 -16.07 89.87
CA GLY C 41 4.76 -15.21 90.10
C GLY C 41 3.42 -15.89 90.25
N LYS C 42 2.35 -15.10 90.15
CA LYS C 42 1.02 -15.54 90.54
C LYS C 42 0.49 -16.65 89.64
N VAL C 43 -0.60 -17.27 90.09
CA VAL C 43 -1.27 -18.35 89.39
C VAL C 43 -2.67 -17.85 89.03
N SER C 44 -3.13 -18.18 87.82
CA SER C 44 -4.43 -17.69 87.36
C SER C 44 -5.57 -18.23 88.22
N GLU C 45 -6.80 -17.84 87.90
CA GLU C 45 -7.95 -18.52 88.46
C GLU C 45 -8.41 -19.70 87.62
N TYR C 46 -7.67 -20.04 86.57
CA TYR C 46 -7.78 -21.35 85.97
C TYR C 46 -6.86 -22.35 86.66
N GLY C 47 -5.65 -21.93 87.01
CA GLY C 47 -4.77 -22.80 87.74
C GLY C 47 -5.33 -23.22 89.08
N MET C 48 -6.12 -22.35 89.71
CA MET C 48 -6.67 -22.66 91.02
C MET C 48 -7.75 -23.73 90.93
N GLN C 49 -8.68 -23.58 89.99
CA GLN C 49 -9.72 -24.58 89.82
C GLN C 49 -9.15 -25.90 89.31
N LEU C 50 -8.14 -25.85 88.44
CA LEU C 50 -7.46 -27.07 88.03
C LEU C 50 -6.77 -27.75 89.20
N THR C 51 -6.12 -26.97 90.06
CA THR C 51 -5.38 -27.56 91.17
C THR C 51 -6.33 -28.20 92.18
N GLU C 52 -7.48 -27.60 92.40
CA GLU C 52 -8.45 -28.22 93.29
C GLU C 52 -8.97 -29.52 92.70
N LYS C 53 -9.32 -29.51 91.42
CA LYS C 53 -9.79 -30.73 90.79
C LYS C 53 -8.75 -31.83 90.85
N GLN C 54 -7.47 -31.49 90.63
CA GLN C 54 -6.44 -32.52 90.66
C GLN C 54 -6.23 -33.05 92.06
N LYS C 55 -6.34 -32.18 93.06
CA LYS C 55 -6.28 -32.63 94.44
C LYS C 55 -7.30 -33.71 94.71
N LEU C 56 -8.55 -33.46 94.31
CA LEU C 56 -9.59 -34.44 94.55
C LEU C 56 -9.41 -35.69 93.69
N ARG C 57 -8.91 -35.55 92.47
CA ARG C 57 -8.77 -36.73 91.61
C ARG C 57 -7.67 -37.64 92.10
N HIS C 58 -6.58 -37.07 92.63
CA HIS C 58 -5.47 -37.88 93.11
C HIS C 58 -5.68 -38.40 94.52
N MET C 59 -6.59 -37.79 95.28
CA MET C 59 -6.90 -38.33 96.60
C MET C 59 -7.27 -39.80 96.53
N TYR C 60 -8.23 -40.14 95.68
CA TYR C 60 -8.77 -41.49 95.59
C TYR C 60 -8.32 -42.23 94.34
N GLY C 61 -7.26 -41.78 93.68
CA GLY C 61 -6.61 -42.51 92.61
C GLY C 61 -7.46 -43.02 91.46
N MET C 62 -8.27 -42.16 90.85
CA MET C 62 -9.10 -42.55 89.72
C MET C 62 -8.75 -41.75 88.47
N ASN C 63 -9.32 -42.16 87.35
CA ASN C 63 -9.06 -41.59 86.04
C ASN C 63 -10.14 -40.58 85.67
N GLU C 64 -9.85 -39.84 84.61
CA GLU C 64 -10.62 -38.64 84.31
C GLU C 64 -12.01 -38.95 83.78
N ARG C 65 -12.17 -40.00 82.98
CA ARG C 65 -13.51 -40.35 82.52
C ARG C 65 -14.42 -40.72 83.68
N GLN C 66 -13.93 -41.59 84.57
CA GLN C 66 -14.73 -42.08 85.68
C GLN C 66 -15.06 -40.97 86.67
N PHE C 67 -14.09 -40.09 86.94
CA PHE C 67 -14.33 -38.92 87.78
C PHE C 67 -15.49 -38.10 87.25
N ARG C 68 -15.48 -37.84 85.94
CA ARG C 68 -16.50 -36.99 85.34
C ARG C 68 -17.86 -37.68 85.32
N THR C 69 -17.90 -39.00 85.12
CA THR C 69 -19.20 -39.67 85.15
C THR C 69 -19.78 -39.69 86.55
N LEU C 70 -18.94 -39.91 87.57
CA LEU C 70 -19.41 -39.83 88.94
C LEU C 70 -19.95 -38.44 89.24
N PHE C 71 -19.27 -37.39 88.78
CA PHE C 71 -19.75 -36.03 88.99
C PHE C 71 -21.08 -35.80 88.30
N ILE C 72 -21.26 -36.34 87.10
CA ILE C 72 -22.52 -36.14 86.39
C ILE C 72 -23.65 -36.89 87.10
N LYS C 73 -23.32 -38.01 87.73
CA LYS C 73 -24.32 -38.80 88.44
C LYS C 73 -24.76 -38.11 89.72
N ALA C 74 -23.80 -37.56 90.48
CA ALA C 74 -24.14 -36.83 91.70
C ALA C 74 -25.02 -35.62 91.44
N SER C 75 -25.10 -35.16 90.20
CA SER C 75 -25.90 -33.98 89.88
C SER C 75 -27.38 -34.27 89.75
N LYS C 76 -27.79 -35.53 89.78
CA LYS C 76 -29.18 -35.91 89.60
C LYS C 76 -29.93 -36.08 90.92
N ILE C 77 -29.32 -35.65 92.03
CA ILE C 77 -29.94 -35.87 93.33
C ILE C 77 -30.93 -34.75 93.61
N LYS C 78 -30.43 -33.52 93.68
CA LYS C 78 -31.26 -32.35 94.00
C LYS C 78 -31.83 -32.44 95.41
N GLU C 79 -31.04 -33.00 96.33
CA GLU C 79 -31.34 -33.03 97.76
C GLU C 79 -30.06 -32.65 98.48
N GLY C 80 -29.89 -31.36 98.70
CA GLY C 80 -28.63 -30.87 99.23
C GLY C 80 -27.92 -30.03 98.20
N LYS C 81 -26.61 -29.95 98.28
CA LYS C 81 -25.82 -29.25 97.28
C LYS C 81 -25.36 -30.25 96.22
N HIS C 82 -24.40 -29.84 95.39
CA HIS C 82 -23.87 -30.68 94.33
C HIS C 82 -22.40 -31.03 94.53
N GLY C 83 -21.68 -30.31 95.36
CA GLY C 83 -20.33 -30.72 95.69
C GLY C 83 -20.27 -31.62 96.89
N VAL C 84 -21.19 -31.41 97.83
CA VAL C 84 -21.29 -32.29 99.00
C VAL C 84 -21.70 -33.69 98.58
N ASN C 85 -22.78 -33.79 97.83
CA ASN C 85 -23.25 -35.07 97.32
C ASN C 85 -22.18 -35.78 96.51
N PHE C 86 -21.37 -35.02 95.77
CA PHE C 86 -20.25 -35.60 95.03
C PHE C 86 -19.23 -36.20 95.98
N MET C 87 -18.65 -35.39 96.84
CA MET C 87 -17.62 -35.90 97.76
C MET C 87 -18.15 -36.97 98.70
N VAL C 88 -19.47 -37.12 98.82
CA VAL C 88 -20.03 -38.19 99.63
C VAL C 88 -20.20 -39.48 98.84
N LEU C 89 -20.66 -39.39 97.59
CA LEU C 89 -20.62 -40.56 96.71
C LEU C 89 -19.21 -41.08 96.53
N LEU C 90 -18.22 -40.17 96.54
CA LEU C 90 -16.84 -40.58 96.38
C LEU C 90 -16.39 -41.48 97.51
N GLU C 91 -16.98 -41.32 98.68
CA GLU C 91 -16.55 -42.05 99.87
C GLU C 91 -17.13 -43.45 99.92
N GLN C 92 -18.23 -43.70 99.21
CA GLN C 92 -18.96 -44.96 99.27
C GLN C 92 -18.42 -46.00 98.30
N ARG C 93 -17.20 -45.84 97.82
CA ARG C 93 -16.62 -46.81 96.91
C ARG C 93 -15.77 -47.79 97.70
N LEU C 94 -15.81 -49.06 97.30
CA LEU C 94 -15.31 -50.14 98.14
C LEU C 94 -13.86 -49.96 98.57
N ASP C 95 -13.10 -49.14 97.86
CA ASP C 95 -11.71 -48.89 98.26
C ASP C 95 -11.62 -48.04 99.51
N ASN C 96 -12.40 -46.97 99.58
CA ASN C 96 -12.42 -46.15 100.79
C ASN C 96 -12.98 -46.93 101.96
N VAL C 97 -13.84 -47.91 101.70
CA VAL C 97 -14.41 -48.68 102.80
C VAL C 97 -13.34 -49.54 103.45
N VAL C 98 -12.42 -50.06 102.65
CA VAL C 98 -11.33 -50.86 103.20
C VAL C 98 -10.30 -49.96 103.86
N TYR C 99 -10.06 -48.77 103.29
CA TYR C 99 -9.16 -47.81 103.93
C TYR C 99 -9.68 -47.38 105.29
N ARG C 100 -10.91 -46.90 105.33
CA ARG C 100 -11.48 -46.39 106.57
C ARG C 100 -11.60 -47.49 107.62
N LEU C 101 -12.04 -48.67 107.21
CA LEU C 101 -12.22 -49.76 108.17
C LEU C 101 -10.93 -50.06 108.90
N GLY C 102 -9.82 -50.11 108.17
CA GLY C 102 -8.53 -50.23 108.79
C GLY C 102 -7.78 -51.47 108.41
N LEU C 103 -8.22 -52.14 107.36
CA LEU C 103 -7.52 -53.34 106.92
C LEU C 103 -6.29 -53.05 106.07
N ALA C 104 -6.02 -51.78 105.79
CA ALA C 104 -4.90 -51.41 104.96
C ALA C 104 -4.38 -50.04 105.39
N THR C 105 -3.08 -49.84 105.24
CA THR C 105 -2.49 -48.54 105.56
C THR C 105 -2.84 -47.49 104.51
N THR C 106 -2.46 -47.74 103.27
CA THR C 106 -2.66 -46.77 102.19
C THR C 106 -3.99 -47.03 101.50
N ARG C 107 -4.23 -46.32 100.39
CA ARG C 107 -5.32 -46.66 99.49
C ARG C 107 -4.86 -47.52 98.33
N ARG C 108 -3.57 -47.45 97.99
CA ARG C 108 -3.05 -48.36 96.98
C ARG C 108 -3.06 -49.80 97.48
N GLN C 109 -2.69 -50.01 98.74
CA GLN C 109 -2.75 -51.35 99.32
C GLN C 109 -4.18 -51.85 99.40
N ALA C 110 -5.10 -50.99 99.81
CA ALA C 110 -6.49 -51.39 99.87
C ALA C 110 -7.02 -51.74 98.49
N ARG C 111 -6.59 -50.99 97.47
CA ARG C 111 -6.98 -51.29 96.11
C ARG C 111 -6.47 -52.66 95.67
N GLN C 112 -5.23 -52.99 96.02
CA GLN C 112 -4.73 -54.29 95.60
C GLN C 112 -5.38 -55.42 96.37
N LEU C 113 -5.80 -55.15 97.60
CA LEU C 113 -6.49 -56.18 98.36
C LEU C 113 -7.87 -56.46 97.79
N VAL C 114 -8.60 -55.42 97.39
CA VAL C 114 -9.91 -55.66 96.81
C VAL C 114 -9.79 -56.14 95.36
N ASN C 115 -8.69 -55.85 94.68
CA ASN C 115 -8.54 -56.35 93.32
C ASN C 115 -8.16 -57.82 93.29
N HIS C 116 -7.30 -58.24 94.19
CA HIS C 116 -6.83 -59.61 94.13
C HIS C 116 -7.79 -60.62 94.74
N GLY C 117 -8.95 -60.16 95.22
CA GLY C 117 -10.03 -61.04 95.59
C GLY C 117 -9.95 -61.55 97.01
N HIS C 118 -9.68 -60.66 97.95
CA HIS C 118 -9.54 -61.03 99.35
C HIS C 118 -10.65 -60.49 100.23
N ILE C 119 -11.68 -59.86 99.69
CA ILE C 119 -12.73 -59.30 100.52
C ILE C 119 -14.09 -59.66 99.94
N THR C 120 -15.11 -59.52 100.78
CA THR C 120 -16.45 -60.00 100.49
C THR C 120 -17.45 -59.03 101.09
N VAL C 121 -18.55 -58.78 100.38
CA VAL C 121 -19.66 -58.00 100.91
C VAL C 121 -20.84 -58.95 101.03
N ASP C 122 -21.35 -59.10 102.25
CA ASP C 122 -22.48 -59.97 102.54
C ASP C 122 -22.16 -61.44 102.26
N GLY C 123 -20.88 -61.80 102.33
CA GLY C 123 -20.47 -63.17 102.10
C GLY C 123 -19.97 -63.43 100.70
N LYS C 124 -20.65 -62.86 99.70
CA LYS C 124 -20.22 -63.02 98.33
C LYS C 124 -18.98 -62.18 98.04
N ARG C 125 -18.02 -62.77 97.36
CA ARG C 125 -16.83 -62.05 96.94
C ARG C 125 -17.18 -60.96 95.93
N VAL C 126 -16.45 -59.85 95.99
CA VAL C 126 -16.52 -58.81 94.98
C VAL C 126 -15.12 -58.30 94.72
N ASP C 127 -14.76 -58.18 93.45
CA ASP C 127 -13.38 -58.08 93.00
C ASP C 127 -12.99 -56.71 92.46
N ILE C 128 -13.94 -55.86 92.11
CA ILE C 128 -13.67 -54.65 91.34
C ILE C 128 -13.69 -53.45 92.28
N PRO C 129 -12.67 -52.58 92.26
CA PRO C 129 -12.57 -51.54 93.29
C PRO C 129 -13.54 -50.38 93.17
N SER C 130 -14.13 -50.12 92.00
CA SER C 130 -15.06 -49.01 91.88
C SER C 130 -16.46 -49.37 92.35
N TYR C 131 -16.63 -50.50 93.02
CA TYR C 131 -17.93 -50.94 93.49
C TYR C 131 -18.55 -49.87 94.39
N HIS C 132 -19.87 -49.86 94.48
CA HIS C 132 -20.57 -48.86 95.25
C HIS C 132 -21.14 -49.50 96.52
N VAL C 133 -20.50 -49.23 97.64
CA VAL C 133 -20.94 -49.79 98.91
C VAL C 133 -22.07 -48.94 99.46
N GLU C 134 -23.20 -49.57 99.73
CA GLU C 134 -24.34 -48.87 100.30
C GLU C 134 -24.27 -48.90 101.82
N VAL C 135 -25.24 -48.26 102.47
CA VAL C 135 -25.25 -48.13 103.91
C VAL C 135 -25.78 -49.42 104.52
N GLY C 136 -25.02 -50.01 105.43
CA GLY C 136 -25.47 -51.19 106.11
C GLY C 136 -25.19 -52.48 105.37
N GLN C 137 -23.92 -52.76 105.12
CA GLN C 137 -23.52 -53.97 104.40
C GLN C 137 -22.17 -54.40 104.95
N VAL C 138 -22.15 -55.47 105.74
CA VAL C 138 -20.93 -55.84 106.45
C VAL C 138 -19.93 -56.41 105.45
N ILE C 139 -18.86 -55.66 105.18
CA ILE C 139 -17.82 -56.13 104.27
C ILE C 139 -16.79 -56.89 105.09
N GLY C 140 -16.38 -58.05 104.59
CA GLY C 140 -15.55 -58.94 105.36
C GLY C 140 -14.23 -59.21 104.69
N VAL C 141 -13.44 -60.12 105.26
CA VAL C 141 -12.07 -60.29 104.81
C VAL C 141 -11.79 -61.72 104.34
N ARG C 142 -12.75 -62.33 103.66
CA ARG C 142 -12.55 -63.62 103.00
C ARG C 142 -12.13 -64.68 104.02
N GLU C 143 -13.08 -65.04 104.88
CA GLU C 143 -12.83 -65.87 106.04
C GLU C 143 -12.19 -67.21 105.68
N LYS C 144 -11.93 -67.39 104.39
CA LYS C 144 -11.08 -68.49 103.93
C LYS C 144 -9.64 -68.29 104.39
N SER C 145 -9.03 -67.17 104.03
CA SER C 145 -7.60 -66.98 104.18
C SER C 145 -7.28 -65.59 104.76
N GLN C 146 -7.85 -65.31 105.92
CA GLN C 146 -7.64 -64.05 106.63
C GLN C 146 -6.42 -64.07 107.55
N ASN C 147 -5.44 -64.92 107.27
CA ASN C 147 -4.27 -65.07 108.12
C ASN C 147 -3.01 -64.52 107.46
N ILE C 148 -3.16 -63.40 106.77
CA ILE C 148 -2.08 -62.85 105.96
C ILE C 148 -1.31 -61.83 106.81
N SER C 149 -0.05 -61.61 106.43
CA SER C 149 0.86 -60.87 107.27
C SER C 149 0.46 -59.41 107.43
N THR C 150 0.20 -58.71 106.31
CA THR C 150 0.02 -57.28 106.37
C THR C 150 -1.36 -56.88 106.89
N ILE C 151 -2.38 -57.63 106.54
CA ILE C 151 -3.72 -57.34 107.06
C ILE C 151 -3.71 -57.42 108.58
N LYS C 152 -3.05 -58.45 109.11
CA LYS C 152 -2.97 -58.63 110.55
C LYS C 152 -2.33 -57.43 111.22
N GLU C 153 -1.18 -56.99 110.72
CA GLU C 153 -0.46 -55.93 111.40
C GLU C 153 -1.18 -54.59 111.24
N ALA C 154 -1.77 -54.34 110.07
CA ALA C 154 -2.47 -53.08 109.85
C ALA C 154 -3.84 -53.03 110.51
N VAL C 155 -4.31 -54.14 111.08
CA VAL C 155 -5.48 -54.01 111.95
C VAL C 155 -5.07 -53.49 113.34
N GLU C 156 -3.86 -53.82 113.79
CA GLU C 156 -3.41 -53.39 115.13
C GLU C 156 -3.29 -51.87 115.22
N ALA C 157 -2.44 -51.29 114.37
CA ALA C 157 -2.10 -49.88 114.45
C ALA C 157 -3.21 -49.05 113.81
N THR C 158 -4.16 -48.62 114.63
CA THR C 158 -5.31 -47.83 114.19
C THR C 158 -4.98 -46.36 114.26
N VAL C 159 -4.54 -45.79 113.14
CA VAL C 159 -4.24 -44.36 113.10
C VAL C 159 -5.53 -43.55 113.04
N GLY C 160 -6.48 -43.95 112.20
CA GLY C 160 -7.74 -43.24 112.16
C GLY C 160 -8.97 -44.08 111.90
N ARG C 161 -9.88 -44.08 112.87
CA ARG C 161 -11.18 -44.73 112.72
C ARG C 161 -12.24 -43.67 112.95
N PRO C 162 -13.19 -43.50 112.02
CA PRO C 162 -14.08 -42.33 112.07
C PRO C 162 -15.30 -42.49 112.95
N ALA C 163 -16.20 -41.52 112.84
CA ALA C 163 -17.45 -41.47 113.59
C ALA C 163 -18.65 -42.01 112.81
N PHE C 164 -18.46 -42.39 111.55
CA PHE C 164 -19.50 -43.07 110.79
C PHE C 164 -19.18 -44.53 110.53
N VAL C 165 -17.98 -44.98 110.86
CA VAL C 165 -17.54 -46.34 110.58
C VAL C 165 -17.77 -47.19 111.81
N SER C 166 -18.39 -48.36 111.63
CA SER C 166 -18.50 -49.37 112.67
C SER C 166 -17.56 -50.53 112.35
N PHE C 167 -17.14 -51.25 113.40
CA PHE C 167 -16.19 -52.32 113.16
C PHE C 167 -16.03 -53.17 114.41
N ASP C 168 -15.71 -54.45 114.19
CA ASP C 168 -15.35 -55.39 115.25
C ASP C 168 -14.12 -56.16 114.82
N THR C 169 -13.10 -56.17 115.67
CA THR C 169 -11.76 -56.64 115.33
C THR C 169 -11.55 -58.13 115.59
N GLU C 170 -12.62 -58.90 115.77
CA GLU C 170 -12.53 -60.33 115.94
C GLU C 170 -13.05 -61.10 114.75
N LYS C 171 -14.30 -60.84 114.33
CA LYS C 171 -14.81 -61.39 113.09
C LYS C 171 -14.30 -60.62 111.88
N LEU C 172 -13.80 -59.39 112.08
CA LEU C 172 -13.27 -58.52 111.03
C LEU C 172 -14.38 -58.04 110.10
N GLU C 173 -15.47 -57.58 110.68
CA GLU C 173 -16.58 -57.02 109.93
C GLU C 173 -16.67 -55.53 110.19
N GLY C 174 -16.94 -54.76 109.13
CA GLY C 174 -17.19 -53.35 109.26
C GLY C 174 -18.38 -52.94 108.42
N SER C 175 -18.86 -51.73 108.67
CA SER C 175 -19.95 -51.18 107.87
C SER C 175 -20.06 -49.70 108.17
N PHE C 176 -20.70 -48.98 107.26
CA PHE C 176 -21.07 -47.61 107.52
C PHE C 176 -22.30 -47.59 108.41
N THR C 177 -22.27 -46.79 109.47
CA THR C 177 -23.48 -46.55 110.24
C THR C 177 -24.47 -45.72 109.43
N ARG C 178 -24.06 -44.51 109.05
CA ARG C 178 -24.83 -43.65 108.15
C ARG C 178 -23.86 -42.84 107.29
N LEU C 179 -24.42 -41.94 106.49
CA LEU C 179 -23.62 -41.14 105.58
C LEU C 179 -22.85 -40.05 106.33
N PRO C 180 -21.63 -39.76 105.92
CA PRO C 180 -20.82 -38.75 106.61
C PRO C 180 -21.27 -37.34 106.27
N GLU C 181 -20.51 -36.36 106.77
CA GLU C 181 -20.80 -34.96 106.51
C GLU C 181 -19.48 -34.22 106.29
N ARG C 182 -19.60 -33.03 105.70
CA ARG C 182 -18.40 -32.28 105.28
C ARG C 182 -17.53 -31.94 106.48
N ASP C 183 -18.14 -31.53 107.59
CA ASP C 183 -17.37 -31.34 108.82
C ASP C 183 -16.55 -32.57 109.16
N GLU C 184 -17.06 -33.75 108.83
CA GLU C 184 -16.34 -35.00 109.10
C GLU C 184 -15.43 -35.41 107.96
N LEU C 185 -15.29 -34.58 106.92
CA LEU C 185 -14.63 -35.01 105.69
C LEU C 185 -13.91 -33.81 105.07
N TYR C 186 -12.59 -33.78 105.24
CA TYR C 186 -11.66 -32.86 104.59
C TYR C 186 -12.25 -31.47 104.39
N PRO C 187 -12.52 -30.71 105.47
CA PRO C 187 -13.11 -29.38 105.29
C PRO C 187 -12.03 -28.39 104.93
N GLU C 188 -11.11 -28.86 104.11
CA GLU C 188 -9.87 -28.16 103.81
C GLU C 188 -9.74 -27.81 102.36
N ILE C 189 -10.14 -28.69 101.45
CA ILE C 189 -9.90 -28.36 100.06
C ILE C 189 -11.06 -27.54 99.52
N ASP C 190 -12.18 -28.18 99.24
CA ASP C 190 -13.24 -27.48 98.52
C ASP C 190 -14.39 -28.41 98.11
N GLU C 191 -15.52 -27.81 97.72
CA GLU C 191 -16.41 -28.43 96.76
C GLU C 191 -17.01 -27.44 95.80
N ALA C 192 -16.61 -26.16 95.84
CA ALA C 192 -17.15 -25.10 94.99
C ALA C 192 -16.24 -24.77 93.83
N LEU C 193 -14.93 -24.70 94.07
CA LEU C 193 -13.99 -24.58 92.97
C LEU C 193 -14.16 -25.74 91.98
N VAL C 194 -14.38 -26.95 92.50
CA VAL C 194 -14.53 -28.12 91.64
C VAL C 194 -15.82 -28.04 90.83
N VAL C 195 -16.89 -27.50 91.43
CA VAL C 195 -18.14 -27.36 90.70
C VAL C 195 -18.01 -26.33 89.60
N GLU C 196 -17.35 -25.20 89.90
CA GLU C 196 -17.10 -24.21 88.86
C GLU C 196 -16.22 -24.76 87.74
N TYR C 197 -15.25 -25.61 88.06
CA TYR C 197 -14.37 -26.14 87.02
C TYR C 197 -15.14 -26.88 85.94
N TYR C 198 -16.26 -27.48 86.28
CA TYR C 198 -17.05 -28.22 85.30
C TYR C 198 -18.16 -27.39 84.66
N ASN C 199 -18.29 -26.11 84.99
CA ASN C 199 -19.32 -25.29 84.35
C ASN C 199 -19.00 -25.05 82.88
N GLN C 200 -17.77 -24.68 82.57
CA GLN C 200 -17.31 -24.61 81.19
C GLN C 200 -16.49 -25.84 80.81
N LYS C 201 -16.56 -26.90 81.61
CA LYS C 201 -15.86 -28.17 81.42
C LYS C 201 -14.46 -28.07 80.81
N TYR D 1 -26.22 5.90 101.30
CA TYR D 1 -25.35 6.71 102.15
C TYR D 1 -23.93 6.14 102.17
N ILE D 2 -23.07 6.70 103.03
CA ILE D 2 -21.71 6.22 103.17
C ILE D 2 -21.71 4.98 104.06
N ASP D 3 -21.47 3.82 103.48
CA ASP D 3 -20.96 2.75 104.33
C ASP D 3 -19.52 3.11 104.67
N PRO D 4 -19.20 3.44 105.91
CA PRO D 4 -17.85 3.92 106.23
C PRO D 4 -16.85 2.78 106.24
N LYS D 5 -15.67 3.05 105.70
CA LYS D 5 -14.60 2.07 105.58
C LYS D 5 -13.98 1.80 106.94
N HIS D 6 -14.59 0.90 107.70
CA HIS D 6 -14.06 0.44 108.98
C HIS D 6 -14.32 -1.06 109.17
N LEU D 7 -13.99 -1.87 108.16
CA LEU D 7 -14.29 -3.29 108.22
C LEU D 7 -13.09 -4.17 107.89
N GLU D 8 -13.35 -5.46 107.67
CA GLU D 8 -12.34 -6.41 107.20
C GLU D 8 -12.54 -6.63 105.72
N LEU D 9 -11.66 -6.07 104.90
CA LEU D 9 -11.88 -5.94 103.47
C LEU D 9 -10.78 -6.65 102.69
N GLU D 10 -11.19 -7.50 101.74
CA GLU D 10 -10.29 -8.24 100.87
C GLU D 10 -10.38 -7.67 99.46
N ASP D 11 -9.34 -6.99 99.02
CA ASP D 11 -9.33 -6.32 97.73
C ASP D 11 -9.04 -7.31 96.60
N ARG D 12 -8.94 -6.78 95.38
CA ARG D 12 -8.68 -7.61 94.20
C ARG D 12 -8.38 -6.75 92.98
N VAL D 13 -7.36 -7.11 92.21
CA VAL D 13 -7.02 -6.40 90.99
C VAL D 13 -7.89 -6.96 89.86
N VAL D 14 -8.43 -6.09 89.03
CA VAL D 14 -9.29 -6.53 87.95
C VAL D 14 -8.64 -6.24 86.60
N ALA D 15 -7.71 -5.28 86.56
CA ALA D 15 -7.10 -4.84 85.32
C ALA D 15 -5.95 -3.90 85.64
N ILE D 16 -5.00 -3.80 84.69
CA ILE D 16 -3.98 -2.76 84.68
C ILE D 16 -3.77 -2.35 83.23
N ASN D 17 -3.18 -1.18 83.02
CA ASN D 17 -3.13 -0.63 81.67
C ASN D 17 -1.93 0.29 81.52
N ARG D 18 -1.05 -0.04 80.57
CA ARG D 18 0.04 0.85 80.21
C ARG D 18 -0.50 1.98 79.32
N VAL D 19 -0.39 3.20 79.81
CA VAL D 19 -1.02 4.35 79.18
C VAL D 19 0.02 5.42 78.98
N THR D 20 0.10 5.98 77.78
CA THR D 20 1.14 6.93 77.45
C THR D 20 0.56 8.32 77.19
N LYS D 21 1.47 9.25 76.95
CA LYS D 21 1.17 10.64 76.63
C LYS D 21 2.39 11.16 75.90
N VAL D 22 2.29 11.40 74.61
CA VAL D 22 3.47 11.79 73.86
C VAL D 22 3.75 13.27 74.10
N VAL D 23 5.01 13.59 74.37
CA VAL D 23 5.44 14.94 74.70
C VAL D 23 6.55 15.32 73.74
N LYS D 24 7.11 16.52 73.87
CA LYS D 24 8.30 16.90 73.12
C LYS D 24 9.39 15.85 73.28
N GLY D 25 9.87 15.33 72.14
CA GLY D 25 10.87 14.29 72.20
C GLY D 25 10.30 12.89 72.16
N GLY D 26 10.08 12.29 73.33
CA GLY D 26 9.70 10.89 73.38
C GLY D 26 8.32 10.58 73.91
N ARG D 27 8.25 9.83 75.00
CA ARG D 27 6.99 9.28 75.48
C ARG D 27 7.04 9.12 77.00
N ARG D 28 5.95 9.47 77.65
CA ARG D 28 5.74 9.21 79.07
C ARG D 28 4.87 7.97 79.21
N LEU D 29 5.01 7.26 80.33
CA LEU D 29 4.16 6.09 80.60
C LEU D 29 3.76 6.06 82.07
N ARG D 30 2.47 5.88 82.32
CA ARG D 30 1.92 5.64 83.65
C ARG D 30 1.31 4.25 83.68
N PHE D 31 0.72 3.91 84.82
CA PHE D 31 -0.04 2.67 84.98
C PHE D 31 -1.36 3.00 85.65
N ALA D 32 -2.45 2.58 85.02
CA ALA D 32 -3.77 2.74 85.59
C ALA D 32 -4.23 1.40 86.15
N ALA D 33 -4.87 1.45 87.32
CA ALA D 33 -5.30 0.25 88.02
C ALA D 33 -6.80 0.30 88.27
N LEU D 34 -7.43 -0.85 88.18
CA LEU D 34 -8.83 -1.04 88.52
C LEU D 34 -8.89 -2.06 89.63
N VAL D 35 -9.57 -1.72 90.73
CA VAL D 35 -9.57 -2.56 91.93
C VAL D 35 -11.00 -2.65 92.46
N VAL D 36 -11.34 -3.80 93.04
CA VAL D 36 -12.58 -3.96 93.77
C VAL D 36 -12.24 -4.20 95.23
N VAL D 37 -13.25 -4.06 96.08
CA VAL D 37 -13.06 -4.03 97.53
C VAL D 37 -14.35 -4.49 98.19
N GLY D 38 -14.24 -5.39 99.15
CA GLY D 38 -15.42 -5.89 99.82
C GLY D 38 -15.03 -6.80 100.95
N ASP D 39 -16.04 -7.31 101.64
CA ASP D 39 -15.85 -8.16 102.81
C ASP D 39 -16.55 -9.50 102.69
N LYS D 40 -17.09 -9.82 101.51
CA LYS D 40 -17.83 -11.06 101.30
C LYS D 40 -19.00 -11.19 102.27
N ASN D 41 -19.65 -10.06 102.56
CA ASN D 41 -20.86 -10.07 103.36
C ASN D 41 -21.96 -9.17 102.82
N GLY D 42 -21.73 -8.43 101.74
CA GLY D 42 -22.77 -7.61 101.16
C GLY D 42 -22.43 -6.14 101.07
N HIS D 43 -21.15 -5.82 100.97
CA HIS D 43 -20.71 -4.44 100.82
C HIS D 43 -19.55 -4.43 99.84
N VAL D 44 -19.74 -3.76 98.71
CA VAL D 44 -18.78 -3.85 97.61
C VAL D 44 -18.60 -2.47 97.02
N GLY D 45 -17.36 -2.12 96.73
CA GLY D 45 -17.06 -0.86 96.07
C GLY D 45 -15.98 -1.05 95.04
N PHE D 46 -15.97 -0.17 94.05
CA PHE D 46 -14.92 -0.17 93.05
C PHE D 46 -14.26 1.19 93.03
N GLY D 47 -13.03 1.21 92.56
CA GLY D 47 -12.26 2.43 92.55
C GLY D 47 -11.00 2.27 91.76
N THR D 48 -10.54 3.35 91.14
CA THR D 48 -9.37 3.31 90.29
C THR D 48 -8.48 4.50 90.57
N GLY D 49 -7.19 4.32 90.31
CA GLY D 49 -6.22 5.38 90.50
C GLY D 49 -5.00 5.08 89.67
N LYS D 50 -4.25 6.13 89.33
CA LYS D 50 -3.07 5.94 88.53
C LYS D 50 -1.84 6.52 89.21
N ALA D 51 -0.71 5.90 88.93
CA ALA D 51 0.58 6.33 89.45
C ALA D 51 1.65 5.89 88.46
N GLN D 52 2.91 6.12 88.82
CA GLN D 52 4.02 5.83 87.94
C GLN D 52 4.55 4.42 88.07
N GLU D 53 4.17 3.70 89.13
CA GLU D 53 4.51 2.30 89.28
C GLU D 53 3.28 1.53 89.76
N VAL D 54 3.34 0.21 89.61
CA VAL D 54 2.18 -0.65 89.84
C VAL D 54 1.76 -0.68 91.30
N PRO D 55 2.66 -0.81 92.27
CA PRO D 55 2.21 -0.79 93.67
C PRO D 55 1.58 0.54 94.07
N GLU D 56 2.19 1.65 93.69
CA GLU D 56 1.62 2.96 94.01
C GLU D 56 0.24 3.11 93.37
N ALA D 57 0.09 2.62 92.14
CA ALA D 57 -1.21 2.68 91.46
C ALA D 57 -2.27 1.88 92.23
N ILE D 58 -1.99 0.60 92.50
CA ILE D 58 -2.99 -0.21 93.18
C ILE D 58 -3.33 0.36 94.55
N ARG D 59 -2.35 1.00 95.20
CA ARG D 59 -2.61 1.63 96.49
C ARG D 59 -3.61 2.77 96.35
N LYS D 60 -3.32 3.72 95.46
CA LYS D 60 -4.24 4.84 95.26
C LYS D 60 -5.62 4.36 94.86
N ALA D 61 -5.70 3.24 94.14
CA ALA D 61 -7.00 2.73 93.75
C ALA D 61 -7.78 2.19 94.94
N ILE D 62 -7.12 1.41 95.81
CA ILE D 62 -7.83 0.95 97.01
C ILE D 62 -8.25 2.14 97.86
N GLU D 63 -7.41 3.17 97.90
CA GLU D 63 -7.82 4.43 98.53
C GLU D 63 -9.14 4.90 97.96
N ASP D 64 -9.20 5.05 96.63
CA ASP D 64 -10.43 5.47 95.98
C ASP D 64 -11.55 4.48 96.19
N ALA D 65 -11.27 3.18 96.07
CA ALA D 65 -12.34 2.17 96.08
C ALA D 65 -13.11 2.18 97.38
N LYS D 66 -12.46 2.49 98.50
CA LYS D 66 -13.10 2.46 99.80
C LYS D 66 -14.05 3.63 100.01
N LYS D 67 -13.89 4.71 99.26
CA LYS D 67 -14.76 5.86 99.45
C LYS D 67 -16.20 5.59 99.03
N ASN D 68 -16.43 4.57 98.22
CA ASN D 68 -17.75 4.21 97.73
C ASN D 68 -18.06 2.77 98.10
N LEU D 69 -19.31 2.51 98.46
CA LEU D 69 -19.75 1.18 98.87
C LEU D 69 -21.26 1.11 98.74
N VAL D 70 -21.76 -0.07 98.37
CA VAL D 70 -23.17 -0.28 98.11
C VAL D 70 -23.66 -1.42 99.00
N GLU D 71 -24.96 -1.44 99.27
CA GLU D 71 -25.58 -2.31 100.27
C GLU D 71 -25.87 -3.72 99.80
N VAL D 72 -26.26 -3.91 98.54
CA VAL D 72 -26.40 -5.25 97.94
C VAL D 72 -27.29 -6.16 98.78
N PRO D 73 -28.61 -6.00 98.72
CA PRO D 73 -29.49 -6.94 99.44
C PRO D 73 -29.50 -8.33 98.80
N MET D 74 -29.95 -9.30 99.58
CA MET D 74 -30.05 -10.68 99.12
C MET D 74 -30.96 -11.44 100.05
N VAL D 75 -31.48 -12.55 99.57
CA VAL D 75 -32.42 -13.37 100.34
C VAL D 75 -31.88 -14.79 100.36
N GLY D 76 -30.91 -15.03 101.25
CA GLY D 76 -30.33 -16.34 101.40
C GLY D 76 -29.37 -16.72 100.28
N SER D 77 -28.25 -16.01 100.23
CA SER D 77 -27.18 -16.24 99.25
C SER D 77 -27.64 -16.12 97.81
N THR D 78 -28.82 -15.55 97.57
CA THR D 78 -29.33 -15.36 96.21
C THR D 78 -30.11 -14.06 96.13
N ILE D 79 -29.70 -13.22 95.18
CA ILE D 79 -30.33 -11.95 94.80
C ILE D 79 -31.86 -12.06 94.80
N PRO D 80 -32.57 -11.00 95.22
CA PRO D 80 -34.04 -11.09 95.30
C PRO D 80 -34.76 -11.34 93.98
N HIS D 81 -34.36 -10.70 92.89
CA HIS D 81 -35.05 -10.88 91.61
C HIS D 81 -34.07 -10.62 90.48
N GLU D 82 -34.59 -10.37 89.29
CA GLU D 82 -33.78 -10.25 88.09
C GLU D 82 -33.65 -8.80 87.67
N VAL D 83 -32.43 -8.37 87.36
CA VAL D 83 -32.14 -7.00 86.99
C VAL D 83 -31.28 -6.96 85.73
N ILE D 84 -31.34 -5.83 85.02
CA ILE D 84 -30.46 -5.56 83.89
C ILE D 84 -29.79 -4.21 84.13
N GLY D 85 -28.46 -4.22 84.24
CA GLY D 85 -27.71 -3.00 84.46
C GLY D 85 -27.02 -2.54 83.20
N VAL D 86 -27.24 -1.26 82.85
CA VAL D 86 -26.69 -0.66 81.64
C VAL D 86 -25.91 0.59 82.00
N PHE D 87 -24.66 0.68 81.54
CA PHE D 87 -23.90 1.92 81.66
C PHE D 87 -22.94 2.02 80.49
N GLY D 88 -23.30 2.88 79.53
CA GLY D 88 -22.44 3.20 78.41
C GLY D 88 -21.89 2.04 77.60
N GLY D 89 -22.76 1.31 76.93
CA GLY D 89 -22.28 0.26 76.06
C GLY D 89 -21.96 -1.06 76.74
N GLY D 90 -22.22 -1.18 78.04
CA GLY D 90 -22.10 -2.43 78.76
C GLY D 90 -23.42 -2.85 79.35
N ARG D 91 -24.00 -3.95 78.88
CA ARG D 91 -25.29 -4.46 79.32
C ARG D 91 -25.11 -5.80 80.00
N ILE D 92 -25.60 -5.93 81.23
CA ILE D 92 -25.38 -7.12 82.03
C ILE D 92 -26.67 -7.58 82.67
N LEU D 93 -27.05 -8.82 82.40
CA LEU D 93 -28.25 -9.45 82.95
C LEU D 93 -27.86 -10.39 84.09
N MET D 94 -28.66 -10.35 85.16
CA MET D 94 -28.43 -11.16 86.36
C MET D 94 -29.74 -11.78 86.82
N LYS D 95 -29.70 -13.07 87.12
CA LYS D 95 -30.85 -13.90 87.49
C LYS D 95 -30.62 -14.58 88.83
N PRO D 96 -31.70 -14.86 89.58
CA PRO D 96 -31.56 -15.69 90.79
C PRO D 96 -31.35 -17.15 90.42
N ALA D 97 -30.54 -17.84 91.22
CA ALA D 97 -30.10 -19.19 90.89
C ALA D 97 -30.56 -20.20 91.94
N VAL D 98 -30.07 -21.42 91.81
CA VAL D 98 -30.49 -22.55 92.63
C VAL D 98 -29.43 -22.84 93.68
N GLU D 99 -29.86 -23.44 94.79
CA GLU D 99 -29.06 -23.52 96.01
C GLU D 99 -27.85 -24.43 95.81
N GLY D 100 -26.66 -23.84 95.80
CA GLY D 100 -25.45 -24.59 95.56
C GLY D 100 -25.05 -24.69 94.10
N SER D 101 -25.53 -23.78 93.25
CA SER D 101 -25.20 -23.83 91.83
C SER D 101 -23.91 -23.11 91.49
N GLY D 102 -23.54 -22.11 92.28
CA GLY D 102 -22.33 -21.34 92.02
C GLY D 102 -22.62 -20.03 91.33
N VAL D 103 -21.55 -19.36 90.94
CA VAL D 103 -21.64 -18.17 90.11
C VAL D 103 -21.10 -18.53 88.73
N ALA D 104 -21.95 -18.39 87.73
CA ALA D 104 -21.56 -18.49 86.33
C ALA D 104 -21.50 -17.07 85.82
N ALA D 105 -20.32 -16.46 85.90
CA ALA D 105 -20.19 -15.07 85.51
C ALA D 105 -18.79 -14.81 84.96
N GLY D 106 -18.70 -13.83 84.08
CA GLY D 106 -17.46 -13.52 83.41
C GLY D 106 -16.45 -12.87 84.34
N GLY D 107 -15.33 -12.46 83.73
CA GLY D 107 -14.17 -12.00 84.47
C GLY D 107 -14.43 -10.83 85.40
N PRO D 108 -14.81 -9.68 84.84
CA PRO D 108 -15.02 -8.52 85.71
C PRO D 108 -16.21 -8.66 86.64
N VAL D 109 -17.32 -9.23 86.17
CA VAL D 109 -18.52 -9.24 87.00
C VAL D 109 -18.39 -10.23 88.14
N ARG D 110 -17.62 -11.30 87.95
CA ARG D 110 -17.50 -12.29 89.02
C ARG D 110 -16.68 -11.77 90.19
N ALA D 111 -15.71 -10.89 89.95
CA ALA D 111 -15.00 -10.26 91.06
C ALA D 111 -15.96 -9.44 91.92
N VAL D 112 -16.74 -8.57 91.28
CA VAL D 112 -17.74 -7.78 91.98
C VAL D 112 -18.69 -8.67 92.75
N LEU D 113 -19.14 -9.75 92.12
CA LEU D 113 -20.17 -10.59 92.72
C LEU D 113 -19.62 -11.42 93.87
N GLU D 114 -18.38 -11.85 93.79
CA GLU D 114 -17.83 -12.68 94.82
C GLU D 114 -17.43 -11.87 96.04
N LEU D 115 -16.99 -10.63 95.85
CA LEU D 115 -16.60 -9.84 97.02
C LEU D 115 -17.78 -9.20 97.75
N ALA D 116 -19.02 -9.45 97.34
CA ALA D 116 -20.18 -9.05 98.10
C ALA D 116 -20.84 -10.22 98.79
N GLY D 117 -20.23 -11.41 98.70
CA GLY D 117 -20.79 -12.59 99.31
C GLY D 117 -21.91 -13.25 98.53
N VAL D 118 -22.02 -13.00 97.24
CA VAL D 118 -22.99 -13.71 96.42
C VAL D 118 -22.48 -15.11 96.16
N ALA D 119 -23.35 -16.10 96.30
CA ALA D 119 -22.96 -17.49 96.17
C ALA D 119 -23.56 -18.19 94.96
N ASP D 120 -24.82 -17.90 94.59
CA ASP D 120 -25.49 -18.63 93.53
C ASP D 120 -26.25 -17.64 92.64
N ILE D 121 -25.77 -17.47 91.40
CA ILE D 121 -26.30 -16.45 90.50
C ILE D 121 -25.84 -16.78 89.08
N THR D 122 -26.64 -16.41 88.09
CA THR D 122 -26.27 -16.54 86.68
C THR D 122 -26.20 -15.15 86.04
N SER D 123 -25.24 -14.96 85.15
CA SER D 123 -25.02 -13.69 84.47
C SER D 123 -24.85 -13.88 82.97
N LYS D 124 -24.84 -12.77 82.25
CA LYS D 124 -24.51 -12.72 80.84
C LYS D 124 -24.28 -11.27 80.43
N SER D 125 -23.28 -11.05 79.60
CA SER D 125 -22.94 -9.72 79.10
C SER D 125 -23.41 -9.59 77.65
N LEU D 126 -24.49 -8.86 77.43
CA LEU D 126 -24.99 -8.60 76.08
C LEU D 126 -24.45 -7.29 75.54
N GLY D 127 -23.16 -7.01 75.70
CA GLY D 127 -22.67 -5.68 75.39
C GLY D 127 -21.20 -5.66 75.04
N SER D 128 -20.50 -4.62 75.47
CA SER D 128 -19.06 -4.58 75.30
C SER D 128 -18.38 -5.17 76.53
N ASN D 129 -17.11 -5.53 76.37
CA ASN D 129 -16.37 -6.17 77.43
C ASN D 129 -15.14 -5.36 77.84
N THR D 130 -15.30 -4.05 77.93
CA THR D 130 -14.24 -3.21 78.50
C THR D 130 -14.38 -3.20 80.02
N PRO D 131 -13.35 -3.63 80.76
CA PRO D 131 -13.53 -3.91 82.20
C PRO D 131 -14.20 -2.81 82.99
N ILE D 132 -13.84 -1.54 82.78
CA ILE D 132 -14.38 -0.45 83.59
C ILE D 132 -15.90 -0.36 83.43
N ASN D 133 -16.37 -0.39 82.19
CA ASN D 133 -17.79 -0.21 81.95
C ASN D 133 -18.59 -1.43 82.37
N VAL D 134 -17.99 -2.62 82.33
CA VAL D 134 -18.65 -3.80 82.86
C VAL D 134 -18.85 -3.68 84.37
N VAL D 135 -17.81 -3.25 85.09
CA VAL D 135 -17.91 -3.08 86.54
C VAL D 135 -18.96 -2.04 86.87
N ARG D 136 -18.95 -0.91 86.15
CA ARG D 136 -19.91 0.15 86.43
C ARG D 136 -21.33 -0.28 86.15
N ALA D 137 -21.54 -1.04 85.05
CA ALA D 137 -22.89 -1.53 84.74
C ALA D 137 -23.37 -2.53 85.77
N THR D 138 -22.48 -3.41 86.24
CA THR D 138 -22.86 -4.36 87.27
C THR D 138 -23.30 -3.66 88.55
N VAL D 139 -22.54 -2.66 89.00
CA VAL D 139 -22.96 -1.94 90.19
C VAL D 139 -24.24 -1.16 89.93
N GLU D 140 -24.42 -0.67 88.70
CA GLU D 140 -25.66 0.01 88.35
C GLU D 140 -26.85 -0.93 88.45
N GLY D 141 -26.64 -2.22 88.22
CA GLY D 141 -27.74 -3.17 88.29
C GLY D 141 -28.06 -3.69 89.66
N LEU D 142 -27.08 -3.71 90.56
CA LEU D 142 -27.36 -4.09 91.94
C LEU D 142 -28.22 -3.04 92.63
N LYS D 143 -28.01 -1.76 92.33
CA LYS D 143 -28.75 -0.68 92.95
C LYS D 143 -30.24 -0.74 92.65
N GLN D 144 -30.68 -1.55 91.70
CA GLN D 144 -32.10 -1.70 91.42
C GLN D 144 -32.75 -2.79 92.25
N LEU D 145 -31.97 -3.65 92.90
CA LEU D 145 -32.51 -4.71 93.72
C LEU D 145 -33.36 -4.15 94.85
N LYS D 146 -34.57 -4.65 94.98
CA LYS D 146 -35.53 -4.20 95.98
C LYS D 146 -35.72 -5.26 97.05
N ARG D 147 -35.66 -4.85 98.31
CA ARG D 147 -35.99 -5.74 99.42
C ARG D 147 -37.47 -6.06 99.40
N ALA D 148 -37.82 -7.20 100.01
CA ALA D 148 -39.23 -7.56 100.14
C ALA D 148 -39.94 -6.71 101.18
N GLU D 149 -39.21 -6.24 102.19
CA GLU D 149 -39.82 -5.43 103.25
C GLU D 149 -40.19 -4.04 102.75
N GLU D 150 -39.27 -3.41 102.02
CA GLU D 150 -39.48 -2.04 101.57
C GLU D 150 -40.70 -1.92 100.68
N VAL D 151 -40.90 -2.88 99.76
CA VAL D 151 -42.06 -2.82 98.88
C VAL D 151 -43.34 -2.86 99.69
N ALA D 152 -43.41 -3.79 100.65
CA ALA D 152 -44.58 -3.89 101.51
C ALA D 152 -44.79 -2.62 102.32
N ALA D 153 -43.71 -1.90 102.64
CA ALA D 153 -43.88 -0.67 103.40
C ALA D 153 -44.39 0.46 102.53
N LEU D 154 -43.82 0.63 101.33
CA LEU D 154 -44.25 1.69 100.42
C LEU D 154 -45.73 1.58 100.10
N ARG D 155 -46.18 0.40 99.67
CA ARG D 155 -47.60 0.20 99.49
C ARG D 155 -48.29 0.09 100.85
N GLY D 156 -49.62 0.07 100.82
CA GLY D 156 -50.37 0.03 102.05
C GLY D 156 -50.62 -1.38 102.56
N LYS D 157 -49.73 -2.31 102.23
CA LYS D 157 -49.97 -3.72 102.46
C LYS D 157 -49.01 -4.25 103.53
N SER D 158 -49.17 -5.54 103.81
CA SER D 158 -48.20 -6.29 104.59
C SER D 158 -47.49 -7.27 103.68
N VAL D 159 -46.42 -7.86 104.20
CA VAL D 159 -45.76 -8.96 103.51
C VAL D 159 -46.67 -10.16 103.69
N GLU D 160 -46.39 -11.26 102.99
CA GLU D 160 -47.25 -12.44 102.96
C GLU D 160 -48.60 -12.07 102.37
N GLU D 161 -48.75 -10.81 101.96
CA GLU D 161 -49.84 -10.35 101.11
C GLU D 161 -49.38 -10.12 99.67
N ILE D 162 -48.10 -9.83 99.47
CA ILE D 162 -47.50 -9.72 98.14
C ILE D 162 -46.19 -10.50 98.18
N ILE D 163 -46.26 -11.81 97.93
CA ILE D 163 -45.07 -12.62 97.65
C ILE D 163 -45.48 -13.87 96.90
N GLN E 1 -71.49 39.83 41.95
CA GLN E 1 -71.47 41.26 41.67
C GLN E 1 -70.51 41.61 40.54
N ASP E 2 -69.92 42.81 40.61
CA ASP E 2 -68.98 43.32 39.63
C ASP E 2 -67.62 43.55 40.27
N THR E 3 -66.71 44.19 39.53
CA THR E 3 -65.43 44.65 40.05
C THR E 3 -65.21 46.08 39.61
N LYS E 4 -64.55 46.88 40.44
CA LYS E 4 -64.32 48.29 40.17
C LYS E 4 -62.88 48.55 39.72
N TYR E 5 -62.72 49.37 38.70
CA TYR E 5 -61.42 49.75 38.21
C TYR E 5 -61.25 51.26 38.29
N GLU E 6 -60.02 51.71 38.12
CA GLU E 6 -59.72 53.12 37.96
C GLU E 6 -58.70 53.27 36.84
N ILE E 7 -59.14 53.83 35.72
CA ILE E 7 -58.27 54.05 34.58
C ILE E 7 -57.72 55.46 34.68
N MET E 8 -56.42 55.61 34.44
CA MET E 8 -55.76 56.91 34.55
C MET E 8 -54.82 57.06 33.37
N TYR E 9 -55.10 58.00 32.48
CA TYR E 9 -54.23 58.22 31.33
C TYR E 9 -53.69 59.64 31.32
N ILE E 10 -52.77 59.86 30.40
CA ILE E 10 -52.00 61.09 30.31
C ILE E 10 -52.14 61.60 28.89
N ILE E 11 -52.90 62.68 28.71
CA ILE E 11 -53.11 63.25 27.37
C ILE E 11 -51.89 64.07 26.96
N ARG E 12 -51.77 64.28 25.66
CA ARG E 12 -50.72 65.15 25.14
C ARG E 12 -50.97 66.59 25.62
N PRO E 13 -49.91 67.33 25.95
CA PRO E 13 -50.14 68.68 26.48
C PRO E 13 -50.62 69.67 25.44
N ASN E 14 -50.12 69.60 24.21
CA ASN E 14 -50.25 70.69 23.25
C ASN E 14 -51.42 70.55 22.30
N ILE E 15 -52.50 69.91 22.73
CA ILE E 15 -53.71 69.83 21.92
C ILE E 15 -54.66 70.93 22.35
N ASP E 16 -55.65 71.19 21.49
CA ASP E 16 -56.63 72.24 21.71
C ASP E 16 -57.67 71.78 22.73
N GLU E 17 -58.79 72.50 22.81
CA GLU E 17 -59.83 72.24 23.79
C GLU E 17 -61.14 71.80 23.13
N GLU E 18 -61.06 71.14 22.00
CA GLU E 18 -62.19 70.44 21.43
C GLU E 18 -61.84 69.01 21.03
N ALA E 19 -60.63 68.77 20.53
CA ALA E 19 -60.16 67.41 20.35
C ALA E 19 -60.07 66.69 21.69
N LYS E 20 -59.83 67.44 22.76
CA LYS E 20 -59.79 66.84 24.10
C LYS E 20 -61.16 66.29 24.49
N THR E 21 -62.21 67.10 24.33
CA THR E 21 -63.56 66.61 24.60
C THR E 21 -63.93 65.48 23.67
N ALA E 22 -63.52 65.57 22.40
CA ALA E 22 -63.79 64.48 21.47
C ALA E 22 -63.18 63.18 21.97
N LEU E 23 -61.93 63.23 22.41
CA LEU E 23 -61.25 62.03 22.90
C LEU E 23 -61.94 61.46 24.13
N VAL E 24 -62.25 62.31 25.09
CA VAL E 24 -62.89 61.85 26.32
C VAL E 24 -64.21 61.16 26.00
N GLU E 25 -65.06 61.81 25.20
CA GLU E 25 -66.35 61.20 24.88
C GLU E 25 -66.16 59.93 24.06
N ARG E 26 -65.17 59.92 23.17
CA ARG E 26 -64.91 58.73 22.36
C ARG E 26 -64.66 57.52 23.24
N PHE E 27 -63.79 57.68 24.23
CA PHE E 27 -63.45 56.53 25.05
C PHE E 27 -64.55 56.19 26.05
N ASP E 28 -65.33 57.17 26.49
CA ASP E 28 -66.51 56.82 27.28
C ASP E 28 -67.44 55.92 26.48
N THR E 29 -67.74 56.32 25.24
CA THR E 29 -68.58 55.48 24.39
C THR E 29 -68.00 54.08 24.28
N ILE E 30 -66.75 53.97 23.83
CA ILE E 30 -66.21 52.65 23.52
C ILE E 30 -65.90 51.83 24.75
N LEU E 31 -65.96 52.42 25.93
CA LEU E 31 -66.12 51.64 27.16
C LEU E 31 -67.53 51.10 27.27
N LYS E 32 -68.53 51.96 27.03
CA LYS E 32 -69.90 51.58 27.33
C LYS E 32 -70.48 50.60 26.34
N ASP E 33 -69.97 50.53 25.11
CA ASP E 33 -70.56 49.63 24.14
C ASP E 33 -70.33 48.17 24.48
N ASN E 34 -69.42 47.87 25.40
CA ASN E 34 -69.14 46.51 25.80
C ASN E 34 -69.67 46.19 27.20
N GLY E 35 -70.61 46.99 27.69
CA GLY E 35 -71.21 46.73 28.99
C GLY E 35 -70.33 47.12 30.16
N ALA E 36 -69.79 48.34 30.14
CA ALA E 36 -68.97 48.86 31.21
C ALA E 36 -69.63 50.12 31.75
N GLU E 37 -70.31 50.01 32.89
CA GLU E 37 -71.03 51.12 33.48
C GLU E 37 -70.03 52.14 34.03
N VAL E 38 -69.80 53.21 33.26
CA VAL E 38 -68.96 54.30 33.73
C VAL E 38 -69.72 55.12 34.76
N ILE E 39 -69.03 55.51 35.84
CA ILE E 39 -69.67 56.13 36.98
C ILE E 39 -68.95 57.38 37.46
N GLU E 40 -67.92 57.84 36.74
CA GLU E 40 -67.22 59.08 37.01
C GLU E 40 -66.19 59.27 35.91
N SER E 41 -65.94 60.53 35.57
CA SER E 41 -64.96 60.86 34.53
C SER E 41 -64.61 62.32 34.70
N LYS E 42 -63.36 62.62 35.02
CA LYS E 42 -62.94 63.95 35.40
C LYS E 42 -61.60 64.29 34.79
N ASP E 43 -61.28 65.57 34.82
CA ASP E 43 -59.90 66.00 34.69
C ASP E 43 -59.34 66.15 36.09
N TRP E 44 -58.02 66.11 36.19
CA TRP E 44 -57.36 66.14 37.48
C TRP E 44 -56.48 67.37 37.66
N GLU E 45 -55.52 67.58 36.77
CA GLU E 45 -54.47 68.55 37.01
C GLU E 45 -53.53 68.55 35.81
N LYS E 46 -52.82 69.65 35.66
CA LYS E 46 -51.74 69.78 34.70
C LYS E 46 -50.43 69.75 35.48
N ARG E 47 -49.59 68.76 35.19
CA ARG E 47 -48.35 68.55 35.91
C ARG E 47 -47.21 68.43 34.93
N ARG E 48 -46.00 68.73 35.41
CA ARG E 48 -44.82 68.34 34.68
C ARG E 48 -44.41 66.95 35.13
N LEU E 49 -43.53 66.33 34.38
CA LEU E 49 -43.18 64.93 34.62
C LEU E 49 -41.77 64.83 35.18
N ALA E 50 -41.47 63.69 35.79
CA ALA E 50 -40.15 63.50 36.38
C ALA E 50 -39.12 63.02 35.36
N TYR E 51 -39.55 62.71 34.15
CA TYR E 51 -38.67 62.37 33.04
C TYR E 51 -39.49 62.49 31.77
N GLU E 52 -38.82 62.71 30.64
CA GLU E 52 -39.54 62.89 29.39
C GLU E 52 -39.95 61.54 28.82
N MET E 53 -41.20 61.45 28.36
CA MET E 53 -41.76 60.19 27.91
C MET E 53 -41.45 59.91 26.44
N ASN E 54 -41.94 60.76 25.54
CA ASN E 54 -41.56 60.68 24.13
C ASN E 54 -40.71 61.87 23.73
N GLY E 55 -41.21 63.08 23.97
CA GLY E 55 -40.39 64.27 23.93
C GLY E 55 -40.99 65.29 24.87
N PHE E 56 -41.90 64.83 25.72
CA PHE E 56 -42.80 65.69 26.47
C PHE E 56 -42.40 65.71 27.93
N ARG E 57 -42.47 66.89 28.54
CA ARG E 57 -42.22 67.05 29.95
C ARG E 57 -43.41 67.65 30.67
N GLU E 58 -44.58 67.68 30.04
CA GLU E 58 -45.84 67.98 30.69
C GLU E 58 -46.93 67.11 30.11
N GLY E 59 -48.05 67.06 30.79
CA GLY E 59 -49.17 66.27 30.31
C GLY E 59 -50.35 66.44 31.23
N ILE E 60 -51.52 66.15 30.69
CA ILE E 60 -52.78 66.39 31.38
C ILE E 60 -53.35 65.04 31.83
N TYR E 61 -53.63 64.94 33.11
CA TYR E 61 -54.09 63.70 33.72
C TYR E 61 -55.61 63.67 33.78
N HIS E 62 -56.17 62.50 33.44
CA HIS E 62 -57.61 62.28 33.39
C HIS E 62 -57.89 60.93 34.04
N ILE E 63 -58.88 60.87 34.93
CA ILE E 63 -59.21 59.61 35.58
C ILE E 63 -60.69 59.30 35.40
N VAL E 64 -60.99 58.00 35.26
CA VAL E 64 -62.35 57.50 35.10
C VAL E 64 -62.61 56.44 36.17
N ASN E 65 -63.89 56.18 36.42
CA ASN E 65 -64.31 55.24 37.46
C ASN E 65 -65.39 54.34 36.90
N VAL E 66 -65.14 53.03 36.89
CA VAL E 66 -65.94 52.12 36.08
C VAL E 66 -66.04 50.77 36.76
N THR E 67 -67.24 50.20 36.76
CA THR E 67 -67.46 48.83 37.18
C THR E 67 -67.94 48.00 35.99
N SER E 68 -67.86 46.67 36.15
CA SER E 68 -68.21 45.71 35.12
C SER E 68 -68.06 44.31 35.70
N PRO E 69 -68.73 43.30 35.15
CA PRO E 69 -68.41 41.92 35.50
C PRO E 69 -67.00 41.59 35.02
N SER E 70 -66.33 40.73 35.78
CA SER E 70 -64.89 40.53 35.63
C SER E 70 -64.50 39.91 34.29
N THR E 71 -65.44 39.36 33.53
CA THR E 71 -65.12 38.66 32.30
C THR E 71 -65.41 39.44 31.03
N ALA E 72 -66.04 40.61 31.14
CA ALA E 72 -66.44 41.34 29.95
C ALA E 72 -65.22 41.85 29.19
N GLY E 73 -65.28 41.78 27.87
CA GLY E 73 -64.17 42.17 27.03
C GLY E 73 -64.06 43.66 26.85
N ALA E 74 -64.53 44.43 27.82
CA ALA E 74 -64.46 45.88 27.72
C ALA E 74 -63.07 46.41 28.03
N ILE E 75 -62.61 46.22 29.26
CA ILE E 75 -61.42 46.92 29.74
C ILE E 75 -60.15 46.55 28.98
N ASN E 76 -60.14 45.47 28.20
CA ASN E 76 -59.02 45.21 27.31
C ASN E 76 -59.15 46.01 26.02
N GLU E 77 -60.37 46.36 25.63
CA GLU E 77 -60.57 47.20 24.46
C GLU E 77 -59.93 48.57 24.66
N PHE E 78 -60.06 49.11 25.87
CA PHE E 78 -59.39 50.37 26.19
C PHE E 78 -57.90 50.26 25.97
N ASP E 79 -57.27 49.19 26.48
CA ASP E 79 -55.85 49.00 26.28
C ASP E 79 -55.51 48.96 24.80
N ARG E 80 -56.20 48.10 24.06
CA ARG E 80 -55.88 47.84 22.66
C ARG E 80 -56.04 49.10 21.81
N LEU E 81 -56.95 49.98 22.18
CA LEU E 81 -57.09 51.23 21.45
C LEU E 81 -56.15 52.32 21.95
N ALA E 82 -55.80 52.30 23.24
CA ALA E 82 -54.98 53.35 23.79
C ALA E 82 -53.52 53.21 23.39
N LYS E 83 -53.02 51.99 23.18
CA LYS E 83 -51.61 51.93 22.82
C LYS E 83 -51.36 52.19 21.36
N ILE E 84 -52.37 52.59 20.58
CA ILE E 84 -52.18 52.96 19.19
C ILE E 84 -52.63 54.37 18.90
N ASN E 85 -52.95 55.16 19.91
CA ASN E 85 -53.40 56.54 19.72
C ASN E 85 -52.21 57.45 19.47
N ASP E 86 -52.45 58.75 19.43
CA ASP E 86 -51.39 59.74 19.28
C ASP E 86 -51.44 60.84 20.31
N ASP E 87 -52.51 60.95 21.10
CA ASP E 87 -52.63 61.97 22.13
C ASP E 87 -52.45 61.44 23.54
N ILE E 88 -52.63 60.16 23.76
CA ILE E 88 -52.43 59.56 25.06
C ILE E 88 -51.00 59.05 25.12
N ILE E 89 -50.38 59.11 26.30
CA ILE E 89 -48.99 58.73 26.46
C ILE E 89 -48.84 57.50 27.37
N ARG E 90 -49.67 57.38 28.39
CA ARG E 90 -49.61 56.23 29.29
C ARG E 90 -51.00 55.98 29.84
N HIS E 91 -51.23 54.75 30.29
CA HIS E 91 -52.44 54.45 31.01
C HIS E 91 -52.16 53.34 32.02
N MET E 92 -52.87 53.39 33.14
CA MET E 92 -52.77 52.34 34.16
C MET E 92 -54.17 51.96 34.59
N ILE E 93 -54.57 50.74 34.27
CA ILE E 93 -55.82 50.16 34.75
C ILE E 93 -55.53 49.37 36.01
N VAL E 94 -56.42 49.49 36.99
CA VAL E 94 -56.11 49.06 38.35
C VAL E 94 -57.42 48.70 39.05
N LYS E 95 -57.46 47.52 39.67
CA LYS E 95 -58.64 47.13 40.43
C LYS E 95 -58.72 47.96 41.70
N VAL E 96 -59.93 48.41 42.03
CA VAL E 96 -60.15 49.34 43.13
C VAL E 96 -60.98 48.66 44.21
N GLU E 97 -60.46 48.70 45.42
CA GLU E 97 -61.21 48.30 46.60
C GLU E 97 -60.48 48.78 47.83
N PRO F 1 12.51 53.34 70.81
CA PRO F 1 12.57 51.89 70.94
C PRO F 1 11.20 51.28 70.86
N ARG F 2 10.99 50.13 71.51
CA ARG F 2 9.68 49.52 71.58
C ARG F 2 8.96 49.85 72.88
N LYS F 3 9.70 50.01 73.97
CA LYS F 3 9.08 50.23 75.27
C LYS F 3 8.39 51.58 75.34
N GLY F 4 9.07 52.63 74.87
CA GLY F 4 8.52 53.96 74.89
C GLY F 4 9.59 55.01 74.73
N PRO F 5 9.19 56.28 74.69
CA PRO F 5 10.14 57.36 74.43
C PRO F 5 11.27 57.38 75.44
N VAL F 6 12.34 58.08 75.07
CA VAL F 6 13.59 58.07 75.82
C VAL F 6 13.99 59.51 76.12
N ALA F 7 15.14 59.67 76.76
CA ALA F 7 15.56 60.96 77.30
C ALA F 7 16.06 61.86 76.16
N LYS F 8 16.74 62.95 76.51
CA LYS F 8 17.10 63.98 75.55
C LYS F 8 18.57 64.35 75.50
N ARG F 9 19.43 63.67 76.26
CA ARG F 9 20.89 63.83 76.15
C ARG F 9 21.31 65.28 76.41
N ASP F 10 21.21 65.65 77.68
CA ASP F 10 21.62 66.97 78.15
C ASP F 10 23.02 67.33 77.66
N VAL F 11 23.22 68.60 77.32
CA VAL F 11 24.50 69.09 76.83
C VAL F 11 25.07 70.09 77.83
N LEU F 12 26.38 70.31 77.69
CA LEU F 12 27.16 71.12 78.62
C LEU F 12 27.54 72.43 77.95
N PRO F 13 26.99 73.57 78.35
CA PRO F 13 27.19 74.80 77.59
C PRO F 13 28.64 75.24 77.62
N ASP F 14 29.19 75.51 76.44
CA ASP F 14 30.61 75.84 76.36
C ASP F 14 30.87 77.12 77.14
N PRO F 15 32.06 77.25 77.74
CA PRO F 15 32.29 78.37 78.66
C PRO F 15 32.62 79.68 77.98
N ILE F 16 33.06 79.69 76.71
CA ILE F 16 33.47 80.94 76.09
C ILE F 16 32.29 81.89 75.95
N TYR F 17 31.28 81.46 75.20
CA TYR F 17 30.10 82.29 74.97
C TYR F 17 28.92 81.91 75.84
N ASN F 18 29.03 80.83 76.60
CA ASN F 18 27.94 80.34 77.45
C ASN F 18 26.67 80.11 76.64
N SER F 19 26.82 79.34 75.55
CA SER F 19 25.73 79.10 74.63
C SER F 19 25.76 77.65 74.19
N LYS F 20 24.69 76.91 74.51
CA LYS F 20 24.63 75.50 74.15
C LYS F 20 24.60 75.29 72.64
N LEU F 21 24.23 76.30 71.85
CA LEU F 21 24.21 76.12 70.41
C LEU F 21 25.62 76.03 69.84
N VAL F 22 26.54 76.85 70.36
CA VAL F 22 27.93 76.75 69.95
C VAL F 22 28.51 75.40 70.34
N THR F 23 28.02 74.82 71.43
CA THR F 23 28.48 73.50 71.82
C THR F 23 28.10 72.46 70.79
N ARG F 24 26.83 72.45 70.38
CA ARG F 24 26.41 71.52 69.35
C ARG F 24 27.11 71.78 68.03
N LEU F 25 27.41 73.04 67.72
CA LEU F 25 28.12 73.31 66.47
C LEU F 25 29.55 72.77 66.53
N ILE F 26 30.20 72.89 67.68
CA ILE F 26 31.50 72.27 67.86
C ILE F 26 31.39 70.76 67.72
N ASN F 27 30.33 70.17 68.27
CA ASN F 27 30.19 68.72 68.22
C ASN F 27 29.92 68.23 66.80
N ARG F 28 29.34 69.08 65.94
CA ARG F 28 29.06 68.61 64.59
C ARG F 28 30.26 68.74 63.67
N VAL F 29 31.11 69.75 63.87
CA VAL F 29 32.31 69.86 63.07
C VAL F 29 33.29 68.75 63.41
N MET F 30 33.34 68.34 64.67
CA MET F 30 34.35 67.40 65.12
C MET F 30 34.21 66.06 64.41
N VAL F 31 35.34 65.51 63.98
CA VAL F 31 35.41 64.18 63.41
C VAL F 31 36.49 63.40 64.13
N ASP F 32 36.20 62.14 64.45
CA ASP F 32 37.12 61.19 65.08
C ASP F 32 37.44 61.53 66.52
N GLY F 33 36.64 62.38 67.15
CA GLY F 33 36.89 62.77 68.52
C GLY F 33 38.04 63.73 68.72
N LYS F 34 38.47 64.44 67.68
CA LYS F 34 39.52 65.43 67.82
C LYS F 34 38.84 66.77 68.02
N ARG F 35 38.59 67.11 69.28
CA ARG F 35 37.69 68.21 69.63
C ARG F 35 38.41 69.53 69.66
N GLY F 36 39.67 69.55 70.08
CA GLY F 36 40.42 70.81 70.11
C GLY F 36 40.57 71.44 68.74
N ILE F 37 40.70 70.60 67.70
CA ILE F 37 40.75 71.12 66.34
C ILE F 37 39.43 71.76 65.96
N ALA F 38 38.31 71.11 66.28
CA ALA F 38 37.01 71.69 66.01
C ALA F 38 36.80 73.01 66.76
N ALA F 39 37.26 73.07 68.01
CA ALA F 39 37.13 74.30 68.77
C ALA F 39 37.97 75.42 68.16
N ASN F 40 39.22 75.13 67.81
CA ASN F 40 40.03 76.15 67.14
C ASN F 40 39.36 76.62 65.86
N ILE F 41 38.74 75.71 65.11
CA ILE F 41 38.11 76.09 63.85
C ILE F 41 36.95 77.04 64.11
N ILE F 42 36.09 76.71 65.06
CA ILE F 42 34.92 77.56 65.30
C ILE F 42 35.36 78.93 65.81
N TYR F 43 36.37 78.98 66.67
CA TYR F 43 36.78 80.27 67.22
C TYR F 43 37.47 81.14 66.16
N ASN F 44 38.29 80.54 65.30
CA ASN F 44 38.86 81.32 64.20
C ASN F 44 37.77 81.83 63.27
N SER F 45 36.75 81.01 63.02
CA SER F 45 35.67 81.46 62.15
C SER F 45 34.92 82.63 62.75
N PHE F 46 34.66 82.60 64.06
CA PHE F 46 33.94 83.73 64.66
C PHE F 46 34.80 84.98 64.71
N ASP F 47 36.11 84.82 64.99
CA ASP F 47 37.03 85.94 64.86
C ASP F 47 36.98 86.55 63.47
N ILE F 48 36.93 85.71 62.44
CA ILE F 48 36.85 86.20 61.07
C ILE F 48 35.53 86.92 60.83
N ILE F 49 34.44 86.43 61.45
CA ILE F 49 33.14 87.08 61.27
C ILE F 49 33.16 88.49 61.85
N LYS F 50 33.56 88.61 63.12
CA LYS F 50 33.49 89.92 63.78
C LYS F 50 34.45 90.91 63.14
N GLU F 51 35.66 90.46 62.83
CA GLU F 51 36.67 91.35 62.26
C GLU F 51 36.23 91.94 60.93
N SER F 52 35.55 91.17 60.10
CA SER F 52 35.17 91.62 58.76
C SER F 52 33.67 91.81 58.73
N THR F 53 33.24 93.07 58.74
CA THR F 53 31.85 93.45 58.55
C THR F 53 30.93 92.63 59.45
N GLY F 54 31.15 92.80 60.76
CA GLY F 54 30.41 92.04 61.74
C GLY F 54 29.99 92.92 62.91
N ASN F 55 29.13 92.35 63.74
CA ASN F 55 28.67 92.99 64.96
C ASN F 55 28.96 92.15 66.19
N ASP F 56 28.62 90.87 66.16
CA ASP F 56 28.94 89.91 67.21
C ASP F 56 28.64 88.52 66.66
N PRO F 57 29.49 87.53 66.95
CA PRO F 57 29.29 86.21 66.33
C PRO F 57 28.01 85.51 66.75
N LEU F 58 27.48 85.79 67.94
CA LEU F 58 26.24 85.13 68.35
C LEU F 58 25.05 85.63 67.55
N GLU F 59 25.01 86.93 67.28
CA GLU F 59 23.84 87.56 66.66
C GLU F 59 23.65 87.06 65.22
N VAL F 60 24.70 87.21 64.40
CA VAL F 60 24.63 86.80 63.01
C VAL F 60 24.47 85.30 62.90
N PHE F 61 25.05 84.54 63.85
CA PHE F 61 24.86 83.10 63.85
C PHE F 61 23.41 82.72 64.12
N GLU F 62 22.79 83.35 65.11
CA GLU F 62 21.38 83.05 65.37
C GLU F 62 20.52 83.42 64.18
N GLN F 63 20.79 84.57 63.55
CA GLN F 63 19.96 84.94 62.41
C GLN F 63 20.15 83.96 61.26
N ALA F 64 21.38 83.53 61.00
CA ALA F 64 21.59 82.52 59.97
C ALA F 64 20.85 81.23 60.31
N MET F 65 20.88 80.82 61.57
CA MET F 65 20.12 79.64 61.97
C MET F 65 18.64 79.82 61.68
N LYS F 66 18.10 80.99 62.04
CA LYS F 66 16.68 81.27 61.82
C LYS F 66 16.32 81.20 60.34
N ASN F 67 17.22 81.66 59.48
CA ASN F 67 16.90 81.68 58.05
C ASN F 67 17.02 80.32 57.39
N VAL F 68 17.66 79.35 58.03
CA VAL F 68 17.95 78.05 57.40
C VAL F 68 16.99 76.96 57.90
N MET F 69 16.62 77.00 59.18
CA MET F 69 15.89 75.89 59.77
C MET F 69 14.56 75.68 59.04
N PRO F 70 14.11 74.44 58.90
CA PRO F 70 12.88 74.17 58.18
C PRO F 70 11.67 74.18 59.10
N VAL F 71 10.49 74.27 58.48
CA VAL F 71 9.24 74.29 59.22
C VAL F 71 8.20 73.32 58.67
N LEU F 72 8.48 72.66 57.54
CA LEU F 72 7.56 71.67 56.98
C LEU F 72 8.38 70.60 56.28
N GLU F 73 8.45 69.42 56.88
CA GLU F 73 9.17 68.29 56.31
C GLU F 73 8.18 67.18 56.02
N VAL F 74 8.49 66.37 55.02
CA VAL F 74 7.64 65.25 54.64
C VAL F 74 8.32 63.95 55.03
N LYS F 75 7.54 62.86 55.01
CA LYS F 75 8.04 61.54 55.37
C LYS F 75 7.50 60.54 54.38
N ALA F 76 8.39 59.84 53.68
CA ALA F 76 7.99 58.83 52.72
C ALA F 76 7.69 57.54 53.46
N ARG F 77 6.46 57.05 53.30
CA ARG F 77 5.92 55.95 54.09
C ARG F 77 5.47 54.81 53.18
N ARG F 78 5.20 53.67 53.81
CA ARG F 78 4.66 52.50 53.14
C ARG F 78 3.35 52.11 53.81
N VAL F 79 2.39 51.65 53.00
CA VAL F 79 1.04 51.35 53.48
C VAL F 79 0.80 49.85 53.42
N GLY F 80 0.77 49.30 52.21
CA GLY F 80 0.51 47.89 52.02
C GLY F 80 1.22 47.29 50.82
N GLY F 81 2.15 48.04 50.24
CA GLY F 81 2.88 47.57 49.07
C GLY F 81 3.14 48.68 48.08
N SER F 82 2.47 49.80 48.28
CA SER F 82 2.69 51.02 47.52
C SER F 82 3.15 52.09 48.48
N ASN F 83 4.21 52.81 48.12
CA ASN F 83 4.80 53.82 48.99
C ASN F 83 4.60 55.21 48.39
N TYR F 84 4.44 56.18 49.27
CA TYR F 84 4.17 57.56 48.89
C TYR F 84 5.01 58.45 49.79
N GLN F 85 4.62 59.72 49.91
CA GLN F 85 5.22 60.63 50.86
C GLN F 85 4.17 61.63 51.32
N VAL F 86 4.21 62.00 52.59
CA VAL F 86 3.25 62.95 53.14
C VAL F 86 3.97 64.00 53.98
N PRO F 87 3.54 65.25 53.96
CA PRO F 87 4.07 66.25 54.90
C PRO F 87 3.61 66.00 56.33
N VAL F 88 4.35 66.59 57.26
CA VAL F 88 4.00 66.61 58.67
C VAL F 88 4.67 67.83 59.30
N GLU F 89 4.30 68.15 60.53
CA GLU F 89 4.94 69.23 61.26
C GLU F 89 6.35 68.81 61.65
N VAL F 90 7.01 69.67 62.45
CA VAL F 90 8.40 69.43 62.82
C VAL F 90 8.60 69.93 64.24
N ARG F 91 8.98 69.02 65.15
CA ARG F 91 9.20 69.37 66.54
C ARG F 91 10.50 70.17 66.66
N PRO F 92 10.67 70.91 67.77
CA PRO F 92 11.74 71.91 67.81
C PRO F 92 13.15 71.34 67.72
N GLU F 93 13.47 70.28 68.45
CA GLU F 93 14.84 69.81 68.46
C GLU F 93 15.27 69.34 67.08
N ARG F 94 14.36 68.69 66.35
CA ARG F 94 14.68 68.27 65.00
C ARG F 94 15.03 69.46 64.12
N ARG F 95 14.43 70.61 64.40
CA ARG F 95 14.66 71.79 63.57
C ARG F 95 16.12 72.25 63.67
N THR F 96 16.60 72.48 64.88
CA THR F 96 17.99 72.88 65.05
C THR F 96 18.95 71.79 64.62
N THR F 97 18.57 70.53 64.82
CA THR F 97 19.37 69.43 64.30
C THR F 97 19.60 69.60 62.80
N LEU F 98 18.51 69.72 62.04
CA LEU F 98 18.61 69.87 60.60
C LEU F 98 19.39 71.12 60.21
N GLY F 99 19.14 72.23 60.89
CA GLY F 99 19.84 73.45 60.57
C GLY F 99 21.35 73.31 60.66
N LEU F 100 21.83 72.90 61.84
CA LEU F 100 23.26 72.65 62.01
C LEU F 100 23.78 71.70 60.94
N ARG F 101 23.06 70.60 60.73
CA ARG F 101 23.52 69.57 59.80
C ARG F 101 23.74 70.15 58.42
N TRP F 102 22.74 70.87 57.89
CA TRP F 102 22.86 71.42 56.54
C TRP F 102 24.00 72.42 56.45
N VAL F 103 24.08 73.32 57.43
CA VAL F 103 25.11 74.36 57.40
C VAL F 103 26.50 73.72 57.33
N VAL F 104 26.75 72.74 58.20
CA VAL F 104 28.07 72.12 58.21
C VAL F 104 28.31 71.35 56.92
N ASN F 105 27.30 70.60 56.46
CA ASN F 105 27.47 69.78 55.26
C ASN F 105 27.82 70.65 54.06
N TYR F 106 27.15 71.79 53.92
CA TYR F 106 27.34 72.63 52.75
C TYR F 106 28.46 73.65 52.90
N ALA F 107 29.00 73.82 54.11
CA ALA F 107 30.26 74.53 54.25
C ALA F 107 31.44 73.61 53.97
N ARG F 108 31.28 72.32 54.24
CA ARG F 108 32.35 71.36 54.00
C ARG F 108 32.61 71.17 52.51
N LEU F 109 31.67 71.54 51.65
CA LEU F 109 31.78 71.35 50.22
C LEU F 109 32.05 72.65 49.46
N ARG F 110 32.58 73.67 50.14
CA ARG F 110 32.69 74.99 49.52
C ARG F 110 33.74 75.00 48.41
N GLY F 111 35.01 74.79 48.78
CA GLY F 111 36.08 74.91 47.81
C GLY F 111 36.97 76.13 47.98
N GLU F 112 37.37 76.38 49.22
CA GLU F 112 38.44 77.31 49.53
C GLU F 112 39.53 76.54 50.27
N HIS F 113 40.48 77.27 50.87
CA HIS F 113 41.67 76.64 51.39
C HIS F 113 41.68 76.52 52.92
N THR F 114 40.53 76.68 53.58
CA THR F 114 40.48 76.49 55.03
C THR F 114 39.05 76.31 55.47
N MET F 115 38.85 75.43 56.45
CA MET F 115 37.51 75.20 56.98
C MET F 115 36.93 76.45 57.60
N GLU F 116 37.78 77.37 58.07
CA GLU F 116 37.29 78.64 58.60
C GLU F 116 36.83 79.56 57.48
N GLU F 117 37.69 79.76 56.48
CA GLU F 117 37.29 80.49 55.28
C GLU F 117 36.05 79.91 54.65
N ARG F 118 35.69 78.68 54.97
CA ARG F 118 34.43 78.14 54.50
C ARG F 118 33.27 78.38 55.47
N LEU F 119 33.47 78.14 56.77
CA LEU F 119 32.38 78.21 57.73
C LEU F 119 31.92 79.64 57.96
N ALA F 120 32.87 80.54 58.21
CA ALA F 120 32.49 81.94 58.41
C ALA F 120 31.78 82.49 57.18
N LYS F 121 32.36 82.24 56.01
CA LYS F 121 31.76 82.72 54.76
C LYS F 121 30.37 82.14 54.56
N GLU F 122 30.18 80.86 54.88
CA GLU F 122 28.90 80.23 54.61
C GLU F 122 27.81 80.70 55.56
N ILE F 123 28.12 80.87 56.85
CA ILE F 123 27.06 81.35 57.72
C ILE F 123 26.83 82.86 57.54
N MET F 124 27.79 83.60 57.00
CA MET F 124 27.48 84.97 56.59
C MET F 124 26.54 84.97 55.38
N ASP F 125 26.87 84.18 54.36
CA ASP F 125 25.96 84.04 53.23
C ASP F 125 24.59 83.55 53.65
N ALA F 126 24.53 82.83 54.76
CA ALA F 126 23.25 82.31 55.24
C ALA F 126 22.46 83.39 55.98
N ALA F 127 23.12 84.22 56.77
CA ALA F 127 22.39 85.28 57.46
C ALA F 127 21.91 86.38 56.52
N ASN F 128 22.12 86.23 55.22
CA ASN F 128 21.61 87.17 54.23
C ASN F 128 20.74 86.47 53.19
N ASN F 129 20.07 85.40 53.60
CA ASN F 129 19.18 84.61 52.75
C ASN F 129 19.84 84.24 51.43
N THR F 130 20.98 83.56 51.55
CA THR F 130 21.72 83.06 50.39
C THR F 130 22.43 81.77 50.78
N GLY F 131 22.86 81.03 49.78
CA GLY F 131 23.65 79.83 50.04
C GLY F 131 22.81 78.57 49.91
N ALA F 132 23.48 77.48 49.50
CA ALA F 132 22.79 76.23 49.24
C ALA F 132 22.01 75.72 50.44
N SER F 133 22.32 76.20 51.64
CA SER F 133 21.54 75.80 52.81
C SER F 133 20.12 76.35 52.73
N VAL F 134 20.00 77.66 52.41
CA VAL F 134 18.68 78.27 52.26
C VAL F 134 17.93 77.65 51.09
N LYS F 135 18.66 77.35 50.01
CA LYS F 135 18.03 76.69 48.88
C LYS F 135 17.58 75.29 49.24
N LYS F 136 18.30 74.60 50.13
CA LYS F 136 17.86 73.29 50.59
C LYS F 136 16.57 73.41 51.40
N ARG F 137 16.51 74.40 52.30
CA ARG F 137 15.27 74.66 53.01
C ARG F 137 14.11 74.89 52.04
N GLU F 138 14.33 75.70 51.01
CA GLU F 138 13.23 76.03 50.12
C GLU F 138 12.84 74.84 49.24
N ASP F 139 13.80 74.00 48.83
CA ASP F 139 13.46 72.74 48.21
C ASP F 139 12.54 71.92 49.10
N THR F 140 12.83 71.89 50.40
CA THR F 140 11.99 71.11 51.32
C THR F 140 10.59 71.69 51.39
N HIS F 141 10.48 73.02 51.52
CA HIS F 141 9.16 73.63 51.60
C HIS F 141 8.38 73.48 50.32
N LYS F 142 9.08 73.35 49.18
CA LYS F 142 8.39 73.18 47.90
C LYS F 142 7.94 71.74 47.70
N MET F 143 8.74 70.77 48.16
CA MET F 143 8.30 69.39 48.15
C MET F 143 7.05 69.24 49.01
N ALA F 144 7.12 69.71 50.24
CA ALA F 144 5.91 69.92 51.02
C ALA F 144 5.07 71.00 50.37
N ASP F 145 3.83 71.13 50.82
CA ASP F 145 2.89 72.11 50.27
C ASP F 145 2.64 71.87 48.78
N ALA F 146 3.24 70.81 48.26
CA ALA F 146 2.83 70.21 47.00
C ALA F 146 2.39 68.77 47.21
N ASN F 147 3.23 67.94 47.82
CA ASN F 147 2.86 66.56 48.05
C ASN F 147 1.85 66.40 49.18
N ARG F 148 1.22 67.50 49.61
CA ARG F 148 0.04 67.39 50.46
C ARG F 148 -1.14 66.77 49.73
N ALA F 149 -1.04 66.62 48.41
CA ALA F 149 -2.13 66.03 47.63
C ALA F 149 -2.43 64.62 48.13
N PHE F 150 -1.46 63.72 48.05
CA PHE F 150 -1.67 62.41 48.64
C PHE F 150 -1.20 62.40 50.08
N ALA F 151 -1.64 63.40 50.83
CA ALA F 151 -1.39 63.49 52.26
C ALA F 151 -2.60 64.04 53.00
N HIS F 152 -3.61 64.46 52.25
CA HIS F 152 -4.70 65.25 52.83
C HIS F 152 -5.53 64.42 53.79
N TYR F 153 -5.55 63.10 53.64
CA TYR F 153 -6.28 62.23 54.56
C TYR F 153 -5.38 61.17 55.20
N ARG F 154 -4.06 61.28 55.04
CA ARG F 154 -3.15 60.35 55.68
C ARG F 154 -3.18 60.53 57.19
N VAL G 1 -52.87 8.97 63.92
CA VAL G 1 -54.12 8.85 64.65
C VAL G 1 -53.92 7.88 65.80
N MET G 2 -54.71 8.03 66.86
CA MET G 2 -54.59 7.16 68.02
C MET G 2 -55.07 5.76 67.70
N THR G 3 -54.28 4.76 68.04
CA THR G 3 -54.65 3.38 67.80
C THR G 3 -54.61 2.51 69.05
N ASP G 4 -54.00 2.97 70.14
CA ASP G 4 -53.94 2.20 71.38
C ASP G 4 -54.19 3.09 72.59
N PRO G 5 -55.45 3.25 72.98
CA PRO G 5 -55.75 4.09 74.15
C PRO G 5 -55.25 3.55 75.47
N ILE G 6 -55.14 2.24 75.63
CA ILE G 6 -54.55 1.67 76.84
C ILE G 6 -53.08 2.02 76.96
N ALA G 7 -52.35 1.95 75.84
CA ALA G 7 -50.95 2.37 75.87
C ALA G 7 -50.83 3.86 76.15
N ASP G 8 -51.74 4.67 75.60
CA ASP G 8 -51.69 6.10 75.90
C ASP G 8 -51.91 6.37 77.38
N PHE G 9 -52.87 5.68 78.00
CA PHE G 9 -53.08 5.80 79.44
C PHE G 9 -51.82 5.43 80.21
N LEU G 10 -51.23 4.28 79.91
CA LEU G 10 -50.03 3.85 80.61
C LEU G 10 -48.90 4.85 80.48
N THR G 11 -48.73 5.43 79.29
CA THR G 11 -47.64 6.38 79.12
C THR G 11 -47.92 7.71 79.79
N ARG G 12 -49.18 8.13 79.88
CA ARG G 12 -49.48 9.28 80.74
C ARG G 12 -49.02 9.02 82.17
N ILE G 13 -49.37 7.85 82.71
CA ILE G 13 -48.99 7.56 84.09
C ILE G 13 -47.48 7.59 84.24
N ARG G 14 -46.76 6.96 83.33
CA ARG G 14 -45.31 6.90 83.47
C ARG G 14 -44.66 8.26 83.27
N ASN G 15 -45.16 9.05 82.32
CA ASN G 15 -44.59 10.36 82.05
C ASN G 15 -44.80 11.31 83.22
N ALA G 16 -46.00 11.31 83.79
CA ALA G 16 -46.27 12.17 84.94
C ALA G 16 -45.65 11.64 86.22
N ASN G 17 -45.35 10.34 86.28
CA ASN G 17 -44.65 9.81 87.43
C ASN G 17 -43.19 10.22 87.43
N MET G 18 -42.51 10.12 86.29
CA MET G 18 -41.08 10.39 86.26
C MET G 18 -40.77 11.86 86.56
N VAL G 19 -41.68 12.77 86.21
CA VAL G 19 -41.49 14.17 86.57
C VAL G 19 -42.07 14.48 87.96
N LYS G 20 -42.69 13.50 88.59
CA LYS G 20 -42.94 13.48 90.03
C LYS G 20 -43.95 14.54 90.48
N HIS G 21 -45.05 14.69 89.76
CA HIS G 21 -46.11 15.52 90.28
C HIS G 21 -47.38 14.69 90.42
N GLU G 22 -48.37 15.30 91.09
CA GLU G 22 -49.33 14.55 91.90
C GLU G 22 -50.75 14.54 91.33
N THR G 23 -50.91 14.66 90.03
CA THR G 23 -52.24 14.54 89.44
C THR G 23 -52.06 14.16 87.99
N LEU G 24 -53.17 13.80 87.34
CA LEU G 24 -53.20 13.28 85.99
C LEU G 24 -54.64 13.11 85.57
N GLU G 25 -54.95 13.42 84.30
CA GLU G 25 -56.31 13.27 83.80
C GLU G 25 -56.32 12.62 82.42
N VAL G 26 -57.29 11.75 82.20
CA VAL G 26 -57.43 11.00 80.95
C VAL G 26 -58.89 10.95 80.55
N PRO G 27 -59.14 10.80 79.25
CA PRO G 27 -60.49 10.46 78.81
C PRO G 27 -60.86 9.04 79.21
N ALA G 28 -62.11 8.88 79.65
CA ALA G 28 -62.52 7.66 80.33
C ALA G 28 -62.84 6.55 79.33
N SER G 29 -62.89 5.34 79.87
CA SER G 29 -63.22 4.14 79.10
C SER G 29 -63.43 3.03 80.11
N LYS G 30 -64.22 2.02 79.71
CA LYS G 30 -64.55 0.93 80.63
C LYS G 30 -63.33 0.11 81.04
N ILE G 31 -62.32 0.03 80.18
CA ILE G 31 -61.16 -0.79 80.51
C ILE G 31 -60.18 0.00 81.38
N LYS G 32 -60.02 1.29 81.09
CA LYS G 32 -59.12 2.12 81.87
C LYS G 32 -59.64 2.29 83.29
N ARG G 33 -60.95 2.40 83.46
CA ARG G 33 -61.52 2.44 84.80
C ARG G 33 -61.24 1.14 85.56
N ASP G 34 -61.37 0.00 84.88
CA ASP G 34 -61.03 -1.28 85.49
C ASP G 34 -59.59 -1.29 86.00
N ILE G 35 -58.64 -0.93 85.14
CA ILE G 35 -57.26 -1.00 85.60
C ILE G 35 -56.93 0.12 86.57
N ALA G 36 -57.69 1.21 86.59
CA ALA G 36 -57.50 2.20 87.64
C ALA G 36 -57.94 1.66 88.99
N GLU G 37 -59.02 0.87 89.01
CA GLU G 37 -59.40 0.22 90.27
C GLU G 37 -58.36 -0.81 90.70
N ILE G 38 -57.82 -1.57 89.75
CA ILE G 38 -56.81 -2.57 90.11
C ILE G 38 -55.54 -1.89 90.60
N LEU G 39 -55.19 -0.75 90.01
CA LEU G 39 -54.03 -0.01 90.49
C LEU G 39 -54.28 0.60 91.86
N LYS G 40 -55.53 0.93 92.18
CA LYS G 40 -55.84 1.47 93.50
C LYS G 40 -55.84 0.39 94.58
N ARG G 41 -56.31 -0.82 94.24
CA ARG G 41 -56.39 -1.86 95.26
C ARG G 41 -55.04 -2.32 95.75
N GLU G 42 -54.02 -2.34 94.90
CA GLU G 42 -52.73 -2.89 95.29
C GLU G 42 -51.85 -1.91 96.01
N GLY G 43 -51.97 -0.62 95.73
CA GLY G 43 -51.22 0.35 96.50
C GLY G 43 -50.33 1.24 95.66
N PHE G 44 -50.59 1.33 94.36
CA PHE G 44 -49.80 2.20 93.51
C PHE G 44 -50.41 3.59 93.39
N ILE G 45 -51.73 3.67 93.30
CA ILE G 45 -52.44 4.94 93.22
C ILE G 45 -52.98 5.28 94.61
N ARG G 46 -53.21 6.56 94.83
CA ARG G 46 -53.83 7.02 96.07
C ARG G 46 -55.34 7.09 95.95
N ASP G 47 -55.86 7.53 94.82
CA ASP G 47 -57.29 7.71 94.67
C ASP G 47 -57.63 7.79 93.19
N VAL G 48 -58.93 7.78 92.90
CA VAL G 48 -59.43 7.94 91.54
C VAL G 48 -60.85 8.48 91.63
N GLU G 49 -61.14 9.58 90.94
CA GLU G 49 -62.44 10.23 90.98
C GLU G 49 -63.01 10.37 89.57
N TYR G 50 -64.32 10.21 89.44
CA TYR G 50 -64.95 10.07 88.14
C TYR G 50 -65.86 11.25 87.85
N ILE G 51 -65.39 12.14 86.98
CA ILE G 51 -66.19 13.21 86.43
C ILE G 51 -66.64 12.77 85.05
N GLU G 52 -67.77 13.30 84.60
CA GLU G 52 -68.29 12.95 83.28
C GLU G 52 -69.28 14.02 82.86
N ASP G 53 -69.05 14.63 81.70
CA ASP G 53 -69.91 15.73 81.28
C ASP G 53 -70.67 15.45 79.99
N ASP G 54 -70.01 15.41 78.84
CA ASP G 54 -70.77 15.27 77.59
C ASP G 54 -70.08 14.45 76.53
N LYS G 55 -68.84 14.05 76.75
CA LYS G 55 -68.17 13.08 75.92
C LYS G 55 -67.79 11.97 76.87
N GLN G 56 -66.98 11.02 76.43
CA GLN G 56 -66.61 9.90 77.28
C GLN G 56 -66.16 10.39 78.66
N GLY G 57 -65.03 11.09 78.72
CA GLY G 57 -64.25 11.28 79.94
C GLY G 57 -64.96 11.92 81.11
N VAL G 58 -64.29 12.09 82.25
CA VAL G 58 -62.84 11.90 82.39
C VAL G 58 -62.53 11.08 83.63
N ILE G 59 -61.25 10.78 83.86
CA ILE G 59 -60.79 10.03 85.02
C ILE G 59 -59.59 10.75 85.60
N ARG G 60 -59.63 11.03 86.89
CA ARG G 60 -58.53 11.71 87.56
C ARG G 60 -57.82 10.75 88.49
N VAL G 61 -56.51 10.68 88.38
CA VAL G 61 -55.67 9.79 89.15
C VAL G 61 -54.85 10.62 90.11
N PHE G 62 -54.64 10.11 91.31
CA PHE G 62 -53.82 10.79 92.31
C PHE G 62 -52.65 9.88 92.63
N LEU G 63 -51.46 10.25 92.18
CA LEU G 63 -50.31 9.39 92.37
C LEU G 63 -49.94 9.30 93.85
N LYS G 64 -48.89 8.55 94.14
CA LYS G 64 -48.49 8.27 95.52
C LYS G 64 -46.98 8.19 95.60
N TYR G 65 -46.42 8.79 96.64
CA TYR G 65 -44.98 8.88 96.79
C TYR G 65 -44.57 8.41 98.18
N GLY G 66 -43.31 7.99 98.30
CA GLY G 66 -42.80 7.45 99.54
C GLY G 66 -42.71 8.44 100.68
N LYS G 67 -41.91 8.12 101.70
CA LYS G 67 -41.72 9.03 102.83
C LYS G 67 -40.68 10.09 102.54
N ASN G 68 -39.67 9.75 101.75
CA ASN G 68 -38.68 10.70 101.26
C ASN G 68 -38.91 11.01 99.78
N GLU G 69 -40.17 11.12 99.38
CA GLU G 69 -40.58 11.50 98.03
C GLU G 69 -40.03 10.56 96.97
N GLU G 70 -39.87 9.28 97.31
CA GLU G 70 -39.51 8.28 96.32
C GLU G 70 -40.77 7.59 95.81
N ARG G 71 -40.64 6.93 94.67
CA ARG G 71 -41.77 6.54 93.85
C ARG G 71 -42.16 5.09 94.11
N VAL G 72 -43.47 4.83 94.18
CA VAL G 72 -43.95 3.50 94.48
C VAL G 72 -44.13 2.64 93.24
N ILE G 73 -44.50 3.23 92.10
CA ILE G 73 -44.41 2.53 90.82
C ILE G 73 -43.09 2.94 90.19
N THR G 74 -42.34 1.97 89.68
CA THR G 74 -41.05 2.27 89.09
C THR G 74 -41.03 2.14 87.59
N ASN G 75 -41.89 1.32 87.01
CA ASN G 75 -42.10 1.33 85.57
C ASN G 75 -43.41 0.62 85.28
N LEU G 76 -43.72 0.51 83.99
CA LEU G 76 -45.05 0.12 83.57
C LEU G 76 -45.00 -0.19 82.08
N LYS G 77 -45.57 -1.31 81.67
CA LYS G 77 -45.32 -1.82 80.33
C LYS G 77 -46.58 -2.43 79.72
N ARG G 78 -46.80 -2.16 78.44
CA ARG G 78 -47.92 -2.74 77.70
C ARG G 78 -47.48 -3.99 76.96
N ILE G 79 -48.18 -5.10 77.20
CA ILE G 79 -47.74 -6.41 76.70
C ILE G 79 -48.45 -6.79 75.40
N SER G 80 -49.77 -6.86 75.41
CA SER G 80 -50.52 -7.15 74.20
C SER G 80 -50.71 -5.88 73.39
N LYS G 81 -50.41 -5.94 72.11
CA LYS G 81 -50.42 -4.76 71.27
C LYS G 81 -51.30 -4.99 70.06
N PRO G 82 -51.94 -3.97 69.53
CA PRO G 82 -52.75 -4.16 68.33
C PRO G 82 -51.86 -4.35 67.12
N GLY G 83 -51.65 -5.58 66.70
CA GLY G 83 -50.59 -5.83 65.75
C GLY G 83 -49.79 -7.05 66.14
N LEU G 84 -49.82 -7.42 67.42
CA LEU G 84 -49.36 -8.73 67.86
C LEU G 84 -50.00 -8.98 69.21
N ARG G 85 -51.05 -9.80 69.24
CA ARG G 85 -51.79 -10.02 70.48
C ARG G 85 -51.24 -11.22 71.23
N ALA G 86 -51.31 -11.16 72.56
CA ALA G 86 -50.67 -12.16 73.42
C ALA G 86 -51.72 -12.80 74.31
N TYR G 87 -51.99 -14.08 74.07
CA TYR G 87 -52.94 -14.86 74.83
C TYR G 87 -52.18 -15.88 75.67
N VAL G 88 -52.65 -16.13 76.88
CA VAL G 88 -51.93 -16.97 77.83
C VAL G 88 -52.88 -18.03 78.38
N LYS G 89 -52.35 -19.23 78.59
CA LYS G 89 -53.14 -20.35 79.10
C LYS G 89 -52.98 -20.46 80.60
N ALA G 90 -53.90 -21.20 81.22
CA ALA G 90 -54.03 -21.16 82.66
C ALA G 90 -52.75 -21.54 83.38
N ASP G 91 -51.89 -22.33 82.75
CA ASP G 91 -50.61 -22.67 83.34
C ASP G 91 -49.48 -21.80 82.83
N GLU G 92 -49.77 -20.81 82.00
CA GLU G 92 -48.78 -19.88 81.49
C GLU G 92 -48.86 -18.50 82.11
N VAL G 93 -49.74 -18.30 83.09
CA VAL G 93 -49.88 -16.98 83.70
C VAL G 93 -48.53 -16.54 84.24
N PRO G 94 -48.09 -15.32 83.97
CA PRO G 94 -46.75 -14.89 84.38
C PRO G 94 -46.68 -14.35 85.80
N LYS G 95 -45.47 -14.36 86.34
CA LYS G 95 -45.16 -13.88 87.69
C LYS G 95 -44.12 -12.77 87.55
N VAL G 96 -44.56 -11.52 87.54
CA VAL G 96 -43.67 -10.42 87.21
C VAL G 96 -42.86 -10.04 88.45
N LEU G 97 -41.54 -10.11 88.33
CA LEU G 97 -40.61 -9.65 89.34
C LEU G 97 -40.63 -10.52 90.60
N ASN G 98 -40.87 -11.82 90.44
CA ASN G 98 -40.91 -12.78 91.56
C ASN G 98 -42.00 -12.42 92.57
N GLY G 99 -43.18 -12.09 92.07
CA GLY G 99 -44.29 -11.75 92.94
C GLY G 99 -44.30 -10.33 93.46
N LEU G 100 -43.17 -9.63 93.44
CA LEU G 100 -43.11 -8.25 93.89
C LEU G 100 -43.77 -7.27 92.93
N GLY G 101 -44.24 -7.75 91.76
CA GLY G 101 -44.98 -6.93 90.85
C GLY G 101 -46.22 -7.67 90.39
N ILE G 102 -47.10 -6.97 89.70
CA ILE G 102 -48.36 -7.57 89.31
C ILE G 102 -48.48 -7.58 87.79
N ALA G 103 -49.30 -8.51 87.30
CA ALA G 103 -49.73 -8.57 85.92
C ALA G 103 -51.24 -8.42 85.89
N ILE G 104 -51.77 -7.98 84.75
CA ILE G 104 -53.20 -7.69 84.63
C ILE G 104 -53.74 -8.45 83.43
N ILE G 105 -54.75 -9.26 83.65
CA ILE G 105 -55.21 -10.26 82.70
C ILE G 105 -56.72 -10.13 82.57
N SER G 106 -57.23 -10.23 81.36
CA SER G 106 -58.67 -10.22 81.10
C SER G 106 -59.15 -11.63 80.80
N THR G 107 -60.11 -12.09 81.57
CA THR G 107 -60.60 -13.45 81.51
C THR G 107 -62.10 -13.45 81.24
N SER G 108 -62.68 -14.64 81.15
CA SER G 108 -64.13 -14.74 80.94
C SER G 108 -64.93 -14.28 82.15
N GLU G 109 -64.28 -13.98 83.26
CA GLU G 109 -64.99 -13.52 84.44
C GLU G 109 -64.30 -12.30 85.05
N GLY G 110 -63.98 -11.32 84.23
CA GLY G 110 -63.48 -10.04 84.72
C GLY G 110 -62.10 -9.70 84.19
N VAL G 111 -61.68 -8.48 84.51
CA VAL G 111 -60.30 -8.03 84.36
C VAL G 111 -59.69 -8.07 85.74
N ILE G 112 -58.76 -8.99 85.97
CA ILE G 112 -58.33 -9.35 87.31
C ILE G 112 -56.81 -9.36 87.36
N THR G 113 -56.28 -9.48 88.57
CA THR G 113 -54.85 -9.60 88.78
C THR G 113 -54.38 -11.00 88.43
N ASP G 114 -53.07 -11.19 88.40
CA ASP G 114 -52.52 -12.49 88.05
C ASP G 114 -52.55 -13.49 89.21
N LYS G 115 -52.67 -13.02 90.45
CA LYS G 115 -52.91 -13.96 91.54
C LYS G 115 -54.30 -14.53 91.46
N GLU G 116 -55.30 -13.67 91.30
CA GLU G 116 -56.68 -14.10 91.23
C GLU G 116 -56.94 -15.02 90.05
N ALA G 117 -56.06 -15.03 89.06
CA ALA G 117 -56.24 -15.91 87.91
C ALA G 117 -55.59 -17.26 88.11
N ARG G 118 -54.42 -17.32 88.74
CA ARG G 118 -53.84 -18.62 89.02
C ARG G 118 -54.43 -19.24 90.28
N ALA G 119 -55.30 -18.53 90.98
CA ALA G 119 -56.17 -19.16 91.98
C ALA G 119 -57.45 -19.71 91.39
N LYS G 120 -57.94 -19.13 90.28
CA LYS G 120 -59.10 -19.66 89.58
C LYS G 120 -58.75 -20.64 88.47
N ASN G 121 -57.48 -20.69 88.03
CA ASN G 121 -57.04 -21.54 86.94
C ASN G 121 -57.77 -21.23 85.63
N ILE G 122 -57.52 -20.02 85.11
CA ILE G 122 -57.92 -19.60 83.78
C ILE G 122 -56.86 -18.68 83.21
N GLY G 123 -57.03 -18.30 81.94
CA GLY G 123 -56.13 -17.38 81.27
C GLY G 123 -56.85 -16.43 80.34
N GLY G 124 -56.11 -15.63 79.59
CA GLY G 124 -56.73 -14.68 78.68
C GLY G 124 -55.71 -13.73 78.10
N GLU G 125 -56.19 -12.55 77.71
CA GLU G 125 -55.32 -11.51 77.18
C GLU G 125 -54.55 -10.85 78.29
N VAL G 126 -53.28 -10.55 78.04
CA VAL G 126 -52.40 -9.92 79.02
C VAL G 126 -52.30 -8.45 78.68
N ILE G 127 -52.71 -7.60 79.61
CA ILE G 127 -52.72 -6.17 79.35
C ILE G 127 -51.36 -5.56 79.63
N ALA G 128 -50.86 -5.71 80.85
CA ALA G 128 -49.74 -4.90 81.27
C ALA G 128 -48.98 -5.56 82.39
N TYR G 129 -47.72 -5.15 82.54
CA TYR G 129 -46.93 -5.38 83.73
C TYR G 129 -46.73 -4.04 84.43
N VAL G 130 -46.97 -3.99 85.74
CA VAL G 130 -46.59 -2.85 86.54
C VAL G 130 -45.80 -3.36 87.73
N TRP G 131 -44.53 -2.98 87.80
CA TRP G 131 -43.68 -3.40 88.90
C TRP G 131 -43.16 -2.22 89.70
N GLN H 1 51.13 79.06 108.31
CA GLN H 1 49.98 79.44 107.50
C GLN H 1 48.78 78.55 107.77
N VAL H 2 47.62 78.97 107.30
CA VAL H 2 46.46 78.10 107.21
C VAL H 2 46.38 77.58 105.78
N GLN H 3 45.89 76.37 105.62
CA GLN H 3 45.68 75.83 104.29
C GLN H 3 44.56 74.80 104.33
N TYR H 4 44.09 74.43 103.15
CA TYR H 4 42.97 73.52 103.01
C TYR H 4 43.33 72.51 101.93
N SER H 5 43.10 71.23 102.21
CA SER H 5 43.51 70.17 101.31
C SER H 5 42.33 69.28 100.95
N GLY H 6 42.32 68.83 99.70
CA GLY H 6 41.28 67.94 99.22
C GLY H 6 41.88 67.02 98.18
N THR H 7 41.14 65.97 97.87
CA THR H 7 41.61 64.95 96.94
C THR H 7 40.55 64.71 95.88
N GLY H 8 40.97 64.69 94.63
CA GLY H 8 40.04 64.59 93.52
C GLY H 8 40.42 63.48 92.57
N ARG H 9 39.42 62.74 92.11
CA ARG H 9 39.62 61.58 91.27
C ARG H 9 38.72 61.65 90.05
N ARG H 10 39.27 61.27 88.90
CA ARG H 10 38.48 61.17 87.67
C ARG H 10 39.27 60.33 86.68
N LYS H 11 38.76 59.15 86.34
CA LYS H 11 39.16 58.41 85.15
C LYS H 11 40.66 58.14 85.14
N ASN H 12 41.08 57.33 86.11
CA ASN H 12 42.47 56.88 86.25
C ASN H 12 43.43 57.98 86.66
N ALA H 13 42.94 59.12 87.12
CA ALA H 13 43.79 60.21 87.55
C ALA H 13 43.39 60.69 88.93
N VAL H 14 44.38 60.99 89.77
CA VAL H 14 44.15 61.40 91.16
C VAL H 14 44.96 62.66 91.43
N ALA H 15 44.32 63.64 92.05
CA ALA H 15 44.95 64.94 92.29
C ALA H 15 44.86 65.31 93.75
N ARG H 16 45.89 66.00 94.24
CA ARG H 16 45.98 66.45 95.63
C ARG H 16 46.10 67.97 95.64
N VAL H 17 45.04 68.65 96.05
CA VAL H 17 44.94 70.09 95.88
C VAL H 17 45.03 70.78 97.23
N ARG H 18 45.60 71.98 97.24
CA ARG H 18 45.77 72.77 98.45
C ARG H 18 45.28 74.18 98.20
N LEU H 19 44.35 74.64 99.04
CA LEU H 19 43.88 76.01 98.98
C LEU H 19 44.66 76.86 99.98
N VAL H 20 45.03 78.06 99.54
CA VAL H 20 45.83 78.99 100.33
C VAL H 20 45.42 80.40 99.95
N PRO H 21 45.08 81.26 100.90
CA PRO H 21 44.72 82.64 100.56
C PRO H 21 45.84 83.35 99.79
N GLY H 22 45.43 84.22 98.88
CA GLY H 22 46.35 84.83 97.93
C GLY H 22 45.68 85.85 97.03
N THR H 23 45.95 85.79 95.73
CA THR H 23 45.39 86.73 94.77
C THR H 23 44.76 86.06 93.54
N GLY H 24 44.69 84.75 93.49
CA GLY H 24 44.05 84.08 92.38
C GLY H 24 45.04 83.60 91.35
N LYS H 25 45.41 82.33 91.43
CA LYS H 25 46.44 81.73 90.60
C LYS H 25 46.50 80.26 90.94
N ILE H 26 47.04 79.46 90.03
CA ILE H 26 47.14 78.02 90.23
C ILE H 26 48.39 77.52 89.54
N THR H 27 49.19 76.72 90.25
CA THR H 27 50.38 76.10 89.70
C THR H 27 50.33 74.61 89.99
N VAL H 28 50.77 73.80 89.04
CA VAL H 28 50.65 72.35 89.12
C VAL H 28 51.97 71.70 88.70
N ASN H 29 52.52 70.86 89.57
CA ASN H 29 53.76 70.14 89.32
C ASN H 29 54.90 71.11 89.01
N LYS H 30 54.98 72.17 89.82
CA LYS H 30 56.04 73.17 89.73
C LYS H 30 56.05 73.89 88.39
N LYS H 31 54.90 73.95 87.73
CA LYS H 31 54.75 74.72 86.50
C LYS H 31 53.49 75.54 86.58
N ASP H 32 53.30 76.44 85.63
CA ASP H 32 52.12 77.30 85.64
C ASP H 32 51.00 76.67 84.84
N VAL H 33 49.78 76.77 85.38
CA VAL H 33 48.62 76.11 84.79
C VAL H 33 48.35 76.58 83.36
N GLU H 34 48.89 77.75 82.99
CA GLU H 34 48.83 78.17 81.59
C GLU H 34 49.72 77.30 80.72
N GLU H 35 50.78 76.74 81.29
CA GLU H 35 51.72 75.94 80.53
C GLU H 35 51.52 74.44 80.71
N TYR H 36 51.03 74.01 81.87
CA TYR H 36 50.87 72.58 82.11
C TYR H 36 49.69 72.02 81.32
N ILE H 37 48.55 72.70 81.37
CA ILE H 37 47.39 72.31 80.56
C ILE H 37 47.13 73.43 79.56
N PRO H 38 48.01 73.62 78.59
CA PRO H 38 47.85 74.77 77.70
C PRO H 38 46.99 74.40 76.53
N HIS H 39 45.85 73.75 76.75
CA HIS H 39 45.25 73.19 75.56
C HIS H 39 44.43 74.23 74.81
N ALA H 40 43.24 74.56 75.29
CA ALA H 40 42.64 75.83 74.92
C ALA H 40 41.95 76.50 76.10
N ASP H 41 41.00 75.76 76.69
CA ASP H 41 39.99 76.34 77.55
C ASP H 41 39.60 75.41 78.69
N LEU H 42 40.30 74.30 78.90
CA LEU H 42 40.02 73.45 80.03
C LEU H 42 40.19 74.20 81.34
N ARG H 43 40.97 75.27 81.34
CA ARG H 43 41.13 76.08 82.53
C ARG H 43 39.80 76.71 82.95
N GLU H 44 38.99 77.11 81.98
CA GLU H 44 37.68 77.63 82.29
C GLU H 44 36.73 76.56 82.80
N VAL H 45 37.09 75.29 82.66
CA VAL H 45 36.41 74.22 83.37
C VAL H 45 36.93 74.10 84.79
N ILE H 46 38.21 74.41 85.02
CA ILE H 46 38.80 74.26 86.33
C ILE H 46 38.30 75.34 87.27
N ASN H 47 38.19 76.57 86.79
CA ASN H 47 37.84 77.71 87.64
C ASN H 47 36.33 77.85 87.83
N GLN H 48 35.57 76.77 87.72
CA GLN H 48 34.12 76.81 87.85
C GLN H 48 33.62 76.85 89.29
N PRO H 49 34.22 76.09 90.22
CA PRO H 49 33.76 76.19 91.62
C PRO H 49 33.90 77.59 92.19
N PHE H 50 35.03 78.26 91.95
CA PHE H 50 35.17 79.66 92.31
C PHE H 50 34.09 80.50 91.63
N GLY H 51 33.66 80.10 90.43
CA GLY H 51 32.66 80.86 89.73
C GLY H 51 31.26 80.73 90.29
N VAL H 52 30.94 79.60 90.92
CA VAL H 52 29.61 79.36 91.42
C VAL H 52 29.49 79.70 92.91
N THR H 53 30.47 79.31 93.71
CA THR H 53 30.41 79.53 95.15
C THR H 53 31.73 80.10 95.62
N GLU H 54 31.70 80.72 96.78
CA GLU H 54 32.84 81.50 97.28
C GLU H 54 33.34 82.42 96.17
N THR H 55 32.43 83.25 95.68
CA THR H 55 32.67 84.02 94.47
C THR H 55 33.53 85.24 94.79
N LYS H 56 34.75 85.28 94.27
CA LYS H 56 35.35 84.15 93.54
C LYS H 56 36.79 83.94 93.98
N GLY H 57 37.36 84.92 94.68
CA GLY H 57 38.72 84.85 95.15
C GLY H 57 38.80 85.16 96.63
N ALA H 58 40.01 85.14 97.17
CA ALA H 58 41.21 84.89 96.38
C ALA H 58 42.06 83.82 97.04
N TYR H 59 42.32 82.75 96.30
CA TYR H 59 43.15 81.66 96.78
C TYR H 59 44.17 81.29 95.72
N ASP H 60 45.43 81.24 96.10
CA ASP H 60 46.41 80.51 95.30
C ASP H 60 46.13 79.02 95.44
N VAL H 61 46.21 78.29 94.33
CA VAL H 61 45.98 76.86 94.32
C VAL H 61 47.29 76.16 93.99
N ILE H 62 47.64 75.16 94.80
CA ILE H 62 48.79 74.31 94.56
C ILE H 62 48.30 72.88 94.51
N VAL H 63 48.60 72.17 93.42
CA VAL H 63 48.09 70.83 93.22
C VAL H 63 49.23 69.90 92.86
N ASN H 64 49.04 68.61 93.16
CA ASN H 64 49.96 67.55 92.76
C ASN H 64 49.11 66.49 92.05
N VAL H 65 49.37 66.29 90.76
CA VAL H 65 48.51 65.46 89.94
C VAL H 65 49.34 64.37 89.28
N ASN H 66 48.74 63.22 89.05
CA ASN H 66 49.42 62.11 88.39
C ASN H 66 48.41 61.10 87.91
N GLY H 67 48.55 60.66 86.67
CA GLY H 67 47.67 59.66 86.12
C GLY H 67 46.78 60.22 85.03
N GLY H 68 46.27 59.33 84.21
CA GLY H 68 45.34 59.69 83.16
C GLY H 68 45.92 60.59 82.09
N GLY H 69 45.02 61.28 81.40
CA GLY H 69 45.38 62.19 80.34
C GLY H 69 45.17 63.64 80.73
N TYR H 70 45.34 64.53 79.74
CA TYR H 70 45.28 65.96 80.03
C TYR H 70 43.87 66.41 80.32
N ALA H 71 42.86 65.72 79.80
CA ALA H 71 41.49 66.11 80.05
C ALA H 71 40.88 65.40 81.24
N GLY H 72 41.47 64.31 81.68
CA GLY H 72 40.97 63.64 82.86
C GLY H 72 41.49 64.31 84.10
N GLN H 73 42.78 64.62 84.10
CA GLN H 73 43.40 65.21 85.26
C GLN H 73 43.17 66.71 85.34
N SER H 74 42.20 67.25 84.61
CA SER H 74 41.66 68.59 84.88
C SER H 74 40.27 68.55 85.49
N GLY H 75 39.43 67.61 85.05
CA GLY H 75 38.23 67.31 85.80
C GLY H 75 38.54 66.82 87.20
N ALA H 76 39.63 66.08 87.35
CA ALA H 76 40.06 65.68 88.69
C ALA H 76 40.47 66.88 89.53
N ILE H 77 41.20 67.82 88.93
CA ILE H 77 41.59 69.02 89.64
C ILE H 77 40.35 69.79 90.09
N ARG H 78 39.35 69.88 89.21
CA ARG H 78 38.12 70.56 89.56
C ARG H 78 37.45 69.90 90.75
N HIS H 79 37.35 68.57 90.71
CA HIS H 79 36.82 67.80 91.83
C HIS H 79 37.50 68.18 93.14
N GLY H 80 38.83 68.17 93.12
CA GLY H 80 39.57 68.45 94.34
C GLY H 80 39.37 69.86 94.85
N ILE H 81 39.41 70.84 93.95
CA ILE H 81 39.20 72.22 94.34
C ILE H 81 37.83 72.40 94.98
N ALA H 82 36.82 71.73 94.43
CA ALA H 82 35.49 71.82 95.02
C ALA H 82 35.46 71.24 96.42
N ARG H 83 36.07 70.07 96.61
CA ARG H 83 36.08 69.48 97.95
C ARG H 83 36.77 70.40 98.94
N ALA H 84 37.90 70.98 98.54
CA ALA H 84 38.61 71.88 99.45
C ALA H 84 37.76 73.10 99.80
N LEU H 85 37.06 73.66 98.82
CA LEU H 85 36.18 74.78 99.13
C LEU H 85 35.11 74.37 100.11
N LEU H 86 34.53 73.20 99.94
CA LEU H 86 33.59 72.68 100.92
C LEU H 86 34.21 72.66 102.30
N GLN H 87 35.49 72.30 102.39
CA GLN H 87 36.15 72.24 103.69
C GLN H 87 36.22 73.61 104.36
N VAL H 88 36.37 74.67 103.57
CA VAL H 88 36.52 76.01 104.15
C VAL H 88 35.28 76.37 104.96
N ASP H 89 34.13 76.46 104.29
CA ASP H 89 32.87 76.72 104.97
C ASP H 89 31.89 75.64 104.56
N PRO H 90 31.28 74.94 105.52
CA PRO H 90 30.30 73.90 105.16
C PRO H 90 29.03 74.46 104.56
N ASP H 91 28.83 75.78 104.58
CA ASP H 91 27.63 76.37 104.02
C ASP H 91 27.62 76.33 102.50
N PHE H 92 28.71 75.87 101.88
CA PHE H 92 28.78 75.81 100.42
C PHE H 92 28.18 74.54 99.85
N ARG H 93 27.88 73.56 100.68
CA ARG H 93 27.38 72.27 100.21
C ARG H 93 26.01 72.36 99.62
N SER H 94 25.45 73.52 99.33
CA SER H 94 24.19 73.62 98.61
C SER H 94 24.37 74.20 97.22
N ALA H 95 25.05 75.33 97.11
CA ALA H 95 25.30 75.92 95.79
C ALA H 95 26.14 74.99 94.94
N LEU H 96 27.21 74.44 95.51
CA LEU H 96 27.99 73.44 94.79
C LEU H 96 27.15 72.22 94.47
N LYS H 97 26.38 71.73 95.43
CA LYS H 97 25.59 70.53 95.22
C LYS H 97 24.61 70.68 94.07
N ARG H 98 24.03 71.86 93.89
CA ARG H 98 23.09 72.07 92.81
C ARG H 98 23.73 71.85 91.45
N ALA H 99 24.97 72.29 91.28
CA ALA H 99 25.61 72.36 89.98
C ALA H 99 26.60 71.22 89.74
N GLY H 100 26.25 70.03 90.19
CA GLY H 100 27.20 68.92 90.14
C GLY H 100 28.36 69.24 91.05
N LEU H 101 29.57 69.30 90.50
CA LEU H 101 30.74 69.89 91.14
C LEU H 101 31.07 69.25 92.47
N LEU H 102 30.42 68.16 92.84
CA LEU H 102 30.70 67.51 94.10
C LEU H 102 30.75 66.00 94.01
N THR H 103 30.44 65.42 92.86
CA THR H 103 30.32 63.98 92.69
C THR H 103 31.48 63.45 91.87
N ARG H 104 31.75 62.16 92.05
CA ARG H 104 32.77 61.47 91.29
C ARG H 104 32.14 60.89 90.05
N ASP H 105 32.77 61.06 88.90
CA ASP H 105 32.25 60.52 87.66
C ASP H 105 32.78 59.10 87.51
N ALA H 106 31.88 58.13 87.59
CA ALA H 106 32.26 56.72 87.54
C ALA H 106 32.15 56.16 86.13
N ARG H 107 32.68 56.87 85.16
CA ARG H 107 32.64 56.45 83.76
C ARG H 107 34.04 55.99 83.38
N MET H 108 34.31 54.72 83.60
CA MET H 108 35.61 54.14 83.31
C MET H 108 35.57 53.42 81.98
N VAL H 109 36.73 52.95 81.54
CA VAL H 109 36.86 52.27 80.26
C VAL H 109 36.31 50.86 80.41
N GLU H 110 35.27 50.55 79.64
CA GLU H 110 34.67 49.23 79.69
C GLU H 110 35.63 48.16 79.16
N ARG H 111 35.57 46.98 79.75
CA ARG H 111 36.53 45.94 79.42
C ARG H 111 36.16 45.25 78.13
N LYS H 112 37.18 44.71 77.46
CA LYS H 112 36.97 44.00 76.22
C LYS H 112 36.50 42.58 76.48
N LYS H 113 35.58 42.12 75.68
CA LYS H 113 35.08 40.77 75.77
C LYS H 113 35.68 39.90 74.68
N PRO H 114 35.83 38.61 74.91
CA PRO H 114 36.35 37.73 73.86
C PRO H 114 35.33 37.50 72.75
N GLY H 115 35.83 37.20 71.57
CA GLY H 115 34.99 37.03 70.42
C GLY H 115 34.46 38.31 69.82
N LEU H 116 34.77 39.45 70.42
CA LEU H 116 34.34 40.74 69.92
C LEU H 116 35.56 41.56 69.53
N LYS H 117 35.35 42.50 68.61
CA LYS H 117 36.45 43.35 68.17
C LYS H 117 36.85 44.34 69.25
N LYS H 118 35.87 44.86 69.97
CA LYS H 118 36.09 45.85 71.02
C LYS H 118 35.14 45.47 72.16
N ALA H 119 34.89 46.42 73.05
CA ALA H 119 33.94 46.18 74.13
C ALA H 119 32.56 45.85 73.58
N ARG H 120 32.15 46.46 72.47
CA ARG H 120 30.84 46.18 71.91
C ARG H 120 30.79 46.02 70.41
N LYS H 121 31.81 46.44 69.68
CA LYS H 121 31.81 46.31 68.22
C LYS H 121 32.11 44.87 67.84
N ALA H 122 31.27 44.30 66.99
CA ALA H 122 31.41 42.91 66.57
C ALA H 122 31.94 42.85 65.14
N SER H 123 32.25 41.63 64.70
CA SER H 123 32.83 41.43 63.38
C SER H 123 31.79 41.63 62.28
N GLN H 124 32.26 41.72 61.04
CA GLN H 124 31.35 41.92 59.92
C GLN H 124 30.75 40.59 59.49
N PHE H 125 29.48 40.64 59.12
CA PHE H 125 28.63 39.47 58.95
C PHE H 125 28.22 39.35 57.49
N SER H 126 27.85 38.14 57.08
CA SER H 126 27.37 37.92 55.72
C SER H 126 26.36 36.78 55.75
N LYS H 127 25.10 37.09 55.42
CA LYS H 127 24.00 36.14 55.50
C LYS H 127 24.22 34.90 54.66
N ARG H 128 25.23 34.90 53.78
CA ARG H 128 25.48 33.80 52.87
C ARG H 128 26.96 33.60 52.65
N GLN I 1 66.42 45.95 108.63
CA GLN I 1 67.55 46.26 109.49
C GLN I 1 68.23 44.98 109.95
N LYS I 2 69.17 44.53 109.12
CA LYS I 2 70.00 43.35 109.34
C LYS I 2 69.20 42.09 109.66
N ILE I 3 67.89 42.11 109.44
CA ILE I 3 67.07 40.90 109.39
C ILE I 3 65.71 41.24 108.83
N ARG I 4 65.18 40.41 107.92
CA ARG I 4 63.92 40.71 107.27
C ARG I 4 63.40 39.46 106.57
N ILE I 5 62.08 39.37 106.47
CA ILE I 5 61.40 38.18 105.97
C ILE I 5 60.74 38.51 104.64
N ARG I 6 60.25 37.47 103.95
CA ARG I 6 59.40 37.62 102.78
C ARG I 6 58.53 36.38 102.69
N LEU I 7 57.23 36.55 102.47
CA LEU I 7 56.31 35.43 102.41
C LEU I 7 55.40 35.56 101.21
N LYS I 8 55.37 34.52 100.37
CA LYS I 8 54.49 34.44 99.22
C LYS I 8 53.55 33.27 99.38
N ALA I 9 52.34 33.42 98.85
CA ALA I 9 51.31 32.39 98.96
C ALA I 9 50.18 32.72 98.01
N TYR I 10 49.29 31.74 97.81
CA TYR I 10 48.13 31.92 96.96
C TYR I 10 46.85 32.23 97.73
N GLU I 11 46.89 32.18 99.06
CA GLU I 11 45.73 32.44 99.90
C GLU I 11 46.11 33.44 100.99
N HIS I 12 45.44 34.59 100.98
CA HIS I 12 45.76 35.59 101.98
C HIS I 12 45.39 35.16 103.39
N ARG I 13 44.47 34.20 103.53
CA ARG I 13 44.14 33.70 104.86
C ARG I 13 45.34 33.03 105.51
N ILE I 14 45.89 32.03 104.83
CA ILE I 14 47.10 31.37 105.32
C ILE I 14 48.23 32.36 105.45
N LEU I 15 48.31 33.32 104.52
CA LEU I 15 49.40 34.29 104.57
C LEU I 15 49.36 35.11 105.85
N ASP I 16 48.20 35.72 106.15
CA ASP I 16 48.10 36.54 107.35
C ASP I 16 48.27 35.69 108.60
N GLN I 17 47.75 34.47 108.59
CA GLN I 17 47.91 33.58 109.73
C GLN I 17 49.38 33.38 110.08
N SER I 18 50.17 32.99 109.09
CA SER I 18 51.58 32.74 109.37
C SER I 18 52.33 34.02 109.70
N ALA I 19 51.95 35.14 109.09
CA ALA I 19 52.60 36.41 109.44
C ALA I 19 52.34 36.76 110.90
N ASP I 20 51.13 36.53 111.37
CA ASP I 20 50.86 36.78 112.79
C ASP I 20 51.63 35.81 113.67
N LYS I 21 51.77 34.56 113.24
CA LYS I 21 52.60 33.62 114.00
C LYS I 21 53.99 34.18 114.21
N ILE I 22 54.65 34.61 113.13
CA ILE I 22 56.04 35.06 113.27
C ILE I 22 56.11 36.36 114.05
N VAL I 23 55.17 37.28 113.83
CA VAL I 23 55.22 38.55 114.54
C VAL I 23 55.04 38.32 116.03
N GLU I 24 54.10 37.46 116.41
CA GLU I 24 53.86 37.19 117.82
C GLU I 24 55.05 36.51 118.47
N THR I 25 55.58 35.45 117.85
CA THR I 25 56.74 34.79 118.44
C THR I 25 58.01 35.61 118.30
N ALA I 26 57.98 36.74 117.61
CA ALA I 26 59.14 37.61 117.59
C ALA I 26 59.07 38.66 118.70
N LYS I 27 57.93 39.34 118.81
CA LYS I 27 57.77 40.33 119.87
C LYS I 27 57.56 39.71 121.24
N ARG I 28 57.41 38.38 121.32
CA ARG I 28 57.37 37.75 122.63
C ARG I 28 58.75 37.77 123.29
N THR I 29 59.80 37.59 122.50
CA THR I 29 61.16 37.55 123.03
C THR I 29 61.96 38.81 122.73
N GLY I 30 61.49 39.68 121.85
CA GLY I 30 62.22 40.91 121.57
C GLY I 30 61.38 42.16 121.63
N ALA I 31 61.41 42.96 120.56
CA ALA I 31 60.66 44.20 120.45
C ALA I 31 60.84 44.74 119.04
N ASP I 32 59.99 45.71 118.69
CA ASP I 32 60.15 46.52 117.48
C ASP I 32 60.27 45.65 116.23
N VAL I 33 59.14 45.03 115.89
CA VAL I 33 58.99 44.33 114.61
C VAL I 33 58.09 45.18 113.73
N SER I 34 58.61 45.58 112.57
CA SER I 34 57.82 46.36 111.64
C SER I 34 56.66 45.54 111.10
N GLY I 35 55.51 46.17 110.98
CA GLY I 35 54.28 45.48 110.69
C GLY I 35 54.33 44.65 109.43
N PRO I 36 53.41 43.71 109.30
CA PRO I 36 53.36 42.92 108.07
C PRO I 36 52.87 43.74 106.89
N ILE I 37 53.81 44.40 106.24
CA ILE I 37 53.49 45.34 105.15
C ILE I 37 53.01 44.56 103.93
N PRO I 38 51.90 44.94 103.32
CA PRO I 38 51.42 44.27 102.11
C PRO I 38 52.01 44.80 100.81
N LEU I 39 52.32 43.87 99.91
CA LEU I 39 52.89 44.13 98.60
C LEU I 39 51.87 43.84 97.50
N PRO I 40 52.10 44.35 96.27
CA PRO I 40 50.99 44.55 95.33
C PRO I 40 50.36 43.38 94.60
N THR I 41 50.57 42.12 94.98
CA THR I 41 49.70 41.02 94.52
C THR I 41 49.73 40.84 93.00
N GLU I 42 50.85 40.31 92.52
CA GLU I 42 50.98 39.95 91.10
C GLU I 42 49.80 39.12 90.62
N ARG I 43 49.50 39.22 89.32
CA ARG I 43 48.43 38.44 88.71
C ARG I 43 48.81 38.09 87.27
N SER I 44 48.43 36.90 86.83
CA SER I 44 48.58 36.46 85.45
C SER I 44 47.22 36.10 84.86
N LEU I 45 47.20 35.82 83.56
CA LEU I 45 45.96 35.64 82.83
C LEU I 45 46.20 34.68 81.67
N TYR I 46 45.36 33.65 81.56
CA TYR I 46 45.49 32.61 80.53
C TYR I 46 44.17 32.46 79.80
N THR I 47 44.16 32.72 78.50
CA THR I 47 42.99 32.53 77.66
C THR I 47 43.16 31.28 76.81
N VAL I 48 42.11 30.46 76.74
CA VAL I 48 42.17 29.16 76.09
C VAL I 48 40.88 28.94 75.30
N ILE I 49 40.98 28.17 74.22
CA ILE I 49 39.80 27.77 73.46
C ILE I 49 39.18 26.54 74.10
N ARG I 50 37.89 26.59 74.40
CA ARG I 50 37.26 25.52 75.15
C ARG I 50 36.53 24.52 74.25
N ALA I 51 37.18 24.08 73.20
CA ALA I 51 36.60 23.08 72.31
C ALA I 51 37.74 22.43 71.55
N THR I 52 37.59 21.14 71.28
CA THR I 52 38.72 20.37 70.79
C THR I 52 39.00 20.59 69.31
N HIS I 53 38.05 21.09 68.54
CA HIS I 53 38.34 21.07 67.11
C HIS I 53 38.12 22.39 66.39
N LYS I 54 37.10 23.16 66.76
CA LYS I 54 36.73 24.33 65.98
C LYS I 54 36.26 25.40 66.96
N TYR I 55 35.49 26.37 66.45
CA TYR I 55 34.84 27.37 67.28
C TYR I 55 35.87 28.19 68.07
N LYS I 56 36.59 29.04 67.34
CA LYS I 56 37.52 29.94 68.01
C LYS I 56 36.81 31.04 68.79
N ASP I 57 35.58 31.39 68.42
CA ASP I 57 34.95 32.57 68.97
C ASP I 57 34.25 32.32 70.30
N SER I 58 34.63 31.29 71.04
CA SER I 58 34.14 31.08 72.40
C SER I 58 35.27 30.52 73.24
N ARG I 59 35.68 31.27 74.26
CA ARG I 59 36.87 30.96 75.04
C ARG I 59 36.55 30.96 76.53
N GLU I 60 37.52 30.47 77.30
CA GLU I 60 37.43 30.41 78.77
C GLU I 60 38.75 30.91 79.34
N GLN I 61 38.68 31.81 80.32
CA GLN I 61 39.87 32.49 80.81
C GLN I 61 40.20 32.09 82.24
N PHE I 62 41.48 31.92 82.52
CA PHE I 62 41.97 31.52 83.84
C PHE I 62 42.97 32.54 84.35
N GLU I 63 43.35 32.39 85.61
CA GLU I 63 44.27 33.32 86.24
C GLU I 63 44.95 32.63 87.42
N MET I 64 45.98 33.28 87.95
CA MET I 64 46.69 32.77 89.12
C MET I 64 47.28 33.97 89.86
N ARG I 65 46.64 34.36 90.96
CA ARG I 65 47.17 35.45 91.78
C ARG I 65 48.21 34.93 92.76
N THR I 66 49.10 35.83 93.19
CA THR I 66 50.21 35.48 94.09
C THR I 66 50.36 36.59 95.12
N HIS I 67 49.84 36.37 96.32
CA HIS I 67 49.84 37.38 97.37
C HIS I 67 51.20 37.48 98.04
N LYS I 68 51.53 38.69 98.50
CA LYS I 68 52.86 38.97 99.02
C LYS I 68 52.75 39.72 100.34
N ARG I 69 53.79 39.58 101.17
CA ARG I 69 53.75 40.09 102.54
C ARG I 69 55.18 40.28 103.02
N LEU I 70 55.46 41.39 103.70
CA LEU I 70 56.81 41.76 104.10
C LEU I 70 56.88 42.08 105.59
N ILE I 71 57.96 41.61 106.23
CA ILE I 71 58.15 41.81 107.66
C ILE I 71 59.62 42.07 107.92
N ASP I 72 59.93 43.20 108.57
CA ASP I 72 61.30 43.57 108.93
C ASP I 72 61.43 43.59 110.45
N ILE I 73 62.55 43.07 110.94
CA ILE I 73 62.82 42.94 112.38
C ILE I 73 63.92 43.92 112.76
N VAL I 74 63.73 44.60 113.89
CA VAL I 74 64.64 45.64 114.34
C VAL I 74 65.21 45.24 115.69
N ASN I 75 66.55 45.24 115.80
CA ASN I 75 67.33 44.89 116.98
C ASN I 75 67.07 43.47 117.44
N PRO I 76 67.52 42.45 116.69
CA PRO I 76 67.38 41.06 117.14
C PRO I 76 68.23 40.77 118.36
N THR I 77 68.16 39.55 118.86
CA THR I 77 68.89 39.13 120.05
C THR I 77 69.24 37.66 119.91
N PRO I 78 70.31 37.20 120.57
CA PRO I 78 70.73 35.79 120.44
C PRO I 78 69.66 34.76 120.78
N LYS I 79 68.45 35.21 121.13
CA LYS I 79 67.33 34.29 121.29
C LYS I 79 66.31 34.41 120.17
N THR I 80 66.21 35.57 119.52
CA THR I 80 65.26 35.72 118.42
C THR I 80 65.69 34.87 117.22
N VAL I 81 66.99 34.82 116.93
CA VAL I 81 67.49 33.98 115.84
C VAL I 81 67.04 32.53 116.07
N ASP I 82 67.22 32.05 117.29
CA ASP I 82 66.81 30.68 117.63
C ASP I 82 65.30 30.53 117.49
N ALA I 83 64.54 31.36 118.20
CA ALA I 83 63.09 31.26 118.24
C ALA I 83 62.44 31.57 116.91
N LEU I 84 63.21 31.99 115.91
CA LEU I 84 62.69 32.26 114.58
C LEU I 84 63.04 31.18 113.57
N MET I 85 64.30 30.76 113.51
CA MET I 85 64.60 29.79 112.45
C MET I 85 64.01 28.41 112.71
N LYS I 86 63.19 28.19 113.73
CA LYS I 86 62.69 26.87 114.09
C LYS I 86 61.24 26.65 113.70
N LEU I 87 60.37 27.63 113.95
CA LEU I 87 58.97 27.54 113.54
C LEU I 87 58.87 27.41 112.02
N ASP I 88 57.99 26.52 111.55
CA ASP I 88 57.99 26.15 110.14
C ASP I 88 56.62 26.10 109.46
N LEU I 89 55.51 25.98 110.21
CA LEU I 89 54.21 25.80 109.59
C LEU I 89 53.83 27.01 108.74
N PRO I 90 52.92 26.83 107.76
CA PRO I 90 52.39 25.63 107.10
C PRO I 90 53.08 25.28 105.78
N SER I 91 52.42 24.44 104.98
CA SER I 91 53.07 23.75 103.87
C SER I 91 53.30 24.66 102.66
N GLY I 92 52.22 25.14 102.04
CA GLY I 92 52.33 25.78 100.75
C GLY I 92 52.53 27.28 100.77
N VAL I 93 53.49 27.74 101.56
CA VAL I 93 53.76 29.17 101.69
C VAL I 93 55.28 29.35 101.64
N ASN I 94 55.74 30.31 100.84
CA ASN I 94 57.17 30.48 100.63
C ASN I 94 57.76 31.39 101.70
N ILE I 95 58.89 31.01 102.27
CA ILE I 95 59.58 31.80 103.28
C ILE I 95 61.02 31.97 102.83
N GLU I 96 61.53 33.20 102.94
CA GLU I 96 62.87 33.51 102.47
C GLU I 96 63.44 34.59 103.38
N ILE I 97 64.36 34.19 104.27
CA ILE I 97 64.93 35.08 105.26
C ILE I 97 66.27 35.59 104.76
N LYS I 98 66.37 36.88 104.49
CA LYS I 98 67.62 37.51 104.10
C LYS I 98 68.06 38.49 105.17
N LEU I 99 69.34 38.42 105.52
CA LEU I 99 69.94 39.30 106.51
C LEU I 99 69.92 40.78 106.08
N LYS J 1 -8.94 80.89 21.30
CA LYS J 1 -9.99 80.82 20.30
C LYS J 1 -11.33 80.45 20.91
N LYS J 2 -12.38 81.14 20.47
CA LYS J 2 -13.77 80.96 20.88
C LYS J 2 -14.00 81.50 22.30
N ASN J 3 -12.93 81.85 23.00
CA ASN J 3 -12.96 82.49 24.31
C ASN J 3 -14.13 81.98 25.14
N ILE J 4 -14.18 80.66 25.30
CA ILE J 4 -15.37 80.02 25.86
C ILE J 4 -15.59 80.46 27.29
N GLU J 5 -14.57 80.30 28.15
CA GLU J 5 -14.60 80.72 29.54
C GLU J 5 -15.60 79.96 30.38
N SER J 6 -15.98 78.76 29.95
CA SER J 6 -16.90 77.92 30.69
C SER J 6 -16.79 76.49 30.18
N GLY J 7 -17.03 75.53 31.07
CA GLY J 7 -16.97 74.14 30.67
C GLY J 7 -17.19 73.22 31.85
N VAL J 8 -16.74 71.98 31.68
CA VAL J 8 -16.93 70.90 32.65
C VAL J 8 -15.81 69.90 32.47
N ALA J 9 -15.19 69.49 33.56
CA ALA J 9 -14.11 68.50 33.53
C ALA J 9 -14.68 67.10 33.69
N HIS J 10 -14.23 66.18 32.84
CA HIS J 10 -14.62 64.77 32.91
C HIS J 10 -13.43 63.97 33.38
N ILE J 11 -13.61 63.23 34.46
CA ILE J 11 -12.56 62.39 35.04
C ILE J 11 -12.97 60.94 34.92
N HIS J 12 -12.08 60.13 34.37
CA HIS J 12 -12.33 58.73 34.06
C HIS J 12 -11.14 57.96 34.63
N SER J 13 -11.30 57.39 35.82
CA SER J 13 -10.16 56.89 36.61
C SER J 13 -10.39 55.43 37.01
N THR J 14 -9.71 54.52 36.34
CA THR J 14 -9.91 53.11 36.61
C THR J 14 -8.88 52.62 37.62
N PHE J 15 -8.69 51.31 37.67
CA PHE J 15 -7.69 50.73 38.55
C PHE J 15 -6.28 50.81 38.00
N ASN J 16 -6.10 51.03 36.69
CA ASN J 16 -4.75 51.01 36.16
C ASN J 16 -4.50 52.10 35.13
N ASN J 17 -5.22 53.21 35.21
CA ASN J 17 -4.95 54.39 34.38
C ASN J 17 -5.80 55.53 34.92
N THR J 18 -5.69 56.68 34.27
CA THR J 18 -6.46 57.87 34.65
C THR J 18 -6.49 58.83 33.48
N ILE J 19 -7.69 59.22 33.06
CA ILE J 19 -7.89 60.16 31.95
C ILE J 19 -8.69 61.34 32.47
N VAL J 20 -8.27 62.54 32.09
CA VAL J 20 -9.03 63.74 32.37
C VAL J 20 -9.17 64.52 31.08
N MET J 21 -10.40 64.72 30.64
CA MET J 21 -10.72 65.54 29.49
C MET J 21 -11.56 66.71 29.94
N ILE J 22 -11.21 67.91 29.47
CA ILE J 22 -11.95 69.14 29.76
C ILE J 22 -12.65 69.54 28.48
N THR J 23 -13.98 69.50 28.49
CA THR J 23 -14.77 70.02 27.39
C THR J 23 -15.61 71.19 27.86
N ASP J 24 -16.19 71.89 26.91
CA ASP J 24 -16.99 73.07 27.21
C ASP J 24 -18.35 72.63 27.76
N THR J 25 -19.23 73.60 27.96
CA THR J 25 -20.51 73.36 28.62
C THR J 25 -21.41 72.44 27.81
N HIS J 26 -20.90 71.87 26.72
CA HIS J 26 -21.72 70.99 25.89
C HIS J 26 -20.80 70.26 24.91
N GLY J 27 -20.61 68.96 25.12
CA GLY J 27 -19.99 68.14 24.11
C GLY J 27 -18.56 68.49 23.74
N ASN J 28 -18.42 69.09 22.55
CA ASN J 28 -17.16 69.21 21.81
C ASN J 28 -15.95 69.46 22.71
N ALA J 29 -14.87 68.74 22.45
CA ALA J 29 -13.73 68.70 23.36
C ALA J 29 -12.71 69.79 23.02
N LEU J 30 -12.00 70.25 24.05
CA LEU J 30 -10.96 71.26 23.90
C LEU J 30 -9.57 70.71 24.22
N ALA J 31 -9.38 70.14 25.40
CA ALA J 31 -8.05 69.68 25.80
C ALA J 31 -8.19 68.45 26.70
N TRP J 32 -7.27 67.51 26.53
CA TRP J 32 -7.27 66.29 27.32
C TRP J 32 -5.85 65.89 27.63
N SER J 33 -5.72 64.84 28.44
CA SER J 33 -4.44 64.24 28.80
C SER J 33 -4.74 62.93 29.50
N SER J 34 -3.68 62.18 29.78
CA SER J 34 -3.75 60.95 30.56
C SER J 34 -2.34 60.56 30.96
N ALA J 35 -2.25 59.67 31.94
CA ALA J 35 -0.95 59.31 32.51
C ALA J 35 -0.04 58.68 31.48
N GLY J 36 -0.60 57.94 30.52
CA GLY J 36 0.24 57.34 29.50
C GLY J 36 0.89 58.36 28.59
N SER J 37 0.19 59.45 28.32
CA SER J 37 0.71 60.53 27.48
C SER J 37 1.73 61.39 28.19
N LEU J 38 2.18 60.95 29.36
CA LEU J 38 3.22 61.61 30.14
C LEU J 38 4.42 60.70 30.33
N GLY J 39 4.64 59.77 29.40
CA GLY J 39 5.76 58.87 29.46
C GLY J 39 5.67 57.76 30.48
N PHE J 40 4.79 57.87 31.47
CA PHE J 40 4.59 56.82 32.46
C PHE J 40 4.22 55.50 31.79
N LYS J 41 4.49 54.40 32.48
CA LYS J 41 4.24 53.07 31.94
C LYS J 41 3.79 52.13 33.03
N GLY J 42 2.93 51.18 32.66
CA GLY J 42 2.59 50.04 33.49
C GLY J 42 1.95 50.37 34.82
N SER J 43 2.60 49.95 35.91
CA SER J 43 2.03 50.11 37.24
C SER J 43 1.73 51.57 37.53
N LYS J 44 2.71 52.45 37.32
CA LYS J 44 2.67 53.82 37.80
C LYS J 44 1.49 54.61 37.26
N LYS J 45 0.81 54.15 36.22
CA LYS J 45 -0.26 54.95 35.64
C LYS J 45 -1.43 55.15 36.59
N SER J 46 -1.41 54.56 37.79
CA SER J 46 -2.54 54.65 38.71
C SER J 46 -2.24 55.38 40.00
N THR J 47 -1.00 55.76 40.26
CA THR J 47 -0.71 56.59 41.41
C THR J 47 -1.34 57.95 41.21
N PRO J 48 -1.64 58.67 42.29
CA PRO J 48 -2.25 60.00 42.13
C PRO J 48 -1.36 61.00 41.42
N PHE J 49 -0.03 60.94 41.63
CA PHE J 49 0.85 61.92 41.01
C PHE J 49 0.67 61.95 39.50
N ALA J 50 0.43 60.80 38.89
CA ALA J 50 0.10 60.78 37.47
C ALA J 50 -1.13 61.62 37.20
N ALA J 51 -2.17 61.45 38.03
CA ALA J 51 -3.36 62.26 37.86
C ALA J 51 -3.05 63.73 38.09
N GLN J 52 -2.14 64.02 39.02
CA GLN J 52 -1.70 65.39 39.25
C GLN J 52 -1.19 66.02 37.96
N MET J 53 -0.15 65.43 37.38
CA MET J 53 0.43 66.07 36.20
C MET J 53 -0.47 66.00 34.99
N ALA J 54 -1.36 65.01 34.91
CA ALA J 54 -2.28 64.98 33.78
C ALA J 54 -3.31 66.08 33.88
N ALA J 55 -3.86 66.28 35.07
CA ALA J 55 -4.74 67.43 35.28
C ALA J 55 -4.03 68.71 34.91
N GLU J 56 -2.76 68.84 35.29
CA GLU J 56 -2.02 70.04 34.95
C GLU J 56 -1.90 70.22 33.44
N ALA J 57 -1.46 69.17 32.75
CA ALA J 57 -1.26 69.29 31.30
C ALA J 57 -2.57 69.56 30.59
N ALA J 58 -3.71 69.23 31.18
CA ALA J 58 -4.97 69.59 30.55
C ALA J 58 -5.35 71.04 30.84
N THR J 59 -5.29 71.45 32.10
CA THR J 59 -5.61 72.83 32.45
C THR J 59 -4.77 73.79 31.63
N LYS J 60 -3.45 73.66 31.73
CA LYS J 60 -2.50 74.59 31.12
C LYS J 60 -2.83 74.90 29.67
N VAL J 61 -3.59 74.03 29.01
CA VAL J 61 -3.96 74.21 27.62
C VAL J 61 -5.38 74.73 27.55
N ALA J 62 -6.22 74.32 28.49
CA ALA J 62 -7.60 74.78 28.46
C ALA J 62 -7.69 76.27 28.76
N MET J 63 -6.85 76.75 29.68
CA MET J 63 -6.79 78.18 29.97
C MET J 63 -5.83 78.93 29.04
N GLU J 64 -5.24 78.25 28.07
CA GLU J 64 -4.65 78.89 26.91
C GLU J 64 -5.68 79.23 25.85
N HIS J 65 -6.97 79.12 26.19
CA HIS J 65 -8.06 79.56 25.35
C HIS J 65 -9.08 80.36 26.14
N GLY J 66 -8.85 80.59 27.43
CA GLY J 66 -9.70 81.43 28.24
C GLY J 66 -10.76 80.61 28.94
N LEU J 67 -10.58 80.32 30.22
CA LEU J 67 -11.48 79.39 30.89
C LEU J 67 -11.37 79.59 32.39
N LYS J 68 -12.50 79.91 33.02
CA LYS J 68 -12.59 79.87 34.48
C LYS J 68 -13.62 78.85 34.94
N THR J 69 -14.86 78.94 34.46
CA THR J 69 -15.93 78.10 34.99
C THR J 69 -15.73 76.64 34.60
N VAL J 70 -15.83 75.74 35.58
CA VAL J 70 -15.73 74.31 35.33
C VAL J 70 -16.49 73.57 36.42
N ASP J 71 -17.01 72.41 36.06
CA ASP J 71 -17.58 71.45 36.99
C ASP J 71 -16.76 70.17 36.90
N VAL J 72 -17.07 69.22 37.77
CA VAL J 72 -16.38 67.94 37.79
C VAL J 72 -17.40 66.82 37.86
N THR J 73 -17.41 65.97 36.84
CA THR J 73 -18.17 64.73 36.83
C THR J 73 -17.17 63.59 36.81
N VAL J 74 -17.16 62.80 37.87
CA VAL J 74 -16.17 61.74 38.05
C VAL J 74 -16.85 60.40 37.79
N LYS J 75 -16.44 59.73 36.72
CA LYS J 75 -16.74 58.33 36.49
C LYS J 75 -15.67 57.53 37.23
N GLY J 76 -15.47 56.27 36.87
CA GLY J 76 -14.20 55.66 37.17
C GLY J 76 -13.93 55.38 38.63
N PRO J 77 -14.51 54.33 39.17
CA PRO J 77 -14.22 53.99 40.57
C PRO J 77 -12.77 53.56 40.77
N GLY J 78 -11.87 54.53 40.75
CA GLY J 78 -10.47 54.32 41.04
C GLY J 78 -9.99 55.14 42.21
N SER J 79 -8.73 55.57 42.20
CA SER J 79 -8.10 56.13 43.41
C SER J 79 -7.82 57.62 43.33
N GLY J 80 -7.13 58.10 42.30
CA GLY J 80 -6.67 59.47 42.26
C GLY J 80 -7.70 60.53 41.86
N ARG J 81 -8.98 60.20 42.05
CA ARG J 81 -10.04 61.09 41.60
C ARG J 81 -9.96 62.46 42.26
N GLU J 82 -9.50 62.54 43.50
CA GLU J 82 -9.44 63.81 44.21
C GLU J 82 -8.12 64.54 44.03
N ALA J 83 -7.03 63.82 43.81
CA ALA J 83 -5.79 64.46 43.39
C ALA J 83 -5.99 65.19 42.07
N ALA J 84 -6.79 64.59 41.18
CA ALA J 84 -7.13 65.30 39.95
C ALA J 84 -7.77 66.65 40.25
N ILE J 85 -8.67 66.70 41.23
CA ILE J 85 -9.35 67.96 41.55
C ILE J 85 -8.38 68.95 42.17
N ARG J 86 -7.58 68.49 43.13
CA ARG J 86 -6.65 69.39 43.80
C ARG J 86 -5.67 70.00 42.81
N SER J 87 -5.30 69.28 41.76
CA SER J 87 -4.54 69.91 40.70
C SER J 87 -5.40 70.76 39.79
N LEU J 88 -6.70 70.48 39.69
CA LEU J 88 -7.56 71.23 38.80
C LEU J 88 -7.81 72.64 39.32
N GLN J 89 -7.85 72.81 40.65
CA GLN J 89 -8.07 74.14 41.22
C GLN J 89 -6.78 74.92 41.34
N ALA J 90 -5.75 74.31 41.92
CA ALA J 90 -4.51 74.96 42.33
C ALA J 90 -3.57 75.28 41.17
N THR J 91 -3.99 75.15 39.91
CA THR J 91 -3.24 75.72 38.80
C THR J 91 -4.10 76.69 38.00
N GLY J 92 -5.22 77.17 38.56
CA GLY J 92 -5.91 78.30 37.99
C GLY J 92 -7.41 78.22 37.79
N LEU J 93 -7.95 77.02 37.62
CA LEU J 93 -9.35 76.91 37.23
C LEU J 93 -10.27 77.20 38.42
N GLU J 94 -11.57 77.26 38.12
CA GLU J 94 -12.60 77.79 39.00
C GLU J 94 -13.69 76.76 39.24
N VAL J 95 -13.28 75.59 39.70
CA VAL J 95 -14.14 74.50 40.15
C VAL J 95 -15.30 75.03 40.99
N THR J 96 -16.52 74.58 40.69
CA THR J 96 -17.68 74.92 41.49
C THR J 96 -18.68 73.78 41.67
N ALA J 97 -18.57 72.70 40.91
CA ALA J 97 -19.46 71.55 41.08
C ALA J 97 -18.66 70.27 41.05
N ILE J 98 -18.96 69.39 42.00
CA ILE J 98 -18.51 68.01 41.97
C ILE J 98 -19.75 67.13 41.92
N ARG J 99 -19.70 66.11 41.07
CA ARG J 99 -20.79 65.13 40.96
C ARG J 99 -20.17 63.78 40.66
N ASP J 100 -20.87 62.72 41.02
CA ASP J 100 -20.42 61.36 40.71
C ASP J 100 -21.32 60.75 39.64
N VAL J 101 -20.71 60.27 38.58
CA VAL J 101 -21.42 59.59 37.50
C VAL J 101 -20.80 58.19 37.37
N THR J 102 -21.34 57.24 38.12
CA THR J 102 -20.87 55.88 37.99
C THR J 102 -22.03 55.02 37.51
N PRO J 103 -21.90 54.35 36.38
CA PRO J 103 -22.98 53.49 35.91
C PRO J 103 -23.28 52.40 36.92
N VAL J 104 -24.53 52.35 37.36
CA VAL J 104 -24.97 51.29 38.25
C VAL J 104 -26.11 50.56 37.54
N PRO J 105 -25.87 49.34 37.07
CA PRO J 105 -26.96 48.57 36.47
C PRO J 105 -27.97 48.16 37.53
N HIS J 106 -29.21 47.99 37.09
CA HIS J 106 -30.28 47.54 37.97
C HIS J 106 -30.45 46.03 37.86
N ASN J 107 -29.30 45.33 37.82
CA ASN J 107 -29.17 43.89 37.57
C ASN J 107 -29.56 43.48 36.16
N GLY J 108 -28.77 43.91 35.17
CA GLY J 108 -29.03 43.56 33.79
C GLY J 108 -28.10 42.57 33.12
N CYS J 109 -26.79 42.78 33.20
CA CYS J 109 -25.82 41.99 32.44
C CYS J 109 -24.90 41.24 33.38
N ARG J 110 -24.29 40.19 32.86
CA ARG J 110 -23.57 39.20 33.65
C ARG J 110 -22.07 39.44 33.59
N PRO J 111 -21.38 39.50 34.73
CA PRO J 111 -19.96 39.87 34.73
C PRO J 111 -19.07 38.66 34.58
N PRO J 112 -17.79 38.86 34.21
CA PRO J 112 -16.91 37.73 33.91
C PRO J 112 -16.52 36.83 35.08
N LYS J 113 -15.80 35.76 34.79
CA LYS J 113 -15.36 34.81 35.81
C LYS J 113 -14.58 35.51 36.91
N ARG J 114 -14.63 34.94 38.10
CA ARG J 114 -13.79 35.37 39.21
C ARG J 114 -12.40 34.78 39.05
N ARG J 115 -11.38 35.61 39.18
CA ARG J 115 -10.00 35.16 38.94
C ARG J 115 -9.47 34.34 40.10
N ARG J 116 -8.82 33.22 39.78
CA ARG J 116 -8.22 32.34 40.79
C ARG J 116 -6.71 32.60 40.86
N VAL J 117 -6.35 33.68 41.55
CA VAL J 117 -4.94 34.03 41.73
C VAL J 117 -4.41 33.50 43.07
N PRO K 1 -37.90 -4.42 62.16
CA PRO K 1 -39.10 -4.22 61.35
C PRO K 1 -40.36 -4.35 62.17
N THR K 2 -41.48 -3.83 61.67
CA THR K 2 -42.75 -4.27 62.22
C THR K 2 -42.89 -5.76 61.99
N ILE K 3 -43.72 -6.43 62.78
CA ILE K 3 -43.86 -7.86 62.55
C ILE K 3 -44.69 -8.17 61.32
N ASN K 4 -45.33 -7.16 60.74
CA ASN K 4 -46.02 -7.37 59.47
C ASN K 4 -45.04 -7.39 58.31
N GLN K 5 -44.03 -6.52 58.36
CA GLN K 5 -42.95 -6.57 57.38
C GLN K 5 -42.23 -7.90 57.44
N LEU K 6 -41.99 -8.42 58.64
CA LEU K 6 -41.33 -9.71 58.80
C LEU K 6 -42.15 -10.84 58.21
N VAL K 7 -43.46 -10.78 58.40
CA VAL K 7 -44.36 -11.81 57.87
C VAL K 7 -44.43 -11.72 56.35
N ARG K 8 -44.34 -10.51 55.78
CA ARG K 8 -44.32 -10.39 54.33
C ARG K 8 -43.01 -10.90 53.73
N LYS K 9 -41.91 -10.74 54.43
CA LYS K 9 -40.61 -11.13 53.90
C LYS K 9 -39.69 -11.50 55.04
N PRO K 10 -39.41 -12.79 55.23
CA PRO K 10 -38.73 -13.26 56.44
C PRO K 10 -37.26 -12.88 56.55
N ARG K 11 -36.60 -13.38 57.58
CA ARG K 11 -35.17 -13.14 57.77
C ARG K 11 -34.35 -14.22 57.07
N LYS K 12 -33.22 -13.80 56.51
CA LYS K 12 -32.34 -14.69 55.79
C LYS K 12 -30.92 -14.50 56.33
N SER K 13 -30.23 -15.59 56.58
CA SER K 13 -28.89 -15.48 57.15
C SER K 13 -27.83 -15.64 56.06
N LYS K 14 -26.57 -15.49 56.45
CA LYS K 14 -25.42 -15.60 55.58
C LYS K 14 -25.04 -17.07 55.38
N VAL K 15 -24.36 -17.33 54.27
CA VAL K 15 -23.97 -18.67 53.90
C VAL K 15 -22.46 -18.82 54.10
N GLU K 16 -22.06 -19.88 54.79
CA GLU K 16 -20.66 -20.13 55.11
C GLU K 16 -20.04 -21.02 54.04
N LYS K 17 -18.73 -20.87 53.85
CA LYS K 17 -18.01 -21.67 52.88
C LYS K 17 -16.69 -22.17 53.46
N SER K 18 -16.33 -23.39 53.09
CA SER K 18 -15.07 -23.98 53.50
C SER K 18 -13.89 -23.16 53.01
N ASP K 19 -12.72 -23.47 53.57
CA ASP K 19 -11.45 -23.01 53.05
C ASP K 19 -10.61 -24.15 52.50
N SER K 20 -11.18 -25.32 52.34
CA SER K 20 -10.52 -26.46 51.70
C SER K 20 -11.41 -27.01 50.61
N PRO K 21 -11.85 -26.18 49.68
CA PRO K 21 -12.97 -26.59 48.82
C PRO K 21 -12.63 -27.70 47.84
N ALA K 22 -11.38 -27.91 47.52
CA ALA K 22 -10.99 -29.01 46.65
C ALA K 22 -10.98 -30.35 47.37
N LEU K 23 -11.54 -30.44 48.57
CA LEU K 23 -11.64 -31.70 49.26
C LEU K 23 -13.07 -32.21 49.36
N ASN K 24 -14.00 -31.53 48.70
CA ASN K 24 -15.34 -32.05 48.40
C ASN K 24 -15.42 -32.25 46.88
N LYS K 25 -15.09 -33.44 46.43
CA LYS K 25 -14.85 -33.70 45.02
C LYS K 25 -15.79 -34.78 44.50
N GLY K 26 -15.59 -35.13 43.24
CA GLY K 26 -16.36 -36.16 42.58
C GLY K 26 -15.58 -36.67 41.40
N TYR K 27 -15.89 -37.85 40.90
CA TYR K 27 -15.01 -38.44 39.91
C TYR K 27 -15.16 -37.71 38.58
N ASN K 28 -14.24 -38.00 37.67
CA ASN K 28 -14.41 -37.65 36.26
C ASN K 28 -14.24 -38.90 35.42
N SER K 29 -15.02 -39.95 35.71
CA SER K 29 -14.85 -41.24 35.05
C SER K 29 -15.95 -41.55 34.05
N PHE K 30 -17.21 -41.63 34.52
CA PHE K 30 -18.30 -42.01 33.63
C PHE K 30 -19.07 -40.79 33.11
N LYS K 31 -19.60 -39.95 34.00
CA LYS K 31 -20.37 -38.79 33.55
C LYS K 31 -19.77 -37.45 33.97
N LYS K 32 -19.66 -37.16 35.27
CA LYS K 32 -19.34 -35.80 35.75
C LYS K 32 -18.93 -35.85 37.22
N THR K 33 -18.84 -34.68 37.84
CA THR K 33 -18.24 -34.53 39.17
C THR K 33 -19.31 -34.22 40.22
N GLN K 34 -19.32 -34.98 41.30
CA GLN K 34 -20.40 -35.00 42.28
C GLN K 34 -19.94 -34.35 43.58
N THR K 35 -20.79 -33.50 44.14
CA THR K 35 -20.47 -32.80 45.39
C THR K 35 -21.39 -33.28 46.51
N ASN K 36 -21.00 -34.38 47.15
CA ASN K 36 -21.61 -34.76 48.42
C ASN K 36 -20.60 -35.34 49.40
N VAL K 37 -19.37 -35.56 48.98
CA VAL K 37 -18.59 -36.68 49.50
C VAL K 37 -17.37 -36.17 50.25
N ASN K 38 -17.58 -35.17 51.10
CA ASN K 38 -16.56 -34.59 51.96
C ASN K 38 -15.53 -35.60 52.40
N SER K 39 -14.27 -35.34 52.09
CA SER K 39 -13.15 -36.20 52.43
C SER K 39 -12.24 -35.53 53.45
N PRO K 40 -11.58 -36.29 54.27
CA PRO K 40 -10.54 -35.73 55.11
C PRO K 40 -9.22 -35.55 54.36
N GLN K 41 -8.89 -36.43 53.40
CA GLN K 41 -7.72 -36.28 52.55
C GLN K 41 -8.05 -36.67 51.12
N LYS K 42 -7.17 -36.27 50.19
CA LYS K 42 -7.20 -36.67 48.80
C LYS K 42 -5.77 -36.96 48.38
N ARG K 43 -5.60 -37.73 47.31
CA ARG K 43 -4.26 -38.01 46.84
C ARG K 43 -4.08 -37.50 45.42
N GLY K 44 -2.82 -37.52 44.97
CA GLY K 44 -2.51 -36.99 43.66
C GLY K 44 -1.08 -37.27 43.28
N VAL K 45 -0.70 -36.74 42.13
CA VAL K 45 0.63 -36.91 41.56
C VAL K 45 1.23 -35.52 41.35
N CYS K 46 2.48 -35.35 41.75
CA CYS K 46 3.09 -34.03 41.75
C CYS K 46 3.68 -33.73 40.39
N THR K 47 3.20 -32.66 39.76
CA THR K 47 3.61 -32.26 38.43
C THR K 47 4.74 -31.26 38.42
N ARG K 48 5.24 -30.84 39.59
CA ARG K 48 6.43 -30.01 39.69
C ARG K 48 6.82 -29.92 41.15
N VAL K 49 7.99 -29.33 41.38
CA VAL K 49 8.60 -29.24 42.69
C VAL K 49 9.30 -27.89 42.77
N GLY K 50 9.95 -27.62 43.90
CA GLY K 50 10.76 -26.43 43.95
C GLY K 50 10.59 -25.55 45.18
N THR K 51 10.73 -24.24 45.00
CA THR K 51 10.85 -23.33 46.12
C THR K 51 10.19 -22.01 45.77
N MET K 52 9.84 -21.24 46.81
CA MET K 52 9.28 -19.92 46.62
C MET K 52 9.52 -19.08 47.88
N THR K 53 9.42 -17.75 47.70
CA THR K 53 9.82 -16.76 48.70
C THR K 53 8.59 -16.17 49.39
N PRO K 54 8.62 -16.03 50.71
CA PRO K 54 7.41 -15.62 51.43
C PRO K 54 7.05 -14.15 51.30
N LYS K 55 6.01 -13.77 52.03
CA LYS K 55 5.43 -12.43 52.02
C LYS K 55 6.26 -11.49 52.89
N LYS K 56 5.68 -10.37 53.27
CA LYS K 56 6.30 -9.35 54.11
C LYS K 56 5.88 -9.53 55.56
N PRO K 57 6.80 -9.55 56.55
CA PRO K 57 8.25 -9.39 56.47
C PRO K 57 9.08 -10.63 56.71
N ASN K 58 8.61 -11.80 56.30
CA ASN K 58 9.43 -12.99 56.45
C ASN K 58 10.47 -13.08 55.34
N SER K 59 11.34 -14.07 55.43
CA SER K 59 12.41 -14.22 54.44
C SER K 59 12.88 -15.66 54.46
N ALA K 60 12.66 -16.39 53.36
CA ALA K 60 13.10 -17.78 53.25
C ALA K 60 12.87 -18.25 51.81
N LEU K 61 13.12 -19.53 51.59
CA LEU K 61 12.77 -20.20 50.35
C LEU K 61 11.97 -21.44 50.76
N ARG K 62 10.66 -21.37 50.67
CA ARG K 62 9.77 -22.39 51.22
C ARG K 62 9.43 -23.42 50.16
N LYS K 63 9.60 -24.69 50.50
CA LYS K 63 9.41 -25.80 49.56
C LYS K 63 7.93 -26.08 49.33
N TYR K 64 7.58 -26.45 48.10
CA TYR K 64 6.20 -26.65 47.71
C TYR K 64 6.14 -27.59 46.52
N ALA K 65 4.92 -27.95 46.12
CA ALA K 65 4.70 -28.78 44.95
C ALA K 65 3.39 -28.36 44.30
N ARG K 66 3.17 -28.82 43.08
CA ARG K 66 1.87 -28.72 42.45
C ARG K 66 1.37 -30.12 42.15
N VAL K 67 0.09 -30.35 42.40
CA VAL K 67 -0.44 -31.69 42.49
C VAL K 67 -1.77 -31.73 41.75
N ARG K 68 -1.97 -32.79 40.99
CA ARG K 68 -3.25 -33.03 40.34
C ARG K 68 -3.97 -34.11 41.12
N LEU K 69 -5.24 -33.87 41.42
CA LEU K 69 -5.95 -34.73 42.34
C LEU K 69 -6.86 -35.69 41.58
N SER K 70 -7.31 -36.73 42.28
CA SER K 70 -8.13 -37.77 41.66
C SER K 70 -9.34 -37.20 40.94
N ASN K 71 -9.87 -36.09 41.41
CA ASN K 71 -11.02 -35.47 40.78
C ASN K 71 -10.61 -34.46 39.71
N LEU K 72 -9.32 -34.34 39.44
CA LEU K 72 -8.81 -33.56 38.32
C LEU K 72 -9.08 -32.07 38.50
N ILE K 73 -8.67 -31.53 39.66
CA ILE K 73 -8.52 -30.10 39.84
C ILE K 73 -7.19 -29.87 40.53
N GLU K 74 -6.52 -28.79 40.16
CA GLU K 74 -5.12 -28.59 40.50
C GLU K 74 -4.94 -27.51 41.55
N VAL K 75 -4.01 -27.76 42.46
CA VAL K 75 -3.75 -26.93 43.61
C VAL K 75 -2.29 -27.11 43.96
N THR K 76 -1.71 -26.12 44.63
CA THR K 76 -0.38 -26.24 45.17
C THR K 76 -0.45 -26.53 46.67
N ALA K 77 0.59 -27.16 47.18
CA ALA K 77 0.58 -27.69 48.53
C ALA K 77 1.97 -27.61 49.15
N TYR K 78 2.02 -27.22 50.42
CA TYR K 78 3.27 -27.07 51.13
C TYR K 78 3.79 -28.42 51.59
N ILE K 79 5.09 -28.61 51.54
CA ILE K 79 5.74 -29.81 52.06
C ILE K 79 6.55 -29.41 53.28
N PRO K 80 6.17 -29.83 54.49
CA PRO K 80 6.84 -29.34 55.69
C PRO K 80 8.03 -30.19 56.15
N GLY K 81 8.58 -29.87 57.32
CA GLY K 81 9.71 -30.59 57.86
C GLY K 81 11.02 -30.11 57.26
N ILE K 82 12.11 -30.77 57.68
CA ILE K 82 13.45 -30.48 57.20
C ILE K 82 13.85 -31.61 56.26
N GLY K 83 13.84 -31.34 54.96
CA GLY K 83 14.38 -32.29 53.99
C GLY K 83 13.42 -33.36 53.53
N HIS K 84 13.17 -33.44 52.23
CA HIS K 84 12.23 -34.43 51.71
C HIS K 84 12.86 -35.28 50.61
N ASN K 85 12.04 -36.05 49.90
CA ASN K 85 12.48 -36.92 48.81
C ASN K 85 11.47 -36.94 47.66
N LEU K 86 10.85 -35.81 47.36
CA LEU K 86 9.78 -35.77 46.37
C LEU K 86 10.30 -35.32 45.02
N GLN K 87 10.03 -36.11 43.99
CA GLN K 87 10.40 -35.79 42.61
C GLN K 87 9.18 -35.88 41.72
N GLU K 88 9.32 -35.38 40.50
CA GLU K 88 8.25 -35.38 39.50
C GLU K 88 7.62 -36.76 39.36
N HIS K 89 6.29 -36.80 39.37
CA HIS K 89 5.49 -38.01 39.13
C HIS K 89 5.55 -38.99 40.31
N SER K 90 5.65 -38.49 41.52
CA SER K 90 5.50 -39.32 42.71
C SER K 90 4.17 -38.99 43.37
N VAL K 91 3.53 -40.01 43.93
CA VAL K 91 2.14 -39.91 44.38
C VAL K 91 2.12 -39.60 45.87
N VAL K 92 1.26 -38.67 46.25
CA VAL K 92 1.31 -38.00 47.54
C VAL K 92 -0.11 -37.91 48.09
N LEU K 93 -0.23 -37.46 49.34
CA LEU K 93 -1.52 -37.32 50.03
C LEU K 93 -1.62 -35.96 50.69
N LEU K 94 -2.77 -35.31 50.54
CA LEU K 94 -2.99 -33.96 51.01
C LEU K 94 -3.99 -33.90 52.15
N ARG K 95 -3.77 -32.98 53.07
CA ARG K 95 -4.72 -32.67 54.13
C ARG K 95 -4.92 -31.17 54.16
N GLY K 96 -5.91 -30.73 54.90
CA GLY K 96 -6.18 -29.32 55.00
C GLY K 96 -5.22 -28.60 55.92
N GLY K 97 -5.17 -27.30 55.77
CA GLY K 97 -4.20 -26.49 56.48
C GLY K 97 -3.63 -25.47 55.54
N ARG K 98 -3.77 -24.19 55.86
CA ARG K 98 -3.33 -23.12 54.98
C ARG K 98 -2.08 -22.47 55.55
N VAL K 99 -1.11 -22.23 54.69
CA VAL K 99 0.13 -21.58 55.07
C VAL K 99 -0.02 -20.08 54.89
N LYS K 100 0.60 -19.29 55.78
CA LYS K 100 0.55 -17.84 55.70
C LYS K 100 1.85 -17.24 55.15
N ASP K 101 2.44 -17.89 54.16
CA ASP K 101 3.66 -17.42 53.51
C ASP K 101 3.36 -16.65 52.22
N LEU K 102 2.50 -17.19 51.38
CA LEU K 102 2.18 -16.62 50.08
C LEU K 102 0.77 -17.05 49.73
N PRO K 103 0.12 -16.37 48.79
CA PRO K 103 -1.24 -16.76 48.40
C PRO K 103 -1.22 -18.05 47.60
N GLY K 104 -2.42 -18.62 47.45
CA GLY K 104 -2.63 -19.74 46.57
C GLY K 104 -2.28 -21.10 47.13
N VAL K 105 -1.86 -21.19 48.38
CA VAL K 105 -1.55 -22.48 48.99
C VAL K 105 -2.49 -22.67 50.18
N ARG K 106 -3.25 -23.79 50.17
CA ARG K 106 -4.25 -24.08 51.18
C ARG K 106 -4.16 -25.49 51.73
N TYR K 107 -3.12 -26.25 51.42
CA TYR K 107 -3.08 -27.66 51.81
C TYR K 107 -1.69 -27.99 52.32
N HIS K 108 -1.59 -29.12 52.99
CA HIS K 108 -0.32 -29.69 53.44
C HIS K 108 -0.21 -31.11 52.91
N ILE K 109 0.97 -31.54 52.56
CA ILE K 109 1.12 -32.96 52.32
C ILE K 109 1.43 -33.61 53.65
N VAL K 110 1.07 -34.87 53.81
CA VAL K 110 1.29 -35.59 55.05
C VAL K 110 2.49 -36.51 54.87
N ARG K 111 3.45 -36.39 55.78
CA ARG K 111 4.71 -37.10 55.65
C ARG K 111 4.56 -38.57 56.03
N GLY K 112 5.23 -39.42 55.28
CA GLY K 112 5.23 -40.84 55.58
C GLY K 112 3.92 -41.55 55.35
N ALA K 113 3.22 -41.24 54.26
CA ALA K 113 1.92 -41.82 53.99
C ALA K 113 1.79 -42.48 52.64
N LEU K 114 2.66 -42.14 51.69
CA LEU K 114 2.73 -42.74 50.37
C LEU K 114 4.19 -42.60 49.97
N ASP K 115 4.48 -42.43 48.68
CA ASP K 115 5.83 -42.16 48.24
C ASP K 115 6.61 -41.16 49.09
N THR K 116 5.94 -40.22 49.74
CA THR K 116 6.63 -39.28 50.62
C THR K 116 7.15 -39.98 51.87
N ALA K 117 8.23 -39.43 52.44
CA ALA K 117 8.96 -40.12 53.50
C ALA K 117 9.11 -39.26 54.75
N GLY K 118 9.09 -39.92 55.90
CA GLY K 118 9.27 -39.21 57.15
C GLY K 118 10.66 -38.60 57.27
N VAL K 119 10.74 -37.52 58.04
CA VAL K 119 12.01 -36.82 58.24
C VAL K 119 12.85 -37.61 59.22
N ASN K 120 14.17 -37.60 59.03
CA ASN K 120 15.06 -38.58 59.62
C ASN K 120 16.03 -38.00 60.64
N ASP K 121 15.60 -37.03 61.42
CA ASP K 121 16.29 -36.68 62.63
C ASP K 121 15.38 -36.60 63.84
N ARG K 122 14.07 -36.50 63.63
CA ARG K 122 13.21 -36.01 64.68
C ARG K 122 13.23 -36.91 65.89
N LYS K 123 13.05 -36.28 67.05
CA LYS K 123 12.95 -37.00 68.28
C LYS K 123 11.81 -36.53 69.15
N GLN K 124 11.10 -35.47 68.78
CA GLN K 124 10.21 -34.86 69.76
C GLN K 124 8.74 -34.81 69.36
N SER K 125 8.40 -34.63 68.11
CA SER K 125 6.98 -34.71 67.72
C SER K 125 6.83 -35.55 66.46
N ARG K 126 7.33 -36.78 66.52
CA ARG K 126 7.39 -37.67 65.37
C ARG K 126 6.03 -38.14 64.88
N SER K 127 4.96 -37.95 65.63
CA SER K 127 3.65 -38.36 65.13
C SER K 127 3.20 -37.49 63.97
N LYS K 128 3.46 -36.18 64.03
CA LYS K 128 3.59 -35.40 62.82
C LYS K 128 4.95 -35.71 62.21
N TYR K 129 5.12 -35.37 60.94
CA TYR K 129 6.38 -35.62 60.23
C TYR K 129 6.64 -37.10 59.97
N GLY K 130 5.81 -38.01 60.50
CA GLY K 130 5.88 -39.41 60.15
C GLY K 130 7.19 -40.13 60.40
N THR K 131 7.75 -39.97 61.58
CA THR K 131 8.97 -40.65 61.97
C THR K 131 8.63 -41.80 62.89
N LYS K 132 9.29 -42.94 62.68
CA LYS K 132 9.07 -44.05 63.58
C LYS K 132 9.95 -43.93 64.79
N ARG K 133 9.61 -44.69 65.82
CA ARG K 133 10.31 -44.62 67.09
C ARG K 133 11.68 -45.25 66.99
N PRO K 134 12.75 -44.52 67.27
CA PRO K 134 14.09 -45.11 67.17
C PRO K 134 14.58 -45.66 68.50
N LYS K 135 15.30 -46.79 68.42
CA LYS K 135 16.03 -47.26 69.59
C LYS K 135 17.17 -46.32 69.95
N ALA K 136 17.56 -45.45 69.03
CA ALA K 136 18.56 -44.41 69.25
C ALA K 136 19.90 -45.01 69.66
N ALA L 1 70.36 73.44 30.29
CA ALA L 1 68.98 73.39 29.82
C ALA L 1 68.29 72.16 30.40
N ARG L 2 67.68 72.31 31.56
CA ARG L 2 67.60 73.59 32.26
C ARG L 2 68.81 73.81 33.14
N ILE L 3 69.04 72.89 34.08
CA ILE L 3 70.23 72.95 34.93
C ILE L 3 70.89 71.58 34.92
N ALA L 4 70.18 70.57 34.41
CA ALA L 4 70.72 69.22 34.29
C ALA L 4 69.79 68.41 33.42
N GLY L 5 70.36 67.62 32.51
CA GLY L 5 69.52 66.81 31.67
C GLY L 5 68.56 67.66 30.87
N VAL L 6 67.30 67.73 31.29
CA VAL L 6 66.37 68.65 30.67
C VAL L 6 65.32 69.12 31.69
N ASP L 7 65.11 70.44 31.72
CA ASP L 7 63.86 71.08 32.12
C ASP L 7 63.49 70.87 33.59
N ILE L 8 64.31 71.42 34.47
CA ILE L 8 63.91 71.57 35.87
C ILE L 8 62.79 72.60 35.95
N PRO L 9 61.67 72.29 36.59
CA PRO L 9 60.49 73.15 36.49
C PRO L 9 60.73 74.52 37.10
N ARG L 10 59.80 75.41 36.82
CA ARG L 10 59.81 76.78 37.33
C ARG L 10 58.90 76.89 38.55
N ASP L 11 58.90 78.07 39.15
CA ASP L 11 57.94 78.51 40.16
C ASP L 11 58.05 77.75 41.48
N LYS L 12 58.89 76.73 41.58
CA LYS L 12 59.06 75.94 42.79
C LYS L 12 60.46 76.15 43.35
N ARG L 13 60.63 75.80 44.62
CA ARG L 13 61.97 75.86 45.22
C ARG L 13 62.88 74.81 44.60
N VAL L 14 64.19 75.02 44.77
CA VAL L 14 65.16 74.15 44.12
C VAL L 14 65.20 72.79 44.78
N VAL L 15 65.00 72.71 46.11
CA VAL L 15 65.08 71.45 46.83
C VAL L 15 64.02 70.47 46.35
N VAL L 16 62.97 70.96 45.70
CA VAL L 16 61.92 70.11 45.17
C VAL L 16 62.01 69.98 43.66
N SER L 17 62.32 71.05 42.95
CA SER L 17 62.39 70.97 41.50
C SER L 17 63.56 70.10 41.06
N LEU L 18 64.61 70.00 41.86
CA LEU L 18 65.71 69.12 41.53
C LEU L 18 65.35 67.64 41.62
N THR L 19 64.17 67.32 42.15
CA THR L 19 63.74 65.93 42.23
C THR L 19 63.40 65.37 40.86
N TYR L 20 63.02 66.23 39.94
CA TYR L 20 62.49 65.81 38.64
C TYR L 20 63.54 65.27 37.72
N ILE L 21 64.77 65.01 38.11
CA ILE L 21 65.75 64.36 37.24
C ILE L 21 65.98 62.95 37.74
N TYR L 22 65.96 61.98 36.82
CA TYR L 22 65.92 60.57 37.14
C TYR L 22 67.20 60.17 37.85
N GLY L 23 67.13 60.02 39.17
CA GLY L 23 68.29 59.66 39.94
C GLY L 23 68.55 60.59 41.09
N ILE L 24 67.70 61.59 41.28
CA ILE L 24 67.79 62.54 42.38
C ILE L 24 66.51 62.45 43.17
N GLY L 25 66.59 61.94 44.39
CA GLY L 25 65.42 61.76 45.21
C GLY L 25 65.13 62.97 46.06
N ASN L 26 65.24 62.83 47.37
CA ASN L 26 65.02 63.95 48.26
C ASN L 26 66.23 64.28 49.13
N THR L 27 66.92 63.29 49.67
CA THR L 27 68.11 63.57 50.44
C THR L 27 69.29 63.91 49.54
N THR L 28 69.30 63.36 48.32
CA THR L 28 70.36 63.69 47.39
C THR L 28 70.31 65.15 46.98
N ALA L 29 69.11 65.70 46.78
CA ALA L 29 68.98 67.11 46.48
C ALA L 29 69.49 67.96 47.64
N LYS L 30 69.16 67.56 48.87
CA LYS L 30 69.68 68.25 50.04
C LYS L 30 71.20 68.27 50.04
N LYS L 31 71.81 67.11 49.82
CA LYS L 31 73.27 67.04 49.90
C LYS L 31 73.93 67.84 48.78
N VAL L 32 73.36 67.80 47.59
CA VAL L 32 73.90 68.58 46.48
C VAL L 32 73.82 70.07 46.79
N LEU L 33 72.64 70.54 47.19
CA LEU L 33 72.48 71.96 47.50
C LEU L 33 73.28 72.38 48.71
N ALA L 34 73.67 71.45 49.59
CA ALA L 34 74.46 71.83 50.74
C ALA L 34 75.96 71.85 50.46
N ASN L 35 76.45 70.99 49.56
CA ASN L 35 77.88 71.06 49.22
C ASN L 35 78.24 72.37 48.54
N VAL L 36 77.26 73.16 48.12
CA VAL L 36 77.50 74.47 47.52
C VAL L 36 77.16 75.59 48.49
N GLY L 37 75.95 75.60 49.02
CA GLY L 37 75.54 76.66 49.91
C GLY L 37 74.37 77.45 49.38
N VAL L 38 73.48 76.78 48.65
CA VAL L 38 72.30 77.40 48.07
C VAL L 38 71.09 76.98 48.89
N SER L 39 70.26 77.96 49.27
CA SER L 39 69.01 77.72 49.97
C SER L 39 67.85 77.83 48.98
N GLU L 40 66.63 77.91 49.52
CA GLU L 40 65.42 77.85 48.69
C GLU L 40 64.92 79.24 48.33
N ASP L 41 64.48 80.00 49.33
CA ASP L 41 64.46 81.46 49.31
C ASP L 41 63.80 82.02 48.05
N VAL L 42 62.48 81.84 47.97
CA VAL L 42 61.66 81.28 49.05
C VAL L 42 60.82 80.12 48.54
N ARG L 43 59.96 80.41 47.56
CA ARG L 43 59.20 79.40 46.83
C ARG L 43 59.30 79.66 45.35
N VAL L 44 60.51 79.93 44.87
CA VAL L 44 60.74 80.23 43.46
C VAL L 44 62.17 79.88 43.10
N ARG L 45 62.41 79.70 41.81
CA ARG L 45 63.74 79.58 41.25
C ARG L 45 64.05 80.91 40.57
N ASP L 46 64.73 81.78 41.32
CA ASP L 46 65.25 83.03 40.84
C ASP L 46 66.75 83.03 41.08
N LEU L 47 67.41 81.99 40.59
CA LEU L 47 68.82 81.79 40.84
C LEU L 47 69.65 82.81 40.06
N THR L 48 70.96 82.61 40.11
CA THR L 48 71.92 83.31 39.28
C THR L 48 72.58 82.31 38.32
N ASN L 49 73.27 82.85 37.32
CA ASN L 49 74.04 81.99 36.41
C ASN L 49 75.28 81.43 37.07
N GLU L 50 75.64 81.92 38.25
CA GLU L 50 76.64 81.23 39.06
C GLU L 50 76.02 80.13 39.90
N GLN L 51 74.78 80.32 40.36
CA GLN L 51 74.10 79.28 41.11
C GLN L 51 73.68 78.13 40.21
N THR L 52 73.24 78.43 38.99
CA THR L 52 72.87 77.36 38.06
C THR L 52 74.08 76.53 37.67
N ASP L 53 75.20 77.18 37.35
CA ASP L 53 76.39 76.43 37.00
C ASP L 53 76.98 75.72 38.22
N ALA L 54 76.84 76.32 39.40
CA ALA L 54 77.20 75.65 40.63
C ALA L 54 76.46 74.32 40.78
N ILE L 55 75.13 74.38 40.78
CA ILE L 55 74.33 73.16 40.96
C ILE L 55 74.30 72.31 39.70
N ARG L 56 74.91 72.76 38.61
CA ARG L 56 75.02 71.95 37.40
C ARG L 56 76.31 71.14 37.37
N ALA L 57 77.42 71.72 37.83
CA ALA L 57 78.68 70.99 37.73
C ALA L 57 78.73 69.84 38.72
N GLU L 58 77.99 69.92 39.82
CA GLU L 58 78.09 68.86 40.83
C GLU L 58 77.24 67.65 40.49
N ILE L 59 76.12 67.85 39.79
CA ILE L 59 75.30 66.73 39.34
C ILE L 59 76.08 65.82 38.41
N ASP L 60 77.09 66.37 37.72
CA ASP L 60 77.91 65.57 36.82
C ASP L 60 78.66 64.45 37.53
N LYS L 61 78.84 64.56 38.84
CA LYS L 61 79.53 63.53 39.60
C LYS L 61 78.61 62.38 40.02
N LEU L 62 77.36 62.37 39.58
CA LEU L 62 76.42 61.31 39.90
C LEU L 62 75.97 60.62 38.62
N LYS L 63 75.09 59.64 38.77
CA LYS L 63 74.55 58.87 37.64
C LYS L 63 73.12 59.28 37.31
N VAL L 64 72.82 60.58 37.29
CA VAL L 64 71.45 61.06 37.13
C VAL L 64 71.25 61.38 35.65
N GLU L 65 70.92 60.38 34.85
CA GLU L 65 70.72 60.57 33.41
C GLU L 65 70.21 59.26 32.83
N GLY L 66 70.10 59.23 31.50
CA GLY L 66 69.92 57.99 30.77
C GLY L 66 71.15 57.11 30.78
N ASP L 67 72.12 57.45 31.63
CA ASP L 67 73.22 56.56 31.98
C ASP L 67 72.84 55.62 33.11
N LEU L 68 71.76 55.90 33.82
CA LEU L 68 71.25 55.05 34.89
C LEU L 68 70.26 54.02 34.37
N ARG L 69 69.37 54.43 33.46
CA ARG L 69 68.45 53.48 32.86
C ARG L 69 69.20 52.36 32.16
N ARG L 70 70.35 52.67 31.57
CA ARG L 70 71.18 51.64 30.97
C ARG L 70 71.62 50.62 32.00
N GLU L 71 72.09 51.09 33.15
CA GLU L 71 72.54 50.19 34.19
C GLU L 71 71.42 49.27 34.64
N VAL L 72 70.26 49.83 34.98
CA VAL L 72 69.14 49.01 35.46
C VAL L 72 68.71 48.01 34.39
N ASN L 73 68.61 48.47 33.15
CA ASN L 73 68.19 47.62 32.05
C ASN L 73 69.14 46.45 31.87
N LEU L 74 70.44 46.72 31.80
CA LEU L 74 71.38 45.63 31.60
C LEU L 74 71.49 44.74 32.82
N ASN L 75 71.11 45.23 34.00
CA ASN L 75 71.05 44.34 35.16
C ASN L 75 69.95 43.30 34.99
N ILE L 76 68.73 43.73 34.69
CA ILE L 76 67.69 42.72 34.49
C ILE L 76 68.04 41.83 33.31
N LYS L 77 68.77 42.38 32.34
CA LYS L 77 69.17 41.60 31.16
C LYS L 77 70.16 40.52 31.53
N ARG L 78 71.12 40.82 32.40
CA ARG L 78 72.01 39.77 32.89
C ARG L 78 71.26 38.76 33.71
N LEU L 79 70.25 39.19 34.46
CA LEU L 79 69.46 38.27 35.26
C LEU L 79 68.79 37.22 34.39
N MET L 80 67.99 37.66 33.42
CA MET L 80 67.20 36.66 32.68
C MET L 80 68.01 35.82 31.74
N GLU L 81 69.33 35.86 31.64
CA GLU L 81 70.03 35.11 30.61
C GLU L 81 71.13 34.23 31.19
N ILE L 82 70.99 33.81 32.44
CA ILE L 82 71.91 32.83 32.99
C ILE L 82 71.17 31.58 33.42
N GLY L 83 70.37 31.67 34.48
CA GLY L 83 69.44 30.60 34.73
C GLY L 83 68.06 30.98 34.25
N SER L 84 67.45 31.97 34.88
CA SER L 84 67.72 32.30 36.28
C SER L 84 66.37 32.47 36.94
N TYR L 85 66.21 32.02 38.18
CA TYR L 85 64.86 31.99 38.75
C TYR L 85 64.25 33.38 38.82
N ARG L 86 65.05 34.38 39.20
CA ARG L 86 64.52 35.73 39.24
C ARG L 86 64.17 36.22 37.84
N GLY L 87 65.02 35.95 36.86
CA GLY L 87 64.76 36.38 35.50
C GLY L 87 63.62 35.64 34.86
N ILE L 88 63.46 34.36 35.17
CA ILE L 88 62.31 33.62 34.69
C ILE L 88 61.03 34.32 35.10
N ARG L 89 60.97 34.83 36.33
CA ARG L 89 59.80 35.55 36.78
C ARG L 89 59.70 36.92 36.10
N HIS L 90 60.85 37.59 35.94
CA HIS L 90 60.88 38.85 35.20
C HIS L 90 60.30 38.71 33.80
N ARG L 91 60.33 37.51 33.25
CA ARG L 91 59.84 37.25 31.91
C ARG L 91 58.39 36.80 31.86
N ARG L 92 57.70 36.77 32.99
CA ARG L 92 56.31 36.36 33.05
C ARG L 92 55.40 37.42 33.65
N GLY L 93 55.94 38.54 34.11
CA GLY L 93 55.10 39.51 34.78
C GLY L 93 54.58 38.99 36.10
N LEU L 94 55.43 38.35 36.88
CA LEU L 94 55.07 37.74 38.14
C LEU L 94 56.00 38.25 39.22
N PRO L 95 55.51 38.38 40.45
CA PRO L 95 56.35 38.90 41.54
C PRO L 95 57.64 38.11 41.68
N THR L 96 58.74 38.83 41.78
CA THR L 96 60.07 38.24 41.73
C THR L 96 60.72 38.19 43.11
N ARG L 97 59.94 38.30 44.17
CA ARG L 97 60.48 38.28 45.52
C ARG L 97 59.82 37.24 46.42
N GLY L 98 58.74 36.60 45.98
CA GLY L 98 58.00 35.66 46.79
C GLY L 98 56.80 36.38 47.35
N GLN L 99 55.64 36.25 46.72
CA GLN L 99 54.52 37.08 47.12
C GLN L 99 53.18 36.37 47.14
N ASN L 100 53.13 35.04 47.01
CA ASN L 100 51.91 34.29 47.25
C ASN L 100 50.78 34.79 46.34
N THR L 101 50.94 34.49 45.06
CA THR L 101 50.10 35.12 44.05
C THR L 101 48.64 34.69 44.13
N LYS L 102 47.85 35.42 44.91
CA LYS L 102 46.40 35.36 44.93
C LYS L 102 45.77 36.67 44.49
N ASN L 103 46.33 37.80 44.89
CA ASN L 103 45.96 39.08 44.31
C ASN L 103 47.22 39.83 43.91
N ASN L 104 48.31 39.55 44.62
CA ASN L 104 49.52 40.32 44.41
C ASN L 104 50.12 39.98 43.07
N ALA L 105 49.39 40.31 42.03
CA ALA L 105 50.04 40.58 40.77
C ALA L 105 49.32 41.66 39.99
N ARG L 106 48.20 42.19 40.50
CA ARG L 106 47.50 43.25 39.79
C ARG L 106 48.43 44.41 39.47
N THR L 107 49.40 44.67 40.33
CA THR L 107 50.45 45.62 39.98
C THR L 107 51.42 45.02 38.98
N ARG L 108 51.83 43.78 39.20
CA ARG L 108 52.90 43.14 38.43
C ARG L 108 52.40 42.50 37.13
N LYS L 109 51.08 42.36 36.95
CA LYS L 109 50.56 41.79 35.71
C LYS L 109 49.31 42.50 35.20
N GLY L 110 48.89 43.59 35.82
CA GLY L 110 47.77 44.36 35.33
C GLY L 110 46.42 43.68 35.44
N ALA M 1 51.09 8.14 63.08
CA ALA M 1 52.29 7.78 63.82
C ALA M 1 52.50 8.73 64.99
N LYS M 2 52.17 8.30 66.21
CA LYS M 2 52.36 9.16 67.38
C LYS M 2 53.00 8.42 68.55
N LYS M 3 53.66 7.30 68.33
CA LYS M 3 54.46 6.66 69.37
C LYS M 3 55.94 6.68 69.05
N SER M 4 56.29 6.76 67.77
CA SER M 4 57.67 6.95 67.39
C SER M 4 58.08 8.40 67.48
N MET M 5 57.12 9.31 67.36
CA MET M 5 57.45 10.73 67.35
C MET M 5 57.67 11.27 68.75
N ILE M 6 57.01 10.70 69.75
CA ILE M 6 57.35 11.05 71.12
C ILE M 6 58.74 10.56 71.46
N ALA M 7 59.09 9.36 71.00
CA ALA M 7 60.45 8.87 71.18
C ALA M 7 61.46 9.78 70.48
N LYS M 8 61.16 10.18 69.23
CA LYS M 8 62.08 11.04 68.49
C LYS M 8 62.17 12.43 69.09
N ASN M 9 61.16 12.83 69.85
CA ASN M 9 61.18 14.14 70.49
C ASN M 9 62.12 14.18 71.70
N LYS M 10 62.30 13.06 72.39
CA LYS M 10 63.05 13.06 73.64
C LYS M 10 64.55 12.82 73.45
N ARG M 11 64.96 12.19 72.35
CA ARG M 11 66.38 12.08 72.06
C ARG M 11 66.96 13.46 71.80
N PRO M 12 68.25 13.67 72.02
CA PRO M 12 68.83 14.99 71.77
C PRO M 12 68.78 15.33 70.29
N ALA M 13 68.45 16.60 70.01
CA ALA M 13 68.20 17.03 68.64
C ALA M 13 69.51 17.15 67.85
N LYS M 14 69.37 17.08 66.54
CA LYS M 14 70.53 17.10 65.64
C LYS M 14 71.09 18.50 65.45
N HIS M 15 70.31 19.52 65.75
CA HIS M 15 70.76 20.90 65.64
C HIS M 15 70.03 21.73 66.67
N SER M 16 70.59 22.88 67.00
CA SER M 16 70.00 23.74 68.02
C SER M 16 68.53 24.03 67.70
N THR M 17 68.26 24.51 66.50
CA THR M 17 66.90 24.87 66.12
C THR M 17 66.16 23.68 65.53
N GLN M 18 66.21 22.54 66.22
CA GLN M 18 65.41 21.40 65.85
C GLN M 18 64.61 20.83 67.01
N ALA M 19 64.90 21.22 68.23
CA ALA M 19 64.08 20.85 69.36
C ALA M 19 62.76 21.62 69.34
N TYR M 20 61.72 20.98 69.86
CA TYR M 20 60.40 21.58 69.91
C TYR M 20 59.65 20.93 71.05
N THR M 21 58.70 21.66 71.61
CA THR M 21 57.97 21.17 72.77
C THR M 21 56.78 20.32 72.35
N ARG M 22 56.36 19.44 73.26
CA ARG M 22 55.15 18.65 73.14
C ARG M 22 54.45 18.65 74.49
N CYS M 23 53.20 18.22 74.50
CA CYS M 23 52.55 18.01 75.77
C CYS M 23 53.17 16.78 76.46
N GLU M 24 52.93 16.67 77.76
CA GLU M 24 53.51 15.57 78.52
C GLU M 24 52.52 14.46 78.81
N ARG M 25 51.25 14.78 79.04
CA ARG M 25 50.24 13.74 79.10
C ARG M 25 50.03 13.11 77.73
N CYS M 26 49.53 13.91 76.79
CA CYS M 26 49.42 13.51 75.39
C CYS M 26 50.72 13.89 74.67
N GLY M 27 50.69 13.88 73.35
CA GLY M 27 51.85 14.29 72.60
C GLY M 27 51.50 15.43 71.66
N ARG M 28 50.52 16.21 72.03
CA ARG M 28 50.06 17.29 71.17
C ARG M 28 51.19 18.28 70.95
N PRO M 29 51.47 18.65 69.70
CA PRO M 29 52.58 19.58 69.45
C PRO M 29 52.14 21.02 69.27
N HIS M 30 50.84 21.28 69.21
CA HIS M 30 50.31 22.61 69.00
C HIS M 30 49.81 23.19 70.31
N SER M 31 50.15 24.46 70.55
CA SER M 31 49.60 25.25 71.64
C SER M 31 49.85 24.58 73.00
N VAL M 32 51.12 24.55 73.38
CA VAL M 32 51.52 24.07 74.69
C VAL M 32 52.05 25.26 75.48
N TYR M 33 51.67 25.32 76.76
CA TYR M 33 52.18 26.33 77.68
C TYR M 33 53.46 25.81 78.33
N ARG M 34 54.52 26.62 78.27
CA ARG M 34 55.83 26.17 78.75
C ARG M 34 56.13 26.64 80.16
N LYS M 35 55.11 27.04 80.91
CA LYS M 35 55.26 27.08 82.36
C LYS M 35 54.75 25.80 83.00
N PHE M 36 53.76 25.17 82.37
CA PHE M 36 53.17 23.93 82.85
C PHE M 36 53.60 22.71 82.06
N HIS M 37 54.00 22.88 80.80
CA HIS M 37 54.25 21.77 79.90
C HIS M 37 52.97 20.96 79.67
N LEU M 38 51.87 21.68 79.45
CA LEU M 38 50.58 21.09 79.17
C LEU M 38 49.94 21.80 77.98
N CYS M 39 49.17 21.06 77.20
CA CYS M 39 48.63 21.59 75.95
C CYS M 39 47.34 22.37 76.23
N ARG M 40 46.67 22.75 75.15
CA ARG M 40 45.52 23.65 75.25
C ARG M 40 44.40 23.03 76.09
N ILE M 41 44.16 21.73 75.94
CA ILE M 41 42.96 21.12 76.52
C ILE M 41 43.30 19.94 77.39
N CYS M 42 44.47 19.95 78.01
CA CYS M 42 44.69 19.29 79.28
C CYS M 42 44.73 20.29 80.42
N PHE M 43 45.10 21.53 80.10
CA PHE M 43 45.03 22.62 81.05
C PHE M 43 43.60 22.82 81.54
N ARG M 44 42.65 22.95 80.61
CA ARG M 44 41.24 23.15 80.97
C ARG M 44 40.67 21.95 81.70
N GLU M 45 41.34 20.80 81.64
CA GLU M 45 40.84 19.58 82.24
C GLU M 45 41.38 19.36 83.64
N LEU M 46 42.65 19.71 83.87
CA LEU M 46 43.24 19.61 85.19
C LEU M 46 43.07 20.88 86.01
N ALA M 47 42.61 21.98 85.42
CA ALA M 47 42.24 23.14 86.22
C ALA M 47 41.00 22.84 87.04
N TYR M 48 39.94 22.37 86.40
CA TYR M 48 38.95 21.59 87.13
C TYR M 48 39.66 20.41 87.76
N LYS M 49 39.09 19.89 88.85
CA LYS M 49 39.67 18.92 89.76
C LYS M 49 40.65 19.59 90.72
N GLY M 50 40.96 20.86 90.53
CA GLY M 50 41.88 21.56 91.39
C GLY M 50 43.17 20.82 91.64
N GLN M 51 43.87 20.44 90.57
CA GLN M 51 45.16 19.79 90.72
C GLN M 51 46.32 20.74 90.47
N ILE M 52 46.27 21.52 89.40
CA ILE M 52 47.23 22.59 89.19
C ILE M 52 47.08 23.59 90.32
N PRO M 53 48.10 23.82 91.13
CA PRO M 53 47.97 24.79 92.21
C PRO M 53 48.12 26.21 91.68
N GLY M 54 47.35 27.13 92.26
CA GLY M 54 47.24 28.43 91.64
C GLY M 54 45.98 28.62 90.81
N VAL M 55 46.06 28.23 89.54
CA VAL M 55 45.08 28.51 88.50
C VAL M 55 43.63 28.34 88.95
N LYS M 56 42.78 29.28 88.55
CA LYS M 56 41.34 29.19 88.74
C LYS M 56 40.66 30.07 87.70
N LYS M 57 39.33 30.01 87.68
CA LYS M 57 38.58 30.76 86.67
C LYS M 57 38.58 32.25 86.99
N ALA M 58 38.75 33.08 85.96
CA ALA M 58 38.89 34.51 86.11
C ALA M 58 37.65 35.24 85.62
N SER M 59 37.25 36.27 86.37
CA SER M 59 36.18 37.15 85.93
C SER M 59 36.36 38.49 86.62
N TRP M 60 36.15 39.56 85.86
CA TRP M 60 36.27 40.92 86.39
C TRP M 60 35.52 41.92 85.50
N ALA N 1 -64.25 26.58 42.70
CA ALA N 1 -64.22 27.61 41.66
C ALA N 1 -65.61 28.16 41.41
N ILE N 2 -66.63 27.33 41.62
CA ILE N 2 -67.99 27.80 41.41
C ILE N 2 -68.28 28.95 42.35
N SER N 3 -69.17 29.84 41.92
CA SER N 3 -69.53 30.99 42.72
C SER N 3 -70.23 30.53 44.00
N GLN N 4 -70.57 31.49 44.86
CA GLN N 4 -71.27 31.15 46.08
C GLN N 4 -72.78 31.13 45.91
N GLU N 5 -73.27 31.42 44.71
CA GLU N 5 -74.68 31.25 44.40
C GLU N 5 -74.96 29.93 43.69
N ARG N 6 -74.06 29.51 42.80
CA ARG N 6 -74.15 28.15 42.26
C ARG N 6 -74.10 27.12 43.38
N LYS N 7 -73.22 27.33 44.34
CA LYS N 7 -73.03 26.34 45.40
C LYS N 7 -74.32 26.14 46.18
N ASN N 8 -74.91 27.24 46.67
CA ASN N 8 -76.16 27.11 47.41
C ASN N 8 -77.30 26.65 46.53
N GLU N 9 -77.27 27.03 45.25
CA GLU N 9 -78.24 26.54 44.28
C GLU N 9 -78.23 25.02 44.21
N ILE N 10 -77.05 24.40 44.26
CA ILE N 10 -76.99 22.94 44.15
C ILE N 10 -76.97 22.22 45.49
N ILE N 11 -76.79 22.92 46.61
CA ILE N 11 -77.01 22.24 47.88
C ILE N 11 -78.45 22.40 48.35
N LYS N 12 -79.25 23.23 47.70
CA LYS N 12 -80.67 23.24 48.01
C LYS N 12 -81.48 22.19 47.26
N GLU N 13 -80.86 21.33 46.47
CA GLU N 13 -81.60 20.26 45.80
C GLU N 13 -81.10 18.86 46.11
N TYR N 14 -79.94 18.71 46.73
CA TYR N 14 -79.51 17.41 47.23
C TYR N 14 -79.59 17.34 48.74
N ALA N 15 -80.10 18.37 49.40
CA ALA N 15 -80.40 18.26 50.82
C ALA N 15 -81.41 17.17 51.06
N ARG N 16 -81.57 16.76 52.32
CA ARG N 16 -82.57 15.78 52.68
C ARG N 16 -83.65 16.36 53.59
N HIS N 17 -83.26 16.87 54.75
CA HIS N 17 -84.11 17.75 55.52
C HIS N 17 -83.64 19.18 55.25
N GLU N 18 -84.15 20.14 56.01
CA GLU N 18 -83.65 21.50 55.90
C GLU N 18 -82.40 21.66 56.76
N GLY N 19 -81.55 22.60 56.38
CA GLY N 19 -80.29 22.85 57.06
C GLY N 19 -79.30 21.72 56.90
N ASP N 20 -79.07 21.28 55.67
CA ASP N 20 -78.49 19.97 55.40
C ASP N 20 -77.25 20.09 54.52
N THR N 21 -76.25 20.81 55.00
CA THR N 21 -75.03 20.99 54.23
C THR N 21 -74.07 19.80 54.30
N GLY N 22 -74.29 18.84 55.19
CA GLY N 22 -73.41 17.68 55.33
C GLY N 22 -73.84 16.56 54.41
N SER N 23 -74.13 15.36 54.92
CA SER N 23 -74.90 14.41 54.12
C SER N 23 -74.26 14.05 52.79
N PRO N 24 -73.40 13.04 52.73
CA PRO N 24 -72.55 12.82 51.54
C PRO N 24 -73.16 13.07 50.16
N GLU N 25 -74.48 13.13 50.02
CA GLU N 25 -75.05 13.58 48.75
C GLU N 25 -74.58 14.98 48.41
N VAL N 26 -74.77 15.93 49.33
CA VAL N 26 -74.38 17.32 49.11
C VAL N 26 -72.91 17.42 48.74
N GLN N 27 -72.07 16.70 49.47
CA GLN N 27 -70.63 16.86 49.31
C GLN N 27 -70.17 16.32 47.97
N ILE N 28 -70.70 15.16 47.55
CA ILE N 28 -70.22 14.64 46.26
C ILE N 28 -70.81 15.44 45.10
N ALA N 29 -72.00 16.02 45.25
CA ALA N 29 -72.53 16.86 44.18
C ALA N 29 -71.71 18.12 44.01
N VAL N 30 -71.40 18.81 45.11
CA VAL N 30 -70.60 20.03 45.02
C VAL N 30 -69.18 19.73 44.52
N LEU N 31 -68.61 18.61 44.96
CA LEU N 31 -67.31 18.21 44.45
C LEU N 31 -67.37 17.90 42.97
N THR N 32 -68.50 17.39 42.48
CA THR N 32 -68.62 17.08 41.06
C THR N 32 -68.62 18.36 40.23
N GLU N 33 -69.34 19.38 40.70
CA GLU N 33 -69.30 20.66 40.01
C GLU N 33 -67.87 21.21 39.95
N ASP N 34 -67.16 21.15 41.08
CA ASP N 34 -65.76 21.60 41.10
C ASP N 34 -64.89 20.84 40.11
N ILE N 35 -65.00 19.50 40.10
CA ILE N 35 -64.09 18.75 39.26
C ILE N 35 -64.37 19.03 37.79
N ASN N 36 -65.62 19.25 37.41
CA ASN N 36 -65.90 19.60 36.02
C ASN N 36 -65.25 20.93 35.65
N GLN N 37 -65.43 21.95 36.48
CA GLN N 37 -64.85 23.24 36.12
C GLN N 37 -63.33 23.17 36.04
N LEU N 38 -62.71 22.44 36.97
CA LEU N 38 -61.26 22.35 36.95
C LEU N 38 -60.75 21.59 35.75
N ASN N 39 -61.51 20.59 35.28
CA ASN N 39 -61.13 19.90 34.05
C ASN N 39 -61.15 20.85 32.86
N GLU N 40 -62.13 21.74 32.82
CA GLU N 40 -62.13 22.78 31.77
C GLU N 40 -60.86 23.62 31.85
N HIS N 41 -60.57 24.15 33.04
CA HIS N 41 -59.40 25.00 33.20
C HIS N 41 -58.12 24.27 32.83
N ALA N 42 -58.04 22.97 33.09
CA ALA N 42 -56.83 22.23 32.77
C ALA N 42 -56.68 22.07 31.27
N ARG N 43 -57.77 21.72 30.58
CA ARG N 43 -57.72 21.66 29.11
C ARG N 43 -57.22 22.96 28.52
N THR N 44 -57.63 24.08 29.08
CA THR N 44 -57.11 25.36 28.56
C THR N 44 -55.65 25.57 28.96
N HIS N 45 -55.33 25.43 30.25
CA HIS N 45 -53.99 25.64 30.79
C HIS N 45 -53.39 24.29 31.22
N LYS N 46 -52.92 23.52 30.24
CA LYS N 46 -52.49 22.15 30.51
C LYS N 46 -51.09 22.03 31.09
N LYS N 47 -50.33 23.11 31.22
CA LYS N 47 -49.07 23.07 31.94
C LYS N 47 -49.15 23.82 33.27
N ASP N 48 -50.34 23.92 33.85
CA ASP N 48 -50.49 24.36 35.22
C ASP N 48 -50.47 23.13 36.12
N HIS N 49 -49.27 22.64 36.38
CA HIS N 49 -49.10 21.44 37.20
C HIS N 49 -49.47 21.68 38.66
N HIS N 50 -49.45 22.92 39.11
CA HIS N 50 -49.72 23.21 40.52
C HIS N 50 -51.21 23.21 40.85
N SER N 51 -52.09 23.42 39.87
CA SER N 51 -53.54 23.28 40.08
C SER N 51 -54.02 21.84 39.87
N TYR N 52 -53.27 21.05 39.12
CA TYR N 52 -53.64 19.66 38.92
C TYR N 52 -53.54 18.86 40.22
N ARG N 53 -52.64 19.26 41.12
CA ARG N 53 -52.57 18.66 42.45
C ARG N 53 -53.91 18.76 43.16
N GLY N 54 -54.49 19.96 43.19
CA GLY N 54 -55.79 20.13 43.82
C GLY N 54 -56.90 19.35 43.13
N LEU N 55 -56.89 19.34 41.80
CA LEU N 55 -57.82 18.48 41.07
C LEU N 55 -57.79 17.04 41.59
N MET N 56 -56.59 16.46 41.65
CA MET N 56 -56.46 15.07 42.04
C MET N 56 -56.93 14.86 43.48
N LYS N 57 -56.66 15.83 44.37
CA LYS N 57 -57.10 15.65 45.75
C LYS N 57 -58.62 15.71 45.88
N LYS N 58 -59.28 16.55 45.07
CA LYS N 58 -60.74 16.53 45.04
C LYS N 58 -61.26 15.17 44.59
N ILE N 59 -60.62 14.59 43.58
CA ILE N 59 -61.08 13.29 43.09
C ILE N 59 -60.95 12.23 44.17
N GLY N 60 -59.82 12.23 44.88
CA GLY N 60 -59.67 11.30 46.00
C GLY N 60 -60.75 11.46 47.05
N HIS N 61 -61.05 12.70 47.43
CA HIS N 61 -62.08 12.95 48.43
C HIS N 61 -63.44 12.41 48.01
N ARG N 62 -63.83 12.66 46.75
CA ARG N 62 -65.13 12.18 46.28
C ARG N 62 -65.20 10.66 46.27
N ARG N 63 -64.16 10.00 45.77
CA ARG N 63 -64.18 8.54 45.73
C ARG N 63 -64.29 7.95 47.14
N ASN N 64 -63.61 8.56 48.11
CA ASN N 64 -63.73 8.10 49.49
C ASN N 64 -65.15 8.22 50.03
N LEU N 65 -65.79 9.37 49.80
CA LEU N 65 -67.14 9.54 50.32
C LEU N 65 -68.13 8.61 49.63
N LEU N 66 -67.90 8.31 48.35
CA LEU N 66 -68.73 7.32 47.66
C LEU N 66 -68.60 5.95 48.29
N ALA N 67 -67.37 5.54 48.60
CA ALA N 67 -67.18 4.25 49.26
C ALA N 67 -67.95 4.20 50.55
N TYR N 68 -67.87 5.26 51.36
CA TYR N 68 -68.61 5.27 52.61
C TYR N 68 -70.11 5.11 52.38
N LEU N 69 -70.68 5.92 51.49
CA LEU N 69 -72.13 5.86 51.26
C LEU N 69 -72.55 4.47 50.85
N ARG N 70 -71.78 3.83 49.96
CA ARG N 70 -72.13 2.47 49.55
C ARG N 70 -72.10 1.49 50.72
N LYS N 71 -71.01 1.47 51.48
CA LYS N 71 -70.89 0.47 52.53
C LYS N 71 -71.98 0.55 53.60
N THR N 72 -72.80 1.60 53.62
CA THR N 72 -73.81 1.73 54.66
C THR N 72 -75.23 1.75 54.15
N ASP N 73 -75.47 2.16 52.90
CA ASP N 73 -76.81 2.14 52.34
C ASP N 73 -76.69 2.08 50.83
N ILE N 74 -77.01 0.92 50.26
CA ILE N 74 -76.86 0.74 48.81
C ILE N 74 -77.97 1.42 48.04
N GLN N 75 -79.15 1.58 48.65
CA GLN N 75 -80.26 2.21 47.96
C GLN N 75 -79.95 3.67 47.66
N ARG N 76 -79.58 4.43 48.69
CA ARG N 76 -79.18 5.82 48.49
C ARG N 76 -78.04 5.92 47.48
N TYR N 77 -77.10 4.98 47.54
CA TYR N 77 -75.96 5.00 46.62
C TYR N 77 -76.42 4.88 45.17
N ARG N 78 -77.23 3.86 44.88
CA ARG N 78 -77.69 3.64 43.52
C ARG N 78 -78.50 4.83 43.03
N GLU N 79 -79.41 5.31 43.86
CA GLU N 79 -80.26 6.42 43.45
C GLU N 79 -79.43 7.66 43.13
N LEU N 80 -78.47 7.98 44.00
CA LEU N 80 -77.55 9.07 43.71
C LEU N 80 -76.87 8.85 42.36
N ILE N 81 -76.03 7.81 42.28
CA ILE N 81 -75.17 7.65 41.12
C ILE N 81 -75.97 7.54 39.83
N GLN N 82 -77.27 7.26 39.92
CA GLN N 82 -78.12 7.47 38.75
C GLN N 82 -78.41 8.94 38.52
N ARG N 83 -78.79 9.65 39.59
CA ARG N 83 -79.19 11.04 39.47
C ARG N 83 -78.06 11.94 38.99
N LEU N 84 -76.82 11.63 39.36
CA LEU N 84 -75.71 12.54 39.10
C LEU N 84 -74.97 12.27 37.79
N GLY N 85 -75.09 11.08 37.23
CA GLY N 85 -74.54 10.82 35.91
C GLY N 85 -73.07 10.49 35.88
N LEU N 86 -72.71 9.39 36.53
CA LEU N 86 -71.34 8.90 36.57
C LEU N 86 -71.41 7.38 36.64
N ARG N 87 -70.35 6.76 37.18
CA ARG N 87 -70.25 5.30 37.27
C ARG N 87 -70.18 4.70 35.87
N ARG N 88 -69.12 5.06 35.16
CA ARG N 88 -68.84 4.61 33.80
C ARG N 88 -68.63 3.10 33.68
N ALA O 1 -54.55 -65.97 59.33
CA ALA O 1 -53.78 -66.88 60.16
C ALA O 1 -53.15 -66.10 61.29
N VAL O 2 -53.98 -65.61 62.20
CA VAL O 2 -53.47 -64.99 63.42
C VAL O 2 -52.83 -66.06 64.30
N LYS O 3 -51.72 -65.70 64.91
CA LYS O 3 -50.91 -66.60 65.71
C LYS O 3 -50.68 -66.00 67.09
N ILE O 4 -50.16 -66.84 67.98
CA ILE O 4 -49.70 -66.43 69.31
C ILE O 4 -48.33 -67.06 69.48
N ARG O 5 -47.28 -66.25 69.38
CA ARG O 5 -45.93 -66.77 69.27
C ARG O 5 -44.98 -65.91 70.07
N LEU O 6 -43.73 -66.38 70.16
CA LEU O 6 -42.69 -65.76 70.96
C LEU O 6 -41.82 -64.84 70.13
N LYS O 7 -41.20 -63.88 70.80
CA LYS O 7 -40.47 -62.79 70.16
C LYS O 7 -39.21 -62.49 70.98
N ARG O 8 -38.05 -62.58 70.36
CA ARG O 8 -36.79 -62.57 71.12
C ARG O 8 -36.37 -61.16 71.49
N MET O 9 -35.95 -60.98 72.75
CA MET O 9 -35.62 -59.68 73.30
C MET O 9 -34.45 -59.71 74.29
N GLY O 10 -33.45 -60.55 74.08
CA GLY O 10 -32.31 -60.64 74.97
C GLY O 10 -31.17 -59.71 74.60
N SER O 11 -29.94 -60.15 74.86
CA SER O 11 -28.78 -59.42 74.35
C SER O 11 -27.96 -60.25 73.37
N LYS O 12 -27.23 -61.27 73.82
CA LYS O 12 -26.61 -62.15 72.84
C LYS O 12 -26.76 -63.58 73.25
N LYS O 13 -26.52 -63.91 74.50
CA LYS O 13 -26.67 -65.28 74.97
C LYS O 13 -27.49 -65.32 76.26
N SER O 14 -28.33 -64.31 76.46
CA SER O 14 -29.29 -64.28 77.56
C SER O 14 -30.63 -63.87 76.96
N PRO O 15 -31.35 -64.81 76.38
CA PRO O 15 -32.60 -64.47 75.69
C PRO O 15 -33.76 -64.21 76.63
N PHE O 16 -34.71 -63.44 76.13
CA PHE O 16 -35.95 -63.12 76.81
C PHE O 16 -37.03 -63.11 75.74
N TYR O 17 -38.28 -63.37 76.12
CA TYR O 17 -39.36 -63.43 75.14
C TYR O 17 -40.61 -62.69 75.60
N ARG O 18 -41.24 -61.97 74.67
CA ARG O 18 -42.57 -61.42 74.85
C ARG O 18 -43.59 -62.30 74.14
N ILE O 19 -44.70 -62.58 74.79
CA ILE O 19 -45.77 -63.36 74.19
C ILE O 19 -46.69 -62.41 73.45
N VAL O 20 -46.85 -62.64 72.16
CA VAL O 20 -47.43 -61.62 71.28
C VAL O 20 -48.37 -62.30 70.30
N VAL O 21 -49.40 -61.56 69.87
CA VAL O 21 -50.35 -62.05 68.87
C VAL O 21 -50.11 -61.27 67.58
N ALA O 22 -49.76 -61.98 66.52
CA ALA O 22 -49.31 -61.37 65.28
C ALA O 22 -49.90 -62.09 64.08
N ASP O 23 -50.02 -61.35 62.97
CA ASP O 23 -50.29 -61.96 61.69
C ASP O 23 -49.10 -62.81 61.26
N SER O 24 -49.37 -63.98 60.69
CA SER O 24 -48.29 -64.95 60.51
C SER O 24 -47.29 -64.55 59.42
N ARG O 25 -47.66 -63.64 58.53
CA ARG O 25 -46.76 -63.16 57.50
C ARG O 25 -45.69 -62.20 58.03
N SER O 26 -45.86 -61.67 59.23
CA SER O 26 -44.97 -60.66 59.74
C SER O 26 -43.61 -61.23 60.12
N PRO O 27 -42.59 -60.39 60.19
CA PRO O 27 -41.28 -60.86 60.65
C PRO O 27 -41.34 -61.17 62.14
N ARG O 28 -40.41 -62.03 62.59
CA ARG O 28 -40.43 -62.46 63.98
C ARG O 28 -40.31 -61.28 64.93
N ASP O 29 -39.50 -60.29 64.59
CA ASP O 29 -39.31 -59.13 65.45
C ASP O 29 -39.94 -57.87 64.88
N GLY O 30 -40.76 -57.99 63.85
CA GLY O 30 -41.40 -56.85 63.23
C GLY O 30 -42.73 -56.49 63.83
N ARG O 31 -43.74 -56.25 62.99
CA ARG O 31 -44.99 -55.70 63.48
C ARG O 31 -45.87 -56.78 64.11
N PHE O 32 -46.70 -56.37 65.04
CA PHE O 32 -47.60 -57.27 65.74
C PHE O 32 -48.87 -56.52 66.08
N ILE O 33 -49.85 -57.23 66.63
CA ILE O 33 -51.14 -56.65 66.96
C ILE O 33 -51.19 -56.17 68.40
N GLU O 34 -50.82 -57.02 69.36
CA GLU O 34 -50.67 -56.59 70.74
C GLU O 34 -49.86 -57.63 71.49
N THR O 35 -49.41 -57.25 72.68
CA THR O 35 -48.60 -58.13 73.50
C THR O 35 -49.42 -58.73 74.63
N VAL O 36 -49.18 -60.00 74.91
CA VAL O 36 -49.99 -60.77 75.86
C VAL O 36 -49.02 -61.55 76.75
N GLY O 37 -48.52 -60.92 77.79
CA GLY O 37 -47.67 -61.63 78.73
C GLY O 37 -46.19 -61.66 78.40
N THR O 38 -45.45 -62.47 79.17
CA THR O 38 -43.99 -62.51 79.14
C THR O 38 -43.51 -63.91 79.51
N TYR O 39 -42.30 -64.26 79.10
CA TYR O 39 -41.77 -65.59 79.35
C TYR O 39 -40.25 -65.59 79.40
N ASN O 40 -39.69 -66.28 80.39
CA ASN O 40 -38.26 -66.23 80.69
C ASN O 40 -37.65 -67.62 80.75
N PRO O 41 -36.91 -68.03 79.70
CA PRO O 41 -36.36 -69.40 79.69
C PRO O 41 -35.29 -69.67 80.74
N LEU O 42 -34.57 -68.66 81.23
CA LEU O 42 -33.66 -68.87 82.34
C LEU O 42 -34.51 -68.91 83.60
N LYS O 43 -33.93 -68.71 84.79
CA LYS O 43 -34.75 -68.64 86.01
C LYS O 43 -35.48 -69.97 86.26
N ASP O 44 -34.70 -70.94 86.74
CA ASP O 44 -34.91 -72.39 86.61
C ASP O 44 -36.36 -72.87 86.59
N PRO O 45 -37.24 -72.56 87.54
CA PRO O 45 -38.67 -72.68 87.21
C PRO O 45 -39.08 -71.46 86.41
N ALA O 46 -39.21 -71.59 85.09
CA ALA O 46 -39.29 -70.44 84.21
C ALA O 46 -40.44 -69.53 84.59
N GLU O 47 -40.25 -68.23 84.39
CA GLU O 47 -41.23 -67.24 84.79
C GLU O 47 -42.19 -66.94 83.63
N VAL O 48 -43.47 -67.07 83.91
CA VAL O 48 -44.51 -66.63 82.98
C VAL O 48 -45.38 -65.61 83.70
N VAL O 49 -45.58 -64.48 83.05
CA VAL O 49 -46.61 -63.52 83.39
C VAL O 49 -47.52 -63.44 82.17
N LEU O 50 -48.82 -63.36 82.38
CA LEU O 50 -49.72 -63.12 81.26
C LEU O 50 -51.08 -62.71 81.78
N LYS O 51 -51.81 -62.01 80.92
CA LYS O 51 -53.07 -61.40 81.30
C LYS O 51 -54.19 -62.42 81.40
N GLU O 52 -54.26 -63.37 80.47
CA GLU O 52 -55.17 -64.51 80.45
C GLU O 52 -56.64 -64.11 80.36
N ASP O 53 -56.95 -62.83 80.24
CA ASP O 53 -58.27 -62.39 79.82
C ASP O 53 -58.31 -61.90 78.39
N LEU O 54 -57.14 -61.65 77.79
CA LEU O 54 -57.05 -61.43 76.35
C LEU O 54 -56.71 -62.70 75.60
N VAL O 55 -56.02 -63.63 76.26
CA VAL O 55 -55.72 -64.91 75.63
C VAL O 55 -57.00 -65.67 75.38
N LEU O 56 -57.91 -65.66 76.34
CA LEU O 56 -59.19 -66.31 76.15
C LEU O 56 -60.06 -65.60 75.13
N ASP O 57 -59.82 -64.31 74.89
CA ASP O 57 -60.63 -63.63 73.88
C ASP O 57 -60.08 -63.84 72.48
N TRP O 58 -58.75 -63.86 72.33
CA TRP O 58 -58.17 -64.14 71.03
C TRP O 58 -58.39 -65.59 70.64
N LEU O 59 -58.28 -66.51 71.60
CA LEU O 59 -58.48 -67.92 71.29
C LEU O 59 -59.86 -68.18 70.72
N SER O 60 -60.88 -67.52 71.25
CA SER O 60 -62.24 -67.72 70.80
C SER O 60 -62.54 -67.03 69.48
N LYS O 61 -61.59 -66.27 68.93
CA LYS O 61 -61.77 -65.62 67.65
C LYS O 61 -60.98 -66.28 66.54
N GLY O 62 -60.30 -67.39 66.83
CA GLY O 62 -59.59 -68.12 65.82
C GLY O 62 -58.09 -67.98 65.83
N ALA O 63 -57.52 -67.26 66.78
CA ALA O 63 -56.07 -67.25 66.90
C ALA O 63 -55.58 -68.64 67.27
N GLN O 64 -54.30 -68.91 66.96
CA GLN O 64 -53.74 -70.22 67.18
C GLN O 64 -52.35 -70.14 67.79
N PRO O 65 -52.05 -70.93 68.81
CA PRO O 65 -50.74 -70.88 69.44
C PRO O 65 -49.69 -71.69 68.69
N SER O 66 -48.44 -71.30 68.90
CA SER O 66 -47.33 -72.14 68.50
C SER O 66 -47.17 -73.27 69.51
N ASP O 67 -46.14 -74.09 69.33
CA ASP O 67 -46.02 -75.29 70.16
C ASP O 67 -45.57 -74.94 71.57
N THR O 68 -44.61 -74.03 71.72
CA THR O 68 -44.16 -73.63 73.05
C THR O 68 -45.22 -72.79 73.76
N VAL O 69 -45.93 -71.93 73.02
CA VAL O 69 -46.99 -71.13 73.63
C VAL O 69 -48.10 -72.02 74.16
N ARG O 70 -48.37 -73.14 73.49
CA ARG O 70 -49.41 -74.02 74.00
C ARG O 70 -48.97 -74.72 75.27
N ASN O 71 -47.70 -75.11 75.35
CA ASN O 71 -47.19 -75.71 76.57
C ASN O 71 -47.31 -74.75 77.74
N ILE O 72 -46.87 -73.50 77.55
CA ILE O 72 -46.93 -72.56 78.67
C ILE O 72 -48.30 -71.94 78.86
N LEU O 73 -49.24 -72.21 77.98
CA LEU O 73 -50.62 -71.80 78.20
C LEU O 73 -51.44 -72.90 78.86
N SER O 74 -51.00 -74.15 78.76
CA SER O 74 -51.60 -75.22 79.54
C SER O 74 -51.02 -75.33 80.94
N LYS O 75 -49.74 -75.02 81.12
CA LYS O 75 -49.24 -74.97 82.49
C LYS O 75 -49.95 -73.91 83.32
N GLU O 76 -50.60 -72.95 82.70
CA GLU O 76 -51.34 -71.92 83.40
C GLU O 76 -52.83 -72.22 83.51
N GLY O 77 -53.29 -73.29 82.87
CA GLY O 77 -54.69 -73.63 82.90
C GLY O 77 -55.56 -72.76 82.02
N VAL O 78 -55.03 -72.28 80.91
CA VAL O 78 -55.81 -71.49 79.97
C VAL O 78 -56.50 -72.35 78.92
N MET O 79 -55.90 -73.48 78.56
CA MET O 79 -56.51 -74.35 77.56
C MET O 79 -57.70 -75.10 78.11
N LYS O 80 -57.66 -75.46 79.40
CA LYS O 80 -58.83 -76.05 80.05
C LYS O 80 -60.01 -75.09 80.05
N LYS O 81 -59.77 -73.80 80.27
CA LYS O 81 -60.88 -72.86 80.29
C LYS O 81 -61.48 -72.69 78.89
N HIS O 82 -60.62 -72.65 77.86
CA HIS O 82 -61.11 -72.64 76.50
C HIS O 82 -61.97 -73.88 76.25
N HIS O 83 -61.50 -75.03 76.71
CA HIS O 83 -62.24 -76.28 76.59
C HIS O 83 -63.62 -76.18 77.23
N GLU O 84 -63.68 -75.61 78.42
CA GLU O 84 -64.92 -75.55 79.19
C GLU O 84 -65.86 -74.46 78.72
N ALA O 85 -65.38 -73.52 77.91
CA ALA O 85 -66.28 -72.53 77.35
C ALA O 85 -66.78 -72.87 75.97
N LYS O 86 -65.96 -73.52 75.15
CA LYS O 86 -66.37 -73.79 73.77
C LYS O 86 -67.29 -75.00 73.70
N ASN O 87 -66.77 -76.18 74.00
CA ASN O 87 -67.51 -77.42 73.84
C ASN O 87 -68.42 -77.72 75.02
N VAL O 88 -68.73 -76.69 75.82
CA VAL O 88 -69.73 -76.79 76.87
C VAL O 88 -70.83 -75.74 76.70
N LYS O 89 -70.46 -74.55 76.25
CA LYS O 89 -71.37 -73.41 76.04
C LYS O 89 -71.80 -72.85 77.39
N GLU P 1 -74.93 -45.25 60.23
CA GLU P 1 -75.17 -43.83 60.02
C GLU P 1 -74.94 -43.07 61.33
N ARG P 2 -74.60 -43.82 62.37
CA ARG P 2 -74.11 -43.20 63.58
C ARG P 2 -72.79 -42.46 63.37
N ASN P 3 -72.11 -42.69 62.26
CA ASN P 3 -70.93 -41.90 61.93
C ASN P 3 -71.31 -40.70 61.10
N GLN P 4 -70.54 -39.63 61.23
CA GLN P 4 -70.93 -38.32 60.75
C GLN P 4 -69.91 -37.75 59.80
N ARG P 5 -70.40 -37.01 58.80
CA ARG P 5 -69.56 -36.39 57.80
C ARG P 5 -69.21 -34.96 58.22
N LYS P 6 -68.66 -34.16 57.31
CA LYS P 6 -68.21 -32.81 57.58
C LYS P 6 -69.09 -31.81 56.84
N VAL P 7 -69.56 -30.78 57.55
CA VAL P 7 -70.30 -29.68 56.94
C VAL P 7 -69.51 -28.41 57.14
N TYR P 8 -69.70 -27.45 56.23
CA TYR P 8 -68.92 -26.23 56.19
C TYR P 8 -69.84 -25.07 55.87
N GLN P 9 -69.27 -23.87 55.76
CA GLN P 9 -70.00 -22.65 55.46
C GLN P 9 -69.16 -21.76 54.57
N GLY P 10 -69.82 -21.04 53.65
CA GLY P 10 -69.07 -20.19 52.76
C GLY P 10 -69.99 -19.37 51.90
N ARG P 11 -69.37 -18.50 51.11
CA ARG P 11 -70.09 -17.65 50.17
C ARG P 11 -69.79 -18.09 48.75
N VAL P 12 -70.84 -18.23 47.95
CA VAL P 12 -70.69 -18.71 46.59
C VAL P 12 -69.93 -17.69 45.77
N VAL P 13 -69.13 -18.19 44.81
CA VAL P 13 -68.14 -17.39 44.10
C VAL P 13 -68.30 -17.49 42.59
N SER P 14 -68.57 -18.70 42.08
CA SER P 14 -68.84 -18.90 40.67
C SER P 14 -70.10 -19.72 40.51
N ASP P 15 -70.88 -19.40 39.47
CA ASP P 15 -72.06 -20.18 39.14
C ASP P 15 -72.22 -20.35 37.63
N LYS P 16 -71.13 -20.58 36.91
CA LYS P 16 -71.22 -20.66 35.46
C LYS P 16 -71.54 -22.07 34.98
N MET P 17 -70.86 -23.06 35.53
CA MET P 17 -71.12 -24.46 35.21
C MET P 17 -72.57 -24.82 35.51
N ASP P 18 -73.07 -25.83 34.81
CA ASP P 18 -74.42 -26.33 35.03
C ASP P 18 -74.40 -27.38 36.12
N LYS P 19 -75.10 -27.11 37.22
CA LYS P 19 -75.25 -27.96 38.40
C LYS P 19 -74.06 -27.93 39.34
N THR P 20 -73.13 -26.98 39.21
CA THR P 20 -71.93 -26.95 40.03
C THR P 20 -71.57 -25.52 40.39
N ILE P 21 -71.16 -25.31 41.64
CA ILE P 21 -70.83 -24.00 42.17
C ILE P 21 -69.57 -24.10 43.04
N THR P 22 -68.74 -23.06 42.98
CA THR P 22 -67.55 -22.97 43.82
C THR P 22 -67.87 -22.16 45.06
N VAL P 23 -67.55 -22.71 46.23
CA VAL P 23 -67.78 -22.05 47.51
C VAL P 23 -66.45 -21.83 48.20
N VAL P 24 -66.20 -20.60 48.65
CA VAL P 24 -64.99 -20.26 49.37
C VAL P 24 -65.29 -20.26 50.86
N VAL P 25 -64.61 -21.12 51.60
CA VAL P 25 -64.69 -21.14 53.06
C VAL P 25 -63.44 -20.46 53.60
N GLU P 26 -63.61 -19.53 54.53
CA GLU P 26 -62.55 -18.64 54.98
C GLU P 26 -62.30 -18.82 56.47
N THR P 27 -61.04 -18.71 56.86
CA THR P 27 -60.62 -18.93 58.24
C THR P 27 -59.32 -18.19 58.48
N LYS P 28 -59.00 -17.96 59.74
CA LYS P 28 -57.74 -17.35 60.14
C LYS P 28 -56.86 -18.36 60.87
N LYS P 29 -55.57 -18.34 60.56
CA LYS P 29 -54.60 -19.19 61.22
C LYS P 29 -53.33 -18.38 61.44
N ASN P 30 -52.51 -18.84 62.39
CA ASN P 30 -51.35 -18.08 62.82
C ASN P 30 -50.13 -18.39 61.98
N HIS P 31 -49.08 -17.63 62.21
CA HIS P 31 -47.76 -17.78 61.63
C HIS P 31 -46.91 -18.68 62.50
N PRO P 32 -46.09 -19.56 61.92
CA PRO P 32 -45.28 -20.45 62.77
C PRO P 32 -44.17 -19.77 63.55
N ILE P 33 -43.41 -18.85 62.94
CA ILE P 33 -42.34 -18.17 63.67
C ILE P 33 -42.89 -17.00 64.47
N TYR P 34 -43.46 -16.02 63.78
CA TYR P 34 -44.05 -14.86 64.43
C TYR P 34 -45.46 -15.21 64.87
N GLY P 35 -46.08 -14.28 65.58
CA GLY P 35 -47.29 -14.67 66.28
C GLY P 35 -48.57 -14.49 65.52
N LYS P 36 -48.71 -13.38 64.82
CA LYS P 36 -50.01 -12.83 64.44
C LYS P 36 -50.80 -13.75 63.53
N ARG P 37 -52.07 -13.41 63.35
CA ARG P 37 -53.03 -14.24 62.65
C ARG P 37 -53.26 -13.71 61.25
N MET P 38 -53.05 -14.56 60.27
CA MET P 38 -53.32 -14.28 58.87
C MET P 38 -54.60 -14.99 58.47
N LYS P 39 -55.25 -14.47 57.44
CA LYS P 39 -56.44 -15.14 56.94
C LYS P 39 -56.08 -16.05 55.78
N TYR P 40 -56.85 -17.12 55.66
CA TYR P 40 -56.56 -18.22 54.75
C TYR P 40 -57.85 -18.65 54.06
N SER P 41 -57.75 -19.02 52.80
CA SER P 41 -58.92 -19.39 52.01
C SER P 41 -58.64 -20.64 51.19
N LYS P 42 -59.67 -21.46 51.01
CA LYS P 42 -59.65 -22.59 50.08
C LYS P 42 -61.02 -22.71 49.44
N LYS P 43 -61.04 -23.08 48.17
CA LYS P 43 -62.26 -23.21 47.38
C LYS P 43 -62.72 -24.65 47.31
N TYR P 44 -64.04 -24.85 47.39
CA TYR P 44 -64.67 -26.15 47.28
C TYR P 44 -65.70 -26.14 46.16
N LYS P 45 -65.92 -27.29 45.54
CA LYS P 45 -66.98 -27.49 44.57
C LYS P 45 -68.10 -28.32 45.18
N ALA P 46 -69.34 -27.91 44.89
CA ALA P 46 -70.51 -28.58 45.43
C ALA P 46 -71.54 -28.75 44.33
N HIS P 47 -72.45 -29.69 44.55
CA HIS P 47 -73.40 -30.14 43.55
C HIS P 47 -74.75 -29.46 43.72
N ASP P 48 -75.39 -29.12 42.61
CA ASP P 48 -76.64 -28.36 42.61
C ASP P 48 -77.68 -29.03 41.72
N GLU P 49 -78.70 -29.62 42.34
CA GLU P 49 -79.70 -30.38 41.60
C GLU P 49 -80.39 -29.56 40.51
N ASN P 50 -80.42 -28.23 40.64
CA ASN P 50 -81.19 -27.43 39.72
C ASN P 50 -80.60 -26.06 39.42
N ASN P 51 -79.35 -25.80 39.80
CA ASN P 51 -78.68 -24.52 39.55
C ASN P 51 -79.39 -23.37 40.26
N THR P 52 -79.61 -23.54 41.56
CA THR P 52 -80.38 -22.58 42.35
C THR P 52 -79.55 -21.39 42.84
N ALA P 53 -78.63 -21.64 43.77
CA ALA P 53 -78.03 -20.56 44.54
C ALA P 53 -77.14 -19.68 43.66
N LYS P 54 -76.99 -18.42 44.08
CA LYS P 54 -76.27 -17.39 43.32
C LYS P 54 -75.19 -16.76 44.19
N VAL P 55 -74.43 -15.86 43.59
CA VAL P 55 -73.30 -15.25 44.27
C VAL P 55 -73.76 -14.49 45.51
N GLY P 56 -72.85 -14.34 46.48
CA GLY P 56 -73.16 -13.64 47.70
C GLY P 56 -73.99 -14.43 48.69
N ASP P 57 -74.59 -15.54 48.28
CA ASP P 57 -75.32 -16.36 49.22
C ASP P 57 -74.37 -16.95 50.25
N ILE P 58 -74.89 -17.22 51.43
CA ILE P 58 -74.14 -17.87 52.48
C ILE P 58 -74.76 -19.24 52.70
N VAL P 59 -73.98 -20.27 52.40
CA VAL P 59 -74.48 -21.62 52.17
C VAL P 59 -73.88 -22.56 53.20
N LYS P 60 -74.39 -23.79 53.24
CA LYS P 60 -73.70 -24.90 53.88
C LYS P 60 -73.56 -26.03 52.89
N ILE P 61 -72.47 -26.80 53.01
CA ILE P 61 -72.20 -27.95 52.16
C ILE P 61 -71.81 -29.14 53.02
N MET P 62 -71.76 -30.31 52.40
CA MET P 62 -71.51 -31.56 53.10
C MET P 62 -70.73 -32.49 52.19
N GLU P 63 -69.95 -33.37 52.81
CA GLU P 63 -69.02 -34.23 52.09
C GLU P 63 -69.71 -35.47 51.57
N THR P 64 -69.46 -35.84 50.31
CA THR P 64 -70.20 -36.99 49.80
C THR P 64 -69.37 -38.20 49.41
N ARG P 65 -68.73 -38.14 48.27
CA ARG P 65 -67.98 -39.21 47.62
C ARG P 65 -67.63 -38.62 46.27
N PRO P 66 -66.73 -39.17 45.51
CA PRO P 66 -66.41 -38.56 44.21
C PRO P 66 -67.61 -38.50 43.26
N LEU P 67 -68.01 -37.27 42.91
CA LEU P 67 -69.06 -37.03 41.93
C LEU P 67 -68.51 -36.56 40.59
N SER P 68 -67.21 -36.31 40.50
CA SER P 68 -66.52 -35.91 39.29
C SER P 68 -65.04 -35.85 39.60
N ALA P 69 -64.27 -35.36 38.64
CA ALA P 69 -62.83 -35.23 38.84
C ALA P 69 -62.49 -34.28 39.98
N THR P 70 -63.37 -33.33 40.29
CA THR P 70 -63.03 -32.31 41.29
C THR P 70 -64.08 -32.14 42.37
N LYS P 71 -65.35 -32.42 42.11
CA LYS P 71 -66.38 -32.10 43.08
C LYS P 71 -66.60 -33.22 44.08
N ARG P 72 -66.63 -32.86 45.37
CA ARG P 72 -66.81 -33.80 46.46
C ARG P 72 -67.88 -33.37 47.46
N PHE P 73 -68.66 -32.34 47.17
CA PHE P 73 -69.61 -31.81 48.14
C PHE P 73 -70.98 -31.64 47.50
N ARG P 74 -71.99 -31.56 48.34
CA ARG P 74 -73.34 -31.27 47.90
C ARG P 74 -73.86 -30.06 48.65
N LEU P 75 -74.94 -29.49 48.14
CA LEU P 75 -75.54 -28.28 48.67
C LEU P 75 -76.59 -28.63 49.72
N LEU P 76 -76.33 -28.25 50.97
CA LEU P 76 -77.28 -28.52 52.03
C LEU P 76 -78.44 -27.53 52.02
N GLU P 77 -78.15 -26.25 52.27
CA GLU P 77 -79.21 -25.26 52.37
C GLU P 77 -78.62 -23.88 52.20
N VAL P 78 -79.50 -22.94 51.84
CA VAL P 78 -79.13 -21.54 51.71
C VAL P 78 -79.57 -20.81 52.97
N VAL P 79 -78.64 -20.12 53.62
CA VAL P 79 -78.89 -19.53 54.92
C VAL P 79 -79.34 -18.07 54.81
N GLU P 80 -78.83 -17.33 53.83
CA GLU P 80 -79.00 -15.89 53.83
C GLU P 80 -78.65 -15.36 52.44
N GLU P 81 -79.63 -14.80 51.75
CA GLU P 81 -79.49 -14.50 50.34
C GLU P 81 -79.02 -13.07 50.09
N ALA P 82 -78.32 -12.88 48.98
CA ALA P 82 -77.79 -11.58 48.63
C ALA P 82 -78.83 -10.75 47.88
N VAL P 83 -78.83 -9.46 48.12
CA VAL P 83 -79.61 -8.52 47.33
C VAL P 83 -78.92 -7.17 47.34
N LYS Q 1 -40.31 56.80 67.41
CA LYS Q 1 -40.57 56.15 66.14
C LYS Q 1 -41.93 55.46 66.12
N VAL Q 2 -42.90 56.10 65.48
CA VAL Q 2 -44.27 55.61 65.42
C VAL Q 2 -44.67 55.48 63.96
N ASP Q 3 -45.37 54.39 63.61
CA ASP Q 3 -45.82 54.19 62.25
C ASP Q 3 -46.76 55.32 61.84
N TYR Q 4 -46.29 56.18 60.94
CA TYR Q 4 -47.06 57.34 60.53
C TYR Q 4 -48.32 56.96 59.78
N ILE Q 5 -48.36 55.78 59.19
CA ILE Q 5 -49.61 55.31 58.61
C ILE Q 5 -50.57 54.86 59.69
N ALA Q 6 -50.07 54.58 60.88
CA ALA Q 6 -50.89 54.35 62.05
C ALA Q 6 -51.11 55.61 62.88
N ALA Q 7 -50.38 56.69 62.59
CA ALA Q 7 -50.67 57.98 63.20
C ALA Q 7 -52.09 58.38 62.86
N ASN Q 8 -52.34 58.66 61.60
CA ASN Q 8 -53.73 58.64 61.15
C ASN Q 8 -54.17 57.20 61.03
N HIS Q 9 -55.46 57.01 60.81
CA HIS Q 9 -55.98 55.65 60.66
C HIS Q 9 -56.16 55.33 59.18
N ILE Q 10 -55.13 55.60 58.38
CA ILE Q 10 -55.29 55.68 56.94
C ILE Q 10 -55.42 54.29 56.35
N GLU Q 11 -56.51 54.07 55.61
CA GLU Q 11 -56.92 52.77 55.12
C GLU Q 11 -56.35 52.45 53.74
N TYR Q 12 -56.36 53.40 52.83
CA TYR Q 12 -55.90 53.22 51.47
C TYR Q 12 -54.74 54.18 51.20
N ILE Q 13 -53.88 53.83 50.25
CA ILE Q 13 -52.66 54.58 49.98
C ILE Q 13 -52.71 55.31 48.64
N ASP Q 14 -53.28 54.69 47.62
CA ASP Q 14 -53.71 55.35 46.39
C ASP Q 14 -52.60 55.76 45.43
N TYR Q 15 -51.33 55.64 45.81
CA TYR Q 15 -50.22 55.80 44.88
C TYR Q 15 -50.25 57.14 44.15
N LYS Q 16 -51.25 57.95 44.45
CA LYS Q 16 -51.43 59.28 43.87
C LYS Q 16 -51.06 60.39 44.83
N ASP Q 17 -51.34 60.23 46.12
CA ASP Q 17 -50.98 61.26 47.07
C ASP Q 17 -49.48 61.28 47.25
N THR Q 18 -48.77 61.80 46.24
CA THR Q 18 -47.32 61.87 46.26
C THR Q 18 -46.78 62.78 47.36
N GLU Q 19 -47.68 63.44 48.10
CA GLU Q 19 -47.25 64.18 49.28
C GLU Q 19 -46.94 63.25 50.43
N LEU Q 20 -47.79 62.24 50.63
CA LEU Q 20 -47.53 61.23 51.65
C LEU Q 20 -46.36 60.34 51.26
N LEU Q 21 -46.33 59.88 50.01
CA LEU Q 21 -45.29 58.98 49.56
C LEU Q 21 -43.91 59.59 49.70
N LYS Q 22 -43.80 60.91 49.54
CA LYS Q 22 -42.49 61.52 49.37
C LYS Q 22 -41.64 61.53 50.62
N ARG Q 23 -42.16 61.05 51.75
CA ARG Q 23 -41.42 61.00 53.00
C ARG Q 23 -40.84 59.63 53.30
N PHE Q 24 -41.02 58.67 52.40
CA PHE Q 24 -40.46 57.34 52.55
C PHE Q 24 -39.31 57.08 51.58
N ILE Q 25 -38.99 58.06 50.73
CA ILE Q 25 -37.90 57.96 49.77
C ILE Q 25 -36.78 58.90 50.22
N SER Q 26 -35.55 58.51 49.94
CA SER Q 26 -34.41 59.28 50.39
C SER Q 26 -34.31 60.58 49.60
N GLU Q 27 -33.24 61.33 49.86
CA GLU Q 27 -33.01 62.56 49.09
C GLU Q 27 -32.53 62.28 47.68
N ARG Q 28 -32.42 61.02 47.29
CA ARG Q 28 -32.10 60.66 45.92
C ARG Q 28 -33.22 59.87 45.24
N GLY Q 29 -34.23 59.44 45.96
CA GLY Q 29 -35.34 58.72 45.39
C GLY Q 29 -35.44 57.27 45.79
N LYS Q 30 -34.43 56.73 46.48
CA LYS Q 30 -34.44 55.32 46.84
C LYS Q 30 -35.33 55.07 48.05
N ILE Q 31 -35.97 53.91 48.06
CA ILE Q 31 -36.85 53.53 49.17
C ILE Q 31 -36.03 53.29 50.42
N LEU Q 32 -36.50 53.80 51.56
CA LEU Q 32 -35.85 53.70 52.85
C LEU Q 32 -36.33 52.45 53.58
N PRO Q 33 -35.45 51.80 54.34
CA PRO Q 33 -35.82 50.56 55.01
C PRO Q 33 -36.92 50.75 56.05
N ARG Q 34 -37.43 49.62 56.53
CA ARG Q 34 -38.41 49.61 57.60
C ARG Q 34 -37.83 50.09 58.92
N ARG Q 35 -36.50 50.12 59.05
CA ARG Q 35 -35.89 50.60 60.28
C ARG Q 35 -35.87 52.12 60.33
N VAL Q 36 -35.20 52.75 59.37
CA VAL Q 36 -35.00 54.19 59.37
C VAL Q 36 -36.31 54.96 59.35
N THR Q 37 -37.44 54.29 59.14
CA THR Q 37 -38.74 54.93 59.11
C THR Q 37 -39.73 54.36 60.12
N GLY Q 38 -39.41 53.23 60.75
CA GLY Q 38 -40.23 52.69 61.82
C GLY Q 38 -41.65 52.33 61.44
N THR Q 39 -41.86 51.75 60.27
CA THR Q 39 -43.19 51.32 59.88
C THR Q 39 -43.32 49.81 60.08
N GLY Q 40 -44.52 49.29 59.86
CA GLY Q 40 -44.78 47.88 60.08
C GLY Q 40 -44.45 47.01 58.89
N ALA Q 41 -44.73 45.72 59.04
CA ALA Q 41 -44.36 44.76 58.01
C ALA Q 41 -45.27 44.84 56.80
N LYS Q 42 -46.58 45.03 56.99
CA LYS Q 42 -47.48 45.04 55.86
C LYS Q 42 -47.70 46.42 55.28
N ASN Q 43 -47.68 47.45 56.11
CA ASN Q 43 -47.71 48.80 55.57
C ASN Q 43 -46.49 49.06 54.71
N GLN Q 44 -45.37 48.42 55.01
CA GLN Q 44 -44.21 48.58 54.15
C GLN Q 44 -44.44 47.94 52.80
N ARG Q 45 -45.09 46.78 52.76
CA ARG Q 45 -45.39 46.16 51.47
C ARG Q 45 -46.32 47.05 50.64
N LYS Q 46 -47.35 47.62 51.27
CA LYS Q 46 -48.25 48.52 50.56
C LYS Q 46 -47.53 49.78 50.08
N LEU Q 47 -46.69 50.37 50.93
CA LEU Q 47 -45.96 51.56 50.52
C LEU Q 47 -45.03 51.28 49.35
N THR Q 48 -44.36 50.14 49.36
CA THR Q 48 -43.45 49.81 48.27
C THR Q 48 -44.21 49.65 46.96
N ILE Q 49 -45.34 48.94 47.00
CA ILE Q 49 -46.15 48.85 45.78
C ILE Q 49 -46.63 50.23 45.35
N ALA Q 50 -46.92 51.10 46.31
CA ALA Q 50 -47.40 52.44 45.99
C ALA Q 50 -46.36 53.23 45.21
N ILE Q 51 -45.13 53.31 45.72
CA ILE Q 51 -44.15 54.14 45.04
C ILE Q 51 -43.64 53.48 43.74
N LYS Q 52 -43.64 52.14 43.66
CA LYS Q 52 -43.34 51.52 42.38
C LYS Q 52 -44.41 51.83 41.36
N ARG Q 53 -45.66 51.90 41.79
CA ARG Q 53 -46.75 52.34 40.91
C ARG Q 53 -46.53 53.78 40.47
N ALA Q 54 -46.15 54.64 41.41
CA ALA Q 54 -45.97 56.06 41.11
C ALA Q 54 -44.88 56.27 40.06
N ARG Q 55 -43.73 55.62 40.22
CA ARG Q 55 -42.62 55.86 39.30
C ARG Q 55 -43.03 55.59 37.85
N ILE Q 56 -43.86 54.58 37.62
CA ILE Q 56 -44.20 54.19 36.26
C ILE Q 56 -45.09 55.25 35.60
N MET Q 57 -46.04 55.80 36.35
CA MET Q 57 -46.96 56.81 35.88
C MET Q 57 -46.37 58.20 35.83
N GLY Q 58 -45.06 58.34 35.90
CA GLY Q 58 -44.44 59.64 35.75
C GLY Q 58 -44.78 60.65 36.80
N LEU Q 59 -45.26 60.20 37.96
CA LEU Q 59 -45.45 61.10 39.09
C LEU Q 59 -44.21 61.24 39.94
N LEU Q 60 -43.18 60.44 39.68
CA LEU Q 60 -42.09 60.31 40.62
C LEU Q 60 -40.84 59.85 39.89
N PRO Q 61 -39.66 60.35 40.25
CA PRO Q 61 -38.45 60.00 39.50
C PRO Q 61 -37.93 58.62 39.84
N PHE Q 62 -37.39 57.95 38.85
CA PHE Q 62 -36.62 56.75 39.12
C PHE Q 62 -35.28 57.12 39.74
N VAL Q 63 -34.45 57.82 38.99
CA VAL Q 63 -33.23 58.42 39.50
C VAL Q 63 -33.39 59.92 39.44
N SER Q 64 -32.67 60.64 40.30
CA SER Q 64 -32.78 62.10 40.34
C SER Q 64 -31.40 62.70 40.62
N ASP Q 65 -30.66 63.00 39.56
CA ASP Q 65 -29.44 63.78 39.67
C ASP Q 65 -29.44 64.99 38.75
N GLU Q 66 -29.82 64.83 37.49
CA GLU Q 66 -29.90 65.94 36.56
C GLU Q 66 -31.11 66.82 36.83
N SER R 1 73.15 36.78 53.77
CA SER R 1 74.01 37.84 54.25
C SER R 1 75.02 37.30 55.25
N LEU R 2 75.98 36.55 54.75
CA LEU R 2 76.94 35.83 55.57
C LEU R 2 78.29 36.50 55.45
N LYS R 3 78.31 37.82 55.65
CA LYS R 3 79.50 38.68 55.64
C LYS R 3 80.62 38.17 56.54
N LYS R 4 80.33 37.13 57.31
CA LYS R 4 81.35 36.35 58.00
C LYS R 4 81.75 35.15 57.17
N GLY R 5 82.16 35.43 55.94
CA GLY R 5 82.56 34.40 55.02
C GLY R 5 81.33 33.75 54.41
N PRO R 6 81.31 33.64 53.08
CA PRO R 6 80.20 32.94 52.43
C PRO R 6 80.22 31.45 52.77
N PHE R 7 79.20 30.75 52.29
CA PHE R 7 78.92 29.41 52.77
C PHE R 7 79.05 28.39 51.64
N VAL R 8 80.02 27.49 51.75
CA VAL R 8 80.01 26.26 50.99
C VAL R 8 79.84 25.11 51.96
N ASP R 9 79.68 23.91 51.40
CA ASP R 9 79.69 22.69 52.18
C ASP R 9 81.02 22.00 51.99
N ASP R 10 81.41 21.21 53.00
CA ASP R 10 82.71 20.58 52.95
C ASP R 10 82.78 19.55 51.82
N HIS R 11 81.74 18.71 51.70
CA HIS R 11 81.76 17.71 50.64
C HIS R 11 81.91 18.36 49.27
N LEU R 12 81.13 19.41 49.02
CA LEU R 12 81.20 20.09 47.73
C LEU R 12 82.57 20.70 47.50
N MET R 13 83.08 21.42 48.50
CA MET R 13 84.39 22.04 48.34
C MET R 13 85.50 21.00 48.26
N LYS R 14 85.36 19.89 48.98
CA LYS R 14 86.33 18.81 48.86
C LYS R 14 86.40 18.31 47.43
N LYS R 15 85.24 18.03 46.83
CA LYS R 15 85.23 17.51 45.48
C LYS R 15 85.83 18.50 44.50
N VAL R 16 85.50 19.78 44.64
CA VAL R 16 86.00 20.74 43.67
C VAL R 16 87.50 20.92 43.83
N GLU R 17 88.01 20.95 45.07
CA GLU R 17 89.45 21.00 45.27
C GLU R 17 90.13 19.79 44.68
N ALA R 18 89.48 18.62 44.75
CA ALA R 18 90.11 17.41 44.23
C ALA R 18 90.21 17.42 42.73
N GLN R 19 89.25 18.04 42.05
CA GLN R 19 89.34 18.13 40.59
C GLN R 19 90.08 19.37 40.10
N GLN R 20 90.45 20.28 41.00
CA GLN R 20 91.08 21.54 40.60
C GLN R 20 92.30 21.37 39.70
N GLY R 21 92.89 20.18 39.65
CA GLY R 21 94.09 19.98 38.87
C GLY R 21 93.91 20.05 37.36
N ALA R 22 93.21 19.08 36.78
CA ALA R 22 93.13 18.91 35.34
C ALA R 22 91.77 19.37 34.81
N GLU R 23 91.50 19.03 33.54
CA GLU R 23 90.18 19.23 32.94
C GLU R 23 89.14 18.33 33.62
N LYS R 24 87.91 18.84 33.73
CA LYS R 24 86.97 18.42 34.76
C LYS R 24 85.90 17.46 34.23
N LYS R 25 85.17 16.87 35.17
CA LYS R 25 84.12 15.88 34.93
C LYS R 25 82.74 16.46 35.26
N LYS R 26 81.72 15.96 34.57
CA LYS R 26 80.34 16.36 34.83
C LYS R 26 79.78 15.68 36.06
N VAL R 27 80.45 14.68 36.60
CA VAL R 27 79.95 13.94 37.75
C VAL R 27 80.45 14.68 38.98
N ILE R 28 79.75 15.76 39.31
CA ILE R 28 79.74 16.30 40.66
C ILE R 28 78.26 16.39 41.02
N LYS R 29 77.77 15.34 41.66
CA LYS R 29 76.34 15.17 41.91
C LYS R 29 76.11 15.35 43.39
N THR R 30 75.61 16.51 43.78
CA THR R 30 75.37 16.80 45.18
C THR R 30 73.96 17.34 45.36
N TRP R 31 73.44 17.21 46.57
CA TRP R 31 72.10 17.72 46.83
C TRP R 31 72.16 19.22 47.10
N SER R 32 72.70 19.59 48.26
CA SER R 32 73.42 20.84 48.52
C SER R 32 73.01 22.05 47.69
N ARG R 33 71.75 22.49 47.80
CA ARG R 33 71.31 23.65 47.07
C ARG R 33 71.48 24.94 47.84
N ARG R 34 72.06 24.89 49.03
CA ARG R 34 72.29 26.06 49.86
C ARG R 34 73.61 26.75 49.57
N SER R 35 74.50 26.10 48.84
CA SER R 35 75.86 26.60 48.65
C SER R 35 75.89 27.71 47.60
N THR R 36 76.76 28.68 47.82
CA THR R 36 76.98 29.74 46.84
C THR R 36 78.08 29.34 45.85
N ILE R 37 78.17 30.09 44.76
CA ILE R 37 79.02 29.74 43.63
C ILE R 37 80.34 30.48 43.80
N PHE R 38 81.28 29.86 44.51
CA PHE R 38 82.60 30.45 44.66
C PHE R 38 83.25 30.63 43.29
N PRO R 39 84.22 31.54 43.18
CA PRO R 39 84.80 31.82 41.86
C PRO R 39 85.71 30.72 41.32
N SER R 40 85.73 29.56 41.98
CA SER R 40 86.48 28.42 41.49
C SER R 40 85.61 27.37 40.82
N PHE R 41 84.29 27.46 40.99
CA PHE R 41 83.34 26.54 40.39
C PHE R 41 83.20 26.72 38.88
N VAL R 42 83.99 27.59 38.25
CA VAL R 42 83.77 27.92 36.85
C VAL R 42 84.23 26.77 35.97
N GLY R 43 83.50 26.56 34.86
CA GLY R 43 83.86 25.55 33.89
C GLY R 43 83.40 24.15 34.20
N PHE R 44 83.07 23.85 35.45
CA PHE R 44 82.58 22.53 35.82
C PHE R 44 81.13 22.38 35.38
N THR R 45 80.50 21.28 35.80
CA THR R 45 79.07 21.06 35.56
C THR R 45 78.51 20.35 36.79
N ILE R 46 77.82 21.11 37.64
CA ILE R 46 77.30 20.57 38.89
C ILE R 46 75.91 20.01 38.64
N ALA R 47 75.59 18.91 39.30
CA ALA R 47 74.26 18.31 39.25
C ALA R 47 73.51 18.67 40.53
N VAL R 48 72.39 19.36 40.39
CA VAL R 48 71.66 19.89 41.53
C VAL R 48 70.32 19.18 41.64
N TYR R 49 70.13 18.46 42.73
CA TYR R 49 68.90 17.74 43.00
C TYR R 49 67.78 18.73 43.31
N ASP R 50 66.67 18.63 42.59
CA ASP R 50 65.54 19.54 42.75
C ASP R 50 64.37 18.93 43.47
N GLY R 51 64.60 17.92 44.30
CA GLY R 51 63.54 17.22 44.97
C GLY R 51 63.07 15.98 44.26
N ARG R 52 63.34 15.84 42.96
CA ARG R 52 62.96 14.71 42.15
C ARG R 52 64.08 14.12 41.30
N LYS R 53 64.94 14.95 40.70
CA LYS R 53 65.98 14.51 39.78
C LYS R 53 67.23 15.32 40.02
N HIS R 54 68.28 15.01 39.25
CA HIS R 54 69.56 15.72 39.34
C HIS R 54 69.76 16.52 38.06
N VAL R 55 69.47 17.81 38.11
CA VAL R 55 69.59 18.67 36.94
C VAL R 55 71.04 19.12 36.81
N PRO R 56 71.65 19.04 35.64
CA PRO R 56 72.98 19.61 35.44
C PRO R 56 72.92 21.08 35.10
N VAL R 57 73.88 21.83 35.63
CA VAL R 57 73.97 23.26 35.35
C VAL R 57 75.43 23.60 35.09
N TYR R 58 75.68 24.26 33.97
CA TYR R 58 77.02 24.65 33.56
C TYR R 58 77.33 26.03 34.12
N ILE R 59 78.46 26.14 34.81
CA ILE R 59 78.79 27.33 35.56
C ILE R 59 79.60 28.26 34.67
N GLN R 60 78.93 29.29 34.15
CA GLN R 60 79.61 30.39 33.47
C GLN R 60 80.19 31.32 34.54
N GLU R 61 80.58 32.53 34.14
CA GLU R 61 81.18 33.49 35.06
C GLU R 61 80.18 34.48 35.64
N ASP R 62 79.19 34.91 34.87
CA ASP R 62 78.20 35.85 35.38
C ASP R 62 77.47 35.31 36.59
N MET R 63 77.34 34.00 36.70
CA MET R 63 76.80 33.34 37.88
C MET R 63 77.98 33.03 38.82
N VAL R 64 78.27 33.97 39.73
CA VAL R 64 79.40 33.84 40.64
C VAL R 64 79.08 34.28 42.05
N GLY R 65 77.89 34.79 42.32
CA GLY R 65 77.56 35.13 43.69
C GLY R 65 76.28 34.46 44.13
N HIS R 66 75.54 33.91 43.17
CA HIS R 66 74.24 33.31 43.43
C HIS R 66 74.43 31.96 44.09
N LYS R 67 73.33 31.25 44.29
CA LYS R 67 73.31 29.96 44.94
C LYS R 67 73.12 28.86 43.89
N LEU R 68 73.41 27.62 44.30
CA LEU R 68 73.22 26.52 43.38
C LEU R 68 71.75 26.16 43.20
N GLY R 69 70.88 26.59 44.09
CA GLY R 69 69.48 26.31 43.87
C GLY R 69 68.77 27.23 42.92
N GLU R 70 69.38 28.36 42.56
CA GLU R 70 68.73 29.30 41.67
C GLU R 70 68.71 28.82 40.22
N PHE R 71 69.29 27.66 39.92
CA PHE R 71 69.44 27.19 38.55
C PHE R 71 68.84 25.80 38.37
N ALA R 72 67.90 25.45 39.22
CA ALA R 72 67.19 24.17 39.18
C ALA R 72 65.84 24.34 39.87
N PRO R 73 64.82 24.76 39.15
CA PRO R 73 63.54 25.06 39.79
C PRO R 73 62.82 23.79 40.20
N THR R 74 61.76 23.96 40.98
CA THR R 74 61.11 22.83 41.61
C THR R 74 59.63 22.69 41.33
N ARG R 75 58.99 23.65 40.66
CA ARG R 75 57.54 23.70 40.67
C ARG R 75 56.86 23.09 39.44
N THR R 76 57.42 23.24 38.23
CA THR R 76 56.84 22.66 37.02
C THR R 76 55.45 23.24 36.72
N TYR R 77 55.45 24.47 36.26
CA TYR R 77 54.23 25.11 35.77
C TYR R 77 54.22 25.12 34.24
N ARG R 78 53.12 24.64 33.66
CA ARG R 78 52.91 24.57 32.21
C ARG R 78 54.13 24.04 31.46
N PRO S 1 -36.08 -71.00 33.07
CA PRO S 1 -36.09 -70.79 34.53
C PRO S 1 -35.07 -71.66 35.24
N ASN S 2 -34.84 -71.39 36.52
CA ASN S 2 -33.79 -72.05 37.30
C ASN S 2 -34.34 -73.08 38.27
N ILE S 3 -35.34 -72.70 39.04
CA ILE S 3 -35.92 -73.58 40.04
C ILE S 3 -36.84 -74.57 39.36
N GLU S 4 -36.82 -75.81 39.84
CA GLU S 4 -37.61 -76.88 39.26
C GLU S 4 -39.10 -76.59 39.33
N SER S 5 -39.55 -75.96 40.41
CA SER S 5 -40.98 -75.69 40.57
C SER S 5 -41.46 -74.54 39.71
N ALA S 6 -40.54 -73.70 39.23
CA ALA S 6 -40.91 -72.63 38.32
C ALA S 6 -41.16 -73.14 36.92
N ILE S 7 -40.57 -74.28 36.58
CA ILE S 7 -40.74 -74.89 35.26
C ILE S 7 -42.10 -75.55 35.12
N LYS S 8 -42.65 -76.10 36.21
CA LYS S 8 -43.98 -76.70 36.14
C LYS S 8 -45.08 -75.64 36.05
N ARG S 9 -44.92 -74.54 36.78
CA ARG S 9 -45.93 -73.48 36.73
C ARG S 9 -46.13 -72.96 35.32
N VAL S 10 -45.09 -73.02 34.49
CA VAL S 10 -45.18 -72.48 33.13
C VAL S 10 -46.21 -73.26 32.30
N ARG S 11 -46.07 -74.58 32.25
CA ARG S 11 -47.04 -75.39 31.51
C ARG S 11 -48.41 -75.40 32.19
N THR S 12 -48.45 -75.46 33.51
CA THR S 12 -49.74 -75.47 34.18
C THR S 12 -50.54 -74.23 33.84
N SER S 13 -49.91 -73.06 33.89
CA SER S 13 -50.62 -71.83 33.62
C SER S 13 -50.91 -71.66 32.13
N ALA S 14 -50.05 -72.20 31.26
CA ALA S 14 -50.39 -72.20 29.84
C ALA S 14 -51.69 -72.96 29.57
N ASN S 15 -51.83 -74.14 30.17
CA ASN S 15 -53.05 -74.92 29.99
C ASN S 15 -54.28 -74.23 30.57
N ALA S 16 -54.14 -73.65 31.76
CA ALA S 16 -55.24 -72.92 32.35
C ALA S 16 -55.68 -71.77 31.44
N ASN S 17 -54.71 -71.07 30.84
CA ASN S 17 -55.04 -69.98 29.93
C ASN S 17 -55.85 -70.48 28.76
N ALA S 18 -55.41 -71.60 28.16
CA ALA S 18 -56.14 -72.16 27.02
C ALA S 18 -57.61 -72.36 27.35
N LYS S 19 -57.90 -73.15 28.38
CA LYS S 19 -59.32 -73.44 28.61
C LYS S 19 -60.10 -72.23 29.11
N ASN S 20 -59.46 -71.34 29.88
CA ASN S 20 -60.15 -70.13 30.33
C ASN S 20 -60.63 -69.30 29.15
N SER S 21 -59.75 -69.09 28.17
CA SER S 21 -60.14 -68.28 27.02
C SER S 21 -61.24 -68.95 26.21
N SER S 22 -61.14 -70.27 26.02
CA SER S 22 -62.22 -70.98 25.33
C SER S 22 -63.58 -70.67 25.96
N GLN S 23 -63.67 -70.83 27.28
CA GLN S 23 -64.99 -70.71 27.91
C GLN S 23 -65.47 -69.26 27.94
N THR S 24 -64.55 -68.29 28.09
CA THR S 24 -64.98 -66.89 28.02
C THR S 24 -65.57 -66.56 26.66
N ASN S 25 -64.94 -67.05 25.59
CA ASN S 25 -65.48 -66.78 24.27
C ASN S 25 -66.85 -67.42 24.11
N ALA S 26 -67.04 -68.62 24.65
CA ALA S 26 -68.37 -69.22 24.66
C ALA S 26 -69.41 -68.26 25.23
N MET S 27 -69.14 -67.72 26.42
CA MET S 27 -70.09 -66.82 27.05
C MET S 27 -70.36 -65.58 26.20
N ARG S 28 -69.29 -64.97 25.68
CA ARG S 28 -69.44 -63.74 24.92
C ARG S 28 -70.29 -63.95 23.69
N THR S 29 -70.11 -65.08 22.99
CA THR S 29 -70.93 -65.32 21.81
C THR S 29 -72.38 -65.63 22.18
N ALA S 30 -72.64 -66.31 23.29
CA ALA S 30 -74.03 -66.49 23.70
C ALA S 30 -74.73 -65.14 23.89
N ILE S 31 -74.08 -64.23 24.62
CA ILE S 31 -74.69 -62.92 24.86
C ILE S 31 -74.92 -62.19 23.54
N LYS S 32 -73.90 -62.15 22.68
CA LYS S 32 -74.04 -61.43 21.43
C LYS S 32 -75.11 -62.05 20.54
N LYS S 33 -75.29 -63.36 20.61
CA LYS S 33 -76.30 -64.04 19.83
C LYS S 33 -77.70 -63.68 20.30
N PHE S 34 -77.85 -63.39 21.60
CA PHE S 34 -79.12 -62.84 22.03
C PHE S 34 -79.31 -61.41 21.54
N GLU S 35 -78.27 -60.59 21.61
CA GLU S 35 -78.42 -59.18 21.26
C GLU S 35 -78.80 -59.00 19.79
N GLU S 36 -78.16 -59.76 18.91
CA GLU S 36 -78.47 -59.64 17.48
C GLU S 36 -79.86 -60.15 17.11
N ALA S 37 -80.53 -60.89 18.00
CA ALA S 37 -81.91 -61.30 17.75
C ALA S 37 -82.93 -60.43 18.44
N VAL S 38 -82.54 -59.71 19.49
CA VAL S 38 -83.45 -58.68 20.01
C VAL S 38 -83.37 -57.42 19.18
N ALA S 39 -82.27 -57.19 18.48
CA ALA S 39 -82.20 -56.04 17.59
C ALA S 39 -82.88 -56.29 16.25
N ALA S 40 -83.30 -57.52 15.97
CA ALA S 40 -84.06 -57.83 14.76
C ALA S 40 -85.55 -57.88 15.00
N GLY S 41 -85.98 -58.17 16.23
CA GLY S 41 -87.40 -58.34 16.49
C GLY S 41 -87.89 -59.70 16.05
N ALA S 42 -87.15 -60.76 16.38
CA ALA S 42 -87.42 -62.10 15.87
C ALA S 42 -88.22 -62.94 16.87
N ASP S 43 -89.01 -63.85 16.33
CA ASP S 43 -89.51 -64.99 17.06
C ASP S 43 -88.34 -65.77 17.66
N ASN S 44 -88.62 -66.58 18.67
CA ASN S 44 -87.58 -67.27 19.44
C ASN S 44 -86.65 -66.24 20.09
N VAL S 45 -87.25 -65.46 20.98
CA VAL S 45 -86.58 -64.33 21.62
C VAL S 45 -86.45 -64.50 23.13
N ASP S 46 -87.32 -65.28 23.76
CA ASP S 46 -87.16 -65.53 25.18
C ASP S 46 -86.25 -66.72 25.46
N ALA S 47 -86.23 -67.70 24.56
CA ALA S 47 -85.36 -68.87 24.78
C ALA S 47 -83.90 -68.47 24.78
N LEU S 48 -83.46 -67.64 23.83
CA LEU S 48 -82.05 -67.25 23.85
C LEU S 48 -81.73 -66.23 24.94
N TYR S 49 -82.72 -65.48 25.42
CA TYR S 49 -82.52 -64.72 26.65
C TYR S 49 -82.20 -65.65 27.81
N ASN S 50 -83.00 -66.71 27.96
CA ASN S 50 -82.72 -67.71 28.99
C ASN S 50 -81.34 -68.30 28.83
N GLU S 51 -80.95 -68.62 27.60
CA GLU S 51 -79.66 -69.25 27.37
C GLU S 51 -78.52 -68.33 27.72
N ALA S 52 -78.63 -67.04 27.39
CA ALA S 52 -77.57 -66.10 27.75
C ALA S 52 -77.45 -65.95 29.27
N VAL S 53 -78.57 -65.89 29.96
CA VAL S 53 -78.51 -65.81 31.42
C VAL S 53 -77.78 -67.02 31.97
N LYS S 54 -78.15 -68.22 31.51
CA LYS S 54 -77.49 -69.44 31.97
C LYS S 54 -76.01 -69.43 31.66
N ALA S 55 -75.63 -68.89 30.51
CA ALA S 55 -74.23 -68.83 30.14
C ALA S 55 -73.43 -68.01 31.13
N VAL S 56 -73.93 -66.82 31.46
CA VAL S 56 -73.24 -65.96 32.42
C VAL S 56 -73.13 -66.67 33.78
N ASP S 57 -74.24 -67.23 34.26
CA ASP S 57 -74.23 -67.90 35.55
C ASP S 57 -73.19 -69.02 35.59
N MET S 58 -73.09 -69.82 34.53
CA MET S 58 -72.10 -70.90 34.53
C MET S 58 -70.68 -70.36 34.46
N ALA S 59 -70.46 -69.23 33.79
CA ALA S 59 -69.12 -68.66 33.79
C ALA S 59 -68.71 -68.19 35.17
N ALA S 60 -69.67 -67.77 36.00
CA ALA S 60 -69.31 -67.31 37.33
C ALA S 60 -68.93 -68.45 38.26
N THR S 61 -69.42 -69.67 38.03
CA THR S 61 -69.00 -70.79 38.87
C THR S 61 -67.70 -71.42 38.40
N LYS S 62 -67.21 -71.05 37.23
CA LYS S 62 -65.94 -71.54 36.71
C LYS S 62 -64.79 -70.60 37.02
N GLY S 63 -65.00 -69.61 37.88
CA GLY S 63 -63.96 -68.67 38.23
C GLY S 63 -63.43 -67.85 37.09
N LEU S 64 -64.32 -67.31 36.26
CA LEU S 64 -63.92 -66.54 35.09
C LEU S 64 -64.29 -65.07 35.17
N ILE S 65 -65.46 -64.75 35.71
CA ILE S 65 -65.87 -63.40 36.06
C ILE S 65 -66.18 -63.40 37.55
N HIS S 66 -66.06 -62.25 38.21
CA HIS S 66 -65.97 -62.30 39.67
C HIS S 66 -67.22 -62.81 40.37
N LYS S 67 -68.16 -61.93 40.71
CA LYS S 67 -69.53 -62.30 41.03
C LYS S 67 -70.41 -61.09 40.84
N ASN S 68 -69.81 -59.91 41.06
CA ASN S 68 -70.51 -58.66 40.86
C ASN S 68 -70.67 -58.36 39.38
N LYS S 69 -69.66 -58.73 38.58
CA LYS S 69 -69.80 -58.64 37.14
C LYS S 69 -70.99 -59.45 36.64
N ALA S 70 -71.25 -60.59 37.26
CA ALA S 70 -72.37 -61.41 36.83
C ALA S 70 -73.70 -60.77 37.19
N ASN S 71 -73.82 -60.22 38.41
CA ASN S 71 -75.02 -59.47 38.77
C ASN S 71 -75.26 -58.33 37.80
N ARG S 72 -74.22 -57.55 37.50
CA ARG S 72 -74.33 -56.48 36.52
C ARG S 72 -74.82 -56.99 35.17
N ASP S 73 -74.24 -58.08 34.69
CA ASP S 73 -74.62 -58.60 33.38
C ASP S 73 -76.07 -59.02 33.34
N LYS S 74 -76.49 -59.82 34.31
CA LYS S 74 -77.87 -60.26 34.35
C LYS S 74 -78.84 -59.09 34.47
N ILE S 75 -78.45 -58.04 35.20
CA ILE S 75 -79.28 -56.84 35.27
C ILE S 75 -79.43 -56.20 33.90
N ARG S 76 -78.30 -55.99 33.22
CA ARG S 76 -78.35 -55.33 31.93
C ARG S 76 -79.23 -56.09 30.95
N LEU S 77 -79.04 -57.40 30.87
CA LEU S 77 -79.84 -58.21 29.95
C LEU S 77 -81.30 -58.19 30.33
N SER S 78 -81.61 -58.26 31.63
CA SER S 78 -82.99 -58.22 32.06
C SER S 78 -83.68 -56.94 31.62
N LYS S 79 -82.97 -55.82 31.68
CA LYS S 79 -83.63 -54.57 31.27
C LYS S 79 -83.84 -54.48 29.77
N LEU S 80 -83.30 -55.40 28.97
CA LEU S 80 -83.42 -55.33 27.53
C LEU S 80 -84.60 -56.14 27.00
N ALA S 81 -84.86 -57.31 27.57
CA ALA S 81 -85.90 -58.21 27.10
C ALA S 81 -87.03 -58.36 28.10
N LYS S 82 -86.75 -58.93 29.27
CA LYS S 82 -87.76 -59.12 30.31
C LYS S 82 -87.57 -58.15 31.46
N ALA V 1 -53.50 20.95 9.37
CA ALA V 1 -52.31 20.33 9.92
C ALA V 1 -51.62 19.49 8.85
N ILE V 2 -50.45 18.96 9.20
CA ILE V 2 -49.68 18.09 8.32
C ILE V 2 -50.03 16.65 8.64
N LYS V 3 -50.38 15.89 7.61
CA LYS V 3 -50.82 14.50 7.74
C LYS V 3 -49.65 13.57 7.44
N LYS V 4 -49.45 12.55 8.28
CA LYS V 4 -48.35 11.61 8.12
C LYS V 4 -48.85 10.23 7.73
N TYR V 5 -48.25 9.65 6.71
CA TYR V 5 -48.66 8.35 6.19
C TYR V 5 -47.90 7.23 6.88
N LYS V 6 -48.52 6.09 6.95
CA LYS V 6 -47.86 4.93 7.49
C LYS V 6 -47.00 4.24 6.42
N PRO V 7 -45.96 3.56 6.83
CA PRO V 7 -45.02 3.00 5.84
C PRO V 7 -45.46 1.66 5.27
N THR V 8 -46.54 1.68 4.49
CA THR V 8 -47.10 0.46 3.92
C THR V 8 -46.44 0.04 2.62
N THR V 9 -45.85 0.96 1.88
CA THR V 9 -44.98 0.66 0.75
C THR V 9 -43.70 1.46 0.90
N ASN V 10 -42.68 1.08 0.12
CA ASN V 10 -41.42 1.80 0.17
C ASN V 10 -41.53 3.21 -0.36
N GLY V 11 -42.46 3.46 -1.27
CA GLY V 11 -42.76 4.78 -1.79
C GLY V 11 -43.63 5.61 -0.88
N ARG V 12 -43.93 5.13 0.32
CA ARG V 12 -44.78 5.82 1.25
C ARG V 12 -44.11 6.21 2.55
N ARG V 13 -42.87 5.76 2.81
CA ARG V 13 -42.35 5.72 4.17
C ARG V 13 -42.38 7.09 4.84
N ASN V 14 -41.81 8.09 4.19
CA ASN V 14 -41.63 9.35 4.86
C ASN V 14 -42.33 10.49 4.15
N MET V 15 -43.58 10.28 3.73
CA MET V 15 -44.40 11.28 3.06
C MET V 15 -45.33 11.95 4.04
N THR V 16 -45.64 13.21 3.74
CA THR V 16 -46.63 13.97 4.51
C THR V 16 -47.46 14.80 3.55
N SER V 17 -48.64 15.23 4.01
CA SER V 17 -49.54 16.00 3.17
C SER V 17 -50.37 16.97 4.01
N SER V 18 -51.12 17.82 3.32
CA SER V 18 -52.01 18.77 3.95
C SER V 18 -53.34 18.14 4.34
N ASP V 19 -53.91 18.62 5.43
CA ASP V 19 -55.22 18.14 5.85
C ASP V 19 -56.35 18.75 5.02
N PHE V 20 -56.15 19.95 4.48
CA PHE V 20 -57.18 20.64 3.70
C PHE V 20 -58.41 20.90 4.55
N ALA V 21 -58.21 21.50 5.71
CA ALA V 21 -59.30 21.70 6.64
C ALA V 21 -59.84 23.13 6.66
N GLU V 22 -59.11 24.10 6.11
CA GLU V 22 -59.64 25.44 5.92
C GLU V 22 -60.45 25.57 4.64
N ILE V 23 -60.37 24.59 3.77
CA ILE V 23 -61.10 24.59 2.51
C ILE V 23 -62.52 24.15 2.78
N THR V 24 -63.49 24.91 2.26
CA THR V 24 -64.89 24.64 2.58
C THR V 24 -65.72 24.12 1.40
N THR V 25 -65.23 24.20 0.17
CA THR V 25 -65.94 23.63 -0.97
C THR V 25 -64.93 23.12 -1.99
N SER V 26 -65.45 22.47 -3.03
CA SER V 26 -64.61 21.96 -4.10
C SER V 26 -65.22 22.17 -5.46
N THR V 27 -65.99 23.24 -5.65
CA THR V 27 -66.65 23.53 -6.93
C THR V 27 -66.59 25.02 -7.22
N PRO V 28 -65.71 25.46 -8.11
CA PRO V 28 -65.44 26.89 -8.27
C PRO V 28 -66.53 27.64 -9.06
N GLU V 29 -66.48 28.96 -8.96
CA GLU V 29 -67.43 29.81 -9.65
C GLU V 29 -67.14 29.80 -11.14
N LYS V 30 -68.19 29.58 -11.94
CA LYS V 30 -67.99 29.29 -13.35
C LYS V 30 -67.53 30.51 -14.12
N SER V 31 -68.07 31.67 -13.82
CA SER V 31 -67.80 32.87 -14.58
C SER V 31 -66.46 33.51 -14.27
N LEU V 32 -65.56 32.80 -13.59
CA LEU V 32 -64.25 33.36 -13.26
C LEU V 32 -63.10 32.46 -13.67
N LEU V 33 -63.32 31.47 -14.52
CA LEU V 33 -62.27 30.60 -14.99
C LEU V 33 -62.00 30.84 -16.47
N GLN V 34 -60.73 30.77 -16.85
CA GLN V 34 -60.27 30.82 -18.22
C GLN V 34 -59.33 29.65 -18.46
N PRO V 35 -59.06 29.32 -19.73
CA PRO V 35 -58.13 28.24 -20.04
C PRO V 35 -56.68 28.62 -19.83
N LEU V 36 -55.81 27.60 -19.82
CA LEU V 36 -54.36 27.73 -19.74
C LEU V 36 -53.75 26.71 -20.71
N LYS V 37 -52.42 26.63 -20.76
CA LYS V 37 -51.84 25.75 -21.78
C LYS V 37 -50.68 24.86 -21.34
N ASN V 38 -49.87 25.18 -20.34
CA ASN V 38 -48.66 24.41 -20.06
C ASN V 38 -47.65 24.52 -21.22
N ASN V 39 -47.01 25.68 -21.28
CA ASN V 39 -45.99 25.95 -22.29
C ASN V 39 -44.84 24.96 -22.25
N ALA V 40 -44.54 24.39 -21.08
CA ALA V 40 -43.45 23.42 -20.85
C ALA V 40 -42.06 23.99 -21.15
N GLY V 41 -41.88 25.29 -20.98
CA GLY V 41 -40.58 25.90 -21.08
C GLY V 41 -40.14 26.30 -22.47
N ARG V 42 -41.04 26.32 -23.46
CA ARG V 42 -40.70 26.61 -24.83
C ARG V 42 -41.17 27.99 -25.23
N ASN V 43 -40.53 28.51 -26.26
CA ASN V 43 -40.53 29.90 -26.65
C ASN V 43 -41.58 30.21 -27.71
N ASN V 44 -41.64 31.49 -28.05
CA ASN V 44 -42.09 31.99 -29.34
C ASN V 44 -41.61 31.15 -30.51
N ASN V 45 -40.33 30.81 -30.52
CA ASN V 45 -39.70 30.10 -31.62
C ASN V 45 -39.88 28.59 -31.53
N GLY V 46 -40.38 28.07 -30.42
CA GLY V 46 -40.46 26.65 -30.22
C GLY V 46 -39.28 26.05 -29.53
N ARG V 47 -38.50 26.82 -28.81
CA ARG V 47 -37.25 26.33 -28.22
C ARG V 47 -37.31 26.36 -26.70
N ILE V 48 -36.63 25.41 -26.08
CA ILE V 48 -36.53 25.37 -24.63
C ILE V 48 -35.64 26.52 -24.17
N THR V 49 -36.23 27.48 -23.47
CA THR V 49 -35.51 28.56 -22.83
C THR V 49 -35.34 28.34 -21.33
N VAL V 50 -36.07 27.43 -20.73
CA VAL V 50 -35.93 27.09 -19.32
C VAL V 50 -36.00 25.58 -19.20
N ARG V 51 -34.93 24.96 -18.71
CA ARG V 51 -34.91 23.51 -18.53
C ARG V 51 -35.81 23.08 -17.38
N HIS V 52 -36.15 21.78 -17.39
CA HIS V 52 -36.75 21.01 -16.30
C HIS V 52 -38.24 21.28 -16.10
N GLN V 53 -38.98 21.72 -17.11
CA GLN V 53 -40.41 22.00 -16.96
C GLN V 53 -41.23 21.21 -17.96
N GLY V 54 -42.38 20.71 -17.53
CA GLY V 54 -43.34 20.12 -18.44
C GLY V 54 -44.19 18.98 -17.90
N GLY V 55 -45.39 18.87 -18.45
CA GLY V 55 -46.20 17.67 -18.47
C GLY V 55 -46.87 17.07 -17.25
N GLY V 56 -47.48 17.87 -16.40
CA GLY V 56 -48.17 17.30 -15.24
C GLY V 56 -49.67 17.18 -15.39
N HIS V 57 -50.42 17.83 -14.51
CA HIS V 57 -51.87 17.82 -14.55
C HIS V 57 -52.39 19.11 -15.19
N LYS V 58 -53.61 19.01 -15.73
CA LYS V 58 -54.28 20.11 -16.40
C LYS V 58 -54.83 21.10 -15.39
N ARG V 59 -54.84 22.38 -15.77
CA ARG V 59 -55.27 23.44 -14.85
C ARG V 59 -56.13 24.47 -15.56
N GLN V 60 -57.08 25.03 -14.82
CA GLN V 60 -57.84 26.19 -15.27
C GLN V 60 -57.44 27.40 -14.44
N TYR V 61 -57.41 28.55 -15.07
CA TYR V 61 -56.96 29.76 -14.40
C TYR V 61 -58.11 30.47 -13.71
N ARG V 62 -57.92 30.77 -12.42
CA ARG V 62 -58.84 31.60 -11.65
C ARG V 62 -58.39 33.06 -11.72
N VAL V 63 -59.30 33.98 -11.98
CA VAL V 63 -58.96 35.40 -12.02
C VAL V 63 -59.02 35.97 -10.61
N ILE V 64 -57.95 36.62 -10.20
CA ILE V 64 -57.83 37.21 -8.88
C ILE V 64 -57.91 38.72 -9.02
N ASP V 65 -58.36 39.38 -7.96
CA ASP V 65 -58.34 40.84 -7.84
C ASP V 65 -57.09 41.25 -7.10
N PHE V 66 -56.06 41.62 -7.84
CA PHE V 66 -54.86 42.16 -7.24
C PHE V 66 -54.91 43.67 -7.11
N LYS V 67 -55.95 44.32 -7.64
CA LYS V 67 -56.09 45.76 -7.64
C LYS V 67 -56.85 46.30 -6.43
N ARG V 68 -58.02 45.73 -6.13
CA ARG V 68 -58.84 46.15 -4.99
C ARG V 68 -59.26 47.61 -5.13
N ASN V 69 -60.16 47.84 -6.10
CA ASN V 69 -60.57 49.17 -6.51
C ASN V 69 -62.03 49.52 -6.21
N LYS V 70 -62.82 48.61 -5.65
CA LYS V 70 -64.24 48.86 -5.44
C LYS V 70 -64.46 49.39 -4.03
N ASP V 71 -64.57 50.71 -3.88
CA ASP V 71 -64.60 51.31 -2.57
C ASP V 71 -66.01 51.56 -2.06
N ASN V 72 -66.12 51.67 -0.73
CA ASN V 72 -67.34 52.08 -0.04
C ASN V 72 -68.51 51.13 -0.30
N VAL V 73 -68.21 49.86 -0.56
CA VAL V 73 -69.19 48.79 -0.74
C VAL V 73 -68.60 47.56 -0.06
N ALA V 74 -69.29 47.03 0.95
CA ALA V 74 -68.78 45.87 1.65
C ALA V 74 -68.93 44.60 0.82
N ALA V 75 -68.09 43.62 1.13
CA ALA V 75 -68.10 42.31 0.48
C ALA V 75 -68.07 41.22 1.54
N VAL V 76 -68.92 40.21 1.37
CA VAL V 76 -69.01 39.11 2.32
C VAL V 76 -68.23 37.93 1.79
N VAL V 77 -67.67 37.14 2.69
CA VAL V 77 -66.80 36.01 2.36
C VAL V 77 -67.62 34.73 2.38
N LYS V 78 -67.62 34.00 1.27
CA LYS V 78 -68.48 32.84 1.07
C LYS V 78 -67.76 31.51 1.14
N THR V 79 -66.54 31.42 0.62
CA THR V 79 -65.82 30.16 0.52
C THR V 79 -64.33 30.40 0.64
N ILE V 80 -63.60 29.39 1.08
CA ILE V 80 -62.14 29.33 1.03
C ILE V 80 -61.78 28.12 0.20
N GLU V 81 -60.99 28.30 -0.85
CA GLU V 81 -60.89 27.30 -1.90
C GLU V 81 -59.45 26.96 -2.24
N TYR V 82 -59.29 25.98 -3.12
CA TYR V 82 -58.00 25.48 -3.58
C TYR V 82 -57.65 26.14 -4.89
N ASP V 83 -56.46 26.72 -4.98
CA ASP V 83 -55.98 27.19 -6.26
C ASP V 83 -54.82 26.33 -6.72
N PRO V 84 -54.89 25.79 -7.94
CA PRO V 84 -53.74 25.06 -8.51
C PRO V 84 -52.58 25.93 -8.98
N ASN V 85 -52.76 27.24 -9.10
CA ASN V 85 -51.77 28.06 -9.75
C ASN V 85 -50.86 28.79 -8.78
N ARG V 86 -51.23 28.86 -7.51
CA ARG V 86 -50.39 29.51 -6.52
C ARG V 86 -50.24 28.58 -5.32
N SER V 87 -49.62 29.04 -4.24
CA SER V 87 -49.56 28.22 -3.03
C SER V 87 -50.40 28.76 -1.89
N ALA V 88 -51.02 29.93 -2.05
CA ALA V 88 -51.95 30.40 -1.04
C ALA V 88 -53.34 29.89 -1.38
N ASN V 89 -54.24 29.96 -0.41
CA ASN V 89 -55.64 29.67 -0.68
C ASN V 89 -56.36 30.94 -1.12
N ILE V 90 -57.62 30.81 -1.49
CA ILE V 90 -58.33 31.81 -2.27
C ILE V 90 -59.76 31.92 -1.74
N ALA V 91 -60.35 33.11 -1.83
CA ALA V 91 -61.66 33.36 -1.24
C ALA V 91 -62.63 33.93 -2.26
N LEU V 92 -63.85 33.38 -2.30
CA LEU V 92 -64.91 33.90 -3.16
C LEU V 92 -65.70 34.90 -2.35
N VAL V 93 -65.96 36.05 -2.96
CA VAL V 93 -66.44 37.22 -2.26
C VAL V 93 -67.63 37.80 -3.00
N HIS V 94 -68.69 38.11 -2.27
CA HIS V 94 -69.91 38.69 -2.83
C HIS V 94 -69.96 40.16 -2.46
N TYR V 95 -69.84 41.04 -3.45
CA TYR V 95 -70.19 42.44 -3.21
C TYR V 95 -71.70 42.55 -3.11
N GLU V 96 -72.18 43.74 -2.72
CA GLU V 96 -73.62 43.91 -2.52
C GLU V 96 -74.36 44.28 -3.80
N ASP V 97 -73.72 45.01 -4.71
CA ASP V 97 -74.21 45.11 -6.08
C ASP V 97 -74.41 43.75 -6.71
N GLY V 98 -73.71 42.73 -6.22
CA GLY V 98 -73.74 41.44 -6.84
C GLY V 98 -72.61 41.15 -7.80
N VAL V 99 -71.52 41.86 -7.73
CA VAL V 99 -70.31 41.45 -8.43
C VAL V 99 -69.64 40.36 -7.61
N LYS V 100 -69.07 39.37 -8.29
CA LYS V 100 -68.31 38.32 -7.62
C LYS V 100 -66.84 38.52 -7.89
N ALA V 101 -66.00 38.04 -6.98
CA ALA V 101 -64.56 38.13 -7.17
C ALA V 101 -63.85 37.10 -6.31
N TYR V 102 -62.62 36.81 -6.70
CA TYR V 102 -61.69 36.00 -5.93
C TYR V 102 -60.64 36.91 -5.31
N ILE V 103 -60.05 36.45 -4.21
CA ILE V 103 -59.12 37.25 -3.44
C ILE V 103 -58.16 36.31 -2.75
N LEU V 104 -56.92 36.76 -2.51
CA LEU V 104 -55.99 35.94 -1.75
C LEU V 104 -56.45 35.85 -0.30
N ALA V 105 -56.32 34.67 0.28
CA ALA V 105 -56.84 34.41 1.61
C ALA V 105 -55.79 34.66 2.66
N PRO V 106 -55.94 35.66 3.53
CA PRO V 106 -54.93 35.92 4.56
C PRO V 106 -55.09 34.99 5.75
N LYS V 107 -54.16 35.09 6.69
CA LYS V 107 -54.17 34.24 7.87
C LYS V 107 -55.32 34.65 8.78
N GLY V 108 -56.22 33.70 9.06
CA GLY V 108 -57.30 33.95 9.97
C GLY V 108 -58.49 34.65 9.36
N LEU V 109 -58.94 34.21 8.20
CA LEU V 109 -60.14 34.71 7.56
C LEU V 109 -61.26 33.72 7.80
N GLU V 110 -62.37 34.20 8.32
CA GLU V 110 -63.54 33.37 8.57
C GLU V 110 -64.59 33.65 7.50
N VAL V 111 -65.35 32.61 7.17
CA VAL V 111 -66.51 32.80 6.30
C VAL V 111 -67.52 33.67 7.02
N GLY V 112 -67.90 34.78 6.39
CA GLY V 112 -68.88 35.68 6.97
C GLY V 112 -68.41 37.10 7.21
N MET V 113 -67.11 37.40 7.16
CA MET V 113 -66.63 38.75 7.37
C MET V 113 -67.06 39.68 6.25
N ARG V 114 -66.97 40.98 6.50
CA ARG V 114 -67.38 42.01 5.55
C ARG V 114 -66.24 43.00 5.39
N LEU V 115 -65.53 42.93 4.26
CA LEU V 115 -64.30 43.68 4.04
C LEU V 115 -64.59 44.97 3.28
N VAL V 116 -63.77 46.00 3.57
CA VAL V 116 -63.92 47.33 3.00
C VAL V 116 -62.60 47.76 2.38
N SER V 117 -62.65 48.58 1.34
CA SER V 117 -61.50 48.77 0.47
C SER V 117 -61.29 50.22 0.03
N GLY V 118 -61.21 51.16 0.98
CA GLY V 118 -60.83 52.51 0.62
C GLY V 118 -59.91 53.20 1.63
N PRO V 119 -59.71 54.51 1.48
CA PRO V 119 -58.87 55.24 2.45
C PRO V 119 -59.48 55.36 3.83
N GLU V 120 -60.80 55.34 3.94
CA GLU V 120 -61.49 55.41 5.22
C GLU V 120 -61.82 54.04 5.79
N ALA V 121 -61.31 52.98 5.17
CA ALA V 121 -61.49 51.65 5.73
C ALA V 121 -60.77 51.54 7.07
N ASP V 122 -61.14 50.52 7.84
CA ASP V 122 -60.51 50.27 9.12
C ASP V 122 -59.27 49.40 8.96
N ILE V 123 -58.52 49.26 10.05
CA ILE V 123 -57.35 48.39 10.08
C ILE V 123 -57.80 47.04 10.62
N LYS V 124 -58.31 46.19 9.73
CA LYS V 124 -58.65 44.82 10.04
C LYS V 124 -58.10 43.93 8.94
N VAL V 125 -57.87 42.67 9.30
CA VAL V 125 -57.41 41.68 8.33
C VAL V 125 -58.40 41.59 7.18
N GLY V 126 -57.87 41.66 5.95
CA GLY V 126 -58.67 41.64 4.76
C GLY V 126 -58.84 43.00 4.11
N ASN V 127 -58.91 44.06 4.89
CA ASN V 127 -59.13 45.40 4.38
C ASN V 127 -57.93 45.90 3.58
N ALA V 128 -58.20 46.66 2.51
CA ALA V 128 -57.15 47.19 1.64
C ALA V 128 -57.23 48.71 1.60
N LEU V 129 -56.08 49.37 1.70
CA LEU V 129 -55.96 50.81 1.88
C LEU V 129 -54.75 51.33 1.12
N PRO V 130 -54.71 52.64 0.86
CA PRO V 130 -53.45 53.25 0.41
C PRO V 130 -52.43 53.40 1.53
N LEU V 131 -51.16 53.20 1.18
CA LEU V 131 -50.08 53.12 2.16
C LEU V 131 -49.95 54.37 3.02
N GLU V 132 -50.40 55.52 2.53
CA GLU V 132 -50.42 56.72 3.35
C GLU V 132 -51.19 56.52 4.63
N ASN V 133 -52.26 55.74 4.58
CA ASN V 133 -53.23 55.66 5.65
C ASN V 133 -53.06 54.41 6.51
N ILE V 134 -51.84 53.90 6.62
CA ILE V 134 -51.56 52.71 7.40
C ILE V 134 -50.48 53.05 8.41
N PRO V 135 -50.71 52.84 9.71
CA PRO V 135 -49.72 53.24 10.71
C PRO V 135 -48.39 52.51 10.64
N VAL V 136 -47.51 52.80 11.59
CA VAL V 136 -46.17 52.25 11.60
C VAL V 136 -46.17 51.00 12.47
N GLY V 137 -45.82 49.87 11.88
CA GLY V 137 -45.86 48.60 12.56
C GLY V 137 -47.07 47.74 12.27
N THR V 138 -47.60 47.76 11.06
CA THR V 138 -48.69 46.87 10.71
C THR V 138 -48.19 45.87 9.69
N VAL V 139 -48.55 44.62 9.88
CA VAL V 139 -48.14 43.56 8.97
C VAL V 139 -49.06 43.58 7.77
N ILE V 140 -48.47 43.45 6.59
CA ILE V 140 -49.06 43.85 5.32
C ILE V 140 -48.74 42.79 4.27
N HIS V 141 -49.63 42.62 3.29
CA HIS V 141 -49.36 41.76 2.15
C HIS V 141 -49.97 42.36 0.88
N ASN V 142 -49.55 41.83 -0.27
CA ASN V 142 -50.14 42.13 -1.57
C ASN V 142 -50.01 43.62 -1.91
N ILE V 143 -48.77 44.02 -2.20
CA ILE V 143 -48.40 45.43 -2.28
C ILE V 143 -48.25 45.89 -3.72
N GLU V 144 -48.93 46.99 -4.05
CA GLU V 144 -48.72 47.67 -5.32
C GLU V 144 -47.35 48.33 -5.37
N MET V 145 -46.77 48.38 -6.56
CA MET V 145 -45.55 49.16 -6.78
C MET V 145 -45.75 50.33 -7.72
N LYS V 146 -46.84 50.36 -8.48
CA LYS V 146 -47.25 51.51 -9.28
C LYS V 146 -48.73 51.76 -9.03
N PRO V 147 -49.16 53.01 -9.00
CA PRO V 147 -50.58 53.31 -8.77
C PRO V 147 -51.49 52.66 -9.81
N GLY V 148 -52.42 51.85 -9.34
CA GLY V 148 -53.51 51.32 -10.14
C GLY V 148 -53.18 50.09 -10.94
N LYS V 149 -52.07 49.43 -10.64
CA LYS V 149 -51.58 48.33 -11.43
C LYS V 149 -51.87 46.97 -10.80
N GLY V 150 -51.85 46.87 -9.49
CA GLY V 150 -52.10 45.62 -8.80
C GLY V 150 -50.95 45.29 -7.87
N GLY V 151 -51.27 44.57 -6.79
CA GLY V 151 -50.24 44.15 -5.87
C GLY V 151 -49.31 43.14 -6.50
N GLN V 152 -48.02 43.30 -6.24
CA GLN V 152 -46.99 42.44 -6.79
C GLN V 152 -46.13 41.75 -5.76
N LEU V 153 -45.94 42.32 -4.58
CA LEU V 153 -44.81 41.92 -3.75
C LEU V 153 -45.06 40.71 -2.86
N ILE V 154 -45.90 40.84 -1.85
CA ILE V 154 -45.98 39.82 -0.79
C ILE V 154 -47.21 38.96 -1.09
N ARG V 155 -47.00 37.85 -1.79
CA ARG V 155 -48.12 37.09 -2.33
C ARG V 155 -48.09 35.60 -2.05
N SER V 156 -46.97 35.01 -1.64
CA SER V 156 -46.95 33.57 -1.46
C SER V 156 -47.30 33.17 -0.02
N ALA V 157 -47.47 31.88 0.18
CA ALA V 157 -48.08 31.31 1.37
C ALA V 157 -47.30 31.58 2.65
N GLY V 158 -47.89 32.32 3.58
CA GLY V 158 -47.24 32.63 4.83
C GLY V 158 -46.22 33.74 4.85
N THR V 159 -46.26 34.65 3.89
CA THR V 159 -45.29 35.74 3.84
C THR V 159 -45.87 37.00 4.45
N SER V 160 -45.00 37.97 4.71
CA SER V 160 -45.47 39.25 5.25
C SER V 160 -44.38 40.31 5.16
N ALA V 161 -44.81 41.57 5.15
CA ALA V 161 -43.94 42.73 5.25
C ALA V 161 -44.42 43.62 6.40
N GLN V 162 -43.67 44.67 6.70
CA GLN V 162 -43.96 45.57 7.82
C GLN V 162 -43.66 47.02 7.47
N VAL V 163 -44.45 47.94 8.02
CA VAL V 163 -44.28 49.38 7.78
C VAL V 163 -43.32 49.95 8.80
N LEU V 164 -42.29 50.64 8.32
CA LEU V 164 -41.24 51.17 9.19
C LEU V 164 -41.31 52.67 9.39
N GLY V 165 -41.62 53.44 8.36
CA GLY V 165 -41.65 54.87 8.51
C GLY V 165 -42.05 55.59 7.23
N LYS V 166 -42.46 56.84 7.41
CA LYS V 166 -42.91 57.71 6.32
C LYS V 166 -41.95 58.87 6.12
N GLU V 167 -41.98 59.44 4.93
CA GLU V 167 -41.30 60.70 4.63
C GLU V 167 -42.08 61.40 3.52
N GLY V 168 -41.41 62.24 2.74
CA GLY V 168 -42.08 63.10 1.77
C GLY V 168 -43.16 62.47 0.91
N LYS V 169 -42.78 61.68 -0.07
CA LYS V 169 -43.76 60.93 -0.84
C LYS V 169 -43.39 59.46 -0.91
N TYR V 170 -42.86 58.92 0.18
CA TYR V 170 -42.43 57.53 0.21
C TYR V 170 -42.64 56.94 1.58
N VAL V 171 -42.84 55.62 1.61
CA VAL V 171 -43.02 54.86 2.84
C VAL V 171 -41.93 53.80 2.89
N LEU V 172 -41.35 53.60 4.08
CA LEU V 172 -40.33 52.57 4.28
C LEU V 172 -40.96 51.25 4.70
N ILE V 173 -40.58 50.18 4.02
CA ILE V 173 -41.11 48.85 4.25
C ILE V 173 -39.93 47.92 4.44
N ARG V 174 -40.07 46.97 5.35
CA ARG V 174 -39.17 45.83 5.41
C ARG V 174 -39.91 44.62 4.84
N LEU V 175 -39.44 44.13 3.69
CA LEU V 175 -40.09 43.04 2.98
C LEU V 175 -39.66 41.69 3.55
N ASN V 176 -40.38 40.65 3.14
CA ASN V 176 -39.87 39.31 3.24
C ASN V 176 -38.48 39.26 2.59
N SER V 177 -37.60 38.45 3.14
CA SER V 177 -36.18 38.37 2.85
C SER V 177 -35.36 39.40 3.60
N GLY V 178 -35.97 40.42 4.18
CA GLY V 178 -35.24 41.34 5.02
C GLY V 178 -34.73 42.58 4.35
N GLU V 179 -34.98 42.79 3.07
CA GLU V 179 -34.54 44.00 2.39
C GLU V 179 -35.43 45.17 2.78
N VAL V 180 -34.81 46.34 2.95
CA VAL V 180 -35.53 47.58 3.27
C VAL V 180 -35.59 48.45 2.02
N ARG V 181 -36.65 49.23 1.89
CA ARG V 181 -37.01 49.76 0.59
C ARG V 181 -37.91 50.97 0.75
N MET V 182 -38.18 51.64 -0.37
CA MET V 182 -39.11 52.75 -0.41
C MET V 182 -40.17 52.48 -1.47
N ILE V 183 -41.41 52.81 -1.14
CA ILE V 183 -42.55 52.64 -2.03
C ILE V 183 -43.39 53.91 -1.98
N LEU V 184 -44.00 54.26 -3.11
CA LEU V 184 -44.78 55.48 -3.21
C LEU V 184 -45.91 55.47 -2.19
N ALA V 185 -46.18 56.63 -1.59
CA ALA V 185 -47.17 56.64 -0.54
C ALA V 185 -48.60 56.54 -1.05
N THR V 186 -48.82 56.55 -2.36
CA THR V 186 -50.16 56.46 -2.92
C THR V 186 -50.50 55.06 -3.42
N CYS V 187 -49.73 54.05 -3.06
CA CYS V 187 -49.99 52.67 -3.44
C CYS V 187 -50.81 51.97 -2.36
N ARG V 188 -51.34 50.79 -2.71
CA ARG V 188 -52.21 50.04 -1.83
C ARG V 188 -51.54 48.79 -1.28
N ALA V 189 -52.15 48.26 -0.23
CA ALA V 189 -51.80 46.96 0.34
C ALA V 189 -52.96 46.54 1.22
N THR V 190 -52.97 45.27 1.60
CA THR V 190 -54.04 44.74 2.45
C THR V 190 -53.47 44.26 3.77
N ILE V 191 -54.28 44.41 4.82
CA ILE V 191 -53.86 44.17 6.19
C ILE V 191 -53.90 42.68 6.50
N GLY V 192 -52.82 42.16 7.08
CA GLY V 192 -52.66 40.77 7.42
C GLY V 192 -51.36 40.21 6.89
N SER V 193 -51.17 38.92 7.11
CA SER V 193 -50.15 38.13 6.44
C SER V 193 -50.82 37.05 5.61
N VAL V 194 -50.11 36.56 4.58
CA VAL V 194 -50.74 35.56 3.73
C VAL V 194 -50.98 34.31 4.57
N GLY V 195 -51.88 33.46 4.09
CA GLY V 195 -52.44 32.41 4.93
C GLY V 195 -51.65 31.12 4.92
N ASN V 196 -52.15 30.09 4.25
CA ASN V 196 -51.71 28.71 4.43
C ASN V 196 -50.20 28.57 4.56
N GLU V 197 -49.72 28.31 5.78
CA GLU V 197 -48.31 28.49 6.07
C GLU V 197 -47.59 27.23 6.53
N GLN V 198 -48.31 26.16 6.82
CA GLN V 198 -47.66 24.87 6.99
C GLN V 198 -47.09 24.36 5.68
N HIS V 199 -47.51 24.93 4.56
CA HIS V 199 -47.13 24.54 3.22
C HIS V 199 -45.65 24.21 3.08
N GLU V 200 -44.84 24.88 3.89
CA GLU V 200 -43.40 24.71 3.88
C GLU V 200 -42.97 23.33 4.39
N LEU V 201 -43.78 22.70 5.23
CA LEU V 201 -43.36 21.49 5.92
C LEU V 201 -43.71 20.21 5.17
N ILE V 202 -44.30 20.31 3.98
CA ILE V 202 -44.69 19.11 3.24
C ILE V 202 -43.47 18.42 2.67
N ASN V 203 -43.46 17.10 2.76
CA ASN V 203 -42.40 16.26 2.25
C ASN V 203 -43.00 15.48 1.08
N ILE V 204 -42.40 15.61 -0.11
CA ILE V 204 -43.06 15.14 -1.33
C ILE V 204 -43.05 13.62 -1.43
N GLY V 205 -41.97 12.97 -0.99
CA GLY V 205 -42.04 11.54 -0.77
C GLY V 205 -41.65 10.57 -1.87
N LYS V 206 -41.98 10.87 -3.11
CA LYS V 206 -41.61 9.98 -4.20
C LYS V 206 -41.46 10.80 -5.48
N ALA V 207 -40.82 10.19 -6.47
CA ALA V 207 -40.48 10.85 -7.71
C ALA V 207 -41.66 11.03 -8.66
N GLY V 208 -42.83 10.48 -8.35
CA GLY V 208 -43.96 10.55 -9.25
C GLY V 208 -44.80 11.73 -8.93
N ARG V 209 -44.80 12.10 -7.65
CA ARG V 209 -45.62 13.20 -7.18
C ARG V 209 -45.07 14.55 -7.66
N SER V 210 -43.76 14.69 -7.79
CA SER V 210 -43.21 15.92 -8.33
C SER V 210 -43.25 15.95 -9.85
N ARG V 211 -43.50 14.80 -10.45
CA ARG V 211 -43.86 14.67 -11.84
C ARG V 211 -45.31 15.10 -12.09
N TRP V 212 -46.19 14.93 -11.11
CA TRP V 212 -47.56 15.41 -11.20
C TRP V 212 -47.62 16.92 -11.22
N MET V 213 -46.91 17.57 -10.31
CA MET V 213 -46.49 18.93 -10.54
C MET V 213 -45.51 18.92 -11.70
N ARG V 214 -45.48 19.99 -12.46
CA ARG V 214 -44.97 19.90 -13.83
C ARG V 214 -43.46 20.05 -13.91
N LYS V 215 -42.73 19.13 -13.27
CA LYS V 215 -41.27 19.18 -13.21
C LYS V 215 -40.65 17.94 -13.82
N ARG V 216 -39.73 18.12 -14.73
CA ARG V 216 -38.95 17.07 -15.34
C ARG V 216 -37.58 16.97 -14.69
N PRO V 217 -36.89 15.84 -14.79
CA PRO V 217 -35.71 15.62 -13.95
C PRO V 217 -34.47 16.36 -14.43
N THR V 218 -33.47 16.42 -13.54
CA THR V 218 -32.28 17.26 -13.71
C THR V 218 -31.02 16.41 -13.60
N VAL V 219 -30.18 16.49 -14.61
CA VAL V 219 -28.93 15.75 -14.68
C VAL V 219 -27.79 16.66 -14.25
N ARG V 220 -26.87 16.13 -13.46
CA ARG V 220 -25.76 16.92 -12.95
C ARG V 220 -24.71 17.17 -14.02
N GLY V 221 -24.15 18.37 -14.02
CA GLY V 221 -23.17 18.74 -15.03
C GLY V 221 -21.98 17.82 -15.14
N SER V 222 -21.66 17.06 -14.10
CA SER V 222 -20.40 16.34 -14.07
C SER V 222 -20.50 14.90 -14.57
N VAL V 223 -21.69 14.43 -14.96
CA VAL V 223 -21.80 13.13 -15.61
C VAL V 223 -22.23 13.35 -17.05
N MET V 224 -21.84 14.48 -17.62
CA MET V 224 -22.03 14.79 -19.01
C MET V 224 -20.71 14.64 -19.76
N ASN V 225 -20.71 14.97 -21.03
CA ASN V 225 -19.48 14.92 -21.80
C ASN V 225 -18.95 16.32 -22.01
N PRO V 226 -17.67 16.49 -22.37
CA PRO V 226 -17.11 17.85 -22.46
C PRO V 226 -17.74 18.73 -23.53
N ASN V 227 -18.61 18.21 -24.38
CA ASN V 227 -19.34 19.06 -25.31
C ASN V 227 -20.70 19.50 -24.80
N ASP V 228 -21.14 19.01 -23.64
CA ASP V 228 -22.40 19.44 -23.05
C ASP V 228 -22.23 20.43 -21.91
N HIS V 229 -21.19 20.28 -21.10
CA HIS V 229 -21.01 21.07 -19.90
C HIS V 229 -19.53 21.37 -19.73
N PRO V 230 -19.17 22.44 -19.04
CA PRO V 230 -17.78 22.59 -18.59
C PRO V 230 -17.34 21.57 -17.55
N HIS V 231 -18.26 20.89 -16.87
CA HIS V 231 -17.94 19.90 -15.86
C HIS V 231 -17.83 18.49 -16.40
N GLY V 232 -18.09 18.26 -17.68
CA GLY V 232 -18.11 16.93 -18.24
C GLY V 232 -16.77 16.44 -18.75
N GLY V 233 -16.66 15.11 -18.81
CA GLY V 233 -15.42 14.45 -19.16
C GLY V 233 -14.68 13.92 -17.95
N GLY V 234 -13.52 13.33 -18.21
CA GLY V 234 -12.62 12.74 -17.22
C GLY V 234 -12.86 11.27 -17.03
N GLU V 235 -11.79 10.54 -16.71
CA GLU V 235 -11.84 9.11 -16.45
C GLU V 235 -12.18 8.84 -14.99
N GLY V 236 -13.32 8.20 -14.76
CA GLY V 236 -13.83 7.97 -13.42
C GLY V 236 -14.76 9.08 -12.96
N LYS V 237 -15.12 9.02 -11.68
CA LYS V 237 -15.62 10.21 -10.99
C LYS V 237 -14.50 11.22 -10.91
N THR V 238 -14.83 12.49 -11.08
CA THR V 238 -13.82 13.53 -11.08
C THR V 238 -14.22 14.65 -10.13
N PRO V 239 -13.26 15.41 -9.63
CA PRO V 239 -13.57 16.65 -8.90
C PRO V 239 -13.89 17.78 -9.88
N ILE V 240 -14.23 18.93 -9.32
CA ILE V 240 -14.40 20.13 -10.14
C ILE V 240 -12.99 20.56 -10.52
N GLY V 241 -12.55 20.20 -11.70
CA GLY V 241 -11.17 20.51 -12.04
C GLY V 241 -11.05 21.92 -12.56
N ARG V 242 -11.61 22.87 -11.82
CA ARG V 242 -11.62 24.27 -12.22
C ARG V 242 -11.52 25.11 -10.95
N LYS V 243 -11.45 26.41 -11.13
CA LYS V 243 -11.81 27.34 -10.08
C LYS V 243 -13.26 27.74 -10.27
N ALA V 244 -14.00 27.87 -9.19
CA ALA V 244 -15.35 28.37 -9.32
C ALA V 244 -16.23 27.54 -10.24
N PRO V 245 -16.86 26.47 -9.76
CA PRO V 245 -17.92 25.82 -10.55
C PRO V 245 -18.87 26.75 -11.30
N VAL V 246 -19.29 26.36 -12.50
CA VAL V 246 -19.97 27.23 -13.43
C VAL V 246 -21.28 26.60 -13.91
N SER V 247 -22.09 27.39 -14.58
CA SER V 247 -23.34 26.93 -15.18
C SER V 247 -23.03 26.26 -16.51
N PRO V 248 -24.04 25.73 -17.20
CA PRO V 248 -23.79 25.20 -18.55
C PRO V 248 -23.27 26.23 -19.53
N TRP V 249 -23.43 27.52 -19.23
CA TRP V 249 -23.06 28.62 -20.12
C TRP V 249 -21.91 29.45 -19.57
N GLY V 250 -21.02 28.85 -18.78
CA GLY V 250 -20.00 29.58 -18.07
C GLY V 250 -20.56 30.12 -16.77
N GLN V 251 -20.31 31.37 -16.44
CA GLN V 251 -21.01 32.06 -15.36
C GLN V 251 -20.95 31.41 -13.98
N PRO V 252 -19.94 31.74 -13.15
CA PRO V 252 -19.81 31.12 -11.81
C PRO V 252 -21.07 30.97 -10.98
N ALA V 253 -21.05 30.01 -10.06
CA ALA V 253 -22.26 29.54 -9.40
C ALA V 253 -22.27 29.63 -7.89
N ILE V 254 -21.17 30.01 -7.24
CA ILE V 254 -21.15 30.24 -5.80
C ILE V 254 -20.71 31.69 -5.58
N GLY V 255 -21.65 32.52 -5.14
CA GLY V 255 -21.34 33.83 -4.60
C GLY V 255 -21.23 34.97 -5.58
N TYR V 256 -21.34 34.70 -6.86
CA TYR V 256 -21.12 35.70 -7.88
C TYR V 256 -22.43 36.42 -8.21
N LYS V 257 -22.41 37.76 -8.16
CA LYS V 257 -23.63 38.56 -8.19
C LYS V 257 -24.02 38.98 -9.61
N THR V 258 -25.32 39.00 -9.89
CA THR V 258 -25.79 39.15 -11.26
C THR V 258 -26.85 40.23 -11.46
N ARG V 259 -26.98 41.20 -10.58
CA ARG V 259 -27.97 42.23 -10.87
C ARG V 259 -27.31 43.42 -11.59
N ASN V 260 -28.15 44.26 -12.17
CA ASN V 260 -27.68 45.35 -13.02
C ASN V 260 -27.03 46.44 -12.18
N LYS V 261 -25.81 46.82 -12.55
CA LYS V 261 -25.03 47.77 -11.78
C LYS V 261 -25.45 49.22 -12.00
N LYS V 262 -26.20 49.49 -13.05
CA LYS V 262 -26.77 50.81 -13.28
C LYS V 262 -28.29 50.73 -13.19
N ALA V 263 -28.79 50.10 -12.15
CA ALA V 263 -30.22 49.95 -11.92
C ALA V 263 -30.88 51.27 -11.59
N LYS V 264 -31.98 51.58 -12.26
CA LYS V 264 -32.69 52.82 -11.96
C LYS V 264 -33.42 52.78 -10.65
N SER V 265 -33.25 51.76 -9.81
CA SER V 265 -33.93 51.69 -8.53
C SER V 265 -32.95 51.68 -7.36
N ASP V 266 -31.66 51.89 -7.62
CA ASP V 266 -30.70 51.98 -6.53
C ASP V 266 -30.86 53.26 -5.73
N LYS V 267 -31.71 54.19 -6.17
CA LYS V 267 -32.03 55.33 -5.33
C LYS V 267 -32.89 54.92 -4.14
N LEU V 268 -33.82 53.99 -4.36
CA LEU V 268 -34.85 53.64 -3.41
C LEU V 268 -34.48 52.53 -2.45
N ILE V 269 -33.40 51.80 -2.68
CA ILE V 269 -33.06 50.65 -1.84
C ILE V 269 -32.16 51.11 -0.70
N VAL V 270 -32.69 51.07 0.51
CA VAL V 270 -31.92 51.21 1.73
C VAL V 270 -31.63 49.81 2.23
N ARG V 271 -30.38 49.55 2.63
CA ARG V 271 -30.10 48.35 3.40
C ARG V 271 -30.52 47.08 2.64
N ARG V 272 -29.76 46.78 1.60
CA ARG V 272 -29.80 45.43 1.04
C ARG V 272 -29.46 44.44 2.13
N ARG V 273 -30.25 43.40 2.25
CA ARG V 273 -29.94 42.46 3.30
C ARG V 273 -29.72 41.04 2.83
N THR V 274 -30.55 40.55 1.92
CA THR V 274 -30.37 39.18 1.48
C THR V 274 -30.82 39.01 0.04
N LYS V 275 -29.95 38.38 -0.75
CA LYS V 275 -30.18 37.99 -2.13
C LYS V 275 -29.33 36.78 -2.41
N THR W 1 -4.64 -80.74 -39.10
CA THR W 1 -4.93 -81.98 -38.41
C THR W 1 -6.40 -82.23 -38.45
N LYS W 2 -7.05 -82.19 -37.30
CA LYS W 2 -8.49 -82.23 -37.27
C LYS W 2 -9.08 -80.90 -37.70
N GLY W 3 -10.18 -80.96 -38.43
CA GLY W 3 -10.87 -79.78 -38.89
C GLY W 3 -12.07 -80.09 -39.73
N ILE W 4 -13.19 -79.39 -39.51
CA ILE W 4 -14.47 -79.63 -40.17
C ILE W 4 -15.14 -78.30 -40.48
N LEU W 5 -16.04 -78.32 -41.46
CA LEU W 5 -16.88 -77.19 -41.84
C LEU W 5 -18.34 -77.46 -41.49
N GLY W 6 -19.04 -76.42 -41.04
CA GLY W 6 -20.41 -76.53 -40.61
C GLY W 6 -21.13 -75.20 -40.73
N LYS W 7 -22.36 -75.17 -40.23
CA LYS W 7 -23.13 -73.94 -40.22
C LYS W 7 -23.59 -73.61 -38.81
N LYS W 8 -23.87 -72.33 -38.60
CA LYS W 8 -24.24 -71.79 -37.30
C LYS W 8 -25.74 -71.86 -37.09
N VAL W 9 -26.16 -72.48 -35.98
CA VAL W 9 -27.58 -72.58 -35.65
C VAL W 9 -28.00 -71.55 -34.62
N GLY W 10 -27.29 -71.43 -33.50
CA GLY W 10 -27.67 -70.49 -32.47
C GLY W 10 -27.01 -70.80 -31.14
N MET W 11 -27.43 -70.06 -30.10
CA MET W 11 -26.91 -70.20 -28.75
C MET W 11 -27.98 -70.71 -27.79
N THR W 12 -27.54 -71.38 -26.73
CA THR W 12 -28.44 -71.92 -25.70
C THR W 12 -27.67 -71.98 -24.38
N GLN W 13 -28.15 -72.79 -23.43
CA GLN W 13 -27.52 -73.04 -22.15
C GLN W 13 -27.40 -74.54 -21.89
N ILE W 14 -26.62 -74.90 -20.86
CA ILE W 14 -26.48 -76.29 -20.43
C ILE W 14 -25.92 -76.33 -19.02
N PHE W 15 -26.37 -77.33 -18.24
CA PHE W 15 -25.80 -77.65 -16.94
C PHE W 15 -24.77 -78.77 -17.07
N THR W 16 -23.72 -78.72 -16.23
CA THR W 16 -22.68 -79.73 -16.25
C THR W 16 -22.95 -80.82 -15.22
N GLU W 17 -22.01 -81.77 -15.12
CA GLU W 17 -22.07 -82.82 -14.10
C GLU W 17 -22.14 -82.22 -12.70
N SER W 18 -21.20 -81.33 -12.37
CA SER W 18 -21.23 -80.70 -11.05
C SER W 18 -22.45 -79.81 -10.85
N GLY W 19 -23.05 -79.29 -11.92
CA GLY W 19 -24.23 -78.48 -11.79
C GLY W 19 -23.95 -76.99 -11.96
N GLU W 20 -23.08 -76.65 -12.89
CA GLU W 20 -22.83 -75.27 -13.28
C GLU W 20 -23.52 -74.98 -14.60
N LEU W 21 -23.96 -73.73 -14.77
CA LEU W 21 -24.62 -73.27 -15.97
C LEU W 21 -23.60 -72.71 -16.95
N ILE W 22 -23.70 -73.09 -18.22
CA ILE W 22 -22.65 -72.72 -19.17
C ILE W 22 -23.26 -72.34 -20.52
N PRO W 23 -22.95 -71.14 -21.02
CA PRO W 23 -23.45 -70.74 -22.34
C PRO W 23 -22.74 -71.47 -23.47
N VAL W 24 -23.48 -71.73 -24.54
CA VAL W 24 -23.00 -72.64 -25.58
C VAL W 24 -23.48 -72.18 -26.95
N THR W 25 -22.84 -72.70 -28.00
CA THR W 25 -23.21 -72.39 -29.38
C THR W 25 -23.31 -73.68 -30.18
N VAL W 26 -24.47 -73.94 -30.75
CA VAL W 26 -24.73 -75.13 -31.55
C VAL W 26 -24.22 -74.90 -32.97
N VAL W 27 -23.45 -75.85 -33.47
CA VAL W 27 -22.96 -75.85 -34.84
C VAL W 27 -23.38 -77.17 -35.47
N GLU W 28 -23.99 -77.09 -36.65
CA GLU W 28 -24.45 -78.27 -37.37
C GLU W 28 -23.55 -78.53 -38.55
N ALA W 29 -23.07 -79.75 -38.69
CA ALA W 29 -22.16 -80.11 -39.78
C ALA W 29 -22.49 -81.51 -40.29
N THR W 30 -23.27 -81.58 -41.37
CA THR W 30 -23.43 -82.84 -42.08
C THR W 30 -22.08 -83.23 -42.71
N PRO W 31 -21.93 -84.49 -43.10
CA PRO W 31 -20.61 -84.99 -43.51
C PRO W 31 -19.97 -84.22 -44.66
N ASN W 32 -18.71 -83.86 -44.45
CA ASN W 32 -17.83 -83.22 -45.42
C ASN W 32 -17.15 -84.27 -46.29
N VAL W 33 -16.88 -83.92 -47.55
CA VAL W 33 -16.30 -84.86 -48.50
C VAL W 33 -15.01 -84.30 -49.05
N VAL W 34 -13.99 -85.15 -49.17
CA VAL W 34 -12.70 -84.77 -49.73
C VAL W 34 -12.76 -84.83 -51.25
N LEU W 35 -12.58 -83.68 -51.90
CA LEU W 35 -12.70 -83.59 -53.35
C LEU W 35 -11.37 -83.65 -54.08
N GLN W 36 -10.25 -83.33 -53.43
CA GLN W 36 -8.98 -83.25 -54.13
C GLN W 36 -7.84 -83.27 -53.13
N VAL W 37 -6.70 -83.78 -53.57
CA VAL W 37 -5.50 -83.94 -52.75
C VAL W 37 -4.34 -83.25 -53.46
N LYS W 38 -3.77 -82.22 -52.83
CA LYS W 38 -2.71 -81.44 -53.42
C LYS W 38 -1.36 -81.85 -52.85
N THR W 39 -0.39 -82.10 -53.73
CA THR W 39 0.93 -82.60 -53.35
C THR W 39 2.03 -81.69 -53.89
N VAL W 40 3.27 -81.97 -53.50
CA VAL W 40 4.39 -81.12 -53.88
C VAL W 40 4.80 -81.37 -55.34
N GLU W 41 4.70 -82.61 -55.80
CA GLU W 41 5.07 -82.91 -57.17
C GLU W 41 4.17 -82.21 -58.18
N THR W 42 2.87 -82.12 -57.87
CA THR W 42 1.93 -81.48 -58.78
C THR W 42 1.75 -80.00 -58.50
N ASP W 43 1.47 -79.63 -57.24
CA ASP W 43 1.02 -78.29 -56.90
C ASP W 43 2.06 -77.43 -56.21
N GLY W 44 3.02 -78.02 -55.52
CA GLY W 44 4.03 -77.26 -54.81
C GLY W 44 3.85 -77.16 -53.32
N TYR W 45 2.79 -77.74 -52.78
CA TYR W 45 2.56 -77.76 -51.34
C TYR W 45 1.55 -78.86 -51.06
N GLU W 46 1.19 -79.02 -49.79
CA GLU W 46 0.37 -80.12 -49.31
C GLU W 46 -0.88 -79.59 -48.65
N ALA W 47 -2.04 -80.06 -49.09
CA ALA W 47 -3.31 -79.59 -48.55
C ALA W 47 -4.39 -80.61 -48.89
N ILE W 48 -5.63 -80.23 -48.62
CA ILE W 48 -6.79 -81.09 -48.84
C ILE W 48 -7.98 -80.19 -49.11
N GLN W 49 -8.73 -80.49 -50.15
CA GLN W 49 -9.90 -79.71 -50.55
C GLN W 49 -11.15 -80.44 -50.07
N VAL W 50 -11.97 -79.77 -49.27
CA VAL W 50 -13.14 -80.35 -48.65
C VAL W 50 -14.37 -79.58 -49.12
N GLY W 51 -15.49 -80.28 -49.29
CA GLY W 51 -16.75 -79.66 -49.61
C GLY W 51 -17.81 -79.92 -48.56
N TYR W 52 -18.77 -79.01 -48.45
CA TYR W 52 -19.85 -79.10 -47.47
C TYR W 52 -21.15 -78.57 -48.08
N GLN W 53 -22.29 -79.07 -47.58
CA GLN W 53 -23.65 -78.62 -47.87
C GLN W 53 -24.18 -78.80 -49.29
N ASP W 54 -24.66 -79.99 -49.63
CA ASP W 54 -25.29 -80.30 -50.92
C ASP W 54 -26.20 -79.21 -51.47
N LYS W 55 -26.25 -79.12 -52.79
CA LYS W 55 -26.86 -78.04 -53.54
C LYS W 55 -27.80 -78.64 -54.58
N ARG W 56 -28.95 -78.00 -54.81
CA ARG W 56 -29.80 -78.40 -55.91
C ARG W 56 -29.05 -78.28 -57.23
N GLU W 57 -29.59 -78.92 -58.26
CA GLU W 57 -28.82 -79.10 -59.49
C GLU W 57 -29.18 -78.17 -60.63
N VAL W 58 -30.24 -77.36 -60.50
CA VAL W 58 -30.39 -76.24 -61.44
C VAL W 58 -29.43 -75.13 -61.11
N LEU W 59 -28.80 -75.17 -59.96
CA LEU W 59 -28.06 -74.05 -59.43
C LEU W 59 -26.57 -74.14 -59.66
N SER W 60 -26.07 -75.29 -60.14
CA SER W 60 -24.69 -75.44 -60.56
C SER W 60 -24.59 -75.47 -62.06
N ASN W 61 -23.37 -75.39 -62.57
CA ASN W 61 -23.07 -75.44 -64.00
C ASN W 61 -22.12 -76.60 -64.29
N LYS W 62 -21.80 -76.79 -65.57
CA LYS W 62 -21.04 -77.95 -66.05
C LYS W 62 -19.60 -78.05 -65.55
N PRO W 63 -18.85 -76.95 -65.40
CA PRO W 63 -17.49 -77.12 -64.84
C PRO W 63 -17.48 -77.64 -63.41
N ALA W 64 -18.47 -77.23 -62.61
CA ALA W 64 -18.58 -77.67 -61.22
C ALA W 64 -18.94 -79.15 -61.13
N LYS W 65 -19.85 -79.62 -61.99
CA LYS W 65 -20.17 -81.04 -61.99
C LYS W 65 -18.97 -81.88 -62.38
N GLY W 66 -18.15 -81.38 -63.31
CA GLY W 66 -16.96 -82.10 -63.68
C GLY W 66 -15.94 -82.16 -62.56
N HIS W 67 -15.84 -81.08 -61.77
CA HIS W 67 -14.93 -81.11 -60.64
C HIS W 67 -15.42 -82.01 -59.53
N VAL W 68 -16.74 -82.14 -59.37
CA VAL W 68 -17.27 -82.98 -58.30
C VAL W 68 -17.49 -84.43 -58.74
N ALA W 69 -17.28 -84.74 -60.02
CA ALA W 69 -17.56 -86.07 -60.54
C ALA W 69 -16.55 -87.12 -60.12
N LYS W 70 -15.27 -86.76 -60.00
CA LYS W 70 -14.26 -87.74 -59.63
C LYS W 70 -14.42 -88.23 -58.19
N ALA W 71 -15.27 -87.58 -57.39
CA ALA W 71 -15.49 -87.95 -56.01
C ALA W 71 -16.87 -88.50 -55.73
N ASN W 72 -17.76 -88.53 -56.72
CA ASN W 72 -19.04 -89.23 -56.62
C ASN W 72 -19.98 -88.59 -55.60
N THR W 73 -20.07 -87.28 -55.63
CA THR W 73 -20.96 -86.55 -54.73
C THR W 73 -21.84 -85.63 -55.54
N ALA W 74 -22.77 -84.99 -54.85
CA ALA W 74 -23.54 -83.90 -55.40
C ALA W 74 -22.71 -82.62 -55.36
N PRO W 75 -23.04 -81.64 -56.19
CA PRO W 75 -22.34 -80.36 -56.11
C PRO W 75 -22.53 -79.72 -54.74
N LYS W 76 -21.51 -79.01 -54.28
CA LYS W 76 -21.44 -78.48 -52.93
C LYS W 76 -21.54 -76.96 -52.93
N ARG W 77 -21.91 -76.39 -51.78
CA ARG W 77 -21.99 -74.96 -51.71
C ARG W 77 -20.70 -74.30 -51.25
N PHE W 78 -19.98 -74.92 -50.31
CA PHE W 78 -18.81 -74.32 -49.68
C PHE W 78 -17.62 -75.24 -49.85
N ILE W 79 -16.53 -74.74 -50.44
CA ILE W 79 -15.32 -75.50 -50.70
C ILE W 79 -14.12 -74.78 -50.11
N LYS W 80 -13.46 -75.40 -49.15
CA LYS W 80 -12.28 -74.83 -48.50
C LYS W 80 -11.11 -75.78 -48.59
N GLU W 81 -9.92 -75.27 -48.29
CA GLU W 81 -8.72 -76.08 -48.18
C GLU W 81 -8.23 -76.12 -46.74
N PHE W 82 -7.82 -77.32 -46.32
CA PHE W 82 -7.33 -77.60 -44.98
C PHE W 82 -5.86 -77.99 -45.07
N LYS W 83 -5.00 -77.25 -44.39
CA LYS W 83 -3.55 -77.40 -44.47
C LYS W 83 -2.98 -78.05 -43.21
N ASN W 84 -1.71 -78.42 -43.30
CA ASN W 84 -0.93 -79.01 -42.20
C ASN W 84 -1.63 -80.23 -41.59
N VAL W 85 -1.82 -81.23 -42.43
CA VAL W 85 -2.47 -82.49 -42.06
C VAL W 85 -1.78 -83.61 -42.84
N GLU W 86 -1.21 -84.57 -42.13
CA GLU W 86 -0.38 -85.60 -42.75
C GLU W 86 -1.17 -86.37 -43.79
N LEU W 87 -0.82 -86.19 -45.06
CA LEU W 87 -1.72 -86.52 -46.16
C LEU W 87 -2.17 -87.97 -46.15
N GLY W 88 -1.32 -88.91 -46.52
CA GLY W 88 -1.51 -90.34 -46.30
C GLY W 88 -2.97 -90.70 -46.33
N GLU W 89 -3.39 -91.53 -45.38
CA GLU W 89 -4.38 -91.14 -44.39
C GLU W 89 -5.61 -90.36 -44.87
N TYR W 90 -5.83 -90.28 -46.17
CA TYR W 90 -6.86 -89.43 -46.77
C TYR W 90 -6.90 -89.76 -48.24
N GLU W 91 -8.09 -89.69 -48.83
CA GLU W 91 -8.21 -89.99 -50.25
C GLU W 91 -9.56 -89.49 -50.73
N VAL W 92 -9.62 -89.23 -52.03
CA VAL W 92 -10.81 -88.60 -52.59
C VAL W 92 -12.00 -89.53 -52.46
N GLY W 93 -13.08 -89.01 -51.87
CA GLY W 93 -14.27 -89.77 -51.54
C GLY W 93 -14.54 -89.85 -50.05
N LYS W 94 -13.51 -89.76 -49.23
CA LYS W 94 -13.67 -89.95 -47.80
C LYS W 94 -14.64 -88.94 -47.21
N GLU W 95 -15.27 -89.32 -46.12
CA GLU W 95 -16.18 -88.45 -45.37
C GLU W 95 -15.55 -88.12 -44.03
N ILE W 96 -15.55 -86.85 -43.69
CA ILE W 96 -15.14 -86.38 -42.38
C ILE W 96 -16.40 -86.01 -41.64
N LYS W 97 -16.64 -86.66 -40.50
CA LYS W 97 -17.82 -86.41 -39.67
C LYS W 97 -17.41 -85.85 -38.32
N VAL W 98 -18.40 -85.39 -37.55
CA VAL W 98 -18.14 -84.64 -36.32
C VAL W 98 -17.44 -85.48 -35.25
N ASP W 99 -17.47 -86.81 -35.36
CA ASP W 99 -16.76 -87.60 -34.33
C ASP W 99 -15.27 -87.58 -34.48
N VAL W 100 -14.81 -86.67 -35.33
CA VAL W 100 -13.40 -86.31 -35.39
C VAL W 100 -12.95 -85.62 -34.11
N PHE W 101 -13.84 -84.90 -33.43
CA PHE W 101 -13.57 -84.27 -32.16
C PHE W 101 -14.25 -85.01 -31.02
N GLN W 102 -13.70 -84.89 -29.82
CA GLN W 102 -14.33 -85.39 -28.60
C GLN W 102 -14.37 -84.29 -27.56
N ALA W 103 -15.19 -84.51 -26.53
CA ALA W 103 -15.34 -83.53 -25.46
C ALA W 103 -13.99 -83.26 -24.80
N GLY W 104 -13.73 -81.98 -24.53
CA GLY W 104 -12.41 -81.49 -24.21
C GLY W 104 -11.89 -80.67 -25.38
N ASP W 105 -10.82 -81.11 -26.03
CA ASP W 105 -10.46 -80.69 -27.39
C ASP W 105 -10.53 -79.18 -27.58
N VAL W 106 -9.56 -78.50 -27.00
CA VAL W 106 -9.42 -77.06 -27.25
C VAL W 106 -9.13 -76.82 -28.73
N VAL W 107 -9.86 -75.86 -29.30
CA VAL W 107 -10.10 -75.74 -30.73
C VAL W 107 -10.06 -74.27 -31.13
N ASP W 108 -9.83 -74.00 -32.42
CA ASP W 108 -9.98 -72.65 -32.96
C ASP W 108 -11.24 -72.57 -33.82
N VAL W 109 -11.85 -71.39 -33.88
CA VAL W 109 -13.13 -71.19 -34.56
C VAL W 109 -13.08 -69.90 -35.37
N THR W 110 -13.48 -69.95 -36.64
CA THR W 110 -13.41 -68.80 -37.53
C THR W 110 -14.72 -68.55 -38.27
N GLY W 111 -14.99 -67.28 -38.56
CA GLY W 111 -16.16 -66.91 -39.31
C GLY W 111 -16.04 -65.51 -39.87
N THR W 112 -17.15 -65.01 -40.41
CA THR W 112 -17.19 -63.65 -40.93
C THR W 112 -18.19 -62.86 -40.13
N THR W 113 -17.73 -61.75 -39.56
CA THR W 113 -18.54 -60.96 -38.66
C THR W 113 -19.77 -60.40 -39.37
N LYS W 114 -20.78 -60.09 -38.57
CA LYS W 114 -22.00 -59.48 -39.07
C LYS W 114 -21.71 -58.15 -39.74
N GLY W 115 -22.58 -57.75 -40.66
CA GLY W 115 -22.41 -56.49 -41.37
C GLY W 115 -23.21 -55.40 -40.67
N LYS W 116 -22.66 -54.19 -40.69
CA LYS W 116 -23.30 -53.07 -40.03
C LYS W 116 -23.39 -51.78 -40.83
N GLY W 117 -22.70 -51.65 -41.96
CA GLY W 117 -22.85 -50.51 -42.82
C GLY W 117 -21.85 -49.40 -42.55
N PHE W 118 -22.24 -48.19 -42.94
CA PHE W 118 -21.42 -46.99 -42.82
C PHE W 118 -21.52 -46.44 -41.41
N GLN W 119 -20.40 -46.42 -40.69
CA GLN W 119 -20.42 -46.11 -39.27
C GLN W 119 -19.36 -45.07 -38.95
N GLY W 120 -19.59 -44.31 -37.88
CA GLY W 120 -18.69 -43.23 -37.52
C GLY W 120 -17.52 -43.65 -36.66
N ALA W 121 -16.62 -42.70 -36.41
CA ALA W 121 -15.38 -43.04 -35.73
C ALA W 121 -15.59 -43.46 -34.30
N ILE W 122 -16.73 -43.08 -33.70
CA ILE W 122 -16.98 -43.41 -32.31
C ILE W 122 -17.42 -44.85 -32.15
N LYS W 123 -18.35 -45.31 -32.98
CA LYS W 123 -18.73 -46.71 -32.93
C LYS W 123 -17.67 -47.61 -33.57
N ARG W 124 -17.01 -47.15 -34.61
CA ARG W 124 -16.13 -47.99 -35.39
C ARG W 124 -14.79 -48.22 -34.71
N HIS W 125 -14.28 -47.22 -33.99
CA HIS W 125 -12.93 -47.26 -33.45
C HIS W 125 -12.85 -47.03 -31.96
N GLY W 126 -13.96 -46.92 -31.25
CA GLY W 126 -13.92 -46.64 -29.83
C GLY W 126 -13.40 -45.27 -29.45
N GLN W 127 -13.62 -44.27 -30.28
CA GLN W 127 -13.15 -42.93 -29.96
C GLN W 127 -14.16 -42.21 -29.08
N SER W 128 -13.69 -41.26 -28.31
CA SER W 128 -14.54 -40.59 -27.34
C SER W 128 -15.11 -39.28 -27.90
N ARG W 129 -16.24 -38.86 -27.33
CA ARG W 129 -17.02 -37.71 -27.72
C ARG W 129 -16.39 -36.39 -27.24
N GLY W 130 -16.95 -35.29 -27.72
CA GLY W 130 -16.73 -34.00 -27.10
C GLY W 130 -17.87 -33.66 -26.18
N PRO W 131 -17.76 -32.54 -25.45
CA PRO W 131 -18.78 -32.21 -24.46
C PRO W 131 -20.14 -31.88 -25.05
N MET W 132 -21.19 -32.19 -24.28
CA MET W 132 -22.56 -31.99 -24.75
C MET W 132 -23.16 -30.65 -24.36
N SER W 133 -22.51 -29.88 -23.51
CA SER W 133 -22.97 -28.55 -23.11
C SER W 133 -21.75 -27.64 -23.03
N HIS W 134 -21.89 -26.53 -22.32
CA HIS W 134 -20.79 -25.61 -22.03
C HIS W 134 -20.33 -24.90 -23.31
N GLY W 135 -21.29 -24.52 -24.14
CA GLY W 135 -21.01 -23.83 -25.36
C GLY W 135 -20.45 -24.67 -26.49
N SER W 136 -20.48 -25.99 -26.37
CA SER W 136 -19.76 -26.87 -27.28
C SER W 136 -20.50 -27.06 -28.60
N ARG W 137 -19.72 -27.16 -29.68
CA ARG W 137 -20.17 -27.57 -31.00
C ARG W 137 -19.32 -28.71 -31.55
N TYR W 138 -18.95 -29.68 -30.72
CA TYR W 138 -18.01 -30.73 -31.13
C TYR W 138 -18.39 -32.11 -30.57
N HIS W 139 -19.57 -32.61 -30.90
CA HIS W 139 -20.05 -33.84 -30.26
C HIS W 139 -19.38 -35.09 -30.78
N ARG W 140 -19.63 -35.47 -32.02
CA ARG W 140 -19.46 -36.84 -32.49
C ARG W 140 -18.51 -36.92 -33.68
N ARG W 141 -17.33 -36.34 -33.56
CA ARG W 141 -16.41 -36.10 -34.66
C ARG W 141 -15.08 -36.83 -34.48
N PRO W 142 -14.30 -36.98 -35.55
CA PRO W 142 -13.14 -37.88 -35.51
C PRO W 142 -11.82 -37.28 -35.04
N GLY W 143 -11.77 -36.03 -34.61
CA GLY W 143 -10.53 -35.48 -34.10
C GLY W 143 -9.80 -34.66 -35.13
N SER W 144 -8.70 -34.07 -34.68
CA SER W 144 -7.84 -33.31 -35.57
C SER W 144 -7.02 -34.23 -36.46
N MET W 145 -6.81 -33.80 -37.71
CA MET W 145 -6.24 -34.64 -38.76
C MET W 145 -4.73 -34.67 -38.75
N GLY W 146 -4.07 -33.88 -37.91
CA GLY W 146 -2.64 -33.94 -37.80
C GLY W 146 -1.99 -32.60 -37.53
N PRO W 147 -0.65 -32.55 -37.57
CA PRO W 147 0.05 -31.27 -37.42
C PRO W 147 0.25 -30.51 -38.73
N VAL W 148 0.81 -29.32 -38.67
CA VAL W 148 0.89 -28.45 -39.84
C VAL W 148 2.09 -28.77 -40.71
N ALA W 149 3.21 -29.17 -40.12
CA ALA W 149 4.48 -29.14 -40.84
C ALA W 149 4.54 -30.00 -42.10
N PRO W 150 4.10 -31.27 -42.11
CA PRO W 150 4.24 -32.07 -43.34
C PRO W 150 3.30 -31.72 -44.48
N ASN W 151 2.39 -30.78 -44.31
CA ASN W 151 1.50 -30.32 -45.38
C ASN W 151 0.68 -31.46 -45.97
N ARG W 152 0.20 -32.36 -45.12
CA ARG W 152 -0.58 -33.51 -45.55
C ARG W 152 -1.01 -34.32 -44.34
N VAL W 153 -1.84 -35.34 -44.55
CA VAL W 153 -2.31 -36.23 -43.50
C VAL W 153 -1.54 -37.53 -43.63
N PHE W 154 -1.13 -38.11 -42.50
CA PHE W 154 -0.46 -39.39 -42.47
C PHE W 154 -1.44 -40.54 -42.73
N LYS W 155 -0.89 -41.71 -43.05
CA LYS W 155 -1.71 -42.88 -43.23
C LYS W 155 -2.04 -43.54 -41.90
N ASN W 156 -3.13 -44.29 -41.89
CA ASN W 156 -3.75 -44.88 -40.70
C ASN W 156 -4.36 -43.83 -39.78
N LYS W 157 -4.63 -42.63 -40.28
CA LYS W 157 -5.57 -41.75 -39.64
C LYS W 157 -6.96 -42.33 -39.81
N ARG W 158 -7.60 -42.69 -38.72
CA ARG W 158 -8.81 -43.50 -38.77
C ARG W 158 -10.06 -42.63 -38.79
N LEU W 159 -11.07 -43.08 -39.54
CA LEU W 159 -12.22 -42.24 -39.91
C LEU W 159 -13.46 -43.12 -39.96
N ALA W 160 -14.53 -42.56 -40.53
CA ALA W 160 -15.78 -43.25 -40.81
C ALA W 160 -15.64 -44.15 -42.04
N GLY W 161 -16.57 -45.09 -42.17
CA GLY W 161 -16.57 -46.01 -43.29
C GLY W 161 -17.37 -47.25 -42.97
N ARG W 162 -17.27 -48.25 -43.84
CA ARG W 162 -18.10 -49.45 -43.73
C ARG W 162 -17.56 -50.36 -42.63
N MET W 163 -18.43 -50.81 -41.73
CA MET W 163 -18.03 -51.58 -40.56
C MET W 163 -18.53 -53.00 -40.63
N GLY W 164 -17.72 -53.93 -40.13
CA GLY W 164 -18.08 -55.31 -40.04
C GLY W 164 -17.78 -56.05 -41.33
N GLY W 165 -18.09 -57.34 -41.34
CA GLY W 165 -17.93 -58.14 -42.53
C GLY W 165 -16.56 -58.73 -42.76
N ASP W 166 -15.68 -58.69 -41.78
CA ASP W 166 -14.34 -59.25 -41.90
C ASP W 166 -14.25 -60.61 -41.25
N ARG W 167 -13.22 -61.35 -41.61
CA ARG W 167 -13.01 -62.65 -41.00
C ARG W 167 -12.25 -62.52 -39.68
N VAL W 168 -12.62 -63.36 -38.72
CA VAL W 168 -12.14 -63.31 -37.35
C VAL W 168 -12.05 -64.74 -36.85
N THR W 169 -10.95 -65.08 -36.18
CA THR W 169 -10.89 -66.35 -35.48
C THR W 169 -10.66 -66.13 -34.00
N ILE W 170 -11.25 -67.00 -33.19
CA ILE W 170 -11.15 -66.99 -31.74
C ILE W 170 -10.48 -68.28 -31.29
N GLN W 171 -9.51 -68.16 -30.40
CA GLN W 171 -8.63 -69.25 -30.04
C GLN W 171 -8.97 -69.83 -28.67
N ASN W 172 -8.69 -71.13 -28.51
CA ASN W 172 -8.77 -71.85 -27.25
C ASN W 172 -10.21 -71.90 -26.69
N LEU W 173 -11.13 -72.42 -27.48
CA LEU W 173 -12.46 -72.76 -27.00
C LEU W 173 -12.57 -74.27 -26.76
N GLU W 174 -13.58 -74.67 -25.99
CA GLU W 174 -13.76 -76.07 -25.62
C GLU W 174 -14.97 -76.69 -26.30
N VAL W 175 -14.84 -77.96 -26.67
CA VAL W 175 -15.98 -78.77 -27.12
C VAL W 175 -16.66 -79.37 -25.90
N VAL W 176 -17.92 -79.01 -25.69
CA VAL W 176 -18.67 -79.45 -24.53
C VAL W 176 -19.35 -80.80 -24.77
N LYS W 177 -19.75 -81.09 -26.00
CA LYS W 177 -20.49 -82.30 -26.29
C LYS W 177 -20.48 -82.51 -27.81
N VAL W 178 -20.55 -83.78 -28.22
CA VAL W 178 -20.64 -84.16 -29.62
C VAL W 178 -21.81 -85.13 -29.78
N ASP W 179 -22.66 -84.87 -30.76
CA ASP W 179 -23.82 -85.71 -31.03
C ASP W 179 -23.77 -86.18 -32.48
N VAL W 180 -23.73 -87.50 -32.68
CA VAL W 180 -23.34 -88.07 -33.96
C VAL W 180 -24.55 -88.29 -34.86
N GLU W 181 -25.66 -88.76 -34.32
CA GLU W 181 -26.83 -89.04 -35.14
C GLU W 181 -27.49 -87.77 -35.64
N ARG W 182 -27.13 -86.62 -35.08
CA ARG W 182 -27.68 -85.35 -35.48
C ARG W 182 -26.67 -84.44 -36.16
N ASN W 183 -25.39 -84.79 -36.15
CA ASN W 183 -24.33 -83.99 -36.76
C ASN W 183 -24.21 -82.61 -36.10
N VAL W 184 -24.01 -82.63 -34.79
CA VAL W 184 -24.03 -81.42 -33.98
C VAL W 184 -22.82 -81.41 -33.04
N ILE W 185 -22.20 -80.24 -32.90
CA ILE W 185 -21.15 -79.97 -31.94
C ILE W 185 -21.61 -78.82 -31.05
N LEU W 186 -21.35 -78.92 -29.76
CA LEU W 186 -21.59 -77.83 -28.82
C LEU W 186 -20.27 -77.24 -28.38
N ILE W 187 -20.11 -75.93 -28.57
CA ILE W 187 -18.90 -75.19 -28.23
C ILE W 187 -19.20 -74.16 -27.17
N LYS W 188 -18.33 -74.06 -26.17
CA LYS W 188 -18.51 -73.19 -25.02
C LYS W 188 -18.12 -71.76 -25.37
N GLY W 189 -19.08 -70.84 -25.34
CA GLY W 189 -18.84 -69.42 -25.61
C GLY W 189 -19.60 -68.94 -26.83
N ASN W 190 -19.21 -67.77 -27.33
CA ASN W 190 -19.79 -67.21 -28.54
C ASN W 190 -18.75 -67.15 -29.67
N ILE W 191 -19.25 -67.24 -30.89
CA ILE W 191 -18.52 -67.38 -32.16
C ILE W 191 -18.86 -66.17 -33.02
N PRO W 192 -18.05 -65.78 -34.01
CA PRO W 192 -18.47 -64.72 -34.94
C PRO W 192 -19.45 -65.16 -36.01
N GLY W 193 -20.26 -64.22 -36.46
CA GLY W 193 -21.12 -64.40 -37.61
C GLY W 193 -22.59 -64.36 -37.27
N ALA W 194 -23.39 -64.36 -38.33
CA ALA W 194 -24.83 -64.44 -38.29
C ALA W 194 -25.30 -65.89 -38.34
N LYS W 195 -26.61 -66.08 -38.28
CA LYS W 195 -27.19 -67.42 -38.40
C LYS W 195 -27.22 -67.86 -39.84
N LYS W 196 -26.91 -69.14 -40.07
CA LYS W 196 -26.76 -69.82 -41.36
C LYS W 196 -25.44 -69.50 -42.02
N SER W 197 -24.51 -68.87 -41.35
CA SER W 197 -23.24 -68.51 -41.96
C SER W 197 -22.19 -69.61 -41.72
N LEU W 198 -21.25 -69.70 -42.65
CA LEU W 198 -20.23 -70.76 -42.66
C LEU W 198 -19.26 -70.64 -41.48
N ILE W 199 -18.97 -71.76 -40.82
CA ILE W 199 -18.08 -71.82 -39.68
C ILE W 199 -17.05 -72.92 -39.90
N THR W 200 -15.81 -72.65 -39.53
CA THR W 200 -14.71 -73.62 -39.63
C THR W 200 -14.12 -73.87 -38.26
N ILE W 201 -13.86 -75.13 -37.94
CA ILE W 201 -13.37 -75.55 -36.63
C ILE W 201 -12.15 -76.43 -36.80
N LYS W 202 -11.01 -76.00 -36.25
CA LYS W 202 -9.75 -76.73 -36.30
C LYS W 202 -9.19 -76.91 -34.91
N SER W 203 -8.38 -77.95 -34.72
CA SER W 203 -7.64 -78.08 -33.48
C SER W 203 -6.63 -76.95 -33.33
N ALA W 204 -6.33 -76.59 -32.09
CA ALA W 204 -5.75 -75.29 -31.80
C ALA W 204 -4.24 -75.22 -32.07
N VAL W 205 -3.80 -74.03 -32.48
CA VAL W 205 -2.44 -73.82 -32.95
C VAL W 205 -1.47 -73.69 -31.79
N LYS W 206 -1.92 -73.25 -30.64
CA LYS W 206 -1.04 -73.01 -29.52
C LYS W 206 -0.98 -74.17 -28.54
N ALA W 207 -1.83 -75.18 -28.70
CA ALA W 207 -1.67 -76.46 -28.01
C ALA W 207 -1.61 -76.32 -26.49
N PRO X 1 12.81 39.69 -121.74
CA PRO X 1 12.22 38.51 -122.37
C PRO X 1 11.05 38.90 -123.27
N ASN X 2 11.06 38.42 -124.51
CA ASN X 2 10.01 38.72 -125.47
C ASN X 2 9.09 37.53 -125.65
N VAL X 3 7.80 37.79 -125.62
CA VAL X 3 6.78 36.78 -125.86
C VAL X 3 6.09 37.13 -127.17
N ALA X 4 5.57 36.13 -127.87
CA ALA X 4 4.80 36.40 -129.06
C ALA X 4 3.39 36.88 -128.73
N LEU X 5 2.84 37.68 -129.61
CA LEU X 5 1.49 38.20 -129.52
C LEU X 5 0.56 37.49 -130.49
N PHE X 6 -0.71 37.41 -130.12
CA PHE X 6 -1.77 36.84 -130.95
C PHE X 6 -2.98 37.75 -130.89
N LYS X 7 -3.91 37.50 -131.82
CA LYS X 7 -5.24 38.07 -131.82
C LYS X 7 -6.24 36.96 -131.53
N GLN X 8 -7.50 37.35 -131.33
CA GLN X 8 -8.54 36.41 -130.93
C GLN X 8 -8.60 35.17 -131.81
N ASP X 9 -7.97 35.20 -132.96
CA ASP X 9 -7.73 33.99 -133.73
C ASP X 9 -6.30 33.88 -134.24
N GLY X 10 -5.73 34.99 -134.68
CA GLY X 10 -4.69 34.99 -135.70
C GLY X 10 -3.30 34.55 -135.32
N THR X 11 -2.31 35.30 -135.78
CA THR X 11 -0.92 34.86 -135.79
C THR X 11 0.00 35.97 -135.35
N GLN X 12 0.98 35.63 -134.50
CA GLN X 12 2.27 36.30 -134.40
C GLN X 12 2.20 37.77 -134.81
N ASN X 13 1.27 38.53 -134.25
CA ASN X 13 1.25 39.96 -134.52
C ASN X 13 2.41 40.61 -133.78
N GLY X 14 3.62 40.17 -134.08
CA GLY X 14 4.82 40.71 -133.45
C GLY X 14 5.17 40.07 -132.13
N GLU X 15 5.68 40.89 -131.21
CA GLU X 15 6.11 40.43 -129.91
C GLU X 15 5.89 41.54 -128.89
N ILE X 16 6.12 41.21 -127.62
CA ILE X 16 5.92 42.15 -126.53
C ILE X 16 7.04 41.95 -125.53
N THR X 17 7.86 42.97 -125.33
CA THR X 17 8.95 42.89 -124.38
C THR X 17 8.44 43.24 -123.00
N LEU X 18 8.56 42.30 -122.07
CA LEU X 18 8.17 42.44 -120.67
C LEU X 18 9.40 42.68 -119.80
N ASN X 19 9.13 43.07 -118.55
CA ASN X 19 10.18 43.41 -117.60
C ASN X 19 11.15 42.24 -117.37
N GLU X 20 12.39 42.56 -117.04
CA GLU X 20 13.33 41.54 -116.63
C GLU X 20 13.42 41.38 -115.13
N GLU X 21 12.88 42.34 -114.37
CA GLU X 21 12.89 42.22 -112.93
C GLU X 21 11.72 41.40 -112.42
N ILE X 22 10.71 41.20 -113.26
CA ILE X 22 9.51 40.48 -112.88
C ILE X 22 9.40 39.15 -113.60
N PHE X 23 9.68 39.11 -114.90
CA PHE X 23 9.43 37.94 -115.71
C PHE X 23 10.69 37.19 -116.10
N GLY X 24 11.86 37.65 -115.68
CA GLY X 24 13.08 36.95 -116.05
C GLY X 24 14.13 36.74 -114.97
N ILE X 25 13.73 36.53 -113.71
CA ILE X 25 14.65 36.63 -112.58
C ILE X 25 15.00 35.33 -111.86
N GLU X 26 15.07 34.19 -112.55
CA GLU X 26 15.67 33.02 -111.91
C GLU X 26 15.01 32.57 -110.60
N PRO X 27 13.92 31.80 -110.67
CA PRO X 27 13.11 31.54 -109.47
C PRO X 27 13.85 30.88 -108.32
N ASN X 28 13.30 31.05 -107.12
CA ASN X 28 13.84 30.49 -105.89
C ASN X 28 12.83 29.50 -105.34
N GLU X 29 13.24 28.25 -105.21
CA GLU X 29 12.31 27.13 -105.06
C GLU X 29 11.83 26.88 -103.65
N SER X 30 12.62 27.19 -102.63
CA SER X 30 12.13 27.03 -101.27
C SER X 30 11.18 28.15 -100.89
N VAL X 31 11.38 29.34 -101.44
CA VAL X 31 10.46 30.44 -101.18
C VAL X 31 9.08 30.12 -101.71
N VAL X 32 9.01 29.39 -102.83
CA VAL X 32 7.72 29.02 -103.40
C VAL X 32 7.06 27.93 -102.55
N TYR X 33 7.85 26.97 -102.06
CA TYR X 33 7.30 25.97 -101.16
C TYR X 33 6.69 26.62 -99.93
N ASP X 34 7.43 27.56 -99.32
CA ASP X 34 6.92 28.27 -98.16
C ASP X 34 5.63 29.03 -98.47
N ALA X 35 5.57 29.71 -99.63
CA ALA X 35 4.37 30.45 -99.98
C ALA X 35 3.16 29.52 -100.12
N ILE X 36 3.34 28.38 -100.78
CA ILE X 36 2.23 27.45 -101.00
C ILE X 36 1.73 26.90 -99.67
N ILE X 37 2.63 26.49 -98.80
CA ILE X 37 2.21 25.93 -97.52
C ILE X 37 1.51 26.97 -96.68
N MET X 38 2.04 28.19 -96.63
CA MET X 38 1.40 29.24 -95.84
C MET X 38 0.02 29.54 -96.38
N GLN X 39 -0.14 29.60 -97.70
CA GLN X 39 -1.45 29.93 -98.25
C GLN X 39 -2.46 28.82 -97.99
N ARG X 40 -2.06 27.56 -98.12
CA ARG X 40 -3.00 26.48 -97.86
C ARG X 40 -3.40 26.39 -96.39
N ALA X 41 -2.45 26.58 -95.47
CA ALA X 41 -2.87 26.63 -94.07
C ALA X 41 -3.66 27.87 -93.73
N SER X 42 -3.72 28.83 -94.64
CA SER X 42 -4.44 30.07 -94.41
C SER X 42 -5.91 29.98 -94.75
N LEU X 43 -6.36 28.92 -95.42
CA LEU X 43 -7.76 28.77 -95.81
C LEU X 43 -8.58 27.95 -94.82
N ARG X 44 -8.00 27.46 -93.74
CA ARG X 44 -8.71 26.60 -92.81
C ARG X 44 -9.67 27.37 -91.91
N GLN X 45 -10.76 26.71 -91.57
CA GLN X 45 -11.69 27.17 -90.53
C GLN X 45 -11.61 26.17 -89.38
N GLY X 46 -10.83 26.49 -88.36
CA GLY X 46 -10.55 25.53 -87.33
C GLY X 46 -11.61 25.49 -86.27
N THR X 47 -12.80 25.04 -86.66
CA THR X 47 -13.98 25.03 -85.80
C THR X 47 -14.23 23.60 -85.33
N HIS X 48 -13.56 23.21 -84.24
CA HIS X 48 -13.68 21.86 -83.73
C HIS X 48 -13.50 21.87 -82.22
N ALA X 49 -14.36 21.17 -81.51
CA ALA X 49 -14.30 21.14 -80.06
C ALA X 49 -14.77 19.78 -79.56
N VAL X 50 -14.51 19.54 -78.28
CA VAL X 50 -14.93 18.33 -77.61
C VAL X 50 -15.07 18.68 -76.14
N LYS X 51 -15.71 17.82 -75.36
CA LYS X 51 -16.01 18.14 -73.97
C LYS X 51 -15.07 17.43 -73.01
N ASN X 52 -14.38 18.22 -72.19
CA ASN X 52 -13.51 17.67 -71.15
C ASN X 52 -14.37 17.21 -69.98
N ARG X 53 -13.69 16.85 -68.90
CA ARG X 53 -14.34 16.22 -67.76
C ARG X 53 -15.42 17.10 -67.16
N SER X 54 -15.17 18.41 -67.10
CA SER X 54 -16.08 19.28 -66.37
C SER X 54 -17.23 19.83 -67.20
N ALA X 55 -17.22 19.66 -68.52
CA ALA X 55 -18.30 20.13 -69.37
C ALA X 55 -19.39 19.09 -69.62
N VAL X 56 -19.10 17.80 -69.42
CA VAL X 56 -20.09 16.77 -69.67
C VAL X 56 -21.20 16.87 -68.64
N ARG X 57 -22.45 16.80 -69.09
CA ARG X 57 -23.57 16.88 -68.15
C ARG X 57 -23.59 15.66 -67.27
N GLY X 58 -23.21 15.82 -66.02
CA GLY X 58 -23.01 14.65 -65.20
C GLY X 58 -22.86 14.95 -63.75
N GLY X 59 -22.09 14.12 -63.05
CA GLY X 59 -22.22 13.96 -61.61
C GLY X 59 -21.06 14.52 -60.80
N GLY X 60 -21.42 15.10 -59.66
CA GLY X 60 -20.46 15.57 -58.68
C GLY X 60 -20.37 14.69 -57.47
N ARG X 61 -21.21 13.66 -57.40
CA ARG X 61 -21.20 12.80 -56.23
C ARG X 61 -20.20 11.67 -56.44
N LYS X 62 -19.54 11.29 -55.37
CA LYS X 62 -18.72 10.10 -55.35
C LYS X 62 -19.63 8.89 -55.44
N PRO X 63 -19.49 8.03 -56.45
CA PRO X 63 -20.55 7.04 -56.75
C PRO X 63 -20.71 5.97 -55.69
N TRP X 64 -19.61 5.40 -55.17
CA TRP X 64 -19.64 4.49 -54.03
C TRP X 64 -18.71 4.99 -52.94
N ARG X 65 -18.47 4.19 -51.91
CA ARG X 65 -17.53 4.63 -50.90
C ARG X 65 -16.10 4.46 -51.41
N GLN X 66 -15.14 4.87 -50.59
CA GLN X 66 -13.73 4.78 -50.91
C GLN X 66 -13.16 3.42 -50.55
N LYS X 67 -13.72 2.74 -49.54
CA LYS X 67 -13.20 1.46 -49.08
C LYS X 67 -14.33 0.50 -48.71
N GLY X 68 -13.99 -0.77 -48.61
CA GLY X 68 -14.89 -1.77 -48.06
C GLY X 68 -15.62 -2.62 -49.07
N THR X 69 -16.10 -1.99 -50.13
CA THR X 69 -16.99 -2.63 -51.10
C THR X 69 -16.30 -3.63 -52.00
N GLY X 70 -15.01 -3.89 -51.83
CA GLY X 70 -14.33 -4.81 -52.71
C GLY X 70 -14.29 -4.30 -54.12
N ARG X 71 -14.04 -3.02 -54.29
CA ARG X 71 -14.27 -2.36 -55.56
C ARG X 71 -12.98 -1.66 -55.98
N ALA X 72 -13.03 -0.79 -56.98
CA ALA X 72 -11.93 0.11 -57.26
C ALA X 72 -12.39 1.54 -57.02
N ARG X 73 -11.56 2.32 -56.32
CA ARG X 73 -11.91 3.70 -55.99
C ARG X 73 -12.23 4.50 -57.25
N GLN X 74 -13.40 5.12 -57.27
CA GLN X 74 -13.88 5.90 -58.39
C GLN X 74 -14.33 7.26 -57.90
N GLY X 75 -14.24 8.24 -58.78
CA GLY X 75 -14.48 9.61 -58.38
C GLY X 75 -15.71 10.24 -59.00
N SER X 76 -16.10 9.77 -60.18
CA SER X 76 -17.30 10.27 -60.81
C SER X 76 -17.70 9.36 -61.95
N ILE X 77 -18.99 9.43 -62.28
CA ILE X 77 -19.52 8.71 -63.43
C ILE X 77 -18.92 9.24 -64.70
N ARG X 78 -18.37 10.45 -64.68
CA ARG X 78 -17.79 11.08 -65.86
C ARG X 78 -16.29 11.28 -65.65
N SER X 79 -15.54 10.21 -65.83
CA SER X 79 -14.10 10.24 -65.83
C SER X 79 -13.64 9.76 -67.19
N PRO X 80 -12.42 10.08 -67.60
CA PRO X 80 -12.00 9.69 -68.94
C PRO X 80 -12.12 8.19 -69.21
N GLN X 81 -11.96 7.33 -68.23
CA GLN X 81 -11.98 5.90 -68.49
C GLN X 81 -13.36 5.26 -68.38
N TRP X 82 -14.36 6.00 -67.94
CA TRP X 82 -15.74 5.53 -67.93
C TRP X 82 -16.35 5.68 -69.30
N ARG X 83 -17.13 4.68 -69.71
CA ARG X 83 -18.00 4.83 -70.88
C ARG X 83 -18.90 6.03 -70.71
N GLY X 84 -18.91 6.91 -71.71
CA GLY X 84 -19.70 8.10 -71.67
C GLY X 84 -19.07 9.29 -70.98
N GLY X 85 -17.80 9.21 -70.60
CA GLY X 85 -17.13 10.27 -69.91
C GLY X 85 -16.49 11.30 -70.83
N GLY X 86 -15.75 12.22 -70.21
CA GLY X 86 -15.17 13.33 -70.94
C GLY X 86 -13.82 13.02 -71.54
N VAL X 87 -13.43 13.83 -72.52
CA VAL X 87 -12.22 13.61 -73.33
C VAL X 87 -11.05 14.38 -72.75
N VAL X 88 -9.89 13.73 -72.70
CA VAL X 88 -8.64 14.34 -72.26
C VAL X 88 -7.86 14.77 -73.49
N PHE X 89 -7.60 16.07 -73.59
CA PHE X 89 -6.78 16.67 -74.65
C PHE X 89 -7.35 16.39 -76.04
N GLY X 90 -8.47 17.03 -76.35
CA GLY X 90 -9.00 16.90 -77.70
C GLY X 90 -8.63 18.05 -78.61
N PRO X 91 -9.34 18.20 -79.74
CA PRO X 91 -9.23 19.44 -80.51
C PRO X 91 -9.94 20.61 -79.84
N THR X 92 -9.31 21.77 -79.92
CA THR X 92 -9.85 23.06 -79.49
C THR X 92 -9.94 24.00 -80.68
N PRO X 93 -10.82 25.00 -80.64
CA PRO X 93 -10.79 26.06 -81.65
C PRO X 93 -9.46 26.78 -81.71
N ARG X 94 -8.91 26.90 -82.91
CA ARG X 94 -7.56 27.34 -83.16
C ARG X 94 -7.54 28.26 -84.37
N SER X 95 -6.38 28.82 -84.68
CA SER X 95 -6.26 29.79 -85.76
C SER X 95 -5.76 29.18 -87.07
N TYR X 96 -4.52 28.68 -87.11
CA TYR X 96 -3.80 28.06 -88.23
C TYR X 96 -3.12 29.01 -89.22
N SER X 97 -3.25 30.33 -89.14
CA SER X 97 -2.64 31.21 -90.12
C SER X 97 -1.46 32.00 -89.54
N TYR X 98 -0.48 32.28 -90.39
CA TYR X 98 0.69 33.08 -90.05
C TYR X 98 1.16 33.87 -91.26
N LYS X 99 2.16 34.71 -91.05
CA LYS X 99 2.66 35.61 -92.08
C LYS X 99 4.17 35.44 -92.25
N LEU X 100 4.62 35.43 -93.48
CA LEU X 100 6.01 35.49 -93.87
C LEU X 100 6.41 36.93 -94.14
N PRO X 101 7.69 37.29 -94.01
CA PRO X 101 8.09 38.67 -94.24
C PRO X 101 7.89 39.11 -95.67
N LYS X 102 7.88 40.43 -95.87
CA LYS X 102 7.34 41.03 -97.11
C LYS X 102 8.22 40.82 -98.32
N LYS X 103 9.52 40.67 -98.14
CA LYS X 103 10.38 40.50 -99.31
C LYS X 103 10.23 39.12 -99.92
N VAL X 104 9.89 38.12 -99.12
CA VAL X 104 9.77 36.77 -99.67
C VAL X 104 8.41 36.56 -100.34
N ARG X 105 7.35 37.24 -99.89
CA ARG X 105 6.11 37.28 -100.65
C ARG X 105 6.38 37.75 -102.09
N ARG X 106 7.06 38.89 -102.22
CA ARG X 106 7.32 39.49 -103.52
C ARG X 106 8.25 38.59 -104.33
N LEU X 107 9.24 37.98 -103.68
CA LEU X 107 10.15 37.08 -104.37
C LEU X 107 9.42 35.84 -104.92
N ALA X 108 8.43 35.33 -104.19
CA ALA X 108 7.68 34.17 -104.68
C ALA X 108 6.76 34.54 -105.84
N MET X 109 6.14 35.71 -105.80
CA MET X 109 5.33 36.13 -106.95
C MET X 109 6.21 36.24 -108.21
N LYS X 110 7.30 36.99 -108.12
CA LYS X 110 8.19 37.13 -109.27
C LYS X 110 8.66 35.79 -109.75
N SER X 111 9.00 34.89 -108.84
CA SER X 111 9.63 33.64 -109.24
C SER X 111 8.65 32.73 -109.96
N VAL X 112 7.38 32.74 -109.55
CA VAL X 112 6.42 31.84 -110.17
C VAL X 112 5.99 32.34 -111.55
N LEU X 113 5.84 33.67 -111.73
CA LEU X 113 5.55 34.15 -113.08
C LEU X 113 6.75 33.98 -114.01
N SER X 114 7.96 34.16 -113.48
CA SER X 114 9.15 33.98 -114.31
C SER X 114 9.37 32.54 -114.70
N ASP X 115 8.98 31.59 -113.85
CA ASP X 115 8.97 30.21 -114.24
C ASP X 115 7.96 29.95 -115.35
N LYS X 116 6.75 30.52 -115.23
CA LYS X 116 5.79 30.39 -116.32
C LYS X 116 6.38 30.87 -117.65
N VAL X 117 7.13 31.98 -117.64
CA VAL X 117 7.66 32.50 -118.89
C VAL X 117 8.82 31.65 -119.41
N ALA X 118 9.67 31.15 -118.54
CA ALA X 118 10.85 30.42 -118.98
C ALA X 118 10.55 29.11 -119.68
N GLU X 119 9.29 28.73 -119.87
CA GLU X 119 8.95 27.48 -120.53
C GLU X 119 7.92 27.67 -121.64
N ASN X 120 7.74 28.90 -122.10
CA ASN X 120 6.72 29.27 -123.07
C ASN X 120 5.37 28.68 -122.70
N ASN X 121 4.95 29.04 -121.49
CA ASN X 121 3.65 28.68 -120.96
C ASN X 121 2.75 29.87 -120.72
N LEU X 122 3.24 31.09 -120.86
CA LEU X 122 2.40 32.27 -120.92
C LEU X 122 2.09 32.63 -122.36
N VAL X 123 0.85 33.05 -122.61
CA VAL X 123 0.34 33.35 -123.94
C VAL X 123 -0.28 34.73 -123.89
N ALA X 124 0.29 35.69 -124.63
CA ALA X 124 -0.25 37.04 -124.68
C ALA X 124 -1.16 37.21 -125.89
N VAL X 125 -2.21 37.99 -125.71
CA VAL X 125 -3.22 38.25 -126.74
C VAL X 125 -3.63 39.71 -126.65
N GLU X 126 -3.89 40.33 -127.80
CA GLU X 126 -4.23 41.75 -127.85
C GLU X 126 -5.46 42.08 -127.02
N GLY X 127 -6.58 41.42 -127.30
CA GLY X 127 -7.80 41.72 -126.58
C GLY X 127 -8.74 40.54 -126.58
N LEU X 128 -9.66 40.57 -125.62
CA LEU X 128 -10.74 39.58 -125.51
C LEU X 128 -12.02 40.39 -125.42
N SER X 129 -12.72 40.54 -126.53
CA SER X 129 -13.93 41.34 -126.59
C SER X 129 -15.11 40.49 -127.00
N PHE X 130 -16.28 40.84 -126.48
CA PHE X 130 -17.49 40.07 -126.73
C PHE X 130 -18.68 41.02 -126.68
N ASP X 131 -19.55 40.97 -127.69
CA ASP X 131 -20.78 41.77 -127.67
C ASP X 131 -21.86 41.14 -126.83
N ALA X 132 -21.82 39.82 -126.65
CA ALA X 132 -22.66 39.17 -125.66
C ALA X 132 -21.83 38.15 -124.91
N PRO X 133 -22.20 37.82 -123.69
CA PRO X 133 -21.55 36.73 -122.97
C PRO X 133 -21.92 35.33 -123.48
N LYS X 134 -21.11 34.78 -124.38
CA LYS X 134 -21.36 33.49 -125.00
C LYS X 134 -20.23 32.51 -124.69
N THR X 135 -20.55 31.40 -124.02
CA THR X 135 -19.54 30.36 -123.75
C THR X 135 -18.97 29.74 -125.02
N LYS X 136 -19.81 29.55 -126.04
CA LYS X 136 -19.36 28.82 -127.23
C LYS X 136 -18.24 29.57 -127.95
N GLU X 137 -18.39 30.89 -128.08
CA GLU X 137 -17.35 31.69 -128.72
C GLU X 137 -16.06 31.67 -127.91
N PHE X 138 -16.15 31.60 -126.58
CA PHE X 138 -14.93 31.54 -125.79
C PHE X 138 -14.18 30.24 -126.02
N LYS X 139 -14.91 29.12 -126.12
CA LYS X 139 -14.31 27.83 -126.42
C LYS X 139 -13.66 27.83 -127.80
N GLN X 140 -14.32 28.46 -128.79
CA GLN X 140 -13.68 28.59 -130.10
C GLN X 140 -12.39 29.40 -129.99
N VAL X 141 -12.44 30.55 -129.32
CA VAL X 141 -11.22 31.33 -129.08
C VAL X 141 -10.14 30.47 -128.43
N LEU X 142 -10.52 29.66 -127.46
CA LEU X 142 -9.55 28.86 -126.71
C LEU X 142 -8.88 27.83 -127.61
N ALA X 143 -9.62 27.28 -128.56
CA ALA X 143 -9.02 26.37 -129.52
C ALA X 143 -8.27 27.10 -130.64
N ASN X 144 -8.62 28.38 -130.87
CA ASN X 144 -7.93 29.18 -131.86
C ASN X 144 -6.46 29.34 -131.53
N LEU X 145 -6.14 29.36 -130.24
CA LEU X 145 -4.77 29.48 -129.74
C LEU X 145 -4.19 28.15 -129.31
N SER X 146 -4.87 27.04 -129.62
CA SER X 146 -4.43 25.68 -129.31
C SER X 146 -4.05 25.55 -127.84
N ILE X 147 -5.05 25.64 -126.97
CA ILE X 147 -4.88 25.52 -125.52
C ILE X 147 -5.70 24.35 -125.04
N ASP X 148 -5.03 23.29 -124.59
CA ASP X 148 -5.70 22.05 -124.24
C ASP X 148 -5.46 21.56 -122.82
N THR X 149 -5.17 22.45 -121.89
CA THR X 149 -4.83 22.08 -120.52
C THR X 149 -5.54 23.02 -119.55
N LYS X 150 -5.25 22.85 -118.27
CA LYS X 150 -5.74 23.81 -117.28
C LYS X 150 -5.11 25.17 -117.52
N VAL X 151 -5.94 26.21 -117.55
CA VAL X 151 -5.48 27.54 -117.91
C VAL X 151 -6.02 28.54 -116.90
N LEU X 152 -5.16 29.46 -116.48
CA LEU X 152 -5.54 30.64 -115.73
C LEU X 152 -5.78 31.77 -116.72
N VAL X 153 -6.97 32.36 -116.69
CA VAL X 153 -7.28 33.49 -117.56
C VAL X 153 -7.22 34.76 -116.73
N VAL X 154 -6.18 35.56 -116.93
CA VAL X 154 -5.97 36.80 -116.19
C VAL X 154 -6.55 37.95 -117.00
N LEU X 155 -7.59 38.58 -116.50
CA LEU X 155 -8.27 39.67 -117.16
C LEU X 155 -7.94 41.01 -116.50
N GLU X 156 -8.36 42.08 -117.15
CA GLU X 156 -7.96 43.42 -116.69
C GLU X 156 -8.87 43.96 -115.59
N ASN X 157 -10.08 44.32 -115.97
CA ASN X 157 -10.92 45.26 -115.24
C ASN X 157 -12.37 44.93 -115.58
N GLY X 158 -13.24 45.92 -115.61
CA GLY X 158 -14.61 45.63 -115.95
C GLY X 158 -14.78 45.11 -117.37
N ASN X 159 -14.05 44.04 -117.67
CA ASN X 159 -14.28 43.20 -118.84
C ASN X 159 -15.27 42.11 -118.47
N ASP X 160 -16.52 42.52 -118.25
CA ASP X 160 -17.44 41.57 -117.62
C ASP X 160 -18.00 40.56 -118.60
N PHE X 161 -18.07 40.87 -119.89
CA PHE X 161 -18.62 39.89 -120.82
C PHE X 161 -17.67 38.71 -120.99
N ALA X 162 -16.36 38.98 -120.97
CA ALA X 162 -15.37 37.91 -121.10
C ALA X 162 -15.37 36.99 -119.89
N ALA X 163 -15.44 37.55 -118.68
CA ALA X 163 -15.42 36.71 -117.49
C ALA X 163 -16.66 35.83 -117.42
N LEU X 164 -17.81 36.37 -117.82
CA LEU X 164 -19.02 35.57 -117.91
C LEU X 164 -18.86 34.45 -118.93
N SER X 165 -18.32 34.75 -120.10
CA SER X 165 -18.18 33.71 -121.13
C SER X 165 -17.19 32.63 -120.71
N ALA X 166 -16.19 32.97 -119.91
CA ALA X 166 -15.16 32.02 -119.53
C ALA X 166 -15.48 31.24 -118.26
N ARG X 167 -16.43 31.70 -117.45
CA ARG X 167 -16.91 30.85 -116.36
C ARG X 167 -17.37 29.51 -116.90
N ASN X 168 -17.63 28.59 -115.98
CA ASN X 168 -18.41 27.38 -116.27
C ASN X 168 -17.69 26.38 -117.17
N LEU X 169 -16.60 26.76 -117.80
CA LEU X 169 -15.76 25.79 -118.50
C LEU X 169 -14.89 25.06 -117.51
N PRO X 170 -14.94 23.71 -117.45
CA PRO X 170 -14.30 23.01 -116.32
C PRO X 170 -12.79 22.94 -116.39
N ASN X 171 -12.13 23.56 -117.36
CA ASN X 171 -10.67 23.64 -117.40
C ASN X 171 -10.15 25.04 -117.15
N VAL X 172 -11.01 25.99 -116.85
CA VAL X 172 -10.69 27.40 -116.98
C VAL X 172 -10.92 28.09 -115.64
N SER X 173 -10.00 28.95 -115.27
CA SER X 173 -10.12 29.80 -114.10
C SER X 173 -9.96 31.25 -114.51
N VAL X 174 -10.67 32.16 -113.86
CA VAL X 174 -10.65 33.56 -114.24
C VAL X 174 -10.28 34.41 -113.04
N VAL X 175 -9.31 35.29 -113.24
CA VAL X 175 -8.82 36.19 -112.20
C VAL X 175 -8.56 37.55 -112.82
N THR X 176 -8.75 38.62 -112.05
CA THR X 176 -8.43 39.95 -112.53
C THR X 176 -7.01 40.32 -112.12
N SER X 177 -6.47 41.37 -112.74
CA SER X 177 -5.04 41.63 -112.60
C SER X 177 -4.65 42.28 -111.28
N ASP X 178 -5.60 42.66 -110.43
CA ASP X 178 -5.30 43.13 -109.09
C ASP X 178 -5.49 42.05 -108.04
N ASN X 179 -5.68 40.80 -108.46
CA ASN X 179 -6.05 39.76 -107.54
C ASN X 179 -5.45 38.42 -107.95
N VAL X 180 -4.18 38.40 -108.31
CA VAL X 180 -3.47 37.15 -108.59
C VAL X 180 -2.72 36.72 -107.33
N SER X 181 -2.87 35.46 -106.96
CA SER X 181 -2.17 34.87 -105.83
C SER X 181 -1.12 33.88 -106.31
N VAL X 182 -0.30 33.40 -105.38
CA VAL X 182 0.74 32.43 -105.74
C VAL X 182 0.11 31.08 -106.06
N LEU X 183 -0.98 30.73 -105.36
CA LEU X 183 -1.66 29.47 -105.57
C LEU X 183 -2.45 29.42 -106.86
N ASP X 184 -2.80 30.55 -107.46
CA ASP X 184 -3.51 30.52 -108.74
C ASP X 184 -2.58 30.16 -109.88
N VAL X 185 -1.34 30.65 -109.84
CA VAL X 185 -0.45 30.46 -110.96
C VAL X 185 0.18 29.08 -110.92
N VAL X 186 0.43 28.53 -109.74
CA VAL X 186 1.10 27.24 -109.65
C VAL X 186 0.18 26.13 -110.10
N SER X 187 -1.12 26.26 -109.86
CA SER X 187 -2.04 25.17 -110.14
C SER X 187 -2.38 25.07 -111.62
N ALA X 188 -2.33 26.17 -112.35
CA ALA X 188 -2.67 26.09 -113.77
C ALA X 188 -1.46 25.68 -114.60
N ASN X 189 -1.76 25.14 -115.78
CA ASN X 189 -0.71 24.74 -116.71
C ASN X 189 -0.21 25.89 -117.55
N LYS X 190 -1.09 26.84 -117.88
CA LYS X 190 -0.73 27.98 -118.69
C LYS X 190 -1.40 29.21 -118.11
N VAL X 191 -0.98 30.37 -118.61
CA VAL X 191 -1.66 31.62 -118.33
C VAL X 191 -2.00 32.27 -119.65
N LEU X 192 -3.25 32.71 -119.80
CA LEU X 192 -3.71 33.46 -120.95
C LEU X 192 -4.01 34.88 -120.47
N ALA X 193 -3.05 35.78 -120.63
CA ALA X 193 -3.18 37.15 -120.18
C ALA X 193 -3.26 38.11 -121.35
N THR X 194 -4.10 39.12 -121.24
CA THR X 194 -4.19 40.14 -122.27
C THR X 194 -3.11 41.19 -122.09
N GLN X 195 -2.86 41.91 -123.18
CA GLN X 195 -1.79 42.89 -123.20
C GLN X 195 -1.99 43.98 -122.15
N THR X 196 -3.22 44.45 -122.00
CA THR X 196 -3.52 45.47 -120.99
C THR X 196 -3.25 44.96 -119.58
N ALA X 197 -3.72 43.76 -119.28
CA ALA X 197 -3.55 43.18 -117.96
C ALA X 197 -2.08 42.91 -117.65
N LEU X 198 -1.26 42.68 -118.67
CA LEU X 198 0.15 42.41 -118.42
C LEU X 198 0.87 43.66 -117.93
N THR X 199 0.59 44.80 -118.55
CA THR X 199 1.16 46.05 -118.06
C THR X 199 0.60 46.41 -116.69
N GLN X 200 -0.67 46.08 -116.45
CA GLN X 200 -1.21 46.39 -115.13
C GLN X 200 -0.57 45.56 -114.03
N ILE X 201 -0.18 44.32 -114.34
CA ILE X 201 0.56 43.53 -113.36
C ILE X 201 1.97 44.07 -113.17
N GLU X 202 2.60 44.51 -114.27
CA GLU X 202 3.93 45.10 -114.11
C GLU X 202 3.88 46.39 -113.30
N GLU X 203 2.72 47.03 -113.24
CA GLU X 203 2.60 48.27 -112.46
C GLU X 203 2.53 48.04 -110.95
N VAL X 204 2.09 46.89 -110.48
CA VAL X 204 1.89 46.67 -109.05
C VAL X 204 3.00 45.82 -108.45
N LEU X 205 3.60 44.92 -109.23
CA LEU X 205 4.71 44.16 -108.72
C LEU X 205 5.97 45.00 -108.68
N ALA X 206 6.05 46.01 -109.54
CA ALA X 206 7.17 46.95 -109.65
C ALA X 206 8.53 46.31 -109.37
N ASN Y 1 95.45 48.34 0.94
CA ASN Y 1 95.21 48.93 2.25
C ASN Y 1 95.95 48.20 3.36
N ARG Y 2 95.22 47.41 4.14
CA ARG Y 2 95.84 46.80 5.31
C ARG Y 2 96.46 45.45 5.02
N LEU Y 3 95.93 44.71 4.04
CA LEU Y 3 96.30 43.33 3.85
C LEU Y 3 97.01 43.04 2.54
N LYS Y 4 96.90 43.92 1.54
CA LYS Y 4 97.67 43.75 0.31
C LYS Y 4 99.16 43.70 0.64
N GLU Y 5 99.62 44.64 1.46
CA GLU Y 5 100.88 44.49 2.15
C GLU Y 5 100.97 43.13 2.83
N LYS Y 6 99.96 42.77 3.63
CA LYS Y 6 100.08 41.53 4.38
C LYS Y 6 100.20 40.33 3.44
N TYR Y 7 99.42 40.29 2.38
CA TYR Y 7 99.57 39.23 1.39
C TYR Y 7 100.99 39.21 0.86
N ILE Y 8 101.40 40.27 0.16
CA ILE Y 8 102.63 40.32 -0.61
C ILE Y 8 103.85 40.43 0.30
N LYS Y 9 103.64 40.38 1.60
CA LYS Y 9 104.72 40.61 2.55
C LYS Y 9 104.82 39.57 3.66
N GLU Y 10 103.82 38.76 3.89
CA GLU Y 10 103.91 37.64 4.82
C GLU Y 10 103.37 36.34 4.24
N VAL Y 11 102.29 36.39 3.46
CA VAL Y 11 101.46 35.23 3.20
C VAL Y 11 101.80 34.59 1.87
N THR Y 12 101.90 35.38 0.81
CA THR Y 12 102.27 34.81 -0.47
C THR Y 12 103.59 34.05 -0.42
N PRO Y 13 104.65 34.50 0.28
CA PRO Y 13 105.83 33.62 0.37
C PRO Y 13 105.55 32.33 1.12
N SER Y 14 104.87 32.43 2.26
CA SER Y 14 104.41 31.25 2.97
C SER Y 14 103.69 30.27 2.06
N LEU Y 15 102.52 30.68 1.55
CA LEU Y 15 101.69 29.74 0.79
C LEU Y 15 102.38 29.29 -0.50
N VAL Y 16 103.25 30.12 -1.07
CA VAL Y 16 103.96 29.72 -2.27
C VAL Y 16 104.98 28.63 -1.94
N GLU Y 17 105.46 28.61 -0.71
CA GLU Y 17 106.41 27.57 -0.34
C GLU Y 17 105.72 26.32 0.20
N LYS Y 18 104.68 26.49 1.03
CA LYS Y 18 104.01 25.38 1.67
C LYS Y 18 103.41 24.38 0.68
N PHE Y 19 103.08 24.84 -0.52
CA PHE Y 19 102.59 23.96 -1.57
C PHE Y 19 103.46 24.04 -2.82
N ASN Y 20 104.57 24.77 -2.76
CA ASN Y 20 105.61 24.70 -3.77
C ASN Y 20 105.10 25.17 -5.12
N TYR Y 21 104.43 26.31 -5.11
CA TYR Y 21 103.80 26.86 -6.30
C TYR Y 21 104.85 27.35 -7.29
N SER Y 22 104.85 26.80 -8.50
CA SER Y 22 105.81 27.25 -9.50
C SER Y 22 105.55 28.68 -9.97
N SER Y 23 104.33 29.19 -9.78
CA SER Y 23 103.98 30.54 -10.16
C SER Y 23 103.29 31.21 -8.99
N VAL Y 24 103.22 32.54 -9.05
CA VAL Y 24 102.51 33.28 -8.03
C VAL Y 24 101.05 33.51 -8.40
N MET Y 25 100.71 33.44 -9.68
CA MET Y 25 99.29 33.34 -10.04
C MET Y 25 98.63 32.22 -9.26
N GLN Y 26 99.37 31.14 -8.99
CA GLN Y 26 98.81 29.95 -8.35
C GLN Y 26 98.31 30.22 -6.93
N THR Y 27 98.76 31.29 -6.30
CA THR Y 27 98.41 31.54 -4.90
C THR Y 27 96.98 32.00 -4.79
N PRO Y 28 96.17 31.38 -3.92
CA PRO Y 28 94.76 31.80 -3.78
C PRO Y 28 94.62 33.21 -3.25
N LYS Y 29 93.39 33.71 -3.34
CA LYS Y 29 93.03 35.08 -2.97
C LYS Y 29 91.70 35.07 -2.23
N VAL Y 30 91.11 36.24 -2.07
CA VAL Y 30 89.74 36.38 -1.65
C VAL Y 30 89.02 37.15 -2.74
N ASP Y 31 88.01 36.53 -3.36
CA ASP Y 31 87.30 37.20 -4.44
C ASP Y 31 86.14 38.07 -3.93
N LYS Y 32 85.20 37.46 -3.20
CA LYS Y 32 83.99 38.14 -2.79
C LYS Y 32 83.77 38.00 -1.30
N ILE Y 33 82.82 38.79 -0.81
CA ILE Y 33 82.13 38.58 0.46
C ILE Y 33 80.69 38.95 0.23
N VAL Y 34 79.78 38.05 0.60
CA VAL Y 34 78.36 38.23 0.36
C VAL Y 34 77.62 38.03 1.68
N ILE Y 35 76.80 38.99 2.04
CA ILE Y 35 76.03 38.94 3.28
C ILE Y 35 74.59 38.60 2.96
N ASN Y 36 73.97 37.75 3.76
CA ASN Y 36 72.57 37.42 3.59
C ASN Y 36 71.77 37.75 4.83
N MET Y 37 70.51 38.14 4.61
CA MET Y 37 69.50 38.23 5.66
C MET Y 37 68.28 37.45 5.21
N GLY Y 38 67.95 36.40 5.93
CA GLY Y 38 66.68 35.74 5.68
C GLY Y 38 65.58 36.27 6.59
N VAL Y 39 64.79 37.21 6.09
CA VAL Y 39 63.73 37.81 6.89
C VAL Y 39 62.55 36.85 7.01
N GLY Y 40 61.92 36.51 5.89
CA GLY Y 40 60.77 35.62 5.94
C GLY Y 40 59.60 36.15 6.72
N ASP Y 41 59.52 37.46 6.94
CA ASP Y 41 58.49 38.05 7.78
C ASP Y 41 57.81 39.25 7.15
N ALA Y 42 58.18 39.62 5.93
CA ALA Y 42 57.32 40.50 5.14
C ALA Y 42 55.98 39.83 4.86
N VAL Y 43 55.94 38.50 4.97
CA VAL Y 43 54.67 37.77 4.97
C VAL Y 43 53.69 38.47 5.88
N SER Y 44 54.04 38.59 7.16
CA SER Y 44 53.14 39.19 8.14
C SER Y 44 53.20 40.71 8.09
N ASN Y 45 54.32 41.29 8.53
CA ASN Y 45 54.41 42.73 8.72
C ASN Y 45 55.37 43.31 7.70
N ALA Y 46 54.84 44.15 6.81
CA ALA Y 46 55.65 44.71 5.73
C ALA Y 46 56.86 45.48 6.23
N LYS Y 47 56.86 45.88 7.51
CA LYS Y 47 57.89 46.76 8.07
C LYS Y 47 59.05 45.99 8.70
N ASN Y 48 59.40 44.83 8.15
CA ASN Y 48 60.49 44.00 8.66
C ASN Y 48 61.74 44.04 7.78
N LEU Y 49 61.57 43.93 6.46
CA LEU Y 49 62.68 44.17 5.54
C LEU Y 49 63.28 45.55 5.75
N ASP Y 50 62.45 46.50 6.19
CA ASP Y 50 62.92 47.86 6.42
C ASP Y 50 64.00 47.88 7.50
N LYS Y 51 63.75 47.24 8.63
CA LYS Y 51 64.74 47.23 9.71
C LYS Y 51 65.97 46.42 9.31
N ALA Y 52 65.76 45.25 8.70
CA ALA Y 52 66.88 44.46 8.21
C ALA Y 52 67.82 45.31 7.36
N VAL Y 53 67.24 46.06 6.42
CA VAL Y 53 68.04 46.87 5.51
C VAL Y 53 68.70 48.03 6.26
N GLU Y 54 67.98 48.64 7.19
CA GLU Y 54 68.60 49.70 7.99
C GLU Y 54 69.84 49.18 8.71
N GLU Y 55 69.74 47.99 9.30
CA GLU Y 55 70.89 47.47 10.04
C GLU Y 55 72.05 47.15 9.10
N LEU Y 56 71.77 46.38 8.03
CA LEU Y 56 72.80 45.99 7.09
C LEU Y 56 73.50 47.19 6.48
N ALA Y 57 72.78 48.29 6.29
CA ALA Y 57 73.41 49.47 5.71
C ALA Y 57 74.13 50.28 6.76
N LEU Y 58 73.69 50.21 8.02
CA LEU Y 58 74.50 50.74 9.11
C LEU Y 58 75.86 50.09 9.12
N ILE Y 59 75.92 48.80 8.80
CA ILE Y 59 77.20 48.11 8.69
C ILE Y 59 78.07 48.75 7.62
N THR Y 60 77.63 48.69 6.36
CA THR Y 60 78.48 49.02 5.23
C THR Y 60 77.88 50.15 4.40
N GLY Y 61 78.75 50.92 3.74
CA GLY Y 61 78.29 52.05 2.97
C GLY Y 61 77.66 51.68 1.65
N GLN Y 62 76.48 51.06 1.70
CA GLN Y 62 75.92 50.40 0.53
C GLN Y 62 74.47 50.03 0.79
N LYS Y 63 73.58 50.47 -0.08
CA LYS Y 63 72.20 50.05 0.08
C LYS Y 63 72.03 48.64 -0.47
N PRO Y 64 71.48 47.71 0.30
CA PRO Y 64 71.46 46.32 -0.13
C PRO Y 64 70.38 46.05 -1.16
N LEU Y 65 70.53 44.92 -1.82
CA LEU Y 65 69.51 44.46 -2.74
C LEU Y 65 68.28 44.01 -1.96
N ILE Y 66 67.27 43.56 -2.69
CA ILE Y 66 66.09 42.95 -2.09
C ILE Y 66 65.85 41.64 -2.83
N THR Y 67 65.94 40.54 -2.11
CA THR Y 67 65.62 39.24 -2.67
C THR Y 67 64.14 38.97 -2.48
N LYS Y 68 63.50 38.46 -3.52
CA LYS Y 68 62.09 38.19 -3.52
C LYS Y 68 61.84 36.68 -3.47
N ALA Y 69 60.61 36.27 -3.78
CA ALA Y 69 60.19 34.90 -3.52
C ALA Y 69 60.97 33.90 -4.36
N LYS Y 70 60.91 34.03 -5.68
CA LYS Y 70 61.42 33.12 -6.70
C LYS Y 70 60.52 31.89 -6.91
N LYS Y 71 59.47 31.71 -6.11
CA LYS Y 71 58.37 30.77 -6.34
C LYS Y 71 57.31 31.02 -5.27
N SER Y 72 56.33 30.13 -5.18
CA SER Y 72 55.20 30.30 -4.26
C SER Y 72 54.94 29.00 -3.53
N ILE Y 73 55.14 29.00 -2.21
CA ILE Y 73 54.87 27.84 -1.38
C ILE Y 73 53.85 28.24 -0.32
N ALA Y 74 52.83 27.40 -0.14
CA ALA Y 74 51.75 27.68 0.79
C ALA Y 74 52.09 27.38 2.24
N GLY Y 75 53.18 26.67 2.50
CA GLY Y 75 53.59 26.47 3.88
C GLY Y 75 53.83 27.77 4.62
N PHE Y 76 54.42 28.77 3.94
CA PHE Y 76 54.77 30.05 4.54
C PHE Y 76 53.92 31.20 4.02
N ARG Y 77 52.77 30.91 3.40
CA ARG Y 77 51.90 31.93 2.80
C ARG Y 77 52.65 32.73 1.74
N LEU Y 78 53.27 32.01 0.81
CA LEU Y 78 54.17 32.61 -0.17
C LEU Y 78 53.52 32.57 -1.54
N ARG Y 79 53.39 33.73 -2.15
CA ARG Y 79 53.14 33.82 -3.58
C ARG Y 79 54.48 33.90 -4.29
N GLU Y 80 54.48 34.23 -5.57
CA GLU Y 80 55.70 34.61 -6.24
C GLU Y 80 56.01 36.06 -5.97
N GLY Y 81 57.28 36.41 -6.05
CA GLY Y 81 57.71 37.80 -5.95
C GLY Y 81 57.30 38.53 -4.70
N MET Y 82 57.18 37.83 -3.57
CA MET Y 82 56.97 38.50 -2.29
C MET Y 82 58.32 38.85 -1.69
N PRO Y 83 58.74 40.12 -1.71
CA PRO Y 83 60.09 40.48 -1.25
C PRO Y 83 60.37 39.98 0.17
N ILE Y 84 61.39 39.12 0.27
CA ILE Y 84 61.67 38.39 1.51
C ILE Y 84 62.87 38.96 2.24
N GLY Y 85 64.06 38.90 1.63
CA GLY Y 85 65.28 39.30 2.29
C GLY Y 85 66.11 40.25 1.44
N ALA Y 86 67.20 40.71 2.04
CA ALA Y 86 68.15 41.59 1.40
C ALA Y 86 69.53 40.96 1.42
N LYS Y 87 70.39 41.38 0.49
CA LYS Y 87 71.76 40.88 0.45
C LYS Y 87 72.70 41.99 -0.01
N VAL Y 88 73.99 41.77 0.24
CA VAL Y 88 75.04 42.74 -0.06
C VAL Y 88 76.22 41.95 -0.63
N THR Y 89 76.96 42.58 -1.54
CA THR Y 89 78.20 42.02 -2.05
C THR Y 89 79.32 43.02 -1.85
N LEU Y 90 80.53 42.51 -1.64
CA LEU Y 90 81.66 43.31 -1.18
C LEU Y 90 82.89 42.96 -2.00
N ARG Y 91 83.45 43.95 -2.69
CA ARG Y 91 84.66 43.76 -3.48
C ARG Y 91 85.78 44.64 -2.94
N GLY Y 92 86.98 44.38 -3.41
CA GLY Y 92 88.08 45.32 -3.24
C GLY Y 92 88.35 45.71 -1.80
N GLU Y 93 88.22 47.01 -1.52
CA GLU Y 93 88.51 47.56 -0.21
C GLU Y 93 87.37 47.38 0.77
N ARG Y 94 86.13 47.34 0.29
CA ARG Y 94 85.04 47.02 1.18
C ARG Y 94 85.22 45.66 1.84
N MET Y 95 85.99 44.77 1.22
CA MET Y 95 86.22 43.45 1.77
C MET Y 95 87.28 43.47 2.87
N TYR Y 96 88.38 44.20 2.65
CA TYR Y 96 89.46 44.16 3.64
C TYR Y 96 89.07 44.90 4.92
N GLU Y 97 88.41 46.06 4.78
CA GLU Y 97 87.88 46.74 5.96
C GLU Y 97 86.90 45.86 6.72
N PHE Y 98 86.04 45.16 6.00
CA PHE Y 98 85.02 44.36 6.68
C PHE Y 98 85.64 43.16 7.35
N LEU Y 99 86.61 42.51 6.70
CA LEU Y 99 87.34 41.40 7.34
C LEU Y 99 88.08 41.88 8.57
N ASP Y 100 88.68 43.08 8.50
CA ASP Y 100 89.42 43.59 9.66
C ASP Y 100 88.48 43.86 10.83
N LYS Y 101 87.38 44.55 10.57
CA LYS Y 101 86.41 44.76 11.64
C LYS Y 101 85.78 43.45 12.11
N LEU Y 102 85.81 42.40 11.29
CA LEU Y 102 85.32 41.12 11.76
C LEU Y 102 86.30 40.45 12.70
N VAL Y 103 87.59 40.50 12.37
CA VAL Y 103 88.54 39.74 13.17
C VAL Y 103 88.96 40.51 14.41
N THR Y 104 89.07 41.84 14.30
CA THR Y 104 89.80 42.60 15.30
C THR Y 104 88.91 43.40 16.23
N VAL Y 105 87.64 43.64 15.88
CA VAL Y 105 86.77 44.41 16.76
C VAL Y 105 85.51 43.63 17.11
N SER Y 106 84.78 43.20 16.09
CA SER Y 106 83.39 42.81 16.26
C SER Y 106 83.24 41.39 16.80
N LEU Y 107 83.78 40.39 16.09
CA LEU Y 107 83.57 38.99 16.45
C LEU Y 107 83.74 38.72 17.94
N PRO Y 108 84.83 39.10 18.62
CA PRO Y 108 85.04 38.63 20.00
C PRO Y 108 84.00 39.14 20.99
N ARG Y 109 83.15 40.11 20.60
CA ARG Y 109 81.98 40.44 21.39
C ARG Y 109 81.08 39.23 21.62
N VAL Y 110 81.15 38.23 20.75
CA VAL Y 110 80.48 36.97 20.99
C VAL Y 110 81.22 36.18 22.05
N ARG Y 111 80.47 35.58 22.98
CA ARG Y 111 81.04 34.85 24.10
C ARG Y 111 81.13 33.37 23.77
N ASP Y 112 81.47 32.56 24.78
CA ASP Y 112 81.50 31.10 24.65
C ASP Y 112 82.32 30.69 23.42
N PHE Y 113 83.61 31.02 23.50
CA PHE Y 113 84.44 31.29 22.32
C PHE Y 113 84.69 30.02 21.52
N HIS Y 114 83.68 29.65 20.73
CA HIS Y 114 83.77 28.53 19.81
C HIS Y 114 84.24 28.95 18.42
N GLY Y 115 84.56 30.23 18.25
CA GLY Y 115 85.26 30.69 17.07
C GLY Y 115 84.53 30.39 15.79
N VAL Y 116 85.01 29.37 15.10
CA VAL Y 116 84.51 29.01 13.79
C VAL Y 116 84.60 27.50 13.66
N SER Y 117 83.48 26.85 13.36
CA SER Y 117 83.50 25.41 13.15
C SER Y 117 84.39 25.10 11.94
N LYS Y 118 84.60 23.82 11.71
CA LYS Y 118 85.42 23.40 10.57
C LYS Y 118 84.69 22.46 9.64
N LYS Y 119 83.47 22.06 9.96
CA LYS Y 119 82.59 21.48 8.96
C LYS Y 119 81.89 22.61 8.23
N ALA Y 120 82.66 23.58 7.73
CA ALA Y 120 82.10 24.80 7.17
C ALA Y 120 82.89 25.25 5.95
N PHE Y 121 83.16 24.35 5.02
CA PHE Y 121 84.02 24.73 3.91
C PHE Y 121 83.53 24.30 2.52
N ASP Y 122 82.34 23.73 2.40
CA ASP Y 122 81.73 23.39 1.12
C ASP Y 122 82.42 22.23 0.42
N GLY Y 123 83.58 21.82 0.90
CA GLY Y 123 84.37 20.85 0.16
C GLY Y 123 85.08 21.38 -1.07
N ARG Y 124 84.99 22.67 -1.37
CA ARG Y 124 85.70 23.22 -2.52
C ARG Y 124 86.50 24.48 -2.22
N GLY Y 125 86.55 24.93 -0.98
CA GLY Y 125 87.49 25.96 -0.59
C GLY Y 125 86.88 27.32 -0.30
N ASN Y 126 85.57 27.43 -0.27
CA ASN Y 126 84.93 28.66 0.18
C ASN Y 126 84.30 28.43 1.55
N TYR Y 127 84.17 29.49 2.31
CA TYR Y 127 83.77 29.42 3.71
C TYR Y 127 82.55 30.30 3.98
N THR Y 128 81.73 29.88 4.95
CA THR Y 128 80.54 30.62 5.36
C THR Y 128 80.48 30.72 6.88
N LEU Y 129 80.47 31.96 7.39
CA LEU Y 129 80.45 32.23 8.83
C LEU Y 129 79.04 32.01 9.37
N GLY Y 130 78.76 32.59 10.54
CA GLY Y 130 77.44 32.55 11.13
C GLY Y 130 77.30 33.59 12.23
N ILE Y 131 76.17 34.28 12.28
CA ILE Y 131 75.92 35.31 13.27
C ILE Y 131 74.47 35.20 13.72
N LYS Y 132 74.24 35.25 15.04
CA LYS Y 132 72.92 35.09 15.61
C LYS Y 132 72.18 36.41 15.76
N GLU Y 133 72.86 37.48 16.13
CA GLU Y 133 72.22 38.76 16.40
C GLU Y 133 72.88 39.89 15.62
N GLN Y 134 72.61 41.14 16.00
CA GLN Y 134 73.28 42.27 15.35
C GLN Y 134 74.20 43.06 16.28
N LEU Y 135 74.10 42.87 17.59
CA LEU Y 135 74.81 43.67 18.57
C LEU Y 135 76.33 43.46 18.55
N ILE Y 136 76.86 42.61 17.68
CA ILE Y 136 78.28 42.29 17.67
C ILE Y 136 79.15 43.36 17.04
N PHE Y 137 78.58 44.48 16.59
CA PHE Y 137 79.29 45.45 15.78
C PHE Y 137 79.31 46.83 16.44
N PRO Y 138 80.32 47.65 16.12
CA PRO Y 138 80.36 49.01 16.65
C PRO Y 138 79.59 50.02 15.82
N GLU Y 139 79.03 49.57 14.70
CA GLU Y 139 78.15 50.39 13.89
C GLU Y 139 76.70 50.33 14.37
N VAL Y 140 76.35 49.27 15.09
CA VAL Y 140 75.01 49.12 15.66
C VAL Y 140 74.92 49.93 16.94
N ASP Y 141 73.71 50.07 17.47
CA ASP Y 141 73.42 50.80 18.70
C ASP Y 141 72.76 49.86 19.70
N TYR Y 142 72.41 50.40 20.87
CA TYR Y 142 71.73 49.61 21.88
C TYR Y 142 70.22 49.59 21.66
N ASP Y 143 69.58 50.75 21.81
CA ASP Y 143 68.12 50.80 21.89
C ASP Y 143 67.47 50.49 20.56
N LEU Y 144 68.04 51.02 19.47
CA LEU Y 144 67.38 50.95 18.17
C LEU Y 144 66.97 49.53 17.82
N VAL Y 145 67.77 48.54 18.23
CA VAL Y 145 67.48 47.16 17.92
C VAL Y 145 66.20 46.72 18.61
N ASP Y 146 65.45 45.85 17.94
CA ASP Y 146 64.26 45.26 18.51
C ASP Y 146 64.15 43.75 18.33
N LYS Y 147 64.98 43.12 17.51
CA LYS Y 147 64.85 41.69 17.27
C LYS Y 147 66.21 41.01 17.36
N VAL Y 148 66.17 39.72 17.72
CA VAL Y 148 67.38 38.99 18.10
C VAL Y 148 68.13 38.53 16.85
N ARG Y 149 67.67 38.98 15.68
CA ARG Y 149 68.07 38.37 14.42
C ARG Y 149 69.51 38.74 14.03
N GLY Y 150 70.15 37.82 13.30
CA GLY Y 150 71.51 38.03 12.83
C GLY Y 150 71.63 37.69 11.35
N MET Y 151 72.87 37.77 10.86
CA MET Y 151 73.14 37.71 9.43
C MET Y 151 74.04 36.55 9.05
N ASP Y 152 73.79 36.03 7.85
CA ASP Y 152 74.64 35.02 7.27
C ASP Y 152 75.78 35.70 6.50
N ILE Y 153 76.94 35.03 6.47
CA ILE Y 153 78.10 35.53 5.74
C ILE Y 153 78.69 34.38 4.91
N VAL Y 154 79.16 34.70 3.71
CA VAL Y 154 79.88 33.76 2.85
C VAL Y 154 81.12 34.46 2.32
N ILE Y 155 82.27 33.80 2.44
CA ILE Y 155 83.54 34.33 1.94
C ILE Y 155 84.05 33.36 0.88
N VAL Y 156 84.11 33.84 -0.35
CA VAL Y 156 84.44 33.02 -1.51
C VAL Y 156 85.88 33.29 -1.92
N THR Y 157 86.62 32.24 -2.24
CA THR Y 157 88.02 32.33 -2.66
C THR Y 157 88.28 31.45 -3.87
N THR Y 158 89.54 31.42 -4.29
CA THR Y 158 89.96 30.88 -5.58
C THR Y 158 90.76 29.60 -5.43
N ALA Y 159 90.41 28.76 -4.45
CA ALA Y 159 91.26 27.66 -4.00
C ALA Y 159 90.64 26.32 -4.38
N ASN Y 160 91.48 25.37 -4.80
CA ASN Y 160 90.97 24.04 -5.10
C ASN Y 160 90.69 23.25 -3.83
N THR Y 161 91.74 22.94 -3.06
CA THR Y 161 91.64 22.02 -1.95
C THR Y 161 91.35 22.77 -0.66
N ASP Y 162 90.46 22.22 0.14
CA ASP Y 162 89.92 22.95 1.30
C ASP Y 162 91.03 23.50 2.18
N GLU Y 163 92.05 22.69 2.45
CA GLU Y 163 93.06 23.08 3.42
C GLU Y 163 93.83 24.32 2.97
N GLU Y 164 94.01 24.50 1.66
CA GLU Y 164 94.63 25.72 1.18
C GLU Y 164 93.87 26.93 1.68
N SER Y 165 92.54 26.91 1.56
CA SER Y 165 91.75 28.01 2.09
C SER Y 165 91.79 28.04 3.61
N ARG Y 166 91.83 26.87 4.26
CA ARG Y 166 91.95 26.83 5.71
C ARG Y 166 93.11 27.70 6.19
N GLU Y 167 94.27 27.52 5.56
CA GLU Y 167 95.43 28.32 5.93
C GLU Y 167 95.28 29.77 5.47
N LEU Y 168 95.00 29.98 4.18
CA LEU Y 168 94.85 31.32 3.65
C LEU Y 168 93.80 32.13 4.40
N LEU Y 169 92.91 31.46 5.14
CA LEU Y 169 91.84 32.11 5.88
C LEU Y 169 92.19 32.35 7.33
N ALA Y 170 92.85 31.38 7.98
CA ALA Y 170 93.33 31.61 9.34
C ALA Y 170 94.48 32.62 9.35
N GLN Y 171 95.31 32.62 8.31
CA GLN Y 171 96.47 33.50 8.27
C GLN Y 171 96.10 34.97 8.28
N LEU Y 172 94.91 35.31 7.78
CA LEU Y 172 94.44 36.69 7.77
C LEU Y 172 93.58 37.03 8.99
N GLY Y 173 93.31 36.05 9.83
CA GLY Y 173 92.43 36.25 10.98
C GLY Y 173 91.40 35.15 11.07
N MET Y 174 90.14 35.53 11.35
CA MET Y 174 89.05 34.55 11.51
C MET Y 174 89.44 33.52 12.56
N PRO Y 175 89.35 33.85 13.83
CA PRO Y 175 89.92 32.99 14.88
C PRO Y 175 89.24 31.64 15.02
N PHE Y 176 89.69 30.69 14.19
CA PHE Y 176 89.26 29.32 14.27
C PHE Y 176 89.69 28.69 15.60
N GLN Y 177 88.98 27.63 15.96
CA GLN Y 177 89.24 26.85 17.16
C GLN Y 177 90.69 26.40 17.32
N SER Z 1 59.79 -65.08 -34.44
CA SER Z 1 59.13 -65.87 -33.43
C SER Z 1 60.12 -66.76 -32.68
N ARG Z 2 60.06 -66.74 -31.35
CA ARG Z 2 60.76 -67.76 -30.59
C ARG Z 2 59.95 -69.04 -30.53
N ILE Z 3 58.64 -68.93 -30.35
CA ILE Z 3 57.77 -70.10 -30.43
C ILE Z 3 57.80 -70.66 -31.84
N GLY Z 4 57.69 -69.80 -32.85
CA GLY Z 4 57.66 -70.30 -34.20
C GLY Z 4 58.90 -71.07 -34.62
N ASN Z 5 60.03 -70.84 -33.96
CA ASN Z 5 61.27 -71.52 -34.29
C ASN Z 5 61.50 -72.80 -33.51
N LYS Z 6 60.79 -73.01 -32.42
CA LYS Z 6 61.08 -74.13 -31.55
C LYS Z 6 60.75 -75.45 -32.23
N VAL Z 7 61.13 -76.52 -31.56
CA VAL Z 7 61.13 -77.88 -32.10
C VAL Z 7 59.91 -78.62 -31.57
N VAL Z 8 59.27 -79.42 -32.42
CA VAL Z 8 58.27 -80.39 -31.98
C VAL Z 8 58.77 -81.77 -32.41
N VAL Z 9 58.97 -82.65 -31.43
CA VAL Z 9 59.57 -83.96 -31.66
C VAL Z 9 58.60 -85.01 -31.11
N LEU Z 10 58.15 -85.88 -31.99
CA LEU Z 10 56.94 -86.65 -31.76
C LEU Z 10 57.27 -87.98 -31.11
N PRO Z 11 56.74 -88.30 -29.93
CA PRO Z 11 57.02 -89.61 -29.32
C PRO Z 11 56.38 -90.76 -30.08
N ALA Z 12 56.48 -91.97 -29.53
CA ALA Z 12 56.07 -93.16 -30.26
C ALA Z 12 54.58 -93.13 -30.62
N GLY Z 13 54.25 -93.79 -31.72
CA GLY Z 13 52.88 -93.95 -32.18
C GLY Z 13 52.44 -92.92 -33.20
N VAL Z 14 53.19 -91.84 -33.35
CA VAL Z 14 52.74 -90.70 -34.13
C VAL Z 14 52.83 -91.01 -35.62
N GLU Z 15 51.75 -90.77 -36.34
CA GLU Z 15 51.74 -90.74 -37.79
C GLU Z 15 51.11 -89.43 -38.23
N ILE Z 16 51.72 -88.79 -39.23
CA ILE Z 16 51.36 -87.43 -39.63
C ILE Z 16 51.08 -87.44 -41.12
N LYS Z 17 49.80 -87.47 -41.49
CA LYS Z 17 49.38 -87.48 -42.88
C LYS Z 17 49.31 -86.07 -43.44
N GLN Z 18 49.75 -85.91 -44.69
CA GLN Z 18 49.67 -84.64 -45.40
C GLN Z 18 48.69 -84.75 -46.56
N ASP Z 19 47.84 -83.74 -46.70
CA ASP Z 19 46.95 -83.58 -47.84
C ASP Z 19 46.69 -82.08 -47.96
N GLY Z 20 47.44 -81.41 -48.83
CA GLY Z 20 47.23 -80.00 -49.05
C GLY Z 20 47.40 -79.14 -47.81
N ASN Z 21 46.29 -78.80 -47.17
CA ASN Z 21 46.29 -78.09 -45.91
C ASN Z 21 46.23 -79.04 -44.71
N ASN Z 22 45.29 -79.99 -44.71
CA ASN Z 22 44.98 -80.75 -43.49
C ASN Z 22 46.20 -81.52 -42.97
N ILE Z 23 46.34 -81.53 -41.66
CA ILE Z 23 47.26 -82.40 -40.95
C ILE Z 23 46.42 -83.25 -40.01
N THR Z 24 46.86 -84.49 -39.76
CA THR Z 24 46.11 -85.39 -38.88
C THR Z 24 47.09 -86.23 -38.06
N VAL Z 25 47.48 -85.67 -36.92
CA VAL Z 25 48.21 -86.44 -35.93
C VAL Z 25 47.35 -87.57 -35.43
N LYS Z 26 47.97 -88.75 -35.27
CA LYS Z 26 47.33 -89.90 -34.65
C LYS Z 26 48.28 -90.49 -33.62
N GLY Z 27 47.71 -91.18 -32.65
CA GLY Z 27 48.51 -91.80 -31.63
C GLY Z 27 47.80 -92.97 -31.01
N PRO Z 28 48.04 -93.18 -29.71
CA PRO Z 28 47.44 -94.33 -29.02
C PRO Z 28 46.05 -94.07 -28.47
N LYS Z 29 45.57 -92.82 -28.49
CA LYS Z 29 44.19 -92.53 -28.10
C LYS Z 29 43.37 -92.04 -29.28
N GLY Z 30 43.75 -90.94 -29.92
CA GLY Z 30 42.88 -90.27 -30.87
C GLY Z 30 43.58 -89.95 -32.18
N GLU Z 31 42.82 -89.36 -33.07
CA GLU Z 31 43.28 -89.06 -34.43
C GLU Z 31 42.81 -87.66 -34.85
N LEU Z 32 43.18 -86.65 -34.06
CA LEU Z 32 42.75 -85.27 -34.31
C LEU Z 32 43.24 -84.76 -35.67
N THR Z 33 42.41 -83.91 -36.29
CA THR Z 33 42.79 -83.15 -37.48
C THR Z 33 42.51 -81.67 -37.24
N ARG Z 34 43.26 -80.83 -37.94
CA ARG Z 34 43.12 -79.38 -37.85
C ARG Z 34 43.59 -78.77 -39.17
N GLU Z 35 42.96 -77.66 -39.55
CA GLU Z 35 43.31 -76.95 -40.77
C GLU Z 35 44.35 -75.88 -40.45
N PHE Z 36 45.49 -75.96 -41.13
CA PHE Z 36 46.58 -75.01 -41.01
C PHE Z 36 46.73 -74.23 -42.30
N SER Z 37 47.68 -73.30 -42.32
CA SER Z 37 47.85 -72.35 -43.41
C SER Z 37 48.97 -72.77 -44.37
N SER Z 38 49.05 -72.04 -45.48
CA SER Z 38 50.00 -72.37 -46.54
C SER Z 38 51.41 -71.85 -46.27
N ASP Z 39 51.53 -70.62 -45.75
CA ASP Z 39 52.79 -69.91 -45.72
C ASP Z 39 53.75 -70.43 -44.67
N ILE Z 40 53.45 -71.58 -44.07
CA ILE Z 40 54.36 -72.26 -43.17
C ILE Z 40 54.20 -73.75 -43.44
N LYS Z 41 55.32 -74.47 -43.58
CA LYS Z 41 55.28 -75.78 -44.23
C LYS Z 41 55.74 -76.92 -43.34
N MET Z 42 55.62 -78.13 -43.87
CA MET Z 42 55.80 -79.36 -43.13
C MET Z 42 57.29 -79.67 -42.91
N ASN Z 43 57.59 -80.90 -42.50
CA ASN Z 43 58.97 -81.28 -42.23
C ASN Z 43 59.14 -82.80 -42.25
N ILE Z 44 60.39 -83.22 -42.37
CA ILE Z 44 60.79 -84.60 -42.62
C ILE Z 44 61.69 -85.05 -41.47
N GLU Z 45 62.25 -86.26 -41.58
CA GLU Z 45 63.12 -86.85 -40.55
C GLU Z 45 62.35 -87.06 -39.24
N GLY Z 46 61.48 -88.08 -39.28
CA GLY Z 46 60.60 -88.43 -38.18
C GLY Z 46 61.20 -88.35 -36.79
N ASN Z 47 60.34 -88.15 -35.79
CA ASN Z 47 60.76 -87.74 -34.45
C ASN Z 47 61.56 -86.44 -34.52
N GLU Z 48 61.09 -85.49 -35.34
CA GLU Z 48 61.45 -84.08 -35.20
C GLU Z 48 60.76 -83.23 -36.26
N VAL Z 49 60.34 -82.03 -35.88
CA VAL Z 49 59.82 -81.06 -36.85
C VAL Z 49 60.24 -79.67 -36.41
N THR Z 50 60.50 -78.83 -37.40
CA THR Z 50 60.56 -77.38 -37.24
C THR Z 50 59.60 -76.76 -38.25
N PHE Z 51 59.13 -75.55 -37.95
CA PHE Z 51 58.37 -74.79 -38.92
C PHE Z 51 59.22 -73.64 -39.44
N THR Z 52 58.85 -73.12 -40.61
CA THR Z 52 59.62 -72.05 -41.25
C THR Z 52 58.69 -70.98 -41.80
N ARG Z 53 59.28 -69.83 -42.07
CA ARG Z 53 58.54 -68.63 -42.42
C ARG Z 53 59.19 -67.94 -43.61
N PRO Z 54 58.50 -67.83 -44.75
CA PRO Z 54 58.85 -66.79 -45.71
C PRO Z 54 58.60 -65.43 -45.08
N ASN Z 55 59.65 -64.61 -45.00
CA ASN Z 55 59.55 -63.37 -44.27
C ASN Z 55 58.75 -62.35 -45.09
N ASP Z 56 58.91 -61.09 -44.73
CA ASP Z 56 58.38 -59.94 -45.46
C ASP Z 56 56.90 -59.73 -45.23
N SER Z 57 56.25 -60.57 -44.42
CA SER Z 57 54.91 -60.23 -43.97
C SER Z 57 54.97 -59.11 -42.95
N LYS Z 58 53.88 -58.35 -42.87
CA LYS Z 58 53.86 -57.09 -42.14
C LYS Z 58 54.19 -57.31 -40.66
N GLU Z 59 53.34 -58.05 -39.96
CA GLU Z 59 53.58 -58.39 -38.57
C GLU Z 59 54.80 -59.27 -38.42
N MET Z 60 55.11 -60.07 -39.45
CA MET Z 60 56.32 -60.89 -39.59
C MET Z 60 56.39 -62.12 -38.67
N LYS Z 61 55.53 -62.25 -37.67
CA LYS Z 61 55.69 -63.40 -36.78
C LYS Z 61 54.42 -64.06 -36.25
N THR Z 62 53.25 -63.42 -36.30
CA THR Z 62 52.12 -63.91 -35.50
C THR Z 62 51.62 -65.26 -35.98
N ILE Z 63 51.31 -65.35 -37.28
CA ILE Z 63 50.74 -66.56 -37.84
C ILE Z 63 51.67 -67.73 -37.59
N HIS Z 64 52.98 -67.47 -37.56
CA HIS Z 64 53.98 -68.49 -37.30
C HIS Z 64 53.81 -69.09 -35.90
N GLY Z 65 53.77 -68.23 -34.89
CA GLY Z 65 53.64 -68.69 -33.52
C GLY Z 65 52.38 -69.51 -33.30
N THR Z 66 51.25 -69.06 -33.84
CA THR Z 66 50.04 -69.87 -33.63
C THR Z 66 50.09 -71.18 -34.39
N THR Z 67 50.61 -71.19 -35.64
CA THR Z 67 50.69 -72.42 -36.40
C THR Z 67 51.62 -73.44 -35.76
N ARG Z 68 52.56 -73.00 -34.93
CA ARG Z 68 53.32 -74.02 -34.21
C ARG Z 68 52.67 -74.43 -32.91
N ALA Z 69 52.11 -73.47 -32.18
CA ALA Z 69 51.46 -73.78 -30.91
C ALA Z 69 50.39 -74.84 -31.07
N ASN Z 70 49.58 -74.71 -32.12
CA ASN Z 70 48.47 -75.64 -32.30
C ASN Z 70 48.96 -77.06 -32.54
N PHE Z 71 49.98 -77.23 -33.38
CA PHE Z 71 50.48 -78.57 -33.64
C PHE Z 71 51.15 -79.18 -32.42
N ASN Z 72 51.94 -78.39 -31.70
CA ASN Z 72 52.49 -78.92 -30.46
C ASN Z 72 51.37 -79.40 -29.54
N ASN Z 73 50.27 -78.64 -29.45
CA ASN Z 73 49.15 -79.03 -28.61
C ASN Z 73 48.54 -80.34 -29.08
N MET Z 74 48.27 -80.45 -30.39
CA MET Z 74 47.70 -81.69 -30.91
C MET Z 74 48.55 -82.89 -30.55
N VAL Z 75 49.87 -82.78 -30.69
CA VAL Z 75 50.73 -83.91 -30.38
C VAL Z 75 50.70 -84.20 -28.89
N VAL Z 76 50.94 -83.18 -28.07
CA VAL Z 76 50.94 -83.33 -26.60
C VAL Z 76 49.67 -84.01 -26.13
N GLY Z 77 48.56 -83.77 -26.81
CA GLY Z 77 47.32 -84.35 -26.36
C GLY Z 77 47.01 -85.71 -26.93
N VAL Z 78 47.31 -85.92 -28.21
CA VAL Z 78 47.04 -87.21 -28.84
C VAL Z 78 47.92 -88.29 -28.24
N SER Z 79 49.10 -87.93 -27.75
CA SER Z 79 49.89 -88.91 -27.03
C SER Z 79 49.57 -88.95 -25.54
N GLU Z 80 49.06 -87.85 -24.96
CA GLU Z 80 48.93 -87.78 -23.51
C GLU Z 80 47.57 -87.33 -23.01
N GLY Z 81 46.94 -86.34 -23.64
CA GLY Z 81 45.67 -85.81 -23.17
C GLY Z 81 45.82 -84.84 -22.03
N PHE Z 82 44.78 -84.04 -21.82
CA PHE Z 82 44.77 -82.93 -20.85
C PHE Z 82 43.77 -83.18 -19.74
N GLN Z 83 43.86 -82.33 -18.71
CA GLN Z 83 43.17 -82.54 -17.44
C GLN Z 83 42.75 -81.20 -16.83
N LYS Z 84 41.57 -81.18 -16.22
CA LYS Z 84 41.08 -80.00 -15.52
C LYS Z 84 40.31 -80.44 -14.29
N ALA Z 85 40.66 -79.87 -13.13
CA ALA Z 85 40.13 -80.30 -11.85
C ALA Z 85 39.36 -79.17 -11.17
N LEU Z 86 38.16 -79.48 -10.70
CA LEU Z 86 37.27 -78.49 -10.11
C LEU Z 86 36.93 -78.89 -8.69
N GLU Z 87 36.91 -77.93 -7.79
CA GLU Z 87 36.62 -78.18 -6.38
C GLU Z 87 35.18 -77.81 -6.05
N LEU Z 88 34.85 -77.83 -4.76
CA LEU Z 88 33.48 -77.53 -4.32
C LEU Z 88 33.52 -77.16 -2.85
N ILE Z 89 33.35 -75.88 -2.56
CA ILE Z 89 33.17 -75.34 -1.23
C ILE Z 89 31.72 -74.86 -1.22
N GLY Z 90 31.25 -74.27 -0.12
CA GLY Z 90 29.82 -74.09 -0.05
C GLY Z 90 29.04 -75.26 0.49
N VAL Z 91 29.05 -75.43 1.81
CA VAL Z 91 28.45 -76.55 2.53
C VAL Z 91 27.09 -76.98 1.97
N GLY Z 92 26.96 -78.26 1.66
CA GLY Z 92 25.73 -78.83 1.15
C GLY Z 92 25.73 -79.16 -0.33
N TYR Z 93 26.83 -78.92 -1.04
CA TYR Z 93 26.88 -79.10 -2.48
C TYR Z 93 27.57 -80.42 -2.81
N ARG Z 94 27.06 -81.11 -3.83
CA ARG Z 94 27.59 -82.41 -4.19
C ARG Z 94 27.33 -82.71 -5.66
N ALA Z 95 28.20 -83.53 -6.24
CA ALA Z 95 28.05 -83.99 -7.62
C ALA Z 95 28.01 -85.51 -7.67
N GLN Z 96 27.34 -86.04 -8.70
CA GLN Z 96 27.23 -87.47 -8.91
C GLN Z 96 27.22 -87.76 -10.40
N VAL Z 97 27.76 -88.93 -10.77
CA VAL Z 97 28.07 -89.28 -12.15
C VAL Z 97 27.29 -90.53 -12.54
N GLN Z 98 26.68 -90.48 -13.75
CA GLN Z 98 25.89 -91.60 -14.29
C GLN Z 98 26.10 -91.61 -15.81
N GLY Z 99 27.14 -92.30 -16.26
CA GLY Z 99 27.48 -92.19 -17.66
C GLY Z 99 27.89 -90.77 -17.99
N ASN Z 100 27.35 -90.25 -19.08
CA ASN Z 100 27.66 -88.89 -19.50
C ASN Z 100 26.73 -87.86 -18.89
N LYS Z 101 26.12 -88.14 -17.75
CA LYS Z 101 25.22 -87.22 -17.08
C LYS Z 101 25.87 -86.74 -15.80
N LEU Z 102 26.15 -85.44 -15.72
CA LEU Z 102 26.81 -84.83 -14.58
C LEU Z 102 25.75 -84.13 -13.73
N THR Z 103 25.47 -84.67 -12.55
CA THR Z 103 24.41 -84.14 -11.70
C THR Z 103 25.03 -83.27 -10.62
N LEU Z 104 24.42 -82.10 -10.39
CA LEU Z 104 24.96 -81.10 -9.50
C LEU Z 104 23.88 -80.61 -8.55
N ASN Z 105 24.28 -80.30 -7.32
CA ASN Z 105 23.35 -79.89 -6.26
C ASN Z 105 23.91 -78.64 -5.58
N VAL Z 106 23.61 -77.46 -6.13
CA VAL Z 106 24.23 -76.21 -5.68
C VAL Z 106 23.10 -75.23 -5.36
N GLY Z 107 22.62 -75.27 -4.11
CA GLY Z 107 21.77 -74.22 -3.56
C GLY Z 107 20.52 -73.86 -4.33
N TYR Z 108 20.28 -74.53 -5.44
CA TYR Z 108 19.18 -74.17 -6.32
C TYR Z 108 17.99 -75.06 -6.05
N SER Z 109 16.82 -74.57 -6.40
CA SER Z 109 15.61 -75.33 -6.14
C SER Z 109 15.35 -76.39 -7.18
N HIS Z 110 16.40 -76.83 -7.88
CA HIS Z 110 16.34 -77.86 -8.91
C HIS Z 110 17.77 -78.35 -9.10
N PRO Z 111 17.99 -79.64 -9.26
CA PRO Z 111 19.31 -80.10 -9.69
C PRO Z 111 19.60 -79.60 -11.10
N VAL Z 112 20.87 -79.62 -11.46
CA VAL Z 112 21.34 -79.12 -12.74
C VAL Z 112 22.02 -80.25 -13.49
N GLU Z 113 21.82 -80.30 -14.81
CA GLU Z 113 22.24 -81.43 -15.61
C GLU Z 113 23.11 -80.98 -16.79
N MET Z 114 24.27 -81.62 -16.93
CA MET Z 114 25.20 -81.41 -18.04
C MET Z 114 25.56 -82.77 -18.67
N THR Z 115 25.81 -82.77 -19.98
CA THR Z 115 26.16 -84.00 -20.69
C THR Z 115 27.37 -83.81 -21.58
N ALA Z 116 28.34 -84.69 -21.46
CA ALA Z 116 29.64 -84.57 -22.12
C ALA Z 116 29.62 -85.17 -23.53
N PRO Z 117 30.18 -84.47 -24.52
CA PRO Z 117 30.27 -85.04 -25.88
C PRO Z 117 31.30 -86.15 -26.05
N GLU Z 118 31.52 -86.57 -27.31
CA GLU Z 118 32.25 -87.79 -27.64
C GLU Z 118 33.61 -87.87 -26.94
N GLY Z 119 34.51 -86.93 -27.23
CA GLY Z 119 35.87 -87.15 -26.79
C GLY Z 119 36.11 -86.99 -25.31
N VAL Z 120 35.10 -86.59 -24.54
CA VAL Z 120 35.28 -86.13 -23.17
C VAL Z 120 34.58 -87.08 -22.22
N THR Z 121 35.02 -87.04 -20.96
CA THR Z 121 34.44 -87.83 -19.89
C THR Z 121 34.30 -86.98 -18.64
N PHE Z 122 33.83 -87.60 -17.57
CA PHE Z 122 33.81 -87.02 -16.24
C PHE Z 122 34.48 -87.98 -15.27
N GLU Z 123 34.94 -87.44 -14.15
CA GLU Z 123 35.52 -88.23 -13.07
C GLU Z 123 35.09 -87.58 -11.76
N VAL Z 124 34.00 -88.05 -11.20
CA VAL Z 124 33.69 -87.66 -9.83
C VAL Z 124 34.11 -88.80 -8.92
N PRO Z 125 35.20 -88.67 -8.17
CA PRO Z 125 35.39 -89.49 -6.98
C PRO Z 125 34.44 -89.14 -5.84
N ALA Z 126 34.41 -87.89 -5.42
CA ALA Z 126 33.72 -87.53 -4.19
C ALA Z 126 32.76 -86.37 -4.44
N ASN Z 127 31.96 -86.07 -3.42
CA ASN Z 127 30.99 -84.98 -3.51
C ASN Z 127 31.63 -83.60 -3.71
N THR Z 128 32.95 -83.50 -3.76
CA THR Z 128 33.61 -82.21 -3.98
C THR Z 128 34.38 -82.11 -5.28
N GLN Z 129 34.93 -83.20 -5.79
CA GLN Z 129 35.88 -83.15 -6.90
C GLN Z 129 35.22 -83.52 -8.22
N VAL Z 130 35.65 -82.86 -9.29
CA VAL Z 130 35.22 -83.16 -10.65
C VAL Z 130 36.45 -83.09 -11.54
N ILE Z 131 36.52 -83.96 -12.55
CA ILE Z 131 37.66 -83.98 -13.46
C ILE Z 131 37.16 -84.16 -14.89
N VAL Z 132 37.60 -83.28 -15.78
CA VAL Z 132 37.23 -83.31 -17.19
C VAL Z 132 38.42 -83.82 -17.99
N LYS Z 133 38.17 -84.81 -18.84
CA LYS Z 133 39.25 -85.54 -19.50
C LYS Z 133 38.95 -85.71 -20.97
N GLY Z 134 39.94 -85.44 -21.81
CA GLY Z 134 39.73 -85.48 -23.24
C GLY Z 134 41.05 -85.51 -23.97
N ILE Z 135 40.99 -85.23 -25.26
CA ILE Z 135 42.18 -85.02 -26.09
C ILE Z 135 42.35 -83.56 -26.46
N ASN Z 136 41.26 -82.92 -26.92
CA ASN Z 136 41.31 -81.51 -27.27
C ASN Z 136 41.68 -80.65 -26.09
N LYS Z 137 42.50 -79.63 -26.33
CA LYS Z 137 42.73 -78.67 -25.25
C LYS Z 137 41.59 -77.67 -25.17
N GLU Z 138 40.95 -77.35 -26.30
CA GLU Z 138 39.91 -76.33 -26.32
C GLU Z 138 38.62 -76.84 -25.68
N VAL Z 139 38.22 -78.06 -26.05
CA VAL Z 139 36.92 -78.58 -25.61
C VAL Z 139 36.91 -78.85 -24.12
N VAL Z 140 38.01 -79.38 -23.58
CA VAL Z 140 38.06 -79.62 -22.15
C VAL Z 140 37.96 -78.31 -21.37
N GLY Z 141 38.66 -77.28 -21.85
CA GLY Z 141 38.59 -75.98 -21.19
C GLY Z 141 37.22 -75.35 -21.26
N GLU Z 142 36.59 -75.40 -22.44
CA GLU Z 142 35.26 -74.84 -22.58
C GLU Z 142 34.27 -75.55 -21.66
N LEU Z 143 34.34 -76.88 -21.59
CA LEU Z 143 33.39 -77.59 -20.74
C LEU Z 143 33.64 -77.34 -19.26
N ALA Z 144 34.89 -77.15 -18.85
CA ALA Z 144 35.10 -76.81 -17.45
C ALA Z 144 34.61 -75.40 -17.13
N ALA Z 145 34.80 -74.44 -18.04
CA ALA Z 145 34.27 -73.10 -17.82
C ALA Z 145 32.77 -73.06 -17.95
N ASN Z 146 32.19 -74.06 -18.61
CA ASN Z 146 30.75 -74.24 -18.59
C ASN Z 146 30.26 -74.71 -17.23
N ILE Z 147 30.93 -75.72 -16.66
CA ILE Z 147 30.50 -76.26 -15.38
C ILE Z 147 30.66 -75.22 -14.28
N ARG Z 148 31.87 -74.66 -14.14
CA ARG Z 148 32.13 -73.59 -13.19
C ARG Z 148 31.25 -72.38 -13.42
N GLY Z 149 30.66 -72.27 -14.61
CA GLY Z 149 29.73 -71.20 -14.90
C GLY Z 149 28.38 -71.35 -14.21
N VAL Z 150 28.03 -72.57 -13.79
CA VAL Z 150 26.74 -72.79 -13.12
C VAL Z 150 26.67 -72.02 -11.81
N ARG Z 151 27.78 -71.92 -11.11
CA ARG Z 151 27.85 -71.15 -9.87
C ARG Z 151 29.29 -70.73 -9.64
N PRO Z 152 29.64 -69.50 -9.99
CA PRO Z 152 30.97 -68.98 -9.68
C PRO Z 152 31.15 -68.79 -8.18
N PRO Z 153 32.34 -68.50 -7.73
CA PRO Z 153 32.54 -68.33 -6.28
C PRO Z 153 32.34 -66.93 -5.75
N GLU Z 154 31.58 -66.79 -4.65
CA GLU Z 154 31.42 -65.53 -3.96
C GLU Z 154 32.68 -65.18 -3.16
N PRO Z 155 32.82 -63.93 -2.74
CA PRO Z 155 33.99 -63.54 -1.94
C PRO Z 155 33.82 -63.51 -0.43
N TYR Z 156 32.60 -63.60 0.09
CA TYR Z 156 32.39 -63.47 1.53
C TYR Z 156 32.57 -64.79 2.28
N LYS Z 157 32.34 -65.92 1.61
CA LYS Z 157 32.71 -67.23 2.15
C LYS Z 157 33.37 -68.13 1.12
N GLY Z 158 33.43 -67.73 -0.15
CA GLY Z 158 34.06 -68.55 -1.16
C GLY Z 158 33.31 -69.81 -1.51
N LYS Z 159 31.97 -69.79 -1.43
CA LYS Z 159 31.18 -70.93 -1.84
C LYS Z 159 31.17 -71.03 -3.35
N GLY Z 160 30.64 -72.12 -3.88
CA GLY Z 160 30.55 -72.26 -5.31
C GLY Z 160 31.72 -72.99 -5.93
N ILE Z 161 31.62 -73.16 -7.24
CA ILE Z 161 32.49 -74.06 -7.98
C ILE Z 161 33.69 -73.30 -8.52
N ARG Z 162 34.89 -73.82 -8.27
CA ARG Z 162 36.11 -73.16 -8.70
C ARG Z 162 37.07 -74.15 -9.34
N TYR Z 163 37.87 -73.66 -10.29
CA TYR Z 163 39.08 -74.38 -10.67
C TYR Z 163 39.92 -74.65 -9.44
N VAL Z 164 40.74 -75.70 -9.50
CA VAL Z 164 41.36 -76.24 -8.29
C VAL Z 164 42.62 -75.45 -7.93
N GLY Z 165 42.79 -74.27 -8.53
CA GLY Z 165 43.81 -73.33 -8.11
C GLY Z 165 43.41 -71.87 -8.17
N GLU Z 166 42.15 -71.56 -8.40
CA GLU Z 166 41.72 -70.16 -8.47
C GLU Z 166 42.02 -69.44 -7.16
N PHE Z 167 42.61 -68.25 -7.26
CA PHE Z 167 42.87 -67.41 -6.10
C PHE Z 167 41.74 -66.40 -5.99
N VAL Z 168 40.88 -66.57 -5.00
CA VAL Z 168 39.71 -65.72 -4.79
C VAL Z 168 40.03 -64.70 -3.70
N ARG Z 169 39.62 -63.45 -3.91
CA ARG Z 169 39.77 -62.43 -2.88
C ARG Z 169 38.61 -62.48 -1.89
N ARG Z 170 38.91 -62.24 -0.63
CA ARG Z 170 37.93 -62.39 0.45
C ARG Z 170 37.66 -61.03 1.09
N LYS Z 171 36.41 -60.64 1.12
CA LYS Z 171 36.02 -59.36 1.72
C LYS Z 171 35.61 -59.56 3.18
N GLU Z 172 35.49 -58.45 3.90
CA GLU Z 172 35.00 -58.45 5.27
C GLU Z 172 33.57 -57.91 5.24
N GLY Z 173 32.61 -58.80 5.04
CA GLY Z 173 31.23 -58.44 5.24
C GLY Z 173 30.98 -58.22 6.71
N LYS Z 174 30.43 -57.07 7.06
CA LYS Z 174 30.19 -56.80 8.46
C LYS Z 174 29.10 -57.73 8.99
N THR Z 175 29.06 -57.86 10.31
CA THR Z 175 28.11 -58.76 10.95
C THR Z 175 26.75 -58.10 11.12
N GLY Z 176 26.21 -57.57 10.04
CA GLY Z 176 24.96 -56.83 10.11
C GLY Z 176 25.11 -55.39 9.66
N MET AA 1 20.94 -30.81 -90.83
CA MET AA 1 20.04 -31.94 -91.01
C MET AA 1 20.44 -32.74 -92.23
N ARG AA 2 21.32 -33.70 -91.99
CA ARG AA 2 22.11 -34.39 -93.01
C ARG AA 2 22.29 -35.83 -92.54
N THR AA 3 23.34 -36.48 -93.02
CA THR AA 3 23.48 -37.92 -92.96
C THR AA 3 24.24 -38.38 -91.71
N THR AA 4 23.51 -38.72 -90.64
CA THR AA 4 24.05 -39.63 -89.64
C THR AA 4 23.01 -40.70 -89.37
N TYR AA 5 23.46 -41.95 -89.34
CA TYR AA 5 22.59 -43.10 -89.21
C TYR AA 5 21.83 -43.03 -87.89
N MET AA 6 20.59 -43.52 -87.89
CA MET AA 6 19.81 -43.70 -86.68
C MET AA 6 19.09 -45.03 -86.78
N ALA AA 7 19.17 -45.85 -85.73
CA ALA AA 7 18.61 -47.18 -85.81
C ALA AA 7 17.10 -47.17 -85.56
N LYS AA 8 16.45 -48.25 -86.00
CA LYS AA 8 15.02 -48.45 -85.92
C LYS AA 8 14.71 -49.55 -84.90
N ALA AA 9 13.42 -49.90 -84.80
CA ALA AA 9 12.94 -50.64 -83.64
C ALA AA 9 13.42 -52.08 -83.63
N GLY AA 10 13.13 -52.82 -84.70
CA GLY AA 10 13.53 -54.21 -84.76
C GLY AA 10 14.55 -54.51 -85.84
N GLU AA 11 15.58 -53.68 -85.94
CA GLU AA 11 16.55 -53.76 -87.03
C GLU AA 11 17.93 -54.26 -86.61
N VAL AA 12 18.29 -54.18 -85.33
CA VAL AA 12 19.64 -54.49 -84.86
C VAL AA 12 19.55 -55.71 -83.96
N GLU AA 13 20.28 -56.76 -84.31
CA GLU AA 13 20.17 -58.04 -83.63
C GLU AA 13 20.67 -57.99 -82.19
N ARG AA 14 19.98 -58.73 -81.32
CA ARG AA 14 20.31 -58.79 -79.90
C ARG AA 14 20.75 -60.20 -79.56
N LYS AA 15 21.98 -60.34 -79.09
CA LYS AA 15 22.56 -61.63 -78.73
C LYS AA 15 22.42 -61.88 -77.23
N TRP AA 16 22.53 -63.14 -76.86
CA TRP AA 16 22.46 -63.57 -75.47
C TRP AA 16 23.86 -63.88 -74.95
N TYR AA 17 24.10 -63.57 -73.67
CA TYR AA 17 25.42 -63.69 -73.07
C TYR AA 17 25.32 -64.33 -71.71
N VAL AA 18 26.41 -64.96 -71.26
CA VAL AA 18 26.51 -65.55 -69.94
C VAL AA 18 27.74 -64.98 -69.25
N VAL AA 19 27.56 -64.43 -68.06
CA VAL AA 19 28.61 -63.82 -67.26
C VAL AA 19 28.69 -64.53 -65.92
N ASP AA 20 29.90 -64.70 -65.42
CA ASP AA 20 30.20 -65.51 -64.25
C ASP AA 20 30.70 -64.63 -63.12
N ALA AA 21 30.08 -64.75 -61.95
CA ALA AA 21 30.24 -63.76 -60.90
C ALA AA 21 30.97 -64.26 -59.66
N THR AA 22 31.86 -65.25 -59.78
CA THR AA 22 32.59 -65.74 -58.61
C THR AA 22 33.88 -64.94 -58.46
N ASP AA 23 33.94 -64.13 -57.39
CA ASP AA 23 35.09 -63.32 -56.99
C ASP AA 23 35.23 -62.03 -57.78
N VAL AA 24 34.14 -61.52 -58.32
CA VAL AA 24 34.12 -60.19 -58.91
C VAL AA 24 33.39 -59.27 -57.93
N PRO AA 25 34.00 -58.17 -57.50
CA PRO AA 25 33.31 -57.26 -56.59
C PRO AA 25 31.99 -56.78 -57.18
N LEU AA 26 31.02 -56.53 -56.30
CA LEU AA 26 29.65 -56.30 -56.71
C LEU AA 26 29.55 -55.22 -57.78
N GLY AA 27 30.14 -54.06 -57.53
CA GLY AA 27 29.95 -52.91 -58.40
C GLY AA 27 30.69 -52.95 -59.71
N ARG AA 28 31.81 -53.67 -59.78
CA ARG AA 28 32.58 -53.74 -61.03
C ARG AA 28 31.89 -54.60 -62.08
N LEU AA 29 31.54 -55.84 -61.70
CA LEU AA 29 30.64 -56.66 -62.50
C LEU AA 29 29.38 -55.90 -62.88
N SER AA 30 28.79 -55.17 -61.93
CA SER AA 30 27.52 -54.53 -62.20
C SER AA 30 27.68 -53.37 -63.19
N ALA AA 31 28.84 -52.71 -63.20
CA ALA AA 31 29.07 -51.64 -64.17
C ALA AA 31 29.22 -52.19 -65.58
N VAL AA 32 29.92 -53.31 -65.72
CA VAL AA 32 30.10 -53.92 -67.02
C VAL AA 32 28.77 -54.47 -67.56
N VAL AA 33 27.99 -55.13 -66.70
CA VAL AA 33 26.68 -55.62 -67.13
C VAL AA 33 25.79 -54.45 -67.54
N ALA AA 34 25.85 -53.34 -66.81
CA ALA AA 34 25.01 -52.20 -67.14
C ALA AA 34 25.36 -51.59 -68.49
N SER AA 35 26.64 -51.53 -68.84
CA SER AA 35 26.98 -51.00 -70.16
C SER AA 35 26.59 -51.95 -71.28
N VAL AA 36 26.64 -53.27 -71.04
CA VAL AA 36 26.24 -54.19 -72.10
C VAL AA 36 24.73 -54.19 -72.32
N LEU AA 37 23.93 -53.98 -71.27
CA LEU AA 37 22.48 -53.95 -71.47
C LEU AA 37 22.02 -52.73 -72.25
N ARG AA 38 22.79 -51.65 -72.25
CA ARG AA 38 22.39 -50.43 -72.92
C ARG AA 38 22.89 -50.34 -74.34
N GLY AA 39 23.70 -51.28 -74.78
CA GLY AA 39 24.21 -51.28 -76.13
C GLY AA 39 25.37 -50.35 -76.38
N LYS AA 40 26.14 -50.00 -75.35
CA LYS AA 40 27.20 -49.02 -75.53
C LYS AA 40 28.42 -49.59 -76.23
N ASN AA 41 28.50 -50.90 -76.38
CA ASN AA 41 29.59 -51.59 -77.05
C ASN AA 41 29.38 -51.81 -78.53
N LYS AA 42 28.32 -51.25 -79.13
CA LYS AA 42 28.01 -51.48 -80.52
C LYS AA 42 27.92 -50.15 -81.25
N PRO AA 43 28.64 -49.96 -82.36
CA PRO AA 43 28.57 -48.67 -83.08
C PRO AA 43 27.20 -48.26 -83.56
N THR AA 44 26.18 -49.10 -83.46
CA THR AA 44 24.84 -48.70 -83.84
C THR AA 44 24.08 -48.06 -82.68
N PHE AA 45 24.78 -47.57 -81.67
CA PHE AA 45 24.15 -47.00 -80.49
C PHE AA 45 23.42 -45.71 -80.81
N THR AA 46 22.10 -45.68 -80.58
CA THR AA 46 21.30 -44.48 -80.65
C THR AA 46 20.50 -44.34 -79.36
N PRO AA 47 20.46 -43.13 -78.79
CA PRO AA 47 19.91 -42.99 -77.43
C PRO AA 47 18.39 -43.09 -77.28
N HIS AA 48 17.57 -42.84 -78.30
CA HIS AA 48 16.13 -42.98 -78.12
C HIS AA 48 15.62 -44.35 -78.60
N VAL AA 49 16.51 -45.32 -78.75
CA VAL AA 49 16.18 -46.66 -79.21
C VAL AA 49 16.86 -47.66 -78.29
N ASP AA 50 16.29 -48.86 -78.19
CA ASP AA 50 16.89 -49.93 -77.41
C ASP AA 50 17.73 -50.83 -78.32
N THR AA 51 19.02 -50.96 -78.02
CA THR AA 51 19.89 -51.83 -78.80
C THR AA 51 20.82 -52.69 -77.94
N GLY AA 52 20.55 -52.87 -76.66
CA GLY AA 52 21.41 -53.72 -75.86
C GLY AA 52 21.12 -55.18 -76.04
N ASP AA 53 22.03 -56.01 -75.56
CA ASP AA 53 21.88 -57.45 -75.55
C ASP AA 53 21.23 -57.92 -74.25
N PHE AA 54 20.91 -59.20 -74.20
CA PHE AA 54 20.43 -59.87 -73.00
C PHE AA 54 21.61 -60.44 -72.22
N VAL AA 55 21.50 -60.48 -70.90
CA VAL AA 55 22.58 -61.00 -70.04
C VAL AA 55 22.03 -61.97 -69.01
N ILE AA 56 22.70 -63.11 -68.86
CA ILE AA 56 22.48 -64.05 -67.76
C ILE AA 56 23.65 -63.91 -66.80
N VAL AA 57 23.35 -63.75 -65.51
CA VAL AA 57 24.37 -63.72 -64.46
C VAL AA 57 24.26 -65.01 -63.68
N ILE AA 58 25.35 -65.75 -63.60
CA ILE AA 58 25.38 -67.03 -62.92
C ILE AA 58 26.33 -66.99 -61.74
N ASN AA 59 26.02 -67.77 -60.70
CA ASN AA 59 26.82 -67.86 -59.47
C ASN AA 59 26.72 -66.59 -58.65
N ALA AA 60 25.53 -66.01 -58.53
CA ALA AA 60 25.38 -64.80 -57.75
C ALA AA 60 25.67 -65.02 -56.28
N ASP AA 61 25.60 -66.27 -55.82
CA ASP AA 61 25.85 -66.59 -54.43
C ASP AA 61 27.30 -66.32 -54.02
N LYS AA 62 28.23 -66.34 -54.98
CA LYS AA 62 29.66 -66.20 -54.70
C LYS AA 62 30.23 -64.85 -55.08
N VAL AA 63 29.39 -63.82 -55.16
CA VAL AA 63 29.89 -62.48 -55.49
C VAL AA 63 30.66 -61.92 -54.31
N LYS AA 64 31.66 -61.09 -54.61
CA LYS AA 64 32.61 -60.65 -53.61
C LYS AA 64 32.22 -59.29 -53.03
N LEU AA 65 32.46 -59.12 -51.74
CA LEU AA 65 32.35 -57.83 -51.06
C LEU AA 65 33.61 -57.62 -50.24
N THR AA 66 34.29 -56.50 -50.45
CA THR AA 66 35.53 -56.23 -49.74
C THR AA 66 35.25 -55.43 -48.47
N GLY AA 67 36.29 -55.25 -47.67
CA GLY AA 67 36.14 -54.47 -46.44
C GLY AA 67 35.26 -55.19 -45.45
N LYS AA 68 34.39 -54.43 -44.81
CA LYS AA 68 33.40 -54.99 -43.91
C LYS AA 68 31.98 -54.77 -44.44
N LYS AA 69 31.85 -54.74 -45.76
CA LYS AA 69 30.57 -54.46 -46.39
C LYS AA 69 29.55 -55.55 -46.08
N ALA AA 70 29.99 -56.78 -45.88
CA ALA AA 70 29.06 -57.87 -45.68
C ALA AA 70 28.26 -57.72 -44.39
N THR AA 71 28.76 -56.97 -43.42
CA THR AA 71 28.01 -56.68 -42.21
C THR AA 71 27.64 -55.22 -42.05
N ASP AA 72 28.37 -54.29 -42.68
CA ASP AA 72 28.21 -52.87 -42.42
C ASP AA 72 27.44 -52.11 -43.51
N LYS AA 73 27.24 -52.70 -44.69
CA LYS AA 73 26.46 -52.05 -45.75
C LYS AA 73 24.99 -52.45 -45.62
N ILE AA 74 24.12 -51.46 -45.53
CA ILE AA 74 22.73 -51.68 -45.17
C ILE AA 74 21.81 -51.08 -46.23
N TYR AA 75 20.73 -51.78 -46.54
CA TYR AA 75 19.70 -51.35 -47.47
C TYR AA 75 18.45 -50.96 -46.71
N TYR AA 76 17.91 -49.79 -47.01
CA TYR AA 76 16.72 -49.27 -46.35
C TYR AA 76 15.52 -49.30 -47.28
N ARG AA 77 14.34 -49.31 -46.66
CA ARG AA 77 13.07 -49.25 -47.37
C ARG AA 77 12.07 -48.56 -46.47
N HIS AA 78 11.15 -47.84 -47.08
CA HIS AA 78 10.06 -47.21 -46.34
C HIS AA 78 8.74 -47.69 -46.89
N SER AA 79 7.80 -47.99 -46.00
CA SER AA 79 6.49 -48.45 -46.42
C SER AA 79 5.50 -47.32 -46.57
N MET AA 80 5.94 -46.09 -46.33
CA MET AA 80 5.16 -44.86 -46.33
C MET AA 80 4.09 -44.84 -45.22
N TYR AA 81 4.24 -45.64 -44.18
CA TYR AA 81 3.43 -45.52 -42.98
C TYR AA 81 4.25 -44.92 -41.85
N PRO AA 82 3.64 -44.21 -40.90
CA PRO AA 82 4.43 -43.49 -39.90
C PRO AA 82 5.32 -44.43 -39.10
N GLY AA 83 6.60 -44.06 -39.04
CA GLY AA 83 7.62 -44.85 -38.38
C GLY AA 83 7.91 -46.19 -39.01
N GLY AA 84 7.96 -46.27 -40.33
CA GLY AA 84 8.05 -47.55 -40.99
C GLY AA 84 9.25 -47.84 -41.85
N LEU AA 85 10.41 -47.29 -41.51
CA LEU AA 85 11.67 -47.70 -42.14
C LEU AA 85 11.96 -49.16 -41.85
N LYS AA 86 12.53 -49.85 -42.82
CA LYS AA 86 12.97 -51.23 -42.65
C LYS AA 86 14.43 -51.28 -43.03
N SER AA 87 15.29 -51.45 -42.03
CA SER AA 87 16.74 -51.53 -42.23
C SER AA 87 17.18 -52.97 -42.13
N VAL AA 88 16.33 -53.85 -42.62
CA VAL AA 88 16.45 -55.24 -42.24
C VAL AA 88 17.72 -55.84 -42.80
N THR AA 89 18.22 -55.32 -43.90
CA THR AA 89 19.11 -56.14 -44.68
C THR AA 89 20.51 -55.57 -44.74
N ALA AA 90 21.44 -56.48 -44.97
CA ALA AA 90 22.88 -56.34 -44.95
C ALA AA 90 23.37 -57.32 -46.01
N GLY AA 91 24.61 -57.80 -45.92
CA GLY AA 91 25.06 -58.96 -46.68
C GLY AA 91 24.39 -60.29 -46.33
N GLU AA 92 23.25 -60.22 -45.62
CA GLU AA 92 22.32 -61.34 -45.52
C GLU AA 92 21.63 -61.63 -46.85
N LEU AA 93 21.48 -60.61 -47.70
CA LEU AA 93 20.97 -60.84 -49.05
C LEU AA 93 21.86 -61.78 -49.85
N ARG AA 94 23.17 -61.75 -49.63
CA ARG AA 94 24.04 -62.65 -50.36
C ARG AA 94 23.79 -64.11 -49.96
N ASP AA 95 23.44 -64.35 -48.69
CA ASP AA 95 23.09 -65.69 -48.25
C ASP AA 95 21.74 -66.09 -48.80
N LYS AA 96 20.68 -65.42 -48.35
CA LYS AA 96 19.33 -65.66 -48.80
C LYS AA 96 18.95 -64.59 -49.81
N ASN AA 97 18.40 -64.99 -50.95
CA ASN AA 97 17.92 -64.05 -51.96
C ASN AA 97 19.05 -63.19 -52.52
N SER AA 98 19.96 -63.86 -53.22
CA SER AA 98 21.09 -63.18 -53.84
C SER AA 98 20.77 -62.59 -55.20
N ARG AA 99 19.54 -62.74 -55.68
CA ARG AA 99 19.12 -62.08 -56.91
C ARG AA 99 18.71 -60.64 -56.66
N ARG AA 100 17.99 -60.41 -55.56
CA ARG AA 100 17.76 -59.06 -55.06
C ARG AA 100 19.06 -58.25 -55.07
N LEU AA 101 20.14 -58.82 -54.56
CA LEU AA 101 21.40 -58.10 -54.44
C LEU AA 101 21.88 -57.56 -55.78
N ILE AA 102 22.10 -58.47 -56.73
CA ILE AA 102 22.64 -58.09 -58.03
C ILE AA 102 21.70 -57.15 -58.73
N GLU AA 103 20.40 -57.42 -58.67
CA GLU AA 103 19.43 -56.59 -59.36
C GLU AA 103 19.39 -55.17 -58.83
N THR AA 104 19.44 -54.98 -57.51
CA THR AA 104 19.40 -53.61 -57.01
C THR AA 104 20.69 -52.86 -57.26
N SER AA 105 21.82 -53.55 -57.41
CA SER AA 105 23.01 -52.84 -57.88
C SER AA 105 22.89 -52.44 -59.36
N VAL AA 106 22.43 -53.36 -60.22
CA VAL AA 106 22.37 -53.01 -61.64
C VAL AA 106 21.30 -51.96 -61.91
N LYS AA 107 20.25 -51.90 -61.10
CA LYS AA 107 19.16 -50.98 -61.37
C LYS AA 107 19.53 -49.53 -61.14
N GLY AA 108 20.51 -49.25 -60.30
CA GLY AA 108 20.93 -47.90 -60.06
C GLY AA 108 21.93 -47.35 -61.03
N MET AA 109 22.38 -48.15 -61.99
CA MET AA 109 23.31 -47.69 -63.01
C MET AA 109 22.67 -47.59 -64.39
N LEU AA 110 21.36 -47.61 -64.46
CA LEU AA 110 20.60 -47.43 -65.69
C LEU AA 110 19.76 -46.17 -65.59
N PRO AA 111 19.48 -45.52 -66.70
CA PRO AA 111 18.57 -44.36 -66.68
C PRO AA 111 17.23 -44.65 -66.02
N LYS AA 112 16.49 -43.61 -65.64
CA LYS AA 112 15.34 -43.74 -64.76
C LYS AA 112 14.03 -43.39 -65.44
N ASN AA 113 13.90 -43.77 -66.70
CA ASN AA 113 12.75 -43.43 -67.52
C ASN AA 113 12.22 -44.69 -68.17
N THR AA 114 11.29 -44.57 -69.13
CA THR AA 114 10.64 -45.78 -69.62
C THR AA 114 11.53 -46.63 -70.51
N LEU AA 115 12.64 -46.11 -71.02
CA LEU AA 115 13.55 -46.94 -71.77
C LEU AA 115 14.46 -47.75 -70.85
N GLY AA 116 14.96 -47.13 -69.78
CA GLY AA 116 15.81 -47.83 -68.85
C GLY AA 116 15.08 -48.86 -68.01
N ARG AA 117 13.79 -48.71 -67.83
CA ARG AA 117 13.03 -49.73 -67.12
C ARG AA 117 12.77 -50.95 -67.99
N LYS AA 118 12.67 -50.76 -69.29
CA LYS AA 118 12.48 -51.85 -70.20
C LYS AA 118 13.80 -52.55 -70.51
N GLN AA 119 14.91 -51.85 -70.37
CA GLN AA 119 16.20 -52.51 -70.49
C GLN AA 119 16.54 -53.36 -69.28
N PHE AA 120 15.90 -53.13 -68.13
CA PHE AA 120 16.14 -53.94 -66.95
C PHE AA 120 15.52 -55.33 -67.07
N THR AA 121 14.56 -55.52 -67.97
CA THR AA 121 13.91 -56.82 -68.07
C THR AA 121 14.69 -57.79 -68.94
N LYS AA 122 15.96 -57.50 -69.21
CA LYS AA 122 16.85 -58.41 -69.90
C LYS AA 122 17.91 -59.03 -69.01
N LEU AA 123 18.01 -58.62 -67.76
CA LEU AA 123 18.84 -59.30 -66.77
C LEU AA 123 18.13 -60.54 -66.26
N ASN AA 124 18.82 -61.67 -66.24
CA ASN AA 124 18.34 -62.89 -65.60
C ASN AA 124 19.46 -63.39 -64.71
N VAL AA 125 19.22 -63.44 -63.40
CA VAL AA 125 20.24 -63.68 -62.39
C VAL AA 125 19.97 -65.00 -61.71
N TYR AA 126 21.02 -65.79 -61.47
CA TYR AA 126 20.88 -67.11 -60.86
C TYR AA 126 21.95 -67.34 -59.80
N GLY AA 127 21.53 -67.80 -58.62
CA GLY AA 127 22.44 -68.05 -57.54
C GLY AA 127 23.40 -69.19 -57.76
N GLY AA 128 23.07 -70.12 -58.66
CA GLY AA 128 23.87 -71.28 -58.90
C GLY AA 128 24.47 -71.32 -60.31
N ALA AA 129 25.00 -72.48 -60.66
CA ALA AA 129 25.76 -72.65 -61.89
C ALA AA 129 24.90 -72.89 -63.11
N GLU AA 130 23.59 -73.06 -62.97
CA GLU AA 130 22.74 -73.51 -64.06
C GLU AA 130 21.59 -72.56 -64.31
N HIS AA 131 21.35 -72.27 -65.58
CA HIS AA 131 20.24 -71.43 -66.01
C HIS AA 131 19.29 -72.25 -66.87
N PRO AA 132 18.03 -71.81 -66.99
CA PRO AA 132 17.05 -72.52 -67.81
C PRO AA 132 16.94 -72.07 -69.26
N HIS AA 133 17.90 -71.31 -69.79
CA HIS AA 133 17.77 -70.63 -71.07
C HIS AA 133 18.69 -71.20 -72.14
N ALA AA 134 18.75 -72.52 -72.30
CA ALA AA 134 19.68 -73.09 -73.26
C ALA AA 134 19.18 -73.04 -74.70
N ALA AA 135 17.91 -72.73 -74.94
CA ALA AA 135 17.38 -72.65 -76.29
C ALA AA 135 17.71 -71.34 -76.98
N GLN AA 136 18.18 -70.34 -76.25
CA GLN AA 136 18.58 -69.09 -76.85
C GLN AA 136 20.06 -69.07 -77.22
N GLN AA 137 20.79 -70.16 -76.96
CA GLN AA 137 22.16 -70.33 -77.38
C GLN AA 137 23.09 -69.17 -76.97
N PRO AA 138 23.26 -68.94 -75.67
CA PRO AA 138 24.03 -67.76 -75.23
C PRO AA 138 25.53 -68.00 -75.23
N GLU AA 139 26.27 -66.96 -75.57
CA GLU AA 139 27.73 -66.99 -75.61
C GLU AA 139 28.34 -66.47 -74.32
N VAL AA 140 29.53 -66.95 -74.01
CA VAL AA 140 30.22 -66.57 -72.79
C VAL AA 140 30.97 -65.27 -73.01
N LEU AA 141 30.78 -64.32 -72.08
CA LEU AA 141 31.60 -63.13 -72.01
C LEU AA 141 32.64 -63.30 -70.92
N ASP AA 142 33.84 -62.75 -71.14
CA ASP AA 142 34.92 -62.85 -70.18
C ASP AA 142 35.30 -61.45 -69.70
N ILE AA 143 35.21 -61.25 -68.40
CA ILE AA 143 35.55 -59.99 -67.75
C ILE AA 143 37.01 -59.97 -67.37
N THR AA 144 37.62 -58.80 -67.49
CA THR AA 144 38.91 -58.50 -66.89
C THR AA 144 38.88 -57.12 -66.25
N ASN AA 145 37.72 -56.47 -66.21
CA ASN AA 145 37.56 -55.08 -65.82
C ASN AA 145 36.59 -54.96 -64.65
N MET BA 1 -21.88 -51.60 -8.38
CA MET BA 1 -20.69 -50.83 -8.69
C MET BA 1 -20.67 -49.53 -7.92
N ILE BA 2 -19.54 -49.25 -7.28
CA ILE BA 2 -19.38 -48.11 -6.40
C ILE BA 2 -18.09 -47.42 -6.77
N GLN BA 3 -18.14 -46.11 -6.98
CA GLN BA 3 -17.03 -45.36 -7.54
C GLN BA 3 -16.67 -44.18 -6.65
N GLN BA 4 -15.86 -43.27 -7.15
CA GLN BA 4 -15.50 -42.08 -6.38
C GLN BA 4 -16.68 -41.15 -6.16
N GLU BA 5 -16.88 -40.78 -4.89
CA GLU BA 5 -17.90 -39.85 -4.42
C GLU BA 5 -19.27 -40.50 -4.30
N SER BA 6 -19.35 -41.82 -4.29
CA SER BA 6 -20.52 -42.55 -3.85
C SER BA 6 -20.61 -42.49 -2.32
N ARG BA 7 -21.81 -42.69 -1.80
CA ARG BA 7 -22.04 -42.62 -0.37
C ARG BA 7 -22.65 -43.90 0.15
N LEU BA 8 -22.12 -44.43 1.24
CA LEU BA 8 -22.52 -45.72 1.78
C LEU BA 8 -23.00 -45.57 3.22
N ARG BA 9 -24.01 -46.34 3.58
CA ARG BA 9 -24.34 -46.46 4.98
C ARG BA 9 -23.36 -47.39 5.67
N VAL BA 10 -23.28 -47.27 6.99
CA VAL BA 10 -22.40 -48.09 7.80
C VAL BA 10 -23.23 -49.15 8.51
N ALA BA 11 -22.87 -50.41 8.33
CA ALA BA 11 -23.53 -51.53 9.00
C ALA BA 11 -22.79 -51.97 10.25
N ASP BA 12 -22.18 -51.05 10.97
CA ASP BA 12 -21.30 -51.37 12.07
C ASP BA 12 -21.71 -50.61 13.31
N ASN BA 13 -21.12 -51.02 14.42
CA ASN BA 13 -21.11 -50.24 15.65
C ASN BA 13 -19.71 -49.65 15.80
N SER BA 14 -19.48 -48.53 15.12
CA SER BA 14 -18.22 -47.84 15.22
C SER BA 14 -18.36 -46.34 15.46
N GLY BA 15 -19.56 -45.78 15.35
CA GLY BA 15 -19.77 -44.36 15.53
C GLY BA 15 -19.90 -43.57 14.24
N ALA BA 16 -19.88 -44.22 13.09
CA ALA BA 16 -20.08 -43.60 11.79
C ALA BA 16 -21.43 -44.01 11.23
N ARG BA 17 -22.05 -43.09 10.49
CA ARG BA 17 -23.33 -43.31 9.83
C ARG BA 17 -23.22 -43.28 8.30
N GLU BA 18 -22.64 -42.23 7.75
CA GLU BA 18 -22.43 -42.10 6.32
C GLU BA 18 -20.95 -41.95 6.03
N ILE BA 19 -20.55 -42.37 4.85
CA ILE BA 19 -19.16 -42.45 4.44
C ILE BA 19 -19.07 -42.05 2.98
N LEU BA 20 -18.00 -41.36 2.59
CA LEU BA 20 -17.82 -40.95 1.20
C LEU BA 20 -16.55 -41.58 0.65
N THR BA 21 -16.65 -42.24 -0.51
CA THR BA 21 -15.54 -43.04 -1.01
C THR BA 21 -14.53 -42.17 -1.75
N ILE BA 22 -13.26 -42.42 -1.46
CA ILE BA 22 -12.15 -41.64 -1.98
C ILE BA 22 -11.36 -42.41 -3.02
N LYS BA 23 -11.14 -43.70 -2.81
CA LYS BA 23 -10.34 -44.52 -3.70
C LYS BA 23 -10.93 -45.92 -3.74
N VAL BA 24 -10.57 -46.66 -4.78
CA VAL BA 24 -11.01 -48.04 -4.99
C VAL BA 24 -9.77 -48.94 -5.09
N LEU BA 25 -8.95 -48.95 -4.04
CA LEU BA 25 -7.67 -49.64 -3.97
C LEU BA 25 -7.57 -50.93 -4.78
N GLY BA 26 -6.42 -51.12 -5.42
CA GLY BA 26 -6.10 -52.33 -6.13
C GLY BA 26 -6.10 -52.15 -7.64
N GLY BA 27 -4.97 -51.80 -8.21
CA GLY BA 27 -4.90 -51.40 -9.60
C GLY BA 27 -4.51 -49.94 -9.72
N SER BA 28 -4.43 -49.51 -10.97
CA SER BA 28 -3.92 -48.21 -11.38
C SER BA 28 -4.83 -47.57 -12.40
N GLY BA 29 -6.07 -47.33 -12.02
CA GLY BA 29 -7.01 -46.69 -12.92
C GLY BA 29 -8.30 -47.46 -12.88
N ARG BA 30 -8.39 -48.36 -11.92
CA ARG BA 30 -9.60 -49.13 -11.72
C ARG BA 30 -10.74 -48.19 -11.35
N LYS BA 31 -11.94 -48.51 -11.81
CA LYS BA 31 -13.07 -47.60 -11.73
C LYS BA 31 -14.01 -47.91 -10.57
N THR BA 32 -14.46 -49.15 -10.46
CA THR BA 32 -15.58 -49.52 -9.60
C THR BA 32 -15.18 -50.57 -8.58
N ALA BA 33 -15.94 -50.62 -7.49
CA ALA BA 33 -15.78 -51.61 -6.45
C ALA BA 33 -17.05 -52.45 -6.31
N ASN BA 34 -16.93 -53.58 -5.62
CA ASN BA 34 -17.98 -54.58 -5.59
C ASN BA 34 -18.00 -55.18 -4.19
N ILE BA 35 -18.66 -56.33 -4.05
CA ILE BA 35 -18.85 -56.95 -2.75
C ILE BA 35 -17.60 -57.75 -2.37
N GLY BA 36 -16.93 -57.33 -1.31
CA GLY BA 36 -15.66 -57.90 -0.92
C GLY BA 36 -14.46 -57.06 -1.29
N ASP BA 37 -14.64 -55.81 -1.67
CA ASP BA 37 -13.56 -54.96 -2.10
C ASP BA 37 -13.29 -53.87 -1.05
N VAL BA 38 -12.03 -53.49 -0.93
CA VAL BA 38 -11.57 -52.56 0.11
C VAL BA 38 -11.48 -51.16 -0.47
N ILE BA 39 -11.66 -50.16 0.39
CA ILE BA 39 -11.93 -48.79 -0.03
C ILE BA 39 -11.33 -47.84 1.00
N VAL BA 40 -11.03 -46.62 0.56
CA VAL BA 40 -10.59 -45.52 1.42
C VAL BA 40 -11.71 -44.48 1.40
N ALA BA 41 -12.07 -43.95 2.57
CA ALA BA 41 -13.29 -43.14 2.63
C ALA BA 41 -13.18 -42.04 3.67
N THR BA 42 -14.09 -41.06 3.57
CA THR BA 42 -14.26 -40.01 4.57
C THR BA 42 -15.52 -40.26 5.39
N VAL BA 43 -15.44 -40.04 6.70
CA VAL BA 43 -16.65 -40.05 7.52
C VAL BA 43 -17.36 -38.72 7.35
N LYS BA 44 -18.62 -38.78 6.96
CA LYS BA 44 -19.41 -37.58 6.71
C LYS BA 44 -20.39 -37.28 7.82
N GLN BA 45 -20.91 -38.30 8.49
CA GLN BA 45 -21.86 -38.18 9.58
C GLN BA 45 -21.51 -39.22 10.63
N ALA BA 46 -21.28 -38.78 11.85
CA ALA BA 46 -20.93 -39.65 12.95
C ALA BA 46 -22.09 -39.73 13.94
N THR BA 47 -21.90 -40.50 14.99
CA THR BA 47 -22.85 -40.45 16.09
C THR BA 47 -22.24 -39.69 17.27
N PRO BA 48 -23.03 -38.94 18.01
CA PRO BA 48 -22.53 -38.30 19.24
C PRO BA 48 -21.98 -39.35 20.21
N GLY BA 49 -20.67 -39.30 20.43
CA GLY BA 49 -19.98 -40.37 21.09
C GLY BA 49 -19.63 -41.46 20.10
N GLY BA 50 -18.49 -42.09 20.25
CA GLY BA 50 -18.08 -43.16 19.36
C GLY BA 50 -16.60 -43.10 19.10
N VAL BA 51 -16.01 -44.28 18.92
CA VAL BA 51 -14.58 -44.40 18.65
C VAL BA 51 -14.18 -43.61 17.40
N VAL BA 52 -15.07 -43.51 16.42
CA VAL BA 52 -14.76 -42.88 15.14
C VAL BA 52 -15.49 -41.55 15.03
N LYS BA 53 -14.75 -40.49 14.75
CA LYS BA 53 -15.30 -39.14 14.70
C LYS BA 53 -15.25 -38.58 13.29
N LYS BA 54 -16.13 -37.62 13.04
CA LYS BA 54 -16.39 -37.16 11.69
C LYS BA 54 -15.24 -36.32 11.15
N GLY BA 55 -14.91 -36.53 9.88
CA GLY BA 55 -13.76 -35.93 9.26
C GLY BA 55 -12.56 -36.82 9.08
N GLU BA 56 -12.66 -38.09 9.44
CA GLU BA 56 -11.52 -39.02 9.46
C GLU BA 56 -11.41 -39.81 8.17
N VAL BA 57 -10.16 -40.13 7.80
CA VAL BA 57 -9.88 -40.98 6.65
C VAL BA 57 -9.62 -42.40 7.15
N VAL BA 58 -10.36 -43.36 6.60
CA VAL BA 58 -10.47 -44.69 7.18
C VAL BA 58 -10.76 -45.70 6.07
N LYS BA 59 -10.57 -46.99 6.37
CA LYS BA 59 -10.80 -48.07 5.42
C LYS BA 59 -12.05 -48.88 5.75
N ALA BA 60 -12.68 -49.41 4.72
CA ALA BA 60 -13.94 -50.15 4.83
C ALA BA 60 -14.06 -51.16 3.71
N VAL BA 61 -14.81 -52.23 3.96
CA VAL BA 61 -15.07 -53.29 3.01
C VAL BA 61 -16.54 -53.30 2.66
N ILE BA 62 -16.86 -53.53 1.40
CA ILE BA 62 -18.24 -53.49 0.94
C ILE BA 62 -18.91 -54.83 1.16
N VAL BA 63 -20.06 -54.79 1.82
CA VAL BA 63 -21.08 -55.81 1.71
C VAL BA 63 -22.24 -55.14 1.01
N ARG BA 64 -23.21 -55.94 0.56
CA ARG BA 64 -24.56 -55.42 0.39
C ARG BA 64 -24.59 -54.22 -0.57
N THR BA 65 -24.48 -54.50 -1.87
CA THR BA 65 -24.77 -53.48 -2.87
C THR BA 65 -26.12 -53.73 -3.54
N LYS BA 66 -26.58 -52.71 -4.28
CA LYS BA 66 -27.80 -52.82 -5.07
C LYS BA 66 -27.59 -53.67 -6.31
N SER BA 67 -26.63 -53.31 -7.15
CA SER BA 67 -26.24 -54.15 -8.27
C SER BA 67 -25.34 -55.26 -7.75
N GLY BA 68 -25.93 -56.39 -7.38
CA GLY BA 68 -25.29 -57.32 -6.46
C GLY BA 68 -24.22 -58.21 -7.05
N ALA BA 69 -24.30 -59.52 -6.81
CA ALA BA 69 -23.28 -60.45 -7.26
C ALA BA 69 -23.90 -61.61 -8.02
N ARG BA 70 -23.07 -62.38 -8.69
CA ARG BA 70 -23.46 -63.52 -9.50
C ARG BA 70 -22.68 -64.75 -9.09
N ARG BA 71 -23.36 -65.88 -8.99
CA ARG BA 71 -22.77 -67.12 -8.52
C ARG BA 71 -22.67 -68.13 -9.66
N ALA BA 72 -21.78 -69.11 -9.48
CA ALA BA 72 -21.38 -69.98 -10.59
C ALA BA 72 -22.50 -70.87 -11.12
N ASP BA 73 -23.54 -71.11 -10.33
CA ASP BA 73 -24.61 -72.01 -10.71
C ASP BA 73 -25.72 -71.32 -11.50
N GLY BA 74 -25.55 -70.05 -11.85
CA GLY BA 74 -26.51 -69.33 -12.64
C GLY BA 74 -27.45 -68.44 -11.87
N SER BA 75 -27.30 -68.35 -10.55
CA SER BA 75 -28.19 -67.58 -9.71
C SER BA 75 -27.55 -66.27 -9.27
N TYR BA 76 -28.39 -65.33 -8.87
CA TYR BA 76 -28.01 -63.96 -8.55
C TYR BA 76 -28.57 -63.58 -7.19
N ILE BA 77 -28.01 -62.52 -6.63
CA ILE BA 77 -28.52 -61.89 -5.42
C ILE BA 77 -28.41 -60.38 -5.56
N LYS BA 78 -29.38 -59.64 -5.03
CA LYS BA 78 -29.35 -58.19 -5.05
C LYS BA 78 -29.96 -57.64 -3.77
N PHE BA 79 -29.44 -56.51 -3.29
CA PHE BA 79 -29.92 -55.86 -2.09
C PHE BA 79 -30.56 -54.51 -2.44
N ASP BA 80 -31.23 -53.93 -1.45
CA ASP BA 80 -31.88 -52.62 -1.59
C ASP BA 80 -30.99 -51.46 -1.16
N GLU BA 81 -29.77 -51.73 -0.71
CA GLU BA 81 -28.91 -50.74 -0.10
C GLU BA 81 -27.50 -50.92 -0.61
N ASN BA 82 -26.66 -49.92 -0.35
CA ASN BA 82 -25.22 -50.08 -0.35
C ASN BA 82 -24.72 -49.86 1.08
N ALA BA 83 -23.85 -50.76 1.56
CA ALA BA 83 -23.33 -50.67 2.91
C ALA BA 83 -21.89 -51.16 2.95
N ALA BA 84 -21.17 -50.72 3.99
CA ALA BA 84 -19.78 -51.11 4.21
C ALA BA 84 -19.55 -51.29 5.70
N VAL BA 85 -18.41 -51.87 6.04
CA VAL BA 85 -17.99 -52.08 7.42
C VAL BA 85 -16.56 -51.56 7.57
N ILE BA 86 -16.34 -50.68 8.55
CA ILE BA 86 -15.01 -50.12 8.77
C ILE BA 86 -14.08 -51.17 9.37
N ILE BA 87 -12.84 -51.19 8.87
CA ILE BA 87 -11.94 -52.32 9.02
C ILE BA 87 -10.63 -51.83 9.65
N ARG BA 88 -9.92 -52.75 10.28
CA ARG BA 88 -8.74 -52.45 11.10
C ARG BA 88 -7.47 -53.00 10.49
N ASP BA 89 -7.36 -52.92 9.16
CA ASP BA 89 -6.09 -53.10 8.45
C ASP BA 89 -5.56 -54.52 8.47
N ASP BA 90 -6.23 -55.42 9.19
CA ASP BA 90 -6.09 -56.86 9.01
C ASP BA 90 -7.45 -57.52 9.04
N LYS BA 91 -8.47 -56.83 8.53
CA LYS BA 91 -9.81 -57.32 8.31
C LYS BA 91 -10.62 -57.47 9.59
N SER BA 92 -10.22 -56.81 10.66
CA SER BA 92 -11.20 -57.00 11.72
C SER BA 92 -12.08 -55.77 11.87
N PRO BA 93 -13.35 -55.96 12.16
CA PRO BA 93 -14.21 -54.81 12.42
C PRO BA 93 -13.70 -53.99 13.59
N ARG BA 94 -13.72 -52.68 13.42
CA ARG BA 94 -13.38 -51.80 14.52
C ARG BA 94 -14.52 -51.66 15.53
N GLY BA 95 -15.71 -52.15 15.21
CA GLY BA 95 -16.79 -52.25 16.16
C GLY BA 95 -16.86 -53.62 16.80
N THR BA 96 -18.07 -53.97 17.26
CA THR BA 96 -18.32 -55.30 17.78
C THR BA 96 -19.62 -55.87 17.26
N ARG BA 97 -20.41 -55.11 16.51
CA ARG BA 97 -21.70 -55.57 16.01
C ARG BA 97 -21.87 -55.19 14.56
N ILE BA 98 -22.21 -56.17 13.75
CA ILE BA 98 -22.66 -55.92 12.38
C ILE BA 98 -24.18 -55.92 12.39
N PHE BA 99 -24.78 -55.00 11.63
CA PHE BA 99 -26.21 -54.93 11.45
C PHE BA 99 -26.58 -55.43 10.07
N GLY BA 100 -27.82 -55.88 9.91
CA GLY BA 100 -28.34 -56.28 8.63
C GLY BA 100 -27.66 -57.49 8.02
N PRO BA 101 -28.12 -57.90 6.84
CA PRO BA 101 -27.65 -59.13 6.22
C PRO BA 101 -26.51 -58.91 5.24
N VAL BA 102 -25.76 -59.98 5.01
CA VAL BA 102 -24.42 -59.91 4.46
C VAL BA 102 -24.31 -60.94 3.34
N ALA BA 103 -23.56 -60.62 2.29
CA ALA BA 103 -23.40 -61.55 1.18
C ALA BA 103 -22.34 -62.61 1.50
N ARG BA 104 -22.54 -63.80 0.93
CA ARG BA 104 -21.69 -64.95 1.23
C ARG BA 104 -20.29 -64.83 0.60
N GLU BA 105 -20.04 -63.83 -0.23
CA GLU BA 105 -18.73 -63.65 -0.83
C GLU BA 105 -17.67 -63.18 0.15
N LEU BA 106 -18.08 -62.68 1.32
CA LEU BA 106 -17.09 -62.28 2.31
C LEU BA 106 -16.32 -63.47 2.87
N ARG BA 107 -16.79 -64.70 2.64
CA ARG BA 107 -16.03 -65.87 3.08
C ARG BA 107 -14.81 -66.09 2.20
N GLU BA 108 -15.00 -66.05 0.89
CA GLU BA 108 -13.92 -66.32 -0.04
C GLU BA 108 -12.81 -65.29 0.06
N ASN BA 109 -13.15 -64.05 0.37
CA ASN BA 109 -12.17 -63.00 0.57
C ASN BA 109 -11.60 -62.99 1.98
N ASN BA 110 -12.10 -63.87 2.84
CA ASN BA 110 -11.51 -64.17 4.15
C ASN BA 110 -11.70 -63.03 5.15
N PHE BA 111 -12.92 -62.54 5.27
CA PHE BA 111 -13.32 -61.75 6.42
C PHE BA 111 -14.10 -62.64 7.38
N MET BA 112 -13.37 -63.55 8.02
CA MET BA 112 -14.03 -64.58 8.82
C MET BA 112 -14.49 -64.05 10.18
N LYS BA 113 -13.85 -63.02 10.70
CA LYS BA 113 -14.34 -62.41 11.92
C LYS BA 113 -15.66 -61.68 11.69
N ILE BA 114 -15.95 -61.26 10.46
CA ILE BA 114 -17.18 -60.54 10.17
C ILE BA 114 -18.33 -61.52 9.90
N VAL BA 115 -18.04 -62.65 9.26
CA VAL BA 115 -19.06 -63.67 9.04
C VAL BA 115 -19.48 -64.37 10.33
N SER BA 116 -18.78 -64.12 11.43
CA SER BA 116 -19.22 -64.68 12.70
C SER BA 116 -20.29 -63.83 13.37
N LEU BA 117 -20.32 -62.53 13.13
CA LEU BA 117 -21.20 -61.64 13.87
C LEU BA 117 -22.41 -61.18 13.09
N ALA BA 118 -22.46 -61.40 11.79
CA ALA BA 118 -23.62 -60.97 11.02
C ALA BA 118 -24.84 -61.78 11.44
N PRO BA 119 -26.01 -61.14 11.54
CA PRO BA 119 -27.23 -61.87 11.87
C PRO BA 119 -27.57 -62.96 10.86
N GLU BA 120 -27.57 -62.61 9.58
CA GLU BA 120 -27.86 -63.54 8.49
C GLU BA 120 -26.73 -63.43 7.48
N VAL BA 121 -26.41 -64.55 6.84
CA VAL BA 121 -25.32 -64.62 5.87
C VAL BA 121 -25.87 -65.28 4.62
N LEU BA 122 -26.12 -64.50 3.60
CA LEU BA 122 -26.81 -64.97 2.42
C LEU BA 122 -25.86 -65.27 1.26
N MET CA 1 7.43 24.70 -110.28
CA MET CA 1 7.00 23.74 -109.28
C MET CA 1 5.55 23.37 -109.52
N LYS CA 2 5.27 22.07 -109.49
CA LYS CA 2 3.92 21.55 -109.63
C LYS CA 2 3.40 21.09 -108.28
N LEU CA 3 2.09 21.19 -108.10
CA LEU CA 3 1.45 20.92 -106.82
C LEU CA 3 1.46 19.43 -106.46
N HIS CA 4 1.93 18.55 -107.33
CA HIS CA 4 2.06 17.14 -107.01
C HIS CA 4 3.51 16.70 -106.81
N GLU CA 5 4.45 17.64 -106.69
CA GLU CA 5 5.85 17.29 -106.48
C GLU CA 5 6.52 18.24 -105.50
N LEU CA 6 5.86 18.56 -104.40
CA LEU CA 6 6.44 19.51 -103.46
C LEU CA 6 7.56 18.86 -102.65
N LYS CA 7 8.53 19.68 -102.25
CA LYS CA 7 9.69 19.26 -101.47
C LYS CA 7 10.22 20.41 -100.64
N PRO CA 8 10.16 20.34 -99.32
CA PRO CA 8 10.80 21.35 -98.50
C PRO CA 8 12.32 21.22 -98.58
N ALA CA 9 13.01 22.25 -98.10
CA ALA CA 9 14.46 22.26 -98.12
C ALA CA 9 15.01 21.35 -97.02
N GLU CA 10 16.20 20.79 -97.27
CA GLU CA 10 16.74 19.76 -96.39
C GLU CA 10 17.16 20.34 -95.05
N GLY CA 11 16.75 19.70 -93.97
CA GLY CA 11 17.02 20.17 -92.63
C GLY CA 11 16.01 21.14 -92.07
N SER CA 12 14.92 21.38 -92.78
CA SER CA 12 14.02 22.47 -92.45
C SER CA 12 12.81 22.03 -91.63
N ARG CA 13 12.38 20.79 -91.77
CA ARG CA 13 11.28 20.26 -90.99
C ARG CA 13 11.73 18.96 -90.34
N GLN CA 14 11.34 18.76 -89.08
CA GLN CA 14 11.63 17.56 -88.32
C GLN CA 14 10.32 16.94 -87.87
N VAL CA 15 10.35 15.74 -87.30
CA VAL CA 15 9.07 15.04 -87.15
C VAL CA 15 8.37 15.39 -85.84
N ARG CA 16 8.71 14.70 -84.75
CA ARG CA 16 8.15 14.91 -83.42
C ARG CA 16 8.50 13.70 -82.56
N ASN CA 17 8.45 13.82 -81.24
CA ASN CA 17 8.67 12.69 -80.36
C ASN CA 17 7.39 12.42 -79.56
N ARG CA 18 6.91 11.19 -79.59
CA ARG CA 18 5.71 10.80 -78.85
C ARG CA 18 6.11 9.80 -77.77
N VAL CA 19 5.94 10.20 -76.53
CA VAL CA 19 6.30 9.35 -75.41
C VAL CA 19 5.15 8.42 -75.07
N GLY CA 20 5.44 7.39 -74.28
CA GLY CA 20 4.44 6.43 -73.86
C GLY CA 20 3.79 5.60 -74.93
N ARG CA 21 4.56 5.10 -75.90
CA ARG CA 21 4.04 4.29 -77.01
C ARG CA 21 4.91 3.06 -77.23
N GLY CA 22 5.15 2.28 -76.18
CA GLY CA 22 5.87 1.03 -76.30
C GLY CA 22 7.32 1.15 -75.89
N THR CA 23 7.95 -0.02 -75.71
CA THR CA 23 9.26 -0.05 -75.07
C THR CA 23 10.39 0.20 -76.05
N SER CA 24 10.26 -0.28 -77.28
CA SER CA 24 11.38 -0.28 -78.23
C SER CA 24 11.68 1.10 -78.78
N SER CA 25 10.73 2.03 -78.76
CA SER CA 25 11.02 3.39 -79.18
C SER CA 25 12.06 4.06 -78.31
N GLY CA 26 12.12 3.72 -77.02
CA GLY CA 26 13.03 4.34 -76.10
C GLY CA 26 12.36 5.11 -74.98
N ASN CA 27 11.07 5.42 -75.07
CA ASN CA 27 10.42 6.29 -74.10
C ASN CA 27 9.07 5.75 -73.64
N GLY CA 28 8.82 4.46 -73.77
CA GLY CA 28 7.62 3.91 -73.16
C GLY CA 28 7.77 3.70 -71.68
N LYS CA 29 6.65 3.50 -71.00
CA LYS CA 29 6.65 3.15 -69.58
C LYS CA 29 7.42 4.16 -68.72
N THR CA 30 6.79 5.27 -68.36
CA THR CA 30 7.32 6.41 -67.58
C THR CA 30 7.96 7.50 -68.42
N ALA CA 31 8.12 7.33 -69.73
CA ALA CA 31 8.22 8.43 -70.68
C ALA CA 31 9.36 9.40 -70.36
N GLY CA 32 10.52 8.88 -69.99
CA GLY CA 32 11.68 9.69 -69.74
C GLY CA 32 11.81 10.27 -68.36
N ARG CA 33 10.95 9.89 -67.41
CA ARG CA 33 10.90 10.57 -66.13
C ARG CA 33 11.65 9.85 -65.02
N GLY CA 34 12.19 8.67 -65.27
CA GLY CA 34 12.85 7.90 -64.23
C GLY CA 34 11.85 7.21 -63.33
N GLN CA 35 12.32 6.76 -62.17
CA GLN CA 35 11.45 6.20 -61.15
C GLN CA 35 10.82 7.31 -60.32
N LYS CA 36 10.31 6.95 -59.15
CA LYS CA 36 9.37 7.75 -58.38
C LYS CA 36 9.96 9.09 -57.95
N GLY CA 37 9.18 9.90 -57.24
CA GLY CA 37 9.62 11.16 -56.69
C GLY CA 37 8.78 12.33 -57.19
N GLN CA 38 9.04 13.48 -56.58
CA GLN CA 38 8.27 14.69 -56.89
C GLN CA 38 8.36 15.06 -58.37
N LYS CA 39 9.47 14.76 -59.04
CA LYS CA 39 9.62 15.09 -60.45
C LYS CA 39 8.97 14.08 -61.38
N ALA CA 40 8.40 13.00 -60.85
CA ALA CA 40 7.75 12.02 -61.70
C ALA CA 40 6.25 12.24 -61.76
N ARG CA 41 5.72 13.20 -61.02
CA ARG CA 41 4.30 13.45 -60.94
C ARG CA 41 3.90 14.45 -62.00
N SER CA 42 2.64 14.39 -62.42
CA SER CA 42 2.06 15.38 -63.32
C SER CA 42 1.87 16.69 -62.58
N GLY CA 43 2.46 17.75 -63.09
CA GLY CA 43 2.50 18.97 -62.33
C GLY CA 43 3.52 18.98 -61.21
N GLY CA 44 4.45 18.03 -61.23
CA GLY CA 44 5.49 17.98 -60.22
C GLY CA 44 6.69 18.81 -60.61
N GLY CA 45 7.47 19.16 -59.61
CA GLY CA 45 8.59 20.07 -59.77
C GLY CA 45 8.54 21.19 -58.76
N VAL CA 46 9.67 21.88 -58.65
CA VAL CA 46 9.81 22.99 -57.73
C VAL CA 46 9.95 24.27 -58.55
N ARG CA 47 9.62 25.38 -57.92
CA ARG CA 47 9.61 26.65 -58.64
C ARG CA 47 11.03 27.05 -59.02
N LEU CA 48 11.11 27.93 -60.01
CA LEU CA 48 12.41 28.40 -60.48
C LEU CA 48 13.19 29.05 -59.35
N GLY CA 49 14.48 28.70 -59.25
CA GLY CA 49 15.37 29.26 -58.27
C GLY CA 49 15.32 28.65 -56.90
N PHE CA 50 14.38 27.75 -56.64
CA PHE CA 50 14.27 27.07 -55.35
C PHE CA 50 15.43 26.12 -55.12
N GLU CA 51 15.80 25.91 -53.86
CA GLU CA 51 17.04 25.20 -53.54
C GLU CA 51 16.89 24.19 -52.41
N GLY CA 52 15.73 23.57 -52.26
CA GLY CA 52 15.57 22.64 -51.15
C GLY CA 52 15.01 23.31 -49.92
N GLY CA 53 15.88 23.75 -49.04
CA GLY CA 53 15.50 24.73 -48.04
C GLY CA 53 16.65 25.63 -47.66
N GLN CA 54 17.81 25.43 -48.26
CA GLN CA 54 18.94 26.31 -48.04
C GLN CA 54 18.58 27.73 -48.44
N THR CA 55 19.20 28.71 -47.79
CA THR CA 55 18.92 30.12 -48.08
C THR CA 55 19.27 30.42 -49.51
N PRO CA 56 18.30 30.83 -50.33
CA PRO CA 56 18.58 31.01 -51.77
C PRO CA 56 19.56 32.15 -52.01
N LEU CA 57 20.26 32.07 -53.14
CA LEU CA 57 21.37 32.99 -53.38
C LEU CA 57 20.92 34.45 -53.45
N PHE CA 58 19.73 34.73 -53.98
CA PHE CA 58 19.29 36.12 -53.99
C PHE CA 58 19.12 36.66 -52.57
N ARG CA 59 18.85 35.82 -51.59
CA ARG CA 59 18.52 36.31 -50.27
C ARG CA 59 19.72 36.53 -49.36
N ARG CA 60 20.90 36.07 -49.74
CA ARG CA 60 22.11 36.41 -49.02
C ARG CA 60 22.81 37.63 -49.56
N LEU CA 61 22.40 38.10 -50.57
CA LEU CA 61 23.08 39.24 -51.15
C LEU CA 61 22.33 40.53 -50.86
N PRO CA 62 23.04 41.64 -50.69
CA PRO CA 62 22.37 42.91 -50.39
C PRO CA 62 21.86 43.64 -51.62
N LYS CA 63 20.84 44.46 -51.40
CA LYS CA 63 20.34 45.36 -52.43
C LYS CA 63 21.32 46.51 -52.64
N ARG CA 64 21.13 47.26 -53.73
CA ARG CA 64 22.12 48.29 -54.08
C ARG CA 64 21.51 49.37 -54.96
N GLY CA 65 21.62 50.63 -54.53
CA GLY CA 65 21.38 51.78 -55.39
C GLY CA 65 19.93 52.24 -55.53
N PHE CA 66 19.75 53.23 -56.41
CA PHE CA 66 18.46 53.83 -56.70
C PHE CA 66 18.38 54.23 -58.16
N THR CA 67 17.16 54.43 -58.65
CA THR CA 67 16.87 54.95 -59.98
C THR CA 67 16.65 56.44 -59.89
N ASN CA 68 17.26 57.19 -60.80
CA ASN CA 68 17.04 58.63 -60.86
C ASN CA 68 15.91 58.90 -61.83
N ILE CA 69 15.02 59.84 -61.46
CA ILE CA 69 13.84 60.06 -62.27
C ILE CA 69 14.06 61.05 -63.41
N ASN CA 70 15.11 61.87 -63.36
CA ASN CA 70 15.48 62.76 -64.46
C ASN CA 70 16.67 62.23 -65.24
N ARG CA 71 16.76 60.92 -65.47
CA ARG CA 71 17.92 60.38 -66.16
C ARG CA 71 17.88 60.71 -67.64
N LYS CA 72 19.05 60.99 -68.21
CA LYS CA 72 19.21 61.33 -69.62
C LYS CA 72 20.11 60.30 -70.30
N ASP CA 73 19.57 59.62 -71.30
CA ASP CA 73 20.30 58.73 -72.17
C ASP CA 73 20.25 59.26 -73.60
N TYR CA 74 21.37 59.22 -74.29
CA TYR CA 74 21.52 59.76 -75.62
C TYR CA 74 21.68 58.64 -76.64
N ALA CA 75 21.92 59.03 -77.90
CA ALA CA 75 21.78 58.17 -79.07
C ALA CA 75 23.04 58.21 -79.92
N VAL CA 76 24.16 57.81 -79.33
CA VAL CA 76 25.51 57.88 -79.89
C VAL CA 76 25.62 57.51 -81.38
N VAL CA 77 26.42 58.28 -82.11
CA VAL CA 77 26.91 57.94 -83.45
C VAL CA 77 28.38 58.33 -83.50
N ASN CA 78 29.26 57.42 -83.93
CA ASN CA 78 30.66 57.74 -83.66
C ASN CA 78 31.37 58.63 -84.67
N LEU CA 79 32.04 58.06 -85.66
CA LEU CA 79 32.78 58.90 -86.59
C LEU CA 79 32.85 58.26 -87.97
N ASP CA 80 32.77 56.93 -88.03
CA ASP CA 80 32.69 56.25 -89.31
C ASP CA 80 31.37 56.56 -90.00
N THR CA 81 30.30 56.67 -89.23
CA THR CA 81 28.98 56.92 -89.81
C THR CA 81 28.91 58.28 -90.47
N LEU CA 82 29.80 59.20 -90.12
CA LEU CA 82 29.80 60.50 -90.79
C LEU CA 82 30.65 60.49 -92.06
N ASN CA 83 31.18 59.33 -92.43
CA ASN CA 83 31.88 59.14 -93.70
C ASN CA 83 30.96 58.75 -94.83
N ARG CA 84 29.71 58.41 -94.55
CA ARG CA 84 28.77 58.13 -95.63
C ARG CA 84 28.03 59.37 -96.08
N PHE CA 85 28.62 60.55 -95.86
CA PHE CA 85 28.09 61.79 -96.39
C PHE CA 85 29.16 62.45 -97.26
N GLU CA 86 28.70 63.32 -98.16
CA GLU CA 86 29.61 63.95 -99.09
C GLU CA 86 30.45 64.98 -98.35
N ASP CA 87 31.53 65.42 -99.01
CA ASP CA 87 32.38 66.45 -98.43
C ASP CA 87 31.60 67.76 -98.45
N GLY CA 88 31.06 68.13 -97.29
CA GLY CA 88 30.34 69.36 -97.04
C GLY CA 88 28.84 69.14 -97.11
N THR CA 89 28.20 68.86 -95.98
CA THR CA 89 26.79 68.48 -96.01
C THR CA 89 25.93 69.04 -94.90
N GLU CA 90 26.48 69.50 -93.78
CA GLU CA 90 25.66 69.92 -92.64
C GLU CA 90 24.74 68.78 -92.18
N VAL CA 91 25.38 67.77 -91.59
CA VAL CA 91 24.66 66.66 -91.00
C VAL CA 91 23.91 67.12 -89.74
N THR CA 92 22.74 66.51 -89.52
CA THR CA 92 21.75 67.04 -88.59
C THR CA 92 20.83 65.89 -88.18
N PRO CA 93 20.04 66.06 -87.11
CA PRO CA 93 19.16 64.96 -86.68
C PRO CA 93 18.07 64.56 -87.66
N VAL CA 94 17.73 65.37 -88.66
CA VAL CA 94 16.71 64.92 -89.61
C VAL CA 94 17.35 64.24 -90.80
N VAL CA 95 18.58 64.62 -91.17
CA VAL CA 95 19.29 63.88 -92.19
C VAL CA 95 19.88 62.59 -91.63
N LEU CA 96 20.06 62.47 -90.32
CA LEU CA 96 20.49 61.20 -89.75
C LEU CA 96 19.36 60.20 -89.80
N LYS CA 97 18.21 60.55 -89.22
CA LYS CA 97 16.94 59.94 -89.57
C LYS CA 97 16.79 60.08 -91.08
N GLU CA 98 15.94 59.29 -91.72
CA GLU CA 98 15.72 59.31 -93.17
C GLU CA 98 16.95 58.80 -93.92
N ALA CA 99 18.04 58.52 -93.23
CA ALA CA 99 19.00 57.51 -93.63
C ALA CA 99 18.93 56.30 -92.72
N GLY CA 100 18.06 56.32 -91.72
CA GLY CA 100 17.91 55.24 -90.78
C GLY CA 100 19.07 55.06 -89.82
N ILE CA 101 20.10 55.91 -89.88
CA ILE CA 101 21.23 55.76 -88.97
C ILE CA 101 20.76 55.88 -87.54
N VAL CA 102 19.95 56.89 -87.27
CA VAL CA 102 19.34 57.08 -85.96
C VAL CA 102 17.84 57.05 -86.15
N LYS CA 103 17.20 56.05 -85.60
CA LYS CA 103 15.80 56.14 -85.22
C LYS CA 103 15.72 56.00 -83.71
N ASN CA 104 14.72 56.64 -83.11
CA ASN CA 104 14.61 56.73 -81.64
C ASN CA 104 15.81 57.48 -81.05
N GLU CA 105 15.87 58.78 -81.33
CA GLU CA 105 16.87 59.63 -80.69
C GLU CA 105 16.40 59.97 -79.29
N LYS CA 106 16.91 59.24 -78.31
CA LYS CA 106 16.32 59.21 -76.98
C LYS CA 106 16.18 60.59 -76.36
N ALA CA 107 17.30 61.22 -76.00
CA ALA CA 107 17.27 62.57 -75.46
C ALA CA 107 18.09 63.53 -76.32
N GLY CA 108 18.30 63.18 -77.58
CA GLY CA 108 19.17 63.91 -78.46
C GLY CA 108 20.41 63.10 -78.82
N ILE CA 109 21.08 63.56 -79.82
CA ILE CA 109 22.26 62.90 -80.35
C ILE CA 109 23.51 63.35 -79.61
N LYS CA 110 24.47 62.43 -79.47
CA LYS CA 110 25.79 62.75 -78.94
C LYS CA 110 26.84 62.09 -79.83
N VAL CA 111 27.77 62.88 -80.35
CA VAL CA 111 28.81 62.40 -81.25
C VAL CA 111 30.03 61.98 -80.44
N LEU CA 112 30.63 60.88 -80.83
CA LEU CA 112 31.76 60.28 -80.12
C LEU CA 112 32.86 59.98 -81.12
N ALA CA 113 34.11 60.03 -80.68
CA ALA CA 113 35.26 60.04 -81.60
C ALA CA 113 35.92 58.68 -81.68
N ASP CA 114 35.34 57.79 -82.48
CA ASP CA 114 35.86 56.43 -82.59
C ASP CA 114 35.54 55.91 -83.98
N GLY CA 115 36.51 55.99 -84.90
CA GLY CA 115 37.75 56.69 -84.68
C GLY CA 115 38.32 57.66 -85.73
N GLU CA 116 37.84 57.64 -86.98
CA GLU CA 116 38.52 58.41 -88.03
C GLU CA 116 37.57 59.05 -89.02
N LEU CA 117 37.67 60.38 -89.15
CA LEU CA 117 36.90 61.17 -90.09
C LEU CA 117 37.81 61.79 -91.14
N THR CA 118 37.34 61.88 -92.39
CA THR CA 118 37.98 62.69 -93.45
C THR CA 118 36.91 63.27 -94.36
N LYS CA 119 36.36 64.43 -93.98
CA LYS CA 119 35.27 65.07 -94.72
C LYS CA 119 35.32 66.56 -94.45
N LYS CA 120 34.24 67.26 -94.76
CA LYS CA 120 34.12 68.70 -94.50
C LYS CA 120 32.74 69.04 -93.94
N LEU CA 121 32.33 68.30 -92.92
CA LEU CA 121 30.99 68.38 -92.38
C LEU CA 121 30.81 69.64 -91.54
N THR CA 122 29.56 69.95 -91.22
CA THR CA 122 29.22 70.94 -90.21
C THR CA 122 28.11 70.34 -89.35
N VAL CA 123 28.48 69.76 -88.21
CA VAL CA 123 27.60 68.88 -87.47
C VAL CA 123 26.75 69.70 -86.51
N LYS CA 124 25.45 69.43 -86.49
CA LYS CA 124 24.53 70.01 -85.51
C LYS CA 124 23.97 68.87 -84.67
N ALA CA 125 24.19 68.93 -83.36
CA ALA CA 125 23.74 67.90 -82.44
C ALA CA 125 23.75 68.47 -81.03
N ALA CA 126 23.25 67.68 -80.09
CA ALA CA 126 23.04 68.12 -78.73
C ALA CA 126 24.29 68.01 -77.85
N LYS CA 127 25.15 67.03 -78.07
CA LYS CA 127 26.36 66.91 -77.27
C LYS CA 127 27.54 66.45 -78.10
N PHE CA 128 28.73 66.87 -77.70
CA PHE CA 128 29.98 66.49 -78.35
C PHE CA 128 31.00 66.11 -77.28
N SER CA 129 31.63 64.95 -77.42
CA SER CA 129 32.76 64.64 -76.58
C SER CA 129 33.97 65.46 -77.02
N LYS CA 130 34.94 65.58 -76.13
CA LYS CA 130 36.07 66.47 -76.36
C LYS CA 130 36.86 66.10 -77.62
N SER CA 131 36.96 64.82 -77.92
CA SER CA 131 37.72 64.38 -79.09
C SER CA 131 36.90 64.37 -80.37
N ALA CA 132 35.59 64.21 -80.27
CA ALA CA 132 34.74 64.29 -81.44
C ALA CA 132 34.80 65.68 -82.05
N GLN CA 133 34.52 66.71 -81.24
CA GLN CA 133 34.63 68.08 -81.70
C GLN CA 133 36.00 68.36 -82.28
N GLU CA 134 37.04 67.87 -81.60
CA GLU CA 134 38.41 68.12 -82.02
C GLU CA 134 38.68 67.57 -83.41
N ALA CA 135 38.40 66.28 -83.61
CA ALA CA 135 38.71 65.68 -84.90
C ALA CA 135 37.81 66.19 -85.99
N ILE CA 136 36.58 66.58 -85.64
CA ILE CA 136 35.70 67.24 -86.60
C ILE CA 136 36.33 68.53 -87.08
N GLU CA 137 36.98 69.27 -86.17
CA GLU CA 137 37.55 70.55 -86.56
C GLU CA 137 38.92 70.43 -87.20
N ALA CA 138 39.65 69.35 -86.96
CA ALA CA 138 40.89 69.15 -87.72
C ALA CA 138 40.56 68.93 -89.18
N ALA CA 139 39.75 67.91 -89.49
CA ALA CA 139 39.36 67.62 -90.85
C ALA CA 139 38.85 68.88 -91.57
N GLY CA 140 38.28 69.83 -90.84
CA GLY CA 140 38.07 71.17 -91.36
C GLY CA 140 36.68 71.77 -91.22
N GLY CA 141 35.81 71.16 -90.42
CA GLY CA 141 34.42 71.57 -90.30
C GLY CA 141 34.14 72.36 -89.05
N SER CA 142 32.89 72.33 -88.62
CA SER CA 142 32.49 73.08 -87.44
C SER CA 142 31.40 72.31 -86.69
N ILE CA 143 31.20 72.68 -85.42
CA ILE CA 143 30.17 72.10 -84.58
C ILE CA 143 29.25 73.22 -84.14
N GLU CA 144 28.05 72.85 -83.68
CA GLU CA 144 27.20 73.78 -82.94
C GLU CA 144 26.20 73.00 -82.10
N VAL CA 145 26.35 73.10 -80.78
CA VAL CA 145 25.43 72.46 -79.84
C VAL CA 145 24.06 73.10 -80.00
N ILE CA 146 23.12 72.37 -80.59
CA ILE CA 146 21.76 72.86 -80.80
C ILE CA 146 20.89 71.78 -81.40
N MET DA 1 44.80 -12.08 -8.12
CA MET DA 1 44.76 -11.49 -9.44
C MET DA 1 45.70 -10.29 -9.57
N LEU DA 2 46.53 -10.30 -10.62
CA LEU DA 2 47.39 -9.18 -10.91
C LEU DA 2 46.60 -8.07 -11.60
N VAL DA 3 46.83 -6.84 -11.18
CA VAL DA 3 46.12 -5.70 -11.73
C VAL DA 3 47.13 -4.58 -11.93
N PRO DA 4 47.12 -3.85 -13.05
CA PRO DA 4 48.01 -2.69 -13.15
C PRO DA 4 47.51 -1.55 -12.28
N LYS DA 5 48.38 -1.01 -11.45
CA LYS DA 5 48.08 0.26 -10.81
C LYS DA 5 48.03 1.36 -11.88
N ARG DA 6 46.98 2.20 -11.82
CA ARG DA 6 46.99 3.48 -12.51
C ARG DA 6 47.18 3.33 -14.02
N VAL DA 7 46.10 2.94 -14.71
CA VAL DA 7 46.13 3.01 -16.17
C VAL DA 7 45.96 4.45 -16.64
N LYS DA 8 46.45 4.72 -17.86
CA LYS DA 8 46.30 6.03 -18.47
C LYS DA 8 45.01 6.15 -19.26
N HIS DA 9 44.48 5.05 -19.77
CA HIS DA 9 43.28 5.03 -20.58
C HIS DA 9 42.34 3.93 -20.08
N ARG DA 10 41.05 4.23 -20.02
CA ARG DA 10 40.12 3.26 -19.44
C ARG DA 10 39.72 2.16 -20.42
N ARG DA 11 39.54 2.47 -21.70
CA ARG DA 11 39.24 1.47 -22.72
C ARG DA 11 40.30 1.46 -23.81
N GLU DA 12 40.34 0.38 -24.59
CA GLU DA 12 41.28 0.30 -25.71
C GLU DA 12 40.83 -0.77 -26.71
N PHE DA 13 41.56 -0.83 -27.82
CA PHE DA 13 41.33 -1.82 -28.87
C PHE DA 13 41.84 -3.19 -28.40
N ARG DA 14 41.51 -4.23 -29.18
CA ARG DA 14 41.80 -5.61 -28.78
C ARG DA 14 42.85 -6.28 -29.65
N GLY DA 15 42.71 -6.24 -30.98
CA GLY DA 15 43.49 -7.06 -31.89
C GLY DA 15 44.98 -6.77 -31.83
N LYS DA 16 45.81 -7.40 -32.66
CA LYS DA 16 45.48 -8.35 -33.71
C LYS DA 16 46.45 -9.54 -33.76
N MET DA 17 46.56 -10.33 -32.69
CA MET DA 17 47.78 -11.03 -32.27
C MET DA 17 48.76 -11.44 -33.38
N ARG DA 18 48.38 -12.25 -34.34
CA ARG DA 18 49.23 -12.57 -35.49
C ARG DA 18 50.59 -13.11 -35.05
N GLY DA 19 50.53 -14.27 -34.41
CA GLY DA 19 51.62 -14.88 -33.67
C GLY DA 19 53.04 -14.82 -34.21
N GLU DA 20 53.93 -14.28 -33.38
CA GLU DA 20 55.29 -14.75 -33.16
C GLU DA 20 55.86 -13.89 -32.05
N ALA DA 21 56.36 -14.49 -30.98
CA ALA DA 21 56.73 -13.69 -29.83
C ALA DA 21 57.82 -12.70 -30.17
N LYS DA 22 57.71 -11.49 -29.63
CA LYS DA 22 58.71 -10.46 -29.83
C LYS DA 22 59.80 -10.50 -28.78
N GLY DA 23 59.52 -11.02 -27.60
CA GLY DA 23 60.41 -10.90 -26.47
C GLY DA 23 60.96 -12.21 -25.99
N GLY DA 24 60.79 -12.50 -24.70
CA GLY DA 24 61.51 -13.59 -24.09
C GLY DA 24 61.15 -14.95 -24.63
N LYS DA 25 62.03 -15.47 -25.49
CA LYS DA 25 61.92 -16.80 -26.03
C LYS DA 25 62.99 -17.75 -25.47
N GLU DA 26 63.83 -17.28 -24.55
CA GLU DA 26 64.79 -18.14 -23.87
C GLU DA 26 64.66 -18.01 -22.37
N VAL DA 27 65.12 -19.05 -21.66
CA VAL DA 27 65.15 -19.03 -20.21
C VAL DA 27 66.19 -18.01 -19.74
N ALA DA 28 65.78 -17.13 -18.84
CA ALA DA 28 66.64 -16.06 -18.36
C ALA DA 28 67.14 -16.28 -16.94
N PHE DA 29 66.26 -16.67 -16.02
CA PHE DA 29 66.61 -16.67 -14.62
C PHE DA 29 66.55 -18.04 -13.95
N GLY DA 30 65.88 -19.01 -14.54
CA GLY DA 30 65.75 -20.33 -13.94
C GLY DA 30 66.45 -21.41 -14.73
N GLU DA 31 66.14 -22.67 -14.45
CA GLU DA 31 66.74 -23.79 -15.17
C GLU DA 31 65.80 -24.42 -16.18
N TRP DA 32 64.49 -24.23 -16.02
CA TRP DA 32 63.47 -24.94 -16.79
C TRP DA 32 62.36 -23.98 -17.19
N GLY DA 33 61.87 -24.12 -18.43
CA GLY DA 33 60.85 -23.24 -18.96
C GLY DA 33 59.59 -23.97 -19.42
N LEU DA 34 58.54 -23.18 -19.65
CA LEU DA 34 57.22 -23.63 -20.11
C LEU DA 34 56.84 -22.75 -21.30
N GLN DA 35 57.06 -23.22 -22.51
CA GLN DA 35 56.95 -22.39 -23.70
C GLN DA 35 55.64 -22.64 -24.46
N ALA DA 36 54.90 -21.57 -24.74
CA ALA DA 36 53.62 -21.68 -25.44
C ALA DA 36 53.82 -21.92 -26.93
N THR DA 37 53.09 -22.89 -27.49
CA THR DA 37 53.20 -23.21 -28.91
C THR DA 37 51.98 -22.77 -29.71
N GLU DA 38 50.98 -22.18 -29.07
CA GLU DA 38 49.86 -21.55 -29.74
C GLU DA 38 49.72 -20.14 -29.20
N SER DA 39 48.90 -19.33 -29.85
CA SER DA 39 48.73 -17.94 -29.49
C SER DA 39 47.28 -17.68 -29.08
N HIS DA 40 47.11 -16.99 -27.96
CA HIS DA 40 45.82 -16.86 -27.29
C HIS DA 40 45.95 -15.74 -26.27
N TRP DA 41 44.83 -15.38 -25.68
CA TRP DA 41 44.76 -14.47 -24.55
C TRP DA 41 44.86 -15.27 -23.25
N ILE DA 42 45.52 -14.69 -22.25
CA ILE DA 42 45.70 -15.33 -20.95
C ILE DA 42 45.35 -14.32 -19.85
N THR DA 43 44.44 -14.71 -18.97
CA THR DA 43 43.84 -13.80 -18.00
C THR DA 43 44.49 -13.90 -16.62
N ASN DA 44 44.06 -12.99 -15.74
CA ASN DA 44 44.43 -12.99 -14.33
C ASN DA 44 44.24 -14.35 -13.68
N ARG DA 45 43.03 -14.89 -13.77
CA ARG DA 45 42.67 -16.09 -13.03
C ARG DA 45 43.44 -17.30 -13.53
N GLN DA 46 43.72 -17.35 -14.83
CA GLN DA 46 44.48 -18.47 -15.35
C GLN DA 46 45.90 -18.47 -14.81
N ILE DA 47 46.51 -17.28 -14.68
CA ILE DA 47 47.88 -17.19 -14.19
C ILE DA 47 47.96 -17.60 -12.73
N GLU DA 48 47.05 -17.08 -11.89
CA GLU DA 48 47.05 -17.42 -10.47
C GLU DA 48 46.76 -18.89 -10.25
N ALA DA 49 45.82 -19.46 -11.00
CA ALA DA 49 45.55 -20.90 -10.89
C ALA DA 49 46.80 -21.71 -11.24
N ALA DA 50 47.49 -21.35 -12.32
CA ALA DA 50 48.70 -22.06 -12.68
C ALA DA 50 49.79 -21.90 -11.63
N ARG DA 51 49.94 -20.70 -11.08
CA ARG DA 51 51.01 -20.44 -10.11
C ARG DA 51 50.78 -21.23 -8.82
N ILE DA 52 49.55 -21.21 -8.31
CA ILE DA 52 49.24 -21.96 -7.10
C ILE DA 52 49.51 -23.44 -7.30
N ALA DA 53 49.05 -23.99 -8.43
CA ALA DA 53 49.33 -25.39 -8.70
C ALA DA 53 50.83 -25.68 -8.76
N MET DA 54 51.59 -24.78 -9.34
CA MET DA 54 53.01 -25.03 -9.51
C MET DA 54 53.75 -24.97 -8.19
N THR DA 55 53.39 -24.03 -7.32
CA THR DA 55 54.11 -23.90 -6.06
C THR DA 55 53.73 -24.98 -5.04
N ARG DA 56 52.46 -25.41 -5.03
CA ARG DA 56 52.02 -26.37 -4.02
C ARG DA 56 52.79 -27.69 -4.11
N TYR DA 57 53.19 -28.07 -5.33
CA TYR DA 57 53.85 -29.34 -5.57
C TYR DA 57 55.30 -29.34 -5.10
N MET DA 58 55.89 -28.18 -4.85
CA MET DA 58 57.32 -28.08 -4.55
C MET DA 58 57.50 -27.80 -3.06
N LYS DA 59 57.31 -28.84 -2.25
CA LYS DA 59 57.68 -28.75 -0.84
C LYS DA 59 59.19 -28.63 -0.73
N ARG DA 60 59.64 -27.77 0.19
CA ARG DA 60 60.98 -27.19 0.25
C ARG DA 60 61.19 -26.10 -0.80
N GLY DA 61 60.12 -25.45 -1.23
CA GLY DA 61 60.24 -24.24 -2.02
C GLY DA 61 60.89 -24.40 -3.39
N GLY DA 62 62.11 -23.88 -3.52
CA GLY DA 62 62.63 -23.52 -4.83
C GLY DA 62 62.23 -22.09 -5.16
N LYS DA 63 62.29 -21.75 -6.44
CA LYS DA 63 61.90 -20.42 -6.86
C LYS DA 63 61.14 -20.51 -8.17
N VAL DA 64 60.28 -19.52 -8.39
CA VAL DA 64 59.38 -19.50 -9.53
C VAL DA 64 59.30 -18.07 -10.06
N TRP DA 65 59.46 -17.91 -11.38
CA TRP DA 65 59.41 -16.62 -12.04
C TRP DA 65 58.20 -16.56 -12.96
N ILE DA 66 57.28 -15.64 -12.69
CA ILE DA 66 56.17 -15.37 -13.60
C ILE DA 66 56.60 -14.31 -14.59
N LYS DA 67 56.57 -14.64 -15.89
CA LYS DA 67 57.14 -13.78 -16.92
C LYS DA 67 56.10 -13.26 -17.89
N ILE DA 68 54.87 -13.07 -17.43
CA ILE DA 68 53.75 -12.71 -18.28
C ILE DA 68 52.83 -11.81 -17.46
N PHE DA 69 52.55 -10.61 -17.94
CA PHE DA 69 51.80 -9.66 -17.12
C PHE DA 69 50.60 -9.11 -17.87
N PRO DA 70 49.42 -9.08 -17.25
CA PRO DA 70 48.22 -8.55 -17.89
C PRO DA 70 48.18 -7.03 -17.90
N HIS DA 71 48.46 -6.44 -19.05
CA HIS DA 71 48.48 -4.99 -19.21
C HIS DA 71 47.18 -4.43 -19.78
N LYS DA 72 46.42 -5.22 -20.54
CA LYS DA 72 45.31 -4.77 -21.36
C LYS DA 72 43.96 -5.13 -20.75
N SER DA 73 43.05 -4.17 -20.72
CA SER DA 73 41.75 -4.43 -20.10
C SER DA 73 40.72 -4.94 -21.12
N TYR DA 74 39.66 -5.50 -20.57
CA TYR DA 74 38.44 -5.96 -21.21
C TYR DA 74 37.40 -4.85 -21.19
N THR DA 75 36.30 -5.09 -21.90
CA THR DA 75 35.02 -4.46 -21.59
C THR DA 75 33.94 -5.47 -21.93
N SER DA 76 32.72 -5.19 -21.47
CA SER DA 76 31.59 -6.00 -21.87
C SER DA 76 30.30 -5.29 -21.47
N LYS DA 77 29.26 -5.53 -22.26
CA LYS DA 77 27.92 -5.07 -22.00
C LYS DA 77 27.13 -6.17 -21.29
N ALA DA 78 25.84 -5.93 -21.07
CA ALA DA 78 24.99 -6.84 -20.31
C ALA DA 78 23.90 -7.45 -21.18
N ILE DA 79 23.38 -8.58 -20.71
CA ILE DA 79 22.25 -9.23 -21.35
C ILE DA 79 21.03 -8.31 -21.34
N GLY DA 80 20.23 -8.38 -22.40
CA GLY DA 80 19.03 -7.59 -22.53
C GLY DA 80 19.23 -6.18 -23.02
N VAL DA 81 20.41 -5.83 -23.54
CA VAL DA 81 20.70 -4.46 -23.97
C VAL DA 81 21.05 -4.45 -25.45
N ARG DA 82 20.33 -3.65 -26.21
CA ARG DA 82 20.47 -3.54 -27.65
C ARG DA 82 21.80 -2.88 -28.02
N MET DA 83 22.22 -3.13 -29.26
CA MET DA 83 23.44 -2.51 -29.76
C MET DA 83 23.26 -1.00 -29.84
N GLY DA 84 24.35 -0.30 -30.04
CA GLY DA 84 24.24 1.13 -29.94
C GLY DA 84 25.31 1.75 -29.10
N LYS DA 85 24.94 2.33 -27.96
CA LYS DA 85 25.73 3.38 -27.31
C LYS DA 85 27.14 2.92 -26.92
N GLY DA 86 27.94 3.82 -26.38
CA GLY DA 86 29.37 3.59 -26.26
C GLY DA 86 29.82 2.31 -25.59
N LYS DA 87 31.14 2.06 -25.59
CA LYS DA 87 31.69 0.84 -25.06
C LYS DA 87 31.14 0.52 -23.68
N GLY DA 88 31.09 -0.77 -23.36
CA GLY DA 88 30.68 -1.24 -22.06
C GLY DA 88 31.69 -0.86 -20.98
N ALA DA 89 31.42 -1.34 -19.79
CA ALA DA 89 32.30 -1.10 -18.65
C ALA DA 89 33.40 -2.16 -18.61
N PRO DA 90 34.61 -1.77 -18.19
CA PRO DA 90 35.72 -2.72 -18.18
C PRO DA 90 35.51 -3.81 -17.12
N GLU DA 91 35.68 -5.06 -17.53
CA GLU DA 91 35.57 -6.22 -16.63
C GLU DA 91 36.67 -7.22 -16.98
N GLY DA 92 37.83 -7.10 -16.36
CA GLY DA 92 38.89 -8.08 -16.54
C GLY DA 92 40.21 -7.45 -16.95
N TRP DA 93 41.25 -8.30 -16.97
CA TRP DA 93 42.58 -7.96 -17.45
C TRP DA 93 43.18 -9.18 -18.12
N VAL DA 94 44.01 -8.96 -19.13
CA VAL DA 94 44.54 -10.04 -19.96
C VAL DA 94 45.90 -9.64 -20.47
N SER DA 95 46.69 -10.63 -20.86
CA SER DA 95 47.86 -10.37 -21.69
C SER DA 95 47.82 -11.23 -22.94
N PRO DA 96 48.04 -10.67 -24.11
CA PRO DA 96 48.19 -11.49 -25.33
C PRO DA 96 49.54 -12.20 -25.39
N VAL DA 97 49.49 -13.52 -25.63
CA VAL DA 97 50.70 -14.33 -25.73
C VAL DA 97 50.75 -14.93 -27.14
N LYS DA 98 51.90 -14.81 -27.78
CA LYS DA 98 52.14 -15.34 -29.12
C LYS DA 98 53.11 -16.50 -29.06
N ARG DA 99 53.01 -17.38 -30.04
CA ARG DA 99 53.76 -18.64 -30.01
C ARG DA 99 55.26 -18.39 -29.98
N GLY DA 100 55.93 -19.12 -29.09
CA GLY DA 100 57.33 -18.90 -28.81
C GLY DA 100 57.63 -18.39 -27.41
N LYS DA 101 56.67 -17.76 -26.75
CA LYS DA 101 56.94 -17.11 -25.47
C LYS DA 101 57.08 -18.11 -24.33
N ILE DA 102 58.18 -18.01 -23.60
CA ILE DA 102 58.34 -18.69 -22.32
C ILE DA 102 57.56 -17.92 -21.26
N MET DA 103 56.80 -18.64 -20.42
CA MET DA 103 55.85 -18.02 -19.50
C MET DA 103 56.15 -18.23 -18.01
N PHE DA 104 56.77 -19.34 -17.61
CA PHE DA 104 57.19 -19.53 -16.23
C PHE DA 104 58.60 -20.08 -16.24
N GLU DA 105 59.24 -20.00 -15.07
CA GLU DA 105 60.59 -20.53 -14.87
C GLU DA 105 60.73 -21.00 -13.43
N ILE DA 106 61.41 -22.13 -13.24
CA ILE DA 106 61.57 -22.80 -11.96
C ILE DA 106 63.04 -23.13 -11.78
N ALA DA 107 63.50 -23.15 -10.54
CA ALA DA 107 64.86 -23.58 -10.23
C ALA DA 107 64.96 -24.01 -8.78
N GLY DA 108 66.05 -24.72 -8.47
CA GLY DA 108 66.32 -25.15 -7.12
C GLY DA 108 65.70 -26.46 -6.75
N VAL DA 109 65.56 -27.37 -7.72
CA VAL DA 109 64.72 -28.56 -7.59
C VAL DA 109 65.08 -29.47 -8.77
N PRO DA 110 65.28 -30.78 -8.55
CA PRO DA 110 65.69 -31.64 -9.67
C PRO DA 110 64.64 -31.77 -10.76
N GLU DA 111 64.94 -32.58 -11.77
CA GLU DA 111 64.09 -32.68 -12.96
C GLU DA 111 62.65 -33.01 -12.60
N GLU DA 112 62.45 -34.14 -11.92
CA GLU DA 112 61.11 -34.72 -11.88
C GLU DA 112 60.13 -33.82 -11.13
N VAL DA 113 60.58 -33.13 -10.10
CA VAL DA 113 59.68 -32.21 -9.41
C VAL DA 113 59.35 -31.04 -10.31
N ALA DA 114 60.36 -30.49 -10.98
CA ALA DA 114 60.15 -29.41 -11.93
C ALA DA 114 59.27 -29.85 -13.10
N ARG DA 115 59.49 -31.06 -13.62
CA ARG DA 115 58.67 -31.52 -14.74
C ARG DA 115 57.23 -31.78 -14.32
N GLU DA 116 57.01 -32.38 -13.15
CA GLU DA 116 55.64 -32.57 -12.68
C GLU DA 116 54.94 -31.24 -12.44
N ALA DA 117 55.64 -30.27 -11.86
CA ALA DA 117 55.01 -28.99 -11.60
C ALA DA 117 54.62 -28.29 -12.89
N LEU DA 118 55.50 -28.34 -13.89
CA LEU DA 118 55.15 -27.70 -15.17
C LEU DA 118 54.07 -28.47 -15.90
N ARG DA 119 53.92 -29.76 -15.64
CA ARG DA 119 52.80 -30.53 -16.19
C ARG DA 119 51.50 -30.10 -15.55
N LEU DA 120 51.51 -29.87 -14.25
CA LEU DA 120 50.28 -29.49 -13.57
C LEU DA 120 49.86 -28.06 -13.91
N ALA DA 121 50.81 -27.17 -14.21
CA ALA DA 121 50.46 -25.81 -14.58
C ALA DA 121 49.77 -25.72 -15.94
N SER DA 122 50.10 -26.62 -16.86
CA SER DA 122 49.61 -26.48 -18.23
C SER DA 122 48.15 -26.88 -18.39
N HIS DA 123 47.64 -27.78 -17.55
CA HIS DA 123 46.23 -28.13 -17.63
C HIS DA 123 45.32 -27.00 -17.17
N LYS DA 124 45.87 -25.91 -16.63
CA LYS DA 124 45.07 -24.78 -16.17
C LYS DA 124 44.98 -23.68 -17.20
N LEU DA 125 45.52 -23.88 -18.39
CA LEU DA 125 45.81 -22.86 -19.39
C LEU DA 125 45.20 -23.21 -20.74
N PRO DA 126 44.89 -22.21 -21.55
CA PRO DA 126 44.26 -22.47 -22.86
C PRO DA 126 45.22 -22.63 -24.03
N VAL DA 127 46.49 -22.95 -23.80
CA VAL DA 127 47.48 -23.05 -24.87
C VAL DA 127 48.15 -24.43 -24.84
N LYS DA 128 48.71 -24.82 -25.98
CA LYS DA 128 49.65 -25.93 -26.07
C LYS DA 128 51.05 -25.46 -25.68
N THR DA 129 51.82 -26.37 -25.07
CA THR DA 129 53.08 -25.99 -24.43
C THR DA 129 54.16 -27.06 -24.64
N LYS DA 130 55.41 -26.62 -24.47
CA LYS DA 130 56.58 -27.48 -24.35
C LYS DA 130 57.30 -27.14 -23.06
N ILE DA 131 58.19 -28.04 -22.61
CA ILE DA 131 59.06 -27.79 -21.47
C ILE DA 131 60.49 -27.71 -21.96
N VAL DA 132 61.20 -26.63 -21.61
CA VAL DA 132 62.54 -26.39 -22.13
C VAL DA 132 63.52 -26.12 -20.99
N LYS DA 133 64.79 -26.46 -21.21
CA LYS DA 133 65.89 -26.11 -20.33
C LYS DA 133 66.83 -25.12 -21.00
N ARG DA 134 67.73 -24.55 -20.20
CA ARG DA 134 68.82 -23.73 -20.70
C ARG DA 134 69.80 -24.60 -21.48
N GLU DA 135 70.03 -24.29 -22.76
CA GLU DA 135 70.73 -25.26 -23.60
C GLU DA 135 72.23 -25.05 -23.73
N GLU DA 136 72.67 -23.96 -24.38
CA GLU DA 136 74.09 -23.83 -24.66
C GLU DA 136 74.48 -22.41 -25.10
N MET DA 137 75.26 -21.72 -24.27
CA MET DA 137 75.86 -20.44 -24.65
C MET DA 137 77.27 -20.40 -24.07
N GLY DA 138 77.87 -19.20 -24.07
CA GLY DA 138 79.18 -19.03 -23.48
C GLY DA 138 79.23 -19.47 -22.03
N GLY DA 139 78.14 -19.22 -21.28
CA GLY DA 139 78.07 -19.71 -19.92
C GLY DA 139 76.67 -19.99 -19.44
N GLU DA 140 76.42 -21.23 -19.03
CA GLU DA 140 75.15 -21.65 -18.46
C GLU DA 140 75.38 -22.49 -17.21
N SER DA 141 76.30 -22.04 -16.35
CA SER DA 141 76.70 -22.77 -15.15
C SER DA 141 77.13 -24.19 -15.49
N TYR EA 1 -41.45 -52.53 -41.70
CA TYR EA 1 -42.80 -52.49 -42.26
C TYR EA 1 -43.14 -51.18 -42.93
N ARG EA 2 -42.13 -50.48 -43.47
CA ARG EA 2 -42.38 -49.37 -44.39
C ARG EA 2 -43.14 -48.20 -43.76
N LYS EA 3 -42.41 -47.41 -42.99
CA LYS EA 3 -42.72 -45.99 -42.95
C LYS EA 3 -43.00 -45.52 -44.37
N LEU EA 4 -43.99 -44.66 -44.55
CA LEU EA 4 -44.30 -44.23 -45.91
C LEU EA 4 -44.23 -42.71 -46.06
N GLY EA 5 -43.21 -42.10 -45.49
CA GLY EA 5 -43.03 -40.66 -45.49
C GLY EA 5 -43.85 -39.91 -44.47
N ARG EA 6 -44.51 -40.60 -43.54
CA ARG EA 6 -45.48 -40.00 -42.64
C ARG EA 6 -45.10 -40.32 -41.20
N THR EA 7 -45.72 -39.60 -40.26
CA THR EA 7 -45.57 -39.95 -38.86
C THR EA 7 -46.44 -41.18 -38.56
N SER EA 8 -46.58 -41.52 -37.29
CA SER EA 8 -47.19 -42.79 -36.92
C SER EA 8 -48.71 -42.76 -37.03
N SER EA 9 -49.33 -41.61 -36.78
CA SER EA 9 -50.79 -41.54 -36.89
C SER EA 9 -51.26 -41.18 -38.29
N GLN EA 10 -50.42 -40.55 -39.11
CA GLN EA 10 -50.80 -40.25 -40.48
C GLN EA 10 -50.68 -41.47 -41.38
N ARG EA 11 -49.68 -42.32 -41.13
CA ARG EA 11 -49.62 -43.61 -41.81
C ARG EA 11 -50.87 -44.44 -41.55
N LYS EA 12 -51.32 -44.48 -40.31
CA LYS EA 12 -52.51 -45.22 -39.95
C LYS EA 12 -53.76 -44.63 -40.61
N ALA EA 13 -53.91 -43.30 -40.60
CA ALA EA 13 -55.02 -42.68 -41.32
C ALA EA 13 -55.00 -43.07 -42.80
N MET EA 14 -53.82 -42.99 -43.44
CA MET EA 14 -53.75 -43.20 -44.88
C MET EA 14 -54.09 -44.63 -45.24
N LEU EA 15 -53.59 -45.60 -44.45
CA LEU EA 15 -53.93 -46.99 -44.71
C LEU EA 15 -55.41 -47.26 -44.47
N ARG EA 16 -55.97 -46.71 -43.40
CA ARG EA 16 -57.39 -46.91 -43.13
C ARG EA 16 -58.25 -46.36 -44.27
N ASP EA 17 -57.77 -45.32 -44.97
CA ASP EA 17 -58.54 -44.79 -46.08
C ASP EA 17 -58.38 -45.62 -47.36
N ILE EA 18 -57.15 -45.99 -47.68
CA ILE EA 18 -56.92 -46.76 -48.90
C ILE EA 18 -57.48 -48.18 -48.83
N THR EA 19 -57.68 -48.76 -47.64
CA THR EA 19 -58.32 -50.07 -47.65
C THR EA 19 -59.83 -50.00 -47.64
N THR EA 20 -60.43 -48.89 -47.22
CA THR EA 20 -61.87 -48.73 -47.34
C THR EA 20 -62.29 -48.41 -48.77
N ASP EA 21 -61.55 -47.55 -49.46
CA ASP EA 21 -61.49 -47.72 -50.90
C ASP EA 21 -60.95 -49.13 -51.17
N LEU EA 22 -61.31 -49.70 -52.30
CA LEU EA 22 -61.02 -51.07 -52.71
C LEU EA 22 -61.92 -52.08 -52.04
N ILE EA 23 -62.45 -51.77 -50.88
CA ILE EA 23 -63.63 -52.49 -50.42
C ILE EA 23 -64.84 -51.95 -51.15
N ILE EA 24 -64.88 -50.63 -51.32
CA ILE EA 24 -66.01 -50.03 -51.98
C ILE EA 24 -65.88 -50.11 -53.50
N ASN EA 25 -64.66 -50.05 -54.03
CA ASN EA 25 -64.46 -49.97 -55.48
C ASN EA 25 -63.88 -51.23 -56.12
N GLU EA 26 -63.14 -52.06 -55.39
CA GLU EA 26 -62.59 -53.34 -55.84
C GLU EA 26 -61.47 -53.22 -56.87
N ARG EA 27 -61.04 -52.01 -57.21
CA ARG EA 27 -59.95 -51.82 -58.16
C ARG EA 27 -59.48 -50.38 -58.05
N ILE EA 28 -58.18 -50.16 -57.93
CA ILE EA 28 -57.66 -48.84 -57.57
C ILE EA 28 -56.28 -48.65 -58.19
N VAL EA 29 -55.92 -47.39 -58.44
CA VAL EA 29 -54.60 -47.01 -58.93
C VAL EA 29 -53.85 -46.29 -57.82
N THR EA 30 -52.64 -46.75 -57.52
CA THR EA 30 -51.81 -46.19 -56.45
C THR EA 30 -50.35 -46.42 -56.79
N THR EA 31 -49.47 -45.88 -55.96
CA THR EA 31 -48.05 -46.09 -56.11
C THR EA 31 -47.70 -47.51 -55.65
N GLU EA 32 -46.42 -47.88 -55.74
CA GLU EA 32 -46.02 -49.26 -55.55
C GLU EA 32 -45.70 -49.63 -54.11
N ALA EA 33 -45.27 -48.69 -53.27
CA ALA EA 33 -45.04 -49.00 -51.85
C ALA EA 33 -46.37 -49.12 -51.10
N ARG EA 34 -47.27 -48.17 -51.34
CA ARG EA 34 -48.58 -48.18 -50.70
C ARG EA 34 -49.34 -49.46 -51.03
N ALA EA 35 -49.22 -49.93 -52.27
CA ALA EA 35 -49.98 -51.10 -52.71
C ALA EA 35 -49.55 -52.35 -51.96
N LYS EA 36 -48.27 -52.49 -51.67
CA LYS EA 36 -47.81 -53.66 -50.92
C LYS EA 36 -48.31 -53.61 -49.48
N GLU EA 37 -48.09 -52.48 -48.82
CA GLU EA 37 -48.59 -52.39 -47.45
C GLU EA 37 -50.10 -52.64 -47.40
N VAL EA 38 -50.81 -52.23 -48.43
CA VAL EA 38 -52.26 -52.35 -48.42
C VAL EA 38 -52.70 -53.78 -48.72
N ARG EA 39 -52.00 -54.52 -49.58
CA ARG EA 39 -52.36 -55.92 -49.75
C ARG EA 39 -52.39 -56.61 -48.39
N SER EA 40 -51.40 -56.31 -47.54
CA SER EA 40 -51.37 -56.95 -46.24
C SER EA 40 -52.59 -56.56 -45.39
N THR EA 41 -52.91 -55.26 -45.32
CA THR EA 41 -54.03 -54.82 -44.47
C THR EA 41 -55.38 -55.33 -44.95
N VAL EA 42 -55.62 -55.34 -46.27
CA VAL EA 42 -56.94 -55.71 -46.76
C VAL EA 42 -57.19 -57.19 -46.55
N GLU EA 43 -56.18 -58.02 -46.75
CA GLU EA 43 -56.47 -59.43 -46.54
C GLU EA 43 -56.67 -59.73 -45.07
N LYS EA 44 -55.99 -59.01 -44.17
CA LYS EA 44 -56.35 -59.14 -42.76
C LYS EA 44 -57.80 -58.74 -42.48
N MET EA 45 -58.38 -57.82 -43.25
CA MET EA 45 -59.82 -57.54 -43.03
C MET EA 45 -60.70 -58.67 -43.57
N ILE EA 46 -60.32 -59.27 -44.69
CA ILE EA 46 -61.16 -60.31 -45.27
C ILE EA 46 -61.18 -61.56 -44.40
N THR EA 47 -60.07 -61.89 -43.75
CA THR EA 47 -60.20 -63.07 -42.89
C THR EA 47 -60.95 -62.81 -41.59
N LEU EA 48 -61.30 -61.58 -41.27
CA LEU EA 48 -62.30 -61.35 -40.23
C LEU EA 48 -63.70 -61.38 -40.78
N GLY EA 49 -63.89 -60.89 -42.01
CA GLY EA 49 -65.18 -61.01 -42.66
C GLY EA 49 -65.61 -62.45 -42.91
N LYS EA 50 -64.65 -63.36 -43.05
CA LYS EA 50 -64.98 -64.78 -43.16
C LYS EA 50 -65.23 -65.44 -41.81
N ARG EA 51 -64.73 -64.88 -40.71
CA ARG EA 51 -64.94 -65.48 -39.40
C ARG EA 51 -66.41 -65.40 -39.00
N GLY EA 52 -66.99 -64.20 -39.01
CA GLY EA 52 -68.43 -64.02 -39.09
C GLY EA 52 -69.11 -63.48 -37.85
N ASP EA 53 -68.54 -63.71 -36.67
CA ASP EA 53 -69.23 -63.49 -35.40
C ASP EA 53 -69.21 -62.03 -34.98
N LEU EA 54 -69.80 -61.74 -33.81
CA LEU EA 54 -69.89 -60.37 -33.30
C LEU EA 54 -68.52 -59.84 -32.89
N HIS EA 55 -67.69 -60.68 -32.28
CA HIS EA 55 -66.37 -60.23 -31.85
C HIS EA 55 -65.51 -59.83 -33.04
N ALA EA 56 -65.62 -60.56 -34.14
CA ALA EA 56 -64.91 -60.24 -35.37
C ALA EA 56 -65.42 -58.95 -36.00
N ARG EA 57 -66.73 -58.71 -35.93
CA ARG EA 57 -67.31 -57.49 -36.45
C ARG EA 57 -66.79 -56.26 -35.73
N ARG EA 58 -66.80 -56.30 -34.40
CA ARG EA 58 -66.27 -55.19 -33.62
C ARG EA 58 -64.76 -55.08 -33.72
N GLN EA 59 -64.05 -56.15 -34.04
CA GLN EA 59 -62.64 -56.01 -34.35
C GLN EA 59 -62.41 -55.27 -35.64
N ALA EA 60 -63.20 -55.58 -36.67
CA ALA EA 60 -63.03 -54.90 -37.94
C ALA EA 60 -63.45 -53.44 -37.85
N ALA EA 61 -64.47 -53.14 -37.04
CA ALA EA 61 -64.97 -51.79 -36.96
C ALA EA 61 -64.00 -50.82 -36.32
N THR EA 62 -62.86 -51.28 -35.83
CA THR EA 62 -61.82 -50.37 -35.41
C THR EA 62 -60.97 -49.91 -36.57
N PHE EA 63 -61.17 -50.47 -37.77
CA PHE EA 63 -60.26 -50.22 -38.88
C PHE EA 63 -60.95 -49.81 -40.18
N VAL EA 64 -62.18 -50.17 -40.37
CA VAL EA 64 -62.92 -49.81 -41.58
C VAL EA 64 -63.58 -48.47 -41.35
N ARG EA 65 -63.55 -47.61 -42.36
CA ARG EA 65 -64.14 -46.29 -42.20
C ARG EA 65 -65.65 -46.35 -42.22
N ASN EA 66 -66.26 -45.41 -41.52
CA ASN EA 66 -67.66 -45.52 -41.15
C ASN EA 66 -68.57 -44.81 -42.12
N GLU EA 67 -68.51 -43.48 -42.15
CA GLU EA 67 -69.59 -42.76 -42.82
C GLU EA 67 -69.39 -42.83 -44.32
N VAL EA 68 -69.08 -44.02 -44.83
CA VAL EA 68 -68.95 -44.23 -46.24
C VAL EA 68 -69.97 -45.28 -46.66
N ALA EA 69 -70.58 -45.07 -47.81
CA ALA EA 69 -71.57 -45.95 -48.38
C ALA EA 69 -70.93 -46.78 -49.49
N SER EA 70 -71.58 -47.87 -49.81
CA SER EA 70 -71.28 -48.62 -51.03
C SER EA 70 -72.60 -49.26 -51.48
N VAL EA 71 -73.28 -48.59 -52.40
CA VAL EA 71 -74.63 -48.97 -52.81
C VAL EA 71 -74.65 -49.26 -54.30
N ARG EA 72 -75.00 -50.51 -54.64
CA ARG EA 72 -75.69 -50.86 -55.89
C ARG EA 72 -76.86 -51.75 -55.44
N GLU EA 73 -77.95 -51.12 -54.99
CA GLU EA 73 -79.05 -51.86 -54.37
C GLU EA 73 -80.30 -51.01 -54.19
N GLU EA 74 -81.43 -51.49 -54.70
CA GLU EA 74 -82.73 -50.86 -54.46
C GLU EA 74 -83.82 -51.83 -54.87
N ASP EA 75 -84.60 -52.29 -53.89
CA ASP EA 75 -85.77 -53.13 -54.17
C ASP EA 75 -86.96 -52.20 -54.38
N GLU EA 76 -87.39 -51.51 -53.32
CA GLU EA 76 -88.08 -50.24 -53.46
C GLU EA 76 -87.88 -49.50 -52.14
N SER EA 77 -86.85 -48.66 -52.09
CA SER EA 77 -86.53 -47.83 -50.94
C SER EA 77 -85.28 -47.02 -51.25
N ILE EA 78 -84.80 -46.26 -50.29
CA ILE EA 78 -83.39 -45.88 -50.31
C ILE EA 78 -82.70 -46.72 -49.24
N VAL EA 79 -82.26 -47.93 -49.61
CA VAL EA 79 -81.63 -48.86 -48.68
C VAL EA 79 -80.12 -48.86 -48.94
N VAL EA 80 -79.36 -48.43 -47.94
CA VAL EA 80 -77.93 -48.20 -48.07
C VAL EA 80 -77.18 -49.36 -47.42
N GLU EA 81 -76.10 -49.78 -48.04
CA GLU EA 81 -75.14 -50.71 -47.47
C GLU EA 81 -73.91 -49.92 -47.03
N SER EA 82 -73.20 -50.41 -46.01
CA SER EA 82 -72.36 -49.53 -45.21
C SER EA 82 -70.85 -49.75 -45.34
N ALA EA 83 -70.39 -50.61 -46.24
CA ALA EA 83 -68.97 -50.87 -46.48
C ALA EA 83 -68.29 -51.69 -45.38
N LEU EA 84 -68.92 -51.82 -44.22
CA LEU EA 84 -68.66 -52.91 -43.30
C LEU EA 84 -69.71 -54.00 -43.47
N GLN EA 85 -70.93 -53.58 -43.75
CA GLN EA 85 -71.98 -54.52 -44.12
C GLN EA 85 -71.63 -55.24 -45.42
N LYS EA 86 -70.97 -54.56 -46.34
CA LYS EA 86 -70.53 -55.27 -47.54
C LYS EA 86 -69.44 -56.27 -47.21
N LEU EA 87 -68.49 -55.90 -46.36
CA LEU EA 87 -67.46 -56.84 -45.95
C LEU EA 87 -68.07 -58.11 -45.40
N PHE EA 88 -69.14 -57.98 -44.62
CA PHE EA 88 -69.66 -59.17 -43.96
C PHE EA 88 -70.75 -59.90 -44.73
N ASN EA 89 -71.45 -59.24 -45.66
CA ASN EA 89 -72.48 -59.94 -46.42
C ASN EA 89 -72.00 -60.40 -47.79
N ASP EA 90 -70.98 -59.77 -48.37
CA ASP EA 90 -70.62 -59.99 -49.75
C ASP EA 90 -69.21 -60.57 -49.93
N LEU EA 91 -68.20 -59.93 -49.38
CA LEU EA 91 -66.83 -60.30 -49.71
C LEU EA 91 -66.35 -61.54 -48.98
N GLY EA 92 -66.78 -61.76 -47.74
CA GLY EA 92 -66.46 -62.99 -47.04
C GLY EA 92 -67.04 -64.22 -47.70
N PRO EA 93 -68.36 -64.23 -47.96
CA PRO EA 93 -68.95 -65.37 -48.67
C PRO EA 93 -68.39 -65.61 -50.05
N ARG EA 94 -67.88 -64.57 -50.71
CA ARG EA 94 -67.23 -64.74 -52.00
C ARG EA 94 -65.99 -65.61 -51.88
N PHE EA 95 -65.10 -65.30 -50.95
CA PHE EA 95 -63.86 -66.02 -50.77
C PHE EA 95 -63.96 -67.12 -49.73
N ALA EA 96 -65.17 -67.57 -49.43
CA ALA EA 96 -65.37 -68.75 -48.59
C ALA EA 96 -64.30 -69.84 -48.76
N GLU EA 97 -64.17 -70.38 -49.95
CA GLU EA 97 -63.38 -71.60 -50.16
C GLU EA 97 -61.98 -71.34 -50.67
N ARG EA 98 -61.58 -70.09 -50.84
CA ARG EA 98 -60.20 -69.76 -51.14
C ARG EA 98 -59.44 -69.55 -49.84
N GLN EA 99 -58.20 -70.02 -49.79
CA GLN EA 99 -57.29 -69.76 -48.69
C GLN EA 99 -56.76 -68.34 -48.88
N GLY EA 100 -55.62 -67.99 -48.31
CA GLY EA 100 -55.16 -66.62 -48.51
C GLY EA 100 -55.03 -66.16 -49.95
N GLY EA 101 -54.55 -64.94 -50.16
CA GLY EA 101 -54.29 -64.45 -51.50
C GLY EA 101 -55.51 -63.96 -52.25
N TYR EA 102 -56.19 -62.96 -51.70
CA TYR EA 102 -57.42 -62.44 -52.28
C TYR EA 102 -57.23 -61.24 -53.18
N THR EA 103 -55.98 -60.85 -53.48
CA THR EA 103 -55.70 -59.67 -54.29
C THR EA 103 -54.57 -59.99 -55.27
N ARG EA 104 -54.23 -59.03 -56.10
CA ARG EA 104 -53.15 -59.17 -57.08
C ARG EA 104 -52.78 -57.79 -57.60
N ILE EA 105 -51.50 -57.60 -57.91
CA ILE EA 105 -50.98 -56.30 -58.31
C ILE EA 105 -50.42 -56.39 -59.72
N LEU EA 106 -50.70 -55.36 -60.53
CA LEU EA 106 -50.13 -55.22 -61.86
C LEU EA 106 -49.46 -53.86 -61.98
N LYS EA 107 -48.40 -53.79 -62.77
CA LYS EA 107 -47.59 -52.59 -62.92
C LYS EA 107 -47.88 -51.90 -64.24
N THR EA 108 -48.05 -50.59 -64.21
CA THR EA 108 -48.38 -49.87 -65.44
C THR EA 108 -47.34 -48.84 -65.87
N GLU EA 109 -47.07 -47.82 -65.08
CA GLU EA 109 -46.49 -46.62 -65.69
C GLU EA 109 -46.11 -45.56 -64.69
N PRO EA 110 -45.12 -44.72 -64.98
CA PRO EA 110 -44.80 -43.63 -64.06
C PRO EA 110 -45.62 -42.37 -64.30
N ARG EA 111 -46.08 -41.80 -63.20
CA ARG EA 111 -46.88 -40.59 -63.18
C ARG EA 111 -46.11 -39.42 -63.79
N ARG EA 112 -46.84 -38.51 -64.43
CA ARG EA 112 -46.20 -37.47 -65.25
C ARG EA 112 -45.47 -36.45 -64.39
N GLY EA 113 -46.09 -35.99 -63.31
CA GLY EA 113 -45.50 -34.94 -62.52
C GLY EA 113 -44.40 -35.37 -61.58
N ASP EA 114 -44.15 -36.64 -61.49
CA ASP EA 114 -43.43 -37.32 -60.43
C ASP EA 114 -42.38 -38.28 -60.90
N ALA EA 115 -42.69 -39.07 -61.93
CA ALA EA 115 -42.03 -40.33 -62.22
C ALA EA 115 -42.26 -41.38 -61.12
N ALA EA 116 -43.33 -41.24 -60.36
CA ALA EA 116 -43.69 -42.26 -59.38
C ALA EA 116 -44.23 -43.50 -60.08
N PRO EA 117 -43.68 -44.69 -59.85
CA PRO EA 117 -44.23 -45.90 -60.50
C PRO EA 117 -45.60 -46.27 -59.96
N MET EA 118 -46.56 -46.42 -60.86
CA MET EA 118 -47.95 -46.67 -60.50
C MET EA 118 -48.31 -48.13 -60.73
N VAL EA 119 -49.50 -48.50 -60.25
CA VAL EA 119 -49.84 -49.89 -60.00
C VAL EA 119 -51.35 -49.99 -59.85
N VAL EA 120 -51.93 -51.11 -60.26
CA VAL EA 120 -53.35 -51.41 -60.06
C VAL EA 120 -53.45 -52.62 -59.14
N ILE EA 121 -54.24 -52.50 -58.07
CA ILE EA 121 -54.45 -53.60 -57.14
C ILE EA 121 -55.94 -53.92 -57.11
N GLU EA 122 -56.27 -55.17 -57.43
CA GLU EA 122 -57.66 -55.62 -57.58
C GLU EA 122 -57.86 -56.90 -56.78
N PHE EA 123 -59.06 -57.45 -56.82
CA PHE EA 123 -59.40 -58.52 -55.88
C PHE EA 123 -59.14 -59.91 -56.44
N VAL EA 124 -59.90 -60.36 -57.42
CA VAL EA 124 -60.00 -61.82 -57.55
C VAL EA 124 -58.69 -62.51 -57.88
N ILE FA 1 85.78 29.41 -7.99
CA ILE FA 1 85.05 30.11 -9.04
C ILE FA 1 85.69 29.85 -10.39
N THR FA 2 84.95 30.11 -11.46
CA THR FA 2 85.49 30.00 -12.81
C THR FA 2 85.01 31.20 -13.61
N LYS FA 3 85.88 32.19 -13.75
CA LYS FA 3 85.62 33.27 -14.69
C LYS FA 3 85.63 32.69 -16.10
N PRO FA 4 84.62 32.96 -16.90
CA PRO FA 4 84.70 32.61 -18.32
C PRO FA 4 85.53 33.62 -19.10
N ASP FA 5 86.09 33.13 -20.20
CA ASP FA 5 86.75 34.02 -21.14
C ASP FA 5 85.72 34.92 -21.81
N LYS FA 6 86.13 36.14 -22.10
CA LYS FA 6 85.21 37.06 -22.76
C LYS FA 6 85.04 36.70 -24.23
N ASN FA 7 86.06 36.11 -24.85
CA ASN FA 7 85.99 35.88 -26.29
C ASN FA 7 84.88 34.92 -26.65
N LYS FA 8 84.60 33.93 -25.80
CA LYS FA 8 83.48 33.04 -26.08
C LYS FA 8 82.14 33.72 -25.84
N THR FA 9 82.05 34.55 -24.80
CA THR FA 9 80.80 35.27 -24.57
C THR FA 9 80.49 36.22 -25.71
N ARG FA 10 81.48 36.71 -26.43
CA ARG FA 10 81.19 37.58 -27.56
C ARG FA 10 81.07 36.83 -28.87
N GLN FA 11 81.64 35.63 -28.97
CA GLN FA 11 81.27 34.76 -30.08
C GLN FA 11 79.79 34.41 -30.01
N LYS FA 12 79.27 34.20 -28.79
CA LYS FA 12 77.85 33.87 -28.66
C LYS FA 12 76.93 35.02 -29.07
N ARG FA 13 77.40 36.26 -29.01
CA ARG FA 13 76.59 37.37 -29.52
C ARG FA 13 76.87 37.66 -30.98
N HIS FA 14 78.09 37.37 -31.42
CA HIS FA 14 78.46 37.57 -32.82
C HIS FA 14 77.67 36.66 -33.72
N ARG FA 15 77.43 35.41 -33.31
CA ARG FA 15 76.65 34.50 -34.15
C ARG FA 15 75.20 34.95 -34.31
N ARG FA 16 74.69 35.77 -33.41
CA ARG FA 16 73.35 36.30 -33.57
C ARG FA 16 73.33 37.62 -34.32
N VAL FA 17 74.43 38.37 -34.33
CA VAL FA 17 74.50 39.50 -35.25
C VAL FA 17 74.48 39.02 -36.69
N ARG FA 18 75.15 37.91 -36.96
CA ARG FA 18 75.39 37.44 -38.31
C ARG FA 18 74.19 36.72 -38.92
N ASN FA 19 73.15 36.42 -38.14
CA ASN FA 19 71.94 35.88 -38.73
C ASN FA 19 71.26 36.88 -39.65
N LYS FA 20 71.55 38.16 -39.49
CA LYS FA 20 71.08 39.22 -40.38
C LYS FA 20 72.17 39.75 -41.30
N ILE FA 21 73.28 40.24 -40.75
CA ILE FA 21 74.36 40.80 -41.57
C ILE FA 21 75.04 39.71 -42.36
N SER FA 22 75.30 39.98 -43.64
CA SER FA 22 76.11 39.12 -44.48
C SER FA 22 76.61 39.94 -45.65
N GLY FA 23 77.73 39.50 -46.23
CA GLY FA 23 78.36 40.30 -47.26
C GLY FA 23 78.52 39.67 -48.62
N THR FA 24 78.07 40.35 -49.67
CA THR FA 24 78.30 39.97 -51.05
C THR FA 24 79.41 40.83 -51.62
N ALA FA 25 79.65 40.72 -52.93
CA ALA FA 25 80.72 41.46 -53.57
C ALA FA 25 80.32 42.86 -54.00
N GLU FA 26 79.02 43.16 -54.08
CA GLU FA 26 78.56 44.54 -54.21
C GLU FA 26 78.55 45.25 -52.86
N CYS FA 27 78.40 44.50 -51.77
CA CYS FA 27 78.12 45.06 -50.46
C CYS FA 27 78.91 44.29 -49.42
N PRO FA 28 80.23 44.41 -49.43
CA PRO FA 28 81.06 43.54 -48.60
C PRO FA 28 80.86 43.85 -47.12
N ARG FA 29 81.41 42.99 -46.28
CA ARG FA 29 81.15 43.01 -44.86
C ARG FA 29 82.34 43.60 -44.11
N LEU FA 30 82.15 44.75 -43.49
CA LEU FA 30 83.21 45.39 -42.70
C LEU FA 30 83.17 44.82 -41.29
N ASN FA 31 84.08 43.91 -41.00
CA ASN FA 31 84.20 43.26 -39.70
C ASN FA 31 85.15 44.03 -38.80
N ILE FA 32 85.27 43.59 -37.56
CA ILE FA 32 86.12 44.23 -36.56
C ILE FA 32 86.56 43.20 -35.55
N PHE FA 33 87.85 43.22 -35.21
CA PHE FA 33 88.39 42.54 -34.06
C PHE FA 33 88.92 43.56 -33.07
N ARG FA 34 88.68 43.33 -31.79
CA ARG FA 34 89.15 44.24 -30.75
C ARG FA 34 89.83 43.44 -29.65
N SER FA 35 91.15 43.51 -29.57
CA SER FA 35 91.90 42.81 -28.55
C SER FA 35 92.35 43.79 -27.46
N ASN FA 36 93.12 43.27 -26.52
CA ASN FA 36 93.49 44.03 -25.33
C ASN FA 36 94.42 45.19 -25.62
N LYS FA 37 95.11 45.19 -26.77
CA LYS FA 37 95.99 46.30 -27.11
C LYS FA 37 95.85 46.77 -28.54
N ASN FA 38 94.89 46.26 -29.31
CA ASN FA 38 94.77 46.66 -30.71
C ASN FA 38 93.32 46.58 -31.13
N ILE FA 39 93.07 47.00 -32.37
CA ILE FA 39 91.83 46.69 -33.09
C ILE FA 39 92.16 46.49 -34.55
N TYR FA 40 91.55 45.49 -35.17
CA TYR FA 40 91.80 45.16 -36.56
C TYR FA 40 90.54 45.40 -37.39
N ALA FA 41 90.65 45.22 -38.71
CA ALA FA 41 89.51 45.42 -39.60
C ALA FA 41 89.75 44.76 -40.94
N GLN FA 42 88.79 43.96 -41.39
CA GLN FA 42 88.81 43.33 -42.71
C GLN FA 42 87.53 43.66 -43.47
N VAL FA 43 87.60 43.62 -44.80
CA VAL FA 43 86.46 43.86 -45.67
C VAL FA 43 86.19 42.57 -46.46
N ILE FA 44 85.12 41.87 -46.10
CA ILE FA 44 84.95 40.46 -46.44
C ILE FA 44 83.73 40.27 -47.32
N ASP FA 45 83.89 39.53 -48.40
CA ASP FA 45 82.76 38.99 -49.14
C ASP FA 45 82.62 37.52 -48.84
N ASP FA 46 81.39 37.01 -48.91
CA ASP FA 46 81.11 35.70 -48.34
C ASP FA 46 80.71 34.63 -49.35
N VAL FA 47 80.21 35.01 -50.52
CA VAL FA 47 79.89 34.00 -51.51
C VAL FA 47 81.16 33.32 -52.00
N ALA FA 48 82.24 34.07 -52.11
CA ALA FA 48 83.53 33.52 -52.48
C ALA FA 48 84.36 33.16 -51.27
N GLY FA 49 84.17 33.86 -50.16
CA GLY FA 49 84.84 33.52 -48.91
C GLY FA 49 86.23 34.10 -48.81
N VAL FA 50 86.37 35.41 -49.01
CA VAL FA 50 87.67 36.04 -49.17
C VAL FA 50 87.67 37.44 -48.59
N THR FA 51 88.86 38.05 -48.53
CA THR FA 51 89.09 39.38 -48.01
C THR FA 51 89.49 40.31 -49.15
N LEU FA 52 88.94 41.52 -49.15
CA LEU FA 52 89.19 42.46 -50.23
C LEU FA 52 90.18 43.56 -49.86
N ALA FA 53 90.28 43.89 -48.58
CA ALA FA 53 91.18 44.93 -48.07
C ALA FA 53 91.31 44.71 -46.56
N SER FA 54 92.17 45.51 -45.92
CA SER FA 54 92.38 45.38 -44.49
C SER FA 54 93.23 46.55 -43.99
N ALA FA 55 93.33 46.66 -42.66
CA ALA FA 55 94.14 47.64 -41.97
C ALA FA 55 94.16 47.25 -40.50
N SER FA 56 95.31 47.42 -39.85
CA SER FA 56 95.53 46.87 -38.52
C SER FA 56 96.05 47.97 -37.60
N ALA FA 57 95.78 47.81 -36.31
CA ALA FA 57 95.93 48.92 -35.37
C ALA FA 57 97.36 49.39 -35.26
N LEU FA 58 98.19 48.56 -34.63
CA LEU FA 58 99.58 48.93 -34.41
C LEU FA 58 100.52 48.03 -35.17
N ASP FA 59 100.04 47.39 -36.24
CA ASP FA 59 100.96 46.60 -37.05
C ASP FA 59 101.78 47.48 -37.97
N LYS FA 60 101.15 48.23 -38.87
CA LYS FA 60 101.96 48.85 -39.92
C LYS FA 60 102.56 50.20 -39.56
N GLU FA 61 101.77 51.27 -39.62
CA GLU FA 61 102.25 52.60 -39.27
C GLU FA 61 101.03 53.47 -38.99
N ILE FA 62 100.67 53.58 -37.72
CA ILE FA 62 99.50 54.31 -37.29
C ILE FA 62 99.86 55.42 -36.31
N SER FA 63 100.82 55.15 -35.42
CA SER FA 63 100.92 55.76 -34.11
C SER FA 63 101.07 57.28 -34.11
N GLY FA 64 100.99 57.86 -32.93
CA GLY FA 64 100.81 59.29 -32.74
C GLY FA 64 99.80 59.49 -31.63
N GLY FA 65 99.50 58.40 -30.93
CA GLY FA 65 98.62 58.41 -29.79
C GLY FA 65 98.38 57.00 -29.30
N THR FA 66 98.08 56.84 -28.01
CA THR FA 66 97.65 55.54 -27.53
C THR FA 66 96.46 55.65 -26.59
N LYS FA 67 95.55 56.58 -26.86
CA LYS FA 67 94.20 56.50 -26.35
C LYS FA 67 93.32 55.85 -27.44
N THR FA 68 91.98 56.01 -27.36
CA THR FA 68 91.08 55.56 -28.42
C THR FA 68 91.51 56.04 -29.79
N GLU FA 69 92.34 57.09 -29.87
CA GLU FA 69 92.83 57.66 -31.10
C GLU FA 69 93.50 56.66 -32.04
N THR FA 70 93.95 55.52 -31.54
CA THR FA 70 94.53 54.54 -32.44
C THR FA 70 93.50 53.98 -33.41
N ALA FA 71 92.22 53.96 -32.98
CA ALA FA 71 91.17 53.35 -33.79
C ALA FA 71 90.80 54.19 -34.99
N ALA FA 72 90.63 55.50 -34.80
CA ALA FA 72 90.19 56.37 -35.89
C ALA FA 72 91.15 56.29 -37.06
N ALA FA 73 92.45 56.17 -36.79
CA ALA FA 73 93.43 55.99 -37.85
C ALA FA 73 93.16 54.72 -38.65
N VAL FA 74 92.85 53.62 -37.98
CA VAL FA 74 92.54 52.39 -38.68
C VAL FA 74 91.30 52.54 -39.54
N GLY FA 75 90.26 53.19 -39.01
CA GLY FA 75 89.08 53.46 -39.83
C GLY FA 75 89.42 54.22 -41.10
N LYS FA 76 90.19 55.30 -40.95
CA LYS FA 76 90.59 56.09 -42.11
C LYS FA 76 91.41 55.26 -43.10
N LEU FA 77 92.26 54.37 -42.58
CA LEU FA 77 93.09 53.54 -43.46
C LEU FA 77 92.25 52.58 -44.29
N VAL FA 78 91.31 51.86 -43.65
CA VAL FA 78 90.52 50.93 -44.46
C VAL FA 78 89.64 51.70 -45.42
N ALA FA 79 89.18 52.89 -45.04
CA ALA FA 79 88.39 53.70 -45.98
C ALA FA 79 89.20 54.00 -47.25
N GLU FA 80 90.40 54.56 -47.08
CA GLU FA 80 91.24 54.86 -48.25
C GLU FA 80 91.54 53.59 -49.06
N ARG FA 81 92.02 52.55 -48.38
CA ARG FA 81 92.46 51.34 -49.07
C ARG FA 81 91.33 50.65 -49.80
N ALA FA 82 90.11 50.64 -49.25
CA ALA FA 82 89.00 50.01 -49.94
C ALA FA 82 88.48 50.87 -51.08
N ALA FA 83 88.47 52.19 -50.92
CA ALA FA 83 88.21 53.05 -52.07
C ALA FA 83 89.24 52.84 -53.19
N GLU FA 84 90.42 52.33 -52.86
CA GLU FA 84 91.38 51.98 -53.90
C GLU FA 84 90.93 50.80 -54.75
N LYS FA 85 90.12 49.89 -54.17
CA LYS FA 85 89.66 48.70 -54.86
C LYS FA 85 88.23 48.85 -55.40
N GLY FA 86 87.74 50.07 -55.53
CA GLY FA 86 86.39 50.30 -56.03
C GLY FA 86 85.32 49.79 -55.11
N ILE FA 87 85.31 50.30 -53.87
CA ILE FA 87 84.41 49.82 -52.82
C ILE FA 87 83.81 51.02 -52.11
N LYS FA 88 82.48 51.12 -52.09
CA LYS FA 88 81.85 52.21 -51.38
C LYS FA 88 80.66 51.81 -50.51
N LYS FA 89 80.20 50.57 -50.58
CA LYS FA 89 78.89 50.19 -50.08
C LYS FA 89 78.97 49.03 -49.09
N VAL FA 90 79.68 49.19 -47.99
CA VAL FA 90 79.86 48.10 -47.03
C VAL FA 90 78.73 48.09 -46.00
N VAL FA 91 78.63 46.94 -45.30
CA VAL FA 91 77.72 46.72 -44.18
C VAL FA 91 78.57 46.43 -42.95
N PHE FA 92 78.18 46.96 -41.79
CA PHE FA 92 79.03 46.97 -40.61
C PHE FA 92 78.63 45.90 -39.60
N ASP FA 93 79.52 44.94 -39.38
CA ASP FA 93 79.38 43.92 -38.35
C ASP FA 93 80.19 44.34 -37.11
N ARG FA 94 79.49 44.61 -36.00
CA ARG FA 94 80.11 45.08 -34.78
C ARG FA 94 81.04 44.06 -34.14
N GLY FA 95 81.08 42.83 -34.63
CA GLY FA 95 81.58 41.76 -33.80
C GLY FA 95 80.47 41.38 -32.86
N GLY FA 96 80.77 41.35 -31.57
CA GLY FA 96 79.69 41.18 -30.63
C GLY FA 96 79.66 42.32 -29.64
N TYR FA 97 80.45 43.35 -29.91
CA TYR FA 97 80.66 44.45 -29.00
C TYR FA 97 79.46 45.41 -29.07
N LEU FA 98 79.53 46.51 -28.33
CA LEU FA 98 78.54 47.57 -28.47
C LEU FA 98 79.02 48.57 -29.49
N TYR FA 99 78.07 49.20 -30.19
CA TYR FA 99 78.44 50.31 -31.07
C TYR FA 99 78.69 51.56 -30.23
N HIS FA 100 79.73 51.51 -29.40
CA HIS FA 100 79.77 52.61 -28.45
C HIS FA 100 81.11 53.29 -28.28
N GLY FA 101 82.20 52.55 -28.23
CA GLY FA 101 83.41 53.13 -27.66
C GLY FA 101 84.50 53.44 -28.63
N ARG FA 102 85.50 52.57 -28.75
CA ARG FA 102 86.50 52.67 -29.79
C ARG FA 102 86.17 51.85 -31.04
N VAL FA 103 85.05 51.12 -31.04
CA VAL FA 103 84.51 50.59 -32.29
C VAL FA 103 83.73 51.68 -33.03
N GLN FA 104 83.03 52.54 -32.28
CA GLN FA 104 82.36 53.68 -32.89
C GLN FA 104 83.36 54.63 -33.54
N ALA FA 105 84.55 54.76 -32.97
CA ALA FA 105 85.59 55.62 -33.56
C ALA FA 105 86.02 55.12 -34.94
N LEU FA 106 86.33 53.82 -35.04
CA LEU FA 106 86.69 53.23 -36.32
C LEU FA 106 85.56 53.38 -37.32
N ALA FA 107 84.33 53.12 -36.90
CA ALA FA 107 83.20 53.22 -37.82
C ALA FA 107 83.02 54.64 -38.35
N GLU FA 108 83.06 55.62 -37.45
CA GLU FA 108 82.92 57.01 -37.86
C GLU FA 108 84.00 57.41 -38.85
N ALA FA 109 85.27 57.10 -38.54
CA ALA FA 109 86.33 57.41 -39.49
C ALA FA 109 86.08 56.72 -40.83
N ALA FA 110 85.48 55.54 -40.84
CA ALA FA 110 85.12 54.92 -42.10
C ALA FA 110 84.13 55.77 -42.86
N ARG FA 111 83.17 56.37 -42.17
CA ARG FA 111 82.11 57.11 -42.86
C ARG FA 111 82.53 58.48 -43.35
N GLU FA 112 83.73 58.96 -43.01
CA GLU FA 112 84.17 60.25 -43.51
C GLU FA 112 85.05 60.15 -44.74
N ASN FA 113 85.61 58.98 -45.02
CA ASN FA 113 86.66 58.87 -46.00
C ASN FA 113 86.31 57.93 -47.14
N GLY FA 114 85.05 57.56 -47.29
CA GLY FA 114 84.66 56.93 -48.53
C GLY FA 114 83.62 55.82 -48.53
N LEU FA 115 83.31 55.23 -47.39
CA LEU FA 115 82.46 54.04 -47.35
C LEU FA 115 81.06 54.42 -46.87
N GLU FA 116 80.07 54.22 -47.73
CA GLU FA 116 78.67 54.45 -47.38
C GLU FA 116 78.12 53.23 -46.65
N PHE FA 117 77.52 53.46 -45.48
CA PHE FA 117 77.03 52.32 -44.71
C PHE FA 117 75.55 52.14 -44.94
N ASN GA 1 -34.96 -73.34 -33.95
CA ASN GA 1 -35.70 -73.61 -32.72
C ASN GA 1 -35.85 -75.11 -32.44
N PRO GA 2 -36.36 -75.90 -33.39
CA PRO GA 2 -36.59 -77.32 -33.08
C PRO GA 2 -35.32 -78.16 -32.96
N LEU GA 3 -34.21 -77.76 -33.60
CA LEU GA 3 -32.95 -78.45 -33.35
C LEU GA 3 -32.43 -78.15 -31.93
N ILE GA 4 -32.72 -76.97 -31.41
CA ILE GA 4 -32.24 -76.59 -30.09
C ILE GA 4 -33.10 -77.20 -28.99
N GLN GA 5 -34.42 -77.22 -29.18
CA GLN GA 5 -35.31 -77.86 -28.21
C GLN GA 5 -35.01 -79.34 -28.05
N GLU GA 6 -34.70 -80.03 -29.16
CA GLU GA 6 -34.40 -81.46 -29.10
C GLU GA 6 -33.16 -81.73 -28.29
N LEU GA 7 -32.11 -80.94 -28.48
CA LEU GA 7 -30.89 -81.14 -27.71
C LEU GA 7 -31.14 -80.84 -26.23
N THR GA 8 -31.88 -79.78 -25.94
CA THR GA 8 -32.08 -79.39 -24.55
C THR GA 8 -33.25 -80.06 -23.86
N GLN GA 9 -34.01 -80.92 -24.57
CA GLN GA 9 -35.21 -81.50 -23.96
C GLN GA 9 -34.88 -82.41 -22.80
N GLU GA 10 -33.82 -83.21 -22.91
CA GLU GA 10 -33.54 -84.23 -21.92
C GLU GA 10 -32.98 -83.68 -20.62
N GLN GA 11 -33.09 -82.37 -20.40
CA GLN GA 11 -32.52 -81.74 -19.22
C GLN GA 11 -33.53 -80.83 -18.52
N LEU GA 12 -34.81 -80.92 -18.87
CA LEU GA 12 -35.86 -80.17 -18.20
C LEU GA 12 -36.43 -80.97 -17.03
N ARG GA 13 -36.69 -80.29 -15.92
CA ARG GA 13 -37.23 -80.95 -14.75
C ARG GA 13 -38.72 -81.21 -14.92
N THR GA 14 -39.19 -82.29 -14.32
CA THR GA 14 -40.60 -82.66 -14.39
C THR GA 14 -41.35 -82.50 -13.08
N ASP GA 15 -40.67 -82.21 -11.98
CA ASP GA 15 -41.32 -82.08 -10.67
C ASP GA 15 -41.48 -80.64 -10.24
N ILE GA 16 -41.89 -79.77 -11.16
CA ILE GA 16 -41.99 -78.33 -10.90
C ILE GA 16 -43.45 -77.96 -10.71
N PRO GA 17 -43.86 -77.50 -9.54
CA PRO GA 17 -45.26 -77.16 -9.31
C PRO GA 17 -45.62 -75.83 -9.97
N ALA GA 18 -46.90 -75.68 -10.25
CA ALA GA 18 -47.38 -74.48 -10.92
C ALA GA 18 -47.53 -73.33 -9.94
N PHE GA 19 -47.06 -72.15 -10.33
CA PHE GA 19 -47.21 -70.94 -9.55
C PHE GA 19 -47.15 -69.73 -10.48
N ARG GA 20 -47.65 -68.61 -9.99
CA ARG GA 20 -47.65 -67.32 -10.66
C ARG GA 20 -46.84 -66.32 -9.87
N PRO GA 21 -46.39 -65.24 -10.50
CA PRO GA 21 -45.97 -64.08 -9.73
C PRO GA 21 -47.11 -63.57 -8.86
N GLY GA 22 -46.81 -63.35 -7.59
CA GLY GA 22 -47.81 -63.02 -6.58
C GLY GA 22 -47.93 -64.04 -5.48
N ASP GA 23 -47.55 -65.29 -5.73
CA ASP GA 23 -47.64 -66.38 -4.77
C ASP GA 23 -46.41 -66.42 -3.89
N THR GA 24 -46.53 -67.05 -2.75
CA THR GA 24 -45.40 -67.21 -1.85
C THR GA 24 -44.89 -68.63 -1.93
N VAL GA 25 -43.59 -68.76 -1.70
CA VAL GA 25 -42.85 -69.92 -2.15
C VAL GA 25 -41.71 -70.15 -1.17
N ARG GA 26 -41.36 -71.41 -0.96
CA ARG GA 26 -40.18 -71.78 -0.21
C ARG GA 26 -39.24 -72.54 -1.14
N VAL GA 27 -38.06 -71.98 -1.38
CA VAL GA 27 -37.03 -72.60 -2.23
C VAL GA 27 -36.05 -73.34 -1.33
N HIS GA 28 -35.71 -74.57 -1.70
CA HIS GA 28 -34.81 -75.41 -0.93
C HIS GA 28 -33.44 -75.44 -1.61
N ALA GA 29 -32.65 -74.41 -1.38
CA ALA GA 29 -31.39 -74.26 -2.09
C ALA GA 29 -30.35 -75.25 -1.56
N LYS GA 30 -29.13 -75.15 -2.06
CA LYS GA 30 -28.05 -76.03 -1.64
C LYS GA 30 -26.79 -75.18 -1.48
N VAL GA 31 -26.18 -75.24 -0.31
CA VAL GA 31 -24.99 -74.46 -0.05
C VAL GA 31 -23.82 -75.40 0.25
N VAL GA 32 -22.61 -74.95 -0.10
CA VAL GA 32 -21.39 -75.72 0.09
C VAL GA 32 -20.42 -74.90 0.93
N GLU GA 33 -20.22 -75.31 2.18
CA GLU GA 33 -19.40 -74.57 3.15
C GLU GA 33 -18.13 -75.37 3.39
N GLY GA 34 -17.15 -75.19 2.52
CA GLY GA 34 -16.02 -76.09 2.53
C GLY GA 34 -16.43 -77.38 1.85
N THR GA 35 -16.19 -78.50 2.54
CA THR GA 35 -16.57 -79.80 1.98
C THR GA 35 -18.03 -80.13 2.27
N ARG GA 36 -18.57 -79.59 3.36
CA ARG GA 36 -19.95 -79.89 3.75
C ARG GA 36 -20.93 -79.50 2.65
N GLU GA 37 -21.98 -80.32 2.49
CA GLU GA 37 -23.19 -79.94 1.78
C GLU GA 37 -24.26 -79.61 2.81
N ARG GA 38 -25.11 -78.65 2.49
CA ARG GA 38 -26.18 -78.25 3.40
C ARG GA 38 -27.27 -77.56 2.60
N ILE GA 39 -28.45 -77.46 3.20
CA ILE GA 39 -29.63 -76.90 2.57
C ILE GA 39 -30.09 -75.69 3.37
N GLN GA 40 -30.25 -74.56 2.68
CA GLN GA 40 -30.93 -73.40 3.23
C GLN GA 40 -32.39 -73.37 2.76
N LEU GA 41 -33.13 -72.38 3.24
CA LEU GA 41 -34.48 -72.12 2.75
C LEU GA 41 -34.62 -70.62 2.54
N PHE GA 42 -35.32 -70.24 1.49
CA PHE GA 42 -35.50 -68.84 1.14
C PHE GA 42 -36.97 -68.62 0.83
N GLU GA 43 -37.65 -67.89 1.70
CA GLU GA 43 -39.10 -67.72 1.67
C GLU GA 43 -39.46 -66.30 1.24
N GLY GA 44 -40.29 -66.18 0.22
CA GLY GA 44 -40.67 -64.85 -0.22
C GLY GA 44 -41.77 -64.88 -1.24
N VAL GA 45 -41.99 -63.73 -1.88
CA VAL GA 45 -43.00 -63.57 -2.91
C VAL GA 45 -42.31 -63.59 -4.27
N VAL GA 46 -42.83 -64.42 -5.17
CA VAL GA 46 -42.38 -64.41 -6.55
C VAL GA 46 -42.81 -63.11 -7.20
N ILE GA 47 -41.86 -62.36 -7.75
CA ILE GA 47 -42.17 -61.09 -8.38
C ILE GA 47 -41.91 -61.07 -9.88
N LYS GA 48 -41.09 -61.97 -10.42
CA LYS GA 48 -40.77 -62.03 -11.83
C LYS GA 48 -40.87 -63.46 -12.32
N ARG GA 49 -41.08 -63.61 -13.63
CA ARG GA 49 -40.84 -64.88 -14.31
C ARG GA 49 -40.72 -64.60 -15.80
N ARG GA 50 -39.55 -64.86 -16.37
CA ARG GA 50 -39.25 -64.58 -17.77
C ARG GA 50 -38.65 -65.83 -18.40
N GLY GA 51 -39.22 -66.29 -19.50
CA GLY GA 51 -39.14 -67.70 -19.80
C GLY GA 51 -38.70 -68.20 -21.15
N ALA GA 52 -39.41 -69.21 -21.67
CA ALA GA 52 -39.06 -70.01 -22.84
C ALA GA 52 -37.82 -70.92 -22.74
N GLY GA 53 -37.95 -72.05 -22.05
CA GLY GA 53 -37.12 -73.21 -22.34
C GLY GA 53 -36.28 -73.60 -21.13
N ILE GA 54 -35.06 -74.07 -21.41
CA ILE GA 54 -34.05 -74.18 -20.35
C ILE GA 54 -33.66 -72.83 -19.79
N SER GA 55 -33.93 -71.74 -20.52
CA SER GA 55 -33.49 -70.42 -20.12
C SER GA 55 -34.47 -69.72 -19.19
N GLU GA 56 -35.48 -70.42 -18.71
CA GLU GA 56 -36.45 -69.85 -17.76
C GLU GA 56 -35.82 -69.49 -16.42
N THR GA 57 -36.19 -68.32 -15.88
CA THR GA 57 -35.80 -67.91 -14.53
C THR GA 57 -36.99 -67.30 -13.79
N TYR GA 58 -36.85 -67.18 -12.46
CA TYR GA 58 -37.80 -66.47 -11.59
C TYR GA 58 -37.05 -65.80 -10.44
N THR GA 59 -37.71 -64.86 -9.74
CA THR GA 59 -37.07 -64.20 -8.62
C THR GA 59 -38.03 -64.01 -7.45
N VAL GA 60 -37.46 -63.99 -6.25
CA VAL GA 60 -38.16 -64.07 -4.97
C VAL GA 60 -37.70 -62.90 -4.12
N ARG GA 61 -38.65 -62.17 -3.53
CA ARG GA 61 -38.31 -61.08 -2.64
C ARG GA 61 -38.56 -61.47 -1.18
N LYS GA 62 -37.70 -60.97 -0.31
CA LYS GA 62 -37.72 -61.22 1.12
C LYS GA 62 -37.21 -59.98 1.84
N VAL GA 63 -37.62 -59.81 3.09
CA VAL GA 63 -37.08 -58.75 3.96
C VAL GA 63 -36.41 -59.40 5.15
N SER GA 64 -35.09 -59.34 5.21
CA SER GA 64 -34.32 -59.94 6.29
C SER GA 64 -33.70 -58.86 7.16
N ASN GA 65 -34.11 -58.81 8.42
CA ASN GA 65 -33.48 -57.94 9.42
C ASN GA 65 -33.50 -56.48 8.98
N GLY GA 66 -34.62 -56.05 8.41
CA GLY GA 66 -34.81 -54.68 8.02
C GLY GA 66 -34.23 -54.26 6.68
N VAL GA 67 -33.83 -55.20 5.82
CA VAL GA 67 -33.31 -54.89 4.49
C VAL GA 67 -33.93 -55.88 3.52
N GLY GA 68 -34.28 -55.40 2.32
CA GLY GA 68 -34.94 -56.23 1.33
C GLY GA 68 -33.95 -56.94 0.42
N VAL GA 69 -34.22 -58.22 0.15
CA VAL GA 69 -33.30 -59.09 -0.56
C VAL GA 69 -34.03 -59.79 -1.69
N GLU GA 70 -33.38 -59.90 -2.84
CA GLU GA 70 -33.92 -60.60 -4.00
C GLU GA 70 -32.93 -61.61 -4.52
N ARG GA 71 -33.45 -62.76 -4.94
CA ARG GA 71 -32.63 -63.90 -5.35
C ARG GA 71 -33.26 -64.51 -6.60
N THR GA 72 -32.54 -64.52 -7.71
CA THR GA 72 -33.07 -65.11 -8.93
C THR GA 72 -32.48 -66.50 -9.14
N PHE GA 73 -33.30 -67.41 -9.64
CA PHE GA 73 -32.94 -68.79 -9.89
C PHE GA 73 -33.34 -69.19 -11.30
N PRO GA 74 -32.54 -70.02 -11.97
CA PRO GA 74 -33.07 -70.75 -13.13
C PRO GA 74 -34.08 -71.80 -12.69
N LEU GA 75 -35.00 -72.13 -13.60
CA LEU GA 75 -36.08 -73.03 -13.24
C LEU GA 75 -35.61 -74.48 -13.11
N HIS GA 76 -34.55 -74.86 -13.82
CA HIS GA 76 -34.23 -76.28 -13.95
C HIS GA 76 -32.89 -76.66 -13.33
N THR GA 77 -32.26 -75.80 -12.54
CA THR GA 77 -31.02 -76.17 -11.89
C THR GA 77 -31.21 -77.44 -11.08
N PRO GA 78 -30.20 -78.32 -11.03
CA PRO GA 78 -30.18 -79.37 -10.01
C PRO GA 78 -29.71 -78.91 -8.64
N ARG GA 79 -29.28 -77.67 -8.51
CA ARG GA 79 -28.77 -77.17 -7.24
C ARG GA 79 -29.88 -76.61 -6.35
N VAL GA 80 -31.13 -76.72 -6.80
CA VAL GA 80 -32.31 -76.56 -5.97
C VAL GA 80 -32.90 -77.95 -5.82
N ALA GA 81 -33.58 -78.19 -4.71
CA ALA GA 81 -34.19 -79.50 -4.49
C ALA GA 81 -35.70 -79.49 -4.40
N GLN GA 82 -36.33 -78.34 -4.16
CA GLN GA 82 -37.75 -78.27 -3.86
C GLN GA 82 -38.25 -76.84 -4.02
N ILE GA 83 -39.39 -76.68 -4.68
CA ILE GA 83 -40.12 -75.43 -4.69
C ILE GA 83 -41.50 -75.76 -4.17
N GLU GA 84 -41.88 -75.14 -3.05
CA GLU GA 84 -43.18 -75.39 -2.43
C GLU GA 84 -43.98 -74.11 -2.47
N VAL GA 85 -45.22 -74.22 -2.91
CA VAL GA 85 -46.15 -73.10 -2.86
C VAL GA 85 -46.82 -73.12 -1.50
N VAL GA 86 -46.71 -72.01 -0.77
CA VAL GA 86 -47.31 -71.87 0.56
C VAL GA 86 -48.66 -71.18 0.51
N ARG GA 87 -48.74 -70.02 -0.14
CA ARG GA 87 -49.99 -69.30 -0.32
C ARG GA 87 -50.21 -68.96 -1.78
N TYR GA 88 -51.40 -68.48 -2.07
CA TYR GA 88 -51.75 -67.94 -3.37
C TYR GA 88 -52.18 -66.50 -3.18
N GLY GA 89 -51.78 -65.63 -4.08
CA GLY GA 89 -52.03 -64.21 -3.96
C GLY GA 89 -52.94 -63.74 -5.07
N LYS GA 90 -53.68 -62.68 -4.78
CA LYS GA 90 -54.50 -62.01 -5.78
C LYS GA 90 -53.72 -60.81 -6.33
N VAL GA 91 -53.42 -60.85 -7.62
CA VAL GA 91 -52.54 -59.88 -8.27
C VAL GA 91 -53.15 -59.53 -9.63
N ARG GA 92 -52.75 -58.38 -10.18
CA ARG GA 92 -53.31 -57.89 -11.43
C ARG GA 92 -52.30 -57.70 -12.55
N ARG GA 93 -51.04 -58.08 -12.36
CA ARG GA 93 -50.07 -57.92 -13.44
C ARG GA 93 -48.99 -58.99 -13.30
N ALA GA 94 -48.00 -58.92 -14.18
CA ALA GA 94 -46.97 -59.94 -14.28
C ALA GA 94 -45.68 -59.56 -13.57
N LYS GA 95 -45.30 -58.28 -13.58
CA LYS GA 95 -44.10 -57.81 -12.92
C LYS GA 95 -44.53 -56.97 -11.73
N LEU GA 96 -44.19 -57.41 -10.53
CA LEU GA 96 -44.56 -56.69 -9.31
C LEU GA 96 -43.43 -55.79 -8.85
N TYR GA 97 -42.95 -54.95 -9.76
CA TYR GA 97 -41.85 -54.05 -9.44
C TYR GA 97 -42.25 -52.95 -8.47
N TYR GA 98 -43.53 -52.64 -8.34
CA TYR GA 98 -43.97 -51.64 -7.36
C TYR GA 98 -43.80 -52.10 -5.93
N LEU GA 99 -43.51 -53.38 -5.69
CA LEU GA 99 -43.29 -53.83 -4.33
C LEU GA 99 -41.95 -53.37 -3.77
N ARG GA 100 -41.00 -53.01 -4.62
CA ARG GA 100 -39.67 -52.68 -4.14
C ARG GA 100 -39.55 -51.25 -3.63
N ALA GA 101 -40.67 -50.54 -3.49
CA ALA GA 101 -40.67 -49.18 -2.95
C ALA GA 101 -41.74 -49.02 -1.87
N LEU GA 102 -42.20 -50.11 -1.29
CA LEU GA 102 -43.19 -50.11 -0.23
C LEU GA 102 -42.67 -50.93 0.93
N HIS GA 103 -43.32 -50.77 2.08
CA HIS GA 103 -42.83 -51.41 3.29
C HIS GA 103 -44.00 -51.82 4.15
N GLY GA 104 -43.81 -52.90 4.89
CA GLY GA 104 -44.74 -53.31 5.91
C GLY GA 104 -46.12 -53.59 5.39
N LYS GA 105 -47.07 -52.77 5.81
CA LYS GA 105 -48.47 -53.04 5.57
C LYS GA 105 -48.90 -52.62 4.18
N ALA GA 106 -48.24 -51.64 3.58
CA ALA GA 106 -48.57 -51.28 2.22
C ALA GA 106 -48.18 -52.35 1.22
N ALA GA 107 -47.24 -53.23 1.58
CA ALA GA 107 -46.78 -54.30 0.70
C ALA GA 107 -47.57 -55.59 0.90
N ARG GA 108 -48.83 -55.50 1.28
CA ARG GA 108 -49.62 -56.67 1.57
C ARG GA 108 -50.33 -57.19 0.32
N ILE GA 109 -50.33 -58.52 0.17
CA ILE GA 109 -50.97 -59.21 -0.93
C ILE GA 109 -52.05 -60.10 -0.34
N LYS GA 110 -53.27 -59.99 -0.86
CA LYS GA 110 -54.38 -60.78 -0.36
C LYS GA 110 -54.27 -62.22 -0.83
N GLU GA 111 -54.90 -63.12 -0.09
CA GLU GA 111 -54.84 -64.53 -0.39
C GLU GA 111 -56.00 -64.92 -1.29
N ILE GA 112 -55.97 -66.16 -1.76
CA ILE GA 112 -57.02 -66.68 -2.63
C ILE GA 112 -56.87 -68.19 -2.66
N ARG GA 113 -58.00 -68.89 -2.71
CA ARG GA 113 -57.96 -70.33 -2.86
C ARG GA 113 -57.91 -70.70 -4.34
N ARG GA 114 -57.40 -71.88 -4.61
CA ARG GA 114 -57.29 -72.30 -6.01
C ARG GA 114 -57.63 -73.76 -6.17
N ALA HA 1 -10.17 15.69 -86.12
CA ALA HA 1 -10.15 14.51 -86.97
C ALA HA 1 -9.83 13.25 -86.18
N ARG HA 2 -10.83 12.41 -85.99
CA ARG HA 2 -10.74 11.27 -85.08
C ARG HA 2 -10.35 9.99 -85.80
N VAL HA 3 -9.54 9.16 -85.13
CA VAL HA 3 -8.97 7.94 -85.67
C VAL HA 3 -9.53 6.77 -84.88
N LYS HA 4 -10.52 6.06 -85.43
CA LYS HA 4 -10.97 4.80 -84.84
C LYS HA 4 -9.86 3.77 -84.92
N GLY HA 5 -9.82 2.88 -83.94
CA GLY HA 5 -8.83 1.82 -83.95
C GLY HA 5 -9.34 0.54 -84.56
N GLY HA 6 -9.74 0.59 -85.83
CA GLY HA 6 -10.51 -0.46 -86.44
C GLY HA 6 -9.95 -1.87 -86.62
N THR HA 7 -9.01 -2.06 -87.53
CA THR HA 7 -8.64 -3.41 -87.94
C THR HA 7 -7.17 -3.74 -87.77
N VAL HA 8 -6.42 -2.97 -87.00
CA VAL HA 8 -4.99 -3.17 -86.87
C VAL HA 8 -4.67 -4.18 -85.77
N THR HA 9 -5.42 -4.11 -84.66
CA THR HA 9 -5.16 -4.98 -83.52
C THR HA 9 -5.54 -6.42 -83.84
N ARG HA 10 -6.63 -6.62 -84.59
CA ARG HA 10 -7.04 -7.96 -84.93
C ARG HA 10 -6.03 -8.63 -85.85
N LYS HA 11 -5.44 -7.88 -86.76
CA LYS HA 11 -4.41 -8.47 -87.62
C LYS HA 11 -3.18 -8.88 -86.81
N ARG HA 12 -2.68 -7.98 -85.97
CA ARG HA 12 -1.53 -8.35 -85.17
C ARG HA 12 -1.81 -9.58 -84.29
N ARG HA 13 -2.98 -9.61 -83.65
CA ARG HA 13 -3.26 -10.71 -82.72
C ARG HA 13 -3.47 -12.02 -83.46
N LYS HA 14 -4.07 -11.98 -84.64
CA LYS HA 14 -4.23 -13.21 -85.41
C LYS HA 14 -2.92 -13.70 -85.98
N LYS HA 15 -1.96 -12.80 -86.23
CA LYS HA 15 -0.61 -13.26 -86.56
C LYS HA 15 0.01 -14.00 -85.39
N VAL HA 16 -0.22 -13.53 -84.17
CA VAL HA 16 0.36 -14.22 -83.02
C VAL HA 16 -0.30 -15.59 -82.81
N LEU HA 17 -1.62 -15.65 -82.93
CA LEU HA 17 -2.31 -16.91 -82.65
C LEU HA 17 -1.98 -17.99 -83.66
N LYS HA 18 -1.67 -17.61 -84.90
CA LYS HA 18 -1.31 -18.59 -85.91
C LYS HA 18 0.01 -19.28 -85.59
N LEU HA 19 0.90 -18.63 -84.87
CA LEU HA 19 2.13 -19.29 -84.48
C LEU HA 19 1.93 -20.30 -83.35
N ALA HA 20 0.76 -20.29 -82.71
CA ALA HA 20 0.49 -21.16 -81.58
C ALA HA 20 -0.35 -22.38 -81.97
N LYS HA 21 -0.38 -22.76 -83.24
CA LYS HA 21 -1.11 -23.95 -83.66
C LYS HA 21 -0.45 -25.21 -83.12
N GLY HA 22 -1.26 -26.10 -82.58
CA GLY HA 22 -0.77 -27.34 -82.03
C GLY HA 22 -0.51 -27.34 -80.54
N TYR HA 23 -0.57 -26.19 -79.89
CA TYR HA 23 -0.39 -26.14 -78.46
C TYR HA 23 -1.62 -26.71 -77.76
N TYR HA 24 -1.53 -26.89 -76.45
CA TYR HA 24 -2.56 -27.56 -75.67
C TYR HA 24 -3.61 -26.58 -75.21
N GLY HA 25 -4.87 -26.87 -75.54
CA GLY HA 25 -5.99 -26.23 -74.90
C GLY HA 25 -6.06 -24.74 -75.12
N SER HA 26 -6.14 -24.01 -74.01
CA SER HA 26 -6.26 -22.56 -74.05
C SER HA 26 -4.97 -21.86 -74.44
N LYS HA 27 -3.90 -22.60 -74.72
CA LYS HA 27 -2.64 -22.04 -75.19
C LYS HA 27 -2.59 -21.89 -76.70
N HIS HA 28 -3.52 -22.47 -77.45
CA HIS HA 28 -3.64 -22.11 -78.84
C HIS HA 28 -4.90 -21.30 -79.15
N THR HA 29 -5.71 -20.95 -78.14
CA THR HA 29 -6.97 -20.25 -78.41
C THR HA 29 -7.09 -18.86 -77.82
N LEU HA 30 -6.48 -18.58 -76.68
CA LEU HA 30 -6.56 -17.27 -76.06
C LEU HA 30 -5.29 -16.47 -76.33
N PHE HA 31 -5.44 -15.17 -76.57
CA PHE HA 31 -4.30 -14.38 -77.05
C PHE HA 31 -3.22 -14.21 -75.99
N LYS HA 32 -3.58 -13.99 -74.74
CA LYS HA 32 -2.54 -13.77 -73.72
C LYS HA 32 -1.74 -15.04 -73.45
N SER HA 33 -2.44 -16.17 -73.32
CA SER HA 33 -1.77 -17.45 -73.14
C SER HA 33 -0.80 -17.73 -74.27
N ALA HA 34 -1.25 -17.52 -75.51
CA ALA HA 34 -0.43 -17.80 -76.68
C ALA HA 34 0.76 -16.86 -76.75
N LYS HA 35 0.56 -15.59 -76.39
CA LYS HA 35 1.64 -14.62 -76.42
C LYS HA 35 2.79 -15.06 -75.53
N GLU HA 36 2.48 -15.43 -74.29
CA GLU HA 36 3.52 -15.87 -73.37
C GLU HA 36 4.20 -17.14 -73.87
N GLN HA 37 3.40 -18.11 -74.31
CA GLN HA 37 3.99 -19.37 -74.77
C GLN HA 37 4.92 -19.17 -75.95
N VAL HA 38 4.54 -18.31 -76.89
CA VAL HA 38 5.34 -18.08 -78.09
C VAL HA 38 6.66 -17.39 -77.74
N MET HA 39 6.63 -16.46 -76.77
CA MET HA 39 7.88 -15.88 -76.29
C MET HA 39 8.83 -16.94 -75.71
N ASN HA 40 8.28 -17.87 -74.94
CA ASN HA 40 9.13 -18.92 -74.38
C ASN HA 40 9.70 -19.83 -75.45
N SER HA 41 8.93 -20.10 -76.50
CA SER HA 41 9.44 -20.94 -77.57
C SER HA 41 10.58 -20.24 -78.32
N TYR HA 42 10.48 -18.94 -78.53
CA TYR HA 42 11.60 -18.21 -79.14
C TYR HA 42 12.87 -18.40 -78.33
N TYR HA 43 12.76 -18.22 -77.01
CA TYR HA 43 13.92 -18.41 -76.15
C TYR HA 43 14.49 -19.82 -76.29
N TYR HA 44 13.63 -20.85 -76.23
CA TYR HA 44 14.09 -22.23 -76.34
C TYR HA 44 14.77 -22.54 -77.66
N ALA HA 45 14.23 -22.03 -78.77
CA ALA HA 45 14.83 -22.31 -80.08
C ALA HA 45 16.20 -21.68 -80.24
N PHE HA 46 16.39 -20.44 -79.75
CA PHE HA 46 17.73 -19.87 -79.80
C PHE HA 46 18.69 -20.69 -78.95
N ARG HA 47 18.27 -21.09 -77.75
CA ARG HA 47 19.13 -21.91 -76.91
C ARG HA 47 19.51 -23.22 -77.58
N ASP HA 48 18.56 -23.85 -78.26
CA ASP HA 48 18.75 -25.19 -78.78
C ASP HA 48 19.45 -25.24 -80.13
N ARG HA 49 19.57 -24.13 -80.84
CA ARG HA 49 20.46 -24.13 -81.98
C ARG HA 49 21.91 -24.34 -81.57
N ARG HA 50 22.30 -23.83 -80.40
CA ARG HA 50 23.67 -24.00 -79.92
C ARG HA 50 23.91 -25.34 -79.24
N GLN HA 51 22.88 -25.94 -78.66
CA GLN HA 51 23.05 -27.20 -77.97
C GLN HA 51 23.02 -28.39 -78.91
N LYS HA 52 22.47 -28.20 -80.10
CA LYS HA 52 22.45 -29.23 -81.12
C LYS HA 52 23.86 -29.69 -81.46
N LYS HA 53 24.77 -28.74 -81.67
CA LYS HA 53 26.13 -29.02 -82.12
C LYS HA 53 26.95 -29.78 -81.11
N ARG HA 54 26.54 -29.78 -79.84
CA ARG HA 54 27.16 -30.58 -78.80
C ARG HA 54 26.63 -32.02 -78.80
N ASP HA 55 25.32 -32.18 -79.01
CA ASP HA 55 24.69 -33.48 -78.94
C ASP HA 55 25.23 -34.43 -80.02
N PHE HA 56 25.35 -33.94 -81.24
CA PHE HA 56 25.85 -34.82 -82.29
C PHE HA 56 27.33 -35.13 -82.11
N ARG HA 57 28.11 -34.24 -81.48
CA ARG HA 57 29.52 -34.57 -81.24
C ARG HA 57 29.66 -35.67 -80.19
N LYS HA 58 28.83 -35.63 -79.15
CA LYS HA 58 28.86 -36.72 -78.19
C LYS HA 58 28.38 -38.03 -78.80
N LEU HA 59 27.41 -37.97 -79.70
CA LEU HA 59 26.90 -39.17 -80.37
C LEU HA 59 27.98 -39.83 -81.24
N TRP HA 60 28.62 -39.03 -82.09
CA TRP HA 60 29.73 -39.54 -82.89
C TRP HA 60 30.83 -40.12 -82.02
N ILE HA 61 31.25 -39.40 -80.96
CA ILE HA 61 32.36 -39.87 -80.12
C ILE HA 61 32.06 -41.22 -79.50
N ALA HA 62 30.84 -41.43 -78.99
CA ALA HA 62 30.54 -42.71 -78.37
C ALA HA 62 30.51 -43.85 -79.40
N ARG HA 63 30.03 -43.58 -80.62
CA ARG HA 63 30.08 -44.63 -81.64
C ARG HA 63 31.50 -44.97 -82.04
N ILE HA 64 32.38 -43.98 -82.08
CA ILE HA 64 33.77 -44.23 -82.44
C ILE HA 64 34.48 -45.03 -81.34
N ASN HA 65 34.23 -44.70 -80.08
CA ASN HA 65 34.78 -45.49 -78.99
C ASN HA 65 34.35 -46.96 -79.11
N ALA HA 66 33.05 -47.18 -79.34
CA ALA HA 66 32.53 -48.53 -79.53
C ALA HA 66 33.25 -49.27 -80.65
N ALA HA 67 33.47 -48.61 -81.78
CA ALA HA 67 34.11 -49.29 -82.90
C ALA HA 67 35.57 -49.58 -82.64
N ALA HA 68 36.27 -48.61 -82.03
CA ALA HA 68 37.72 -48.75 -81.85
C ALA HA 68 38.08 -49.82 -80.84
N ARG HA 69 37.29 -49.95 -79.76
CA ARG HA 69 37.57 -51.00 -78.81
C ARG HA 69 37.47 -52.38 -79.43
N MET HA 70 36.85 -52.50 -80.59
CA MET HA 70 36.86 -53.75 -81.33
C MET HA 70 38.15 -53.98 -82.10
N ASN HA 71 38.93 -52.94 -82.35
CA ASN HA 71 40.19 -53.05 -83.04
C ASN HA 71 41.39 -52.88 -82.12
N GLY HA 72 41.22 -53.17 -80.84
CA GLY HA 72 42.32 -53.14 -79.89
C GLY HA 72 42.73 -51.78 -79.37
N LEU HA 73 41.89 -50.77 -79.47
CA LEU HA 73 42.24 -49.42 -79.03
C LEU HA 73 41.11 -48.84 -78.17
N SER HA 74 41.34 -47.66 -77.64
CA SER HA 74 40.28 -46.83 -77.09
C SER HA 74 40.25 -45.51 -77.85
N TYR HA 75 39.27 -44.67 -77.53
CA TYR HA 75 39.07 -43.44 -78.27
C TYR HA 75 40.29 -42.53 -78.17
N SER HA 76 40.88 -42.38 -76.99
CA SER HA 76 41.90 -41.37 -76.81
C SER HA 76 43.21 -41.76 -77.47
N LYS HA 77 43.60 -43.02 -77.36
CA LYS HA 77 44.80 -43.51 -78.02
C LYS HA 77 44.68 -43.48 -79.53
N LEU HA 78 43.48 -43.76 -80.07
CA LEU HA 78 43.30 -43.75 -81.52
C LEU HA 78 43.32 -42.34 -82.08
N MET HA 79 42.76 -41.38 -81.35
CA MET HA 79 42.84 -39.99 -81.79
C MET HA 79 44.28 -39.48 -81.76
N HIS HA 80 45.02 -39.79 -80.70
CA HIS HA 80 46.43 -39.45 -80.70
C HIS HA 80 47.17 -40.08 -81.86
N GLY HA 81 46.92 -41.37 -82.12
CA GLY HA 81 47.58 -42.03 -83.22
C GLY HA 81 47.28 -41.39 -84.56
N LEU HA 82 46.02 -41.01 -84.79
CA LEU HA 82 45.70 -40.36 -86.06
C LEU HA 82 46.33 -38.99 -86.16
N LYS HA 83 46.49 -38.27 -85.06
CA LYS HA 83 47.16 -36.97 -85.14
C LYS HA 83 48.64 -37.11 -85.42
N LEU HA 84 49.31 -38.07 -84.77
CA LEU HA 84 50.74 -38.28 -85.05
C LEU HA 84 51.02 -38.78 -86.45
N ALA HA 85 50.01 -39.14 -87.22
CA ALA HA 85 50.19 -39.58 -88.59
C ALA HA 85 49.77 -38.54 -89.61
N GLU HA 86 49.20 -37.41 -89.17
CA GLU HA 86 48.68 -36.36 -90.04
C GLU HA 86 47.48 -36.84 -90.86
N ILE HA 87 46.45 -37.30 -90.15
CA ILE HA 87 45.14 -37.61 -90.75
C ILE HA 87 44.12 -36.66 -90.15
N ASP HA 88 43.19 -36.18 -90.98
CA ASP HA 88 42.34 -35.05 -90.64
C ASP HA 88 40.88 -35.35 -90.91
N ILE HA 89 40.42 -36.55 -90.61
CA ILE HA 89 39.02 -36.89 -90.77
C ILE HA 89 38.21 -36.33 -89.60
N ASN HA 90 37.03 -35.81 -89.89
CA ASN HA 90 36.06 -35.40 -88.87
C ASN HA 90 35.68 -36.57 -87.99
N ARG HA 91 35.07 -36.25 -86.85
CA ARG HA 91 34.39 -37.26 -86.06
C ARG HA 91 33.10 -37.72 -86.71
N LYS HA 92 32.56 -36.92 -87.63
CA LYS HA 92 31.34 -37.25 -88.36
C LYS HA 92 31.59 -38.34 -89.41
N MET HA 93 32.63 -38.15 -90.23
CA MET HA 93 32.99 -39.15 -91.21
C MET HA 93 33.54 -40.40 -90.55
N LEU HA 94 34.23 -40.26 -89.43
CA LEU HA 94 34.75 -41.42 -88.70
C LEU HA 94 33.62 -42.31 -88.22
N ALA HA 95 32.58 -41.72 -87.63
CA ALA HA 95 31.45 -42.51 -87.19
C ALA HA 95 30.70 -43.11 -88.37
N ASP HA 96 30.56 -42.35 -89.44
CA ASP HA 96 29.89 -42.86 -90.63
C ASP HA 96 30.62 -44.08 -91.19
N LEU HA 97 31.94 -44.02 -91.23
CA LEU HA 97 32.72 -45.20 -91.59
C LEU HA 97 32.50 -46.33 -90.60
N ALA HA 98 32.61 -46.06 -89.30
CA ALA HA 98 32.40 -47.06 -88.28
C ALA HA 98 31.12 -47.86 -88.46
N VAL HA 99 30.07 -47.24 -88.99
CA VAL HA 99 28.83 -47.97 -89.19
C VAL HA 99 28.71 -48.58 -90.59
N ASN HA 100 29.27 -47.96 -91.63
CA ASN HA 100 29.07 -48.44 -93.00
C ASN HA 100 30.23 -49.27 -93.55
N ASP HA 101 31.48 -48.82 -93.39
CA ASP HA 101 32.65 -49.43 -94.03
C ASP HA 101 33.66 -49.83 -92.94
N ALA HA 102 33.42 -50.99 -92.34
CA ALA HA 102 34.29 -51.47 -91.28
C ALA HA 102 35.70 -51.70 -91.77
N ALA HA 103 35.88 -52.06 -93.03
CA ALA HA 103 37.22 -52.29 -93.56
C ALA HA 103 38.01 -51.00 -93.67
N ALA HA 104 37.35 -49.92 -94.10
CA ALA HA 104 38.01 -48.62 -94.06
C ALA HA 104 38.36 -48.21 -92.63
N PHE HA 105 37.44 -48.44 -91.70
CA PHE HA 105 37.77 -48.10 -90.31
C PHE HA 105 38.96 -48.91 -89.80
N THR HA 106 39.12 -50.16 -90.24
CA THR HA 106 40.27 -50.94 -89.80
C THR HA 106 41.57 -50.49 -90.47
N ALA HA 107 41.53 -50.15 -91.75
CA ALA HA 107 42.70 -49.53 -92.38
C ALA HA 107 43.17 -48.33 -91.55
N LEU HA 108 42.23 -47.48 -91.16
CA LEU HA 108 42.64 -46.29 -90.41
C LEU HA 108 43.17 -46.64 -89.03
N ALA HA 109 42.53 -47.59 -88.34
CA ALA HA 109 42.98 -47.98 -87.02
C ALA HA 109 44.36 -48.64 -87.07
N GLU HA 110 44.70 -49.31 -88.17
CA GLU HA 110 46.05 -49.86 -88.31
C GLU HA 110 47.07 -48.75 -88.52
N GLN HA 111 46.73 -47.75 -89.34
CA GLN HA 111 47.66 -46.64 -89.48
C GLN HA 111 47.93 -45.96 -88.14
N ALA HA 112 46.88 -45.76 -87.33
CA ALA HA 112 47.08 -45.17 -86.02
C ALA HA 112 47.90 -46.08 -85.12
N LYS HA 113 47.70 -47.39 -85.19
CA LYS HA 113 48.47 -48.29 -84.35
C LYS HA 113 49.94 -48.28 -84.72
N ASP HA 114 50.25 -48.12 -86.00
CA ASP HA 114 51.64 -48.05 -86.42
C ASP HA 114 52.26 -46.69 -86.09
N ALA HA 115 51.46 -45.62 -86.08
CA ALA HA 115 52.02 -44.30 -85.79
C ALA HA 115 52.52 -44.21 -84.36
N LEU HA 116 51.72 -44.64 -83.39
CA LEU HA 116 52.14 -44.56 -81.99
C LEU HA 116 52.88 -45.79 -81.52
N SER HA 117 53.33 -46.63 -82.46
CA SER HA 117 54.23 -47.73 -82.13
C SER HA 117 55.68 -47.28 -82.01
N LYS HA 118 56.01 -46.09 -82.46
CA LYS HA 118 57.38 -45.59 -82.44
C LYS HA 118 58.01 -45.72 -81.06
N MET IA 1 31.60 -46.60 -104.63
CA MET IA 1 32.74 -45.70 -104.81
C MET IA 1 32.58 -44.45 -103.93
N TYR IA 2 33.58 -44.19 -103.09
CA TYR IA 2 33.53 -43.15 -102.06
C TYR IA 2 34.64 -42.14 -102.27
N ALA IA 3 34.34 -40.87 -101.98
CA ALA IA 3 35.40 -39.90 -101.74
C ALA IA 3 34.92 -38.92 -100.70
N ILE IA 4 35.85 -38.39 -99.92
CA ILE IA 4 35.57 -37.40 -98.88
C ILE IA 4 36.40 -36.16 -99.17
N ILE IA 5 35.73 -35.01 -99.19
CA ILE IA 5 36.29 -33.75 -99.66
C ILE IA 5 36.08 -32.67 -98.60
N LYS IA 6 36.99 -31.69 -98.58
CA LYS IA 6 36.82 -30.51 -97.75
C LYS IA 6 36.17 -29.41 -98.57
N THR IA 7 34.94 -29.06 -98.24
CA THR IA 7 34.28 -27.91 -98.83
C THR IA 7 33.70 -27.07 -97.71
N GLY IA 8 33.49 -25.80 -97.99
CA GLY IA 8 33.04 -24.91 -96.94
C GLY IA 8 34.05 -24.90 -95.83
N GLY IA 9 33.57 -25.05 -94.60
CA GLY IA 9 34.49 -25.31 -93.52
C GLY IA 9 34.36 -26.72 -92.99
N LYS IA 10 33.73 -27.61 -93.78
CA LYS IA 10 33.36 -28.94 -93.34
C LYS IA 10 33.83 -30.01 -94.31
N GLN IA 11 33.39 -31.26 -94.11
CA GLN IA 11 33.70 -32.37 -95.00
C GLN IA 11 32.43 -33.04 -95.46
N VAL IA 12 32.41 -33.54 -96.70
CA VAL IA 12 31.23 -34.21 -97.25
C VAL IA 12 31.65 -35.52 -97.90
N LYS IA 13 30.69 -36.45 -97.95
CA LYS IA 13 30.82 -37.72 -98.64
C LYS IA 13 30.17 -37.63 -100.02
N VAL IA 14 30.82 -38.22 -101.03
CA VAL IA 14 30.60 -37.85 -102.42
C VAL IA 14 30.45 -39.10 -103.29
N GLU IA 15 29.71 -38.97 -104.39
CA GLU IA 15 29.45 -40.10 -105.29
C GLU IA 15 29.07 -39.59 -106.67
N VAL IA 16 29.42 -40.38 -107.70
CA VAL IA 16 29.00 -40.02 -109.06
C VAL IA 16 27.50 -40.22 -109.20
N GLY IA 17 26.80 -39.18 -109.63
CA GLY IA 17 25.40 -39.25 -109.91
C GLY IA 17 24.51 -38.56 -108.90
N GLN IA 18 25.05 -38.26 -107.72
CA GLN IA 18 24.30 -37.66 -106.63
C GLN IA 18 24.59 -36.18 -106.52
N ALA IA 19 23.66 -35.44 -105.92
CA ALA IA 19 23.76 -34.00 -105.81
C ALA IA 19 23.96 -33.59 -104.36
N ILE IA 20 24.69 -32.50 -104.17
CA ILE IA 20 25.16 -32.08 -102.86
C ILE IA 20 24.90 -30.60 -102.67
N TYR IA 21 24.55 -30.23 -101.45
CA TYR IA 21 24.37 -28.83 -101.07
C TYR IA 21 25.59 -28.35 -100.28
N VAL IA 22 25.87 -27.07 -100.37
CA VAL IA 22 27.19 -26.56 -100.00
C VAL IA 22 27.11 -25.05 -99.81
N GLU IA 23 28.06 -24.49 -99.05
CA GLU IA 23 28.17 -23.04 -98.91
C GLU IA 23 28.40 -22.37 -100.26
N LYS IA 24 28.09 -21.08 -100.32
CA LYS IA 24 28.07 -20.35 -101.59
C LYS IA 24 29.47 -20.24 -102.20
N LEU IA 25 29.56 -20.38 -103.53
CA LEU IA 25 30.82 -20.73 -104.19
C LEU IA 25 31.50 -19.64 -105.02
N ASN IA 26 30.78 -18.67 -105.57
CA ASN IA 26 31.31 -17.71 -106.56
C ASN IA 26 31.52 -18.36 -107.92
N VAL IA 27 30.51 -19.11 -108.38
CA VAL IA 27 30.50 -19.74 -109.69
C VAL IA 27 29.08 -19.72 -110.22
N GLU IA 28 28.87 -19.23 -111.43
CA GLU IA 28 27.52 -19.12 -111.96
C GLU IA 28 26.97 -20.48 -112.37
N ALA IA 29 25.64 -20.59 -112.36
CA ALA IA 29 24.98 -21.86 -112.67
C ALA IA 29 25.33 -22.34 -114.07
N GLY IA 30 25.59 -23.64 -114.17
CA GLY IA 30 25.90 -24.28 -115.43
C GLY IA 30 27.37 -24.53 -115.66
N GLU IA 31 28.24 -23.96 -114.84
CA GLU IA 31 29.67 -24.03 -115.04
C GLU IA 31 30.29 -25.13 -114.16
N LYS IA 32 31.55 -25.41 -114.42
CA LYS IA 32 32.21 -26.57 -113.86
C LYS IA 32 33.10 -26.19 -112.69
N VAL IA 33 33.27 -27.12 -111.76
CA VAL IA 33 34.07 -26.88 -110.56
C VAL IA 33 34.97 -28.06 -110.31
N VAL IA 34 36.13 -27.78 -109.70
CA VAL IA 34 37.11 -28.77 -109.33
C VAL IA 34 37.34 -28.67 -107.83
N PHE IA 35 37.02 -29.72 -107.11
CA PHE IA 35 37.32 -29.83 -105.68
C PHE IA 35 38.70 -30.46 -105.54
N ASP IA 36 39.69 -29.65 -105.16
CA ASP IA 36 41.09 -30.06 -105.16
C ASP IA 36 41.43 -31.02 -104.02
N GLU IA 37 40.97 -30.74 -102.80
CA GLU IA 37 41.39 -31.49 -101.61
C GLU IA 37 40.51 -32.71 -101.43
N VAL IA 38 41.09 -33.89 -101.59
CA VAL IA 38 40.42 -35.16 -101.31
C VAL IA 38 41.05 -35.79 -100.08
N ILE IA 39 40.22 -36.25 -99.16
CA ILE IA 39 40.69 -36.73 -97.86
C ILE IA 39 40.87 -38.23 -97.85
N LEU IA 40 39.99 -38.95 -98.55
CA LEU IA 40 39.97 -40.39 -98.57
C LEU IA 40 39.24 -40.84 -99.81
N VAL IA 41 39.80 -41.82 -100.51
CA VAL IA 41 39.13 -42.43 -101.66
C VAL IA 41 38.77 -43.86 -101.32
N GLY IA 42 37.58 -44.08 -100.82
CA GLY IA 42 37.14 -45.41 -100.51
C GLY IA 42 36.63 -46.15 -101.71
N GLY IA 43 35.55 -46.90 -101.55
CA GLY IA 43 35.08 -47.73 -102.64
C GLY IA 43 35.34 -49.19 -102.41
N GLU IA 44 36.27 -49.77 -103.17
CA GLU IA 44 36.66 -51.15 -102.98
C GLU IA 44 37.87 -51.26 -102.07
N SER IA 45 38.96 -50.61 -102.44
CA SER IA 45 40.13 -50.42 -101.59
C SER IA 45 40.22 -48.95 -101.21
N THR IA 46 40.62 -48.69 -99.97
CA THR IA 46 40.69 -47.34 -99.44
C THR IA 46 42.08 -46.78 -99.63
N LYS IA 47 42.16 -45.47 -99.93
CA LYS IA 47 43.43 -44.74 -99.99
C LYS IA 47 43.43 -43.76 -98.82
N VAL IA 48 44.05 -44.15 -97.71
CA VAL IA 48 44.05 -43.36 -96.49
C VAL IA 48 45.32 -42.53 -96.49
N GLY IA 49 45.25 -41.33 -97.04
CA GLY IA 49 46.42 -40.49 -97.18
C GLY IA 49 46.56 -39.44 -96.11
N ALA IA 50 47.81 -39.17 -95.72
CA ALA IA 50 48.13 -38.01 -94.90
C ALA IA 50 47.56 -36.82 -95.65
N PRO IA 51 47.39 -35.65 -95.03
CA PRO IA 51 46.11 -34.96 -95.12
C PRO IA 51 45.31 -35.20 -96.39
N THR IA 52 45.93 -35.16 -97.56
CA THR IA 52 45.19 -35.33 -98.79
C THR IA 52 45.75 -36.47 -99.63
N VAL IA 53 44.91 -37.00 -100.51
CA VAL IA 53 45.35 -38.03 -101.45
C VAL IA 53 46.01 -37.34 -102.63
N ALA IA 54 47.27 -37.69 -102.89
CA ALA IA 54 48.08 -37.04 -103.91
C ALA IA 54 47.50 -37.24 -105.30
N GLY IA 55 47.03 -36.15 -105.90
CA GLY IA 55 46.65 -36.15 -107.30
C GLY IA 55 45.22 -36.55 -107.61
N ALA IA 56 44.32 -36.54 -106.64
CA ALA IA 56 42.92 -36.88 -106.89
C ALA IA 56 42.08 -35.60 -106.81
N THR IA 57 41.25 -35.38 -107.82
CA THR IA 57 40.28 -34.29 -107.81
C THR IA 57 38.90 -34.87 -108.03
N VAL IA 58 37.88 -34.01 -107.89
CA VAL IA 58 36.49 -34.38 -108.09
C VAL IA 58 35.83 -33.29 -108.93
N GLU IA 59 35.10 -33.69 -109.96
CA GLU IA 59 34.55 -32.73 -110.90
C GLU IA 59 33.02 -32.67 -110.81
N GLY IA 60 32.47 -31.48 -111.01
CA GLY IA 60 31.04 -31.29 -110.84
C GLY IA 60 30.51 -30.16 -111.71
N THR IA 61 29.19 -29.99 -111.67
CA THR IA 61 28.53 -28.86 -112.32
C THR IA 61 27.57 -28.19 -111.35
N VAL IA 62 27.73 -26.87 -111.18
CA VAL IA 62 26.79 -26.08 -110.40
C VAL IA 62 25.43 -26.10 -111.07
N GLU IA 63 24.38 -26.24 -110.26
CA GLU IA 63 23.02 -26.32 -110.77
C GLU IA 63 22.12 -25.17 -110.36
N LYS IA 64 22.37 -24.53 -109.22
CA LYS IA 64 21.37 -23.64 -108.66
C LYS IA 64 21.95 -22.93 -107.45
N HIS IA 65 21.72 -21.63 -107.36
CA HIS IA 65 22.02 -20.87 -106.15
C HIS IA 65 20.71 -20.59 -105.43
N GLY IA 66 20.66 -20.92 -104.14
CA GLY IA 66 19.41 -20.76 -103.45
C GLY IA 66 19.49 -20.06 -102.12
N LYS IA 67 18.44 -20.20 -101.34
CA LYS IA 67 18.41 -19.69 -99.97
C LYS IA 67 17.76 -20.73 -99.08
N GLN IA 68 18.26 -20.84 -97.86
CA GLN IA 68 17.61 -21.74 -96.94
C GLN IA 68 16.33 -21.13 -96.40
N LYS IA 69 15.58 -21.93 -95.67
CA LYS IA 69 14.42 -21.43 -94.98
C LYS IA 69 14.82 -20.44 -93.89
N LYS IA 70 13.83 -19.68 -93.43
CA LYS IA 70 14.10 -18.55 -92.58
C LYS IA 70 14.23 -18.92 -91.11
N VAL IA 71 15.22 -18.35 -90.45
CA VAL IA 71 15.40 -18.47 -89.01
C VAL IA 71 15.07 -17.12 -88.37
N VAL IA 72 14.37 -17.16 -87.24
CA VAL IA 72 14.08 -15.98 -86.44
C VAL IA 72 14.82 -16.11 -85.12
N THR IA 73 15.54 -15.06 -84.75
CA THR IA 73 16.28 -15.01 -83.49
C THR IA 73 15.70 -13.88 -82.65
N PHE IA 74 15.04 -14.23 -81.57
CA PHE IA 74 14.30 -13.30 -80.71
C PHE IA 74 14.81 -13.41 -79.28
N GLN IA 75 14.95 -12.27 -78.60
CA GLN IA 75 15.72 -12.19 -77.37
C GLN IA 75 15.07 -11.22 -76.40
N TYR IA 76 14.71 -11.68 -75.20
CA TYR IA 76 14.17 -10.80 -74.18
C TYR IA 76 14.70 -11.18 -72.81
N LYS IA 77 14.67 -10.21 -71.90
CA LYS IA 77 15.11 -10.39 -70.53
C LYS IA 77 13.92 -10.26 -69.59
N PRO IA 78 13.49 -11.33 -68.93
CA PRO IA 78 12.28 -11.27 -68.12
C PRO IA 78 12.32 -10.14 -67.11
N LYS IA 79 11.26 -9.33 -67.11
CA LYS IA 79 10.96 -8.21 -66.22
C LYS IA 79 11.70 -6.92 -66.56
N LYS IA 80 12.60 -6.91 -67.56
CA LYS IA 80 13.41 -5.74 -67.85
C LYS IA 80 12.94 -4.99 -69.08
N HIS IA 81 11.67 -5.13 -69.44
CA HIS IA 81 10.96 -4.31 -70.43
C HIS IA 81 11.80 -3.99 -71.67
N SER IA 82 12.23 -5.03 -72.36
CA SER IA 82 13.09 -4.86 -73.52
C SER IA 82 13.25 -6.18 -74.27
N HIS IA 83 13.29 -6.10 -75.59
CA HIS IA 83 13.42 -7.25 -76.48
C HIS IA 83 13.98 -6.76 -77.80
N ARG IA 84 14.42 -7.70 -78.65
CA ARG IA 84 14.98 -7.38 -79.96
C ARG IA 84 14.83 -8.58 -80.89
N LYS IA 85 14.43 -8.33 -82.14
CA LYS IA 85 14.01 -9.39 -83.06
C LYS IA 85 14.68 -9.25 -84.43
N GLN IA 86 15.09 -10.39 -84.99
CA GLN IA 86 15.93 -10.40 -86.19
C GLN IA 86 15.66 -11.66 -87.00
N GLY IA 87 15.64 -11.53 -88.33
CA GLY IA 87 15.50 -12.64 -89.24
C GLY IA 87 16.76 -12.92 -90.04
N HIS IA 88 16.79 -14.11 -90.65
CA HIS IA 88 17.97 -14.55 -91.37
C HIS IA 88 17.72 -15.72 -92.31
N ARG IA 89 18.05 -15.56 -93.59
CA ARG IA 89 18.07 -16.65 -94.57
C ARG IA 89 19.47 -16.78 -95.14
N GLN IA 90 19.96 -18.01 -95.27
CA GLN IA 90 21.33 -18.43 -95.56
C GLN IA 90 21.49 -18.85 -97.01
N PRO IA 91 22.51 -18.36 -97.72
CA PRO IA 91 22.76 -18.82 -99.09
C PRO IA 91 23.34 -20.22 -99.16
N TYR IA 92 23.11 -20.87 -100.30
CA TYR IA 92 23.73 -22.16 -100.63
C TYR IA 92 23.89 -22.27 -102.14
N THR IA 93 24.67 -23.27 -102.56
CA THR IA 93 24.72 -23.71 -103.95
C THR IA 93 24.56 -25.22 -104.04
N LYS IA 94 23.93 -25.68 -105.10
CA LYS IA 94 23.75 -27.11 -105.35
C LYS IA 94 24.68 -27.56 -106.46
N VAL IA 95 25.34 -28.70 -106.26
CA VAL IA 95 26.34 -29.20 -107.18
C VAL IA 95 26.03 -30.66 -107.50
N MET IA 96 26.13 -31.02 -108.78
CA MET IA 96 26.08 -32.41 -109.20
C MET IA 96 27.49 -32.96 -109.38
N ILE IA 97 27.68 -34.23 -109.05
CA ILE IA 97 29.01 -34.84 -109.11
C ILE IA 97 29.15 -35.67 -110.36
N GLU IA 98 30.33 -35.60 -110.96
CA GLU IA 98 30.70 -36.36 -112.14
C GLU IA 98 32.16 -36.74 -112.03
N ALA IA 99 32.47 -38.02 -112.24
CA ALA IA 99 33.86 -38.47 -112.38
C ALA IA 99 34.69 -38.12 -111.13
N ILE IA 100 34.42 -38.84 -110.05
CA ILE IA 100 35.43 -38.94 -109.00
C ILE IA 100 36.72 -39.39 -109.63
N ASN IA 101 37.83 -38.82 -109.16
CA ASN IA 101 39.15 -38.92 -109.76
C ASN IA 101 39.44 -40.21 -110.51
N ALA IA 102 39.96 -40.07 -111.71
CA ALA IA 102 40.40 -41.22 -112.50
C ALA IA 102 41.66 -40.87 -113.29
N GLN JA 1 -32.15 -38.46 -107.31
CA GLN JA 1 -33.17 -38.34 -106.27
C GLN JA 1 -32.55 -38.23 -104.90
N ILE JA 2 -33.02 -37.26 -104.12
CA ILE JA 2 -32.55 -37.04 -102.77
C ILE JA 2 -33.14 -38.13 -101.88
N THR JA 3 -32.34 -38.63 -100.94
CA THR JA 3 -32.82 -39.65 -100.00
C THR JA 3 -32.46 -39.24 -98.57
N SER JA 4 -33.20 -38.29 -98.02
CA SER JA 4 -32.89 -37.71 -96.71
C SER JA 4 -33.87 -36.61 -96.39
N ALA JA 5 -34.18 -36.40 -95.12
CA ALA JA 5 -35.13 -35.37 -94.72
C ALA JA 5 -34.86 -34.94 -93.29
N LYS JA 6 -34.94 -33.64 -93.03
CA LYS JA 6 -34.71 -33.12 -91.71
C LYS JA 6 -35.93 -32.36 -91.18
N ALA JA 7 -35.98 -32.22 -89.86
CA ALA JA 7 -36.88 -31.30 -89.21
C ALA JA 7 -36.10 -30.59 -88.12
N THR JA 8 -36.67 -29.54 -87.56
CA THR JA 8 -36.01 -28.85 -86.46
C THR JA 8 -37.03 -28.08 -85.65
N ALA JA 9 -36.76 -27.97 -84.35
CA ALA JA 9 -37.52 -27.15 -83.42
C ALA JA 9 -36.62 -26.06 -82.87
N LYS JA 10 -37.12 -24.84 -82.81
CA LYS JA 10 -36.31 -23.69 -82.46
C LYS JA 10 -36.84 -23.00 -81.21
N THR JA 11 -35.93 -22.65 -80.32
CA THR JA 11 -36.22 -21.98 -79.07
C THR JA 11 -37.30 -22.74 -78.29
N VAL JA 12 -37.04 -24.00 -78.07
CA VAL JA 12 -37.81 -24.79 -77.12
C VAL JA 12 -37.29 -24.52 -75.72
N ARG JA 13 -38.19 -24.51 -74.75
CA ARG JA 13 -37.87 -24.06 -73.40
C ARG JA 13 -37.45 -25.23 -72.51
N THR JA 14 -36.35 -25.86 -72.90
CA THR JA 14 -35.63 -26.83 -72.10
C THR JA 14 -34.14 -26.54 -72.21
N SER JA 15 -33.38 -27.05 -71.26
CA SER JA 15 -31.94 -26.79 -71.20
C SER JA 15 -31.20 -27.71 -72.17
N PRO JA 16 -30.17 -27.19 -72.85
CA PRO JA 16 -29.46 -28.00 -73.83
C PRO JA 16 -28.60 -29.10 -73.28
N ARG JA 17 -28.28 -29.10 -71.99
CA ARG JA 17 -27.47 -30.19 -71.45
C ARG JA 17 -28.31 -31.43 -71.20
N LYS JA 18 -29.54 -31.26 -70.73
CA LYS JA 18 -30.37 -32.41 -70.41
C LYS JA 18 -30.94 -33.05 -71.67
N ALA JA 19 -31.26 -32.25 -72.68
CA ALA JA 19 -31.74 -32.77 -73.95
C ALA JA 19 -30.69 -33.63 -74.64
N ARG JA 20 -29.41 -33.40 -74.37
CA ARG JA 20 -28.37 -34.20 -74.95
C ARG JA 20 -28.24 -35.58 -74.33
N LEU JA 21 -28.65 -35.79 -73.08
CA LEU JA 21 -28.64 -37.14 -72.53
C LEU JA 21 -29.62 -38.05 -73.25
N VAL JA 22 -30.76 -37.52 -73.67
CA VAL JA 22 -31.76 -38.33 -74.34
C VAL JA 22 -31.36 -38.61 -75.79
N ILE JA 23 -30.79 -37.61 -76.47
CA ILE JA 23 -30.56 -37.74 -77.90
C ILE JA 23 -29.34 -38.61 -78.22
N ASP JA 24 -28.48 -38.87 -77.25
CA ASP JA 24 -27.41 -39.83 -77.49
C ASP JA 24 -27.90 -41.27 -77.44
N LEU JA 25 -29.08 -41.52 -76.87
CA LEU JA 25 -29.73 -42.83 -76.82
C LEU JA 25 -30.38 -43.23 -78.13
N ILE JA 26 -30.37 -42.35 -79.12
CA ILE JA 26 -31.22 -42.52 -80.30
C ILE JA 26 -30.45 -42.43 -81.59
N ARG JA 27 -29.20 -41.96 -81.55
CA ARG JA 27 -28.40 -41.75 -82.73
C ARG JA 27 -27.96 -43.07 -83.32
N GLY JA 28 -28.05 -43.20 -84.64
CA GLY JA 28 -27.64 -44.40 -85.32
C GLY JA 28 -28.64 -45.53 -85.27
N LYS JA 29 -29.84 -45.30 -84.78
CA LYS JA 29 -30.85 -46.34 -84.67
C LYS JA 29 -31.77 -46.30 -85.86
N SER JA 30 -32.48 -47.39 -86.06
CA SER JA 30 -33.57 -47.40 -87.01
C SER JA 30 -34.74 -46.60 -86.45
N VAL JA 31 -35.52 -46.00 -87.35
CA VAL JA 31 -36.66 -45.21 -86.90
C VAL JA 31 -37.64 -46.07 -86.11
N ALA JA 32 -37.66 -47.37 -86.38
CA ALA JA 32 -38.55 -48.25 -85.62
C ALA JA 32 -38.14 -48.31 -84.14
N ASP JA 33 -36.85 -48.40 -83.86
CA ASP JA 33 -36.35 -48.52 -82.49
C ASP JA 33 -36.42 -47.21 -81.72
N ALA JA 34 -36.20 -46.09 -82.40
CA ALA JA 34 -36.08 -44.82 -81.71
C ALA JA 34 -37.40 -44.43 -81.05
N ILE JA 35 -38.53 -44.76 -81.68
CA ILE JA 35 -39.81 -44.35 -81.15
C ILE JA 35 -40.11 -45.06 -79.85
N SER JA 36 -39.91 -46.37 -79.81
CA SER JA 36 -40.14 -47.11 -78.57
C SER JA 36 -39.15 -46.71 -77.50
N ILE JA 37 -37.90 -46.44 -77.86
CA ILE JA 37 -36.96 -45.96 -76.86
C ILE JA 37 -37.43 -44.64 -76.25
N LEU JA 38 -37.97 -43.74 -77.09
CA LEU JA 38 -38.45 -42.46 -76.58
C LEU JA 38 -39.71 -42.61 -75.75
N LYS JA 39 -40.56 -43.58 -76.06
CA LYS JA 39 -41.80 -43.74 -75.30
C LYS JA 39 -41.57 -44.21 -73.88
N PHE JA 40 -40.44 -44.85 -73.58
CA PHE JA 40 -40.24 -45.41 -72.25
C PHE JA 40 -39.19 -44.66 -71.43
N THR JA 41 -38.76 -43.47 -71.86
CA THR JA 41 -37.91 -42.64 -71.05
C THR JA 41 -38.75 -41.54 -70.41
N PRO JA 42 -38.78 -41.41 -69.09
CA PRO JA 42 -39.61 -40.36 -68.49
C PRO JA 42 -38.93 -39.02 -68.28
N ASN JA 43 -38.09 -38.56 -69.19
CA ASN JA 43 -37.41 -37.29 -69.01
C ASN JA 43 -38.11 -36.25 -69.87
N LYS JA 44 -38.21 -35.03 -69.36
CA LYS JA 44 -39.12 -34.06 -69.95
C LYS JA 44 -38.87 -33.89 -71.43
N SER JA 45 -37.62 -33.93 -71.85
CA SER JA 45 -37.26 -33.70 -73.24
C SER JA 45 -37.42 -34.92 -74.12
N ALA JA 46 -37.80 -36.07 -73.57
CA ALA JA 46 -37.95 -37.26 -74.38
C ALA JA 46 -39.12 -37.13 -75.34
N GLY JA 47 -40.20 -36.49 -74.91
CA GLY JA 47 -41.38 -36.36 -75.76
C GLY JA 47 -41.34 -35.23 -76.76
N ILE JA 48 -40.40 -34.30 -76.62
CA ILE JA 48 -40.20 -33.22 -77.59
C ILE JA 48 -39.39 -33.72 -78.78
N ILE JA 49 -38.33 -34.46 -78.50
CA ILE JA 49 -37.57 -35.14 -79.54
C ILE JA 49 -38.45 -36.12 -80.31
N GLU JA 50 -39.47 -36.67 -79.65
CA GLU JA 50 -40.41 -37.55 -80.33
C GLU JA 50 -41.15 -36.82 -81.44
N LYS JA 51 -41.62 -35.60 -81.16
CA LYS JA 51 -42.31 -34.81 -82.17
C LYS JA 51 -41.39 -34.40 -83.31
N VAL JA 52 -40.14 -34.02 -83.00
CA VAL JA 52 -39.22 -33.66 -84.07
C VAL JA 52 -38.92 -34.87 -84.96
N LEU JA 53 -38.74 -36.05 -84.36
CA LEU JA 53 -38.48 -37.26 -85.12
C LEU JA 53 -39.68 -37.63 -86.01
N MET JA 54 -40.88 -37.45 -85.49
CA MET JA 54 -42.07 -37.77 -86.28
C MET JA 54 -42.29 -36.79 -87.43
N SER JA 55 -41.93 -35.52 -87.25
CA SER JA 55 -41.94 -34.60 -88.38
C SER JA 55 -40.92 -34.99 -89.45
N ALA JA 56 -39.72 -35.40 -89.05
CA ALA JA 56 -38.77 -35.88 -90.06
C ALA JA 56 -39.37 -37.02 -90.88
N VAL JA 57 -40.08 -37.93 -90.21
CA VAL JA 57 -40.65 -39.09 -90.92
C VAL JA 57 -41.79 -38.67 -91.87
N ALA JA 58 -42.70 -37.82 -91.40
CA ALA JA 58 -43.74 -37.33 -92.28
C ALA JA 58 -43.17 -36.59 -93.50
N ASN JA 59 -42.13 -35.80 -93.31
CA ASN JA 59 -41.51 -35.11 -94.43
C ASN JA 59 -40.97 -36.12 -95.45
N ALA JA 60 -40.25 -37.12 -94.97
CA ALA JA 60 -39.78 -38.18 -95.85
C ALA JA 60 -40.91 -38.80 -96.66
N GLU JA 61 -42.00 -39.17 -95.99
CA GLU JA 61 -43.08 -39.86 -96.70
C GLU JA 61 -43.75 -38.95 -97.73
N ASN JA 62 -44.11 -37.73 -97.33
CA ASN JA 62 -44.97 -36.93 -98.19
C ASN JA 62 -44.21 -36.10 -99.20
N ASN JA 63 -43.15 -35.42 -98.80
CA ASN JA 63 -42.49 -34.52 -99.74
C ASN JA 63 -41.64 -35.28 -100.75
N PHE JA 64 -40.77 -36.18 -100.29
CA PHE JA 64 -39.88 -36.88 -101.20
C PHE JA 64 -40.08 -38.38 -101.21
N ASP JA 65 -39.83 -39.05 -100.10
CA ASP JA 65 -39.32 -40.42 -100.12
C ASP JA 65 -40.44 -41.42 -100.26
N LEU JA 66 -40.10 -42.66 -99.91
CA LEU JA 66 -41.04 -43.67 -99.49
C LEU JA 66 -40.31 -44.47 -98.44
N ASP JA 67 -40.84 -45.65 -98.13
CA ASP JA 67 -40.08 -46.70 -97.45
C ASP JA 67 -39.70 -46.27 -96.03
N VAL JA 68 -40.76 -46.16 -95.23
CA VAL JA 68 -40.64 -45.96 -93.79
C VAL JA 68 -39.90 -47.09 -93.10
N GLU JA 69 -39.81 -48.25 -93.74
CA GLU JA 69 -39.17 -49.41 -93.12
C GLU JA 69 -37.67 -49.41 -93.29
N SER JA 70 -37.16 -48.66 -94.25
CA SER JA 70 -35.74 -48.61 -94.51
C SER JA 70 -35.03 -47.49 -93.76
N LEU JA 71 -35.76 -46.51 -93.27
CA LEU JA 71 -35.19 -45.29 -92.72
C LEU JA 71 -34.33 -45.57 -91.49
N VAL JA 72 -33.37 -44.69 -91.25
CA VAL JA 72 -32.40 -44.77 -90.15
C VAL JA 72 -32.14 -43.35 -89.66
N VAL JA 73 -31.95 -43.18 -88.35
CA VAL JA 73 -31.56 -41.90 -87.79
C VAL JA 73 -30.07 -41.70 -88.04
N SER JA 74 -29.72 -40.81 -88.97
CA SER JA 74 -28.33 -40.62 -89.33
C SER JA 74 -27.65 -39.46 -88.62
N GLU JA 75 -28.32 -38.35 -88.38
CA GLU JA 75 -27.72 -37.21 -87.72
C GLU JA 75 -28.65 -36.71 -86.63
N ALA JA 76 -28.07 -36.13 -85.58
CA ALA JA 76 -28.85 -35.59 -84.48
C ALA JA 76 -27.96 -34.69 -83.65
N PHE JA 77 -28.51 -33.55 -83.21
CA PHE JA 77 -27.78 -32.69 -82.30
C PHE JA 77 -28.73 -31.70 -81.64
N VAL JA 78 -28.20 -31.01 -80.64
CA VAL JA 78 -28.93 -30.01 -79.87
C VAL JA 78 -28.00 -28.81 -79.74
N ASN JA 79 -28.45 -27.64 -80.17
CA ASN JA 79 -27.71 -26.39 -80.03
C ASN JA 79 -28.36 -25.52 -78.98
N GLU JA 80 -27.78 -24.36 -78.74
CA GLU JA 80 -28.31 -23.42 -77.75
C GLU JA 80 -29.16 -22.35 -78.41
N GLY JA 81 -30.15 -21.87 -77.68
CA GLY JA 81 -30.92 -20.74 -78.12
C GLY JA 81 -30.67 -19.56 -77.23
N PRO JA 82 -31.28 -18.43 -77.54
CA PRO JA 82 -31.12 -17.25 -76.68
C PRO JA 82 -31.69 -17.49 -75.28
N THR JA 83 -31.05 -16.90 -74.28
CA THR JA 83 -31.46 -17.08 -72.89
C THR JA 83 -32.14 -15.84 -72.33
N MET JA 84 -33.18 -16.07 -71.53
CA MET JA 84 -33.81 -15.02 -70.74
C MET JA 84 -33.04 -14.79 -69.45
N LYS JA 85 -33.09 -13.56 -68.96
CA LYS JA 85 -32.35 -13.15 -67.77
C LYS JA 85 -33.32 -12.71 -66.70
N ARG JA 86 -33.17 -13.28 -65.51
CA ARG JA 86 -33.99 -12.94 -64.36
C ARG JA 86 -33.12 -12.77 -63.12
N PHE JA 87 -33.73 -12.28 -62.05
CA PHE JA 87 -33.05 -12.05 -60.79
C PHE JA 87 -33.90 -12.59 -59.65
N ARG JA 88 -33.26 -13.25 -58.72
CA ARG JA 88 -33.95 -13.73 -57.54
C ARG JA 88 -33.44 -13.03 -56.30
N PRO JA 89 -34.32 -12.52 -55.45
CA PRO JA 89 -33.87 -11.82 -54.26
C PRO JA 89 -33.23 -12.78 -53.26
N ARG JA 90 -32.15 -12.33 -52.67
CA ARG JA 90 -31.34 -13.10 -51.75
C ARG JA 90 -31.48 -12.51 -50.35
N ALA JA 91 -30.73 -13.08 -49.41
CA ALA JA 91 -30.75 -12.55 -48.05
C ALA JA 91 -29.93 -11.27 -47.97
N LYS JA 92 -30.35 -10.38 -47.07
CA LYS JA 92 -29.65 -9.18 -46.67
C LYS JA 92 -29.66 -8.07 -47.72
N GLY JA 93 -30.62 -8.08 -48.64
CA GLY JA 93 -30.84 -6.99 -49.55
C GLY JA 93 -30.20 -7.11 -50.92
N SER JA 94 -29.40 -8.14 -51.16
CA SER JA 94 -28.77 -8.35 -52.45
C SER JA 94 -29.61 -9.30 -53.30
N ALA JA 95 -29.19 -9.50 -54.55
CA ALA JA 95 -29.90 -10.38 -55.48
C ALA JA 95 -28.90 -11.04 -56.42
N SER JA 96 -29.31 -12.18 -56.97
CA SER JA 96 -28.45 -12.94 -57.87
C SER JA 96 -29.20 -13.32 -59.13
N PRO JA 97 -28.49 -13.48 -60.24
CA PRO JA 97 -29.15 -13.73 -61.52
C PRO JA 97 -29.55 -15.18 -61.71
N ILE JA 98 -30.45 -15.39 -62.67
CA ILE JA 98 -30.93 -16.72 -63.04
C ILE JA 98 -31.10 -16.77 -64.55
N ASN JA 99 -30.59 -17.83 -65.17
CA ASN JA 99 -30.68 -18.01 -66.61
C ASN JA 99 -31.84 -18.95 -66.95
N LYS JA 100 -32.67 -18.54 -67.89
CA LYS JA 100 -33.71 -19.39 -68.44
C LYS JA 100 -33.31 -19.76 -69.86
N ARG JA 101 -32.85 -20.99 -70.04
CA ARG JA 101 -32.19 -21.42 -71.25
C ARG JA 101 -33.15 -22.06 -72.25
N THR JA 102 -32.71 -22.16 -73.52
CA THR JA 102 -33.50 -22.67 -74.64
C THR JA 102 -32.63 -23.55 -75.54
N SER JA 103 -33.28 -24.36 -76.38
CA SER JA 103 -32.62 -25.29 -77.28
C SER JA 103 -33.19 -25.23 -78.69
N HIS JA 104 -32.33 -25.38 -79.71
CA HIS JA 104 -32.74 -25.78 -81.05
C HIS JA 104 -32.45 -27.27 -81.19
N ILE JA 105 -33.41 -28.03 -81.71
CA ILE JA 105 -33.29 -29.49 -81.84
C ILE JA 105 -33.56 -29.91 -83.28
N THR JA 106 -32.62 -30.62 -83.89
CA THR JA 106 -32.74 -31.06 -85.29
C THR JA 106 -32.40 -32.53 -85.48
N VAL JA 107 -33.27 -33.25 -86.19
CA VAL JA 107 -33.10 -34.67 -86.50
C VAL JA 107 -33.15 -34.84 -88.01
N VAL JA 108 -32.39 -35.83 -88.50
CA VAL JA 108 -32.27 -36.15 -89.92
C VAL JA 108 -32.42 -37.64 -90.11
N VAL JA 109 -33.14 -38.03 -91.15
CA VAL JA 109 -33.43 -39.44 -91.44
C VAL JA 109 -33.06 -39.74 -92.89
N THR JA 110 -32.33 -40.83 -93.12
CA THR JA 110 -31.97 -41.24 -94.46
C THR JA 110 -32.55 -42.60 -94.81
N GLU JA 111 -32.74 -42.83 -96.12
CA GLU JA 111 -33.38 -44.07 -96.54
C GLU JA 111 -32.52 -45.26 -96.23
N LYS JA 112 -31.20 -45.08 -96.19
CA LYS JA 112 -30.29 -45.94 -95.43
C LYS JA 112 -28.86 -45.42 -95.63
N GLU KA 1 -77.43 25.02 -70.41
CA GLU KA 1 -77.58 25.37 -71.80
C GLU KA 1 -78.54 24.35 -72.41
N LEU KA 2 -78.98 23.41 -71.56
CA LEU KA 2 -80.18 22.60 -71.70
C LEU KA 2 -80.20 21.68 -72.90
N LEU KA 3 -79.29 21.87 -73.84
CA LEU KA 3 -79.19 21.00 -74.99
C LEU KA 3 -77.78 20.50 -75.20
N ASP KA 4 -76.82 20.96 -74.41
CA ASP KA 4 -75.51 20.36 -74.27
C ASP KA 4 -75.40 19.51 -73.01
N VAL KA 5 -76.47 19.39 -72.24
CA VAL KA 5 -76.39 18.74 -70.93
C VAL KA 5 -76.44 17.23 -71.07
N ILE KA 6 -77.51 16.71 -71.66
CA ILE KA 6 -77.58 15.28 -71.96
C ILE KA 6 -76.68 14.97 -73.16
N LYS KA 7 -75.84 13.96 -73.03
CA LYS KA 7 -74.93 13.56 -74.09
C LYS KA 7 -75.49 12.40 -74.93
N ARG KA 8 -75.85 11.30 -74.30
CA ARG KA 8 -76.36 10.13 -75.01
C ARG KA 8 -76.90 9.10 -74.03
N PRO KA 9 -77.60 8.07 -74.48
CA PRO KA 9 -78.09 7.03 -73.56
C PRO KA 9 -77.07 5.92 -73.34
N VAL KA 10 -77.23 5.22 -72.23
CA VAL KA 10 -76.45 4.03 -71.92
C VAL KA 10 -77.30 2.80 -72.24
N ILE KA 11 -76.71 1.85 -72.97
CA ILE KA 11 -77.42 0.66 -73.42
C ILE KA 11 -76.57 -0.54 -73.01
N THR KA 12 -76.78 -1.04 -71.80
CA THR KA 12 -76.12 -2.21 -71.27
C THR KA 12 -77.19 -3.14 -70.70
N GLU KA 13 -76.76 -4.30 -70.21
CA GLU KA 13 -77.71 -5.26 -69.68
C GLU KA 13 -78.30 -4.83 -68.34
N LYS KA 14 -77.57 -4.06 -67.55
CA LYS KA 14 -78.14 -3.56 -66.31
C LYS KA 14 -79.12 -2.43 -66.56
N SER KA 15 -79.00 -1.74 -67.69
CA SER KA 15 -79.88 -0.63 -68.04
C SER KA 15 -81.12 -1.06 -68.81
N MET KA 16 -81.14 -2.26 -69.39
CA MET KA 16 -82.37 -2.71 -70.03
C MET KA 16 -83.41 -3.09 -68.98
N LEU KA 17 -82.96 -3.64 -67.86
CA LEU KA 17 -83.86 -3.99 -66.78
C LEU KA 17 -84.49 -2.76 -66.15
N ALA KA 18 -83.78 -1.64 -66.13
CA ALA KA 18 -84.33 -0.42 -65.56
C ALA KA 18 -85.42 0.18 -66.44
N MET KA 19 -85.35 -0.03 -67.76
CA MET KA 19 -86.39 0.49 -68.62
C MET KA 19 -87.73 -0.17 -68.40
N ASP KA 20 -87.76 -1.29 -67.68
CA ASP KA 20 -89.00 -1.98 -67.38
C ASP KA 20 -89.64 -1.52 -66.08
N GLU KA 21 -88.91 -0.74 -65.27
CA GLU KA 21 -89.49 -0.03 -64.14
C GLU KA 21 -89.66 1.45 -64.40
N LYS KA 22 -89.52 1.88 -65.67
CA LYS KA 22 -89.56 3.29 -66.07
C LYS KA 22 -88.33 4.07 -65.58
N LYS KA 23 -87.14 3.57 -65.90
CA LYS KA 23 -85.92 4.28 -65.58
C LYS KA 23 -85.02 4.33 -66.80
N TYR KA 24 -84.34 5.45 -66.98
CA TYR KA 24 -83.53 5.68 -68.16
C TYR KA 24 -82.16 6.22 -67.79
N THR KA 25 -81.12 5.68 -68.42
CA THR KA 25 -79.74 6.00 -68.11
C THR KA 25 -79.15 6.86 -69.21
N PHE KA 26 -78.54 7.98 -68.82
CA PHE KA 26 -77.87 8.88 -69.75
C PHE KA 26 -76.49 9.23 -69.22
N GLU KA 27 -75.52 9.33 -70.11
CA GLU KA 27 -74.27 10.02 -69.78
C GLU KA 27 -74.51 11.50 -69.90
N VAL KA 28 -74.35 12.22 -68.79
CA VAL KA 28 -74.64 13.63 -68.74
C VAL KA 28 -73.30 14.36 -68.62
N ASP KA 29 -73.36 15.69 -68.63
CA ASP KA 29 -72.15 16.50 -68.59
C ASP KA 29 -71.55 16.50 -67.20
N THR KA 30 -70.22 16.52 -67.10
CA THR KA 30 -69.64 16.86 -65.81
C THR KA 30 -69.80 18.35 -65.61
N ARG KA 31 -70.04 18.75 -64.36
CA ARG KA 31 -70.55 20.06 -63.95
C ARG KA 31 -72.06 20.21 -64.11
N ALA KA 32 -72.83 19.14 -63.99
CA ALA KA 32 -74.28 19.22 -64.08
C ALA KA 32 -74.91 18.82 -62.75
N ASN KA 33 -76.08 19.38 -62.46
CA ASN KA 33 -76.81 19.12 -61.24
C ASN KA 33 -77.77 17.97 -61.41
N LYS KA 34 -78.24 17.45 -60.29
CA LYS KA 34 -79.47 16.69 -60.27
C LYS KA 34 -80.63 17.51 -60.83
N THR KA 35 -80.75 18.77 -60.38
CA THR KA 35 -81.83 19.63 -60.81
C THR KA 35 -81.71 20.04 -62.28
N LEU KA 36 -80.49 20.32 -62.74
CA LEU KA 36 -80.30 20.78 -64.10
C LEU KA 36 -80.65 19.68 -65.11
N VAL KA 37 -80.19 18.46 -64.85
CA VAL KA 37 -80.57 17.31 -65.66
C VAL KA 37 -82.08 17.13 -65.68
N LYS KA 38 -82.73 17.29 -64.53
CA LYS KA 38 -84.18 17.14 -64.46
C LYS KA 38 -84.88 18.14 -65.36
N GLN KA 39 -84.46 19.40 -65.28
CA GLN KA 39 -84.99 20.44 -66.18
C GLN KA 39 -84.77 20.07 -67.64
N ALA KA 40 -83.57 19.61 -67.98
CA ALA KA 40 -83.24 19.32 -69.38
C ALA KA 40 -84.08 18.18 -69.93
N VAL KA 41 -84.29 17.14 -69.11
CA VAL KA 41 -85.10 16.01 -69.56
C VAL KA 41 -86.56 16.40 -69.68
N GLU KA 42 -87.08 17.19 -68.75
CA GLU KA 42 -88.46 17.62 -68.89
C GLU KA 42 -88.63 18.55 -70.08
N SER KA 43 -87.58 19.25 -70.49
CA SER KA 43 -87.66 20.12 -71.65
C SER KA 43 -87.56 19.37 -72.97
N ALA KA 44 -86.72 18.35 -73.07
CA ALA KA 44 -86.44 17.77 -74.37
C ALA KA 44 -87.38 16.64 -74.78
N PHE KA 45 -88.23 16.14 -73.90
CA PHE KA 45 -89.14 15.08 -74.28
C PHE KA 45 -90.60 15.32 -73.85
N ASP KA 46 -90.87 16.31 -73.02
CA ASP KA 46 -92.20 16.52 -72.43
C ASP KA 46 -92.65 15.27 -71.66
N VAL KA 47 -91.94 14.99 -70.58
CA VAL KA 47 -92.35 13.95 -69.65
C VAL KA 47 -92.56 14.63 -68.31
N LYS KA 48 -92.84 13.86 -67.26
CA LYS KA 48 -92.79 14.35 -65.90
C LYS KA 48 -91.87 13.43 -65.11
N VAL KA 49 -91.00 14.03 -64.32
CA VAL KA 49 -89.89 13.32 -63.69
C VAL KA 49 -90.14 13.20 -62.20
N ALA KA 50 -90.02 12.00 -61.69
CA ALA KA 50 -89.70 11.75 -60.28
C ALA KA 50 -88.23 11.36 -60.21
N ASN KA 51 -87.45 12.07 -59.39
CA ASN KA 51 -86.20 11.51 -58.93
C ASN KA 51 -85.08 11.16 -59.91
N VAL KA 52 -84.25 12.13 -60.29
CA VAL KA 52 -82.93 11.78 -60.82
C VAL KA 52 -82.02 11.22 -59.72
N ASN KA 53 -81.25 10.18 -60.03
CA ASN KA 53 -80.09 9.74 -59.27
C ASN KA 53 -78.81 9.95 -60.09
N ILE KA 54 -77.68 10.18 -59.44
CA ILE KA 54 -76.47 10.62 -60.16
C ILE KA 54 -75.21 9.97 -59.57
N LEU KA 55 -74.24 9.63 -60.44
CA LEU KA 55 -72.98 8.98 -60.05
C LEU KA 55 -71.81 9.59 -60.82
N ASN KA 56 -70.60 9.36 -60.31
CA ASN KA 56 -69.36 9.63 -61.01
C ASN KA 56 -68.62 8.32 -61.29
N VAL KA 57 -67.94 8.24 -62.43
CA VAL KA 57 -67.19 7.06 -62.82
C VAL KA 57 -65.71 7.43 -62.99
N ARG KA 58 -64.83 6.62 -62.40
CA ARG KA 58 -63.39 6.83 -62.49
C ARG KA 58 -62.87 6.43 -63.86
N PRO KA 59 -61.79 7.07 -64.32
CA PRO KA 59 -61.11 6.58 -65.52
C PRO KA 59 -60.37 5.28 -65.26
N LYS KA 60 -60.05 4.58 -66.35
CA LYS KA 60 -59.37 3.30 -66.30
C LYS KA 60 -58.02 3.39 -66.99
N PHE KA 61 -57.00 2.84 -66.33
CA PHE KA 61 -55.71 2.60 -66.96
C PHE KA 61 -55.89 1.66 -68.13
N LYS KA 62 -55.41 2.08 -69.30
CA LYS KA 62 -55.33 1.21 -70.46
C LYS KA 62 -53.91 1.22 -70.96
N ARG KA 63 -53.58 0.25 -71.82
CA ARG KA 63 -52.20 0.08 -72.26
C ARG KA 63 -52.24 -0.68 -73.59
N MET KA 64 -52.08 0.04 -74.70
CA MET KA 64 -52.20 -0.59 -76.01
C MET KA 64 -50.86 -1.09 -76.56
N GLY KA 65 -49.93 -0.18 -76.78
CA GLY KA 65 -48.74 -0.50 -77.55
C GLY KA 65 -47.43 -0.05 -76.95
N LYS KA 66 -47.23 -0.27 -75.64
CA LYS KA 66 -46.15 0.30 -74.85
C LYS KA 66 -46.37 1.80 -74.64
N TYR KA 67 -47.63 2.22 -74.71
CA TYR KA 67 -48.08 3.56 -74.36
C TYR KA 67 -49.36 3.42 -73.55
N ALA KA 68 -49.35 3.95 -72.33
CA ALA KA 68 -50.46 3.78 -71.40
C ALA KA 68 -51.01 5.12 -70.96
N GLY KA 69 -52.30 5.14 -70.64
CA GLY KA 69 -52.97 6.35 -70.22
C GLY KA 69 -54.45 6.05 -70.03
N TYR KA 70 -55.15 7.00 -69.42
CA TYR KA 70 -56.50 6.79 -68.95
C TYR KA 70 -57.56 7.20 -69.97
N THR KA 71 -58.71 6.55 -69.86
CA THR KA 71 -59.89 6.97 -70.59
C THR KA 71 -60.49 8.21 -69.94
N LYS KA 72 -61.63 8.66 -70.45
CA LYS KA 72 -62.29 9.84 -69.90
C LYS KA 72 -62.86 9.55 -68.51
N LYS KA 73 -63.20 10.64 -67.81
CA LYS KA 73 -64.15 10.59 -66.71
C LYS KA 73 -65.58 10.51 -67.26
N ARG KA 74 -66.52 10.14 -66.39
CA ARG KA 74 -67.90 9.97 -66.83
C ARG KA 74 -68.87 10.37 -65.73
N ARG KA 75 -70.06 10.81 -66.15
CA ARG KA 75 -71.18 11.13 -65.27
C ARG KA 75 -72.41 10.38 -65.76
N LYS KA 76 -73.06 9.64 -64.88
CA LYS KA 76 -74.20 8.82 -65.23
C LYS KA 76 -75.39 9.22 -64.38
N ALA KA 77 -76.50 9.58 -65.02
CA ALA KA 77 -77.72 9.93 -64.32
C ALA KA 77 -78.85 9.01 -64.73
N ILE KA 78 -79.67 8.58 -63.77
CA ILE KA 78 -80.76 7.64 -63.97
C ILE KA 78 -82.08 8.34 -63.64
N VAL KA 79 -82.97 8.44 -64.62
CA VAL KA 79 -84.16 9.28 -64.53
C VAL KA 79 -85.41 8.39 -64.40
N THR KA 80 -86.20 8.65 -63.37
CA THR KA 80 -87.42 7.90 -63.09
C THR KA 80 -88.62 8.75 -63.48
N LEU KA 81 -89.66 8.12 -64.00
CA LEU KA 81 -90.82 8.85 -64.51
C LEU KA 81 -92.03 8.57 -63.62
N THR KA 82 -93.03 9.44 -63.72
CA THR KA 82 -94.30 9.19 -63.05
C THR KA 82 -95.20 8.29 -63.88
N GLU KA 83 -95.63 8.78 -65.06
CA GLU KA 83 -96.26 7.91 -66.08
C GLU KA 83 -96.16 8.60 -67.45
N ASP KA 84 -95.23 8.11 -68.27
CA ASP KA 84 -95.04 8.43 -69.69
C ASP KA 84 -93.87 7.61 -70.21
N SER KA 85 -93.49 7.73 -71.48
CA SER KA 85 -92.37 6.89 -71.92
C SER KA 85 -91.61 7.53 -73.08
N LYS KA 86 -90.32 7.22 -73.15
CA LYS KA 86 -89.44 7.64 -74.23
C LYS KA 86 -88.96 6.42 -75.00
N GLU KA 87 -88.95 6.52 -76.32
CA GLU KA 87 -88.59 5.41 -77.20
C GLU KA 87 -87.27 5.72 -77.86
N ILE KA 88 -86.24 4.95 -77.52
CA ILE KA 88 -84.89 5.27 -77.94
C ILE KA 88 -84.42 4.53 -79.20
N GLN KA 89 -85.01 3.37 -79.51
CA GLN KA 89 -84.64 2.68 -80.76
C GLN KA 89 -85.68 2.83 -81.87
N MET LA 1 -47.30 17.83 -110.72
CA MET LA 1 -46.13 16.97 -110.62
C MET LA 1 -45.49 16.78 -111.97
N PHE LA 2 -46.00 17.50 -112.98
CA PHE LA 2 -45.64 17.44 -114.40
C PHE LA 2 -46.29 16.25 -115.10
N VAL LA 3 -47.05 15.44 -114.38
CA VAL LA 3 -47.80 14.31 -114.96
C VAL LA 3 -49.09 14.18 -114.16
N LYS LA 4 -50.20 13.98 -114.87
CA LYS LA 4 -51.54 14.01 -114.29
C LYS LA 4 -52.18 12.64 -114.34
N LYS LA 5 -53.34 12.52 -113.67
CA LYS LA 5 -53.93 11.21 -113.45
C LYS LA 5 -54.57 10.65 -114.71
N GLY LA 6 -55.03 11.49 -115.62
CA GLY LA 6 -55.46 10.98 -116.91
C GLY LA 6 -54.52 11.47 -117.99
N ASP LA 7 -53.74 10.57 -118.58
CA ASP LA 7 -52.57 11.00 -119.32
C ASP LA 7 -51.91 9.78 -119.95
N LYS LA 8 -51.49 9.90 -121.19
CA LYS LA 8 -50.76 8.83 -121.84
C LYS LA 8 -49.28 9.12 -121.70
N VAL LA 9 -48.51 8.08 -121.44
CA VAL LA 9 -47.16 8.26 -120.92
C VAL LA 9 -46.31 7.12 -121.44
N LYS LA 10 -45.04 7.39 -121.71
CA LYS LA 10 -44.10 6.37 -122.11
C LYS LA 10 -43.05 6.16 -121.03
N VAL LA 11 -42.40 5.00 -121.04
CA VAL LA 11 -41.51 4.59 -119.97
C VAL LA 11 -40.05 4.70 -120.43
N ILE LA 12 -39.24 5.39 -119.65
CA ILE LA 12 -37.82 5.60 -119.92
C ILE LA 12 -36.97 4.45 -119.40
N THR LA 13 -37.04 4.15 -118.10
CA THR LA 13 -36.12 3.22 -117.47
C THR LA 13 -36.85 2.08 -116.79
N GLY LA 14 -36.20 0.92 -116.73
CA GLY LA 14 -36.66 -0.21 -115.94
C GLY LA 14 -37.57 -1.29 -116.47
N LYS LA 15 -37.13 -2.06 -117.46
CA LYS LA 15 -37.72 -3.38 -117.75
C LYS LA 15 -39.09 -3.30 -118.39
N ASP LA 16 -39.68 -2.12 -118.38
CA ASP LA 16 -40.86 -1.82 -119.17
C ASP LA 16 -40.56 -0.67 -120.09
N LYS LA 17 -39.28 -0.32 -120.22
CA LYS LA 17 -38.81 0.64 -121.20
C LYS LA 17 -39.45 0.38 -122.55
N ASN LA 18 -39.99 1.45 -123.13
CA ASN LA 18 -40.69 1.57 -124.40
C ASN LA 18 -42.17 1.22 -124.33
N LYS LA 19 -42.72 0.90 -123.17
CA LYS LA 19 -44.15 0.66 -123.06
C LYS LA 19 -44.91 1.97 -122.88
N GLU LA 20 -46.16 1.99 -123.34
CA GLU LA 20 -47.06 3.12 -123.14
C GLU LA 20 -48.26 2.72 -122.31
N GLY LA 21 -48.98 3.73 -121.84
CA GLY LA 21 -50.15 3.48 -121.02
C GLY LA 21 -50.76 4.74 -120.45
N VAL LA 22 -52.02 4.66 -120.07
CA VAL LA 22 -52.75 5.78 -119.48
C VAL LA 22 -52.48 5.78 -117.99
N VAL LA 23 -52.16 6.95 -117.43
CA VAL LA 23 -51.90 7.05 -116.00
C VAL LA 23 -53.13 6.66 -115.21
N LEU LA 24 -52.93 5.89 -114.15
CA LEU LA 24 -54.05 5.40 -113.36
C LEU LA 24 -54.23 6.13 -112.04
N ALA LA 25 -53.14 6.52 -111.37
CA ALA LA 25 -53.25 7.33 -110.17
C ALA LA 25 -51.96 8.07 -109.93
N ALA LA 26 -52.07 9.27 -109.35
CA ALA LA 26 -50.93 10.11 -109.03
C ALA LA 26 -50.74 10.14 -107.51
N PHE LA 27 -49.51 9.96 -107.06
CA PHE LA 27 -49.17 10.09 -105.65
C PHE LA 27 -48.12 11.19 -105.52
N PRO LA 28 -48.54 12.45 -105.47
CA PRO LA 28 -47.60 13.52 -105.12
C PRO LA 28 -47.14 13.33 -103.70
N LYS LA 29 -45.98 13.91 -103.40
CA LYS LA 29 -45.35 13.91 -102.10
C LYS LA 29 -44.73 12.56 -101.77
N GLN LA 30 -44.96 11.56 -102.61
CA GLN LA 30 -44.02 10.47 -102.74
C GLN LA 30 -43.49 10.36 -104.16
N ASP LA 31 -44.07 11.10 -105.10
CA ASP LA 31 -43.56 11.27 -106.46
C ASP LA 31 -43.52 9.96 -107.23
N LYS LA 32 -44.62 9.23 -107.17
CA LYS LA 32 -44.79 7.97 -107.86
C LYS LA 32 -46.06 8.02 -108.68
N VAL LA 33 -46.26 7.00 -109.51
CA VAL LA 33 -47.39 6.99 -110.43
C VAL LA 33 -47.67 5.54 -110.83
N ILE LA 34 -48.95 5.20 -110.94
CA ILE LA 34 -49.40 3.89 -111.38
C ILE LA 34 -49.81 3.99 -112.84
N VAL LA 35 -49.25 3.14 -113.68
CA VAL LA 35 -49.46 3.18 -115.12
C VAL LA 35 -50.11 1.86 -115.52
N GLU LA 36 -51.01 1.90 -116.50
CA GLU LA 36 -51.81 0.72 -116.80
C GLU LA 36 -50.96 -0.33 -117.52
N GLY LA 37 -50.78 -1.47 -116.85
CA GLY LA 37 -50.14 -2.64 -117.42
C GLY LA 37 -48.63 -2.64 -117.37
N VAL LA 38 -48.03 -2.02 -116.35
CA VAL LA 38 -46.64 -1.59 -116.43
C VAL LA 38 -45.75 -2.25 -115.39
N ASN LA 39 -46.21 -2.38 -114.16
CA ASN LA 39 -45.31 -2.87 -113.11
C ASN LA 39 -45.93 -4.04 -112.37
N VAL LA 40 -46.37 -5.04 -113.14
CA VAL LA 40 -47.20 -6.11 -112.62
C VAL LA 40 -46.48 -6.89 -111.52
N VAL LA 41 -47.21 -7.21 -110.46
CA VAL LA 41 -46.70 -7.84 -109.25
C VAL LA 41 -47.65 -8.97 -108.89
N LYS LA 42 -47.14 -9.96 -108.15
CA LYS LA 42 -47.92 -11.15 -107.79
C LYS LA 42 -48.00 -11.27 -106.28
N LYS LA 43 -49.21 -11.11 -105.72
CA LYS LA 43 -49.40 -11.17 -104.29
C LYS LA 43 -49.85 -12.57 -103.88
N HIS LA 44 -50.11 -12.74 -102.58
CA HIS LA 44 -50.62 -13.99 -102.04
C HIS LA 44 -51.54 -13.63 -100.88
N GLN LA 45 -52.84 -13.67 -101.11
CA GLN LA 45 -53.83 -13.24 -100.13
C GLN LA 45 -54.56 -14.43 -99.52
N LYS LA 46 -54.96 -14.27 -98.32
CA LYS LA 46 -55.88 -15.15 -97.64
C LYS LA 46 -57.27 -14.53 -97.63
N PRO LA 47 -58.32 -15.36 -97.67
CA PRO LA 47 -59.69 -14.83 -97.79
C PRO LA 47 -60.06 -13.68 -96.86
N ASN LA 48 -60.48 -12.56 -97.44
CA ASN LA 48 -61.04 -11.45 -96.70
C ASN LA 48 -62.13 -10.80 -97.55
N GLN LA 49 -62.86 -9.84 -96.94
CA GLN LA 49 -64.15 -9.35 -97.41
C GLN LA 49 -64.26 -9.25 -98.93
N ALA LA 50 -63.20 -8.81 -99.60
CA ALA LA 50 -63.15 -8.83 -101.05
C ALA LA 50 -62.43 -10.10 -101.53
N ALA LA 51 -63.09 -10.84 -102.41
CA ALA LA 51 -62.62 -12.14 -102.92
C ALA LA 51 -62.47 -13.15 -101.79
N PRO LA 52 -63.59 -13.67 -101.25
CA PRO LA 52 -63.51 -14.67 -100.17
C PRO LA 52 -62.74 -15.92 -100.55
N GLN LA 53 -62.30 -15.99 -101.80
CA GLN LA 53 -61.31 -16.96 -102.25
C GLN LA 53 -60.07 -16.17 -102.69
N GLY LA 54 -59.11 -16.04 -101.80
CA GLY LA 54 -57.90 -15.27 -102.03
C GLY LA 54 -56.80 -16.02 -102.77
N GLY LA 55 -56.83 -16.03 -104.10
CA GLY LA 55 -55.77 -16.63 -104.85
C GLY LA 55 -54.55 -15.74 -104.99
N ILE LA 56 -53.65 -16.17 -105.87
CA ILE LA 56 -52.46 -15.42 -106.26
C ILE LA 56 -52.87 -14.38 -107.31
N LEU LA 57 -52.83 -13.10 -106.93
CA LEU LA 57 -53.41 -12.04 -107.74
C LEU LA 57 -52.34 -11.07 -108.23
N GLU LA 58 -52.68 -10.32 -109.29
CA GLU LA 58 -51.70 -9.53 -110.03
C GLU LA 58 -52.26 -8.16 -110.36
N VAL LA 59 -51.60 -7.11 -109.89
CA VAL LA 59 -51.96 -5.72 -110.14
C VAL LA 59 -50.69 -4.91 -110.29
N GLU LA 60 -50.85 -3.65 -110.68
CA GLU LA 60 -49.71 -2.78 -110.93
C GLU LA 60 -49.16 -2.17 -109.65
N ALA LA 61 -47.86 -1.91 -109.66
CA ALA LA 61 -47.14 -1.24 -108.58
C ALA LA 61 -46.68 0.14 -109.03
N PRO LA 62 -46.61 1.10 -108.12
CA PRO LA 62 -46.24 2.48 -108.53
C PRO LA 62 -44.75 2.60 -108.83
N ILE LA 63 -44.43 3.17 -110.00
CA ILE LA 63 -43.07 3.48 -110.39
C ILE LA 63 -42.79 4.95 -110.11
N HIS LA 64 -41.51 5.30 -110.07
CA HIS LA 64 -41.08 6.67 -109.79
C HIS LA 64 -41.38 7.57 -110.98
N VAL LA 65 -41.70 8.82 -110.69
CA VAL LA 65 -42.28 9.69 -111.71
C VAL LA 65 -41.26 10.16 -112.74
N SER LA 66 -39.97 10.21 -112.39
CA SER LA 66 -38.99 10.59 -113.38
C SER LA 66 -38.58 9.46 -114.32
N ASN LA 67 -39.23 8.29 -114.22
CA ASN LA 67 -39.02 7.22 -115.18
C ASN LA 67 -40.06 7.25 -116.29
N VAL LA 68 -40.56 8.43 -116.65
CA VAL LA 68 -41.78 8.56 -117.45
C VAL LA 68 -41.70 9.84 -118.26
N MET LA 69 -42.51 9.92 -119.32
CA MET LA 69 -42.51 11.02 -120.28
C MET LA 69 -43.89 11.17 -120.90
N VAL LA 70 -44.33 12.41 -121.10
CA VAL LA 70 -45.64 12.68 -121.68
C VAL LA 70 -45.58 12.55 -123.20
N ILE LA 71 -46.71 12.18 -123.80
CA ILE LA 71 -46.86 12.06 -125.24
C ILE LA 71 -47.93 13.05 -125.70
N ASP LA 72 -47.56 13.92 -126.64
CA ASP LA 72 -48.47 14.81 -127.37
C ASP LA 72 -49.65 14.03 -127.93
N PRO LA 73 -50.89 14.34 -127.54
CA PRO LA 73 -52.03 13.51 -127.97
C PRO LA 73 -52.18 13.45 -129.47
N SER LA 74 -51.81 14.52 -130.15
CA SER LA 74 -52.14 14.66 -131.57
C SER LA 74 -51.12 14.00 -132.49
N ASN LA 75 -49.88 13.86 -132.05
CA ASN LA 75 -48.80 13.51 -132.96
C ASN LA 75 -48.12 12.20 -132.61
N GLY LA 76 -47.78 11.97 -131.35
CA GLY LA 76 -47.37 10.66 -130.89
C GLY LA 76 -45.90 10.44 -130.56
N GLU LA 77 -45.13 11.50 -130.31
CA GLU LA 77 -43.73 11.39 -129.94
C GLU LA 77 -43.53 12.01 -128.57
N ALA LA 78 -42.66 11.42 -127.76
CA ALA LA 78 -42.46 11.86 -126.39
C ALA LA 78 -41.73 13.20 -126.35
N THR LA 79 -42.14 14.07 -125.43
CA THR LA 79 -41.69 15.46 -125.41
C THR LA 79 -41.38 15.93 -123.99
N LYS LA 80 -40.32 16.71 -123.86
CA LYS LA 80 -40.17 17.59 -122.71
C LYS LA 80 -41.25 18.66 -122.73
N VAL LA 81 -41.61 19.14 -121.55
CA VAL LA 81 -42.80 19.96 -121.38
C VAL LA 81 -42.39 21.33 -120.85
N ALA LA 82 -43.04 22.37 -121.39
CA ALA LA 82 -42.77 23.76 -121.04
C ALA LA 82 -44.10 24.47 -120.85
N PHE LA 83 -44.05 25.64 -120.23
CA PHE LA 83 -45.26 26.40 -119.90
C PHE LA 83 -45.20 27.75 -120.62
N LYS LA 84 -46.29 28.10 -121.28
CA LYS LA 84 -46.37 29.32 -122.07
C LYS LA 84 -47.71 30.00 -121.84
N GLU LA 85 -47.83 31.23 -122.35
CA GLU LA 85 -48.90 32.16 -121.97
C GLU LA 85 -50.02 32.14 -123.01
N VAL LA 86 -50.94 31.22 -122.84
CA VAL LA 86 -52.21 31.23 -123.55
C VAL LA 86 -53.16 32.15 -122.78
N ASP LA 87 -54.32 32.49 -123.35
CA ASP LA 87 -55.41 33.04 -122.56
C ASP LA 87 -55.46 32.31 -121.22
N GLY LA 88 -55.49 33.07 -120.13
CA GLY LA 88 -54.73 32.70 -118.96
C GLY LA 88 -55.16 31.45 -118.21
N LYS LA 89 -55.27 30.36 -118.94
CA LYS LA 89 -55.26 29.02 -118.36
C LYS LA 89 -53.94 28.48 -118.87
N LYS LA 90 -52.87 28.76 -118.13
CA LYS LA 90 -51.56 28.22 -118.44
C LYS LA 90 -51.64 26.70 -118.51
N VAL LA 91 -51.40 26.15 -119.69
CA VAL LA 91 -51.31 24.71 -119.84
C VAL LA 91 -49.88 24.37 -120.22
N ARG LA 92 -49.56 23.09 -120.06
CA ARG LA 92 -48.32 22.54 -120.58
C ARG LA 92 -48.29 22.72 -122.08
N VAL LA 93 -47.46 23.62 -122.56
CA VAL LA 93 -47.29 23.87 -123.98
C VAL LA 93 -46.07 23.07 -124.40
N SER LA 94 -46.30 21.98 -125.12
CA SER LA 94 -45.24 21.04 -125.44
C SER LA 94 -44.05 21.73 -126.08
N LYS LA 95 -42.86 21.23 -125.76
CA LYS LA 95 -41.72 21.42 -126.65
C LYS LA 95 -41.94 20.56 -127.88
N LYS LA 96 -40.96 20.56 -128.78
CA LYS LA 96 -41.11 19.89 -130.08
C LYS LA 96 -42.33 20.48 -130.82
N THR LA 97 -42.20 21.76 -131.14
CA THR LA 97 -43.16 22.55 -131.94
C THR LA 97 -44.44 22.89 -131.16
N GLY LA 98 -44.27 23.52 -130.00
CA GLY LA 98 -45.28 24.40 -129.41
C GLY LA 98 -46.75 24.06 -129.57
N GLU LA 99 -47.19 22.92 -129.05
CA GLU LA 99 -48.57 22.48 -129.13
C GLU LA 99 -49.08 22.19 -127.73
N VAL LA 100 -50.40 22.26 -127.55
CA VAL LA 100 -50.98 22.20 -126.22
C VAL LA 100 -51.17 20.76 -125.79
N LEU LA 101 -50.78 20.46 -124.56
CA LEU LA 101 -50.96 19.11 -124.02
C LEU LA 101 -51.90 19.15 -122.81
N SER MA 1 23.99 7.10 -24.96
CA SER MA 1 24.41 7.75 -23.73
C SER MA 1 25.93 7.74 -23.64
N THR MA 2 26.54 8.58 -24.49
CA THR MA 2 27.98 8.81 -24.49
C THR MA 2 28.22 10.31 -24.49
N SER MA 3 29.38 10.73 -23.98
CA SER MA 3 29.72 12.13 -23.88
C SER MA 3 30.86 12.52 -24.81
N ASN MA 4 31.23 11.68 -25.75
CA ASN MA 4 32.17 12.00 -26.81
C ASN MA 4 31.40 12.53 -28.01
N GLY MA 5 32.00 12.52 -29.18
CA GLY MA 5 31.23 12.73 -30.38
C GLY MA 5 31.49 13.99 -31.15
N ARG MA 6 32.67 14.58 -31.04
CA ARG MA 6 32.92 15.84 -31.72
C ARG MA 6 34.34 15.89 -32.25
N ASP MA 7 34.54 16.65 -33.32
CA ASP MA 7 35.82 16.77 -34.00
C ASP MA 7 35.85 18.14 -34.66
N SER MA 8 37.00 18.50 -35.21
CA SER MA 8 37.14 19.72 -35.98
C SER MA 8 37.40 19.39 -37.45
N GLU MA 9 37.20 20.38 -38.31
CA GLU MA 9 37.41 20.17 -39.75
C GLU MA 9 38.88 19.97 -40.08
N SER MA 10 39.15 19.03 -40.98
CA SER MA 10 40.51 18.79 -41.43
C SER MA 10 41.03 19.99 -42.20
N LYS MA 11 42.34 20.19 -42.15
CA LYS MA 11 42.93 21.44 -42.58
C LYS MA 11 43.72 21.37 -43.87
N ARG MA 12 43.93 20.17 -44.43
CA ARG MA 12 44.64 19.98 -45.69
C ARG MA 12 46.06 20.53 -45.64
N LEU MA 13 46.83 20.06 -44.68
CA LEU MA 13 48.22 20.44 -44.52
C LEU MA 13 49.14 19.55 -45.36
N GLY MA 14 50.38 20.00 -45.53
CA GLY MA 14 51.33 19.23 -46.32
C GLY MA 14 52.07 20.00 -47.38
N ALA MA 15 52.56 19.31 -48.40
CA ALA MA 15 53.33 19.89 -49.49
C ALA MA 15 52.42 20.19 -50.67
N LYS MA 16 52.52 21.41 -51.20
CA LYS MA 16 51.66 21.85 -52.29
C LYS MA 16 52.41 22.04 -53.60
N SER MA 17 53.71 21.86 -53.63
CA SER MA 17 54.39 21.73 -54.90
C SER MA 17 55.56 20.80 -54.71
N ALA MA 18 56.00 20.20 -55.80
CA ALA MA 18 56.89 19.06 -55.73
C ALA MA 18 58.32 19.50 -55.93
N ASP MA 19 59.24 18.61 -55.62
CA ASP MA 19 60.62 18.84 -55.97
C ASP MA 19 60.77 18.82 -57.49
N GLY MA 20 61.52 19.77 -58.02
CA GLY MA 20 61.81 19.81 -59.43
C GLY MA 20 60.75 20.43 -60.32
N GLN MA 21 59.74 21.05 -59.73
CA GLN MA 21 58.65 21.69 -60.45
C GLN MA 21 58.93 23.18 -60.56
N THR MA 22 58.66 23.75 -61.73
CA THR MA 22 58.78 25.19 -61.90
C THR MA 22 57.51 25.89 -61.42
N VAL MA 23 57.68 27.10 -60.92
CA VAL MA 23 56.71 27.75 -60.05
C VAL MA 23 56.80 29.25 -60.29
N THR MA 24 55.66 29.94 -60.20
CA THR MA 24 55.67 31.39 -60.36
C THR MA 24 55.64 32.06 -59.01
N GLY MA 25 56.01 33.35 -59.00
CA GLY MA 25 56.17 34.08 -57.77
C GLY MA 25 54.93 34.11 -56.91
N GLY MA 26 55.07 33.77 -55.64
CA GLY MA 26 53.98 33.85 -54.70
C GLY MA 26 53.28 32.55 -54.43
N SER MA 27 53.68 31.45 -55.06
CA SER MA 27 52.95 30.21 -54.95
C SER MA 27 53.34 29.46 -53.68
N ILE MA 28 52.34 28.88 -53.02
CA ILE MA 28 52.54 28.19 -51.76
C ILE MA 28 53.36 26.93 -51.97
N LEU MA 29 54.25 26.62 -51.02
CA LEU MA 29 55.06 25.42 -51.08
C LEU MA 29 54.75 24.41 -49.99
N TYR MA 30 54.31 24.84 -48.80
CA TYR MA 30 54.15 23.95 -47.67
C TYR MA 30 53.33 24.58 -46.55
N ARG MA 31 52.27 23.90 -46.10
CA ARG MA 31 51.44 24.35 -44.99
C ARG MA 31 51.76 23.52 -43.76
N GLN MA 32 51.94 24.16 -42.60
CA GLN MA 32 52.43 23.46 -41.42
C GLN MA 32 51.92 24.14 -40.14
N ARG MA 33 52.18 23.48 -39.02
CA ARG MA 33 52.16 24.09 -37.68
C ARG MA 33 53.59 24.13 -37.17
N GLY MA 34 54.11 25.33 -36.94
CA GLY MA 34 55.49 25.47 -36.57
C GLY MA 34 56.40 25.13 -37.70
N THR MA 35 57.70 25.33 -37.54
CA THR MA 35 58.63 25.06 -38.61
C THR MA 35 59.09 23.61 -38.53
N LYS MA 36 58.31 22.73 -39.15
CA LYS MA 36 58.85 21.42 -39.49
C LYS MA 36 59.90 21.57 -40.59
N ILE MA 37 59.61 22.39 -41.60
CA ILE MA 37 60.55 22.73 -42.66
C ILE MA 37 60.88 24.20 -42.54
N TYR MA 38 62.05 24.59 -43.00
CA TYR MA 38 62.55 25.94 -42.88
C TYR MA 38 62.59 26.64 -44.22
N PRO MA 39 62.59 27.98 -44.22
CA PRO MA 39 62.67 28.71 -45.49
C PRO MA 39 64.11 28.87 -45.95
N GLY MA 40 64.31 28.76 -47.26
CA GLY MA 40 65.64 28.87 -47.83
C GLY MA 40 65.76 29.99 -48.84
N VAL MA 41 66.67 29.84 -49.80
CA VAL MA 41 66.95 30.92 -50.74
C VAL MA 41 65.71 31.26 -51.53
N ASN MA 42 65.26 32.51 -51.40
CA ASN MA 42 64.13 33.04 -52.17
C ASN MA 42 62.79 32.46 -51.73
N VAL MA 43 62.58 32.32 -50.42
CA VAL MA 43 61.34 31.76 -49.89
C VAL MA 43 61.02 32.51 -48.60
N GLY MA 44 59.72 32.74 -48.36
CA GLY MA 44 59.26 33.45 -47.19
C GLY MA 44 58.40 32.58 -46.28
N ILE MA 45 58.16 33.07 -45.08
CA ILE MA 45 57.25 32.46 -44.12
C ILE MA 45 56.07 33.38 -43.89
N GLY MA 46 54.88 32.80 -43.82
CA GLY MA 46 53.67 33.54 -43.55
C GLY MA 46 53.43 33.69 -42.06
N GLY MA 47 52.22 34.14 -41.75
CA GLY MA 47 51.86 34.38 -40.37
C GLY MA 47 51.55 33.12 -39.59
N ASP MA 48 51.07 32.09 -40.27
CA ASP MA 48 50.79 30.81 -39.64
C ASP MA 48 51.70 29.71 -40.17
N ASP MA 49 52.94 30.07 -40.51
CA ASP MA 49 54.05 29.20 -40.91
C ASP MA 49 54.03 28.71 -42.35
N THR MA 50 53.15 29.19 -43.21
CA THR MA 50 53.19 28.69 -44.58
C THR MA 50 54.38 29.28 -45.32
N LEU MA 51 54.94 28.49 -46.21
CA LEU MA 51 56.16 28.79 -46.94
C LEU MA 51 55.79 29.12 -48.39
N PHE MA 52 56.37 30.18 -48.94
CA PHE MA 52 55.96 30.64 -50.26
C PHE MA 52 57.17 31.08 -51.07
N ALA MA 53 57.01 31.07 -52.38
CA ALA MA 53 58.06 31.56 -53.26
C ALA MA 53 58.04 33.08 -53.30
N LYS MA 54 59.19 33.67 -53.55
CA LYS MA 54 59.28 35.09 -53.82
C LYS MA 54 59.63 35.38 -55.27
N VAL MA 55 60.04 34.37 -56.01
CA VAL MA 55 60.66 34.52 -57.32
C VAL MA 55 60.30 33.27 -58.11
N ASP MA 56 60.29 33.38 -59.44
CA ASP MA 56 59.98 32.24 -60.28
C ASP MA 56 61.23 31.39 -60.51
N GLY MA 57 61.07 30.09 -60.40
CA GLY MA 57 62.19 29.17 -60.45
C GLY MA 57 61.73 27.79 -60.07
N VAL MA 58 62.70 26.90 -59.88
CA VAL MA 58 62.47 25.49 -59.57
C VAL MA 58 62.56 25.28 -58.07
N VAL MA 59 61.84 24.28 -57.58
CA VAL MA 59 61.72 23.96 -56.15
C VAL MA 59 62.67 22.83 -55.82
N ARG MA 60 63.40 22.94 -54.71
CA ARG MA 60 64.35 21.91 -54.30
C ARG MA 60 64.29 21.74 -52.80
N PHE MA 61 63.82 20.57 -52.36
CA PHE MA 61 63.85 20.23 -50.94
C PHE MA 61 65.22 19.70 -50.57
N GLU MA 62 65.84 20.29 -49.54
CA GLU MA 62 67.20 19.96 -49.15
C GLU MA 62 67.30 19.65 -47.66
N ARG MA 63 68.53 19.47 -47.17
CA ARG MA 63 68.83 19.10 -45.80
C ARG MA 63 69.60 20.22 -45.14
N LYS MA 64 69.17 20.63 -43.95
CA LYS MA 64 69.72 21.80 -43.25
C LYS MA 64 70.61 21.29 -42.11
N GLY MA 65 71.86 21.01 -42.45
CA GLY MA 65 72.75 20.50 -41.43
C GLY MA 65 72.42 19.06 -41.12
N ARG MA 66 72.24 18.78 -39.83
CA ARG MA 66 72.11 17.40 -39.37
C ARG MA 66 70.66 16.93 -39.28
N ASP MA 67 69.74 17.78 -38.83
CA ASP MA 67 68.38 17.30 -38.60
C ASP MA 67 67.26 18.22 -39.06
N LYS MA 68 67.50 19.10 -40.04
CA LYS MA 68 66.44 19.98 -40.48
C LYS MA 68 66.36 19.99 -41.99
N LYS MA 69 65.23 20.47 -42.50
CA LYS MA 69 64.98 20.49 -43.92
C LYS MA 69 64.72 21.93 -44.36
N GLN MA 70 64.92 22.16 -45.66
CA GLN MA 70 64.87 23.48 -46.27
C GLN MA 70 64.17 23.38 -47.61
N VAL MA 71 63.49 24.45 -48.00
CA VAL MA 71 63.01 24.59 -49.37
C VAL MA 71 63.66 25.82 -49.96
N SER MA 72 64.14 25.70 -51.20
CA SER MA 72 64.68 26.82 -51.94
C SER MA 72 64.04 26.87 -53.31
N VAL MA 73 64.11 28.05 -53.94
CA VAL MA 73 63.66 28.24 -55.31
C VAL MA 73 64.78 28.93 -56.06
N TYR MA 74 65.15 28.36 -57.21
CA TYR MA 74 66.28 28.82 -57.99
C TYR MA 74 65.84 29.22 -59.39
N PRO MA 75 65.95 30.48 -59.78
CA PRO MA 75 65.58 30.86 -61.15
C PRO MA 75 66.58 30.34 -62.16
N VAL MA 76 66.10 30.12 -63.37
CA VAL MA 76 66.95 29.69 -64.49
C VAL MA 76 67.95 30.77 -64.83
N ALA NA 1 -34.82 52.19 -36.89
CA ALA NA 1 -33.48 52.67 -37.17
C ALA NA 1 -33.01 52.09 -38.49
N LYS NA 2 -33.57 52.57 -39.60
CA LYS NA 2 -33.22 52.00 -40.88
C LYS NA 2 -32.62 53.01 -41.86
N VAL NA 3 -33.23 54.16 -42.06
CA VAL NA 3 -32.63 55.27 -42.77
C VAL NA 3 -33.05 56.56 -42.06
N CYS NA 4 -32.66 57.69 -42.62
CA CYS NA 4 -33.17 58.99 -42.18
C CYS NA 4 -33.98 59.63 -43.29
N TYR NA 5 -34.94 60.47 -42.88
CA TYR NA 5 -35.97 60.94 -43.79
C TYR NA 5 -35.44 61.94 -44.80
N PHE NA 6 -34.43 62.73 -44.44
CA PHE NA 6 -34.01 63.86 -45.25
C PHE NA 6 -32.69 63.64 -45.98
N THR NA 7 -31.71 63.03 -45.34
CA THR NA 7 -30.54 62.49 -46.00
C THR NA 7 -30.85 61.03 -46.32
N GLY NA 8 -29.85 60.20 -46.50
CA GLY NA 8 -30.16 58.79 -46.62
C GLY NA 8 -29.39 57.86 -45.72
N ARG NA 9 -28.62 58.40 -44.79
CA ARG NA 9 -27.68 57.62 -44.00
C ARG NA 9 -28.28 56.32 -43.52
N LYS NA 10 -27.59 55.21 -43.81
CA LYS NA 10 -28.02 53.86 -43.46
C LYS NA 10 -26.80 53.12 -42.92
N THR NA 11 -26.94 51.82 -42.67
CA THR NA 11 -25.85 51.04 -42.12
C THR NA 11 -25.07 50.34 -43.21
N SER NA 12 -23.82 50.04 -42.89
CA SER NA 12 -22.89 49.45 -43.85
C SER NA 12 -22.00 48.49 -43.10
N SER NA 13 -20.86 48.16 -43.69
CA SER NA 13 -19.92 47.23 -43.08
C SER NA 13 -18.54 47.86 -42.97
N GLY NA 14 -17.72 47.28 -42.11
CA GLY NA 14 -16.34 47.69 -41.97
C GLY NA 14 -15.47 46.56 -41.48
N ASN NA 15 -14.23 46.86 -41.14
CA ASN NA 15 -13.30 45.88 -40.60
C ASN NA 15 -12.89 46.28 -39.19
N ASN NA 16 -12.69 45.30 -38.32
CA ASN NA 16 -11.80 45.47 -37.19
C ASN NA 16 -10.38 45.16 -37.64
N ARG NA 17 -9.41 45.80 -37.00
CA ARG NA 17 -8.00 45.55 -37.27
C ARG NA 17 -7.26 45.54 -35.94
N SER NA 18 -6.70 44.40 -35.56
CA SER NA 18 -6.22 44.23 -34.19
C SER NA 18 -4.73 43.97 -34.12
N HIS NA 19 -3.92 45.02 -34.27
CA HIS NA 19 -2.54 45.09 -33.80
C HIS NA 19 -1.58 44.06 -34.38
N ALA NA 20 -2.09 43.05 -35.05
CA ALA NA 20 -1.31 42.12 -35.85
C ALA NA 20 -1.89 42.06 -37.26
N MET NA 21 -2.86 42.92 -37.54
CA MET NA 21 -3.46 43.18 -38.83
C MET NA 21 -4.50 42.15 -39.20
N ASN NA 22 -4.97 41.35 -38.25
CA ASN NA 22 -6.09 40.46 -38.50
C ASN NA 22 -7.34 41.28 -38.79
N SER NA 23 -8.17 40.79 -39.68
CA SER NA 23 -9.36 41.51 -40.08
C SER NA 23 -10.60 40.61 -39.96
N THR NA 24 -11.62 41.12 -39.29
CA THR NA 24 -12.93 40.50 -39.23
C THR NA 24 -13.97 41.53 -39.67
N LYS NA 25 -15.16 41.06 -40.01
CA LYS NA 25 -16.23 41.93 -40.42
C LYS NA 25 -16.97 42.50 -39.22
N ARG NA 26 -17.84 43.46 -39.49
CA ARG NA 26 -18.20 44.47 -38.51
C ARG NA 26 -19.30 45.32 -39.11
N THR NA 27 -20.07 45.99 -38.26
CA THR NA 27 -21.16 46.85 -38.69
C THR NA 27 -20.89 48.28 -38.26
N VAL NA 28 -21.16 49.22 -39.17
CA VAL NA 28 -21.06 50.65 -38.89
C VAL NA 28 -22.44 51.26 -39.03
N LYS NA 29 -22.80 52.11 -38.09
CA LYS NA 29 -24.15 52.66 -38.08
C LYS NA 29 -24.12 54.17 -37.98
N PRO NA 30 -25.18 54.83 -38.45
CA PRO NA 30 -25.34 56.26 -38.24
C PRO NA 30 -26.04 56.54 -36.91
N ASN NA 31 -26.01 57.81 -36.52
CA ASN NA 31 -26.47 58.26 -35.21
C ASN NA 31 -27.89 58.81 -35.34
N LEU NA 32 -28.87 57.90 -35.37
CA LEU NA 32 -30.27 58.22 -35.63
C LEU NA 32 -31.07 58.35 -34.34
N GLN NA 33 -31.90 59.40 -34.25
CA GLN NA 33 -32.78 59.65 -33.12
C GLN NA 33 -34.21 59.87 -33.63
N LYS NA 34 -35.20 59.45 -32.85
CA LYS NA 34 -36.61 59.61 -33.19
C LYS NA 34 -37.11 60.98 -32.76
N VAL NA 35 -37.65 61.75 -33.72
CA VAL NA 35 -38.07 63.14 -33.48
C VAL NA 35 -39.42 63.40 -34.15
N ARG NA 36 -40.16 64.36 -33.58
CA ARG NA 36 -41.41 64.85 -34.15
C ARG NA 36 -41.13 66.03 -35.05
N VAL NA 37 -41.53 65.93 -36.32
CA VAL NA 37 -41.36 66.98 -37.32
C VAL NA 37 -42.70 67.25 -38.00
N LEU NA 38 -42.82 68.42 -38.63
CA LEU NA 38 -44.06 68.84 -39.27
C LEU NA 38 -43.92 68.64 -40.79
N ILE NA 39 -44.08 67.40 -41.22
CA ILE NA 39 -44.01 67.05 -42.64
C ILE NA 39 -45.43 67.08 -43.18
N ASP NA 40 -45.82 68.21 -43.76
CA ASP NA 40 -47.15 68.43 -44.34
C ASP NA 40 -48.22 68.36 -43.26
N GLY NA 41 -48.19 69.35 -42.37
CA GLY NA 41 -49.18 69.52 -41.34
C GLY NA 41 -48.98 68.59 -40.15
N LYS NA 42 -49.50 67.38 -40.26
CA LYS NA 42 -49.61 66.51 -39.09
C LYS NA 42 -48.23 66.04 -38.63
N PRO NA 43 -47.90 66.17 -37.35
CA PRO NA 43 -46.58 65.74 -36.88
C PRO NA 43 -46.39 64.24 -37.09
N LYS NA 44 -45.13 63.85 -37.19
CA LYS NA 44 -44.77 62.46 -37.38
C LYS NA 44 -43.53 62.17 -36.57
N LYS NA 45 -43.43 60.96 -36.03
CA LYS NA 45 -42.22 60.53 -35.36
C LYS NA 45 -41.39 59.73 -36.35
N VAL NA 46 -40.31 60.34 -36.84
CA VAL NA 46 -39.43 59.75 -37.82
C VAL NA 46 -38.02 59.68 -37.25
N TRP NA 47 -37.21 58.78 -37.80
CA TRP NA 47 -35.77 58.71 -37.51
C TRP NA 47 -35.05 59.81 -38.25
N VAL NA 48 -34.31 60.66 -37.54
CA VAL NA 48 -33.54 61.73 -38.16
C VAL NA 48 -32.11 61.68 -37.66
N SER NA 49 -31.16 61.86 -38.57
CA SER NA 49 -29.76 61.94 -38.18
C SER NA 49 -29.48 63.20 -37.37
N ALA NA 50 -28.50 63.11 -36.46
CA ALA NA 50 -28.11 64.28 -35.69
C ALA NA 50 -27.32 65.29 -36.51
N ARG NA 51 -26.72 64.88 -37.62
CA ARG NA 51 -26.00 65.81 -38.48
C ARG NA 51 -26.94 66.70 -39.30
N ALA NA 52 -28.15 66.23 -39.61
CA ALA NA 52 -29.14 67.05 -40.29
C ALA NA 52 -29.96 67.92 -39.35
N LEU NA 53 -29.94 67.65 -38.06
CA LEU NA 53 -30.57 68.52 -37.07
C LEU NA 53 -29.65 69.62 -36.60
N LYS NA 54 -28.35 69.36 -36.62
CA LYS NA 54 -27.31 70.31 -36.28
C LYS NA 54 -27.50 71.62 -37.01
N LYS OA 1 -70.37 27.88 -97.09
CA LYS OA 1 -71.64 28.37 -97.63
C LYS OA 1 -72.20 29.56 -96.85
N VAL OA 2 -71.33 30.48 -96.45
CA VAL OA 2 -71.78 31.71 -95.80
C VAL OA 2 -72.55 32.62 -96.74
N LYS OA 3 -72.53 32.36 -98.04
CA LYS OA 3 -73.19 33.26 -98.99
C LYS OA 3 -74.69 33.30 -98.79
N GLU OA 4 -75.26 32.29 -98.13
CA GLU OA 4 -76.67 32.27 -97.77
C GLU OA 4 -76.92 32.79 -96.37
N ILE OA 5 -76.03 32.51 -95.42
CA ILE OA 5 -76.21 33.01 -94.07
C ILE OA 5 -76.14 34.53 -94.07
N ARG OA 6 -75.47 35.11 -95.06
CA ARG OA 6 -75.48 36.55 -95.27
C ARG OA 6 -76.69 37.02 -96.07
N GLU OA 7 -77.63 36.14 -96.38
CA GLU OA 7 -78.90 36.53 -96.97
C GLU OA 7 -80.05 36.46 -95.96
N LEU OA 8 -79.78 36.69 -94.67
CA LEU OA 8 -80.78 36.55 -93.63
C LEU OA 8 -80.61 37.66 -92.60
N THR OA 9 -81.45 37.61 -91.56
CA THR OA 9 -81.54 38.60 -90.50
C THR OA 9 -81.09 37.99 -89.18
N THR OA 10 -80.82 38.85 -88.19
CA THR OA 10 -80.33 38.33 -86.92
C THR OA 10 -81.39 37.60 -86.11
N ALA OA 11 -82.66 37.60 -86.53
CA ALA OA 11 -83.66 36.78 -85.82
C ALA OA 11 -83.71 35.36 -86.37
N GLU OA 12 -83.77 35.25 -87.70
CA GLU OA 12 -83.66 33.95 -88.36
C GLU OA 12 -82.30 33.30 -88.14
N MET OA 13 -81.25 34.10 -87.86
CA MET OA 13 -80.00 33.53 -87.40
C MET OA 13 -80.20 32.68 -86.15
N LEU OA 14 -80.69 33.31 -85.08
CA LEU OA 14 -80.88 32.59 -83.82
C LEU OA 14 -81.85 31.43 -83.99
N ASP OA 15 -82.81 31.58 -84.89
CA ASP OA 15 -83.72 30.47 -85.18
C ASP OA 15 -82.98 29.27 -85.77
N LYS OA 16 -82.15 29.48 -86.78
CA LYS OA 16 -81.47 28.33 -87.36
C LYS OA 16 -80.45 27.75 -86.40
N GLU OA 17 -79.90 28.57 -85.50
CA GLU OA 17 -79.05 28.05 -84.46
C GLU OA 17 -79.81 27.08 -83.56
N LYS OA 18 -81.03 27.44 -83.17
CA LYS OA 18 -81.84 26.51 -82.39
C LYS OA 18 -82.06 25.21 -83.17
N GLN OA 19 -82.41 25.33 -84.44
CA GLN OA 19 -82.68 24.12 -85.23
C GLN OA 19 -81.45 23.21 -85.33
N LEU OA 20 -80.28 23.79 -85.59
CA LEU OA 20 -79.09 22.97 -85.77
C LEU OA 20 -78.65 22.34 -84.45
N LYS OA 21 -78.75 23.06 -83.33
CA LYS OA 21 -78.42 22.44 -82.05
C LYS OA 21 -79.35 21.24 -81.78
N GLU OA 22 -80.62 21.37 -82.14
CA GLU OA 22 -81.53 20.25 -81.94
C GLU OA 22 -81.16 19.07 -82.84
N GLU OA 23 -80.78 19.36 -84.09
CA GLU OA 23 -80.29 18.32 -84.97
C GLU OA 23 -79.09 17.60 -84.39
N LEU OA 24 -78.18 18.33 -83.75
CA LEU OA 24 -77.03 17.67 -83.15
C LEU OA 24 -77.47 16.73 -82.03
N PHE OA 25 -78.40 17.17 -81.19
CA PHE OA 25 -78.95 16.28 -80.16
C PHE OA 25 -79.46 14.98 -80.77
N ASN OA 26 -80.24 15.07 -81.84
CA ASN OA 26 -80.83 13.87 -82.42
C ASN OA 26 -79.79 13.00 -83.12
N LEU OA 27 -78.81 13.60 -83.78
CA LEU OA 27 -77.74 12.81 -84.37
C LEU OA 27 -76.98 12.04 -83.31
N ARG OA 28 -76.62 12.72 -82.22
CA ARG OA 28 -75.90 12.11 -81.11
C ARG OA 28 -76.68 10.95 -80.51
N PHE OA 29 -78.02 11.01 -80.53
CA PHE OA 29 -78.76 9.84 -80.05
C PHE OA 29 -78.84 8.73 -81.09
N GLN OA 30 -78.81 9.06 -82.37
CA GLN OA 30 -78.74 7.99 -83.38
C GLN OA 30 -77.45 7.20 -83.28
N LEU OA 31 -76.31 7.89 -83.25
CA LEU OA 31 -75.01 7.22 -83.28
C LEU OA 31 -74.82 6.22 -82.14
N ALA OA 32 -75.54 6.36 -81.03
CA ALA OA 32 -75.30 5.46 -79.91
C ALA OA 32 -76.12 4.18 -79.97
N THR OA 33 -77.31 4.21 -80.55
CA THR OA 33 -78.21 3.09 -80.53
C THR OA 33 -78.16 2.23 -81.78
N GLY OA 34 -77.17 2.46 -82.65
CA GLY OA 34 -77.00 1.64 -83.84
C GLY OA 34 -77.78 2.07 -85.06
N GLN OA 35 -77.62 3.32 -85.47
CA GLN OA 35 -78.30 3.88 -86.63
C GLN OA 35 -77.33 4.85 -87.27
N LEU OA 36 -77.84 5.82 -88.03
CA LEU OA 36 -76.97 6.85 -88.62
C LEU OA 36 -75.97 6.23 -89.60
N GLU OA 37 -76.52 5.87 -90.77
CA GLU OA 37 -75.67 5.45 -91.87
C GLU OA 37 -74.62 6.50 -92.21
N ASN OA 38 -75.02 7.76 -92.30
CA ASN OA 38 -74.16 8.83 -92.81
C ASN OA 38 -73.55 9.61 -91.66
N THR OA 39 -72.39 9.15 -91.20
CA THR OA 39 -71.75 9.77 -90.03
C THR OA 39 -71.03 11.07 -90.35
N ALA OA 40 -70.90 11.46 -91.60
CA ALA OA 40 -70.25 12.72 -91.93
C ALA OA 40 -71.11 13.94 -91.67
N ARG OA 41 -72.36 13.77 -91.25
CA ARG OA 41 -73.22 14.91 -91.03
C ARG OA 41 -73.01 15.55 -89.66
N ILE OA 42 -72.30 14.90 -88.75
CA ILE OA 42 -72.06 15.51 -87.43
C ILE OA 42 -71.09 16.66 -87.55
N LYS OA 43 -70.01 16.48 -88.32
CA LYS OA 43 -69.07 17.56 -88.56
C LYS OA 43 -69.72 18.72 -89.29
N GLU OA 44 -70.56 18.43 -90.28
CA GLU OA 44 -71.18 19.50 -91.08
C GLU OA 44 -71.99 20.44 -90.21
N VAL OA 45 -72.70 19.90 -89.23
CA VAL OA 45 -73.56 20.73 -88.40
C VAL OA 45 -72.73 21.58 -87.45
N ARG OA 46 -71.72 20.99 -86.80
CA ARG OA 46 -70.76 21.78 -86.03
C ARG OA 46 -70.27 22.97 -86.82
N GLN OA 47 -69.90 22.76 -88.09
CA GLN OA 47 -69.31 23.85 -88.84
C GLN OA 47 -70.34 24.90 -89.26
N SER OA 48 -71.59 24.50 -89.52
CA SER OA 48 -72.62 25.50 -89.80
C SER OA 48 -72.94 26.36 -88.57
N ILE OA 49 -72.91 25.76 -87.37
CA ILE OA 49 -73.07 26.55 -86.15
C ILE OA 49 -71.91 27.53 -86.00
N ALA OA 50 -70.68 27.06 -86.26
CA ALA OA 50 -69.53 27.94 -86.17
C ALA OA 50 -69.69 29.13 -87.09
N ARG OA 51 -70.21 28.90 -88.30
CA ARG OA 51 -70.38 29.97 -89.28
C ARG OA 51 -71.41 30.99 -88.81
N ILE OA 52 -72.55 30.54 -88.31
CA ILE OA 52 -73.53 31.50 -87.82
C ILE OA 52 -72.94 32.34 -86.69
N LYS OA 53 -72.17 31.73 -85.79
CA LYS OA 53 -71.67 32.50 -84.66
C LYS OA 53 -70.62 33.52 -85.08
N THR OA 54 -69.73 33.17 -86.02
CA THR OA 54 -68.79 34.19 -86.52
C THR OA 54 -69.53 35.31 -87.23
N VAL OA 55 -70.50 35.00 -88.07
CA VAL OA 55 -71.19 36.04 -88.82
C VAL OA 55 -71.97 36.95 -87.89
N LEU OA 56 -72.56 36.40 -86.84
CA LEU OA 56 -73.25 37.26 -85.88
C LEU OA 56 -72.28 38.13 -85.10
N ARG OA 57 -71.07 37.64 -84.81
CA ARG OA 57 -70.11 38.51 -84.16
C ARG OA 57 -69.68 39.66 -85.08
N GLU OA 58 -69.42 39.35 -86.36
CA GLU OA 58 -68.94 40.36 -87.30
C GLU OA 58 -69.90 41.53 -87.41
N GLN OA 59 -71.21 41.26 -87.50
CA GLN OA 59 -72.16 42.31 -87.81
C GLN OA 59 -72.49 43.19 -86.61
N ALA OA 60 -72.51 42.64 -85.40
CA ALA OA 60 -72.73 43.46 -84.23
C ALA OA 60 -71.42 44.08 -83.78
N ASN OA 61 -70.75 44.76 -84.72
CA ASN OA 61 -69.37 45.21 -84.57
C ASN OA 61 -68.51 44.08 -83.99
N ALA PA 1 65.67 -7.22 -79.11
CA ALA PA 1 65.26 -6.83 -80.44
C ALA PA 1 63.74 -6.68 -80.55
N GLU PA 2 63.05 -7.82 -80.67
CA GLU PA 2 61.61 -7.83 -80.79
C GLU PA 2 61.04 -8.93 -79.90
N LEU PA 3 59.75 -8.84 -79.61
CA LEU PA 3 59.07 -9.87 -78.85
C LEU PA 3 57.68 -10.04 -79.41
N LYS PA 4 57.28 -11.28 -79.68
CA LYS PA 4 55.87 -11.58 -79.92
C LYS PA 4 55.16 -11.77 -78.59
N ILE PA 5 54.02 -11.12 -78.43
CA ILE PA 5 53.27 -11.16 -77.18
C ILE PA 5 51.86 -11.59 -77.50
N THR PA 6 51.45 -12.75 -77.01
CA THR PA 6 50.12 -13.29 -77.25
C THR PA 6 49.30 -13.26 -75.96
N LEU PA 7 48.03 -12.90 -76.07
CA LEU PA 7 47.14 -12.79 -74.92
C LEU PA 7 46.44 -14.13 -74.70
N LYS PA 8 46.70 -14.77 -73.56
CA LYS PA 8 46.16 -16.09 -73.27
C LYS PA 8 45.05 -16.13 -72.24
N ARG PA 9 44.92 -15.13 -71.39
CA ARG PA 9 43.85 -15.07 -70.42
C ARG PA 9 42.92 -13.92 -70.74
N SER PA 10 41.87 -13.80 -69.93
CA SER PA 10 40.86 -12.78 -70.06
C SER PA 10 41.10 -11.66 -69.06
N VAL PA 11 40.55 -10.48 -69.36
CA VAL PA 11 40.70 -9.34 -68.48
C VAL PA 11 39.51 -9.14 -67.57
N ILE PA 12 38.50 -10.00 -67.62
CA ILE PA 12 37.43 -9.95 -66.63
C ILE PA 12 37.99 -10.35 -65.28
N GLY PA 13 37.70 -9.56 -64.24
CA GLY PA 13 38.12 -9.88 -62.90
C GLY PA 13 39.46 -9.30 -62.48
N ARG PA 14 40.14 -8.57 -63.35
CA ARG PA 14 41.44 -7.99 -63.03
C ARG PA 14 41.32 -6.51 -62.67
N PRO PA 15 42.30 -5.97 -61.95
CA PRO PA 15 42.29 -4.54 -61.65
C PRO PA 15 42.54 -3.64 -62.85
N GLN PA 16 42.46 -2.33 -62.65
CA GLN PA 16 42.39 -1.41 -63.78
C GLN PA 16 43.74 -1.16 -64.45
N ASN PA 17 44.83 -1.13 -63.69
CA ASN PA 17 46.10 -0.89 -64.33
C ASN PA 17 46.51 -2.06 -65.22
N GLN PA 18 46.08 -3.28 -64.89
CA GLN PA 18 46.39 -4.42 -65.74
C GLN PA 18 45.59 -4.39 -67.03
N ARG PA 19 44.31 -4.01 -66.95
CA ARG PA 19 43.51 -3.77 -68.15
C ARG PA 19 44.16 -2.72 -69.05
N ALA PA 20 44.54 -1.59 -68.47
CA ALA PA 20 45.10 -0.50 -69.25
C ALA PA 20 46.48 -0.83 -69.79
N THR PA 21 47.24 -1.68 -69.10
CA THR PA 21 48.49 -2.17 -69.69
C THR PA 21 48.22 -3.05 -70.88
N VAL PA 22 47.25 -3.96 -70.80
CA VAL PA 22 46.94 -4.79 -71.96
C VAL PA 22 46.53 -3.89 -73.13
N LYS PA 23 45.83 -2.79 -72.83
CA LYS PA 23 45.44 -1.85 -73.88
C LYS PA 23 46.63 -1.08 -74.45
N ALA PA 24 47.55 -0.64 -73.59
CA ALA PA 24 48.68 0.15 -74.06
C ALA PA 24 49.58 -0.64 -75.01
N LEU PA 25 49.62 -1.95 -74.86
CA LEU PA 25 50.34 -2.79 -75.81
C LEU PA 25 49.57 -3.00 -77.11
N GLY PA 26 48.27 -2.81 -77.12
CA GLY PA 26 47.49 -3.05 -78.32
C GLY PA 26 46.99 -4.48 -78.46
N LEU PA 27 46.53 -5.09 -77.38
CA LEU PA 27 46.03 -6.46 -77.39
C LEU PA 27 44.52 -6.43 -77.19
N GLY PA 28 43.77 -6.92 -78.16
CA GLY PA 28 42.33 -6.87 -78.03
C GLY PA 28 41.63 -8.07 -77.40
N LYS PA 29 41.64 -9.21 -78.08
CA LYS PA 29 40.88 -10.36 -77.64
C LYS PA 29 41.81 -11.53 -77.35
N VAL PA 30 41.25 -12.60 -76.83
CA VAL PA 30 42.08 -13.75 -76.49
C VAL PA 30 42.67 -14.31 -77.76
N ASN PA 31 43.98 -14.57 -77.72
CA ASN PA 31 44.82 -15.16 -78.75
C ASN PA 31 45.25 -14.15 -79.81
N SER PA 32 44.88 -12.88 -79.71
CA SER PA 32 45.48 -11.87 -80.55
C SER PA 32 46.92 -11.61 -80.12
N THR PA 33 47.78 -11.33 -81.09
CA THR PA 33 49.20 -11.12 -80.82
C THR PA 33 49.60 -9.68 -81.11
N VAL PA 34 50.86 -9.40 -80.81
CA VAL PA 34 51.45 -8.09 -81.05
C VAL PA 34 52.95 -8.30 -81.13
N THR PA 35 53.66 -7.40 -81.80
CA THR PA 35 55.12 -7.43 -81.81
C THR PA 35 55.63 -6.05 -81.45
N LYS PA 36 56.59 -6.00 -80.56
CA LYS PA 36 57.13 -4.77 -80.02
C LYS PA 36 58.63 -4.80 -80.07
N PRO PA 37 59.30 -3.68 -79.86
CA PRO PA 37 60.74 -3.70 -79.65
C PRO PA 37 61.10 -4.09 -78.23
N ALA PA 38 62.34 -4.51 -78.06
CA ALA PA 38 62.85 -4.81 -76.72
C ALA PA 38 63.35 -3.52 -76.09
N ASN PA 39 62.70 -3.10 -75.01
CA ASN PA 39 63.07 -1.93 -74.23
C ASN PA 39 63.07 -2.31 -72.76
N GLU PA 40 63.39 -1.34 -71.92
CA GLU PA 40 63.20 -1.50 -70.50
C GLU PA 40 61.79 -1.14 -70.06
N ALA PA 41 61.06 -0.39 -70.89
CA ALA PA 41 59.67 -0.03 -70.64
C ALA PA 41 58.70 -1.12 -71.08
N ILE PA 42 58.93 -1.70 -72.26
CA ILE PA 42 58.09 -2.80 -72.71
C ILE PA 42 58.28 -4.03 -71.85
N LYS PA 43 59.50 -4.26 -71.37
CA LYS PA 43 59.70 -5.36 -70.45
C LYS PA 43 58.99 -5.12 -69.12
N GLY PA 44 58.85 -3.88 -68.71
CA GLY PA 44 58.08 -3.60 -67.51
C GLY PA 44 56.60 -3.89 -67.70
N MET PA 45 56.07 -3.58 -68.88
CA MET PA 45 54.69 -3.92 -69.17
C MET PA 45 54.47 -5.42 -69.20
N VAL PA 46 55.40 -6.13 -69.82
CA VAL PA 46 55.34 -7.58 -69.85
C VAL PA 46 55.45 -8.15 -68.45
N ASN PA 47 56.26 -7.56 -67.60
CA ASN PA 47 56.37 -8.06 -66.23
C ASN PA 47 55.13 -7.75 -65.40
N THR PA 48 54.43 -6.65 -65.66
CA THR PA 48 53.14 -6.46 -65.00
C THR PA 48 52.10 -7.45 -65.48
N ILE PA 49 52.15 -7.90 -66.73
CA ILE PA 49 51.10 -8.74 -67.29
C ILE PA 49 51.47 -10.22 -67.33
N SER PA 50 52.65 -10.60 -66.83
CA SER PA 50 53.18 -11.94 -67.10
C SER PA 50 52.20 -13.07 -66.84
N HIS PA 51 51.30 -12.93 -65.86
CA HIS PA 51 50.44 -14.04 -65.56
C HIS PA 51 49.35 -14.24 -66.61
N LEU PA 52 49.14 -13.28 -67.50
CA LEU PA 52 48.13 -13.35 -68.55
C LEU PA 52 48.69 -13.68 -69.92
N VAL PA 53 50.00 -13.75 -70.09
CA VAL PA 53 50.63 -13.56 -71.40
C VAL PA 53 51.71 -14.62 -71.65
N ASP PA 54 51.90 -14.95 -72.92
CA ASP PA 54 53.07 -15.68 -73.38
C ASP PA 54 53.98 -14.75 -74.17
N VAL PA 55 55.29 -14.93 -74.01
CA VAL PA 55 56.30 -14.10 -74.65
C VAL PA 55 57.34 -14.97 -75.31
N GLU PA 56 57.73 -14.62 -76.53
CA GLU PA 56 58.79 -15.33 -77.26
C GLU PA 56 59.76 -14.30 -77.82
N GLU PA 57 61.04 -14.46 -77.50
CA GLU PA 57 62.09 -13.55 -77.97
C GLU PA 57 62.27 -13.72 -79.47
N VAL PA 58 61.77 -12.77 -80.24
CA VAL PA 58 61.85 -12.80 -81.70
C VAL PA 58 62.39 -11.47 -82.20
N ALA QA 1 -14.92 -22.87 -48.25
CA ALA QA 1 -14.08 -23.43 -49.30
C ALA QA 1 -14.55 -22.95 -50.65
N VAL QA 2 -13.59 -22.61 -51.50
CA VAL QA 2 -13.83 -21.91 -52.76
C VAL QA 2 -12.87 -22.51 -53.77
N PRO QA 3 -13.27 -22.67 -55.03
CA PRO QA 3 -12.34 -23.21 -56.03
C PRO QA 3 -11.16 -22.28 -56.27
N ALA QA 4 -9.97 -22.82 -56.08
CA ALA QA 4 -8.74 -22.05 -56.22
C ALA QA 4 -8.34 -21.85 -57.68
N ARG QA 5 -8.79 -22.70 -58.58
CA ARG QA 5 -8.51 -22.57 -60.00
C ARG QA 5 -9.75 -23.01 -60.75
N ARG QA 6 -10.04 -22.37 -61.87
CA ARG QA 6 -11.12 -22.84 -62.72
C ARG QA 6 -10.76 -24.19 -63.32
N THR QA 7 -11.77 -24.98 -63.68
CA THR QA 7 -11.52 -26.28 -64.29
C THR QA 7 -11.66 -26.21 -65.80
N SER QA 8 -10.75 -26.87 -66.51
CA SER QA 8 -10.65 -26.77 -67.94
C SER QA 8 -11.69 -27.66 -68.63
N LYS QA 9 -11.68 -27.65 -69.95
CA LYS QA 9 -12.64 -28.41 -70.74
C LYS QA 9 -12.40 -29.91 -70.68
N ALA QA 10 -11.14 -30.33 -70.65
CA ALA QA 10 -10.85 -31.75 -70.62
C ALA QA 10 -11.24 -32.39 -69.29
N LYS QA 11 -11.00 -31.69 -68.17
CA LYS QA 11 -11.29 -32.24 -66.85
C LYS QA 11 -12.79 -32.24 -66.56
N LYS QA 12 -13.50 -31.22 -67.03
CA LYS QA 12 -14.96 -31.23 -66.95
C LYS QA 12 -15.54 -32.44 -67.66
N ALA QA 13 -15.06 -32.70 -68.87
CA ALA QA 13 -15.59 -33.78 -69.68
C ALA QA 13 -15.14 -35.14 -69.16
N LYS QA 14 -14.01 -35.20 -68.47
CA LYS QA 14 -13.58 -36.44 -67.84
C LYS QA 14 -14.38 -36.73 -66.58
N ARG QA 15 -14.85 -35.68 -65.91
CA ARG QA 15 -15.81 -35.90 -64.84
C ARG QA 15 -17.11 -36.43 -65.39
N ARG QA 16 -17.55 -35.93 -66.54
CA ARG QA 16 -18.89 -36.22 -67.04
C ARG QA 16 -18.97 -37.51 -67.83
N THR QA 17 -18.10 -38.49 -67.62
CA THR QA 17 -18.22 -39.71 -68.40
C THR QA 17 -19.11 -40.76 -67.75
N HIS QA 18 -19.45 -40.62 -66.47
CA HIS QA 18 -20.41 -41.50 -65.82
C HIS QA 18 -21.74 -40.82 -65.57
N TYR QA 19 -22.15 -39.92 -66.47
CA TYR QA 19 -23.33 -39.08 -66.30
C TYR QA 19 -24.28 -39.29 -67.48
N LYS QA 20 -24.69 -40.52 -67.71
CA LYS QA 20 -25.52 -40.79 -68.88
C LYS QA 20 -26.87 -41.38 -68.49
N LEU QA 21 -27.57 -41.89 -69.50
CA LEU QA 21 -28.88 -42.50 -69.36
C LEU QA 21 -28.84 -43.92 -69.89
N THR QA 22 -29.75 -44.74 -69.39
CA THR QA 22 -29.85 -46.12 -69.83
C THR QA 22 -31.30 -46.42 -70.19
N ILE QA 23 -31.47 -47.39 -71.10
CA ILE QA 23 -32.79 -47.82 -71.53
C ILE QA 23 -32.83 -49.34 -71.36
N LYS QA 24 -33.26 -49.80 -70.19
CA LYS QA 24 -33.17 -51.20 -69.80
C LYS QA 24 -34.37 -51.98 -70.33
N GLY QA 25 -34.53 -53.21 -69.84
CA GLY QA 25 -35.19 -54.30 -70.55
C GLY QA 25 -36.48 -54.02 -71.26
N LEU QA 26 -36.40 -53.98 -72.60
CA LEU QA 26 -37.53 -53.78 -73.49
C LEU QA 26 -37.71 -55.02 -74.36
N ASN QA 27 -38.92 -55.55 -74.37
CA ASN QA 27 -39.27 -56.75 -75.10
C ASN QA 27 -40.38 -56.44 -76.09
N ALA QA 28 -40.83 -57.47 -76.78
CA ALA QA 28 -41.98 -57.40 -77.65
C ALA QA 28 -43.15 -58.08 -76.99
N CYS QA 29 -44.33 -57.48 -77.11
CA CYS QA 29 -45.53 -58.09 -76.57
C CYS QA 29 -45.79 -59.44 -77.23
N SER QA 30 -46.39 -60.34 -76.47
CA SER QA 30 -46.80 -61.62 -77.03
C SER QA 30 -48.10 -61.53 -77.79
N ASN QA 31 -48.96 -60.56 -77.48
CA ASN QA 31 -50.29 -60.43 -78.08
C ASN QA 31 -50.30 -59.54 -79.31
N CYS QA 32 -49.66 -58.37 -79.25
CA CYS QA 32 -49.75 -57.40 -80.33
C CYS QA 32 -48.40 -57.00 -80.93
N GLY QA 33 -47.30 -57.60 -80.49
CA GLY QA 33 -46.03 -57.38 -81.15
C GLY QA 33 -45.20 -56.18 -80.73
N GLU QA 34 -45.85 -55.06 -80.41
CA GLU QA 34 -45.12 -53.83 -80.15
C GLU QA 34 -44.27 -53.94 -78.88
N MET QA 35 -43.30 -53.05 -78.75
CA MET QA 35 -42.34 -53.14 -77.67
C MET QA 35 -42.95 -52.66 -76.38
N LYS QA 36 -42.48 -53.23 -75.28
CA LYS QA 36 -43.06 -52.97 -73.99
C LYS QA 36 -42.06 -53.37 -72.93
N LYS QA 37 -42.23 -52.82 -71.73
CA LYS QA 37 -41.37 -53.13 -70.60
C LYS QA 37 -41.76 -54.47 -70.01
N SER QA 38 -40.77 -55.32 -69.76
CA SER QA 38 -41.04 -56.63 -69.20
C SER QA 38 -41.54 -56.52 -67.76
N HIS QA 39 -42.45 -57.44 -67.41
CA HIS QA 39 -43.16 -57.54 -66.14
C HIS QA 39 -44.16 -56.41 -65.94
N HIS QA 40 -44.45 -55.65 -66.99
CA HIS QA 40 -45.42 -54.57 -66.99
C HIS QA 40 -46.56 -54.91 -67.94
N VAL QA 41 -47.69 -54.21 -67.75
CA VAL QA 41 -48.78 -54.30 -68.71
C VAL QA 41 -48.37 -53.63 -70.01
N CYS QA 42 -48.87 -54.13 -71.12
CA CYS QA 42 -48.58 -53.52 -72.40
C CYS QA 42 -49.43 -52.27 -72.59
N PRO QA 43 -48.83 -51.09 -72.77
CA PRO QA 43 -49.65 -49.89 -72.86
C PRO QA 43 -50.40 -49.76 -74.17
N ALA QA 44 -49.97 -50.44 -75.23
CA ALA QA 44 -50.64 -50.34 -76.52
C ALA QA 44 -51.98 -51.06 -76.52
N CYS QA 45 -52.06 -52.24 -75.90
CA CYS QA 45 -53.26 -53.05 -75.98
C CYS QA 45 -53.82 -53.50 -74.63
N GLY QA 46 -53.17 -53.21 -73.52
CA GLY QA 46 -53.72 -53.59 -72.23
C GLY QA 46 -53.74 -55.07 -71.95
N HIS QA 47 -52.83 -55.83 -72.53
CA HIS QA 47 -52.73 -57.26 -72.30
C HIS QA 47 -51.49 -57.55 -71.49
N TYR QA 48 -51.62 -58.34 -70.43
CA TYR QA 48 -50.47 -58.86 -69.70
C TYR QA 48 -50.66 -60.36 -69.52
N ASP QA 49 -49.67 -61.12 -69.95
CA ASP QA 49 -49.65 -62.57 -69.74
C ASP QA 49 -50.80 -63.24 -70.49
N GLY QA 50 -51.02 -62.83 -71.74
CA GLY QA 50 -52.00 -63.45 -72.61
C GLY QA 50 -53.46 -63.19 -72.30
N LYS QA 51 -53.77 -62.24 -71.42
CA LYS QA 51 -55.15 -61.91 -71.11
C LYS QA 51 -55.33 -60.41 -71.11
N ASP QA 52 -56.59 -59.99 -71.15
CA ASP QA 52 -56.98 -58.60 -71.19
C ASP QA 52 -57.22 -58.09 -69.78
N VAL QA 53 -56.68 -56.92 -69.46
CA VAL QA 53 -56.61 -56.45 -68.09
C VAL QA 53 -57.17 -55.05 -67.92
N MET QA 54 -56.90 -54.15 -68.86
CA MET QA 54 -57.44 -52.80 -68.80
C MET QA 54 -58.78 -52.69 -69.52
N SER QA 55 -59.65 -53.66 -69.27
CA SER QA 55 -60.99 -53.65 -69.82
C SER QA 55 -61.92 -54.28 -68.79
N LYS QA 56 -63.21 -54.26 -69.11
CA LYS QA 56 -64.23 -54.77 -68.21
C LYS QA 56 -65.22 -55.68 -68.94
N MET RA 1 33.53 44.07 -18.88
CA MET RA 1 34.54 45.10 -18.69
C MET RA 1 35.18 45.53 -20.01
N ARG RA 2 35.45 44.57 -20.89
CA ARG RA 2 35.97 44.91 -22.22
C ARG RA 2 34.83 45.38 -23.09
N VAL RA 3 35.10 46.43 -23.87
CA VAL RA 3 34.10 47.13 -24.66
C VAL RA 3 34.75 47.58 -25.95
N ASN RA 4 34.06 47.39 -27.07
CA ASN RA 4 34.51 47.98 -28.32
C ASN RA 4 34.39 49.49 -28.25
N ILE RA 5 35.11 50.17 -29.14
CA ILE RA 5 35.27 51.61 -29.01
C ILE RA 5 35.55 52.20 -30.39
N THR RA 6 35.43 53.53 -30.49
CA THR RA 6 35.79 54.27 -31.68
C THR RA 6 36.68 55.44 -31.31
N LEU RA 7 37.75 55.64 -32.07
CA LEU RA 7 38.64 56.79 -31.91
C LEU RA 7 38.33 57.82 -32.99
N GLU RA 8 38.17 59.06 -32.56
CA GLU RA 8 37.71 60.15 -33.41
C GLU RA 8 38.80 61.20 -33.52
N CYS RA 9 38.99 61.72 -34.74
CA CYS RA 9 40.02 62.73 -34.95
C CYS RA 9 39.71 64.00 -34.17
N THR RA 10 40.74 64.80 -33.97
CA THR RA 10 40.66 65.99 -33.12
C THR RA 10 40.78 67.30 -33.88
N SER RA 11 41.04 67.27 -35.19
CA SER RA 11 41.01 68.46 -36.01
C SER RA 11 39.87 68.45 -37.04
N CYS RA 12 39.66 67.34 -37.75
CA CYS RA 12 38.57 67.27 -38.72
C CYS RA 12 37.33 66.55 -38.22
N LYS RA 13 37.42 65.89 -37.06
CA LYS RA 13 36.29 65.16 -36.45
C LYS RA 13 35.76 64.07 -37.37
N GLU RA 14 36.61 63.09 -37.66
CA GLU RA 14 36.15 61.91 -38.37
C GLU RA 14 36.52 60.67 -37.60
N ARG RA 15 35.54 59.82 -37.35
CA ARG RA 15 35.74 58.55 -36.65
C ARG RA 15 36.42 57.58 -37.60
N ASN RA 16 37.73 57.44 -37.45
CA ASN RA 16 38.55 56.68 -38.37
C ASN RA 16 38.85 55.26 -37.93
N TYR RA 17 38.69 54.90 -36.65
CA TYR RA 17 39.21 53.62 -36.17
C TYR RA 17 38.25 52.95 -35.19
N LEU RA 18 38.26 51.61 -35.19
CA LEU RA 18 37.52 50.78 -34.25
C LEU RA 18 38.49 49.91 -33.46
N THR RA 19 38.33 49.84 -32.13
CA THR RA 19 39.25 49.07 -31.29
C THR RA 19 38.61 48.73 -29.96
N ASN RA 20 39.41 48.13 -29.06
CA ASN RA 20 39.02 47.60 -27.77
C ASN RA 20 39.64 48.38 -26.62
N LYS RA 21 39.21 48.02 -25.40
CA LYS RA 21 39.89 48.33 -24.15
C LYS RA 21 39.10 47.73 -23.00
N ASN RA 22 39.75 47.63 -21.85
CA ASN RA 22 39.11 47.22 -20.60
C ASN RA 22 38.93 48.46 -19.73
N LYS RA 23 37.68 48.78 -19.40
CA LYS RA 23 37.36 50.08 -18.82
C LYS RA 23 37.41 50.11 -17.29
N ARG RA 24 37.63 48.97 -16.63
CA ARG RA 24 38.11 49.03 -15.27
C ARG RA 24 39.63 49.06 -15.18
N ASN RA 25 40.32 48.65 -16.25
CA ASN RA 25 41.78 48.80 -16.30
C ASN RA 25 42.16 50.21 -16.74
N ASN RA 26 41.68 50.65 -17.91
CA ASN RA 26 41.76 52.02 -18.39
C ASN RA 26 40.46 52.76 -18.06
N PRO RA 27 40.41 53.54 -17.00
CA PRO RA 27 39.16 54.28 -16.71
C PRO RA 27 38.96 55.51 -17.57
N ASP RA 28 40.04 56.19 -17.95
CA ASP RA 28 39.96 57.38 -18.79
C ASP RA 28 39.96 56.97 -20.26
N ARG RA 29 40.12 57.95 -21.15
CA ARG RA 29 39.95 57.76 -22.58
C ARG RA 29 41.29 57.53 -23.27
N LEU RA 30 41.32 56.58 -24.19
CA LEU RA 30 42.54 56.33 -24.96
C LEU RA 30 42.90 57.55 -25.79
N GLU RA 31 44.19 57.64 -26.14
CA GLU RA 31 44.73 58.73 -26.92
C GLU RA 31 45.91 58.22 -27.72
N LYS RA 32 45.83 58.30 -29.05
CA LYS RA 32 46.88 57.79 -29.92
C LYS RA 32 47.15 58.80 -31.04
N GLN RA 33 48.34 58.71 -31.61
CA GLN RA 33 48.70 59.48 -32.80
C GLN RA 33 48.56 58.54 -34.00
N LYS RA 34 47.50 58.71 -34.77
CA LYS RA 34 47.19 57.84 -35.89
C LYS RA 34 47.08 58.66 -37.17
N TYR RA 35 47.44 58.02 -38.29
CA TYR RA 35 47.27 58.62 -39.60
C TYR RA 35 45.80 58.94 -39.87
N CYS RA 36 45.51 60.21 -40.15
CA CYS RA 36 44.16 60.64 -40.50
C CYS RA 36 44.03 60.69 -42.01
N PRO RA 37 43.16 59.90 -42.63
CA PRO RA 37 43.13 59.83 -44.10
C PRO RA 37 42.58 61.07 -44.78
N ARG RA 38 41.75 61.85 -44.11
CA ARG RA 38 41.19 63.03 -44.76
C ARG RA 38 42.24 64.10 -44.96
N GLU RA 39 43.16 64.24 -44.01
CA GLU RA 39 44.20 65.24 -44.10
C GLU RA 39 45.55 64.67 -44.50
N ARG RA 40 45.67 63.35 -44.59
CA ARG RA 40 46.90 62.67 -45.03
C ARG RA 40 48.09 63.07 -44.15
N LYS RA 41 47.98 62.71 -42.87
CA LYS RA 41 48.79 63.30 -41.82
C LYS RA 41 48.57 62.49 -40.55
N VAL RA 42 49.50 62.62 -39.60
CA VAL RA 42 49.39 61.97 -38.30
C VAL RA 42 48.85 63.00 -37.31
N THR RA 43 47.79 62.64 -36.60
CA THR RA 43 47.02 63.56 -35.78
C THR RA 43 46.64 62.85 -34.50
N LEU RA 44 46.36 63.62 -33.45
CA LEU RA 44 45.93 63.05 -32.18
C LEU RA 44 44.46 62.64 -32.25
N HIS RA 45 44.21 61.34 -32.28
CA HIS RA 45 42.84 60.83 -32.24
C HIS RA 45 42.42 60.54 -30.81
N ARG RA 46 41.14 60.70 -30.53
CA ARG RA 46 40.62 60.51 -29.19
C ARG RA 46 39.27 59.82 -29.21
N GLU RA 47 38.99 59.11 -28.14
CA GLU RA 47 37.84 58.22 -28.04
C GLU RA 47 36.54 58.99 -27.79
N THR RA 48 35.47 58.55 -28.45
CA THR RA 48 34.22 59.30 -28.43
C THR RA 48 33.55 59.20 -27.06
N LYS RA 49 33.27 60.37 -26.47
CA LYS RA 49 32.62 60.41 -25.17
C LYS RA 49 31.20 59.87 -25.26
N MET SA 1 -40.70 -4.44 -35.79
CA MET SA 1 -39.96 -4.09 -37.02
C MET SA 1 -40.71 -3.09 -37.87
N LYS SA 2 -40.79 -1.85 -37.38
CA LYS SA 2 -41.45 -0.77 -38.09
C LYS SA 2 -40.44 0.01 -38.93
N ARG SA 3 -40.72 0.13 -40.22
CA ARG SA 3 -39.86 0.79 -41.19
C ARG SA 3 -40.14 2.29 -41.24
N THR SA 4 -39.35 3.03 -42.05
CA THR SA 4 -39.41 4.49 -42.00
C THR SA 4 -40.60 5.07 -42.76
N TYR SA 5 -40.96 4.52 -43.91
CA TYR SA 5 -42.01 5.10 -44.74
C TYR SA 5 -43.36 4.56 -44.31
N GLN SA 6 -44.19 5.41 -43.75
CA GLN SA 6 -45.58 5.09 -43.43
C GLN SA 6 -46.44 6.07 -44.19
N PRO SA 7 -47.20 5.64 -45.21
CA PRO SA 7 -47.87 6.60 -46.08
C PRO SA 7 -49.06 7.29 -45.45
N ASN SA 8 -49.30 8.52 -45.91
CA ASN SA 8 -50.39 9.37 -45.43
C ASN SA 8 -50.67 10.40 -46.50
N LYS SA 9 -51.95 10.65 -46.78
CA LYS SA 9 -52.33 11.52 -47.89
C LYS SA 9 -52.25 13.00 -47.54
N ARG SA 10 -52.67 13.38 -46.34
CA ARG SA 10 -52.69 14.79 -45.97
C ARG SA 10 -51.26 15.32 -45.78
N LYS SA 11 -50.40 14.54 -45.13
CA LYS SA 11 -49.06 15.00 -44.85
C LYS SA 11 -48.27 15.24 -46.11
N ARG SA 12 -48.39 14.35 -47.08
CA ARG SA 12 -47.66 14.50 -48.33
C ARG SA 12 -48.05 15.79 -49.06
N GLN SA 13 -49.33 16.17 -49.01
CA GLN SA 13 -49.73 17.42 -49.64
C GLN SA 13 -49.34 18.63 -48.81
N LYS SA 14 -49.29 18.49 -47.50
CA LYS SA 14 -49.02 19.64 -46.64
C LYS SA 14 -47.55 19.96 -46.51
N VAL SA 15 -46.66 19.00 -46.76
CA VAL SA 15 -45.23 19.23 -46.61
C VAL SA 15 -44.58 19.44 -47.97
N HIS SA 16 -45.12 18.83 -49.01
CA HIS SA 16 -44.46 18.78 -50.31
C HIS SA 16 -45.27 19.32 -51.47
N GLY SA 17 -46.46 19.88 -51.24
CA GLY SA 17 -47.38 20.20 -52.29
C GLY SA 17 -47.18 21.58 -52.90
N PHE SA 18 -48.04 21.90 -53.86
CA PHE SA 18 -47.85 23.09 -54.68
C PHE SA 18 -47.95 24.36 -53.85
N ARG SA 19 -48.92 24.44 -52.93
CA ARG SA 19 -49.13 25.68 -52.19
C ARG SA 19 -48.03 25.91 -51.15
N LYS SA 20 -47.52 24.85 -50.54
CA LYS SA 20 -46.39 24.98 -49.64
C LYS SA 20 -45.13 25.44 -50.38
N ARG SA 21 -44.93 24.97 -51.61
CA ARG SA 21 -43.81 25.46 -52.40
C ARG SA 21 -44.02 26.90 -52.87
N MET SA 22 -45.26 27.32 -53.03
CA MET SA 22 -45.53 28.69 -53.45
C MET SA 22 -45.42 29.70 -52.34
N SER SA 23 -45.58 29.29 -51.08
CA SER SA 23 -45.59 30.27 -50.00
C SER SA 23 -44.21 30.72 -49.51
N THR SA 24 -43.12 30.08 -49.89
CA THR SA 24 -41.82 30.60 -49.49
C THR SA 24 -41.05 31.08 -50.70
N LYS SA 25 -40.01 31.89 -50.45
CA LYS SA 25 -39.18 32.38 -51.53
C LYS SA 25 -38.23 31.33 -52.07
N ASN SA 26 -37.86 30.34 -51.26
CA ASN SA 26 -37.00 29.25 -51.70
C ASN SA 26 -37.78 28.10 -52.34
N GLY SA 27 -39.05 27.94 -51.98
CA GLY SA 27 -39.92 27.04 -52.73
C GLY SA 27 -40.03 27.39 -54.19
N ARG SA 28 -40.02 28.67 -54.52
CA ARG SA 28 -40.14 29.09 -55.90
C ARG SA 28 -38.83 28.94 -56.65
N ARG SA 29 -37.71 29.02 -55.95
CA ARG SA 29 -36.44 28.57 -56.50
C ARG SA 29 -36.51 27.10 -56.89
N VAL SA 30 -37.11 26.26 -56.05
CA VAL SA 30 -37.26 24.85 -56.40
C VAL SA 30 -38.14 24.68 -57.63
N LEU SA 31 -39.28 25.35 -57.66
CA LEU SA 31 -40.20 25.18 -58.78
C LEU SA 31 -39.60 25.68 -60.09
N ALA SA 32 -38.82 26.76 -60.04
CA ALA SA 32 -38.16 27.25 -61.25
C ALA SA 32 -37.05 26.31 -61.69
N SER SA 33 -36.31 25.72 -60.75
CA SER SA 33 -35.26 24.79 -61.16
C SER SA 33 -35.85 23.52 -61.72
N ARG SA 34 -37.05 23.12 -61.28
CA ARG SA 34 -37.68 21.97 -61.91
C ARG SA 34 -38.26 22.32 -63.28
N ARG SA 35 -38.89 23.48 -63.45
CA ARG SA 35 -39.38 23.84 -64.79
C ARG SA 35 -38.24 23.99 -65.77
N ARG SA 36 -37.06 24.38 -65.31
CA ARG SA 36 -35.92 24.54 -66.21
C ARG SA 36 -35.31 23.23 -66.65
N LYS SA 37 -35.61 22.11 -65.99
CA LYS SA 37 -35.04 20.84 -66.38
C LYS SA 37 -35.96 20.07 -67.31
N GLY SA 38 -37.25 20.32 -67.28
CA GLY SA 38 -38.19 19.60 -68.09
C GLY SA 38 -38.95 18.52 -67.37
N ARG SA 39 -39.14 18.65 -66.06
CA ARG SA 39 -39.81 17.62 -65.31
C ARG SA 39 -41.31 17.63 -65.59
N LYS SA 40 -41.89 16.44 -65.76
CA LYS SA 40 -43.32 16.31 -65.99
C LYS SA 40 -44.13 16.48 -64.72
N VAL SA 41 -43.49 16.34 -63.57
CA VAL SA 41 -44.07 16.57 -62.27
C VAL SA 41 -43.13 17.53 -61.57
N ILE SA 42 -43.59 18.75 -61.29
CA ILE SA 42 -42.72 19.70 -60.62
C ILE SA 42 -43.00 19.78 -59.13
N SER SA 43 -44.14 19.31 -58.66
CA SER SA 43 -44.36 19.32 -57.23
C SER SA 43 -45.33 18.21 -56.87
N ALA SA 44 -44.94 17.42 -55.87
CA ALA SA 44 -45.82 16.46 -55.26
C ALA SA 44 -47.03 17.15 -54.64
N PRO TA 1 0.32 34.01 -71.04
CA PRO TA 1 0.67 35.39 -70.71
C PRO TA 1 2.17 35.65 -70.84
N LYS TA 2 2.64 36.80 -70.37
CA LYS TA 2 4.07 37.05 -70.38
C LYS TA 2 4.72 36.43 -69.15
N GLN TA 3 6.04 36.29 -69.22
CA GLN TA 3 6.85 35.84 -68.10
C GLN TA 3 7.17 36.99 -67.17
N LYS TA 4 7.10 36.74 -65.86
CA LYS TA 4 7.40 37.76 -64.87
C LYS TA 4 8.82 37.60 -64.39
N THR TA 5 9.52 38.73 -64.25
CA THR TA 5 10.88 38.70 -63.71
C THR TA 5 10.86 38.65 -62.19
N HIS TA 6 11.90 38.05 -61.63
CA HIS TA 6 12.07 38.03 -60.18
C HIS TA 6 12.47 39.42 -59.71
N ARG TA 7 11.58 40.09 -59.00
CA ARG TA 7 11.83 41.47 -58.61
C ARG TA 7 12.84 41.59 -57.47
N GLY TA 8 13.04 40.53 -56.68
CA GLY TA 8 14.08 40.54 -55.67
C GLY TA 8 15.48 40.34 -56.19
N LEU TA 9 15.63 39.61 -57.30
CA LEU TA 9 16.94 39.47 -57.93
C LEU TA 9 17.34 40.76 -58.65
N ALA TA 10 16.39 41.41 -59.32
CA ALA TA 10 16.72 42.57 -60.13
C ALA TA 10 17.19 43.75 -59.30
N LYS TA 11 16.79 43.83 -58.04
CA LYS TA 11 17.24 44.86 -57.11
C LYS TA 11 18.63 44.60 -56.55
N ARG TA 12 19.30 43.54 -56.97
CA ARG TA 12 20.53 43.08 -56.35
C ARG TA 12 21.64 42.79 -57.35
N VAL TA 13 21.38 42.85 -58.65
CA VAL TA 13 22.28 42.32 -59.66
C VAL TA 13 22.20 43.23 -60.89
N LYS TA 14 23.26 43.25 -61.71
CA LYS TA 14 23.24 43.97 -62.98
C LYS TA 14 24.05 43.22 -64.04
N ARG TA 15 23.74 43.48 -65.31
CA ARG TA 15 24.26 42.70 -66.43
C ARG TA 15 25.41 43.43 -67.11
N THR TA 16 26.56 42.78 -67.19
CA THR TA 16 27.77 43.43 -67.69
C THR TA 16 27.78 43.37 -69.23
N GLY TA 17 28.87 43.88 -69.82
CA GLY TA 17 28.93 44.08 -71.26
C GLY TA 17 29.16 42.85 -72.07
N GLY TA 18 29.73 41.81 -71.47
CA GLY TA 18 29.93 40.54 -72.14
C GLY TA 18 28.99 39.46 -71.65
N GLY TA 19 27.87 39.86 -71.06
CA GLY TA 19 26.83 38.92 -70.69
C GLY TA 19 26.84 38.42 -69.26
N GLY TA 20 27.83 38.78 -68.45
CA GLY TA 20 27.92 38.28 -67.09
C GLY TA 20 26.92 38.90 -66.13
N LEU TA 21 27.22 38.88 -64.84
CA LEU TA 21 26.34 39.49 -63.84
C LEU TA 21 27.18 39.95 -62.65
N LYS TA 22 27.35 41.25 -62.51
CA LYS TA 22 28.05 41.81 -61.36
C LYS TA 22 27.19 41.72 -60.12
N ARG TA 23 27.82 41.48 -58.96
CA ARG TA 23 27.09 41.29 -57.71
C ARG TA 23 27.85 41.92 -56.55
N GLY TA 24 27.10 42.24 -55.49
CA GLY TA 24 27.69 42.67 -54.24
C GLY TA 24 28.09 41.51 -53.37
N ARG TA 25 28.62 41.82 -52.20
CA ARG TA 25 29.21 40.82 -51.32
C ARG TA 25 28.44 40.70 -50.03
N ALA TA 26 28.62 39.58 -49.35
CA ALA TA 26 27.99 39.30 -48.06
C ALA TA 26 28.93 39.62 -46.91
N PHE TA 27 28.37 39.66 -45.71
CA PHE TA 27 29.07 39.99 -44.47
C PHE TA 27 29.48 41.46 -44.43
N THR TA 28 28.65 42.33 -44.99
CA THR TA 28 29.01 43.72 -45.20
C THR TA 28 27.95 44.68 -44.67
N SER TA 29 27.31 44.33 -43.58
CA SER TA 29 26.41 45.29 -42.95
C SER TA 29 26.50 45.32 -41.44
N HIS TA 30 27.34 44.50 -40.84
CA HIS TA 30 27.13 44.02 -39.49
C HIS TA 30 28.48 43.85 -38.82
N ARG TA 31 28.52 43.08 -37.76
CA ARG TA 31 29.54 43.23 -36.73
C ARG TA 31 30.95 43.15 -37.29
N PHE TA 32 31.57 44.30 -37.45
CA PHE TA 32 32.89 44.41 -38.03
C PHE TA 32 33.99 44.24 -37.00
N HIS TA 33 33.64 44.19 -35.71
CA HIS TA 33 34.60 43.83 -34.67
C HIS TA 33 34.95 42.36 -34.67
N GLY TA 34 34.21 41.55 -35.42
CA GLY TA 34 34.46 40.14 -35.54
C GLY TA 34 35.29 39.74 -36.73
N LYS TA 35 35.78 40.71 -37.50
CA LYS TA 35 36.51 40.48 -38.73
C LYS TA 35 37.69 41.44 -38.80
N THR TA 36 38.71 41.07 -39.57
CA THR TA 36 39.96 41.81 -39.65
C THR TA 36 39.89 42.89 -40.72
N LYS TA 37 40.72 43.91 -40.54
CA LYS TA 37 40.75 45.03 -41.49
C LYS TA 37 41.02 44.55 -42.91
N LYS TA 38 41.89 43.56 -43.09
CA LYS TA 38 42.13 43.02 -44.41
C LYS TA 38 40.87 42.36 -44.98
N GLN TA 39 40.10 41.67 -44.14
CA GLN TA 39 38.82 41.11 -44.57
C GLN TA 39 37.86 42.20 -45.04
N ARG TA 40 37.70 43.26 -44.25
CA ARG TA 40 36.71 44.27 -44.65
C ARG TA 40 37.22 45.17 -45.75
N ARG TA 41 38.52 45.27 -45.96
CA ARG TA 41 39.02 45.94 -47.15
C ARG TA 41 38.72 45.11 -48.39
N GLN TA 42 38.89 43.79 -48.30
CA GLN TA 42 38.69 42.93 -49.44
C GLN TA 42 37.26 42.43 -49.61
N LEU TA 43 36.34 42.79 -48.72
CA LEU TA 43 34.92 42.53 -48.93
C LEU TA 43 34.18 43.77 -49.41
N ARG TA 44 34.91 44.71 -50.00
CA ARG TA 44 34.38 45.96 -50.53
C ARG TA 44 34.39 45.98 -52.05
N LYS TA 45 34.96 44.95 -52.68
CA LYS TA 45 35.05 44.81 -54.12
C LYS TA 45 33.97 43.87 -54.64
N ALA TA 46 33.34 44.26 -55.73
CA ALA TA 46 32.27 43.48 -56.32
C ALA TA 46 32.83 42.23 -57.00
N SER TA 47 31.94 41.32 -57.36
CA SER TA 47 32.33 40.08 -58.00
C SER TA 47 31.26 39.69 -59.00
N MET TA 48 31.30 38.46 -59.48
CA MET TA 48 30.39 37.97 -60.49
C MET TA 48 29.63 36.74 -59.97
N VAL TA 49 28.71 36.27 -60.76
CA VAL TA 49 27.90 35.12 -60.41
C VAL TA 49 28.53 33.86 -61.01
N ALA TA 50 28.53 32.77 -60.25
CA ALA TA 50 29.14 31.53 -60.68
C ALA TA 50 28.29 30.82 -61.73
N LYS TA 51 28.81 29.71 -62.26
CA LYS TA 51 28.10 28.96 -63.29
C LYS TA 51 27.00 28.06 -62.73
N GLY TA 52 27.16 27.52 -61.53
CA GLY TA 52 26.08 26.75 -60.94
C GLY TA 52 24.89 27.61 -60.63
N ASP TA 53 25.12 28.81 -60.11
CA ASP TA 53 24.05 29.74 -59.78
C ASP TA 53 23.40 30.31 -61.04
N TYR TA 54 24.20 30.61 -62.05
CA TYR TA 54 23.63 31.19 -63.27
C TYR TA 54 22.75 30.19 -64.00
N LYS TA 55 23.17 28.93 -64.09
CA LYS TA 55 22.34 27.93 -64.78
C LYS TA 55 20.95 27.86 -64.18
N ARG TA 56 20.84 27.95 -62.85
CA ARG TA 56 19.54 27.86 -62.21
C ARG TA 56 18.80 29.19 -62.17
N ILE TA 57 19.49 30.30 -62.41
CA ILE TA 57 18.89 31.62 -62.28
C ILE TA 57 18.46 32.25 -63.61
N ARG TA 58 19.03 31.82 -64.74
CA ARG TA 58 18.90 32.48 -66.04
C ARG TA 58 17.50 32.94 -66.45
N GLN TA 59 16.48 32.11 -66.26
CA GLN TA 59 15.15 32.43 -66.77
C GLN TA 59 14.42 33.51 -65.98
N GLN TA 60 14.82 33.79 -64.76
CA GLN TA 60 14.09 34.77 -63.98
C GLN TA 60 14.49 36.20 -64.29
N LEU TA 61 15.57 36.40 -65.02
CA LEU TA 61 16.09 37.73 -65.32
C LEU TA 61 16.15 37.98 -66.83
N ALA TA 62 15.30 37.30 -67.59
CA ALA TA 62 15.47 37.28 -69.05
C ALA TA 62 15.32 38.67 -69.65
N ARG TA 63 14.42 39.49 -69.12
CA ARG TA 63 14.12 40.76 -69.75
C ARG TA 63 14.81 41.95 -69.10
N MET TA 64 15.08 41.91 -67.81
CA MET TA 64 15.96 42.90 -67.19
C MET TA 64 16.58 42.34 -65.91
N MET UA 1 33.54 -51.43 -14.11
CA MET UA 1 34.00 -50.80 -15.34
C MET UA 1 33.88 -49.29 -15.26
N LYS UA 2 34.92 -48.59 -15.65
CA LYS UA 2 34.90 -47.15 -15.84
C LYS UA 2 34.94 -46.90 -17.34
N VAL UA 3 34.09 -45.99 -17.82
CA VAL UA 3 34.05 -45.63 -19.23
C VAL UA 3 34.28 -44.12 -19.33
N ARG UA 4 35.48 -43.73 -19.77
CA ARG UA 4 35.94 -42.35 -19.76
C ARG UA 4 36.85 -42.15 -20.97
N PRO UA 5 36.94 -40.94 -21.52
CA PRO UA 5 37.87 -40.70 -22.62
C PRO UA 5 39.33 -40.59 -22.22
N SER UA 6 39.64 -40.58 -20.93
CA SER UA 6 41.02 -40.72 -20.47
C SER UA 6 41.16 -42.03 -19.73
N VAL UA 7 42.00 -42.92 -20.25
CA VAL UA 7 42.18 -44.26 -19.72
C VAL UA 7 43.67 -44.40 -19.43
N LYS UA 8 44.00 -44.62 -18.16
CA LYS UA 8 45.35 -44.49 -17.65
C LYS UA 8 45.67 -45.63 -16.70
N PRO UA 9 46.85 -46.23 -16.83
CA PRO UA 9 47.30 -47.19 -15.81
C PRO UA 9 47.48 -46.51 -14.47
N MET UA 10 46.88 -47.09 -13.42
CA MET UA 10 46.81 -46.43 -12.12
C MET UA 10 47.38 -47.25 -10.97
N CYS UA 11 48.02 -48.39 -11.24
CA CYS UA 11 48.88 -49.03 -10.26
C CYS UA 11 49.97 -49.76 -11.05
N GLU UA 12 50.70 -50.63 -10.36
CA GLU UA 12 51.80 -51.35 -10.98
C GLU UA 12 51.32 -52.39 -11.99
N HIS UA 13 50.29 -53.14 -11.62
CA HIS UA 13 49.94 -54.38 -12.30
C HIS UA 13 48.94 -54.16 -13.42
N CYS UA 14 48.48 -52.93 -13.61
CA CYS UA 14 47.64 -52.56 -14.73
C CYS UA 14 48.39 -52.72 -16.05
N LYS UA 15 47.73 -53.33 -17.03
CA LYS UA 15 48.19 -53.37 -18.40
C LYS UA 15 47.18 -52.70 -19.32
N VAL UA 16 47.67 -52.26 -20.48
CA VAL UA 16 46.84 -51.68 -21.55
C VAL UA 16 46.72 -52.69 -22.68
N ILE UA 17 45.55 -52.75 -23.31
CA ILE UA 17 45.29 -53.68 -24.42
C ILE UA 17 44.46 -52.96 -25.49
N ARG UA 18 44.12 -53.71 -26.54
CA ARG UA 18 43.23 -53.27 -27.62
C ARG UA 18 42.43 -54.47 -28.10
N ARG UA 19 41.22 -54.65 -27.56
CA ARG UA 19 40.43 -55.83 -27.94
C ARG UA 19 39.62 -55.64 -29.21
N LYS UA 20 39.39 -54.40 -29.63
CA LYS UA 20 38.95 -54.02 -30.95
C LYS UA 20 39.64 -52.69 -31.21
N GLY UA 21 39.06 -51.87 -32.07
CA GLY UA 21 39.54 -50.51 -32.01
C GLY UA 21 39.07 -49.87 -30.72
N ARG UA 22 39.62 -50.30 -29.59
CA ARG UA 22 39.12 -49.84 -28.30
C ARG UA 22 40.18 -50.09 -27.23
N VAL UA 23 40.76 -49.02 -26.69
CA VAL UA 23 41.80 -49.11 -25.66
C VAL UA 23 41.16 -49.48 -24.33
N MET UA 24 41.84 -50.37 -23.57
CA MET UA 24 41.35 -50.84 -22.28
C MET UA 24 42.52 -51.03 -21.32
N VAL UA 25 42.22 -50.92 -20.03
CA VAL UA 25 43.16 -51.25 -18.97
C VAL UA 25 42.62 -52.48 -18.24
N ILE UA 26 43.53 -53.34 -17.80
CA ILE UA 26 43.16 -54.62 -17.22
C ILE UA 26 44.11 -54.92 -16.07
N CYS UA 27 43.58 -55.02 -14.85
CA CYS UA 27 44.39 -55.18 -13.66
C CYS UA 27 44.00 -56.46 -12.94
N PRO UA 28 44.93 -57.36 -12.65
CA PRO UA 28 44.61 -58.55 -11.84
C PRO UA 28 44.66 -58.36 -10.34
N ALA UA 29 45.03 -57.18 -9.85
CA ALA UA 29 45.12 -56.93 -8.41
C ALA UA 29 43.95 -56.15 -7.83
N ASN UA 30 43.21 -55.42 -8.65
CA ASN UA 30 42.14 -54.56 -8.14
C ASN UA 30 41.07 -54.36 -9.20
N PRO UA 31 39.90 -54.97 -9.06
CA PRO UA 31 38.88 -54.83 -10.10
C PRO UA 31 38.36 -53.41 -10.27
N LYS UA 32 38.55 -52.52 -9.30
CA LYS UA 32 38.22 -51.11 -9.52
C LYS UA 32 39.03 -50.49 -10.66
N HIS UA 33 40.17 -51.05 -11.01
CA HIS UA 33 41.02 -50.39 -12.00
C HIS UA 33 40.61 -50.69 -13.44
N LYS UA 34 39.77 -51.68 -13.69
CA LYS UA 34 39.38 -52.03 -15.05
C LYS UA 34 38.69 -50.84 -15.73
N GLN UA 35 39.09 -50.57 -16.98
CA GLN UA 35 38.71 -49.35 -17.70
C GLN UA 35 38.56 -49.66 -19.19
N ARG UA 36 37.61 -48.99 -19.83
CA ARG UA 36 37.52 -49.05 -21.29
C ARG UA 36 37.24 -47.67 -21.85
N GLN UA 37 38.00 -47.29 -22.87
CA GLN UA 37 37.96 -45.93 -23.38
C GLN UA 37 36.69 -45.71 -24.18
N GLY UA 38 35.93 -44.70 -23.80
CA GLY UA 38 34.73 -44.33 -24.51
C GLY UA 38 34.09 -43.12 -23.88
#